data_6TPS
#
_entry.id   6TPS
#
_cell.length_a   1.00
_cell.length_b   1.00
_cell.length_c   1.00
_cell.angle_alpha   90.00
_cell.angle_beta   90.00
_cell.angle_gamma   90.00
#
_symmetry.space_group_name_H-M   'P 1'
#
loop_
_entity.id
_entity.type
_entity.pdbx_description
1 polymer 'DNA-directed RNA polymerase I subunit RPA190'
2 polymer 'DNA-directed RNA polymerase I subunit RPA135'
3 polymer 'DNA-directed RNA polymerases I and III subunit RPAC1'
4 polymer 'DNA-directed RNA polymerase I subunit RPA14'
5 polymer 'DNA-directed RNA polymerases I, II, and III subunit RPABC1'
6 polymer 'DNA-directed RNA polymerases I, II, and III subunit RPABC2'
7 polymer 'DNA-directed RNA polymerase I subunit RPA43'
8 polymer 'DNA-directed RNA polymerases I, II, and III subunit RPABC3'
9 polymer 'DNA-directed RNA polymerase I subunit RPA12'
10 polymer 'DNA-directed RNA polymerases I, II, and III subunit RPABC5'
11 polymer 'DNA-directed RNA polymerases I and III subunit RPAC2'
12 polymer 'DNA-directed RNA polymerases I, II, and III subunit RPABC4'
13 polymer 'DNA-directed RNA polymerase I subunit RPA49'
14 polymer 'DNA-directed RNA polymerase I subunit RPA34'
15 polymer 'RNA polymerase I-specific transcription initiation factor RRN3'
16 polymer 'RNA polymerase I-specific transcription initiation factor RRN6'
17 polymer 'RNA polymerase I-specific transcription initiation factor RRN7'
18 polymer 'RNA polymerase I-specific transcription initiation factor RRN11'
19 polymer 'NTS-DNA (27-MER)'
20 polymer 'TS-DNA (27-MER)'
21 polymer 'DNA foreign'
22 polymer 'DNA foreign'
23 non-polymer 'ZINC ION'
24 non-polymer 'MAGNESIUM ION'
#
loop_
_entity_poly.entity_id
_entity_poly.type
_entity_poly.pdbx_seq_one_letter_code
_entity_poly.pdbx_strand_id
1 'polypeptide(L)'
;MDISKPVGSEITSVDFGILTAKEIRNLSAKQITNPTVLDNLGHPVSGGLYDLALGAFLRNLCSTCGLDEKFCPGHQGHIE
LPVPCYNPLFFNQLYIYLRASCLFCHHFRLKSVEVHRYACKLRLLQYGLIDESYKLDEITLGSLNSSMYTDDEAIEDNED
EMDGEGSKQSKDISSTLLNELKSKRSEYVDMAIAKALSDGRTTERGSFTATVNDERKKLVHEFHKKLLSRGKCDNCGMFS
PKFRKDGFTKIFETALNEKQITNNRVKGFIRQDMIKKQKQAKKLDGSNEASANDEESFDVGRNPTTRPKTGSTYILSTEV
KNILDTVFRKEQCVLQYVFHSRPNLSRKLVKADSFFMDVLVVPPTRFRLPSKLGEEVHENSQNQLLSKVLTTSLLIRDLN
DDLSKLQKDKVSLEDRRVIFSRLMNAFVTIQNDVNAFIDSTKAQGRTSGKVPIPGVKQALEKKEGLFRKHMMGKRVNYAA
RSVISPDPNIETNEIGVPPVFAVKLTYPEPVTAYNIAELRQAVINGPDKWPGATQIQNEDGSLVSLIGMSVEQRKALANQ
LLTPSSNVSTHTLNKKVYRHIKNRDVVLMNRQPTLHKASMMGHKVRVLPNEKTLRLHYANTGAYNADFDGDEMNMHFPQN
ENARAEALNLANTDSQYLTPTSGSPVRGLIQDHISAGVWLTSKDSFFTREQYQQYIYGCIRPEDGHTTRSKIVTLPPTIF
KPYPLWTGKQIITTVLLNVTPPDMPGINLISKNKIKNEYWGKGSLENEVLFKDGALLCGILDKSQYGASKYGIVHSLHEV
YGPEVAAKVLSVLGRLFTNYITATAFTCGMDDLRLTAEGNKWRTDILKTSVDTGREAAAEVTNLDKDTPADDPELLKRLQ
EILRDNNKSGILDAVTSSKVNAITSQVVSKCVPDGTMKKFPCNSMQAMALSGAKGSNVNVSQIMCLLGQQALEGRRVPVM
VSGKTLPSFKPYETDAMAGGYVKGRFYSGIKPQEYYFHCMAGREGLIDTAVKTSRSGYLQRCLTKQLEGVHVSYDNSIRD
ADGTLVQFMYGGDAIDITKESHMTQFEFCLDNYYALLKKYNPSALIEHLDVESALKYSKKTLKYRKKHSKEPHYKQSVKY
DPVLAKYNPAKYLGSVSENFQDKLESFLDKNSKLFKSSDGVNEKKFRALMQLKYMRSLINPGEAVGIIASQSVGEPSTQM
TLNTFHFAGHGAANVTLGIPRLREIVMTASAAIKTPQMTLPIWNDVSDEQADTFCKSISKVLLSEVIDKVIVTETTGTSN
TAGGNAARSYVIHMRFFDNNEYSEEYDVSKEELQNVISNQFIHLLEAAIVKEIKKQKRTTGPDIGVAVPRLQTDVANSSS
NSKRLEEDNDEEQSHKKTKQAVSYDEPDEDEIETMREAEKSSDEEGIDSDKESDSDSEDEDVDMNEQINKSIVEANNNMN
KVQRDRQSAIISHHRFITKYNFDDESGKWCEFKLELAADTEKLLMVNIVEEICRKSIIRQIPHIDRCVHPEPENGKRVLV
TEGVNFQAMWDQEAFIDVDGITSNDVAAVLKTYGVEAARNTIVNEINNVFSRYAISVSFRHLDLIADMMTRQGTYLAFNR
QGMETSTSSFMKMSYETTCQFLTKAVLDNEREQLDSPSARIVVGKLNNVGTGSFDVLAKVPNAA
;
A
2 'polypeptide(L)'
;MSKVIKPPGQARTADFRTLERESRFINPPKDKSAFPLLQEAVQPHIGSFNALTEGPDGGLLNLGVKDIGEKVIFDGKPLN
SEDEISNSGYLGNKLSVSVEQVSIAKPMSNDGVSSAVERKVYPSESRQRLTSYRGKLLLKLKWSVNNGEENLFEVRDCGG
LPVMLQSNRCHLNKMSPYELVQHKEESDEIGGYFIVNGIEKLIRMLIVQRRNHPMAIIRPSFANRGASYSHYGIQIRSVR
PDQTSQTNVLHYLNDGQVTFRFSWRKNEYLVPVVMILKALCHTSDREIFDGIIGNDVKDSFLTDRLELLLRGFKKRYPHL
QNRTQVLQYLGDKFRVVFQASPDQSDLEVGQEVLDRIVLVHLGKDGSQDKFRMLLFMIRKLYSLVAGECSPDNPDATQHQ
EVLLGGFLYGMILKEKIDEYLQNIIAQVRMDINRGMAINFKDKRYMSRVLMRVNENIGSKMQYFLSTGNLVSQSGLDLQQ
VSGYTVVAEKINFYRFISHFRMVHRGSFFAQLKTTTVRKLLPESWGFLCPVHTPDGSPCGLLNHFAHKCRISTQQSDVSR
IPSILYSLGVAPASHTFAAGPSLCCVQIDGKIIGWVSHEQGKIIADTLRYWKVEGKTPGLPIDLEIGYVPPSTRGQYPGL
YLFGGHSRMLRPVRYLPLDKEDIVGPFEQVYMNIAVTPQEIQNNVHTHVEFTPTNILSILANLTPFSDFNQSPRNMYQCQ
MGKQTMGTPGVALCHRSDNKLYRLQTGQTPIVKANLYDDYGMDNFPNGFNAVVAVISYTGYDMDDAMIINKSADERGFGY
GTMYKTEKVDLALNRNRGDPITQHFGFGNDEWPKEWLEKLDEDGLPYIGTYVEEGDPICAYFDDTLNKTKIKTYHSSEPA
YIEEVNLIGDESNKFQELQTVSIKYRIRRTPQIGDKFSSRHGQKGVCSRKWPTIDMPFSETGIQPDIIINPHAFPSRMTI
GMFVESLAGKAGALHGIAQDSTPWIFNEDDTPADYFGEQLAKAGYNYHGNEPMYSGATGEELRADIYVGVVYYQRLRHMV
NDKFQVRSTGPVNSLTMQPVKGRKRHGGIRVGEMERDALIGHGTSFLLQDRLLNSSDYTQASVCRECGSILTTQQSVPRI
GSISTVCCRRCSMRFEDAKKLLTKSEDGEKIFIDDSQIWEDGQGNKFVGGNETTTVAIPFVLKYLDSELSAMGIRLRYNV
EPK
;
B
3 'polypeptide(L)'
;MSNIVGIEYNRVTNTTSTDFPGFSKDAENEWNVEKFKKDFEVNISSLDAREANFDLINIDTSIANAFRRIMISEVPSVAA
EYVYFFNNTSVIQDEVLAHRIGLVPLKVDPDMLTWVDSNLPDDEKFTDENTIVLSLNVKCTRNPDAPKGSTDPKELYNNA
HVYARDLKFEPQGRQSTTFADCPVVPADPDILLAKLRPGQEISLKAHCILGIGGDHAKFSPVSTASYRLLPQINILQPIK
GESARRFQKCFPPGVIGIDEGSDEAYVKDARKDTVSREVLRYEEFADKVKLGRVRNHFIFNVESAGAMTPEEIFFKSVRI
LKNKAEYLKNCPITQ
;
C
4 'polypeptide(L)'
;MMKGSRRTGNNTATTLNTPVVIHATQLPQHVSTDEVLQFLESFIDEKENIIDSTTMNTISGNAADADAAAVANTSLNIDT
NLSSSISQLKRIQRDFKGLPPAQDFSAAPIQVSTTEKKETSIGVSATGGKKTTFADE
;
D
5 'polypeptide(L)'
;MDQENERNISRLWRAFRTVKEMVKDRGYFITQEEVELPLEDFKAKYCDSMGRPQRKMMSFQANPTEESISKFPDMGSLWV
EFCDEPSVGVKTMKTFVIHIQEKNFQTGIFVYQNNITPSAMKLVPSIPPATIETFNEAALVVNITHHELVPKHIRLSSDE
KRELLKRYRLKESQLPRIQRADPVALYLGLKRGEVVKIIRKSETSGRYASYRICM
;
E
6 'polypeptide(L)'
;MSDYEEAFNDGNENFEDFDVEHFSDEETYEEKPQFKDGETTDANGKTIVTGGNGPEDFQQHEQIRRKTLKEKAIPKDQRA
TTPYMTKYERARILGTRALQISMNAPVFVDLEGETDPLRIAMKELAEKKIPLVIRRYLPDGSFEDWSVEELIVDL
;
F
7 'polypeptide(L)'
;MSQVKRANENRETARFIKKHKKQVTNPIDEKNGTSNCIVRVPIALYVSLAPMYLENPLQGVMKQHLNPLVMKYNNKVGGV
VLGYEGLKILDADPLSKEDTSEKLIKITPDTPFGFTWCHVNLYVWQPQVGDVLEGYIFIQSASHIGLLIHDAFNASIKKN
NIPVDWTFVHNDVEEDADVINTDENNGNNNNEDNKDSNGGSNSLGKFSFGNRSLGHWVDSNGEPIDGKLRFTVRNVHTTG
RVVSVDGTLISDADEEGNGYNSSRSQAESLPIVSNKKIVFDDEVSIENKESHKELDLPEVKEDNGSEIVYEENTSESNDG
ESSDSD
;
G
8 'polypeptide(L)'
;MSNTLFDDIFQVSEVDPGRYNKVCRIEAASTTQDQCKLTLDINVELFPVAAQDSLTVTIASSLNLEDTPANDSSATRSWR
PPQAGDRSLADDYDYVMYGTAYKFEEVSKDLIAVYYSFGGLLMRLEGNYRNLNNLKQENAYLLIRR
;
H
9 'polypeptide(L)'
;MSVVGSLIFCLDCGDLLENPNAVLGSNVECSQCKAIYPKSQFSNLKVVTTTADDAFPSSLRAKKSVVKTSLKKNELKDGA
TIKEKCPQCGNEEMNYHTLQLRSADEGATVFYTCTSCGYKFRTNN
;
I
10 'polypeptide(L)' MIVPVRCFSCGKVVGDKWESYLNLLQEDELDEGTALSRLGLKRYCCRRMILTHVDLIEKFLRYNPLEKRD J
11 'polypeptide(L)'
;MTEDIEQKKTATEVTPQEPKHIQEEEEQDVDMTGDEEQEEEPDREKIKLLTQATSEDGTSASFQIVEEDHTLGNALRYVI
MKNPDVEFCGYSIPHPSENLLNIRIQTYGETTAVDALQKGLKDLMDLCDVVESKFTEKIKSM
;
K
12 'polypeptide(L)' MSREGFQIPTNLDAAAAGTSQARTATLKYICAECSSKLSLSRTDAVRCKDCGHRILLKARTKRLVQFEAR L
13 'polypeptide(L)'
;MSVKRSVSEIEIESVQDQPSVAVGSFFKGFRAPSDTTFDLYKKKKSEKDEFVLHGENERLEYEGYTDSSSQASNQYVVGL
FNPEKKSIQLYKAPVLVSKVVSKSSKNLRGPKIKSKSDTRPSALRNALGEAFGTKKAKKAIADLERNRIDSDKLTDSAID
IVDSVRTASKDLPTRAQLDEITSNDRPTPLANIDATDVEQIYPIESIIPKKELQFIRVSSILKEADKEKKLELFPYQNNS
KYVAKKLDSLTQPSQMTKLQLLYYLSLLLGVYENRRVNNKTKLLERLNSPPEILVDGILSRFTVIKPGQFGRSKDRSYFI
DPQNEDKILCYILAIIMHLDNFIVEITPLAHELNLKPSKVVSLFRVLGAIVKGATVAQAEAFGIPKSTAASYKIATMKVP
FKLPEMTRRGRGPRR
;
M
14 'polypeptide(L)'
;MSKLSKDYVSDSDSDDEVISNEFSIPDGFKKCKHLKNFPLNGDNKKKAKQQQVWLIKFPSNVDISKLKSLPVDFESSTTM
TIDKHDYKIMDDTDIESSLTQDNLSNMTLLVPSESKESLKIASTAKDNAPLQFDKVFSVSETAKIPAIDYSKVRVPRKDV
PKVEGLKLEHFATGYDAEDFHVAEEVKENKKEPKKRSHHDDEEESSEKKKKKKEKREKREKKDKKDKKKKHRD
;
N
15 'polypeptide(L)'
;MMAFENTSKRPPQDFVAPIDQKKRKVQFSDSTGLVTLQPEEIKDEVFSAAMYSRFVKSALDDLDKNDSTQIGIIANQVAL
PSKNPERINDKNLNILLDILSSNINRIESSRGTFLIQSIINFEKWWELPPHTLSKYIYFIKILCSSIPKWWQDVSMILVS
CFILPIKQTVCHHDMLKYFLRMIPSSMGFIDTYLAKFFPNKNDTRRKLVNYTSNLLKLRGYCSELGFQIWSLLIEKIISI
DVELQNELDELDDDVDDDDLEEVDLEDDDDLDDDSGDDDDENCGNSNEELRSGAADGSQSDSEDMDIIEGMDGTEEYNVE
LTQGIKELSTKLDSILTLVSTHVEEQVTPESLESGEGVGVFNTLTTLFKTHVLPTYYTRSIQYIMFHVSQQQLELMDSFL
VTLIDISFAVNEAAEKKIKSLQYLGSYIARAKKLSRTQIIFVASYLTSWLNRYVIEREEEVDQRGGMERFKHFYAAFQAL
CYIFCFRHNIFRDTDGNWECELDKFFQRMVISKFNPLKFCNENVMLMFARIAQQESVAYCFSIIENNNNERLRGIIGKAD
SDKKENSAQANTTSSSWSLATRQQFIDLQSYFPYDPLFLKNYKILMKEYYIEWSEASGEYESDGSDD
;
O
16 'polypeptide(L)'
;RPVDDTLAEDALDLHIVVKSLLCDTQDAFFWDPTVANRLDSQYIQTASDLRNYRDGTEIIAYASGKTGSVLNIAVLTRQN
TLHLNRHNNVTSIELHSPIKSIKIPGASESIGRRSNLVGIITENSFQIFRIESVHSRSCDVMVSSSEPLYFVEIDDLQVV
DFAFNPWDLQQFAIIDIKGNWSIGRIPKNFNNNNKRKLQLIDNLHGTIFDPEELSSWKRIEWFSHFQKILVFDRSKMIEI
DFMNNWQTEVVQAKAWSNIRDYKRIDDKNGILLTSREIIIVGASESNDPVRRISWKHDLDPDDTTLRITVQKVKKPDHIL
LVAFVYSMRHKRIYMHVFSHRKANLFQSLGCSTVLEIPGGTPTGIETILTLDHIDDESRREEDADENFELVVDFLVKLRN
SSEVYYYALSNTQNSEPNKQETPIIVDHPEWASLFNNADEREKESIGALVSQIKLKERERISRVQNLIEHENSHDEDKYL
QDLGYRLSIATNELLESWQKTKDESILSGSLSHSKLKNLLENSDSFASIPEFSSLLDQFFQYYQDQDVTFIGFEKLLHLF
LHEDVPGLDIFYNKLLQCWVLVSPQAELLTKEIVKDIIWSLARLEKPSLFEPIQNEISRSLSGPYQDIISSWDMDD
;
P
17 'polypeptide(L)'
;MSTFIRGPICGTDNCPSRLWRIIDGRRTCQYGHVMEGDVEFNDDEDDLNGLGAGVITRRLNLTTNATGSFQSSQLTNSQL
LQQQQRQSHKKFKKLIGHEAKLLFLKSFQFILKRQIRWLITEMRFPKEFEHVAKIIWLKILKTINDQPQEELKLQLHMTS
TISILYLASTHLSLPVYTCDYIKWICTAKMPYFQASEILPKSWRIQLPNYYVSILEGSISPFNGQLYNKIALTCGMIHFK
EFFNSEISCQGLLLKLVMQCALPPEFYFYTKQVIEFEETDIRNLTLWERTDERHTGRVSNHAELRVLSYFMLTINWMLSF
DRDRQYPLKWILSLTESLTQRTTTSESIGRNIVKVVYPDKPTSSDYFQWSEEETLEFLKWMEKQFLPTQTKSLHNENGSM
EMTIDQKIARRKLYKIFPLDREANHDGEFNDSTHQLTFIEDLQERYAKQTPFFESNKIRDSLNYQEANPPARKEAIGRLL
THIASQLLVDFAISKEQLKDCISRIKNACLHRMN
;
Q
18 'polypeptide(L)'
;MFEVPITLTNRKFAQRRKLKYQYINYISRRFDRISKKSTTTDSLPTPENSAAENNDEEEGQNSEAGTYRRSVLQQKKRRR
ERHWRSVVGEIYSTTESETDSQEEETEEGGEHDTGIDKEDSDEERKFWKKYEKPEKSFEIWRTVSSQNKQPINKQKMTYH
NFKKIEKIPLRKMEIPLLHCTKENKLYFQSISRGLEPLKTSTSEVRNYRTRHIVTLTDLLHLNVSRHNWSLAYKIFATLI
RIPGVQIKSLWGIGVEILDNLSNSSSGLDFLQWMCQIYSSKSRFVQNINYRSIVPPFQTGSRTHTAKFAITYLWSSLINC
QKSMEPSSNIIDKPFDTENDLLQELIDKISEWVLTPPFMEDAEVWFIYASCHLLKADTLSRQFVNDNKNNDLIGLDRDIK
INQVIKHIHYVRTFLKICLDKGGFAVPSRLIENQLKSFESRLYGEAQDIQERDVANVYDSIDNSSVENSFGDVYETNAEF
LDTQLMDLSPEDNGLDEMHYSDEDSSE
;
R
19 'polydeoxyribonucleotide'
;(DA)(DA)(DA)(DA)(DA)(DA)(DA)(DA)(DA)(DA)(DA)(DA)(DA)(DA)(DA)(DA)(DA)(DA)(DA)(DA)
(DA)(DA)(DA)(DA)(DA)(DA)(DA)
;
S
20 'polydeoxyribonucleotide'
;(DT)(DT)(DT)(DT)(DT)(DT)(DT)(DT)(DT)(DT)(DT)(DC)(DT)(DT)(DT)(DT)(DT)(DT)(DT)(DT)
(DT)(DT)(DT)(DT)(DT)(DT)(DT)
;
T
21 'polydeoxyribonucleotide' (DG)(DG)(DG)(DG)(DG)(DG)(DG)(DG)(DG)(DG)(DG)(DG) U
22 'polydeoxyribonucleotide' (DC)(DC)(DC)(DC)(DC)(DC)(DC)(DC)(DC)(DC)(DC)(DC) V
#
loop_
_chem_comp.id
_chem_comp.type
_chem_comp.name
_chem_comp.formula
DA DNA linking 2'-DEOXYADENOSINE-5'-MONOPHOSPHATE 'C10 H14 N5 O6 P'
DC DNA linking 2'-DEOXYCYTIDINE-5'-MONOPHOSPHATE 'C9 H14 N3 O7 P'
DG DNA linking 2'-DEOXYGUANOSINE-5'-MONOPHOSPHATE 'C10 H14 N5 O7 P'
DT DNA linking THYMIDINE-5'-MONOPHOSPHATE 'C10 H15 N2 O8 P'
MG non-polymer 'MAGNESIUM ION' 'Mg 2'
ZN non-polymer 'ZINC ION' 'Zn 2'
#
# COMPACT_ATOMS: atom_id res chain seq x y z
N MET A 1 7.63 -7.80 34.82
CA MET A 1 7.83 -8.58 36.03
C MET A 1 8.99 -8.00 36.78
N ASP A 2 8.93 -8.05 38.10
CA ASP A 2 9.99 -7.51 38.92
C ASP A 2 10.25 -8.44 40.09
N ILE A 3 11.52 -8.71 40.37
CA ILE A 3 11.89 -9.69 41.38
C ILE A 3 11.89 -9.10 42.78
N SER A 4 11.49 -7.85 42.95
CA SER A 4 11.33 -7.30 44.28
C SER A 4 9.91 -7.39 44.79
N LYS A 5 8.94 -7.58 43.90
CA LYS A 5 7.55 -7.72 44.29
C LYS A 5 7.15 -9.17 44.08
N PRO A 6 7.11 -9.98 45.12
CA PRO A 6 6.71 -11.39 44.95
C PRO A 6 5.23 -11.61 45.20
N VAL A 7 4.72 -12.64 44.57
CA VAL A 7 3.34 -13.07 44.75
C VAL A 7 3.32 -14.22 45.73
N GLY A 8 2.23 -14.33 46.46
CA GLY A 8 2.17 -15.36 47.49
C GLY A 8 1.11 -16.37 47.17
N SER A 9 0.15 -15.97 46.36
CA SER A 9 -0.98 -16.81 46.02
C SER A 9 -0.75 -17.46 44.66
N GLU A 10 -1.16 -18.70 44.55
CA GLU A 10 -1.00 -19.45 43.31
C GLU A 10 -2.33 -20.04 42.90
N ILE A 11 -2.59 -20.06 41.60
CA ILE A 11 -3.77 -20.68 41.04
C ILE A 11 -3.45 -22.14 40.80
N THR A 12 -4.35 -23.04 41.19
CA THR A 12 -4.11 -24.46 41.00
C THR A 12 -5.12 -25.16 40.11
N SER A 13 -6.37 -24.71 40.08
CA SER A 13 -7.38 -25.43 39.31
C SER A 13 -8.48 -24.47 38.91
N VAL A 14 -8.99 -24.64 37.71
CA VAL A 14 -9.96 -23.73 37.10
C VAL A 14 -11.24 -24.52 36.89
N ASP A 15 -12.13 -24.50 37.86
CA ASP A 15 -13.42 -25.16 37.67
C ASP A 15 -14.27 -24.36 36.71
N PHE A 16 -15.19 -25.03 36.05
CA PHE A 16 -16.06 -24.36 35.09
C PHE A 16 -17.45 -24.18 35.69
N GLY A 17 -18.41 -23.80 34.87
CA GLY A 17 -19.77 -23.58 35.32
C GLY A 17 -20.52 -22.69 34.35
N ILE A 18 -21.75 -22.36 34.73
CA ILE A 18 -22.62 -21.50 33.93
C ILE A 18 -23.01 -20.29 34.78
N LEU A 19 -22.87 -19.10 34.22
CA LEU A 19 -23.36 -17.88 34.86
C LEU A 19 -24.88 -17.90 34.93
N THR A 20 -25.42 -17.75 36.13
CA THR A 20 -26.86 -17.79 36.34
C THR A 20 -27.44 -16.39 36.45
N ALA A 21 -28.76 -16.31 36.39
CA ALA A 21 -29.44 -15.01 36.32
C ALA A 21 -29.42 -14.30 37.67
N LYS A 22 -29.44 -15.04 38.76
CA LYS A 22 -29.32 -14.41 40.06
C LYS A 22 -27.88 -14.02 40.35
N GLU A 23 -26.94 -14.53 39.56
CA GLU A 23 -25.53 -14.27 39.79
C GLU A 23 -25.09 -12.97 39.15
N ILE A 24 -25.60 -12.67 37.96
CA ILE A 24 -25.14 -11.51 37.23
C ILE A 24 -25.76 -10.23 37.80
N ARG A 25 -27.02 -10.31 38.21
CA ARG A 25 -27.72 -9.14 38.71
C ARG A 25 -27.17 -8.66 40.05
N ASN A 26 -26.44 -9.52 40.76
CA ASN A 26 -25.69 -9.08 41.94
C ASN A 26 -24.46 -8.27 41.52
N LEU A 27 -23.58 -8.88 40.74
CA LEU A 27 -22.25 -8.30 40.51
C LEU A 27 -22.27 -7.13 39.55
N SER A 28 -23.34 -6.94 38.80
CA SER A 28 -23.37 -5.88 37.80
C SER A 28 -23.52 -4.52 38.48
N ALA A 29 -23.16 -3.48 37.74
CA ALA A 29 -23.24 -2.11 38.25
C ALA A 29 -24.45 -1.36 37.71
N LYS A 30 -24.53 -1.18 36.39
CA LYS A 30 -25.54 -0.32 35.79
C LYS A 30 -26.17 -1.02 34.62
N GLN A 31 -27.44 -1.38 34.75
CA GLN A 31 -28.17 -2.08 33.69
C GLN A 31 -28.31 -1.19 32.47
N ILE A 32 -27.88 -1.70 31.32
CA ILE A 32 -27.84 -0.92 30.10
C ILE A 32 -29.22 -0.94 29.44
N THR A 33 -29.85 0.24 29.34
CA THR A 33 -31.19 0.36 28.78
C THR A 33 -31.21 1.15 27.47
N ASN A 34 -30.49 2.27 27.41
CA ASN A 34 -30.60 3.18 26.29
C ASN A 34 -29.93 2.61 25.04
N PRO A 35 -30.63 2.53 23.91
CA PRO A 35 -30.01 2.02 22.67
C PRO A 35 -28.95 2.92 22.08
N THR A 36 -28.84 4.18 22.48
CA THR A 36 -27.79 5.02 21.92
C THR A 36 -26.51 4.90 22.74
N VAL A 37 -25.44 5.52 22.24
CA VAL A 37 -24.14 5.43 22.89
C VAL A 37 -23.59 6.78 23.33
N LEU A 38 -24.02 7.89 22.74
CA LEU A 38 -23.48 9.21 23.07
C LEU A 38 -24.60 10.22 22.95
N ASP A 39 -24.48 11.32 23.68
CA ASP A 39 -25.42 12.41 23.50
C ASP A 39 -24.86 13.37 22.44
N ASN A 40 -25.47 14.54 22.31
CA ASN A 40 -25.11 15.44 21.23
C ASN A 40 -23.77 16.13 21.47
N LEU A 41 -23.38 16.27 22.74
CA LEU A 41 -22.19 17.05 23.09
C LEU A 41 -20.89 16.33 22.76
N GLY A 42 -20.93 15.01 22.59
CA GLY A 42 -19.72 14.22 22.61
C GLY A 42 -19.42 13.75 24.03
N HIS A 43 -20.36 13.01 24.60
CA HIS A 43 -20.28 12.60 26.00
C HIS A 43 -21.17 11.37 26.16
N PRO A 44 -20.84 10.46 27.07
CA PRO A 44 -21.63 9.23 27.20
C PRO A 44 -22.91 9.41 28.00
N VAL A 45 -23.92 8.66 27.59
CA VAL A 45 -25.26 8.76 28.17
C VAL A 45 -25.32 7.95 29.45
N SER A 46 -25.93 8.50 30.48
CA SER A 46 -26.06 7.79 31.76
C SER A 46 -27.08 6.66 31.64
N GLY A 47 -26.66 5.54 31.08
CA GLY A 47 -27.53 4.39 30.91
C GLY A 47 -27.35 3.75 29.55
N GLY A 48 -26.38 4.23 28.77
CA GLY A 48 -26.10 3.71 27.47
C GLY A 48 -24.90 2.77 27.45
N LEU A 49 -24.47 2.43 26.25
CA LEU A 49 -23.43 1.43 26.06
C LEU A 49 -22.04 1.92 26.41
N TYR A 50 -21.86 3.21 26.69
CA TYR A 50 -20.58 3.73 27.13
C TYR A 50 -20.67 4.34 28.52
N ASP A 51 -21.51 3.76 29.38
CA ASP A 51 -21.81 4.34 30.67
C ASP A 51 -20.58 4.44 31.55
N LEU A 52 -20.55 5.46 32.41
CA LEU A 52 -19.38 5.70 33.24
C LEU A 52 -19.40 4.90 34.53
N ALA A 53 -20.20 3.84 34.60
CA ALA A 53 -20.03 2.78 35.58
C ALA A 53 -19.44 1.52 34.98
N LEU A 54 -19.26 1.50 33.65
CA LEU A 54 -18.65 0.39 32.94
C LEU A 54 -17.22 0.68 32.51
N GLY A 55 -16.60 1.70 33.07
CA GLY A 55 -15.22 1.98 32.70
C GLY A 55 -15.00 3.45 32.45
N ALA A 56 -13.86 3.95 32.91
CA ALA A 56 -13.49 5.33 32.65
C ALA A 56 -13.24 5.54 31.17
N PHE A 57 -13.78 6.64 30.66
CA PHE A 57 -13.74 6.95 29.25
C PHE A 57 -13.14 8.35 29.20
N LEU A 58 -13.30 9.04 28.06
CA LEU A 58 -12.38 10.01 27.46
C LEU A 58 -11.47 10.79 28.40
N ARG A 59 -12.06 11.46 29.38
CA ARG A 59 -11.29 12.08 30.45
C ARG A 59 -11.98 11.95 31.79
N ASN A 60 -13.08 11.20 31.87
CA ASN A 60 -13.91 11.21 33.07
C ASN A 60 -13.32 10.27 34.11
N LEU A 61 -14.11 9.96 35.13
CA LEU A 61 -13.75 8.95 36.11
C LEU A 61 -14.86 7.92 36.19
N CYS A 62 -14.49 6.66 36.43
CA CYS A 62 -15.47 5.60 36.56
C CYS A 62 -16.26 5.78 37.85
N SER A 63 -17.58 5.78 37.73
CA SER A 63 -18.43 6.15 38.85
C SER A 63 -18.51 5.08 39.93
N THR A 64 -17.95 3.89 39.73
CA THR A 64 -18.04 2.85 40.75
C THR A 64 -16.84 2.86 41.69
N CYS A 65 -15.62 2.82 41.14
CA CYS A 65 -14.42 2.80 41.96
C CYS A 65 -13.71 4.15 42.02
N GLY A 66 -13.94 5.03 41.06
CA GLY A 66 -13.35 6.35 41.14
C GLY A 66 -11.86 6.38 40.88
N LEU A 67 -11.43 5.88 39.74
CA LEU A 67 -10.05 5.95 39.32
C LEU A 67 -9.99 6.42 37.88
N ASP A 68 -8.79 6.80 37.44
CA ASP A 68 -8.59 7.35 36.12
C ASP A 68 -8.63 6.22 35.09
N GLU A 69 -8.57 6.57 33.80
CA GLU A 69 -8.55 5.59 32.73
C GLU A 69 -7.27 4.78 32.67
N LYS A 70 -6.25 5.13 33.45
CA LYS A 70 -5.02 4.35 33.54
C LYS A 70 -4.93 3.57 34.83
N PHE A 71 -6.00 3.57 35.63
CA PHE A 71 -6.04 2.75 36.83
C PHE A 71 -7.31 1.94 36.97
N CYS A 72 -8.27 2.10 36.09
CA CYS A 72 -9.54 1.42 36.25
C CYS A 72 -9.44 0.00 35.70
N PRO A 73 -9.84 -1.01 36.48
CA PRO A 73 -9.92 -2.36 35.90
C PRO A 73 -11.02 -2.49 34.87
N GLY A 74 -12.08 -1.70 34.98
CA GLY A 74 -13.28 -1.90 34.22
C GLY A 74 -14.29 -2.73 35.00
N HIS A 75 -15.55 -2.60 34.59
CA HIS A 75 -16.63 -3.41 35.16
C HIS A 75 -17.60 -3.76 34.06
N GLN A 76 -18.34 -4.85 34.24
CA GLN A 76 -19.25 -5.30 33.20
C GLN A 76 -20.70 -5.08 33.63
N GLY A 77 -21.53 -4.68 32.67
CA GLY A 77 -22.93 -4.43 32.90
C GLY A 77 -23.79 -5.48 32.22
N HIS A 78 -25.10 -5.30 32.33
CA HIS A 78 -25.98 -6.32 31.80
C HIS A 78 -27.21 -5.73 31.12
N ILE A 79 -27.60 -6.35 30.03
CA ILE A 79 -28.83 -6.06 29.31
C ILE A 79 -29.91 -6.98 29.85
N GLU A 80 -31.11 -6.44 30.07
CA GLU A 80 -32.24 -7.26 30.47
C GLU A 80 -32.93 -7.84 29.24
N LEU A 81 -33.68 -8.93 29.42
CA LEU A 81 -34.47 -9.53 28.36
C LEU A 81 -35.82 -9.99 28.89
N PRO A 82 -36.93 -9.66 28.20
CA PRO A 82 -38.25 -10.16 28.62
C PRO A 82 -38.50 -11.62 28.28
N VAL A 83 -38.17 -12.04 27.07
CA VAL A 83 -38.14 -13.45 26.69
C VAL A 83 -36.87 -14.00 27.31
N PRO A 84 -36.76 -15.30 27.64
CA PRO A 84 -35.47 -15.76 28.16
C PRO A 84 -34.36 -15.73 27.13
N CYS A 85 -34.18 -16.79 26.31
CA CYS A 85 -33.80 -16.88 24.89
C CYS A 85 -33.24 -18.29 24.72
N TYR A 86 -32.94 -18.73 23.51
CA TYR A 86 -32.19 -19.97 23.35
C TYR A 86 -30.70 -19.64 23.28
N ASN A 87 -29.92 -20.24 24.17
CA ASN A 87 -28.47 -20.11 24.13
C ASN A 87 -27.93 -20.84 22.91
N PRO A 88 -27.32 -20.16 21.94
CA PRO A 88 -26.99 -20.80 20.66
C PRO A 88 -25.81 -21.74 20.70
N LEU A 89 -25.17 -21.92 21.85
CA LEU A 89 -24.17 -22.96 22.04
C LEU A 89 -24.71 -24.15 22.83
N PHE A 90 -25.57 -23.89 23.81
CA PHE A 90 -26.22 -24.94 24.58
C PHE A 90 -27.57 -25.28 23.97
N PHE A 91 -27.60 -25.44 22.66
CA PHE A 91 -28.84 -25.67 21.94
C PHE A 91 -29.12 -27.15 21.74
N ASN A 92 -28.15 -27.90 21.23
CA ASN A 92 -28.40 -29.29 20.87
C ASN A 92 -28.50 -30.19 22.10
N GLN A 93 -27.97 -29.76 23.25
CA GLN A 93 -28.18 -30.54 24.46
C GLN A 93 -29.48 -30.14 25.13
N LEU A 94 -30.03 -28.99 24.77
CA LEU A 94 -31.42 -28.71 25.08
C LEU A 94 -32.34 -29.44 24.11
N TYR A 95 -31.94 -29.49 22.84
CA TYR A 95 -32.75 -30.10 21.80
C TYR A 95 -32.87 -31.60 21.99
N ILE A 96 -31.91 -32.22 22.67
CA ILE A 96 -31.99 -33.65 22.93
C ILE A 96 -32.89 -33.93 24.12
N TYR A 97 -32.76 -33.16 25.19
CA TYR A 97 -33.64 -33.37 26.33
C TYR A 97 -35.04 -32.82 26.11
N LEU A 98 -35.27 -32.08 25.04
CA LEU A 98 -36.64 -31.79 24.64
C LEU A 98 -37.31 -33.04 24.10
N ARG A 99 -36.64 -33.70 23.15
CA ARG A 99 -37.18 -34.86 22.45
C ARG A 99 -37.06 -36.14 23.22
N ALA A 100 -36.91 -36.10 24.54
CA ALA A 100 -36.93 -37.29 25.35
C ALA A 100 -37.83 -37.16 26.57
N SER A 101 -38.46 -36.01 26.76
CA SER A 101 -39.34 -35.83 27.89
C SER A 101 -40.73 -36.37 27.57
N CYS A 102 -41.43 -36.82 28.61
CA CYS A 102 -42.85 -37.14 28.49
C CYS A 102 -43.65 -35.95 28.97
N LEU A 103 -44.50 -35.43 28.10
CA LEU A 103 -45.25 -34.21 28.38
C LEU A 103 -46.39 -34.44 29.34
N PHE A 104 -46.83 -35.70 29.48
CA PHE A 104 -47.92 -36.08 30.36
C PHE A 104 -47.42 -36.70 31.66
N CYS A 105 -46.52 -37.67 31.55
CA CYS A 105 -46.02 -38.39 32.71
C CYS A 105 -44.99 -37.59 33.49
N HIS A 106 -44.41 -36.56 32.88
CA HIS A 106 -43.35 -35.71 33.44
C HIS A 106 -42.10 -36.51 33.81
N HIS A 107 -41.77 -37.53 33.01
CA HIS A 107 -40.53 -38.29 33.15
C HIS A 107 -39.94 -38.47 31.77
N PHE A 108 -38.95 -39.35 31.66
CA PHE A 108 -38.47 -39.69 30.33
C PHE A 108 -39.30 -40.82 29.75
N ARG A 109 -39.30 -40.91 28.43
CA ARG A 109 -40.01 -41.97 27.74
C ARG A 109 -39.29 -43.31 27.80
N LEU A 110 -38.18 -43.40 28.52
CA LEU A 110 -37.49 -44.65 28.75
C LEU A 110 -38.13 -45.27 30.00
N LYS A 111 -37.55 -46.34 30.53
CA LYS A 111 -38.14 -47.01 31.68
C LYS A 111 -37.78 -46.26 32.96
N SER A 112 -38.09 -46.87 34.09
CA SER A 112 -37.72 -46.32 35.39
C SER A 112 -36.57 -47.09 36.03
N VAL A 113 -36.32 -48.31 35.57
CA VAL A 113 -35.17 -49.06 36.08
C VAL A 113 -34.03 -49.03 35.07
N GLU A 114 -34.32 -48.72 33.81
CA GLU A 114 -33.24 -48.55 32.85
C GLU A 114 -32.51 -47.25 33.09
N VAL A 115 -33.26 -46.21 33.46
CA VAL A 115 -32.64 -44.94 33.82
C VAL A 115 -31.89 -45.07 35.13
N HIS A 116 -32.46 -45.77 36.11
CA HIS A 116 -31.77 -46.00 37.38
C HIS A 116 -30.55 -46.90 37.22
N ARG A 117 -30.52 -47.71 36.17
CA ARG A 117 -29.31 -48.48 35.88
C ARG A 117 -28.21 -47.56 35.37
N TYR A 118 -28.53 -46.65 34.46
CA TYR A 118 -27.54 -45.75 33.90
C TYR A 118 -27.08 -44.72 34.91
N ALA A 119 -27.88 -44.45 35.94
CA ALA A 119 -27.41 -43.61 37.02
C ALA A 119 -26.40 -44.34 37.88
N CYS A 120 -26.67 -45.60 38.20
CA CYS A 120 -25.79 -46.32 39.09
C CYS A 120 -24.54 -46.81 38.39
N LYS A 121 -24.53 -46.82 37.06
CA LYS A 121 -23.28 -47.04 36.35
C LYS A 121 -22.45 -45.76 36.32
N LEU A 122 -23.12 -44.61 36.18
CA LEU A 122 -22.39 -43.36 36.06
C LEU A 122 -21.90 -42.87 37.42
N ARG A 123 -22.50 -43.33 38.51
CA ARG A 123 -22.00 -42.93 39.81
C ARG A 123 -20.70 -43.64 40.14
N LEU A 124 -20.61 -44.94 39.83
CA LEU A 124 -19.38 -45.67 40.09
C LEU A 124 -18.27 -45.25 39.16
N LEU A 125 -18.62 -44.77 37.98
CA LEU A 125 -17.60 -44.32 37.04
C LEU A 125 -17.09 -42.92 37.39
N GLN A 126 -17.76 -42.22 38.30
CA GLN A 126 -17.19 -41.00 38.87
C GLN A 126 -15.97 -41.33 39.72
N TYR A 127 -16.05 -42.39 40.51
CA TYR A 127 -15.00 -42.76 41.44
C TYR A 127 -13.94 -43.63 40.79
N GLY A 128 -14.01 -43.85 39.48
CA GLY A 128 -13.00 -44.57 38.77
C GLY A 128 -13.15 -46.08 38.77
N LEU A 129 -14.14 -46.62 39.46
CA LEU A 129 -14.29 -48.06 39.58
C LEU A 129 -14.91 -48.60 38.30
N ILE A 130 -14.07 -48.88 37.30
CA ILE A 130 -14.60 -49.35 36.02
C ILE A 130 -15.08 -50.79 36.12
N ASP A 131 -14.58 -51.54 37.11
CA ASP A 131 -14.98 -52.93 37.23
C ASP A 131 -16.39 -53.06 37.77
N GLU A 132 -16.68 -52.42 38.90
CA GLU A 132 -17.97 -52.58 39.54
C GLU A 132 -19.10 -51.94 38.75
N SER A 133 -18.78 -51.01 37.86
CA SER A 133 -19.79 -50.50 36.95
C SER A 133 -20.18 -51.55 35.93
N TYR A 134 -19.26 -52.44 35.58
CA TYR A 134 -19.56 -53.49 34.61
C TYR A 134 -20.17 -54.71 35.26
N LYS A 135 -19.98 -54.89 36.57
CA LYS A 135 -20.63 -55.98 37.27
C LYS A 135 -22.03 -55.63 37.72
N LEU A 136 -22.54 -54.46 37.33
CA LEU A 136 -23.90 -54.10 37.66
C LEU A 136 -24.89 -54.74 36.69
N ASP A 137 -24.42 -55.19 35.53
CA ASP A 137 -25.26 -56.01 34.67
C ASP A 137 -25.51 -57.38 35.27
N GLU A 138 -24.66 -57.83 36.19
CA GLU A 138 -24.79 -59.12 36.86
C GLU A 138 -25.80 -59.12 37.99
N ILE A 139 -26.66 -58.11 38.10
CA ILE A 139 -27.72 -58.08 39.11
C ILE A 139 -29.05 -58.05 38.36
N THR A 140 -29.66 -59.22 38.21
CA THR A 140 -31.00 -59.41 37.69
C THR A 140 -31.48 -60.75 38.23
N LEU A 141 -32.74 -60.82 38.64
CA LEU A 141 -33.28 -62.10 39.10
C LEU A 141 -34.33 -62.61 38.13
N SER A 174 -42.84 -56.68 38.31
CA SER A 174 -44.16 -56.23 38.73
C SER A 174 -44.02 -55.02 39.62
N SER A 175 -44.87 -54.92 40.65
CA SER A 175 -44.87 -53.74 41.50
C SER A 175 -43.68 -53.74 42.46
N THR A 176 -43.67 -54.72 43.37
CA THR A 176 -42.58 -54.82 44.35
C THR A 176 -41.33 -55.47 43.79
N LEU A 177 -41.39 -56.01 42.57
CA LEU A 177 -40.19 -56.55 41.96
C LEU A 177 -39.24 -55.43 41.54
N LEU A 178 -39.78 -54.33 41.03
CA LEU A 178 -38.91 -53.24 40.61
C LEU A 178 -38.47 -52.40 41.78
N ASN A 179 -39.09 -52.56 42.95
CA ASN A 179 -38.54 -51.92 44.14
C ASN A 179 -37.62 -52.87 44.89
N GLU A 180 -37.46 -54.10 44.39
CA GLU A 180 -36.41 -54.97 44.91
C GLU A 180 -35.21 -54.97 43.99
N LEU A 181 -35.42 -54.69 42.71
CA LEU A 181 -34.29 -54.51 41.79
C LEU A 181 -33.59 -53.19 42.05
N LYS A 182 -34.37 -52.14 42.35
CA LYS A 182 -33.78 -50.83 42.61
C LYS A 182 -33.12 -50.78 43.98
N SER A 183 -33.49 -51.67 44.89
CA SER A 183 -32.93 -51.61 46.24
C SER A 183 -31.57 -52.28 46.30
N LYS A 184 -31.43 -53.44 45.68
CA LYS A 184 -30.15 -54.15 45.74
C LYS A 184 -29.13 -53.51 44.81
N ARG A 185 -29.57 -52.78 43.79
CA ARG A 185 -28.64 -52.07 42.94
C ARG A 185 -28.02 -50.89 43.69
N SER A 186 -28.82 -50.17 44.46
CA SER A 186 -28.28 -49.04 45.21
C SER A 186 -27.49 -49.50 46.42
N GLU A 187 -27.76 -50.71 46.93
CA GLU A 187 -26.92 -51.24 48.00
C GLU A 187 -25.57 -51.67 47.45
N TYR A 188 -25.56 -52.21 46.23
CA TYR A 188 -24.30 -52.68 45.66
C TYR A 188 -23.40 -51.51 45.26
N VAL A 189 -23.99 -50.38 44.88
CA VAL A 189 -23.21 -49.18 44.65
C VAL A 189 -22.61 -48.67 45.95
N ASP A 190 -23.42 -48.68 47.02
CA ASP A 190 -22.94 -48.18 48.30
C ASP A 190 -21.92 -49.13 48.93
N MET A 191 -22.05 -50.42 48.67
CA MET A 191 -21.09 -51.37 49.21
C MET A 191 -19.74 -51.26 48.51
N ALA A 192 -19.76 -50.94 47.22
CA ALA A 192 -18.52 -50.84 46.46
C ALA A 192 -17.81 -49.52 46.73
N ILE A 193 -18.55 -48.47 47.04
CA ILE A 193 -17.94 -47.16 47.28
C ILE A 193 -17.17 -47.17 48.59
N ALA A 194 -17.81 -47.64 49.66
CA ALA A 194 -17.16 -47.59 50.97
C ALA A 194 -16.07 -48.64 51.11
N LYS A 195 -16.09 -49.67 50.26
CA LYS A 195 -14.98 -50.62 50.24
C LYS A 195 -13.78 -50.04 49.52
N ALA A 196 -14.03 -49.28 48.45
CA ALA A 196 -12.95 -48.68 47.70
C ALA A 196 -12.38 -47.43 48.37
N LEU A 197 -12.91 -47.02 49.51
CA LEU A 197 -12.33 -45.93 50.29
C LEU A 197 -11.53 -46.43 51.48
N SER A 198 -11.66 -47.70 51.86
CA SER A 198 -10.93 -48.23 53.00
C SER A 198 -9.44 -48.26 52.74
N ASP A 199 -9.05 -48.58 51.52
CA ASP A 199 -7.70 -48.40 51.05
C ASP A 199 -7.66 -47.18 50.16
N GLY A 200 -6.47 -46.88 49.62
CA GLY A 200 -6.31 -45.70 48.81
C GLY A 200 -6.61 -45.94 47.35
N ARG A 201 -7.64 -46.73 47.05
CA ARG A 201 -7.99 -46.98 45.67
C ARG A 201 -8.64 -45.75 45.04
N THR A 202 -9.39 -44.99 45.82
CA THR A 202 -10.01 -43.75 45.36
C THR A 202 -10.18 -42.84 46.57
N THR A 203 -10.55 -41.59 46.30
CA THR A 203 -10.77 -40.62 47.36
C THR A 203 -12.07 -39.87 47.10
N GLU A 204 -12.48 -39.09 48.11
CA GLU A 204 -13.80 -38.45 48.08
C GLU A 204 -13.92 -37.40 47.02
N ARG A 205 -12.81 -36.75 46.65
CA ARG A 205 -12.84 -35.83 45.52
C ARG A 205 -12.86 -36.56 44.18
N GLY A 206 -12.67 -37.88 44.17
CA GLY A 206 -12.89 -38.68 42.99
C GLY A 206 -11.74 -38.68 42.03
N SER A 207 -11.33 -39.87 41.60
CA SER A 207 -10.28 -39.96 40.60
C SER A 207 -10.89 -39.75 39.22
N PHE A 208 -10.02 -39.49 38.25
CA PHE A 208 -10.44 -39.29 36.87
C PHE A 208 -9.22 -39.45 35.98
N THR A 209 -9.25 -40.43 35.10
CA THR A 209 -8.12 -40.76 34.24
C THR A 209 -8.66 -40.84 32.83
N ALA A 210 -7.76 -40.78 31.84
CA ALA A 210 -8.18 -40.84 30.44
C ALA A 210 -8.77 -42.19 30.06
N THR A 211 -8.59 -43.22 30.89
CA THR A 211 -9.33 -44.47 30.69
C THR A 211 -10.72 -44.38 31.29
N VAL A 212 -10.83 -43.80 32.50
CA VAL A 212 -12.13 -43.57 33.11
C VAL A 212 -12.88 -42.49 32.34
N ASN A 213 -12.16 -41.59 31.70
CA ASN A 213 -12.82 -40.59 30.86
C ASN A 213 -13.34 -41.21 29.57
N ASP A 214 -12.81 -42.37 29.18
CA ASP A 214 -13.29 -42.99 27.95
C ASP A 214 -14.65 -43.65 28.16
N GLU A 215 -14.85 -44.33 29.28
CA GLU A 215 -16.08 -45.07 29.51
C GLU A 215 -17.26 -44.14 29.74
N ARG A 216 -17.00 -42.93 30.21
CA ARG A 216 -18.08 -41.96 30.38
C ARG A 216 -18.59 -41.49 29.03
N LYS A 217 -17.71 -41.42 28.04
CA LYS A 217 -18.15 -40.99 26.72
C LYS A 217 -18.84 -42.12 25.97
N LYS A 218 -18.77 -43.35 26.48
CA LYS A 218 -19.45 -44.45 25.83
C LYS A 218 -20.82 -44.71 26.45
N LEU A 219 -20.97 -44.44 27.75
CA LEU A 219 -22.28 -44.58 28.37
C LEU A 219 -23.20 -43.45 27.95
N VAL A 220 -22.68 -42.22 27.93
CA VAL A 220 -23.50 -41.05 27.65
C VAL A 220 -23.89 -41.03 26.18
N HIS A 221 -23.00 -41.50 25.30
CA HIS A 221 -23.37 -41.68 23.90
C HIS A 221 -24.42 -42.77 23.75
N GLU A 222 -24.45 -43.72 24.69
CA GLU A 222 -25.46 -44.76 24.68
C GLU A 222 -26.71 -44.34 25.44
N PHE A 223 -26.56 -43.50 26.45
CA PHE A 223 -27.71 -43.05 27.22
C PHE A 223 -28.47 -41.96 26.46
N HIS A 224 -27.83 -41.32 25.50
CA HIS A 224 -28.55 -40.35 24.68
C HIS A 224 -29.17 -41.00 23.47
N LYS A 225 -28.55 -42.06 22.96
CA LYS A 225 -29.17 -42.81 21.87
C LYS A 225 -30.36 -43.60 22.36
N LYS A 226 -30.31 -44.12 23.58
CA LYS A 226 -31.44 -44.87 24.11
C LYS A 226 -32.61 -43.97 24.47
N LEU A 227 -32.37 -42.69 24.69
CA LEU A 227 -33.49 -41.78 24.94
C LEU A 227 -34.16 -41.31 23.67
N LEU A 228 -33.43 -41.27 22.56
CA LEU A 228 -33.99 -40.84 21.29
C LEU A 228 -34.55 -41.99 20.46
N SER A 229 -34.53 -43.20 20.98
CA SER A 229 -35.08 -44.36 20.29
C SER A 229 -36.31 -44.90 21.03
N ARG A 230 -37.16 -43.99 21.48
CA ARG A 230 -38.38 -44.35 22.16
C ARG A 230 -39.58 -43.97 21.31
N GLY A 231 -40.64 -44.74 21.45
CA GLY A 231 -41.92 -44.49 20.82
C GLY A 231 -42.96 -44.12 21.86
N LYS A 232 -43.70 -45.11 22.31
CA LYS A 232 -44.64 -44.94 23.42
C LYS A 232 -43.89 -44.66 24.72
N CYS A 233 -44.56 -43.95 25.62
CA CYS A 233 -44.01 -43.71 26.94
C CYS A 233 -44.03 -45.00 27.75
N ASP A 234 -42.85 -45.53 28.06
CA ASP A 234 -42.77 -46.78 28.80
C ASP A 234 -42.90 -46.59 30.30
N ASN A 235 -43.46 -45.48 30.77
CA ASN A 235 -43.82 -45.34 32.17
C ASN A 235 -45.33 -45.37 32.39
N CYS A 236 -46.08 -44.69 31.53
CA CYS A 236 -47.53 -44.63 31.68
C CYS A 236 -48.26 -44.73 30.33
N GLY A 237 -47.62 -45.28 29.30
CA GLY A 237 -48.31 -45.77 28.13
C GLY A 237 -48.77 -44.74 27.13
N MET A 238 -48.66 -43.46 27.41
CA MET A 238 -49.20 -42.43 26.52
C MET A 238 -48.33 -42.30 25.27
N PHE A 239 -48.72 -41.35 24.42
CA PHE A 239 -47.98 -41.07 23.20
C PHE A 239 -47.61 -39.61 23.19
N SER A 240 -46.32 -39.32 23.15
CA SER A 240 -45.89 -37.93 23.11
C SER A 240 -45.76 -37.44 21.67
N PRO A 241 -46.08 -36.18 21.41
CA PRO A 241 -46.00 -35.67 20.03
C PRO A 241 -44.59 -35.44 19.53
N LYS A 242 -44.47 -34.83 18.36
CA LYS A 242 -43.19 -34.64 17.70
C LYS A 242 -42.69 -33.21 17.86
N PHE A 243 -41.37 -33.03 17.69
CA PHE A 243 -40.74 -31.73 17.56
C PHE A 243 -39.79 -31.76 16.37
N ARG A 244 -39.52 -30.60 15.80
CA ARG A 244 -38.65 -30.51 14.64
C ARG A 244 -38.10 -29.10 14.55
N LYS A 245 -36.83 -28.98 14.16
CA LYS A 245 -36.07 -27.76 14.38
C LYS A 245 -35.72 -27.06 13.07
N ASP A 246 -35.21 -25.84 13.24
CA ASP A 246 -34.51 -25.08 12.20
C ASP A 246 -33.18 -24.62 12.79
N GLY A 247 -32.31 -24.10 11.92
CA GLY A 247 -31.00 -23.65 12.37
C GLY A 247 -31.05 -22.38 13.19
N PHE A 248 -32.06 -21.54 12.97
CA PHE A 248 -32.21 -20.27 13.66
C PHE A 248 -32.97 -20.42 14.98
N THR A 249 -32.84 -21.60 15.61
CA THR A 249 -33.56 -21.98 16.83
C THR A 249 -35.07 -21.80 16.69
N LYS A 250 -35.58 -22.20 15.54
CA LYS A 250 -37.01 -22.28 15.30
C LYS A 250 -37.40 -23.74 15.40
N ILE A 251 -38.22 -24.06 16.41
CA ILE A 251 -38.73 -25.42 16.57
C ILE A 251 -40.24 -25.40 16.45
N PHE A 252 -40.78 -26.40 15.75
CA PHE A 252 -42.21 -26.51 15.50
C PHE A 252 -42.75 -27.76 16.15
N GLU A 253 -43.69 -27.62 17.09
CA GLU A 253 -44.33 -28.76 17.73
C GLU A 253 -45.40 -29.33 16.81
N THR A 254 -45.20 -30.56 16.36
CA THR A 254 -46.19 -31.25 15.55
C THR A 254 -47.28 -31.80 16.47
N ALA A 255 -48.54 -31.70 16.04
CA ALA A 255 -49.65 -32.25 16.79
C ALA A 255 -49.68 -33.78 16.64
N LEU A 256 -50.63 -34.41 17.31
CA LEU A 256 -50.65 -35.86 17.44
C LEU A 256 -51.22 -36.54 16.19
N ASN A 257 -51.51 -37.83 16.32
CA ASN A 257 -52.13 -38.64 15.28
C ASN A 257 -53.42 -39.23 15.83
N GLU A 258 -54.30 -39.64 14.91
CA GLU A 258 -55.57 -40.21 15.33
C GLU A 258 -55.39 -41.56 16.01
N LYS A 259 -54.41 -42.34 15.57
CA LYS A 259 -54.14 -43.63 16.20
C LYS A 259 -53.55 -43.45 17.58
N GLN A 260 -52.83 -42.35 17.79
CA GLN A 260 -52.13 -42.15 19.06
C GLN A 260 -53.01 -41.46 20.09
N ILE A 261 -53.93 -40.59 19.66
CA ILE A 261 -54.94 -40.07 20.57
C ILE A 261 -55.86 -41.21 21.00
N THR A 262 -56.10 -42.17 20.11
CA THR A 262 -56.88 -43.35 20.44
C THR A 262 -56.20 -44.15 21.54
N ASN A 263 -54.86 -44.19 21.56
CA ASN A 263 -54.18 -44.80 22.69
C ASN A 263 -54.15 -43.87 23.89
N ASN A 264 -54.24 -42.56 23.65
CA ASN A 264 -54.17 -41.61 24.75
C ASN A 264 -55.45 -41.62 25.58
N ARG A 265 -56.61 -41.61 24.93
CA ARG A 265 -57.86 -41.51 25.66
C ARG A 265 -58.24 -42.81 26.35
N VAL A 266 -57.85 -43.96 25.80
CA VAL A 266 -58.14 -45.21 26.49
C VAL A 266 -57.18 -45.45 27.63
N LYS A 267 -56.01 -44.80 27.63
CA LYS A 267 -55.13 -44.79 28.77
C LYS A 267 -55.29 -43.52 29.60
N GLY A 268 -56.42 -42.84 29.45
CA GLY A 268 -56.79 -41.78 30.34
C GLY A 268 -57.41 -42.24 31.64
N PHE A 269 -57.62 -43.54 31.79
CA PHE A 269 -58.19 -44.09 33.01
C PHE A 269 -57.14 -44.67 33.93
N ILE A 270 -56.04 -45.17 33.37
CA ILE A 270 -54.94 -45.70 34.19
C ILE A 270 -54.26 -44.56 34.95
N ARG A 271 -53.96 -43.47 34.24
CA ARG A 271 -53.38 -42.27 34.84
C ARG A 271 -54.48 -41.44 35.50
N GLN A 272 -55.05 -42.00 36.58
CA GLN A 272 -56.12 -41.33 37.33
C GLN A 272 -55.90 -41.58 38.81
N ASP A 273 -55.15 -40.68 39.45
CA ASP A 273 -54.96 -40.67 40.89
C ASP A 273 -54.89 -39.24 41.40
N SER A 312 -48.26 -28.40 13.14
CA SER A 312 -46.91 -27.87 13.31
C SER A 312 -46.95 -26.40 13.68
N THR A 313 -47.27 -26.11 14.93
CA THR A 313 -47.24 -24.76 15.45
C THR A 313 -45.84 -24.41 15.93
N TYR A 314 -45.40 -23.20 15.63
CA TYR A 314 -44.15 -22.70 16.18
C TYR A 314 -44.30 -22.48 17.68
N ILE A 315 -43.50 -23.19 18.45
CA ILE A 315 -43.58 -23.17 19.91
C ILE A 315 -42.56 -22.17 20.45
N LEU A 316 -42.98 -21.36 21.42
CA LEU A 316 -42.15 -20.27 21.91
C LEU A 316 -41.17 -20.77 22.97
N SER A 317 -40.63 -19.84 23.76
CA SER A 317 -39.56 -20.19 24.69
C SER A 317 -40.06 -20.51 26.09
N THR A 318 -41.07 -19.79 26.58
CA THR A 318 -41.39 -19.87 28.01
C THR A 318 -42.12 -21.14 28.38
N GLU A 319 -42.93 -21.69 27.46
CA GLU A 319 -43.60 -22.96 27.74
C GLU A 319 -42.61 -24.12 27.69
N VAL A 320 -41.55 -23.99 26.89
CA VAL A 320 -40.50 -25.01 26.85
C VAL A 320 -39.69 -24.96 28.14
N LYS A 321 -39.59 -23.77 28.72
CA LYS A 321 -38.97 -23.65 30.04
C LYS A 321 -39.80 -24.37 31.10
N ASN A 322 -41.13 -24.26 31.01
CA ASN A 322 -42.00 -24.69 32.11
C ASN A 322 -42.06 -26.21 32.22
N ILE A 323 -41.86 -26.92 31.12
CA ILE A 323 -41.86 -28.38 31.21
C ILE A 323 -40.50 -28.88 31.71
N LEU A 324 -39.43 -28.13 31.45
CA LEU A 324 -38.10 -28.63 31.73
C LEU A 324 -37.71 -28.43 33.18
N ASP A 325 -38.23 -27.41 33.87
CA ASP A 325 -38.08 -27.39 35.31
C ASP A 325 -38.90 -28.50 35.94
N THR A 326 -40.01 -28.87 35.31
CA THR A 326 -40.85 -29.93 35.85
C THR A 326 -40.20 -31.30 35.66
N VAL A 327 -39.44 -31.47 34.58
CA VAL A 327 -38.69 -32.71 34.38
C VAL A 327 -37.49 -32.75 35.31
N PHE A 328 -36.73 -31.65 35.35
CA PHE A 328 -35.44 -31.63 36.04
C PHE A 328 -35.62 -31.60 37.55
N ARG A 329 -36.83 -31.30 38.04
CA ARG A 329 -37.12 -31.50 39.45
C ARG A 329 -37.31 -32.98 39.74
N LYS A 330 -37.82 -33.72 38.77
CA LYS A 330 -38.16 -35.12 38.96
C LYS A 330 -37.00 -36.04 38.58
N GLU A 331 -36.15 -35.59 37.68
CA GLU A 331 -35.05 -36.39 37.14
C GLU A 331 -33.71 -35.99 37.75
N GLN A 332 -33.72 -35.72 39.06
CA GLN A 332 -32.49 -35.29 39.73
C GLN A 332 -31.47 -36.43 39.79
N CYS A 333 -31.86 -37.57 40.33
CA CYS A 333 -30.95 -38.68 40.62
C CYS A 333 -30.35 -39.34 39.39
N VAL A 334 -30.71 -38.93 38.18
CA VAL A 334 -30.00 -39.33 36.97
C VAL A 334 -29.31 -38.15 36.31
N LEU A 335 -29.91 -36.97 36.32
CA LEU A 335 -29.24 -35.82 35.73
C LEU A 335 -28.22 -35.20 36.66
N GLN A 336 -28.17 -35.63 37.93
CA GLN A 336 -27.08 -35.23 38.80
C GLN A 336 -25.76 -35.75 38.27
N TYR A 337 -25.76 -36.96 37.71
CA TYR A 337 -24.53 -37.60 37.26
C TYR A 337 -24.26 -37.44 35.78
N VAL A 338 -25.19 -36.89 35.00
CA VAL A 338 -24.87 -36.64 33.61
C VAL A 338 -24.00 -35.40 33.49
N PHE A 339 -24.25 -34.38 34.31
CA PHE A 339 -23.48 -33.15 34.30
C PHE A 339 -22.46 -33.09 35.43
N HIS A 340 -21.88 -34.21 35.82
CA HIS A 340 -20.88 -34.22 36.89
C HIS A 340 -19.94 -35.39 36.65
N SER A 341 -18.71 -35.09 36.26
CA SER A 341 -17.67 -36.10 36.15
C SER A 341 -16.86 -36.24 37.42
N ARG A 342 -17.31 -35.63 38.51
CA ARG A 342 -16.63 -35.67 39.78
C ARG A 342 -17.70 -35.71 40.87
N PRO A 343 -17.36 -36.11 42.09
CA PRO A 343 -18.36 -36.10 43.16
C PRO A 343 -18.80 -34.70 43.51
N ASN A 344 -20.12 -34.49 43.46
CA ASN A 344 -20.74 -33.21 43.79
C ASN A 344 -20.68 -33.01 45.29
N LEU A 345 -19.75 -32.17 45.75
CA LEU A 345 -19.60 -31.92 47.18
C LEU A 345 -20.38 -30.69 47.65
N SER A 346 -20.79 -29.81 46.75
CA SER A 346 -21.63 -28.69 47.11
C SER A 346 -23.11 -29.01 47.07
N ARG A 347 -23.49 -30.09 46.39
CA ARG A 347 -24.88 -30.50 46.18
C ARG A 347 -25.72 -29.40 45.53
N LYS A 348 -25.14 -28.78 44.50
CA LYS A 348 -25.84 -27.76 43.73
C LYS A 348 -26.80 -28.44 42.76
N LEU A 349 -28.10 -28.28 42.97
CA LEU A 349 -29.08 -28.99 42.17
C LEU A 349 -29.15 -28.41 40.77
N VAL A 350 -29.30 -29.28 39.79
CA VAL A 350 -29.34 -28.85 38.39
C VAL A 350 -30.69 -28.18 38.12
N LYS A 351 -30.66 -27.04 37.46
CA LYS A 351 -31.86 -26.32 37.08
C LYS A 351 -31.90 -26.16 35.57
N ALA A 352 -33.12 -26.07 35.02
CA ALA A 352 -33.27 -25.92 33.58
C ALA A 352 -33.04 -24.49 33.11
N ASP A 353 -32.84 -23.54 34.03
CA ASP A 353 -32.52 -22.17 33.66
C ASP A 353 -31.12 -22.06 33.07
N SER A 354 -30.29 -23.09 33.23
CA SER A 354 -28.92 -23.08 32.75
C SER A 354 -28.78 -23.13 31.24
N PHE A 355 -29.89 -23.22 30.49
CA PHE A 355 -29.83 -23.19 29.04
C PHE A 355 -30.35 -21.91 28.42
N PHE A 356 -30.83 -20.96 29.23
CA PHE A 356 -31.59 -19.82 28.76
C PHE A 356 -30.95 -18.54 29.25
N MET A 357 -30.67 -17.60 28.33
CA MET A 357 -29.90 -16.40 28.64
C MET A 357 -30.84 -15.25 29.00
N ASP A 358 -31.26 -15.24 30.28
CA ASP A 358 -32.20 -14.23 30.75
C ASP A 358 -31.64 -12.81 30.70
N VAL A 359 -30.35 -12.66 30.97
CA VAL A 359 -29.68 -11.37 30.89
C VAL A 359 -28.56 -11.51 29.88
N LEU A 360 -27.79 -10.46 29.68
CA LEU A 360 -26.67 -10.51 28.75
C LEU A 360 -25.56 -9.60 29.24
N VAL A 361 -24.43 -10.19 29.60
CA VAL A 361 -23.33 -9.44 30.18
C VAL A 361 -22.56 -8.76 29.05
N VAL A 362 -22.64 -7.44 28.99
CA VAL A 362 -21.83 -6.67 28.05
C VAL A 362 -20.42 -6.54 28.63
N PRO A 363 -19.38 -6.48 27.80
CA PRO A 363 -18.03 -6.31 28.33
C PRO A 363 -17.82 -4.89 28.83
N PRO A 364 -16.76 -4.63 29.59
CA PRO A 364 -16.46 -3.26 30.00
C PRO A 364 -16.11 -2.37 28.81
N THR A 365 -16.10 -1.06 29.10
CA THR A 365 -15.85 -0.07 28.05
C THR A 365 -14.45 -0.19 27.49
N ARG A 366 -13.50 -0.61 28.31
CA ARG A 366 -12.13 -0.74 27.85
C ARG A 366 -11.95 -1.89 26.87
N PHE A 367 -12.82 -2.89 26.91
CA PHE A 367 -12.82 -3.92 25.88
C PHE A 367 -13.76 -3.60 24.74
N ARG A 368 -14.26 -2.37 24.69
CA ARG A 368 -15.17 -1.91 23.65
C ARG A 368 -14.78 -0.52 23.19
N LEU A 369 -13.49 -0.25 23.06
CA LEU A 369 -13.07 1.06 22.60
C LEU A 369 -13.35 1.20 21.11
N PRO A 370 -13.59 2.41 20.62
CA PRO A 370 -13.81 2.61 19.19
C PRO A 370 -12.55 2.33 18.39
N SER A 371 -12.76 1.90 17.16
CA SER A 371 -11.68 1.39 16.32
C SER A 371 -11.19 2.51 15.40
N LYS A 372 -10.05 3.08 15.74
CA LYS A 372 -9.44 4.13 14.93
C LYS A 372 -8.91 3.55 13.63
N LEU A 373 -9.13 4.28 12.54
CA LEU A 373 -8.67 3.85 11.21
C LEU A 373 -8.15 5.09 10.49
N GLY A 374 -6.83 5.25 10.42
CA GLY A 374 -6.27 6.45 9.83
C GLY A 374 -6.41 7.65 10.75
N GLU A 375 -7.34 8.55 10.43
CA GLU A 375 -7.67 9.65 11.32
C GLU A 375 -9.12 9.62 11.79
N GLU A 376 -9.98 8.87 11.12
CA GLU A 376 -11.38 8.76 11.52
C GLU A 376 -11.51 7.79 12.68
N VAL A 377 -12.68 7.82 13.31
CA VAL A 377 -13.00 6.95 14.43
C VAL A 377 -14.34 6.31 14.14
N HIS A 378 -14.38 4.99 14.08
CA HIS A 378 -15.59 4.27 13.75
C HIS A 378 -16.20 3.67 15.01
N GLU A 379 -17.43 3.20 14.89
CA GLU A 379 -18.07 2.55 16.01
C GLU A 379 -17.48 1.16 16.20
N ASN A 380 -17.46 0.69 17.44
CA ASN A 380 -17.03 -0.65 17.73
C ASN A 380 -18.03 -1.67 17.19
N SER A 381 -17.51 -2.76 16.63
CA SER A 381 -18.36 -3.71 15.92
C SER A 381 -19.23 -4.50 16.87
N GLN A 382 -18.80 -4.66 18.12
CA GLN A 382 -19.65 -5.32 19.09
C GLN A 382 -20.68 -4.35 19.68
N ASN A 383 -20.46 -3.05 19.50
CA ASN A 383 -21.49 -2.10 19.92
C ASN A 383 -22.68 -2.14 18.98
N GLN A 384 -22.45 -2.48 17.71
CA GLN A 384 -23.55 -2.58 16.76
C GLN A 384 -24.45 -3.77 17.07
N LEU A 385 -23.85 -4.91 17.41
CA LEU A 385 -24.65 -6.09 17.70
C LEU A 385 -25.31 -5.97 19.07
N LEU A 386 -24.78 -5.11 19.92
CA LEU A 386 -25.46 -4.85 21.18
C LEU A 386 -26.47 -3.72 21.04
N SER A 387 -26.37 -2.95 19.96
CA SER A 387 -27.39 -1.92 19.71
C SER A 387 -28.70 -2.57 19.29
N LYS A 388 -28.64 -3.46 18.29
CA LYS A 388 -29.84 -4.04 17.71
C LYS A 388 -30.58 -4.94 18.69
N VAL A 389 -29.88 -5.49 19.67
CA VAL A 389 -30.57 -6.17 20.77
C VAL A 389 -31.38 -5.15 21.56
N LEU A 390 -30.81 -3.98 21.80
CA LEU A 390 -31.45 -3.02 22.69
C LEU A 390 -32.58 -2.26 22.01
N THR A 391 -32.51 -2.03 20.70
CA THR A 391 -33.66 -1.44 20.01
C THR A 391 -34.82 -2.41 19.98
N THR A 392 -34.56 -3.66 19.60
CA THR A 392 -35.60 -4.67 19.48
C THR A 392 -36.14 -5.08 20.86
N SER A 393 -35.38 -4.79 21.92
CA SER A 393 -35.95 -4.97 23.25
C SER A 393 -36.82 -3.79 23.66
N LEU A 394 -36.85 -2.73 22.85
CA LEU A 394 -37.79 -1.63 23.13
C LEU A 394 -39.04 -1.74 22.28
N LEU A 395 -38.97 -2.44 21.14
CA LEU A 395 -40.18 -2.72 20.37
C LEU A 395 -41.07 -3.71 21.10
N ILE A 396 -40.47 -4.64 21.84
CA ILE A 396 -41.25 -5.62 22.56
C ILE A 396 -41.76 -5.06 23.88
N ARG A 397 -40.91 -4.30 24.60
CA ARG A 397 -41.31 -3.81 25.92
C ARG A 397 -42.40 -2.73 25.82
N ASP A 398 -42.54 -2.08 24.67
CA ASP A 398 -43.72 -1.29 24.40
C ASP A 398 -44.90 -2.18 24.05
N LEU A 399 -44.67 -3.22 23.25
CA LEU A 399 -45.77 -4.09 22.82
C LEU A 399 -46.13 -5.10 23.90
N ASN A 400 -45.33 -5.20 24.97
CA ASN A 400 -45.73 -5.94 26.15
C ASN A 400 -46.82 -5.20 26.91
N ASP A 401 -46.60 -3.89 27.12
CA ASP A 401 -47.54 -3.05 27.84
C ASP A 401 -48.68 -2.58 26.94
N ASP A 402 -48.59 -2.83 25.64
CA ASP A 402 -49.65 -2.46 24.72
C ASP A 402 -50.91 -3.29 24.97
N LEU A 403 -50.75 -4.59 25.16
CA LEU A 403 -51.89 -5.47 25.39
C LEU A 403 -52.42 -5.37 26.82
N SER A 404 -51.62 -4.85 27.74
CA SER A 404 -52.05 -4.75 29.13
C SER A 404 -52.76 -3.44 29.44
N LYS A 405 -52.33 -2.33 28.83
CA LYS A 405 -52.99 -1.05 29.03
C LYS A 405 -54.34 -1.02 28.32
N LEU A 406 -54.36 -1.47 27.06
CA LEU A 406 -55.60 -1.82 26.39
C LEU A 406 -56.30 -2.94 27.15
N GLN A 407 -57.61 -2.83 27.34
CA GLN A 407 -58.30 -3.80 28.18
C GLN A 407 -58.45 -5.14 27.46
N LYS A 408 -58.63 -6.20 28.26
CA LYS A 408 -58.71 -7.54 27.73
C LYS A 408 -60.13 -7.97 27.36
N ASP A 409 -61.13 -7.11 27.59
CA ASP A 409 -62.46 -7.33 27.02
C ASP A 409 -62.72 -6.45 25.82
N LYS A 410 -62.10 -5.27 25.75
CA LYS A 410 -62.18 -4.43 24.57
C LYS A 410 -61.50 -5.08 23.37
N VAL A 411 -60.52 -5.94 23.61
CA VAL A 411 -59.76 -6.54 22.54
C VAL A 411 -60.61 -7.56 21.81
N SER A 412 -60.54 -7.55 20.48
CA SER A 412 -61.40 -8.38 19.65
C SER A 412 -60.75 -9.75 19.47
N LEU A 413 -61.36 -10.56 18.60
CA LEU A 413 -60.66 -11.76 18.15
C LEU A 413 -59.66 -11.43 17.05
N GLU A 414 -59.79 -10.27 16.41
CA GLU A 414 -58.78 -9.85 15.46
C GLU A 414 -57.66 -9.06 16.14
N ASP A 415 -58.01 -8.18 17.10
CA ASP A 415 -56.99 -7.33 17.72
C ASP A 415 -56.08 -8.12 18.66
N ARG A 416 -56.59 -9.21 19.23
CA ARG A 416 -55.69 -10.12 19.94
C ARG A 416 -54.88 -10.92 18.94
N ARG A 417 -55.37 -11.05 17.71
CA ARG A 417 -54.65 -11.83 16.69
C ARG A 417 -53.77 -10.95 15.82
N VAL A 418 -53.92 -9.62 15.89
CA VAL A 418 -52.94 -8.80 15.17
C VAL A 418 -51.80 -8.35 16.08
N ILE A 419 -52.03 -8.25 17.40
CA ILE A 419 -50.90 -8.13 18.32
C ILE A 419 -50.10 -9.41 18.32
N PHE A 420 -50.78 -10.56 18.24
CA PHE A 420 -50.07 -11.84 18.25
C PHE A 420 -49.52 -12.19 16.88
N SER A 421 -49.57 -11.27 15.92
CA SER A 421 -48.74 -11.43 14.73
C SER A 421 -47.68 -10.34 14.65
N ARG A 422 -47.62 -9.48 15.67
CA ARG A 422 -46.51 -8.54 15.78
C ARG A 422 -45.48 -9.02 16.77
N LEU A 423 -45.93 -9.57 17.90
CA LEU A 423 -44.99 -10.10 18.88
C LEU A 423 -44.27 -11.34 18.37
N MET A 424 -44.97 -12.17 17.60
CA MET A 424 -44.34 -13.40 17.12
C MET A 424 -43.34 -13.12 16.01
N ASN A 425 -43.38 -11.94 15.42
CA ASN A 425 -42.30 -11.57 14.51
C ASN A 425 -41.14 -10.95 15.28
N ALA A 426 -41.44 -10.30 16.40
CA ALA A 426 -40.37 -9.67 17.17
C ALA A 426 -39.75 -10.63 18.17
N PHE A 427 -40.47 -11.68 18.57
CA PHE A 427 -39.88 -12.70 19.42
C PHE A 427 -38.87 -13.54 18.66
N VAL A 428 -38.98 -13.57 17.34
CA VAL A 428 -37.94 -14.20 16.52
C VAL A 428 -36.72 -13.32 16.45
N THR A 429 -36.90 -12.04 16.17
CA THR A 429 -35.77 -11.16 15.86
C THR A 429 -35.03 -10.74 17.11
N ILE A 430 -35.60 -10.93 18.30
CA ILE A 430 -34.79 -10.81 19.50
C ILE A 430 -33.89 -12.03 19.64
N GLN A 431 -34.38 -13.19 19.20
CA GLN A 431 -33.61 -14.41 19.34
C GLN A 431 -32.59 -14.53 18.21
N ASN A 432 -32.94 -14.04 17.02
CA ASN A 432 -31.97 -14.03 15.93
C ASN A 432 -31.02 -12.83 16.00
N ASP A 433 -30.83 -12.26 17.18
CA ASP A 433 -29.78 -11.27 17.38
C ASP A 433 -28.83 -11.69 18.51
N VAL A 434 -29.37 -12.35 19.55
CA VAL A 434 -28.53 -13.10 20.47
C VAL A 434 -27.74 -14.16 19.70
N ASN A 435 -28.37 -14.79 18.73
CA ASN A 435 -27.67 -15.68 17.82
C ASN A 435 -26.72 -14.94 16.89
N ALA A 436 -26.86 -13.63 16.75
CA ALA A 436 -25.92 -12.89 15.94
C ALA A 436 -24.81 -12.29 16.79
N PHE A 437 -25.10 -12.01 18.06
CA PHE A 437 -24.11 -11.43 18.96
C PHE A 437 -23.09 -12.47 19.40
N ILE A 438 -23.53 -13.72 19.54
CA ILE A 438 -22.62 -14.78 19.95
C ILE A 438 -21.91 -15.38 18.76
N ASP A 439 -22.65 -15.74 17.72
CA ASP A 439 -22.05 -16.41 16.56
C ASP A 439 -22.42 -15.63 15.29
N SER A 440 -21.70 -15.88 14.21
CA SER A 440 -22.05 -15.32 12.91
C SER A 440 -22.58 -16.35 11.93
N THR A 441 -22.21 -17.62 12.06
CA THR A 441 -22.76 -18.65 11.18
C THR A 441 -24.22 -18.92 11.51
N LYS A 442 -24.56 -18.90 12.80
CA LYS A 442 -25.90 -19.27 13.27
C LYS A 442 -26.84 -18.09 13.35
N ALA A 443 -26.69 -17.12 12.48
CA ALA A 443 -27.65 -16.05 12.29
C ALA A 443 -28.00 -15.95 10.81
N GLN A 444 -28.81 -14.96 10.45
CA GLN A 444 -29.44 -14.89 9.14
C GLN A 444 -28.45 -14.45 8.06
N GLY A 445 -28.83 -14.72 6.82
CA GLY A 445 -28.06 -14.30 5.66
C GLY A 445 -28.42 -12.90 5.23
N ARG A 446 -27.58 -11.93 5.59
CA ARG A 446 -27.93 -10.52 5.53
C ARG A 446 -27.06 -9.76 4.54
N THR A 447 -27.72 -8.94 3.71
CA THR A 447 -27.10 -7.93 2.84
C THR A 447 -26.12 -8.58 1.83
N SER A 448 -26.50 -9.77 1.35
CA SER A 448 -25.89 -10.46 0.21
C SER A 448 -24.39 -10.72 0.40
N GLY A 449 -24.08 -11.54 1.40
CA GLY A 449 -22.69 -11.79 1.72
C GLY A 449 -22.16 -10.78 2.73
N LYS A 450 -21.57 -9.70 2.21
CA LYS A 450 -21.16 -8.47 2.90
C LYS A 450 -19.95 -8.64 3.81
N VAL A 451 -19.42 -9.86 3.95
CA VAL A 451 -18.47 -10.31 4.98
C VAL A 451 -18.92 -9.78 6.35
N PRO A 452 -19.89 -10.47 6.99
CA PRO A 452 -20.68 -9.88 8.08
C PRO A 452 -19.92 -9.54 9.34
N ILE A 453 -20.61 -8.93 10.30
CA ILE A 453 -20.00 -8.49 11.55
C ILE A 453 -19.71 -9.70 12.42
N PRO A 454 -18.44 -9.93 12.81
CA PRO A 454 -18.12 -11.12 13.61
C PRO A 454 -18.60 -10.99 15.04
N GLY A 455 -18.93 -12.12 15.63
CA GLY A 455 -19.53 -12.10 16.95
C GLY A 455 -18.53 -12.30 18.06
N VAL A 456 -18.94 -13.03 19.09
CA VAL A 456 -18.09 -13.36 20.23
C VAL A 456 -17.28 -14.62 19.96
N LYS A 457 -17.91 -15.64 19.38
CA LYS A 457 -17.23 -16.88 19.07
C LYS A 457 -16.21 -16.69 17.96
N GLN A 458 -16.46 -15.75 17.05
CA GLN A 458 -15.57 -15.57 15.91
C GLN A 458 -14.23 -14.95 16.29
N ALA A 459 -14.13 -14.34 17.46
CA ALA A 459 -12.84 -13.89 17.93
C ALA A 459 -12.13 -14.95 18.78
N LEU A 460 -12.73 -16.12 18.92
CA LEU A 460 -12.23 -17.18 19.79
C LEU A 460 -12.23 -18.46 18.95
N GLU A 461 -11.23 -18.62 18.09
CA GLU A 461 -11.35 -19.51 16.96
C GLU A 461 -9.98 -19.83 16.37
N LYS A 462 -9.92 -20.07 15.07
CA LYS A 462 -8.81 -20.58 14.28
C LYS A 462 -7.65 -19.61 14.17
N LYS A 463 -6.77 -19.83 13.18
CA LYS A 463 -5.41 -19.31 13.03
C LYS A 463 -5.15 -17.89 13.49
N GLU A 464 -6.11 -16.99 13.30
CA GLU A 464 -5.98 -15.62 13.77
C GLU A 464 -6.87 -15.32 14.97
N GLY A 465 -7.29 -16.34 15.71
CA GLY A 465 -8.24 -16.11 16.79
C GLY A 465 -7.61 -15.60 18.05
N LEU A 466 -8.15 -15.99 19.20
CA LEU A 466 -7.56 -15.55 20.45
C LEU A 466 -6.56 -16.57 20.96
N PHE A 467 -6.89 -17.86 20.86
CA PHE A 467 -6.04 -18.86 21.47
C PHE A 467 -4.77 -19.11 20.67
N ARG A 468 -4.76 -18.82 19.38
CA ARG A 468 -3.60 -19.12 18.54
C ARG A 468 -2.89 -17.88 18.04
N LYS A 469 -3.25 -16.71 18.52
CA LYS A 469 -2.56 -15.48 18.14
C LYS A 469 -2.19 -14.63 19.34
N HIS A 470 -2.91 -14.73 20.45
CA HIS A 470 -2.60 -13.89 21.60
C HIS A 470 -2.46 -14.68 22.89
N MET A 471 -2.42 -15.98 22.84
CA MET A 471 -2.22 -16.69 24.10
C MET A 471 -1.18 -17.80 24.03
N MET A 472 -1.04 -18.46 22.88
CA MET A 472 0.04 -19.43 22.70
C MET A 472 1.25 -18.81 22.06
N GLY A 473 1.08 -17.82 21.20
CA GLY A 473 2.21 -17.14 20.62
C GLY A 473 2.12 -15.64 20.72
N LYS A 474 2.98 -15.03 21.51
CA LYS A 474 2.88 -13.61 21.83
C LYS A 474 3.98 -12.83 21.14
N ARG A 475 4.03 -11.54 21.43
CA ARG A 475 5.11 -10.67 21.00
C ARG A 475 5.84 -10.16 22.22
N VAL A 476 7.10 -9.78 22.04
CA VAL A 476 8.02 -9.67 23.15
C VAL A 476 8.68 -8.31 23.22
N ASN A 477 8.92 -7.87 24.45
CA ASN A 477 9.84 -6.78 24.72
C ASN A 477 11.25 -7.31 24.80
N TYR A 478 12.22 -6.42 24.60
CA TYR A 478 13.66 -6.71 24.61
C TYR A 478 14.02 -7.77 23.59
N ALA A 479 13.90 -7.40 22.32
CA ALA A 479 14.22 -8.31 21.22
C ALA A 479 14.49 -7.53 19.95
N ALA A 480 15.36 -8.05 19.09
CA ALA A 480 15.80 -7.32 17.90
C ALA A 480 15.94 -8.28 16.73
N ARG A 481 16.02 -7.74 15.53
CA ARG A 481 16.23 -8.59 14.36
C ARG A 481 16.91 -7.79 13.26
N SER A 482 17.79 -8.45 12.52
CA SER A 482 18.53 -7.77 11.46
C SER A 482 19.12 -8.81 10.53
N VAL A 483 19.76 -8.32 9.47
CA VAL A 483 20.45 -9.19 8.54
C VAL A 483 21.68 -9.80 9.21
N ILE A 484 22.08 -11.00 8.80
CA ILE A 484 23.29 -11.63 9.34
C ILE A 484 24.42 -11.49 8.33
N SER A 485 25.64 -11.55 8.86
CA SER A 485 26.85 -11.41 8.07
C SER A 485 27.91 -12.30 8.66
N PRO A 486 28.86 -12.78 7.86
CA PRO A 486 29.85 -13.71 8.38
C PRO A 486 30.95 -13.04 9.16
N ASP A 487 31.51 -13.79 10.09
CA ASP A 487 32.65 -13.35 10.89
C ASP A 487 33.43 -14.54 11.42
N PRO A 488 34.62 -14.83 10.90
CA PRO A 488 35.40 -15.95 11.44
C PRO A 488 36.25 -15.58 12.64
N ASN A 489 36.42 -14.30 12.93
CA ASN A 489 37.35 -13.84 13.95
C ASN A 489 36.74 -13.80 15.34
N ILE A 490 35.56 -14.34 15.52
CA ILE A 490 35.02 -14.50 16.87
C ILE A 490 34.96 -15.99 17.16
N GLU A 491 34.54 -16.33 18.38
CA GLU A 491 34.44 -17.73 18.76
C GLU A 491 33.20 -18.36 18.11
N THR A 492 33.08 -19.68 18.25
CA THR A 492 31.91 -20.35 17.74
C THR A 492 30.68 -20.06 18.57
N ASN A 493 30.85 -19.73 19.85
CA ASN A 493 29.72 -19.54 20.75
C ASN A 493 29.40 -18.07 20.98
N GLU A 494 29.63 -17.22 20.00
CA GLU A 494 29.46 -15.79 20.17
C GLU A 494 28.53 -15.23 19.11
N ILE A 495 28.29 -13.93 19.22
CA ILE A 495 27.44 -13.19 18.31
C ILE A 495 27.92 -11.75 18.31
N GLY A 496 27.95 -11.12 17.15
CA GLY A 496 28.49 -9.78 17.09
C GLY A 496 27.42 -8.71 17.12
N VAL A 497 27.15 -8.17 18.28
CA VAL A 497 26.06 -7.19 18.40
C VAL A 497 26.57 -5.83 17.94
N PRO A 498 25.93 -5.20 16.97
CA PRO A 498 26.37 -3.90 16.47
C PRO A 498 26.02 -2.81 17.47
N PRO A 499 26.60 -1.62 17.38
CA PRO A 499 26.33 -0.60 18.40
C PRO A 499 24.99 0.11 18.26
N VAL A 500 24.05 -0.38 17.45
CA VAL A 500 22.70 0.16 17.46
C VAL A 500 21.77 -0.71 18.29
N PHE A 501 22.15 -1.96 18.58
CA PHE A 501 21.41 -2.79 19.51
C PHE A 501 22.00 -2.76 20.89
N ALA A 502 23.28 -2.41 21.02
CA ALA A 502 23.98 -2.34 22.28
C ALA A 502 23.70 -1.06 23.04
N VAL A 503 22.73 -0.29 22.59
CA VAL A 503 22.35 0.96 23.20
C VAL A 503 20.90 0.93 23.70
N LYS A 504 20.01 0.29 22.96
CA LYS A 504 18.63 0.27 23.38
C LYS A 504 18.28 -0.90 24.29
N LEU A 505 19.05 -1.98 24.30
CA LEU A 505 18.70 -3.15 25.09
C LEU A 505 19.32 -3.05 26.48
N THR A 506 18.50 -3.20 27.50
CA THR A 506 18.92 -3.02 28.89
C THR A 506 18.69 -4.29 29.70
N TYR A 507 19.14 -4.28 30.95
CA TYR A 507 19.00 -5.42 31.83
C TYR A 507 19.05 -4.94 33.28
N PRO A 508 18.01 -5.19 34.09
CA PRO A 508 17.96 -4.68 35.47
C PRO A 508 18.93 -5.38 36.39
N GLU A 509 20.06 -4.75 36.67
CA GLU A 509 21.13 -5.33 37.46
C GLU A 509 21.19 -4.65 38.82
N PRO A 510 20.76 -5.27 39.91
CA PRO A 510 20.65 -4.55 41.18
C PRO A 510 21.99 -4.19 41.78
N VAL A 511 21.94 -3.26 42.73
CA VAL A 511 23.14 -2.70 43.35
C VAL A 511 23.44 -3.43 44.64
N THR A 512 24.61 -4.03 44.71
CA THR A 512 25.13 -4.64 45.91
C THR A 512 26.54 -4.12 46.09
N ALA A 513 27.28 -4.66 47.06
CA ALA A 513 28.60 -4.11 47.36
C ALA A 513 29.62 -4.48 46.29
N TYR A 514 29.42 -5.56 45.54
CA TYR A 514 30.45 -6.00 44.62
C TYR A 514 30.38 -5.32 43.26
N ASN A 515 29.25 -4.72 42.89
CA ASN A 515 29.13 -4.09 41.58
C ASN A 515 28.97 -2.58 41.66
N ILE A 516 29.03 -2.00 42.86
CA ILE A 516 28.85 -0.56 43.01
C ILE A 516 30.04 0.19 42.41
N ALA A 517 31.18 -0.48 42.28
CA ALA A 517 32.30 0.10 41.55
C ALA A 517 31.97 0.25 40.08
N GLU A 518 31.12 -0.63 39.56
CA GLU A 518 30.91 -0.66 38.11
C GLU A 518 29.57 -0.04 37.73
N LEU A 519 28.62 0.03 38.65
CA LEU A 519 27.37 0.70 38.32
C LEU A 519 27.47 2.20 38.48
N ARG A 520 28.45 2.69 39.22
CA ARG A 520 28.70 4.12 39.20
C ARG A 520 29.32 4.54 37.89
N GLN A 521 30.24 3.75 37.36
CA GLN A 521 30.85 4.09 36.09
C GLN A 521 29.87 3.91 34.95
N ALA A 522 28.85 3.07 35.14
CA ALA A 522 27.88 2.83 34.10
C ALA A 522 26.70 3.80 34.14
N VAL A 523 26.54 4.55 35.22
CA VAL A 523 25.52 5.60 35.23
C VAL A 523 26.09 6.90 34.68
N ILE A 524 27.33 7.21 35.05
CA ILE A 524 28.03 8.40 34.57
C ILE A 524 28.17 8.41 33.06
N ASN A 525 28.33 7.22 32.46
CA ASN A 525 28.47 7.10 31.01
C ASN A 525 27.21 7.47 30.27
N GLY A 526 26.06 7.39 30.90
CA GLY A 526 24.85 7.92 30.31
C GLY A 526 24.25 6.98 29.30
N PRO A 527 23.13 7.38 28.68
CA PRO A 527 22.43 6.47 27.77
C PRO A 527 23.04 6.39 26.39
N ASP A 528 24.03 7.19 26.07
CA ASP A 528 24.55 7.21 24.71
C ASP A 528 26.05 7.05 24.69
N LYS A 529 26.57 6.18 25.54
CA LYS A 529 27.97 5.78 25.46
C LYS A 529 28.06 4.36 26.00
N TRP A 530 28.45 3.43 25.17
CA TRP A 530 28.60 2.08 25.64
C TRP A 530 29.96 1.93 26.32
N PRO A 531 30.03 1.31 27.52
CA PRO A 531 28.99 0.75 28.36
C PRO A 531 28.30 1.80 29.18
N GLY A 532 26.98 1.84 29.17
CA GLY A 532 26.28 2.86 29.93
C GLY A 532 25.03 2.33 30.59
N ALA A 533 24.12 3.22 30.97
CA ALA A 533 22.83 2.81 31.48
C ALA A 533 21.82 3.87 31.12
N THR A 534 20.55 3.47 31.03
CA THR A 534 19.50 4.37 30.57
C THR A 534 18.39 4.64 31.57
N GLN A 535 18.34 3.94 32.71
CA GLN A 535 17.34 4.20 33.72
C GLN A 535 17.93 3.91 35.08
N ILE A 536 17.32 4.45 36.11
CA ILE A 536 17.56 4.03 37.48
C ILE A 536 16.22 3.49 37.94
N GLN A 537 16.17 2.95 39.15
CA GLN A 537 14.91 2.56 39.77
C GLN A 537 15.09 2.65 41.27
N ASN A 538 14.25 3.43 41.92
CA ASN A 538 14.42 3.67 43.35
C ASN A 538 13.93 2.47 44.14
N GLU A 539 13.94 2.58 45.46
CA GLU A 539 13.60 1.44 46.29
C GLU A 539 12.11 1.20 46.39
N ASP A 540 11.28 2.06 45.80
CA ASP A 540 9.83 1.92 45.89
C ASP A 540 9.18 1.80 44.52
N GLY A 541 9.91 1.29 43.53
CA GLY A 541 9.37 1.16 42.19
C GLY A 541 9.37 2.41 41.36
N SER A 542 9.69 3.56 41.95
CA SER A 542 9.60 4.83 41.25
C SER A 542 10.78 4.97 40.32
N LEU A 543 10.54 4.86 39.02
CA LEU A 543 11.61 4.98 38.04
C LEU A 543 12.12 6.41 37.97
N VAL A 544 13.37 6.54 37.53
CA VAL A 544 13.99 7.82 37.22
C VAL A 544 14.74 7.60 35.93
N SER A 545 14.33 8.28 34.87
CA SER A 545 15.07 8.04 33.64
C SER A 545 16.36 8.84 33.64
N LEU A 546 17.19 8.60 32.63
CA LEU A 546 18.45 9.32 32.47
C LEU A 546 18.57 9.93 31.10
N ILE A 547 17.47 10.05 30.36
CA ILE A 547 17.58 10.38 28.95
C ILE A 547 17.96 11.84 28.75
N GLY A 548 17.22 12.74 29.38
CA GLY A 548 17.52 14.14 29.18
C GLY A 548 18.59 14.70 30.08
N MET A 549 19.09 13.95 31.05
CA MET A 549 19.94 14.50 32.09
C MET A 549 21.34 14.79 31.57
N SER A 550 21.94 15.85 32.10
CA SER A 550 23.31 16.20 31.80
C SER A 550 24.26 15.55 32.80
N VAL A 551 25.56 15.76 32.59
CA VAL A 551 26.58 14.95 33.24
C VAL A 551 26.63 15.25 34.73
N GLU A 552 26.35 16.49 35.12
CA GLU A 552 26.37 16.83 36.53
C GLU A 552 25.11 16.40 37.23
N GLN A 553 24.09 15.98 36.47
CA GLN A 553 22.90 15.43 37.10
C GLN A 553 22.95 13.92 37.14
N ARG A 554 23.65 13.30 36.20
CA ARG A 554 23.85 11.86 36.28
C ARG A 554 24.86 11.50 37.36
N LYS A 555 25.92 12.31 37.50
CA LYS A 555 26.85 12.12 38.61
C LYS A 555 26.21 12.48 39.94
N ALA A 556 25.12 13.25 39.91
CA ALA A 556 24.36 13.52 41.12
C ALA A 556 23.58 12.29 41.56
N LEU A 557 23.23 11.43 40.60
CA LEU A 557 22.49 10.23 40.93
C LEU A 557 23.41 9.04 41.11
N ALA A 558 24.58 9.07 40.45
CA ALA A 558 25.52 7.97 40.54
C ALA A 558 26.13 7.87 41.93
N ASN A 559 26.23 8.99 42.64
CA ASN A 559 26.79 8.95 43.98
C ASN A 559 25.74 8.60 45.02
N GLN A 560 24.50 8.43 44.60
CA GLN A 560 23.39 8.24 45.51
C GLN A 560 22.72 6.89 45.33
N LEU A 561 23.44 5.93 44.76
CA LEU A 561 22.86 4.63 44.49
C LEU A 561 22.75 3.78 45.75
N LEU A 562 23.73 3.89 46.64
CA LEU A 562 23.79 3.05 47.82
C LEU A 562 23.24 3.72 49.07
N THR A 563 22.75 4.94 48.96
CA THR A 563 22.22 5.66 50.11
C THR A 563 20.90 5.02 50.54
N PRO A 564 20.76 4.62 51.80
CA PRO A 564 19.50 4.00 52.23
C PRO A 564 18.37 5.02 52.27
N SER A 565 17.23 4.64 51.69
CA SER A 565 16.00 5.41 51.84
C SER A 565 15.21 4.80 52.99
N SER A 566 14.96 5.60 54.03
CA SER A 566 14.39 5.07 55.25
C SER A 566 12.90 4.79 55.09
N ASN A 567 12.52 3.54 55.27
CA ASN A 567 11.13 3.13 55.31
C ASN A 567 11.05 1.86 56.15
N VAL A 568 9.84 1.39 56.40
CA VAL A 568 9.68 0.09 57.03
C VAL A 568 9.22 -0.97 56.03
N SER A 569 8.59 -0.55 54.92
CA SER A 569 8.18 -1.53 53.92
C SER A 569 9.36 -1.98 53.07
N THR A 570 10.04 -1.02 52.45
CA THR A 570 11.14 -1.33 51.55
C THR A 570 12.48 -1.20 52.24
N HIS A 571 12.58 -1.68 53.47
CA HIS A 571 13.87 -1.67 54.15
C HIS A 571 14.74 -2.86 53.75
N THR A 572 14.26 -3.73 52.87
CA THR A 572 15.02 -4.85 52.36
C THR A 572 15.51 -4.64 50.94
N LEU A 573 14.71 -3.97 50.11
CA LEU A 573 14.99 -3.89 48.70
C LEU A 573 16.05 -2.83 48.42
N ASN A 574 16.46 -2.76 47.16
CA ASN A 574 17.56 -1.88 46.78
C ASN A 574 17.40 -1.49 45.32
N LYS A 575 18.22 -0.52 44.92
CA LYS A 575 18.04 0.10 43.62
C LYS A 575 18.57 -0.80 42.51
N LYS A 576 17.77 -0.96 41.48
CA LYS A 576 18.21 -1.65 40.28
C LYS A 576 18.55 -0.63 39.22
N VAL A 577 19.72 -0.78 38.63
CA VAL A 577 20.15 0.09 37.55
C VAL A 577 19.95 -0.67 36.26
N TYR A 578 19.39 0.01 35.26
CA TYR A 578 19.10 -0.62 33.97
C TYR A 578 20.33 -0.42 33.10
N ARG A 579 21.33 -1.26 33.33
CA ARG A 579 22.59 -1.17 32.62
C ARG A 579 22.41 -1.56 31.17
N HIS A 580 23.40 -1.21 30.36
CA HIS A 580 23.36 -1.62 28.97
C HIS A 580 23.76 -3.08 28.85
N ILE A 581 23.63 -3.61 27.64
CA ILE A 581 24.13 -4.94 27.35
C ILE A 581 25.65 -4.90 27.37
N LYS A 582 26.27 -6.03 27.66
CA LYS A 582 27.71 -6.03 27.88
C LYS A 582 28.32 -7.21 27.13
N ASN A 583 29.62 -7.38 27.30
CA ASN A 583 30.30 -8.55 26.76
C ASN A 583 30.13 -9.78 27.64
N ARG A 584 29.39 -9.65 28.73
CA ARG A 584 29.19 -10.73 29.67
C ARG A 584 27.88 -11.47 29.44
N ASP A 585 26.92 -10.84 28.79
CA ASP A 585 25.55 -11.32 28.81
C ASP A 585 25.36 -12.47 27.83
N VAL A 586 24.14 -12.97 27.78
CA VAL A 586 23.78 -14.09 26.92
C VAL A 586 22.47 -13.76 26.22
N VAL A 587 22.44 -13.93 24.91
CA VAL A 587 21.27 -13.68 24.09
C VAL A 587 20.73 -15.03 23.67
N LEU A 588 19.59 -15.01 23.00
CA LEU A 588 18.93 -16.24 22.60
C LEU A 588 18.51 -16.09 21.15
N MET A 589 19.43 -16.36 20.23
CA MET A 589 19.17 -16.22 18.80
C MET A 589 18.11 -17.20 18.34
N ASN A 590 17.55 -16.92 17.18
CA ASN A 590 16.46 -17.71 16.65
C ASN A 590 16.32 -17.40 15.16
N ARG A 591 15.93 -18.39 14.38
CA ARG A 591 15.68 -18.15 12.97
C ARG A 591 14.39 -18.82 12.56
N GLN A 592 13.45 -18.03 12.05
CA GLN A 592 12.26 -18.63 11.47
C GLN A 592 12.57 -19.19 10.09
N PRO A 593 11.99 -20.33 9.70
CA PRO A 593 11.14 -21.22 10.47
C PRO A 593 11.95 -22.13 11.37
N THR A 594 11.49 -22.30 12.60
CA THR A 594 12.21 -23.11 13.57
C THR A 594 11.68 -24.54 13.53
N LEU A 595 12.42 -25.40 12.85
CA LEU A 595 12.00 -26.78 12.69
C LEU A 595 12.36 -27.58 13.92
N HIS A 596 13.65 -27.73 14.19
CA HIS A 596 14.11 -28.55 15.29
C HIS A 596 14.69 -27.68 16.39
N LYS A 597 14.77 -28.24 17.59
CA LYS A 597 15.08 -27.49 18.80
C LYS A 597 16.49 -26.96 18.84
N ALA A 598 17.37 -27.41 17.95
CA ALA A 598 18.73 -26.91 17.91
C ALA A 598 18.87 -25.71 17.01
N SER A 599 17.75 -25.08 16.66
CA SER A 599 17.75 -23.86 15.88
C SER A 599 17.39 -22.65 16.73
N MET A 600 17.23 -22.82 18.04
CA MET A 600 17.04 -21.73 18.98
C MET A 600 18.12 -21.92 20.04
N MET A 601 19.30 -21.38 19.79
CA MET A 601 20.45 -21.59 20.65
C MET A 601 20.66 -20.38 21.52
N GLY A 602 21.72 -20.40 22.32
CA GLY A 602 22.01 -19.27 23.17
C GLY A 602 23.47 -18.86 23.12
N HIS A 603 23.75 -17.67 22.62
CA HIS A 603 25.11 -17.25 22.34
C HIS A 603 25.55 -16.23 23.38
N LYS A 604 26.86 -16.05 23.51
CA LYS A 604 27.41 -15.03 24.39
C LYS A 604 27.74 -13.79 23.58
N VAL A 605 27.47 -12.63 24.16
CA VAL A 605 27.52 -11.38 23.41
C VAL A 605 28.97 -10.94 23.24
N ARG A 606 29.30 -10.48 22.04
CA ARG A 606 30.56 -9.80 21.76
C ARG A 606 30.22 -8.55 20.96
N VAL A 607 30.46 -7.38 21.55
CA VAL A 607 29.91 -6.14 21.02
C VAL A 607 30.93 -5.50 20.09
N LEU A 608 30.64 -5.47 18.86
CA LEU A 608 31.57 -4.98 17.85
C LEU A 608 31.24 -3.54 17.48
N PRO A 609 32.23 -2.75 17.07
CA PRO A 609 31.93 -1.41 16.57
C PRO A 609 31.80 -1.35 15.05
N ASN A 610 31.17 -0.27 14.58
CA ASN A 610 31.16 0.16 13.18
C ASN A 610 30.49 -0.84 12.24
N GLU A 611 29.20 -1.14 12.51
CA GLU A 611 28.40 -1.95 11.59
C GLU A 611 26.93 -1.80 11.94
N LYS A 612 26.10 -2.57 11.24
CA LYS A 612 24.66 -2.57 11.46
C LYS A 612 24.01 -3.95 11.43
N THR A 613 24.73 -5.00 11.08
CA THR A 613 24.21 -6.36 10.97
C THR A 613 24.74 -7.23 12.10
N LEU A 614 24.01 -8.28 12.43
CA LEU A 614 24.52 -9.24 13.39
C LEU A 614 25.59 -10.10 12.73
N ARG A 615 26.67 -10.37 13.45
CA ARG A 615 27.77 -11.15 12.90
C ARG A 615 27.79 -12.52 13.55
N LEU A 616 27.94 -13.55 12.72
CA LEU A 616 27.81 -14.93 13.14
C LEU A 616 29.00 -15.71 12.59
N HIS A 617 29.38 -16.77 13.28
CA HIS A 617 30.43 -17.66 12.81
C HIS A 617 29.84 -18.75 11.93
N TYR A 618 30.69 -19.30 11.05
CA TYR A 618 30.20 -20.26 10.06
C TYR A 618 29.82 -21.60 10.65
N ALA A 619 30.30 -21.92 11.85
CA ALA A 619 29.99 -23.22 12.43
C ALA A 619 28.54 -23.32 12.87
N ASN A 620 27.84 -22.21 13.04
CA ASN A 620 26.44 -22.26 13.40
C ASN A 620 25.52 -22.23 12.20
N THR A 621 26.04 -22.24 10.97
CA THR A 621 25.15 -22.23 9.82
C THR A 621 24.75 -23.63 9.40
N GLY A 622 25.10 -24.63 10.21
CA GLY A 622 24.47 -25.92 10.05
C GLY A 622 23.18 -26.03 10.80
N ALA A 623 23.06 -25.29 11.90
CA ALA A 623 21.91 -25.44 12.78
C ALA A 623 20.75 -24.56 12.36
N TYR A 624 21.02 -23.33 11.94
CA TYR A 624 19.96 -22.44 11.52
C TYR A 624 19.62 -22.57 10.06
N ASN A 625 20.40 -23.36 9.31
CA ASN A 625 20.28 -23.52 7.86
C ASN A 625 20.46 -22.19 7.14
N ALA A 626 21.37 -21.37 7.62
CA ALA A 626 21.49 -19.99 7.17
C ALA A 626 22.40 -19.88 5.95
N ASP A 627 22.01 -19.04 5.01
CA ASP A 627 22.86 -18.62 3.91
C ASP A 627 22.92 -17.11 3.94
N PHE A 628 24.12 -16.56 3.82
CA PHE A 628 24.30 -15.12 3.95
C PHE A 628 23.99 -14.41 2.63
N ASP A 629 22.71 -14.45 2.23
CA ASP A 629 22.18 -13.51 1.26
C ASP A 629 20.80 -13.06 1.76
N GLY A 630 20.80 -12.09 2.66
CA GLY A 630 19.57 -11.48 3.11
C GLY A 630 18.79 -12.22 4.16
N ASP A 631 19.38 -13.18 4.84
CA ASP A 631 18.65 -13.88 5.88
C ASP A 631 18.59 -13.02 7.13
N GLU A 632 17.45 -13.05 7.80
CA GLU A 632 17.27 -12.25 9.01
C GLU A 632 17.01 -13.16 10.18
N MET A 633 17.61 -12.85 11.31
CA MET A 633 17.46 -13.65 12.50
C MET A 633 17.03 -12.77 13.66
N ASN A 634 16.13 -13.28 14.49
CA ASN A 634 15.77 -12.58 15.71
C ASN A 634 16.87 -12.69 16.74
N MET A 635 16.62 -12.14 17.91
CA MET A 635 17.54 -12.20 19.04
C MET A 635 16.76 -11.77 20.26
N HIS A 636 16.77 -12.59 21.31
CA HIS A 636 16.03 -12.23 22.49
C HIS A 636 17.00 -11.92 23.61
N PHE A 637 16.46 -11.59 24.78
CA PHE A 637 17.29 -11.11 25.89
C PHE A 637 16.59 -11.39 27.21
N PRO A 638 16.99 -12.43 27.92
CA PRO A 638 16.32 -12.76 29.17
C PRO A 638 16.73 -11.80 30.27
N GLN A 639 15.79 -11.54 31.18
CA GLN A 639 15.94 -10.40 32.09
C GLN A 639 16.16 -10.78 33.54
N ASN A 640 16.00 -12.03 33.94
CA ASN A 640 16.30 -12.34 35.33
C ASN A 640 17.51 -13.26 35.36
N GLU A 641 17.84 -13.76 36.54
CA GLU A 641 19.00 -14.62 36.66
C GLU A 641 18.65 -16.08 36.49
N ASN A 642 17.37 -16.44 36.58
CA ASN A 642 16.96 -17.80 36.28
C ASN A 642 17.05 -18.07 34.80
N ALA A 643 16.50 -17.19 33.97
CA ALA A 643 16.53 -17.39 32.53
C ALA A 643 17.84 -16.94 31.93
N ARG A 644 18.77 -16.46 32.74
CA ARG A 644 20.11 -16.19 32.25
C ARG A 644 21.01 -17.39 32.45
N ALA A 645 20.75 -18.17 33.50
CA ALA A 645 21.52 -19.38 33.75
C ALA A 645 21.12 -20.50 32.80
N GLU A 646 19.93 -20.42 32.21
CA GLU A 646 19.45 -21.50 31.37
C GLU A 646 19.74 -21.29 29.91
N ALA A 647 20.16 -20.11 29.49
CA ALA A 647 20.64 -19.98 28.13
C ALA A 647 22.14 -20.20 28.05
N LEU A 648 22.76 -20.57 29.16
CA LEU A 648 24.19 -20.85 29.18
C LEU A 648 24.51 -22.28 29.57
N ASN A 649 23.62 -22.91 30.33
CA ASN A 649 23.86 -24.24 30.82
C ASN A 649 22.96 -25.29 30.22
N LEU A 650 21.96 -24.89 29.45
CA LEU A 650 21.02 -25.86 28.92
C LEU A 650 20.82 -25.74 27.42
N ALA A 651 20.94 -24.55 26.88
CA ALA A 651 20.58 -24.31 25.50
C ALA A 651 21.71 -23.70 24.69
N ASN A 652 22.94 -23.74 25.17
CA ASN A 652 23.99 -23.01 24.50
C ASN A 652 24.46 -23.76 23.26
N THR A 653 25.43 -23.19 22.57
CA THR A 653 25.94 -23.82 21.38
C THR A 653 27.01 -24.85 21.65
N ASP A 654 27.56 -24.88 22.86
CA ASP A 654 28.51 -25.93 23.17
C ASP A 654 27.81 -27.24 23.40
N SER A 655 26.66 -27.21 24.07
CA SER A 655 25.95 -28.42 24.41
C SER A 655 25.31 -29.08 23.21
N GLN A 656 25.12 -28.37 22.11
CA GLN A 656 24.46 -28.93 20.95
C GLN A 656 25.47 -29.16 19.84
N TYR A 657 26.17 -30.29 19.95
CA TYR A 657 27.01 -30.75 18.87
C TYR A 657 26.35 -31.84 18.06
N LEU A 658 25.43 -32.59 18.64
CA LEU A 658 24.79 -33.69 17.96
C LEU A 658 23.29 -33.56 18.05
N THR A 659 22.60 -33.74 16.94
CA THR A 659 21.15 -33.73 17.00
C THR A 659 20.61 -35.00 17.61
N PRO A 660 19.46 -34.93 18.28
CA PRO A 660 18.78 -36.14 18.74
C PRO A 660 17.96 -36.85 17.66
N THR A 661 18.16 -36.52 16.39
CA THR A 661 17.50 -37.28 15.34
C THR A 661 18.08 -38.67 15.22
N SER A 662 19.38 -38.77 14.97
CA SER A 662 20.04 -40.06 14.97
C SER A 662 21.30 -39.97 15.80
N GLY A 663 21.95 -38.81 15.80
CA GLY A 663 23.13 -38.63 16.61
C GLY A 663 24.31 -38.06 15.88
N SER A 664 24.15 -37.76 14.62
CA SER A 664 25.22 -37.23 13.79
C SER A 664 25.50 -35.77 14.11
N PRO A 665 26.74 -35.31 13.96
CA PRO A 665 27.06 -33.93 14.30
C PRO A 665 26.51 -32.93 13.30
N VAL A 666 26.07 -31.77 13.80
CA VAL A 666 25.57 -30.71 12.95
C VAL A 666 26.37 -29.44 13.15
N ARG A 667 27.65 -29.56 13.40
CA ARG A 667 28.41 -28.38 13.76
C ARG A 667 29.83 -28.54 13.26
N GLY A 668 30.20 -27.79 12.24
CA GLY A 668 31.54 -27.89 11.73
C GLY A 668 31.78 -26.91 10.60
N LEU A 669 33.06 -26.76 10.26
CA LEU A 669 33.52 -25.75 9.33
C LEU A 669 33.10 -26.08 7.90
N ILE A 670 33.20 -25.07 7.03
CA ILE A 670 32.65 -25.12 5.69
C ILE A 670 33.64 -24.63 4.66
N GLN A 671 33.12 -24.32 3.47
CA GLN A 671 33.76 -24.31 2.15
C GLN A 671 35.23 -23.92 2.04
N ASP A 672 35.66 -22.78 2.55
CA ASP A 672 37.08 -22.46 2.39
C ASP A 672 37.94 -23.21 3.40
N HIS A 673 37.38 -23.61 4.51
CA HIS A 673 38.18 -24.27 5.53
C HIS A 673 38.37 -25.74 5.22
N ILE A 674 37.56 -26.29 4.33
CA ILE A 674 37.77 -27.67 3.93
C ILE A 674 38.69 -27.74 2.73
N SER A 675 38.74 -26.67 1.94
CA SER A 675 39.69 -26.64 0.83
C SER A 675 41.04 -26.11 1.25
N ALA A 676 41.18 -25.64 2.49
CA ALA A 676 42.50 -25.23 2.95
C ALA A 676 43.20 -26.37 3.67
N GLY A 677 42.45 -27.19 4.38
CA GLY A 677 43.05 -28.31 5.09
C GLY A 677 43.57 -29.38 4.17
N VAL A 678 43.09 -29.40 2.94
CA VAL A 678 43.63 -30.30 1.94
C VAL A 678 45.00 -29.82 1.48
N TRP A 679 45.18 -28.51 1.37
CA TRP A 679 46.44 -27.97 0.88
C TRP A 679 47.48 -27.79 1.98
N LEU A 680 47.07 -27.72 3.24
CA LEU A 680 47.97 -27.50 4.36
C LEU A 680 48.42 -28.79 5.00
N THR A 681 47.56 -29.78 5.08
CA THR A 681 47.94 -31.10 5.56
C THR A 681 48.35 -32.01 4.42
N SER A 682 48.70 -31.46 3.27
CA SER A 682 49.26 -32.27 2.21
C SER A 682 50.72 -32.58 2.52
N LYS A 683 51.28 -33.51 1.76
CA LYS A 683 52.69 -33.86 1.96
C LYS A 683 53.64 -32.78 1.47
N ASP A 684 53.18 -31.85 0.65
CA ASP A 684 54.04 -30.94 -0.07
C ASP A 684 54.21 -29.61 0.63
N SER A 685 53.69 -29.46 1.84
CA SER A 685 53.72 -28.18 2.54
C SER A 685 54.92 -28.13 3.46
N PHE A 686 55.85 -27.23 3.20
CA PHE A 686 57.04 -27.09 4.03
C PHE A 686 57.18 -25.64 4.47
N PHE A 687 57.10 -25.41 5.78
CA PHE A 687 57.20 -24.07 6.35
C PHE A 687 58.53 -23.92 7.06
N THR A 688 59.11 -22.73 6.97
CA THR A 688 60.37 -22.44 7.65
C THR A 688 60.08 -22.07 9.11
N ARG A 689 61.07 -21.52 9.80
CA ARG A 689 60.90 -21.27 11.22
C ARG A 689 60.02 -20.06 11.48
N GLU A 690 60.07 -19.07 10.58
CA GLU A 690 59.28 -17.88 10.78
C GLU A 690 57.81 -18.14 10.50
N GLN A 691 57.52 -18.85 9.41
CA GLN A 691 56.14 -19.11 9.03
C GLN A 691 55.48 -20.13 9.93
N TYR A 692 56.28 -20.93 10.64
CA TYR A 692 55.70 -21.90 11.55
C TYR A 692 55.13 -21.20 12.77
N GLN A 693 55.88 -20.28 13.36
CA GLN A 693 55.43 -19.65 14.60
C GLN A 693 54.41 -18.57 14.34
N GLN A 694 54.39 -18.02 13.12
CA GLN A 694 53.37 -17.05 12.80
C GLN A 694 52.00 -17.71 12.68
N TYR A 695 51.94 -18.92 12.13
CA TYR A 695 50.65 -19.57 12.00
C TYR A 695 50.16 -20.11 13.33
N ILE A 696 51.08 -20.40 14.26
CA ILE A 696 50.68 -20.92 15.56
C ILE A 696 50.10 -19.80 16.42
N TYR A 697 50.83 -18.70 16.56
CA TYR A 697 50.39 -17.65 17.47
C TYR A 697 49.18 -16.91 16.92
N GLY A 698 49.07 -16.80 15.60
CA GLY A 698 47.96 -16.12 14.99
C GLY A 698 46.62 -16.77 15.24
N CYS A 699 46.62 -18.04 15.61
CA CYS A 699 45.40 -18.75 15.91
C CYS A 699 45.20 -19.04 17.39
N ILE A 700 46.25 -19.09 18.19
CA ILE A 700 46.09 -19.64 19.53
C ILE A 700 45.97 -18.55 20.61
N ARG A 701 46.82 -17.50 20.60
CA ARG A 701 46.74 -16.31 21.46
C ARG A 701 46.60 -16.58 22.95
N PRO A 702 47.67 -16.90 23.68
CA PRO A 702 47.52 -17.33 25.07
C PRO A 702 47.12 -16.24 26.04
N GLU A 703 47.16 -14.96 25.66
CA GLU A 703 46.82 -13.91 26.59
C GLU A 703 45.33 -13.77 26.81
N ASP A 704 44.50 -14.53 26.10
CA ASP A 704 43.08 -14.60 26.38
C ASP A 704 42.57 -15.94 25.92
N GLY A 705 41.63 -16.48 26.69
CA GLY A 705 41.00 -17.71 26.25
C GLY A 705 41.89 -18.90 26.49
N HIS A 706 41.97 -19.78 25.50
CA HIS A 706 42.43 -21.15 25.70
C HIS A 706 43.89 -21.31 25.27
N THR A 707 44.73 -21.52 26.27
CA THR A 707 46.02 -22.15 26.15
C THR A 707 46.30 -22.73 27.52
N THR A 708 46.15 -24.06 27.64
CA THR A 708 46.21 -24.71 28.94
C THR A 708 47.61 -24.73 29.54
N ARG A 709 48.63 -24.42 28.77
CA ARG A 709 49.98 -24.26 29.29
C ARG A 709 50.14 -22.84 29.82
N SER A 710 51.38 -22.45 30.10
CA SER A 710 51.70 -21.05 30.33
C SER A 710 52.41 -20.44 29.13
N LYS A 711 53.46 -21.09 28.66
CA LYS A 711 54.17 -20.70 27.47
C LYS A 711 53.40 -21.15 26.22
N ILE A 712 54.05 -21.07 25.07
CA ILE A 712 53.59 -21.72 23.86
C ILE A 712 54.64 -22.77 23.50
N VAL A 713 54.24 -24.03 23.50
CA VAL A 713 55.18 -25.12 23.23
C VAL A 713 55.17 -25.44 21.75
N THR A 714 56.33 -25.77 21.22
CA THR A 714 56.52 -26.10 19.83
C THR A 714 57.07 -27.51 19.70
N LEU A 715 57.35 -27.91 18.47
CA LEU A 715 57.93 -29.21 18.17
C LEU A 715 59.27 -29.00 17.47
N PRO A 716 60.22 -29.91 17.65
CA PRO A 716 61.45 -29.82 16.88
C PRO A 716 61.18 -30.10 15.42
N PRO A 717 61.95 -29.51 14.51
CA PRO A 717 61.61 -29.55 13.09
C PRO A 717 61.77 -30.93 12.50
N THR A 718 61.17 -31.11 11.33
CA THR A 718 61.25 -32.40 10.66
C THR A 718 62.55 -32.54 9.93
N ILE A 719 62.82 -31.68 8.97
CA ILE A 719 64.13 -31.67 8.35
C ILE A 719 65.07 -30.87 9.23
N PHE A 720 66.19 -31.46 9.60
CA PHE A 720 67.19 -30.78 10.41
C PHE A 720 68.29 -30.16 9.58
N LYS A 721 68.46 -30.59 8.34
CA LYS A 721 69.66 -30.25 7.59
C LYS A 721 69.33 -30.39 6.12
N PRO A 722 69.78 -29.49 5.25
CA PRO A 722 70.62 -28.29 5.38
C PRO A 722 69.88 -26.99 5.64
N TYR A 723 68.61 -27.09 5.99
CA TYR A 723 67.71 -25.95 6.01
C TYR A 723 66.49 -26.34 6.82
N PRO A 724 66.40 -25.97 8.09
CA PRO A 724 65.40 -26.60 8.96
C PRO A 724 63.96 -26.19 8.72
N LEU A 725 63.18 -27.08 8.12
CA LEU A 725 61.79 -26.83 7.78
C LEU A 725 60.89 -27.65 8.69
N TRP A 726 59.62 -27.29 8.71
CA TRP A 726 58.58 -28.04 9.38
C TRP A 726 57.56 -28.49 8.35
N THR A 727 56.74 -29.47 8.71
CA THR A 727 55.67 -29.92 7.82
C THR A 727 54.33 -29.46 8.35
N GLY A 728 53.35 -29.45 7.44
CA GLY A 728 52.01 -29.01 7.77
C GLY A 728 51.28 -29.93 8.71
N LYS A 729 51.75 -31.15 8.87
CA LYS A 729 51.14 -32.03 9.86
C LYS A 729 51.75 -31.83 11.23
N GLN A 730 52.68 -30.89 11.37
CA GLN A 730 53.14 -30.54 12.69
C GLN A 730 52.44 -29.29 13.20
N ILE A 731 51.73 -28.58 12.32
CA ILE A 731 50.96 -27.44 12.77
C ILE A 731 49.66 -27.91 13.42
N ILE A 732 49.03 -28.94 12.86
CA ILE A 732 47.83 -29.49 13.48
C ILE A 732 48.19 -30.22 14.77
N THR A 733 49.41 -30.73 14.86
CA THR A 733 49.85 -31.34 16.11
C THR A 733 50.08 -30.29 17.20
N THR A 734 50.75 -29.20 16.84
CA THR A 734 51.05 -28.15 17.82
C THR A 734 49.80 -27.46 18.29
N VAL A 735 48.78 -27.37 17.43
CA VAL A 735 47.51 -26.82 17.86
C VAL A 735 46.82 -27.77 18.84
N LEU A 736 46.81 -29.06 18.54
CA LEU A 736 46.18 -30.00 19.47
C LEU A 736 46.99 -30.19 20.74
N LEU A 737 48.26 -29.82 20.73
CA LEU A 737 49.10 -29.93 21.92
C LEU A 737 48.78 -28.83 22.93
N ASN A 738 48.34 -27.67 22.45
CA ASN A 738 48.13 -26.53 23.35
C ASN A 738 46.69 -26.45 23.87
N VAL A 739 45.72 -27.01 23.17
CA VAL A 739 44.33 -26.86 23.61
C VAL A 739 43.91 -28.02 24.50
N THR A 740 44.49 -29.20 24.30
CA THR A 740 44.25 -30.33 25.17
C THR A 740 44.80 -30.04 26.58
N PRO A 741 44.12 -30.47 27.63
CA PRO A 741 44.66 -30.30 28.97
C PRO A 741 45.94 -31.08 29.15
N PRO A 742 46.87 -30.60 29.99
CA PRO A 742 48.20 -31.22 30.03
C PRO A 742 48.24 -32.51 30.85
N ASP A 743 47.29 -32.68 31.76
CA ASP A 743 47.25 -33.82 32.66
C ASP A 743 46.51 -35.02 32.06
N MET A 744 46.12 -34.94 30.80
CA MET A 744 45.58 -36.08 30.08
C MET A 744 46.46 -36.38 28.88
N PRO A 745 46.66 -37.64 28.52
CA PRO A 745 47.53 -37.95 27.38
C PRO A 745 46.90 -37.64 26.05
N GLY A 746 47.59 -37.95 24.96
CA GLY A 746 47.11 -37.64 23.63
C GLY A 746 45.93 -38.51 23.22
N ILE A 747 45.49 -38.32 21.98
CA ILE A 747 44.36 -39.05 21.46
C ILE A 747 44.87 -40.07 20.44
N ASN A 748 44.20 -41.21 20.36
CA ASN A 748 44.56 -42.25 19.42
C ASN A 748 43.36 -42.60 18.58
N LEU A 749 43.53 -42.59 17.26
CA LEU A 749 42.41 -42.73 16.35
C LEU A 749 42.92 -43.12 14.97
N ILE A 750 42.27 -44.11 14.35
CA ILE A 750 42.49 -44.47 12.96
C ILE A 750 41.16 -44.32 12.23
N SER A 751 41.16 -43.58 11.13
CA SER A 751 39.93 -43.32 10.39
C SER A 751 40.26 -43.17 8.91
N LYS A 752 39.34 -42.58 8.16
CA LYS A 752 39.49 -42.41 6.73
C LYS A 752 39.07 -41.01 6.31
N ASN A 753 38.99 -40.77 5.01
CA ASN A 753 38.41 -39.54 4.49
C ASN A 753 37.80 -39.87 3.12
N LYS A 754 37.54 -38.84 2.32
CA LYS A 754 36.79 -39.01 1.08
C LYS A 754 37.65 -39.02 -0.18
N ILE A 755 38.96 -38.93 -0.05
CA ILE A 755 39.84 -38.87 -1.21
C ILE A 755 40.63 -40.17 -1.28
N LYS A 756 40.43 -40.94 -2.34
CA LYS A 756 41.06 -42.25 -2.44
C LYS A 756 42.55 -42.11 -2.75
N ASN A 757 43.27 -43.22 -2.57
CA ASN A 757 44.72 -43.21 -2.70
C ASN A 757 45.19 -43.06 -4.13
N GLU A 758 44.31 -43.29 -5.10
CA GLU A 758 44.73 -43.31 -6.49
C GLU A 758 45.00 -41.92 -7.04
N TYR A 759 44.52 -40.88 -6.37
CA TYR A 759 44.66 -39.53 -6.89
C TYR A 759 46.02 -38.92 -6.61
N TRP A 760 46.77 -39.45 -5.66
CA TRP A 760 48.05 -38.87 -5.31
C TRP A 760 49.20 -39.47 -6.09
N GLY A 761 49.11 -40.73 -6.46
CA GLY A 761 50.19 -41.42 -7.11
C GLY A 761 50.24 -42.86 -6.63
N LYS A 762 51.14 -43.67 -7.17
CA LYS A 762 51.22 -45.05 -6.74
C LYS A 762 51.92 -45.15 -5.40
N GLY A 763 51.54 -46.18 -4.63
CA GLY A 763 52.18 -46.43 -3.37
C GLY A 763 51.78 -45.50 -2.26
N SER A 764 50.83 -44.61 -2.49
CA SER A 764 50.49 -43.61 -1.50
C SER A 764 49.63 -44.21 -0.41
N LEU A 765 49.53 -43.47 0.69
CA LEU A 765 48.69 -43.90 1.81
C LEU A 765 47.95 -42.74 2.43
N GLU A 766 47.63 -41.72 1.65
CA GLU A 766 47.01 -40.53 2.21
C GLU A 766 45.51 -40.66 2.37
N ASN A 767 44.94 -41.83 2.23
CA ASN A 767 43.54 -42.01 2.55
C ASN A 767 43.31 -42.46 3.98
N GLU A 768 44.35 -42.93 4.66
CA GLU A 768 44.23 -43.42 6.02
C GLU A 768 44.69 -42.32 6.97
N VAL A 769 43.83 -41.92 7.90
CA VAL A 769 44.15 -40.88 8.88
C VAL A 769 44.47 -41.56 10.20
N LEU A 770 45.63 -41.23 10.77
CA LEU A 770 46.14 -41.89 11.95
C LEU A 770 46.62 -40.86 12.95
N PHE A 771 46.05 -40.88 14.15
CA PHE A 771 46.46 -40.03 15.24
C PHE A 771 47.09 -40.92 16.31
N LYS A 772 48.34 -40.68 16.67
CA LYS A 772 49.01 -41.45 17.71
C LYS A 772 49.47 -40.50 18.80
N ASP A 773 48.78 -40.54 19.93
CA ASP A 773 48.98 -39.67 21.09
C ASP A 773 48.94 -38.20 20.71
N GLY A 774 47.90 -37.84 19.97
CA GLY A 774 47.70 -36.46 19.60
C GLY A 774 48.67 -35.93 18.58
N ALA A 775 49.08 -36.75 17.62
CA ALA A 775 50.07 -36.33 16.64
C ALA A 775 49.71 -36.93 15.30
N LEU A 776 49.39 -36.07 14.34
CA LEU A 776 49.06 -36.51 12.99
C LEU A 776 50.32 -37.03 12.31
N LEU A 777 50.33 -38.32 11.96
CA LEU A 777 51.45 -38.95 11.28
C LEU A 777 51.18 -39.29 9.83
N CYS A 778 49.92 -39.59 9.50
CA CYS A 778 49.56 -40.04 8.17
C CYS A 778 48.15 -39.56 7.86
N GLY A 779 47.95 -39.09 6.65
CA GLY A 779 46.63 -38.73 6.17
C GLY A 779 46.44 -37.23 6.08
N ILE A 780 45.46 -36.84 5.28
CA ILE A 780 45.07 -35.44 5.15
C ILE A 780 43.66 -35.27 5.71
N LEU A 781 43.32 -34.03 6.01
CA LEU A 781 42.06 -33.71 6.66
C LEU A 781 41.05 -33.18 5.68
N ASP A 782 39.78 -33.49 5.91
CA ASP A 782 38.75 -33.32 4.91
C ASP A 782 37.49 -32.81 5.57
N LYS A 783 36.39 -32.88 4.82
CA LYS A 783 35.07 -32.69 5.38
C LYS A 783 34.69 -33.82 6.33
N SER A 784 35.29 -34.99 6.14
CA SER A 784 34.93 -36.10 7.02
C SER A 784 35.50 -35.95 8.42
N GLN A 785 36.51 -35.10 8.61
CA GLN A 785 37.08 -34.94 9.94
C GLN A 785 36.47 -33.77 10.68
N TYR A 786 36.69 -32.56 10.18
CA TYR A 786 36.24 -31.37 10.89
C TYR A 786 35.10 -30.68 10.19
N GLY A 787 34.35 -31.40 9.39
CA GLY A 787 33.05 -30.96 8.96
C GLY A 787 32.00 -31.55 9.86
N ALA A 788 30.80 -31.70 9.34
CA ALA A 788 29.71 -32.28 10.09
C ALA A 788 29.58 -33.76 9.78
N SER A 789 30.63 -34.50 10.08
CA SER A 789 30.65 -35.93 9.81
C SER A 789 30.93 -36.71 11.09
N LYS A 790 30.47 -37.95 11.10
CA LYS A 790 30.64 -38.83 12.23
C LYS A 790 32.04 -39.43 12.25
N TYR A 791 32.55 -39.66 13.46
CA TYR A 791 33.78 -40.41 13.72
C TYR A 791 35.00 -39.80 13.06
N GLY A 792 35.12 -38.49 13.18
CA GLY A 792 36.29 -37.79 12.70
C GLY A 792 37.20 -37.44 13.83
N ILE A 793 37.91 -36.33 13.70
CA ILE A 793 38.73 -35.91 14.82
C ILE A 793 37.91 -35.11 15.83
N VAL A 794 37.10 -34.16 15.38
CA VAL A 794 36.44 -33.28 16.35
C VAL A 794 35.24 -33.96 16.98
N HIS A 795 34.74 -35.05 16.41
CA HIS A 795 33.74 -35.83 17.12
C HIS A 795 34.39 -36.61 18.24
N SER A 796 35.62 -37.07 18.04
CA SER A 796 36.27 -37.84 19.08
C SER A 796 36.74 -36.96 20.22
N LEU A 797 37.21 -35.75 19.90
CA LEU A 797 37.58 -34.80 20.93
C LEU A 797 36.38 -34.34 21.72
N HIS A 798 35.18 -34.41 21.12
CA HIS A 798 33.96 -34.14 21.85
C HIS A 798 33.70 -35.25 22.85
N GLU A 799 34.13 -36.47 22.54
CA GLU A 799 33.71 -37.59 23.35
C GLU A 799 34.74 -37.93 24.41
N VAL A 800 36.02 -37.70 24.13
CA VAL A 800 37.06 -37.92 25.12
C VAL A 800 37.12 -36.75 26.09
N TYR A 801 37.22 -35.53 25.59
CA TYR A 801 37.48 -34.35 26.40
C TYR A 801 36.24 -33.56 26.76
N GLY A 802 35.08 -33.94 26.28
CA GLY A 802 33.87 -33.24 26.66
C GLY A 802 33.58 -32.10 25.72
N PRO A 803 32.41 -31.49 25.85
CA PRO A 803 31.98 -30.51 24.83
C PRO A 803 32.73 -29.20 24.88
N GLU A 804 33.31 -28.83 26.02
CA GLU A 804 33.94 -27.52 26.13
C GLU A 804 35.25 -27.45 25.35
N VAL A 805 35.86 -28.60 25.08
CA VAL A 805 37.11 -28.59 24.31
C VAL A 805 36.82 -28.99 22.87
N ALA A 806 35.62 -29.46 22.58
CA ALA A 806 35.24 -29.69 21.19
C ALA A 806 35.02 -28.38 20.47
N ALA A 807 34.30 -27.45 21.09
CA ALA A 807 34.01 -26.18 20.46
C ALA A 807 35.09 -25.16 20.74
N LYS A 808 36.22 -25.58 21.28
CA LYS A 808 37.40 -24.71 21.23
C LYS A 808 38.26 -25.06 20.04
N VAL A 809 38.40 -26.36 19.77
CA VAL A 809 39.20 -26.82 18.65
C VAL A 809 38.55 -26.41 17.34
N LEU A 810 37.22 -26.33 17.33
CA LEU A 810 36.50 -25.87 16.15
C LEU A 810 36.75 -24.40 15.87
N SER A 811 36.98 -23.60 16.92
CA SER A 811 37.25 -22.19 16.70
C SER A 811 38.70 -21.96 16.31
N VAL A 812 39.62 -22.70 16.92
CA VAL A 812 41.04 -22.50 16.65
C VAL A 812 41.38 -22.97 15.25
N LEU A 813 40.75 -24.05 14.80
CA LEU A 813 40.92 -24.49 13.42
C LEU A 813 40.24 -23.54 12.45
N GLY A 814 39.29 -22.75 12.93
CA GLY A 814 38.73 -21.72 12.07
C GLY A 814 39.73 -20.63 11.75
N ARG A 815 40.59 -20.28 12.70
CA ARG A 815 41.50 -19.17 12.49
C ARG A 815 42.81 -19.65 11.88
N LEU A 816 43.11 -20.93 11.97
CA LEU A 816 44.32 -21.41 11.32
C LEU A 816 44.11 -21.55 9.83
N PHE A 817 42.91 -21.98 9.43
CA PHE A 817 42.61 -22.10 8.01
C PHE A 817 42.12 -20.78 7.42
N THR A 818 42.10 -19.71 8.22
CA THR A 818 41.76 -18.40 7.68
C THR A 818 43.00 -17.61 7.37
N ASN A 819 43.96 -17.59 8.29
CA ASN A 819 45.20 -16.87 8.03
C ASN A 819 46.11 -17.65 7.11
N TYR A 820 45.88 -18.95 6.92
CA TYR A 820 46.64 -19.68 5.94
C TYR A 820 46.16 -19.35 4.54
N ILE A 821 44.86 -19.15 4.40
CA ILE A 821 44.27 -18.77 3.12
C ILE A 821 44.74 -17.39 2.71
N THR A 822 44.89 -16.48 3.66
CA THR A 822 45.27 -15.10 3.35
C THR A 822 46.73 -15.00 2.92
N ALA A 823 47.50 -16.07 3.03
CA ALA A 823 48.87 -16.02 2.54
C ALA A 823 49.07 -16.83 1.27
N THR A 824 48.27 -17.88 1.07
CA THR A 824 48.40 -18.80 -0.07
C THR A 824 47.05 -19.06 -0.72
N ALA A 825 46.37 -18.00 -1.16
CA ALA A 825 44.96 -18.06 -1.53
C ALA A 825 44.70 -18.97 -2.73
N PHE A 826 43.43 -19.26 -2.93
CA PHE A 826 42.98 -20.42 -3.67
C PHE A 826 41.85 -20.00 -4.59
N THR A 827 42.06 -20.13 -5.90
CA THR A 827 41.19 -19.62 -6.94
C THR A 827 40.46 -20.77 -7.63
N CYS A 828 39.73 -20.45 -8.69
CA CYS A 828 39.08 -21.48 -9.52
C CYS A 828 38.85 -20.87 -10.89
N GLY A 829 39.68 -21.24 -11.85
CA GLY A 829 39.77 -20.55 -13.12
C GLY A 829 38.95 -21.20 -14.22
N MET A 830 39.27 -20.83 -15.44
CA MET A 830 38.64 -21.41 -16.61
C MET A 830 39.37 -22.66 -17.07
N ASP A 831 40.70 -22.65 -17.02
CA ASP A 831 41.50 -23.78 -17.47
C ASP A 831 41.32 -25.02 -16.61
N ASP A 832 40.71 -24.89 -15.44
CA ASP A 832 40.28 -26.01 -14.63
C ASP A 832 39.09 -26.75 -15.22
N LEU A 833 38.54 -26.30 -16.34
CA LEU A 833 37.36 -26.90 -16.95
C LEU A 833 37.64 -27.54 -18.30
N ARG A 834 38.82 -27.36 -18.86
CA ARG A 834 39.10 -27.88 -20.19
C ARG A 834 39.53 -29.33 -20.14
N LEU A 835 39.08 -30.10 -21.12
CA LEU A 835 39.62 -31.42 -21.36
C LEU A 835 40.83 -31.31 -22.28
N THR A 836 41.62 -32.38 -22.36
CA THR A 836 42.82 -32.37 -23.18
C THR A 836 42.47 -32.62 -24.63
N ALA A 837 43.49 -32.65 -25.48
CA ALA A 837 43.26 -32.97 -26.88
C ALA A 837 42.90 -34.42 -27.07
N GLU A 838 43.41 -35.29 -26.20
CA GLU A 838 43.02 -36.69 -26.26
C GLU A 838 41.71 -36.94 -25.56
N GLY A 839 41.37 -36.12 -24.56
CA GLY A 839 40.12 -36.34 -23.86
C GLY A 839 38.92 -35.92 -24.68
N ASN A 840 39.09 -34.93 -25.54
CA ASN A 840 38.00 -34.49 -26.40
C ASN A 840 37.77 -35.46 -27.54
N LYS A 841 38.74 -36.33 -27.83
CA LYS A 841 38.51 -37.35 -28.83
C LYS A 841 37.76 -38.53 -28.23
N TRP A 842 38.03 -38.85 -26.96
CA TRP A 842 37.32 -39.95 -26.30
C TRP A 842 35.87 -39.59 -26.05
N ARG A 843 35.57 -38.29 -25.92
CA ARG A 843 34.20 -37.88 -25.71
C ARG A 843 33.42 -37.90 -27.02
N THR A 844 34.06 -37.51 -28.12
CA THR A 844 33.35 -37.43 -29.39
C THR A 844 33.18 -38.80 -30.02
N ASP A 845 33.95 -39.79 -29.57
CA ASP A 845 33.79 -41.14 -30.09
C ASP A 845 32.57 -41.81 -29.50
N ILE A 846 32.45 -41.79 -28.18
CA ILE A 846 31.37 -42.51 -27.51
C ILE A 846 30.03 -41.85 -27.78
N LEU A 847 30.00 -40.53 -27.94
CA LEU A 847 28.76 -39.87 -28.27
C LEU A 847 28.34 -40.13 -29.71
N LYS A 848 29.30 -40.45 -30.59
CA LYS A 848 28.95 -40.76 -31.97
C LYS A 848 28.33 -42.14 -32.11
N THR A 849 28.43 -42.99 -31.11
CA THR A 849 27.76 -44.28 -31.13
C THR A 849 26.38 -44.21 -30.50
N SER A 850 25.79 -43.02 -30.42
CA SER A 850 24.42 -42.86 -29.96
C SER A 850 23.55 -42.26 -31.06
N VAL A 851 23.94 -42.49 -32.32
CA VAL A 851 23.18 -41.95 -33.43
C VAL A 851 21.89 -42.71 -33.65
N ASP A 852 21.79 -43.93 -33.13
CA ASP A 852 20.58 -44.72 -33.34
C ASP A 852 20.19 -45.53 -32.11
N THR A 853 20.68 -45.16 -30.93
CA THR A 853 20.31 -45.88 -29.72
C THR A 853 18.85 -45.66 -29.37
N GLY A 854 18.30 -44.51 -29.77
CA GLY A 854 16.87 -44.30 -29.62
C GLY A 854 16.05 -45.15 -30.56
N ARG A 855 16.60 -45.45 -31.74
CA ARG A 855 15.85 -46.24 -32.72
C ARG A 855 15.83 -47.72 -32.34
N GLU A 856 16.94 -48.23 -31.82
CA GLU A 856 17.01 -49.64 -31.46
C GLU A 856 16.16 -49.94 -30.23
N ALA A 857 15.82 -48.92 -29.46
CA ALA A 857 14.83 -49.11 -28.41
C ALA A 857 13.42 -48.99 -28.97
N ALA A 858 13.27 -48.34 -30.13
CA ALA A 858 11.95 -48.21 -30.72
C ALA A 858 11.52 -49.50 -31.40
N ALA A 859 12.46 -50.26 -31.94
CA ALA A 859 12.14 -51.58 -32.46
C ALA A 859 11.86 -52.55 -31.33
N GLU A 860 12.57 -52.44 -30.22
CA GLU A 860 12.52 -53.44 -29.17
C GLU A 860 11.22 -53.38 -28.39
N VAL A 861 10.59 -52.21 -28.30
CA VAL A 861 9.28 -52.13 -27.68
C VAL A 861 8.19 -52.53 -28.67
N THR A 862 8.38 -52.20 -29.94
CA THR A 862 7.40 -52.51 -30.96
C THR A 862 7.57 -53.90 -31.55
N ASN A 863 8.54 -54.66 -31.06
CA ASN A 863 8.76 -56.07 -31.41
C ASN A 863 8.97 -56.24 -32.91
N LEU A 864 10.08 -55.69 -33.39
CA LEU A 864 10.40 -55.71 -34.80
C LEU A 864 11.82 -56.20 -35.01
N ASP A 865 12.22 -56.26 -36.27
CA ASP A 865 13.59 -56.60 -36.63
C ASP A 865 14.50 -55.43 -36.28
N LYS A 866 15.58 -55.73 -35.58
CA LYS A 866 16.49 -54.73 -35.01
C LYS A 866 17.27 -53.94 -36.07
N ASP A 867 17.03 -54.07 -37.36
CA ASP A 867 17.65 -53.22 -38.37
C ASP A 867 16.60 -52.61 -39.29
N THR A 868 15.47 -52.25 -38.72
CA THR A 868 14.44 -51.52 -39.43
C THR A 868 14.92 -50.08 -39.66
N PRO A 869 14.65 -49.49 -40.82
CA PRO A 869 14.90 -48.07 -41.00
C PRO A 869 13.93 -47.24 -40.17
N ALA A 870 14.34 -46.01 -39.87
CA ALA A 870 13.55 -45.14 -39.01
C ALA A 870 12.32 -44.57 -39.70
N ASP A 871 12.29 -44.56 -41.03
CA ASP A 871 11.14 -44.10 -41.78
C ASP A 871 10.32 -45.25 -42.36
N ASP A 872 10.25 -46.35 -41.64
CA ASP A 872 9.51 -47.50 -42.12
C ASP A 872 8.02 -47.26 -41.92
N PRO A 873 7.19 -47.50 -42.94
CA PRO A 873 5.76 -47.20 -42.79
C PRO A 873 5.05 -48.16 -41.87
N GLU A 874 5.54 -49.38 -41.73
CA GLU A 874 4.96 -50.28 -40.74
C GLU A 874 5.34 -49.86 -39.33
N LEU A 875 6.53 -49.27 -39.19
CA LEU A 875 7.03 -48.91 -37.87
C LEU A 875 6.24 -47.76 -37.26
N LEU A 876 5.96 -46.72 -38.04
CA LEU A 876 5.33 -45.51 -37.51
C LEU A 876 3.92 -45.78 -37.04
N LYS A 877 3.25 -46.78 -37.62
CA LYS A 877 1.92 -47.16 -37.17
C LYS A 877 1.97 -47.79 -35.78
N ARG A 878 3.07 -48.48 -35.47
CA ARG A 878 3.22 -49.03 -34.13
C ARG A 878 3.42 -47.94 -33.10
N LEU A 879 4.28 -46.97 -33.40
CA LEU A 879 4.56 -45.87 -32.49
C LEU A 879 3.34 -44.99 -32.26
N GLN A 880 2.47 -44.89 -33.27
CA GLN A 880 1.28 -44.05 -33.17
C GLN A 880 0.27 -44.65 -32.20
N GLU A 881 0.22 -45.98 -32.10
CA GLU A 881 -0.66 -46.60 -31.12
C GLU A 881 -0.07 -46.57 -29.73
N ILE A 882 1.24 -46.35 -29.62
CA ILE A 882 1.86 -46.16 -28.31
C ILE A 882 1.51 -44.80 -27.75
N LEU A 883 1.40 -43.80 -28.63
CA LEU A 883 1.26 -42.42 -28.20
C LEU A 883 -0.11 -42.16 -27.56
N ARG A 884 -1.15 -42.85 -28.03
CA ARG A 884 -2.47 -42.59 -27.49
C ARG A 884 -2.70 -43.25 -26.14
N ASP A 885 -1.83 -44.18 -25.73
CA ASP A 885 -1.97 -44.85 -24.45
C ASP A 885 -0.88 -44.38 -23.49
N ASN A 886 -1.21 -44.32 -22.22
CA ASN A 886 -0.29 -43.80 -21.23
C ASN A 886 0.70 -44.86 -20.75
N ASN A 887 0.21 -46.04 -20.36
CA ASN A 887 1.11 -47.07 -19.86
C ASN A 887 1.95 -47.69 -20.96
N LYS A 888 1.51 -47.64 -22.20
CA LYS A 888 2.34 -48.13 -23.29
C LYS A 888 3.46 -47.13 -23.60
N SER A 889 3.25 -45.86 -23.30
CA SER A 889 4.27 -44.87 -23.56
C SER A 889 5.30 -44.84 -22.44
N GLY A 890 4.89 -45.20 -21.23
CA GLY A 890 5.83 -45.24 -20.12
C GLY A 890 6.84 -46.35 -20.27
N ILE A 891 6.48 -47.42 -20.97
CA ILE A 891 7.43 -48.48 -21.26
C ILE A 891 8.45 -48.00 -22.28
N LEU A 892 8.02 -47.23 -23.28
CA LEU A 892 8.95 -46.75 -24.29
C LEU A 892 9.91 -45.72 -23.71
N ASP A 893 9.46 -44.94 -22.74
CA ASP A 893 10.36 -43.96 -22.15
C ASP A 893 11.32 -44.63 -21.18
N ALA A 894 10.84 -45.58 -20.38
CA ALA A 894 11.71 -46.22 -19.41
C ALA A 894 12.71 -47.17 -20.07
N VAL A 895 12.39 -47.67 -21.26
CA VAL A 895 13.38 -48.44 -21.99
C VAL A 895 14.48 -47.53 -22.51
N THR A 896 14.10 -46.40 -23.12
CA THR A 896 15.09 -45.56 -23.77
C THR A 896 15.85 -44.71 -22.77
N SER A 897 15.28 -44.48 -21.59
CA SER A 897 16.01 -43.76 -20.55
C SER A 897 17.18 -44.58 -20.04
N SER A 898 17.01 -45.90 -19.90
CA SER A 898 18.09 -46.74 -19.41
C SER A 898 19.07 -47.07 -20.51
N LYS A 899 18.64 -46.98 -21.77
CA LYS A 899 19.55 -47.34 -22.85
C LYS A 899 20.44 -46.18 -23.25
N VAL A 900 20.10 -44.97 -22.82
CA VAL A 900 21.02 -43.85 -23.02
C VAL A 900 21.75 -43.49 -21.74
N ASN A 901 21.24 -43.91 -20.58
CA ASN A 901 22.00 -43.69 -19.35
C ASN A 901 23.21 -44.60 -19.26
N ALA A 902 23.24 -45.67 -20.03
CA ALA A 902 24.45 -46.46 -20.13
C ALA A 902 25.44 -45.81 -21.09
N ILE A 903 24.98 -44.81 -21.85
CA ILE A 903 25.90 -44.12 -22.74
C ILE A 903 26.53 -42.93 -22.02
N THR A 904 25.80 -42.29 -21.12
CA THR A 904 26.37 -41.16 -20.42
C THR A 904 27.36 -41.61 -19.36
N SER A 905 27.26 -42.86 -18.90
CA SER A 905 28.19 -43.31 -17.88
C SER A 905 29.49 -43.77 -18.50
N GLN A 906 29.50 -44.07 -19.79
CA GLN A 906 30.74 -44.47 -20.43
C GLN A 906 31.56 -43.25 -20.81
N VAL A 907 30.96 -42.06 -20.79
CA VAL A 907 31.70 -40.85 -21.09
C VAL A 907 32.26 -40.25 -19.82
N VAL A 908 31.59 -40.49 -18.68
CA VAL A 908 32.09 -40.00 -17.41
C VAL A 908 33.36 -40.74 -17.02
N SER A 909 33.35 -42.07 -17.10
CA SER A 909 34.51 -42.83 -16.63
C SER A 909 35.68 -42.75 -17.60
N LYS A 910 35.41 -42.50 -18.87
CA LYS A 910 36.50 -42.50 -19.85
C LYS A 910 37.26 -41.18 -19.85
N CYS A 911 36.58 -40.07 -19.57
CA CYS A 911 37.23 -38.76 -19.66
C CYS A 911 37.64 -38.23 -18.30
N VAL A 912 36.72 -38.23 -17.35
CA VAL A 912 36.98 -37.65 -16.03
C VAL A 912 37.34 -38.77 -15.06
N PRO A 913 38.50 -38.74 -14.41
CA PRO A 913 39.60 -37.77 -14.39
C PRO A 913 40.80 -38.12 -15.24
N ASP A 914 40.62 -38.74 -16.40
CA ASP A 914 41.74 -39.11 -17.24
C ASP A 914 42.02 -38.11 -18.34
N GLY A 915 41.06 -37.28 -18.70
CA GLY A 915 41.25 -36.39 -19.82
C GLY A 915 41.28 -34.94 -19.44
N THR A 916 41.18 -34.64 -18.15
CA THR A 916 41.19 -33.25 -17.69
C THR A 916 42.57 -32.65 -17.89
N MET A 917 42.60 -31.34 -18.16
CA MET A 917 43.86 -30.71 -18.50
C MET A 917 44.71 -30.45 -17.27
N LYS A 918 44.13 -29.85 -16.25
CA LYS A 918 44.79 -29.70 -14.97
C LYS A 918 44.30 -30.82 -14.06
N LYS A 919 45.22 -31.42 -13.31
CA LYS A 919 44.91 -32.58 -12.50
C LYS A 919 44.93 -32.24 -11.03
N PHE A 920 44.20 -33.04 -10.26
CA PHE A 920 44.12 -32.86 -8.81
C PHE A 920 45.49 -33.09 -8.19
N PRO A 921 45.91 -32.28 -7.20
CA PRO A 921 45.25 -31.22 -6.43
C PRO A 921 45.15 -29.86 -7.09
N CYS A 922 45.78 -29.67 -8.25
CA CYS A 922 45.80 -28.35 -8.85
C CYS A 922 44.47 -27.98 -9.48
N ASN A 923 43.67 -28.96 -9.89
CA ASN A 923 42.41 -28.70 -10.56
C ASN A 923 41.39 -28.29 -9.52
N SER A 924 41.23 -26.98 -9.33
CA SER A 924 40.48 -26.49 -8.19
C SER A 924 38.99 -26.68 -8.34
N MET A 925 38.49 -26.83 -9.56
CA MET A 925 37.11 -27.26 -9.71
C MET A 925 36.95 -28.70 -9.26
N GLN A 926 37.94 -29.52 -9.52
CA GLN A 926 37.83 -30.94 -9.20
C GLN A 926 38.20 -31.20 -7.75
N ALA A 927 39.07 -30.37 -7.15
CA ALA A 927 39.40 -30.56 -5.75
C ALA A 927 38.23 -30.18 -4.84
N MET A 928 37.40 -29.25 -5.28
CA MET A 928 36.27 -28.82 -4.47
C MET A 928 35.14 -29.83 -4.48
N ALA A 929 35.17 -30.78 -5.41
CA ALA A 929 34.14 -31.79 -5.42
C ALA A 929 34.59 -33.05 -4.71
N LEU A 930 35.90 -33.29 -4.66
CA LEU A 930 36.45 -34.48 -4.04
C LEU A 930 36.51 -34.35 -2.53
N SER A 931 37.02 -33.24 -2.04
CA SER A 931 37.13 -32.99 -0.60
C SER A 931 35.79 -32.68 0.06
N GLY A 932 34.70 -32.60 -0.71
CA GLY A 932 33.42 -32.32 -0.13
C GLY A 932 33.23 -30.89 0.27
N ALA A 933 34.00 -29.98 -0.31
CA ALA A 933 33.88 -28.57 0.05
C ALA A 933 32.55 -28.00 -0.43
N LYS A 934 32.32 -28.02 -1.74
CA LYS A 934 31.06 -27.57 -2.30
C LYS A 934 30.89 -28.22 -3.66
N GLY A 935 29.90 -29.07 -3.79
CA GLY A 935 29.62 -29.64 -5.10
C GLY A 935 29.36 -31.11 -4.99
N SER A 936 29.43 -31.78 -6.14
CA SER A 936 29.28 -33.21 -6.25
C SER A 936 30.07 -33.67 -7.47
N ASN A 937 30.01 -34.96 -7.78
CA ASN A 937 30.63 -35.43 -9.00
C ASN A 937 29.67 -35.40 -10.18
N VAL A 938 28.38 -35.21 -9.91
CA VAL A 938 27.45 -34.95 -11.00
C VAL A 938 27.65 -33.54 -11.53
N ASN A 939 28.06 -32.62 -10.68
CA ASN A 939 28.19 -31.22 -11.09
C ASN A 939 29.46 -30.99 -11.89
N VAL A 940 30.40 -31.93 -11.86
CA VAL A 940 31.57 -31.79 -12.71
C VAL A 940 31.40 -32.64 -13.96
N SER A 941 30.52 -33.63 -13.90
CA SER A 941 30.11 -34.35 -15.11
C SER A 941 29.40 -33.43 -16.08
N GLN A 942 28.50 -32.58 -15.58
CA GLN A 942 27.69 -31.75 -16.46
C GLN A 942 28.43 -30.54 -16.97
N ILE A 943 29.55 -30.19 -16.38
CA ILE A 943 30.33 -29.08 -16.91
C ILE A 943 31.24 -29.57 -18.02
N MET A 944 31.91 -30.69 -17.81
CA MET A 944 32.97 -31.08 -18.71
C MET A 944 32.61 -32.21 -19.67
N CYS A 945 31.59 -33.02 -19.39
CA CYS A 945 31.33 -34.17 -20.24
C CYS A 945 30.05 -34.05 -21.06
N LEU A 946 28.88 -34.03 -20.43
CA LEU A 946 27.58 -33.95 -21.09
C LEU A 946 26.49 -33.89 -20.03
N LEU A 947 25.36 -33.26 -20.37
CA LEU A 947 24.25 -33.21 -19.43
C LEU A 947 23.46 -34.49 -19.39
N GLY A 948 23.23 -35.11 -20.52
CA GLY A 948 22.52 -36.35 -20.51
C GLY A 948 21.03 -36.14 -20.52
N GLN A 949 20.32 -37.15 -20.04
CA GLN A 949 18.87 -37.21 -20.16
C GLN A 949 18.20 -36.22 -19.22
N GLN A 950 17.22 -35.48 -19.74
CA GLN A 950 16.43 -34.54 -18.96
C GLN A 950 15.05 -35.14 -18.73
N ALA A 951 14.75 -35.48 -17.49
CA ALA A 951 13.60 -36.32 -17.18
C ALA A 951 12.57 -35.56 -16.37
N LEU A 952 11.29 -35.76 -16.71
CA LEU A 952 10.15 -35.01 -16.18
C LEU A 952 9.20 -35.94 -15.47
N GLU A 953 9.51 -36.24 -14.21
CA GLU A 953 8.80 -37.21 -13.36
C GLU A 953 8.69 -38.58 -14.03
N GLY A 954 9.85 -39.21 -14.17
CA GLY A 954 9.90 -40.55 -14.72
C GLY A 954 10.15 -40.55 -16.21
N ARG A 955 9.24 -40.01 -16.98
CA ARG A 955 9.37 -40.07 -18.41
C ARG A 955 10.26 -38.97 -18.93
N ARG A 956 10.48 -38.99 -20.23
CA ARG A 956 11.14 -37.91 -20.95
C ARG A 956 10.11 -36.84 -21.27
N VAL A 957 10.44 -35.92 -22.18
CA VAL A 957 9.65 -34.73 -22.43
C VAL A 957 8.30 -35.09 -23.03
N PRO A 958 7.26 -34.25 -22.88
CA PRO A 958 5.95 -34.62 -23.40
C PRO A 958 5.89 -34.55 -24.91
N VAL A 959 5.07 -35.41 -25.48
CA VAL A 959 4.82 -35.45 -26.92
C VAL A 959 3.51 -34.73 -27.17
N MET A 960 3.45 -33.94 -28.24
CA MET A 960 2.24 -33.21 -28.58
C MET A 960 1.15 -34.16 -29.06
N VAL A 961 0.03 -33.59 -29.51
CA VAL A 961 -1.02 -34.45 -30.04
C VAL A 961 -0.64 -34.95 -31.42
N SER A 962 0.30 -34.28 -32.10
CA SER A 962 0.64 -34.60 -33.46
C SER A 962 1.81 -35.56 -33.58
N GLY A 963 2.40 -35.96 -32.47
CA GLY A 963 3.56 -36.82 -32.49
C GLY A 963 4.89 -36.09 -32.38
N LYS A 964 4.89 -34.78 -32.57
CA LYS A 964 6.11 -34.01 -32.48
C LYS A 964 6.40 -33.70 -31.02
N THR A 965 7.66 -33.88 -30.61
CA THR A 965 8.06 -33.50 -29.27
C THR A 965 8.27 -32.00 -29.16
N LEU A 966 8.60 -31.35 -30.27
CA LEU A 966 8.96 -29.95 -30.34
C LEU A 966 8.74 -29.53 -31.78
N PRO A 967 8.39 -28.28 -32.05
CA PRO A 967 8.07 -27.87 -33.44
C PRO A 967 9.19 -27.96 -34.46
N SER A 968 10.35 -28.52 -34.15
CA SER A 968 11.41 -28.64 -35.14
C SER A 968 11.63 -30.07 -35.62
N PHE A 969 11.13 -31.06 -34.89
CA PHE A 969 11.40 -32.47 -35.17
C PHE A 969 10.21 -33.10 -35.87
N LYS A 970 10.49 -33.90 -36.90
CA LYS A 970 9.44 -34.54 -37.69
C LYS A 970 8.67 -35.53 -36.83
N PRO A 971 7.39 -35.79 -37.12
CA PRO A 971 6.57 -36.57 -36.20
C PRO A 971 7.00 -38.02 -36.14
N TYR A 972 6.89 -38.58 -34.93
CA TYR A 972 7.38 -39.91 -34.59
C TYR A 972 8.85 -40.05 -34.93
N GLU A 973 9.62 -39.13 -34.35
CA GLU A 973 11.06 -39.19 -34.45
C GLU A 973 11.59 -40.21 -33.46
N THR A 974 12.50 -41.06 -33.93
CA THR A 974 13.12 -42.08 -33.10
C THR A 974 14.54 -41.71 -32.70
N ASP A 975 14.97 -40.48 -32.94
CA ASP A 975 16.28 -40.05 -32.52
C ASP A 975 16.34 -39.93 -31.01
N ALA A 976 17.55 -40.01 -30.47
CA ALA A 976 17.73 -39.84 -29.04
C ALA A 976 17.58 -38.38 -28.64
N MET A 977 17.96 -37.46 -29.53
CA MET A 977 17.90 -36.04 -29.23
C MET A 977 16.47 -35.54 -29.10
N ALA A 978 15.54 -36.15 -29.83
CA ALA A 978 14.17 -35.70 -29.76
C ALA A 978 13.47 -36.15 -28.50
N GLY A 979 14.02 -37.11 -27.78
CA GLY A 979 13.40 -37.52 -26.54
C GLY A 979 13.77 -36.62 -25.39
N GLY A 980 14.97 -36.05 -25.41
CA GLY A 980 15.36 -35.17 -24.34
C GLY A 980 16.82 -35.29 -24.02
N TYR A 981 17.53 -36.16 -24.73
CA TYR A 981 18.94 -36.36 -24.51
C TYR A 981 19.70 -35.11 -24.91
N VAL A 982 20.45 -34.57 -23.97
CA VAL A 982 21.26 -33.38 -24.21
C VAL A 982 22.71 -33.82 -24.20
N LYS A 983 23.34 -33.82 -25.36
CA LYS A 983 24.73 -34.16 -25.49
C LYS A 983 25.64 -32.95 -25.37
N GLY A 984 25.11 -31.80 -24.97
CA GLY A 984 25.92 -30.63 -24.79
C GLY A 984 26.45 -30.55 -23.39
N ARG A 985 27.29 -29.56 -23.15
CA ARG A 985 27.79 -29.31 -21.81
C ARG A 985 27.69 -27.84 -21.48
N PHE A 986 27.85 -27.53 -20.21
CA PHE A 986 27.85 -26.14 -19.80
C PHE A 986 29.17 -25.44 -20.07
N TYR A 987 30.16 -26.12 -20.62
CA TYR A 987 31.39 -25.43 -20.96
C TYR A 987 31.37 -24.94 -22.39
N SER A 988 30.77 -25.71 -23.29
CA SER A 988 30.69 -25.35 -24.70
C SER A 988 29.32 -24.89 -25.14
N GLY A 989 28.31 -25.00 -24.28
CA GLY A 989 27.01 -24.45 -24.58
C GLY A 989 26.12 -25.43 -25.29
N ILE A 990 24.82 -25.26 -25.11
CA ILE A 990 23.84 -26.21 -25.61
C ILE A 990 23.06 -25.60 -26.77
N LYS A 991 22.37 -26.46 -27.50
CA LYS A 991 21.71 -26.11 -28.74
C LYS A 991 20.33 -25.49 -28.44
N PRO A 992 19.68 -24.84 -29.43
CA PRO A 992 18.38 -24.23 -29.14
C PRO A 992 17.27 -25.20 -28.78
N GLN A 993 17.30 -26.42 -29.29
CA GLN A 993 16.28 -27.38 -28.88
C GLN A 993 16.57 -27.90 -27.48
N GLU A 994 17.83 -28.16 -27.16
CA GLU A 994 18.19 -28.70 -25.85
C GLU A 994 18.04 -27.66 -24.76
N TYR A 995 18.11 -26.38 -25.12
CA TYR A 995 17.84 -25.30 -24.17
C TYR A 995 16.38 -25.31 -23.74
N TYR A 996 15.49 -25.71 -24.64
CA TYR A 996 14.08 -25.70 -24.29
C TYR A 996 13.74 -26.88 -23.41
N PHE A 997 14.36 -28.04 -23.64
CA PHE A 997 14.10 -29.18 -22.78
C PHE A 997 14.67 -28.97 -21.40
N HIS A 998 15.80 -28.30 -21.31
CA HIS A 998 16.45 -28.09 -20.03
C HIS A 998 15.71 -27.06 -19.19
N CYS A 999 15.07 -26.09 -19.82
CA CYS A 999 14.23 -25.17 -19.05
C CYS A 999 12.94 -25.84 -18.62
N MET A 1000 12.50 -26.86 -19.37
CA MET A 1000 11.29 -27.59 -18.99
C MET A 1000 11.52 -28.42 -17.75
N ALA A 1001 12.74 -28.93 -17.58
CA ALA A 1001 13.06 -29.69 -16.38
C ALA A 1001 13.57 -28.79 -15.27
N GLY A 1002 14.04 -27.60 -15.62
CA GLY A 1002 14.44 -26.65 -14.60
C GLY A 1002 13.26 -26.03 -13.88
N ARG A 1003 12.15 -25.87 -14.59
CA ARG A 1003 10.95 -25.35 -13.95
C ARG A 1003 10.33 -26.39 -13.03
N GLU A 1004 10.52 -27.67 -13.35
CA GLU A 1004 9.92 -28.74 -12.58
C GLU A 1004 10.56 -28.85 -11.20
N GLY A 1005 11.78 -28.33 -11.05
CA GLY A 1005 12.37 -28.26 -9.73
C GLY A 1005 11.82 -27.10 -8.91
N LEU A 1006 11.48 -26.00 -9.57
CA LEU A 1006 11.04 -24.81 -8.83
C LEU A 1006 9.64 -24.95 -8.31
N ILE A 1007 8.77 -25.64 -9.05
CA ILE A 1007 7.45 -25.94 -8.50
C ILE A 1007 7.58 -26.99 -7.41
N ASP A 1008 8.58 -27.86 -7.51
CA ASP A 1008 8.76 -28.92 -6.53
C ASP A 1008 9.19 -28.37 -5.17
N THR A 1009 10.00 -27.31 -5.18
CA THR A 1009 10.36 -26.62 -3.94
C THR A 1009 9.17 -25.86 -3.38
N ALA A 1010 8.25 -25.42 -4.24
CA ALA A 1010 7.10 -24.62 -3.83
C ALA A 1010 6.07 -25.41 -3.02
N VAL A 1011 6.20 -26.73 -2.92
CA VAL A 1011 5.32 -27.52 -2.06
C VAL A 1011 6.02 -27.89 -0.75
N LYS A 1012 7.36 -27.77 -0.69
CA LYS A 1012 8.13 -28.17 0.50
C LYS A 1012 7.84 -27.34 1.72
N THR A 1013 7.25 -26.16 1.55
CA THR A 1013 7.06 -25.25 2.67
C THR A 1013 5.94 -25.73 3.59
N SER A 1014 4.71 -25.77 3.09
CA SER A 1014 3.55 -25.83 3.94
C SER A 1014 3.05 -27.24 4.22
N ARG A 1015 3.42 -28.23 3.43
CA ARG A 1015 2.79 -29.53 3.57
C ARG A 1015 3.40 -30.39 4.67
N SER A 1016 4.71 -30.29 4.90
CA SER A 1016 5.34 -30.99 6.01
C SER A 1016 5.38 -30.15 7.28
N GLY A 1017 4.44 -29.22 7.43
CA GLY A 1017 4.40 -28.35 8.58
C GLY A 1017 3.19 -28.64 9.42
N TYR A 1018 2.11 -29.11 8.79
CA TYR A 1018 0.96 -29.55 9.57
C TYR A 1018 1.20 -30.91 10.19
N LEU A 1019 2.12 -31.69 9.61
CA LEU A 1019 2.47 -32.99 10.18
C LEU A 1019 3.09 -32.82 11.55
N GLN A 1020 3.97 -31.84 11.69
CA GLN A 1020 4.63 -31.60 12.97
C GLN A 1020 3.68 -31.02 13.98
N ARG A 1021 2.67 -30.28 13.55
CA ARG A 1021 1.77 -29.63 14.49
C ARG A 1021 0.84 -30.64 15.15
N CYS A 1022 0.44 -31.67 14.41
CA CYS A 1022 -0.46 -32.67 14.98
C CYS A 1022 0.26 -33.55 16.00
N LEU A 1023 1.52 -33.89 15.72
CA LEU A 1023 2.30 -34.65 16.68
C LEU A 1023 2.58 -33.84 17.93
N THR A 1024 3.08 -32.62 17.75
CA THR A 1024 3.64 -31.85 18.86
C THR A 1024 2.56 -31.38 19.82
N LYS A 1025 1.36 -31.09 19.32
CA LYS A 1025 0.28 -30.66 20.21
C LYS A 1025 -0.19 -31.80 21.09
N GLN A 1026 -0.12 -33.03 20.59
CA GLN A 1026 -0.61 -34.15 21.37
C GLN A 1026 0.41 -34.62 22.40
N LEU A 1027 1.69 -34.65 22.03
CA LEU A 1027 2.64 -35.21 22.98
C LEU A 1027 3.02 -34.17 24.03
N GLU A 1028 3.91 -33.23 23.70
CA GLU A 1028 4.21 -31.97 24.39
C GLU A 1028 4.45 -31.99 25.90
N GLY A 1029 4.18 -33.10 26.57
CA GLY A 1029 4.24 -33.15 28.01
C GLY A 1029 4.75 -34.51 28.40
N VAL A 1030 5.04 -35.31 27.39
CA VAL A 1030 5.50 -36.67 27.59
C VAL A 1030 6.95 -36.59 28.03
N HIS A 1031 7.16 -36.68 29.34
CA HIS A 1031 8.44 -36.41 29.95
C HIS A 1031 8.94 -37.62 30.71
N VAL A 1032 10.25 -37.77 30.79
CA VAL A 1032 10.86 -38.79 31.62
C VAL A 1032 10.61 -38.45 33.07
N SER A 1033 10.11 -39.40 33.83
CA SER A 1033 9.94 -39.17 35.25
C SER A 1033 11.23 -39.48 35.99
N TYR A 1034 11.16 -39.58 37.30
CA TYR A 1034 12.31 -39.94 38.09
C TYR A 1034 12.44 -41.45 38.30
N ASP A 1035 11.48 -42.23 37.83
CA ASP A 1035 11.55 -43.68 37.82
C ASP A 1035 12.16 -44.23 36.54
N ASN A 1036 12.65 -43.35 35.67
CA ASN A 1036 13.06 -43.57 34.29
C ASN A 1036 11.93 -44.04 33.38
N SER A 1037 10.68 -44.03 33.85
CA SER A 1037 9.54 -44.28 32.99
C SER A 1037 9.26 -43.06 32.14
N ILE A 1038 8.37 -43.19 31.19
CA ILE A 1038 8.03 -42.09 30.28
C ILE A 1038 6.58 -41.75 30.53
N ARG A 1039 6.33 -40.90 31.50
CA ARG A 1039 4.96 -40.60 31.84
C ARG A 1039 4.43 -39.49 30.96
N ASP A 1040 3.10 -39.42 30.90
CA ASP A 1040 2.43 -38.28 30.33
C ASP A 1040 2.39 -37.17 31.38
N ALA A 1041 1.73 -36.06 31.06
CA ALA A 1041 1.67 -34.96 31.99
C ALA A 1041 0.70 -35.21 33.13
N ASP A 1042 -0.40 -35.91 32.86
CA ASP A 1042 -1.43 -36.21 33.85
C ASP A 1042 -1.18 -37.52 34.58
N GLY A 1043 0.07 -38.00 34.61
CA GLY A 1043 0.39 -39.22 35.31
C GLY A 1043 0.14 -40.50 34.56
N THR A 1044 -0.42 -40.43 33.36
CA THR A 1044 -0.68 -41.63 32.57
C THR A 1044 0.62 -42.23 32.09
N LEU A 1045 0.84 -43.51 32.37
CA LEU A 1045 2.07 -44.15 31.96
C LEU A 1045 2.01 -44.45 30.48
N VAL A 1046 3.14 -44.35 29.81
CA VAL A 1046 3.25 -44.64 28.38
C VAL A 1046 4.31 -45.69 28.10
N GLN A 1047 5.52 -45.47 28.59
CA GLN A 1047 6.54 -46.49 28.47
C GLN A 1047 7.10 -46.75 29.85
N PHE A 1048 7.68 -47.94 30.01
CA PHE A 1048 8.28 -48.27 31.28
C PHE A 1048 9.76 -47.95 31.32
N MET A 1049 10.35 -47.63 30.18
CA MET A 1049 11.70 -47.13 30.08
C MET A 1049 11.83 -46.51 28.70
N TYR A 1050 12.79 -45.62 28.55
CA TYR A 1050 12.91 -44.85 27.31
C TYR A 1050 13.50 -45.74 26.23
N GLY A 1051 12.65 -46.28 25.37
CA GLY A 1051 13.11 -47.01 24.23
C GLY A 1051 13.61 -48.40 24.50
N GLY A 1052 13.62 -48.83 25.76
CA GLY A 1052 14.02 -50.17 26.14
C GLY A 1052 15.28 -50.24 26.96
N ASP A 1053 16.10 -49.20 26.95
CA ASP A 1053 17.39 -49.26 27.61
C ASP A 1053 17.80 -47.99 28.34
N ALA A 1054 16.92 -46.98 28.41
CA ALA A 1054 17.14 -45.72 29.13
C ALA A 1054 18.39 -44.98 28.65
N ILE A 1055 18.53 -44.88 27.34
CA ILE A 1055 19.76 -44.39 26.73
C ILE A 1055 19.45 -43.11 25.96
N ASP A 1056 20.23 -42.06 26.21
CA ASP A 1056 20.14 -40.84 25.43
C ASP A 1056 20.79 -41.02 24.07
N ILE A 1057 20.14 -40.48 23.03
CA ILE A 1057 20.67 -40.60 21.68
C ILE A 1057 21.85 -39.67 21.48
N THR A 1058 21.89 -38.57 22.22
CA THR A 1058 23.01 -37.64 22.12
C THR A 1058 24.26 -38.14 22.82
N LYS A 1059 24.18 -39.22 23.60
CA LYS A 1059 25.34 -39.76 24.31
C LYS A 1059 25.67 -41.19 23.88
N GLU A 1060 25.00 -41.68 22.84
CA GLU A 1060 25.07 -43.06 22.41
C GLU A 1060 26.12 -43.31 21.35
N SER A 1061 26.70 -42.26 20.78
CA SER A 1061 27.43 -42.37 19.52
C SER A 1061 28.70 -43.21 19.65
N HIS A 1062 29.43 -43.06 20.74
CA HIS A 1062 30.62 -43.83 21.00
C HIS A 1062 30.39 -44.85 22.11
N MET A 1063 29.20 -45.42 22.18
CA MET A 1063 28.94 -46.41 23.21
C MET A 1063 29.33 -47.82 22.80
N THR A 1064 29.13 -48.18 21.54
CA THR A 1064 29.62 -49.45 21.02
C THR A 1064 30.67 -49.23 19.94
N GLN A 1065 31.55 -48.25 20.16
CA GLN A 1065 32.80 -48.14 19.43
C GLN A 1065 33.88 -48.64 20.38
N PHE A 1066 34.06 -49.95 20.41
CA PHE A 1066 34.82 -50.57 21.50
C PHE A 1066 36.30 -50.42 21.32
N GLU A 1067 36.78 -50.44 20.08
CA GLU A 1067 38.22 -50.30 19.84
C GLU A 1067 38.71 -48.90 20.20
N PHE A 1068 37.85 -47.90 20.04
CA PHE A 1068 38.23 -46.53 20.36
C PHE A 1068 38.37 -46.34 21.86
N CYS A 1069 37.52 -46.98 22.66
CA CYS A 1069 37.68 -46.85 24.10
C CYS A 1069 38.87 -47.65 24.60
N LEU A 1070 39.31 -48.66 23.84
CA LEU A 1070 40.47 -49.42 24.25
C LEU A 1070 41.76 -48.71 23.89
N ASP A 1071 41.82 -48.11 22.70
CA ASP A 1071 43.01 -47.41 22.28
C ASP A 1071 43.25 -46.13 23.05
N ASN A 1072 42.20 -45.57 23.64
CA ASN A 1072 42.26 -44.33 24.41
C ASN A 1072 41.72 -44.57 25.80
N TYR A 1073 42.25 -45.60 26.45
CA TYR A 1073 41.70 -46.03 27.74
C TYR A 1073 42.10 -45.07 28.84
N TYR A 1074 43.33 -44.57 28.82
CA TYR A 1074 43.78 -43.77 29.96
C TYR A 1074 43.19 -42.37 29.94
N ALA A 1075 42.87 -41.85 28.77
CA ALA A 1075 42.25 -40.53 28.69
C ALA A 1075 40.81 -40.58 29.14
N LEU A 1076 40.14 -41.72 28.95
CA LEU A 1076 38.77 -41.86 29.41
C LEU A 1076 38.68 -42.26 30.86
N LEU A 1077 39.78 -42.69 31.46
CA LEU A 1077 39.72 -43.04 32.87
C LEU A 1077 39.63 -41.80 33.76
N LYS A 1078 40.35 -40.75 33.38
CA LYS A 1078 40.28 -39.52 34.14
C LYS A 1078 39.01 -38.75 33.86
N LYS A 1079 38.34 -39.07 32.75
CA LYS A 1079 37.12 -38.35 32.40
C LYS A 1079 35.97 -38.78 33.30
N TYR A 1080 35.97 -40.03 33.74
CA TYR A 1080 34.87 -40.53 34.55
C TYR A 1080 35.13 -40.47 36.04
N ASN A 1081 36.41 -40.58 36.45
CA ASN A 1081 36.90 -40.52 37.83
C ASN A 1081 36.17 -41.51 38.73
N PRO A 1082 36.50 -42.81 38.65
CA PRO A 1082 35.68 -43.81 39.36
C PRO A 1082 35.82 -43.76 40.87
N SER A 1083 36.88 -43.17 41.40
CA SER A 1083 37.07 -43.16 42.84
C SER A 1083 36.15 -42.18 43.54
N ALA A 1084 35.66 -41.16 42.83
CA ALA A 1084 34.85 -40.12 43.44
C ALA A 1084 33.41 -40.55 43.68
N LEU A 1085 33.04 -41.78 43.31
CA LEU A 1085 31.65 -42.20 43.38
C LEU A 1085 31.48 -43.63 43.84
N ILE A 1086 32.44 -44.23 44.54
CA ILE A 1086 32.28 -45.62 44.92
C ILE A 1086 31.41 -45.78 46.15
N GLU A 1087 31.22 -44.72 46.93
CA GLU A 1087 30.43 -44.81 48.15
C GLU A 1087 28.97 -44.44 47.92
N HIS A 1088 28.48 -44.60 46.68
CA HIS A 1088 27.07 -44.39 46.37
C HIS A 1088 26.49 -45.50 45.52
N LEU A 1089 27.29 -46.43 45.01
CA LEU A 1089 26.82 -47.42 44.06
C LEU A 1089 27.04 -48.81 44.62
N ASP A 1090 26.08 -49.69 44.38
CA ASP A 1090 26.18 -51.08 44.76
C ASP A 1090 26.80 -51.85 43.60
N VAL A 1091 28.01 -52.36 43.80
CA VAL A 1091 28.78 -52.91 42.71
C VAL A 1091 28.42 -54.37 42.43
N GLU A 1092 28.08 -55.14 43.46
CA GLU A 1092 27.94 -56.57 43.26
C GLU A 1092 26.53 -56.96 42.83
N SER A 1093 25.51 -56.35 43.43
CA SER A 1093 24.18 -56.93 43.48
C SER A 1093 23.50 -56.98 42.12
N ALA A 1094 23.87 -56.09 41.20
CA ALA A 1094 23.36 -56.18 39.84
C ALA A 1094 24.33 -56.93 38.94
N LEU A 1095 25.61 -56.92 39.27
CA LEU A 1095 26.58 -57.68 38.48
C LEU A 1095 26.43 -59.17 38.71
N LYS A 1096 25.90 -59.56 39.86
CA LYS A 1096 25.62 -60.97 40.10
C LYS A 1096 24.42 -61.43 39.30
N TYR A 1097 23.32 -60.67 39.35
CA TYR A 1097 22.08 -61.03 38.68
C TYR A 1097 22.21 -60.93 37.17
N SER A 1098 23.16 -60.16 36.67
CA SER A 1098 23.33 -60.08 35.23
C SER A 1098 24.09 -61.29 34.71
N LYS A 1099 24.88 -61.92 35.56
CA LYS A 1099 25.59 -63.12 35.13
C LYS A 1099 24.67 -64.33 35.06
N LYS A 1100 23.71 -64.40 36.00
CA LYS A 1100 22.76 -65.51 36.03
C LYS A 1100 21.88 -65.52 34.80
N THR A 1101 21.28 -64.38 34.47
CA THR A 1101 20.37 -64.35 33.32
C THR A 1101 21.12 -64.33 31.99
N LEU A 1102 22.45 -64.19 32.02
CA LEU A 1102 23.20 -64.44 30.81
C LEU A 1102 23.31 -65.93 30.54
N LYS A 1103 23.46 -66.72 31.60
CA LYS A 1103 23.66 -68.16 31.43
C LYS A 1103 22.39 -68.85 30.94
N TYR A 1104 21.24 -68.45 31.50
CA TYR A 1104 19.99 -69.06 31.09
C TYR A 1104 19.54 -68.63 29.70
N ARG A 1105 20.16 -67.61 29.14
CA ARG A 1105 19.79 -67.19 27.79
C ARG A 1105 20.48 -68.02 26.73
N LYS A 1106 21.74 -68.38 26.95
CA LYS A 1106 22.43 -69.27 26.03
C LYS A 1106 21.85 -70.68 26.08
N LYS A 1107 21.42 -71.11 27.26
CA LYS A 1107 20.89 -72.46 27.43
C LYS A 1107 19.53 -72.63 26.77
N HIS A 1108 18.73 -71.57 26.74
CA HIS A 1108 17.42 -71.65 26.10
C HIS A 1108 17.40 -70.77 24.87
N SER A 1109 18.48 -70.80 24.09
CA SER A 1109 18.63 -69.84 23.01
C SER A 1109 17.77 -70.21 21.80
N LYS A 1110 17.97 -71.40 21.26
CA LYS A 1110 17.39 -71.73 19.97
C LYS A 1110 15.90 -72.05 20.02
N GLU A 1111 15.32 -72.22 21.20
CA GLU A 1111 13.88 -72.44 21.27
C GLU A 1111 13.16 -71.11 20.97
N PRO A 1112 12.04 -71.14 20.24
CA PRO A 1112 11.46 -69.90 19.75
C PRO A 1112 10.76 -69.13 20.85
N HIS A 1113 10.29 -67.93 20.49
CA HIS A 1113 9.83 -66.96 21.48
C HIS A 1113 8.52 -67.35 22.16
N TYR A 1114 7.74 -68.24 21.58
CA TYR A 1114 6.47 -68.64 22.18
C TYR A 1114 6.59 -69.86 23.08
N LYS A 1115 7.81 -70.24 23.44
CA LYS A 1115 8.04 -71.37 24.33
C LYS A 1115 9.17 -71.10 25.31
N GLN A 1116 9.47 -69.83 25.58
CA GLN A 1116 10.68 -69.50 26.31
C GLN A 1116 10.50 -69.61 27.80
N SER A 1117 11.58 -69.94 28.49
CA SER A 1117 11.61 -69.87 29.94
C SER A 1117 11.59 -68.41 30.34
N VAL A 1118 10.46 -67.95 30.85
CA VAL A 1118 10.28 -66.54 31.15
C VAL A 1118 10.33 -66.35 32.67
N LYS A 1119 11.09 -67.21 33.34
CA LYS A 1119 11.28 -67.10 34.77
C LYS A 1119 12.08 -65.86 35.14
N TYR A 1120 12.89 -65.34 34.21
CA TYR A 1120 13.89 -64.33 34.53
C TYR A 1120 13.68 -63.08 33.70
N ASP A 1121 13.28 -62.00 34.37
CA ASP A 1121 13.19 -60.70 33.77
C ASP A 1121 14.60 -60.16 33.53
N PRO A 1122 14.77 -59.21 32.60
CA PRO A 1122 16.12 -58.66 32.37
C PRO A 1122 16.57 -57.79 33.54
N VAL A 1123 17.84 -57.38 33.52
CA VAL A 1123 18.39 -56.72 34.70
C VAL A 1123 17.93 -55.27 34.76
N LEU A 1124 17.51 -54.70 33.63
CA LEU A 1124 16.95 -53.35 33.65
C LEU A 1124 15.59 -53.30 34.32
N ALA A 1125 14.87 -54.41 34.38
CA ALA A 1125 13.52 -54.37 34.93
C ALA A 1125 13.53 -54.31 36.45
N LYS A 1126 14.58 -54.81 37.10
CA LYS A 1126 14.58 -54.90 38.55
C LYS A 1126 15.51 -53.91 39.23
N TYR A 1127 16.51 -53.37 38.54
CA TYR A 1127 17.47 -52.47 39.16
C TYR A 1127 17.41 -51.12 38.45
N ASN A 1128 17.40 -50.06 39.24
CA ASN A 1128 17.47 -48.71 38.71
C ASN A 1128 18.85 -48.55 38.08
N PRO A 1129 18.96 -48.38 36.76
CA PRO A 1129 20.25 -48.49 36.10
C PRO A 1129 21.21 -47.38 36.40
N ALA A 1130 20.76 -46.29 37.00
CA ALA A 1130 21.67 -45.21 37.39
C ALA A 1130 22.26 -45.41 38.76
N LYS A 1131 21.65 -46.22 39.61
CA LYS A 1131 22.16 -46.41 40.96
C LYS A 1131 23.03 -47.66 41.07
N TYR A 1132 22.53 -48.81 40.63
CA TYR A 1132 23.26 -50.06 40.70
C TYR A 1132 24.17 -50.18 39.50
N LEU A 1133 25.48 -50.20 39.73
CA LEU A 1133 26.43 -50.41 38.65
C LEU A 1133 26.33 -51.84 38.15
N GLY A 1134 26.30 -52.01 36.84
CA GLY A 1134 26.23 -53.31 36.21
C GLY A 1134 24.92 -53.60 35.52
N SER A 1135 23.86 -52.86 35.81
CA SER A 1135 22.60 -53.04 35.13
C SER A 1135 22.71 -52.51 33.71
N VAL A 1136 22.51 -53.38 32.73
CA VAL A 1136 22.93 -53.16 31.35
C VAL A 1136 21.95 -53.88 30.43
N SER A 1137 21.58 -53.21 29.34
CA SER A 1137 20.68 -53.77 28.35
C SER A 1137 21.27 -55.00 27.67
N GLU A 1138 20.40 -55.80 27.06
CA GLU A 1138 20.81 -57.09 26.54
C GLU A 1138 21.69 -56.96 25.31
N ASN A 1139 21.33 -56.07 24.39
CA ASN A 1139 22.10 -55.95 23.17
C ASN A 1139 23.44 -55.28 23.40
N PHE A 1140 23.60 -54.58 24.52
CA PHE A 1140 24.93 -54.07 24.85
C PHE A 1140 25.77 -55.15 25.51
N GLN A 1141 25.15 -55.94 26.38
CA GLN A 1141 25.89 -56.98 27.10
C GLN A 1141 26.35 -58.07 26.16
N ASP A 1142 25.54 -58.41 25.18
CA ASP A 1142 25.96 -59.40 24.19
C ASP A 1142 27.02 -58.84 23.27
N LYS A 1143 26.93 -57.56 22.93
CA LYS A 1143 27.95 -56.96 22.07
C LYS A 1143 29.23 -56.69 22.84
N LEU A 1144 29.17 -56.65 24.17
CA LEU A 1144 30.37 -56.45 24.95
C LEU A 1144 31.14 -57.76 25.11
N GLU A 1145 30.43 -58.85 25.40
CA GLU A 1145 31.09 -60.13 25.59
C GLU A 1145 31.58 -60.70 24.26
N SER A 1146 30.93 -60.35 23.16
CA SER A 1146 31.42 -60.76 21.86
C SER A 1146 32.54 -59.90 21.33
N PHE A 1147 33.09 -59.01 22.15
CA PHE A 1147 34.31 -58.31 21.82
C PHE A 1147 35.49 -58.87 22.58
N LEU A 1148 35.28 -59.24 23.85
CA LEU A 1148 36.37 -59.74 24.67
C LEU A 1148 36.81 -61.13 24.24
N ASP A 1149 35.92 -61.90 23.64
CA ASP A 1149 36.28 -63.21 23.12
C ASP A 1149 37.15 -63.09 21.89
N LYS A 1150 36.60 -62.50 20.83
CA LYS A 1150 37.24 -62.51 19.53
C LYS A 1150 38.44 -61.58 19.43
N ASN A 1151 38.69 -60.74 20.43
CA ASN A 1151 39.79 -59.79 20.37
C ASN A 1151 40.54 -59.77 21.70
N SER A 1152 40.89 -60.95 22.18
CA SER A 1152 41.69 -61.07 23.40
C SER A 1152 43.18 -60.99 23.14
N LYS A 1153 43.58 -60.77 21.88
CA LYS A 1153 45.00 -60.56 21.60
C LYS A 1153 45.47 -59.21 22.12
N LEU A 1154 44.60 -58.20 22.03
CA LEU A 1154 44.94 -56.84 22.41
C LEU A 1154 45.09 -56.69 23.92
N PHE A 1155 44.53 -57.61 24.70
CA PHE A 1155 44.64 -57.59 26.15
C PHE A 1155 45.86 -58.33 26.66
N LYS A 1156 46.83 -58.61 25.79
CA LYS A 1156 48.09 -59.21 26.21
C LYS A 1156 49.25 -58.38 25.70
N SER A 1157 49.09 -57.78 24.54
CA SER A 1157 50.16 -57.02 23.88
C SER A 1157 50.03 -55.52 24.15
N SER A 1158 49.60 -55.15 25.35
CA SER A 1158 49.49 -53.73 25.70
C SER A 1158 49.89 -53.55 27.16
N ASP A 1159 49.51 -52.39 27.70
CA ASP A 1159 50.11 -51.81 28.88
C ASP A 1159 49.32 -52.03 30.17
N GLY A 1160 48.60 -53.15 30.28
CA GLY A 1160 47.89 -53.39 31.51
C GLY A 1160 46.41 -53.12 31.37
N VAL A 1161 45.84 -53.52 30.24
CA VAL A 1161 44.40 -53.52 30.05
C VAL A 1161 43.91 -54.92 30.42
N ASN A 1162 43.65 -55.11 31.71
CA ASN A 1162 42.96 -56.30 32.18
C ASN A 1162 41.53 -56.31 31.64
N GLU A 1163 41.01 -57.50 31.42
CA GLU A 1163 39.62 -57.64 31.00
C GLU A 1163 38.66 -57.24 32.11
N LYS A 1164 39.09 -57.33 33.37
CA LYS A 1164 38.24 -56.89 34.46
C LYS A 1164 38.13 -55.36 34.51
N LYS A 1165 39.21 -54.68 34.14
CA LYS A 1165 39.17 -53.22 34.18
C LYS A 1165 38.36 -52.65 33.03
N PHE A 1166 38.53 -53.21 31.83
CA PHE A 1166 37.79 -52.72 30.68
C PHE A 1166 36.31 -52.99 30.80
N ARG A 1167 35.93 -54.14 31.36
CA ARG A 1167 34.51 -54.43 31.54
C ARG A 1167 33.95 -53.66 32.71
N ALA A 1168 34.80 -53.09 33.56
CA ALA A 1168 34.31 -52.18 34.57
C ALA A 1168 34.15 -50.79 34.00
N LEU A 1169 34.92 -50.46 32.96
CA LEU A 1169 34.86 -49.14 32.37
C LEU A 1169 33.60 -48.96 31.55
N MET A 1170 33.34 -49.87 30.62
CA MET A 1170 32.19 -49.72 29.74
C MET A 1170 30.89 -50.07 30.44
N GLN A 1171 30.94 -50.55 31.67
CA GLN A 1171 29.72 -50.63 32.45
C GLN A 1171 29.50 -49.37 33.25
N LEU A 1172 30.54 -48.53 33.36
CA LEU A 1172 30.38 -47.22 33.98
C LEU A 1172 30.02 -46.17 32.95
N LYS A 1173 30.64 -46.24 31.77
CA LYS A 1173 30.31 -45.37 30.65
C LYS A 1173 28.87 -45.53 30.22
N TYR A 1174 28.31 -46.73 30.34
CA TYR A 1174 26.88 -46.91 30.13
C TYR A 1174 26.08 -46.15 31.17
N MET A 1175 26.59 -46.04 32.39
CA MET A 1175 25.77 -45.44 33.43
C MET A 1175 25.78 -43.92 33.33
N ARG A 1176 26.85 -43.34 32.81
CA ARG A 1176 26.88 -41.90 32.59
C ARG A 1176 26.15 -41.48 31.33
N SER A 1177 25.85 -42.41 30.44
CA SER A 1177 25.14 -42.12 29.20
C SER A 1177 23.66 -42.41 29.31
N LEU A 1178 23.07 -42.18 30.47
CA LEU A 1178 21.65 -42.43 30.63
C LEU A 1178 20.86 -41.17 30.31
N ILE A 1179 19.54 -41.32 30.26
CA ILE A 1179 18.65 -40.19 30.06
C ILE A 1179 18.54 -39.40 31.37
N ASN A 1180 18.21 -38.12 31.25
CA ASN A 1180 18.06 -37.38 32.49
C ASN A 1180 16.59 -37.26 32.83
N PRO A 1181 16.24 -37.42 34.11
CA PRO A 1181 14.85 -37.26 34.51
C PRO A 1181 14.38 -35.82 34.32
N GLY A 1182 13.12 -35.69 33.94
CA GLY A 1182 12.55 -34.42 33.61
C GLY A 1182 12.74 -33.97 32.18
N GLU A 1183 13.39 -34.77 31.34
CA GLU A 1183 13.63 -34.38 29.96
C GLU A 1183 12.36 -34.37 29.15
N ALA A 1184 12.39 -33.66 28.03
CA ALA A 1184 11.25 -33.56 27.13
C ALA A 1184 11.48 -34.50 25.97
N VAL A 1185 11.13 -35.77 26.14
CA VAL A 1185 11.22 -36.71 25.03
C VAL A 1185 9.99 -36.71 24.16
N GLY A 1186 8.89 -36.12 24.63
CA GLY A 1186 7.70 -36.05 23.79
C GLY A 1186 7.84 -35.04 22.68
N ILE A 1187 8.52 -33.92 22.95
CA ILE A 1187 8.75 -32.93 21.93
C ILE A 1187 9.79 -33.42 20.95
N ILE A 1188 10.90 -33.96 21.46
CA ILE A 1188 12.03 -34.37 20.65
C ILE A 1188 11.65 -35.51 19.71
N ALA A 1189 10.68 -36.34 20.11
CA ALA A 1189 10.17 -37.36 19.22
C ALA A 1189 9.38 -36.75 18.08
N SER A 1190 8.71 -35.62 18.31
CA SER A 1190 7.88 -35.03 17.27
C SER A 1190 8.70 -34.21 16.31
N GLN A 1191 9.70 -33.48 16.82
CA GLN A 1191 10.58 -32.70 15.96
C GLN A 1191 11.63 -33.54 15.27
N SER A 1192 11.65 -34.84 15.47
CA SER A 1192 12.54 -35.70 14.72
C SER A 1192 11.84 -36.61 13.75
N VAL A 1193 10.52 -36.65 13.77
CA VAL A 1193 9.78 -37.25 12.67
C VAL A 1193 9.36 -36.18 11.67
N GLY A 1194 8.94 -35.03 12.16
CA GLY A 1194 8.53 -33.95 11.30
C GLY A 1194 9.63 -33.27 10.53
N GLU A 1195 10.73 -32.95 11.18
CA GLU A 1195 11.80 -32.17 10.55
C GLU A 1195 12.56 -32.93 9.45
N PRO A 1196 12.87 -34.23 9.55
CA PRO A 1196 13.34 -34.93 8.35
C PRO A 1196 12.28 -35.12 7.29
N SER A 1197 11.00 -34.97 7.62
CA SER A 1197 9.97 -35.13 6.62
C SER A 1197 9.76 -33.89 5.78
N THR A 1198 10.53 -32.82 6.00
CA THR A 1198 10.50 -31.71 5.07
C THR A 1198 11.26 -32.03 3.79
N GLN A 1199 12.16 -33.00 3.84
CA GLN A 1199 13.05 -33.30 2.72
C GLN A 1199 12.45 -34.30 1.75
N MET A 1200 11.14 -34.52 1.81
CA MET A 1200 10.47 -35.44 0.90
C MET A 1200 9.01 -34.99 0.80
N THR A 1201 8.69 -34.17 -0.21
CA THR A 1201 7.35 -33.62 -0.32
C THR A 1201 6.79 -33.96 -1.70
N LEU A 1202 6.13 -35.12 -1.79
CA LEU A 1202 5.24 -35.50 -2.89
C LEU A 1202 5.92 -35.49 -4.26
N ASN A 1203 7.25 -35.58 -4.27
CA ASN A 1203 8.05 -35.47 -5.49
C ASN A 1203 8.31 -36.85 -6.08
N THR A 1204 7.20 -37.54 -6.36
CA THR A 1204 7.27 -38.90 -6.85
C THR A 1204 7.68 -38.93 -8.33
N PHE A 1205 8.08 -40.11 -8.77
CA PHE A 1205 8.58 -40.29 -10.11
C PHE A 1205 7.44 -40.26 -11.12
N ALA A 1213 4.05 -54.30 -7.16
CA ALA A 1213 4.43 -53.39 -6.07
C ALA A 1213 3.49 -52.19 -6.00
N ASN A 1214 4.02 -51.01 -6.32
CA ASN A 1214 3.29 -49.73 -6.36
C ASN A 1214 2.65 -49.44 -5.00
N VAL A 1215 3.50 -49.20 -4.01
CA VAL A 1215 3.08 -48.85 -2.67
C VAL A 1215 3.22 -47.34 -2.51
N THR A 1216 2.40 -46.73 -1.66
CA THR A 1216 2.42 -45.29 -1.46
C THR A 1216 3.70 -44.87 -0.75
N LEU A 1217 4.36 -43.83 -1.26
CA LEU A 1217 5.63 -43.36 -0.73
C LEU A 1217 5.48 -41.93 -0.21
N GLY A 1218 6.51 -41.48 0.51
CA GLY A 1218 6.59 -40.09 0.96
C GLY A 1218 5.59 -39.74 2.06
N ILE A 1219 5.30 -38.45 2.15
CA ILE A 1219 4.33 -37.92 3.12
C ILE A 1219 2.92 -38.47 2.94
N PRO A 1220 2.35 -38.68 1.73
CA PRO A 1220 1.01 -39.29 1.69
C PRO A 1220 0.94 -40.72 2.20
N ARG A 1221 2.06 -41.40 2.35
CA ARG A 1221 2.06 -42.60 3.19
C ARG A 1221 2.07 -42.22 4.65
N LEU A 1222 2.82 -41.19 5.01
CA LEU A 1222 2.99 -40.80 6.40
C LEU A 1222 1.77 -40.03 6.91
N ARG A 1223 0.91 -39.57 6.02
CA ARG A 1223 -0.34 -38.97 6.44
C ARG A 1223 -1.38 -40.01 6.80
N GLU A 1224 -1.21 -41.25 6.32
CA GLU A 1224 -2.20 -42.28 6.59
C GLU A 1224 -1.95 -42.92 7.95
N ILE A 1225 -0.69 -43.07 8.34
CA ILE A 1225 -0.39 -43.72 9.61
C ILE A 1225 -0.63 -42.76 10.76
N VAL A 1226 0.01 -41.60 10.71
CA VAL A 1226 0.06 -40.69 11.84
C VAL A 1226 -1.17 -39.81 11.89
N MET A 1227 -1.37 -39.01 10.84
CA MET A 1227 -2.29 -37.88 10.94
C MET A 1227 -3.75 -38.29 10.73
N THR A 1228 -4.00 -39.39 10.05
CA THR A 1228 -5.37 -39.81 9.78
C THR A 1228 -5.77 -41.08 10.49
N ALA A 1229 -4.86 -42.07 10.53
CA ALA A 1229 -5.07 -43.42 11.05
C ALA A 1229 -6.28 -44.07 10.38
N SER A 1230 -6.16 -44.25 9.08
CA SER A 1230 -7.28 -44.67 8.25
C SER A 1230 -7.36 -46.18 8.19
N ALA A 1231 -8.60 -46.68 8.15
CA ALA A 1231 -8.80 -48.11 8.03
C ALA A 1231 -8.54 -48.59 6.62
N ALA A 1232 -8.90 -47.80 5.62
CA ALA A 1232 -8.79 -48.18 4.22
C ALA A 1232 -7.73 -47.32 3.55
N ILE A 1233 -6.52 -47.84 3.47
CA ILE A 1233 -5.42 -47.15 2.79
C ILE A 1233 -5.54 -47.40 1.30
N LYS A 1234 -4.72 -46.70 0.50
CA LYS A 1234 -4.88 -46.74 -0.94
C LYS A 1234 -4.39 -48.06 -1.52
N THR A 1235 -3.14 -48.43 -1.23
CA THR A 1235 -2.60 -49.73 -1.65
C THR A 1235 -2.30 -50.58 -0.43
N PRO A 1236 -3.26 -51.35 0.05
CA PRO A 1236 -2.95 -52.34 1.08
C PRO A 1236 -2.24 -53.52 0.47
N GLN A 1237 -1.58 -54.30 1.32
CA GLN A 1237 -0.77 -55.40 0.84
C GLN A 1237 -0.66 -56.46 1.93
N MET A 1238 -0.31 -57.66 1.51
CA MET A 1238 0.21 -58.69 2.40
C MET A 1238 1.48 -59.22 1.79
N THR A 1239 2.22 -59.99 2.59
CA THR A 1239 3.51 -60.50 2.16
C THR A 1239 3.58 -61.94 2.65
N LEU A 1240 3.57 -62.89 1.74
CA LEU A 1240 3.39 -64.29 2.10
C LEU A 1240 4.66 -65.06 1.82
N PRO A 1241 5.38 -65.53 2.84
CA PRO A 1241 6.67 -66.21 2.60
C PRO A 1241 6.46 -67.67 2.30
N ILE A 1242 6.88 -68.09 1.11
CA ILE A 1242 6.74 -69.48 0.70
C ILE A 1242 7.88 -70.30 1.31
N TRP A 1243 7.75 -71.62 1.28
CA TRP A 1243 8.75 -72.49 1.88
C TRP A 1243 9.98 -72.58 0.98
N ASN A 1244 10.93 -73.43 1.35
CA ASN A 1244 12.13 -73.62 0.55
C ASN A 1244 11.97 -74.71 -0.49
N ASP A 1245 11.16 -75.72 -0.23
CA ASP A 1245 11.01 -76.82 -1.16
C ASP A 1245 10.11 -76.49 -2.33
N VAL A 1246 9.21 -75.52 -2.18
CA VAL A 1246 8.29 -75.16 -3.24
C VAL A 1246 9.07 -74.44 -4.34
N SER A 1247 9.05 -75.00 -5.54
CA SER A 1247 9.87 -74.49 -6.63
C SER A 1247 9.21 -73.25 -7.24
N ASP A 1248 9.83 -72.71 -8.29
CA ASP A 1248 9.39 -71.44 -8.85
C ASP A 1248 8.11 -71.60 -9.66
N GLU A 1249 7.98 -72.69 -10.40
CA GLU A 1249 6.79 -72.88 -11.22
C GLU A 1249 5.57 -73.24 -10.38
N GLN A 1250 5.78 -73.72 -9.16
CA GLN A 1250 4.66 -73.94 -8.26
C GLN A 1250 4.13 -72.63 -7.71
N ALA A 1251 4.99 -71.61 -7.63
CA ALA A 1251 4.54 -70.31 -7.15
C ALA A 1251 3.67 -69.62 -8.19
N ASP A 1252 4.07 -69.72 -9.46
CA ASP A 1252 3.32 -69.05 -10.53
C ASP A 1252 1.96 -69.71 -10.75
N THR A 1253 1.86 -70.99 -10.44
CA THR A 1253 0.55 -71.63 -10.45
C THR A 1253 -0.26 -71.21 -9.23
N PHE A 1254 0.41 -71.00 -8.10
CA PHE A 1254 -0.28 -70.55 -6.89
C PHE A 1254 -0.72 -69.09 -7.01
N CYS A 1255 -0.01 -68.30 -7.81
CA CYS A 1255 -0.44 -66.92 -8.03
C CYS A 1255 -1.72 -66.87 -8.83
N LYS A 1256 -1.89 -67.78 -9.80
CA LYS A 1256 -3.11 -67.79 -10.58
C LYS A 1256 -4.26 -68.38 -9.79
N SER A 1257 -3.96 -69.18 -8.78
CA SER A 1257 -5.01 -69.83 -8.00
C SER A 1257 -5.72 -68.87 -7.08
N ILE A 1258 -5.07 -67.77 -6.68
CA ILE A 1258 -5.62 -66.85 -5.70
C ILE A 1258 -5.70 -65.42 -6.24
N SER A 1259 -5.63 -65.24 -7.55
CA SER A 1259 -5.89 -63.95 -8.15
C SER A 1259 -7.39 -63.72 -8.27
N LYS A 1260 -7.79 -62.73 -9.06
CA LYS A 1260 -9.19 -62.47 -9.33
C LYS A 1260 -9.37 -62.31 -10.82
N VAL A 1261 -10.31 -63.08 -11.38
CA VAL A 1261 -10.57 -63.08 -12.82
C VAL A 1261 -12.01 -62.65 -13.03
N LEU A 1262 -12.20 -61.51 -13.68
CA LEU A 1262 -13.53 -61.08 -14.06
C LEU A 1262 -13.90 -61.67 -15.41
N LEU A 1263 -15.19 -61.58 -15.74
CA LEU A 1263 -15.67 -62.15 -17.00
C LEU A 1263 -15.16 -61.39 -18.20
N SER A 1264 -14.79 -60.12 -18.02
CA SER A 1264 -14.24 -59.37 -19.14
C SER A 1264 -12.83 -59.81 -19.52
N GLU A 1265 -12.17 -60.58 -18.68
CA GLU A 1265 -10.82 -60.98 -19.03
C GLU A 1265 -10.81 -62.15 -19.99
N VAL A 1266 -11.93 -62.86 -20.14
CA VAL A 1266 -12.01 -64.01 -21.04
C VAL A 1266 -12.91 -63.76 -22.24
N ILE A 1267 -13.55 -62.60 -22.33
CA ILE A 1267 -14.47 -62.28 -23.41
C ILE A 1267 -13.77 -61.37 -24.39
N ASP A 1268 -13.78 -61.75 -25.66
CA ASP A 1268 -13.14 -60.92 -26.68
C ASP A 1268 -14.12 -59.96 -27.34
N LYS A 1269 -15.35 -60.38 -27.57
CA LYS A 1269 -16.27 -59.61 -28.41
C LYS A 1269 -17.68 -60.09 -28.15
N VAL A 1270 -18.62 -59.15 -28.01
CA VAL A 1270 -20.04 -59.44 -27.89
C VAL A 1270 -20.74 -58.78 -29.06
N ILE A 1271 -21.58 -59.52 -29.77
CA ILE A 1271 -22.36 -59.01 -30.88
C ILE A 1271 -23.82 -59.15 -30.54
N VAL A 1272 -24.59 -58.08 -30.72
CA VAL A 1272 -25.99 -58.06 -30.36
C VAL A 1272 -26.82 -57.82 -31.62
N THR A 1273 -27.71 -58.77 -31.92
CA THR A 1273 -28.65 -58.65 -33.03
C THR A 1273 -30.04 -58.43 -32.46
N GLU A 1274 -30.72 -57.40 -32.92
CA GLU A 1274 -32.04 -57.04 -32.41
C GLU A 1274 -32.99 -56.95 -33.59
N THR A 1275 -34.00 -57.83 -33.62
CA THR A 1275 -35.00 -57.83 -34.67
C THR A 1275 -36.36 -57.52 -34.08
N THR A 1276 -37.28 -57.13 -34.97
CA THR A 1276 -38.64 -56.79 -34.59
C THR A 1276 -39.66 -57.59 -35.41
N ALA A 1286 -42.36 -59.99 -34.21
CA ALA A 1286 -43.58 -60.13 -33.41
C ALA A 1286 -43.40 -59.52 -32.03
N ALA A 1287 -42.14 -59.31 -31.65
CA ALA A 1287 -41.81 -58.67 -30.37
C ALA A 1287 -40.41 -58.07 -30.50
N ARG A 1288 -39.80 -57.75 -29.37
CA ARG A 1288 -38.42 -57.29 -29.34
C ARG A 1288 -37.51 -58.47 -29.02
N SER A 1289 -36.56 -58.73 -29.91
CA SER A 1289 -35.68 -59.86 -29.77
C SER A 1289 -34.25 -59.38 -29.55
N TYR A 1290 -33.43 -60.26 -28.98
CA TYR A 1290 -32.03 -59.95 -28.71
C TYR A 1290 -31.23 -61.22 -28.82
N VAL A 1291 -30.24 -61.24 -29.72
CA VAL A 1291 -29.41 -62.40 -29.95
C VAL A 1291 -27.99 -62.03 -29.58
N ILE A 1292 -27.52 -62.53 -28.44
CA ILE A 1292 -26.24 -62.16 -27.86
C ILE A 1292 -25.24 -63.27 -28.13
N HIS A 1293 -24.11 -62.92 -28.75
CA HIS A 1293 -23.14 -63.91 -29.22
C HIS A 1293 -21.78 -63.58 -28.62
N MET A 1294 -21.52 -64.07 -27.42
CA MET A 1294 -20.31 -63.71 -26.70
C MET A 1294 -19.13 -64.53 -27.18
N ARG A 1295 -18.41 -64.04 -28.17
CA ARG A 1295 -17.31 -64.79 -28.74
C ARG A 1295 -16.07 -64.65 -27.87
N PHE A 1296 -15.67 -65.73 -27.22
CA PHE A 1296 -14.56 -65.74 -26.29
C PHE A 1296 -13.24 -65.82 -27.03
N PHE A 1297 -12.16 -66.05 -26.29
CA PHE A 1297 -10.87 -66.35 -26.86
C PHE A 1297 -10.75 -67.84 -27.09
N ASP A 1298 -9.60 -68.29 -27.55
CA ASP A 1298 -9.37 -69.72 -27.71
C ASP A 1298 -9.13 -70.39 -26.37
N ASN A 1299 -9.57 -71.64 -26.25
CA ASN A 1299 -9.50 -72.32 -24.96
C ASN A 1299 -8.08 -72.70 -24.58
N ASN A 1300 -7.17 -72.74 -25.55
CA ASN A 1300 -5.77 -72.93 -25.17
C ASN A 1300 -5.21 -71.65 -24.55
N GLU A 1301 -5.79 -70.51 -24.89
CA GLU A 1301 -5.25 -69.24 -24.40
C GLU A 1301 -5.77 -68.90 -23.02
N TYR A 1302 -7.09 -68.86 -22.83
CA TYR A 1302 -7.60 -68.36 -21.57
C TYR A 1302 -7.53 -69.39 -20.45
N SER A 1303 -7.29 -70.65 -20.76
CA SER A 1303 -7.09 -71.61 -19.68
C SER A 1303 -5.68 -71.53 -19.13
N GLU A 1304 -4.71 -71.29 -20.02
CA GLU A 1304 -3.32 -71.17 -19.58
C GLU A 1304 -3.10 -69.88 -18.80
N GLU A 1305 -3.83 -68.82 -19.11
CA GLU A 1305 -3.53 -67.53 -18.51
C GLU A 1305 -4.15 -67.38 -17.13
N TYR A 1306 -5.47 -67.49 -17.03
CA TYR A 1306 -6.15 -67.18 -15.79
C TYR A 1306 -6.50 -68.41 -14.97
N ASP A 1307 -6.15 -69.60 -15.44
CA ASP A 1307 -6.51 -70.89 -14.82
C ASP A 1307 -8.03 -71.03 -14.66
N VAL A 1308 -8.70 -71.06 -15.81
CA VAL A 1308 -10.15 -71.20 -15.88
C VAL A 1308 -10.47 -72.15 -17.02
N SER A 1309 -11.29 -73.18 -16.73
CA SER A 1309 -11.72 -74.12 -17.74
C SER A 1309 -13.18 -73.85 -18.11
N LYS A 1310 -13.67 -74.57 -19.13
CA LYS A 1310 -14.98 -74.27 -19.66
C LYS A 1310 -16.11 -74.77 -18.78
N GLU A 1311 -15.82 -75.70 -17.87
CA GLU A 1311 -16.88 -76.20 -16.98
C GLU A 1311 -17.23 -75.16 -15.93
N GLU A 1312 -16.26 -74.34 -15.53
CA GLU A 1312 -16.54 -73.27 -14.59
C GLU A 1312 -16.84 -71.97 -15.31
N LEU A 1313 -16.42 -71.85 -16.57
CA LEU A 1313 -16.78 -70.68 -17.36
C LEU A 1313 -18.26 -70.70 -17.71
N GLN A 1314 -18.82 -71.88 -17.97
CA GLN A 1314 -20.25 -71.97 -18.26
C GLN A 1314 -21.07 -71.67 -17.03
N ASN A 1315 -20.61 -72.10 -15.87
CA ASN A 1315 -21.47 -72.05 -14.69
C ASN A 1315 -21.65 -70.63 -14.17
N VAL A 1316 -20.71 -69.73 -14.49
CA VAL A 1316 -20.91 -68.33 -14.16
C VAL A 1316 -21.98 -67.73 -15.06
N ILE A 1317 -22.03 -68.17 -16.32
CA ILE A 1317 -22.99 -67.63 -17.27
C ILE A 1317 -24.40 -68.04 -16.90
N SER A 1318 -24.59 -69.29 -16.48
CA SER A 1318 -25.92 -69.74 -16.12
C SER A 1318 -26.38 -69.14 -14.80
N ASN A 1319 -25.49 -69.07 -13.80
CA ASN A 1319 -25.95 -68.76 -12.46
C ASN A 1319 -26.12 -67.26 -12.23
N GLN A 1320 -25.05 -66.48 -12.32
CA GLN A 1320 -25.15 -65.09 -11.92
C GLN A 1320 -24.89 -64.08 -13.02
N PHE A 1321 -24.52 -64.52 -14.23
CA PHE A 1321 -24.34 -63.54 -15.29
C PHE A 1321 -25.68 -63.10 -15.86
N ILE A 1322 -26.59 -64.05 -16.07
CA ILE A 1322 -27.93 -63.68 -16.53
C ILE A 1322 -28.72 -62.99 -15.43
N HIS A 1323 -28.53 -63.42 -14.19
CA HIS A 1323 -29.29 -62.85 -13.07
C HIS A 1323 -28.91 -61.40 -12.82
N LEU A 1324 -27.65 -61.04 -13.08
CA LEU A 1324 -27.29 -59.62 -13.05
C LEU A 1324 -27.82 -58.92 -14.29
N LEU A 1325 -27.87 -59.61 -15.43
CA LEU A 1325 -28.33 -59.00 -16.66
C LEU A 1325 -29.86 -58.91 -16.69
N GLU A 1326 -30.54 -59.76 -15.90
CA GLU A 1326 -32.00 -59.68 -15.87
C GLU A 1326 -32.47 -58.50 -15.05
N ALA A 1327 -31.74 -58.18 -13.97
CA ALA A 1327 -32.14 -57.05 -13.14
C ALA A 1327 -31.81 -55.74 -13.84
N ALA A 1328 -30.68 -55.68 -14.56
CA ALA A 1328 -30.26 -54.45 -15.20
C ALA A 1328 -31.15 -54.11 -16.39
N ILE A 1329 -31.79 -55.12 -16.99
CA ILE A 1329 -32.74 -54.86 -18.05
C ILE A 1329 -34.06 -54.38 -17.47
N VAL A 1330 -34.53 -55.01 -16.40
CA VAL A 1330 -35.81 -54.59 -15.82
C VAL A 1330 -35.63 -53.33 -15.00
N LYS A 1331 -34.40 -52.94 -14.69
CA LYS A 1331 -34.16 -51.63 -14.11
C LYS A 1331 -34.40 -50.53 -15.14
N GLU A 1332 -33.93 -50.75 -16.37
CA GLU A 1332 -34.10 -49.74 -17.41
C GLU A 1332 -35.47 -49.80 -18.07
N ILE A 1333 -36.15 -50.95 -18.01
CA ILE A 1333 -37.50 -51.03 -18.54
C ILE A 1333 -38.45 -50.20 -17.67
N LYS A 1334 -38.25 -50.24 -16.36
CA LYS A 1334 -39.03 -49.39 -15.47
C LYS A 1334 -38.65 -47.92 -15.66
N LYS A 1335 -37.38 -47.65 -15.94
CA LYS A 1335 -36.92 -46.29 -16.16
C LYS A 1335 -37.26 -45.76 -17.55
N GLN A 1336 -37.88 -46.57 -18.41
CA GLN A 1336 -38.34 -46.06 -19.71
C GLN A 1336 -39.55 -45.15 -19.57
N LYS A 1337 -40.21 -45.14 -18.41
CA LYS A 1337 -41.32 -44.23 -18.15
C LYS A 1337 -40.91 -43.02 -17.33
N ARG A 1338 -39.63 -42.89 -16.99
CA ARG A 1338 -39.14 -41.75 -16.21
C ARG A 1338 -38.44 -40.73 -17.11
N ASN A 1440 -26.82 -83.81 -28.46
CA ASN A 1440 -27.79 -82.72 -28.54
C ASN A 1440 -28.95 -82.97 -27.59
N LYS A 1441 -28.85 -84.02 -26.79
CA LYS A 1441 -29.91 -84.36 -25.85
C LYS A 1441 -29.72 -83.73 -24.48
N VAL A 1442 -28.49 -83.72 -23.96
CA VAL A 1442 -28.26 -83.14 -22.66
C VAL A 1442 -28.33 -81.62 -22.72
N GLN A 1443 -27.97 -81.04 -23.87
CA GLN A 1443 -28.11 -79.60 -24.05
C GLN A 1443 -29.58 -79.20 -24.17
N ARG A 1444 -30.40 -80.09 -24.70
CA ARG A 1444 -31.85 -79.88 -24.70
C ARG A 1444 -32.39 -79.91 -23.28
N ASP A 1445 -31.82 -80.75 -22.42
CA ASP A 1445 -32.17 -80.75 -21.00
C ASP A 1445 -31.67 -79.48 -20.33
N ARG A 1446 -30.46 -79.04 -20.66
CA ARG A 1446 -29.88 -77.85 -20.03
C ARG A 1446 -30.62 -76.60 -20.46
N GLN A 1447 -31.15 -76.58 -21.68
CA GLN A 1447 -31.84 -75.41 -22.19
C GLN A 1447 -33.14 -75.15 -21.46
N SER A 1448 -33.87 -76.20 -21.13
CA SER A 1448 -35.14 -76.02 -20.45
C SER A 1448 -34.95 -75.63 -18.99
N ALA A 1449 -33.81 -76.02 -18.42
CA ALA A 1449 -33.55 -75.69 -17.02
C ALA A 1449 -33.22 -74.22 -16.84
N ILE A 1450 -32.60 -73.63 -17.86
CA ILE A 1450 -32.21 -72.22 -17.80
C ILE A 1450 -33.44 -71.32 -17.89
N ILE A 1451 -34.43 -71.71 -18.71
CA ILE A 1451 -35.57 -70.84 -19.01
C ILE A 1451 -36.47 -70.68 -17.80
N SER A 1452 -36.62 -71.75 -17.02
CA SER A 1452 -37.53 -71.71 -15.87
C SER A 1452 -36.96 -70.87 -14.74
N HIS A 1453 -35.66 -70.65 -14.71
CA HIS A 1453 -35.02 -69.88 -13.64
C HIS A 1453 -34.91 -68.41 -13.98
N HIS A 1454 -35.40 -68.00 -15.15
CA HIS A 1454 -35.19 -66.65 -15.63
C HIS A 1454 -36.50 -66.00 -16.03
N ARG A 1455 -36.44 -64.80 -16.60
CA ARG A 1455 -37.64 -64.08 -16.98
C ARG A 1455 -37.76 -63.80 -18.46
N PHE A 1456 -36.66 -63.66 -19.18
CA PHE A 1456 -36.70 -63.30 -20.59
C PHE A 1456 -35.73 -64.12 -21.41
N ILE A 1457 -35.74 -65.44 -21.24
CA ILE A 1457 -34.83 -66.32 -21.96
C ILE A 1457 -35.65 -67.32 -22.77
N THR A 1458 -35.24 -67.53 -24.03
CA THR A 1458 -35.76 -68.61 -24.85
C THR A 1458 -34.71 -69.60 -25.31
N LYS A 1459 -33.51 -69.16 -25.64
CA LYS A 1459 -32.49 -70.04 -26.17
C LYS A 1459 -31.31 -70.09 -25.23
N TYR A 1460 -30.49 -71.12 -25.38
CA TYR A 1460 -29.16 -71.19 -24.79
C TYR A 1460 -28.38 -72.27 -25.52
N ASN A 1461 -27.14 -71.96 -25.87
CA ASN A 1461 -26.32 -72.93 -26.59
C ASN A 1461 -24.86 -72.59 -26.29
N PHE A 1462 -24.28 -73.28 -25.32
CA PHE A 1462 -22.88 -73.07 -24.95
C PHE A 1462 -22.02 -73.98 -25.80
N ASP A 1463 -20.97 -73.42 -26.38
CA ASP A 1463 -20.08 -74.21 -27.23
C ASP A 1463 -19.26 -75.14 -26.34
N ASP A 1464 -19.71 -76.38 -26.21
CA ASP A 1464 -19.16 -77.32 -25.25
C ASP A 1464 -17.98 -78.10 -25.77
N GLU A 1465 -17.71 -78.04 -27.07
CA GLU A 1465 -16.62 -78.81 -27.65
C GLU A 1465 -15.33 -78.03 -27.75
N SER A 1466 -15.40 -76.71 -27.78
CA SER A 1466 -14.21 -75.86 -27.87
C SER A 1466 -14.21 -74.69 -26.91
N GLY A 1467 -15.37 -74.24 -26.43
CA GLY A 1467 -15.42 -73.09 -25.54
C GLY A 1467 -15.11 -71.78 -26.22
N LYS A 1468 -15.52 -71.62 -27.47
CA LYS A 1468 -15.19 -70.45 -28.26
C LYS A 1468 -16.28 -69.40 -28.23
N TRP A 1469 -17.54 -69.79 -28.01
CA TRP A 1469 -18.61 -68.82 -28.02
C TRP A 1469 -19.71 -69.29 -27.07
N CYS A 1470 -20.76 -68.48 -26.98
CA CYS A 1470 -21.94 -68.79 -26.17
C CYS A 1470 -23.06 -67.91 -26.68
N GLU A 1471 -24.04 -68.49 -27.34
CA GLU A 1471 -25.06 -67.72 -28.03
C GLU A 1471 -26.41 -68.05 -27.42
N PHE A 1472 -27.08 -67.05 -26.87
CA PHE A 1472 -28.41 -67.25 -26.34
C PHE A 1472 -29.31 -66.13 -26.85
N LYS A 1473 -30.53 -66.12 -26.37
CA LYS A 1473 -31.55 -65.22 -26.89
C LYS A 1473 -32.31 -64.59 -25.75
N LEU A 1474 -33.00 -63.51 -26.07
CA LEU A 1474 -33.68 -62.71 -25.06
C LEU A 1474 -34.86 -62.02 -25.73
N GLU A 1475 -36.06 -62.25 -25.21
CA GLU A 1475 -37.29 -61.75 -25.81
C GLU A 1475 -37.97 -60.80 -24.84
N LEU A 1476 -38.22 -59.58 -25.29
CA LEU A 1476 -38.93 -58.59 -24.50
C LEU A 1476 -40.26 -58.26 -25.16
N ALA A 1477 -40.96 -57.29 -24.58
CA ALA A 1477 -42.30 -56.98 -25.06
C ALA A 1477 -42.21 -56.20 -26.37
N ALA A 1478 -43.36 -56.07 -27.04
CA ALA A 1478 -43.40 -55.41 -28.33
C ALA A 1478 -43.57 -53.90 -28.22
N ASP A 1479 -43.96 -53.39 -27.05
CA ASP A 1479 -44.27 -51.98 -26.90
C ASP A 1479 -43.14 -51.16 -26.29
N THR A 1480 -42.13 -51.80 -25.69
CA THR A 1480 -41.03 -51.07 -25.10
C THR A 1480 -40.14 -50.49 -26.18
N GLU A 1481 -39.68 -49.26 -25.96
CA GLU A 1481 -38.83 -48.56 -26.92
C GLU A 1481 -37.40 -49.06 -26.85
N LYS A 1482 -36.53 -48.34 -27.55
CA LYS A 1482 -35.16 -48.76 -27.73
C LYS A 1482 -34.39 -48.66 -26.42
N LEU A 1483 -33.67 -49.73 -26.09
CA LEU A 1483 -32.69 -49.71 -25.03
C LEU A 1483 -31.31 -49.84 -25.64
N LEU A 1484 -30.34 -49.15 -25.06
CA LEU A 1484 -28.95 -49.30 -25.46
C LEU A 1484 -28.48 -50.63 -24.92
N MET A 1485 -28.68 -51.68 -25.72
CA MET A 1485 -28.47 -53.04 -25.22
C MET A 1485 -27.00 -53.35 -25.07
N VAL A 1486 -26.16 -52.85 -25.98
CA VAL A 1486 -24.75 -53.22 -25.96
C VAL A 1486 -24.02 -52.47 -24.86
N ASN A 1487 -24.63 -51.47 -24.24
CA ASN A 1487 -23.99 -50.80 -23.12
C ASN A 1487 -24.48 -51.35 -21.78
N ILE A 1488 -25.50 -52.21 -21.79
CA ILE A 1488 -25.82 -52.95 -20.58
C ILE A 1488 -24.94 -54.19 -20.48
N VAL A 1489 -24.67 -54.82 -21.61
CA VAL A 1489 -23.89 -56.05 -21.61
C VAL A 1489 -22.41 -55.75 -21.38
N GLU A 1490 -21.94 -54.59 -21.85
CA GLU A 1490 -20.57 -54.18 -21.58
C GLU A 1490 -20.35 -53.90 -20.10
N GLU A 1491 -21.35 -53.33 -19.43
CA GLU A 1491 -21.19 -53.00 -18.02
C GLU A 1491 -21.33 -54.23 -17.13
N ILE A 1492 -22.32 -55.08 -17.43
CA ILE A 1492 -22.60 -56.24 -16.58
C ILE A 1492 -21.48 -57.27 -16.67
N CYS A 1493 -20.89 -57.42 -17.85
CA CYS A 1493 -19.71 -58.26 -18.00
C CYS A 1493 -18.52 -57.72 -17.22
N ARG A 1494 -18.43 -56.41 -17.05
CA ARG A 1494 -17.36 -55.83 -16.25
C ARG A 1494 -17.60 -55.91 -14.76
N LYS A 1495 -18.68 -56.54 -14.35
CA LYS A 1495 -19.01 -56.68 -12.94
C LYS A 1495 -18.96 -58.11 -12.45
N SER A 1496 -19.33 -59.07 -13.29
CA SER A 1496 -19.48 -60.45 -12.84
C SER A 1496 -18.12 -61.12 -12.71
N ILE A 1497 -18.03 -62.02 -11.75
CA ILE A 1497 -16.76 -62.57 -11.31
C ILE A 1497 -16.75 -64.06 -11.60
N ILE A 1498 -15.62 -64.56 -12.07
CA ILE A 1498 -15.42 -66.01 -12.11
C ILE A 1498 -14.91 -66.51 -10.76
N ARG A 1499 -13.79 -65.98 -10.30
CA ARG A 1499 -13.10 -66.53 -9.14
C ARG A 1499 -12.43 -65.41 -8.37
N GLN A 1500 -12.99 -65.05 -7.21
CA GLN A 1500 -12.40 -64.01 -6.38
C GLN A 1500 -12.41 -64.44 -4.93
N ILE A 1501 -11.23 -64.62 -4.37
CA ILE A 1501 -11.10 -64.63 -2.92
C ILE A 1501 -11.36 -63.22 -2.41
N PRO A 1502 -12.21 -63.05 -1.40
CA PRO A 1502 -12.66 -61.70 -1.04
C PRO A 1502 -11.54 -60.79 -0.53
N HIS A 1503 -11.63 -59.52 -0.92
CA HIS A 1503 -10.73 -58.41 -0.67
C HIS A 1503 -9.39 -58.51 -1.38
N ILE A 1504 -9.08 -59.60 -2.07
CA ILE A 1504 -7.78 -59.80 -2.70
C ILE A 1504 -7.95 -59.64 -4.20
N ASP A 1505 -6.97 -59.04 -4.87
CA ASP A 1505 -7.01 -58.82 -6.30
C ASP A 1505 -5.94 -59.60 -7.06
N ARG A 1506 -4.67 -59.36 -6.80
CA ARG A 1506 -3.59 -59.89 -7.61
C ARG A 1506 -2.64 -60.70 -6.75
N CYS A 1507 -1.64 -61.29 -7.39
CA CYS A 1507 -0.51 -61.91 -6.68
C CYS A 1507 0.67 -61.90 -7.63
N VAL A 1508 1.53 -60.91 -7.47
CA VAL A 1508 2.71 -60.78 -8.32
C VAL A 1508 3.90 -61.28 -7.53
N HIS A 1509 4.48 -62.39 -7.97
CA HIS A 1509 5.71 -62.91 -7.42
C HIS A 1509 6.85 -61.96 -7.79
N PRO A 1510 7.43 -61.26 -6.85
CA PRO A 1510 8.48 -60.30 -7.21
C PRO A 1510 9.85 -60.94 -7.24
N GLU A 1511 10.87 -60.14 -7.47
CA GLU A 1511 12.24 -60.62 -7.45
C GLU A 1511 12.64 -60.94 -6.00
N PRO A 1512 13.42 -62.00 -5.78
CA PRO A 1512 13.68 -62.44 -4.40
C PRO A 1512 14.68 -61.53 -3.70
N GLU A 1513 14.21 -60.70 -2.79
CA GLU A 1513 15.07 -59.74 -2.13
C GLU A 1513 15.87 -60.41 -1.03
N ASN A 1514 17.19 -60.19 -1.02
CA ASN A 1514 18.23 -60.68 -0.10
C ASN A 1514 18.04 -62.12 0.36
N GLY A 1515 17.64 -63.00 -0.55
CA GLY A 1515 17.34 -64.37 -0.22
C GLY A 1515 15.96 -64.62 0.35
N LYS A 1516 15.25 -63.58 0.77
CA LYS A 1516 13.91 -63.72 1.35
C LYS A 1516 12.91 -63.90 0.22
N ARG A 1517 12.78 -65.14 -0.25
CA ARG A 1517 11.85 -65.44 -1.33
C ARG A 1517 10.42 -65.40 -0.79
N VAL A 1518 9.54 -64.70 -1.50
CA VAL A 1518 8.27 -64.29 -0.92
C VAL A 1518 7.34 -63.88 -2.06
N LEU A 1519 6.04 -63.94 -1.80
CA LEU A 1519 5.01 -63.41 -2.69
C LEU A 1519 4.51 -62.08 -2.14
N VAL A 1520 3.83 -61.32 -2.98
CA VAL A 1520 3.28 -60.00 -2.62
C VAL A 1520 1.89 -59.91 -3.22
N THR A 1521 0.89 -59.70 -2.38
CA THR A 1521 -0.48 -59.67 -2.85
C THR A 1521 -1.10 -58.31 -2.57
N GLU A 1522 -2.25 -58.05 -3.17
CA GLU A 1522 -3.02 -56.84 -2.93
C GLU A 1522 -4.25 -57.16 -2.09
N GLY A 1523 -4.63 -56.22 -1.25
CA GLY A 1523 -5.74 -56.45 -0.35
C GLY A 1523 -5.36 -57.29 0.84
N VAL A 1524 -6.05 -57.14 1.95
CA VAL A 1524 -5.73 -57.86 3.17
C VAL A 1524 -6.93 -58.73 3.54
N ASN A 1525 -6.79 -60.04 3.36
CA ASN A 1525 -7.69 -61.02 3.92
C ASN A 1525 -6.85 -62.08 4.60
N PHE A 1526 -7.07 -62.26 5.90
CA PHE A 1526 -6.20 -63.15 6.65
C PHE A 1526 -6.76 -64.56 6.79
N GLN A 1527 -8.09 -64.70 6.89
CA GLN A 1527 -8.69 -66.02 7.06
C GLN A 1527 -8.49 -66.90 5.84
N ALA A 1528 -8.83 -66.39 4.67
CA ALA A 1528 -8.72 -67.20 3.47
C ALA A 1528 -7.29 -67.33 2.95
N MET A 1529 -6.29 -66.83 3.67
CA MET A 1529 -4.91 -67.11 3.34
C MET A 1529 -4.23 -67.99 4.36
N TRP A 1530 -4.89 -68.32 5.45
CA TRP A 1530 -4.36 -69.32 6.37
C TRP A 1530 -4.49 -70.72 5.79
N ASP A 1531 -5.45 -70.92 4.90
CA ASP A 1531 -5.81 -72.24 4.40
C ASP A 1531 -5.00 -72.64 3.18
N GLN A 1532 -3.93 -71.91 2.87
CA GLN A 1532 -3.05 -72.25 1.77
C GLN A 1532 -1.69 -72.67 2.30
N GLU A 1533 -1.69 -73.29 3.47
CA GLU A 1533 -0.48 -73.55 4.26
C GLU A 1533 0.43 -74.60 3.67
N ALA A 1534 0.01 -75.29 2.62
CA ALA A 1534 0.91 -76.22 1.95
C ALA A 1534 2.02 -75.52 1.19
N PHE A 1535 1.82 -74.25 0.82
CA PHE A 1535 2.75 -73.51 -0.02
C PHE A 1535 3.51 -72.42 0.71
N ILE A 1536 2.90 -71.76 1.68
CA ILE A 1536 3.48 -70.58 2.30
C ILE A 1536 3.77 -70.89 3.77
N ASP A 1537 4.55 -70.00 4.40
CA ASP A 1537 4.81 -70.06 5.83
C ASP A 1537 3.77 -69.20 6.51
N VAL A 1538 2.84 -69.83 7.23
CA VAL A 1538 1.67 -69.13 7.74
C VAL A 1538 1.99 -68.26 8.96
N ASP A 1539 3.20 -68.36 9.49
CA ASP A 1539 3.64 -67.50 10.58
C ASP A 1539 4.48 -66.32 10.12
N GLY A 1540 4.69 -66.17 8.82
CA GLY A 1540 5.46 -65.05 8.33
C GLY A 1540 4.62 -64.05 7.58
N ILE A 1541 3.29 -64.14 7.73
CA ILE A 1541 2.39 -63.29 6.97
C ILE A 1541 2.42 -61.90 7.55
N THR A 1542 3.32 -61.07 7.07
CA THR A 1542 3.39 -59.68 7.49
C THR A 1542 2.64 -58.81 6.48
N SER A 1543 2.17 -57.67 6.95
CA SER A 1543 1.20 -56.88 6.22
C SER A 1543 1.69 -55.46 6.02
N ASN A 1544 0.87 -54.67 5.34
CA ASN A 1544 1.06 -53.24 5.17
C ASN A 1544 -0.01 -52.42 5.84
N ASP A 1545 -1.16 -53.03 6.14
CA ASP A 1545 -2.28 -52.38 6.79
C ASP A 1545 -2.18 -52.60 8.29
N VAL A 1546 -2.62 -51.61 9.05
CA VAL A 1546 -2.49 -51.62 10.49
C VAL A 1546 -3.84 -51.82 11.16
N ALA A 1547 -4.90 -51.29 10.58
CA ALA A 1547 -6.22 -51.46 11.19
C ALA A 1547 -6.76 -52.88 11.00
N ALA A 1548 -6.15 -53.66 10.10
CA ALA A 1548 -6.57 -55.04 9.91
C ALA A 1548 -5.76 -55.99 10.78
N VAL A 1549 -4.46 -55.71 10.94
CA VAL A 1549 -3.61 -56.47 11.86
C VAL A 1549 -4.11 -56.33 13.29
N LEU A 1550 -4.68 -55.17 13.61
CA LEU A 1550 -5.27 -54.96 14.92
C LEU A 1550 -6.47 -55.88 15.15
N LYS A 1551 -7.23 -56.16 14.12
CA LYS A 1551 -8.42 -56.97 14.31
C LYS A 1551 -8.09 -58.46 14.39
N THR A 1552 -6.97 -58.89 13.81
CA THR A 1552 -6.64 -60.30 13.72
C THR A 1552 -5.58 -60.73 14.72
N TYR A 1553 -4.44 -60.05 14.75
CA TYR A 1553 -3.28 -60.48 15.51
C TYR A 1553 -3.11 -59.75 16.83
N GLY A 1554 -4.15 -59.14 17.36
CA GLY A 1554 -4.04 -58.52 18.66
C GLY A 1554 -3.73 -57.04 18.59
N VAL A 1555 -3.08 -56.51 19.62
CA VAL A 1555 -2.72 -55.10 19.66
C VAL A 1555 -1.20 -54.99 19.57
N GLU A 1556 -0.49 -56.00 20.08
CA GLU A 1556 0.95 -55.93 20.13
C GLU A 1556 1.58 -56.23 18.78
N ALA A 1557 0.81 -56.74 17.84
CA ALA A 1557 1.35 -56.87 16.50
C ALA A 1557 1.06 -55.63 15.68
N ALA A 1558 0.01 -54.88 16.05
CA ALA A 1558 -0.21 -53.58 15.40
C ALA A 1558 0.88 -52.62 15.76
N ARG A 1559 1.31 -52.62 17.03
CA ARG A 1559 2.36 -51.71 17.49
C ARG A 1559 3.68 -52.05 16.83
N ASN A 1560 3.91 -53.32 16.55
CA ASN A 1560 5.14 -53.71 15.84
C ASN A 1560 5.05 -53.39 14.36
N THR A 1561 3.86 -53.11 13.85
CA THR A 1561 3.74 -52.73 12.45
C THR A 1561 4.00 -51.24 12.27
N ILE A 1562 3.48 -50.41 13.17
CA ILE A 1562 3.59 -48.96 13.05
C ILE A 1562 5.05 -48.53 13.14
N VAL A 1563 5.84 -49.21 13.96
CA VAL A 1563 7.26 -48.92 14.04
C VAL A 1563 7.95 -49.27 12.73
N ASN A 1564 7.48 -50.32 12.07
CA ASN A 1564 8.12 -50.73 10.83
C ASN A 1564 7.61 -49.95 9.63
N GLU A 1565 6.38 -49.46 9.69
CA GLU A 1565 5.84 -48.79 8.51
C GLU A 1565 6.34 -47.37 8.40
N ILE A 1566 6.49 -46.68 9.53
CA ILE A 1566 7.14 -45.37 9.50
C ILE A 1566 8.59 -45.51 9.10
N ASN A 1567 9.21 -46.63 9.45
CA ASN A 1567 10.62 -46.82 9.13
C ASN A 1567 10.82 -47.09 7.65
N ASN A 1568 9.82 -47.62 6.95
CA ASN A 1568 9.95 -47.85 5.51
C ASN A 1568 9.91 -46.54 4.74
N VAL A 1569 9.22 -45.54 5.27
CA VAL A 1569 9.12 -44.26 4.59
C VAL A 1569 10.43 -43.49 4.73
N PHE A 1570 11.10 -43.62 5.86
CA PHE A 1570 12.34 -42.89 6.06
C PHE A 1570 13.52 -43.59 5.41
N SER A 1571 13.61 -44.91 5.54
CA SER A 1571 14.74 -45.63 4.99
C SER A 1571 14.72 -45.72 3.48
N ARG A 1572 13.59 -45.39 2.85
CA ARG A 1572 13.54 -45.32 1.39
C ARG A 1572 14.31 -44.11 0.89
N TYR A 1573 14.21 -42.99 1.60
CA TYR A 1573 14.87 -41.75 1.22
C TYR A 1573 16.26 -41.60 1.82
N ALA A 1574 16.84 -42.70 2.31
CA ALA A 1574 18.15 -42.74 2.99
C ALA A 1574 18.20 -41.82 4.21
N ILE A 1575 17.08 -41.62 4.88
CA ILE A 1575 17.00 -40.84 6.12
C ILE A 1575 16.85 -41.83 7.26
N SER A 1576 17.71 -41.73 8.26
CA SER A 1576 17.73 -42.67 9.37
C SER A 1576 17.25 -41.97 10.64
N VAL A 1577 16.03 -42.26 11.05
CA VAL A 1577 15.50 -41.79 12.31
C VAL A 1577 15.71 -42.89 13.34
N SER A 1578 16.18 -42.52 14.53
CA SER A 1578 16.48 -43.50 15.56
C SER A 1578 15.20 -44.12 16.09
N PHE A 1579 15.31 -45.37 16.52
CA PHE A 1579 14.11 -46.16 16.81
C PHE A 1579 13.40 -45.74 18.06
N ARG A 1580 14.08 -45.11 19.01
CA ARG A 1580 13.41 -44.69 20.23
C ARG A 1580 12.43 -43.55 19.99
N HIS A 1581 12.55 -42.86 18.86
CA HIS A 1581 11.55 -41.88 18.48
C HIS A 1581 10.30 -42.57 17.96
N LEU A 1582 10.48 -43.64 17.18
CA LEU A 1582 9.33 -44.30 16.57
C LEU A 1582 8.55 -45.11 17.60
N ASP A 1583 9.21 -45.58 18.65
CA ASP A 1583 8.49 -46.34 19.67
C ASP A 1583 7.69 -45.44 20.58
N LEU A 1584 8.11 -44.20 20.76
CA LEU A 1584 7.35 -43.29 21.60
C LEU A 1584 6.08 -42.85 20.90
N ILE A 1585 6.14 -42.71 19.58
CA ILE A 1585 4.94 -42.39 18.82
C ILE A 1585 4.00 -43.58 18.79
N ALA A 1586 4.52 -44.75 18.39
CA ALA A 1586 3.71 -45.93 18.20
C ALA A 1586 3.19 -46.51 19.49
N ASP A 1587 3.67 -46.08 20.64
CA ASP A 1587 3.03 -46.44 21.87
C ASP A 1587 2.05 -45.37 22.35
N MET A 1588 2.06 -44.20 21.71
CA MET A 1588 1.05 -43.22 22.06
C MET A 1588 -0.22 -43.44 21.24
N MET A 1589 -0.11 -44.09 20.09
CA MET A 1589 -1.30 -44.43 19.34
C MET A 1589 -2.05 -45.59 19.95
N THR A 1590 -1.36 -46.46 20.67
CA THR A 1590 -1.96 -47.66 21.23
C THR A 1590 -2.02 -47.60 22.74
N ARG A 1591 -2.46 -46.47 23.29
CA ARG A 1591 -2.55 -46.31 24.73
C ARG A 1591 -3.94 -46.60 25.27
N GLN A 1592 -4.96 -46.63 24.41
CA GLN A 1592 -6.30 -47.03 24.81
C GLN A 1592 -6.63 -48.43 24.32
N GLY A 1593 -5.64 -49.15 23.84
CA GLY A 1593 -5.83 -50.48 23.31
C GLY A 1593 -6.14 -50.47 21.86
N THR A 1594 -6.91 -49.49 21.41
CA THR A 1594 -7.24 -49.40 20.00
C THR A 1594 -6.14 -48.63 19.29
N TYR A 1595 -6.36 -48.29 18.04
CA TYR A 1595 -5.35 -47.67 17.19
C TYR A 1595 -5.84 -46.25 16.92
N LEU A 1596 -5.36 -45.31 17.72
CA LEU A 1596 -5.87 -43.95 17.72
C LEU A 1596 -5.03 -43.05 16.81
N ALA A 1597 -5.68 -41.99 16.32
CA ALA A 1597 -5.05 -41.09 15.37
C ALA A 1597 -4.24 -40.05 16.12
N PHE A 1598 -3.70 -39.09 15.39
CA PHE A 1598 -3.13 -37.88 15.97
C PHE A 1598 -3.90 -36.65 15.52
N ASN A 1599 -5.22 -36.76 15.42
CA ASN A 1599 -6.06 -35.62 15.10
C ASN A 1599 -7.14 -35.45 16.14
N ARG A 1600 -8.14 -34.62 15.80
CA ARG A 1600 -9.16 -34.18 16.74
C ARG A 1600 -9.97 -35.34 17.32
N GLN A 1601 -10.14 -36.41 16.55
CA GLN A 1601 -10.85 -37.58 17.06
C GLN A 1601 -10.00 -38.35 18.07
N GLY A 1602 -8.68 -38.37 17.88
CA GLY A 1602 -7.82 -39.03 18.84
C GLY A 1602 -7.64 -38.25 20.11
N MET A 1603 -7.84 -36.93 20.05
CA MET A 1603 -7.69 -36.07 21.21
C MET A 1603 -8.87 -36.18 22.16
N GLU A 1604 -9.98 -36.77 21.71
CA GLU A 1604 -11.27 -36.62 22.37
C GLU A 1604 -11.30 -37.27 23.74
N THR A 1605 -10.43 -38.22 23.99
CA THR A 1605 -10.48 -38.98 25.23
C THR A 1605 -9.84 -38.22 26.39
N SER A 1606 -8.96 -37.26 26.10
CA SER A 1606 -8.02 -36.67 27.06
C SER A 1606 -8.73 -35.91 28.16
N THR A 1607 -7.94 -35.45 29.13
CA THR A 1607 -8.50 -34.92 30.35
C THR A 1607 -8.24 -33.44 30.56
N SER A 1608 -7.36 -32.82 29.79
CA SER A 1608 -7.11 -31.40 29.88
C SER A 1608 -7.91 -30.68 28.82
N SER A 1609 -8.85 -29.85 29.24
CA SER A 1609 -9.68 -29.14 28.27
C SER A 1609 -8.92 -28.02 27.58
N PHE A 1610 -8.02 -27.35 28.32
CA PHE A 1610 -7.38 -26.14 27.83
C PHE A 1610 -6.44 -26.41 26.66
N MET A 1611 -5.90 -27.62 26.60
CA MET A 1611 -5.09 -28.00 25.45
C MET A 1611 -5.96 -28.28 24.25
N LYS A 1612 -7.14 -28.85 24.47
CA LYS A 1612 -8.00 -29.20 23.35
C LYS A 1612 -8.65 -27.96 22.76
N MET A 1613 -8.90 -26.93 23.56
CA MET A 1613 -9.48 -25.69 23.05
C MET A 1613 -8.52 -24.98 22.12
N SER A 1614 -7.23 -25.15 22.30
CA SER A 1614 -6.24 -24.37 21.58
C SER A 1614 -5.71 -25.07 20.35
N TYR A 1615 -6.32 -26.16 19.92
CA TYR A 1615 -5.82 -26.92 18.80
C TYR A 1615 -6.75 -26.87 17.60
N GLU A 1616 -7.95 -27.40 17.75
CA GLU A 1616 -9.00 -27.31 16.73
C GLU A 1616 -10.27 -27.05 17.50
N THR A 1617 -11.42 -27.20 16.84
CA THR A 1617 -12.62 -26.38 17.02
C THR A 1617 -12.95 -26.01 18.46
N THR A 1618 -12.81 -24.72 18.77
CA THR A 1618 -12.68 -24.28 20.15
C THR A 1618 -14.01 -24.30 20.87
N CYS A 1619 -15.10 -23.98 20.18
CA CYS A 1619 -16.40 -23.96 20.82
C CYS A 1619 -16.86 -25.37 21.18
N GLN A 1620 -16.48 -26.36 20.37
CA GLN A 1620 -16.92 -27.73 20.59
C GLN A 1620 -16.32 -28.32 21.86
N PHE A 1621 -15.02 -28.17 22.05
CA PHE A 1621 -14.38 -28.64 23.28
C PHE A 1621 -14.75 -27.77 24.46
N LEU A 1622 -15.22 -26.56 24.21
CA LEU A 1622 -15.69 -25.71 25.29
C LEU A 1622 -17.06 -26.14 25.78
N THR A 1623 -17.99 -26.42 24.86
CA THR A 1623 -19.34 -26.74 25.29
C THR A 1623 -19.44 -28.12 25.92
N LYS A 1624 -18.51 -29.03 25.59
CA LYS A 1624 -18.50 -30.31 26.28
C LYS A 1624 -18.02 -30.16 27.71
N ALA A 1625 -17.06 -29.26 27.93
CA ALA A 1625 -16.44 -29.15 29.24
C ALA A 1625 -17.30 -28.39 30.22
N VAL A 1626 -18.13 -27.46 29.74
CA VAL A 1626 -18.99 -26.72 30.66
C VAL A 1626 -20.16 -27.58 31.08
N LEU A 1627 -20.67 -28.41 30.17
CA LEU A 1627 -21.78 -29.29 30.49
C LEU A 1627 -21.39 -30.40 31.44
N ASP A 1628 -20.10 -30.64 31.62
CA ASP A 1628 -19.60 -31.68 32.50
C ASP A 1628 -19.09 -31.11 33.81
N ASN A 1629 -18.99 -29.79 33.92
CA ASN A 1629 -18.40 -29.07 35.06
C ASN A 1629 -16.99 -29.59 35.35
N GLU A 1630 -16.21 -29.74 34.30
CA GLU A 1630 -14.93 -30.42 34.39
C GLU A 1630 -13.89 -29.51 35.03
N ARG A 1631 -13.37 -29.92 36.17
CA ARG A 1631 -12.24 -29.20 36.73
C ARG A 1631 -11.00 -29.44 35.89
N GLU A 1632 -10.45 -28.38 35.33
CA GLU A 1632 -9.13 -28.44 34.75
C GLU A 1632 -8.10 -28.47 35.87
N GLN A 1633 -7.12 -29.36 35.75
CA GLN A 1633 -6.14 -29.53 36.82
C GLN A 1633 -4.78 -28.95 36.51
N LEU A 1634 -4.62 -28.34 35.34
CA LEU A 1634 -3.45 -27.55 34.94
C LEU A 1634 -2.16 -28.39 34.96
N ASP A 1635 -2.13 -29.36 34.06
CA ASP A 1635 -0.98 -30.24 33.99
C ASP A 1635 -0.26 -30.19 32.65
N SER A 1636 -0.98 -29.99 31.56
CA SER A 1636 -0.36 -29.90 30.26
C SER A 1636 0.46 -28.62 30.15
N PRO A 1637 1.49 -28.61 29.31
CA PRO A 1637 2.23 -27.36 29.12
C PRO A 1637 1.50 -26.36 28.25
N SER A 1638 0.34 -26.69 27.70
CA SER A 1638 -0.47 -25.67 27.04
C SER A 1638 -1.49 -25.07 28.00
N ALA A 1639 -1.82 -25.79 29.08
CA ALA A 1639 -2.73 -25.21 30.05
C ALA A 1639 -2.02 -24.25 30.97
N ARG A 1640 -0.74 -24.48 31.25
CA ARG A 1640 -0.01 -23.61 32.15
C ARG A 1640 0.44 -22.33 31.48
N ILE A 1641 0.35 -22.25 30.16
CA ILE A 1641 0.65 -21.01 29.45
C ILE A 1641 -0.57 -20.10 29.43
N VAL A 1642 -1.75 -20.71 29.39
CA VAL A 1642 -3.00 -19.96 29.49
C VAL A 1642 -3.11 -19.30 30.85
N VAL A 1643 -2.97 -20.08 31.92
CA VAL A 1643 -3.12 -19.54 33.27
C VAL A 1643 -1.90 -18.72 33.67
N GLY A 1644 -0.71 -19.17 33.32
CA GLY A 1644 0.47 -18.41 33.65
C GLY A 1644 1.20 -18.94 34.86
N LYS A 1645 1.42 -20.25 34.90
CA LYS A 1645 2.24 -20.88 35.91
C LYS A 1645 3.59 -21.21 35.32
N LEU A 1646 4.40 -21.95 36.07
CA LEU A 1646 5.64 -22.48 35.56
C LEU A 1646 5.42 -23.90 35.06
N ASN A 1647 6.06 -24.23 33.95
CA ASN A 1647 5.89 -25.51 33.26
C ASN A 1647 6.38 -26.68 34.13
N ASN A 1648 6.04 -27.90 33.69
CA ASN A 1648 6.36 -29.10 34.45
C ASN A 1648 7.55 -29.87 33.92
N VAL A 1649 7.81 -29.78 32.63
CA VAL A 1649 8.90 -30.50 32.00
C VAL A 1649 10.18 -29.71 32.19
N GLY A 1650 11.28 -30.39 32.40
CA GLY A 1650 12.57 -29.73 32.44
C GLY A 1650 12.88 -29.21 33.82
N THR A 1651 13.17 -27.92 33.90
CA THR A 1651 13.59 -27.32 35.16
C THR A 1651 12.42 -27.01 36.09
N GLY A 1652 11.20 -27.10 35.62
CA GLY A 1652 10.08 -26.87 36.49
C GLY A 1652 9.51 -28.15 37.03
N SER A 1653 10.37 -29.14 37.24
CA SER A 1653 9.96 -30.49 37.62
C SER A 1653 10.23 -30.82 39.08
N PHE A 1654 10.66 -29.84 39.88
CA PHE A 1654 10.93 -30.06 41.29
C PHE A 1654 10.73 -28.74 42.02
N ASP A 1655 10.97 -28.74 43.33
CA ASP A 1655 10.94 -27.53 44.14
C ASP A 1655 12.29 -27.34 44.80
N VAL A 1656 12.71 -26.09 44.92
CA VAL A 1656 13.98 -25.77 45.55
C VAL A 1656 13.68 -25.15 46.90
N LEU A 1657 14.04 -25.81 47.98
CA LEU A 1657 13.87 -25.26 49.31
C LEU A 1657 15.19 -24.72 49.82
N ALA A 1658 15.11 -23.83 50.80
CA ALA A 1658 16.29 -23.24 51.41
C ALA A 1658 16.47 -23.83 52.80
N LYS A 1659 17.69 -23.77 53.31
CA LYS A 1659 18.02 -24.39 54.58
C LYS A 1659 18.47 -23.30 55.55
N VAL A 1660 17.52 -22.69 56.23
CA VAL A 1660 17.86 -21.64 57.19
C VAL A 1660 18.21 -22.29 58.52
N PRO A 1661 19.23 -21.80 59.22
CA PRO A 1661 19.51 -22.29 60.56
C PRO A 1661 18.58 -21.63 61.56
N ASN A 1662 18.50 -22.24 62.75
CA ASN A 1662 17.64 -21.86 63.89
C ASN A 1662 16.22 -21.42 63.54
N THR B 13 30.85 -9.07 -33.98
CA THR B 13 31.08 -8.02 -33.00
C THR B 13 29.99 -6.93 -33.04
N ALA B 14 29.67 -6.42 -31.86
CA ALA B 14 28.76 -5.29 -31.71
C ALA B 14 29.59 -4.02 -31.69
N ASP B 15 28.99 -2.90 -31.29
CA ASP B 15 29.72 -1.66 -31.22
C ASP B 15 29.17 -0.82 -30.08
N PHE B 16 30.00 0.06 -29.56
CA PHE B 16 29.61 0.91 -28.44
C PHE B 16 28.64 1.99 -28.88
N ARG B 17 28.94 2.63 -30.01
CA ARG B 17 28.20 3.77 -30.57
C ARG B 17 28.10 4.91 -29.56
N THR B 18 29.26 5.49 -29.23
CA THR B 18 29.25 6.63 -28.34
C THR B 18 28.84 7.89 -29.07
N LEU B 19 29.30 8.05 -30.31
CA LEU B 19 29.08 9.29 -31.03
C LEU B 19 27.64 9.42 -31.50
N GLU B 20 27.00 8.29 -31.77
CA GLU B 20 25.59 8.34 -32.14
C GLU B 20 24.73 8.52 -30.90
N ARG B 21 25.10 7.89 -29.79
CA ARG B 21 24.28 7.97 -28.59
C ARG B 21 24.37 9.34 -27.95
N GLU B 22 25.50 10.01 -28.09
CA GLU B 22 25.66 11.32 -27.49
C GLU B 22 24.90 12.39 -28.25
N SER B 23 25.04 12.40 -29.57
CA SER B 23 24.39 13.41 -30.38
C SER B 23 22.88 13.22 -30.47
N ARG B 24 22.35 12.10 -29.99
CA ARG B 24 20.92 11.93 -29.83
C ARG B 24 20.45 12.24 -28.42
N PHE B 25 21.36 12.38 -27.47
CA PHE B 25 20.97 12.88 -26.15
C PHE B 25 20.66 14.35 -26.23
N ILE B 26 21.52 15.12 -26.90
CA ILE B 26 21.44 16.57 -26.87
C ILE B 26 20.40 17.07 -27.85
N ASN B 27 20.39 16.53 -29.06
CA ASN B 27 19.41 16.90 -30.08
C ASN B 27 18.48 15.73 -30.34
N PRO B 28 17.33 15.67 -29.69
CA PRO B 28 16.41 14.58 -29.95
C PRO B 28 15.83 14.70 -31.35
N PRO B 29 15.40 13.59 -31.95
CA PRO B 29 14.93 13.67 -33.33
C PRO B 29 13.60 14.38 -33.43
N LYS B 30 13.46 15.20 -34.46
CA LYS B 30 12.24 15.96 -34.65
C LYS B 30 11.29 15.28 -35.61
N ASP B 31 11.55 14.04 -36.02
CA ASP B 31 10.65 13.33 -36.91
C ASP B 31 10.04 12.07 -36.28
N LYS B 32 10.87 11.14 -35.80
CA LYS B 32 10.38 9.91 -35.21
C LYS B 32 11.47 9.34 -34.31
N SER B 33 11.08 8.42 -33.43
CA SER B 33 12.00 7.86 -32.47
C SER B 33 12.92 6.84 -33.13
N ALA B 34 14.13 6.73 -32.60
CA ALA B 34 15.16 5.92 -33.22
C ALA B 34 15.08 4.45 -32.85
N PHE B 35 14.21 4.08 -31.91
CA PHE B 35 14.06 2.73 -31.39
C PHE B 35 12.67 2.24 -31.70
N PRO B 36 12.40 1.76 -32.92
CA PRO B 36 11.03 1.37 -33.26
C PRO B 36 10.57 0.11 -32.60
N LEU B 37 11.48 -0.73 -32.10
CA LEU B 37 11.05 -1.98 -31.48
C LEU B 37 10.53 -1.74 -30.07
N LEU B 38 10.81 -0.59 -29.49
CA LEU B 38 10.28 -0.30 -28.17
C LEU B 38 8.80 0.04 -28.21
N GLN B 39 8.30 0.52 -29.35
CA GLN B 39 6.91 0.88 -29.48
C GLN B 39 6.06 -0.24 -30.02
N GLU B 40 6.66 -1.19 -30.73
CA GLU B 40 5.94 -2.38 -31.16
C GLU B 40 5.81 -3.39 -30.04
N ALA B 41 6.47 -3.16 -28.91
CA ALA B 41 6.30 -4.02 -27.76
C ALA B 41 5.10 -3.63 -26.92
N VAL B 42 4.51 -2.48 -27.19
CA VAL B 42 3.36 -2.03 -26.42
C VAL B 42 2.08 -2.06 -27.26
N GLN B 43 2.18 -2.12 -28.59
CA GLN B 43 1.08 -2.16 -29.54
C GLN B 43 -0.03 -3.18 -29.26
N PRO B 44 0.23 -4.29 -28.55
CA PRO B 44 -0.90 -5.00 -27.91
C PRO B 44 -1.75 -4.16 -27.00
N HIS B 45 -1.18 -3.15 -26.32
CA HIS B 45 -1.94 -2.39 -25.34
C HIS B 45 -2.50 -1.11 -25.94
N ILE B 46 -1.71 -0.42 -26.76
CA ILE B 46 -2.19 0.79 -27.41
C ILE B 46 -3.17 0.43 -28.51
N GLY B 47 -2.86 -0.60 -29.30
CA GLY B 47 -3.69 -0.94 -30.43
C GLY B 47 -5.02 -1.57 -30.04
N SER B 48 -5.19 -1.89 -28.77
CA SER B 48 -6.47 -2.39 -28.30
C SER B 48 -7.31 -1.30 -27.67
N PHE B 49 -6.86 -0.06 -27.75
CA PHE B 49 -7.65 1.10 -27.35
C PHE B 49 -7.92 2.01 -28.53
N ASN B 50 -7.14 1.90 -29.58
CA ASN B 50 -7.45 2.56 -30.84
C ASN B 50 -8.41 1.74 -31.68
N ALA B 51 -9.07 0.75 -31.10
CA ALA B 51 -10.17 0.05 -31.75
C ALA B 51 -11.45 0.21 -30.97
N LEU B 52 -11.41 0.87 -29.83
CA LEU B 52 -12.65 1.19 -29.16
C LEU B 52 -13.38 2.32 -29.84
N THR B 53 -12.65 3.19 -30.53
CA THR B 53 -13.21 4.37 -31.15
C THR B 53 -13.00 4.43 -32.65
N GLU B 54 -11.88 3.93 -33.15
CA GLU B 54 -11.59 4.00 -34.57
C GLU B 54 -11.64 2.61 -35.19
N GLY B 55 -12.62 2.40 -36.06
CA GLY B 55 -12.77 1.16 -36.77
C GLY B 55 -13.60 1.36 -38.03
N PRO B 56 -13.96 0.27 -38.71
CA PRO B 56 -14.81 0.42 -39.89
C PRO B 56 -16.23 0.87 -39.56
N ASP B 57 -16.75 0.52 -38.38
CA ASP B 57 -18.04 1.00 -37.92
C ASP B 57 -17.88 2.01 -36.78
N GLY B 58 -16.74 2.67 -36.74
CA GLY B 58 -16.46 3.52 -35.61
C GLY B 58 -16.03 2.75 -34.39
N GLY B 59 -15.51 1.54 -34.56
CA GLY B 59 -15.03 0.76 -33.44
C GLY B 59 -16.13 0.18 -32.61
N LEU B 60 -15.72 -0.47 -31.53
CA LEU B 60 -16.59 -1.35 -30.77
C LEU B 60 -17.55 -0.60 -29.86
N LEU B 61 -17.49 0.72 -29.80
CA LEU B 61 -18.38 1.40 -28.87
C LEU B 61 -19.72 1.73 -29.52
N ASN B 62 -19.71 2.16 -30.79
CA ASN B 62 -20.98 2.34 -31.50
C ASN B 62 -21.59 1.00 -31.87
N LEU B 63 -20.75 -0.03 -32.03
CA LEU B 63 -21.25 -1.38 -32.20
C LEU B 63 -21.80 -1.93 -30.89
N GLY B 64 -21.29 -1.42 -29.78
CA GLY B 64 -21.72 -1.94 -28.49
C GLY B 64 -23.12 -1.50 -28.13
N VAL B 65 -23.44 -0.25 -28.40
CA VAL B 65 -24.77 0.26 -28.07
C VAL B 65 -25.80 -0.10 -29.13
N LYS B 66 -25.35 -0.47 -30.33
CA LYS B 66 -26.26 -0.94 -31.37
C LYS B 66 -26.90 -2.26 -30.98
N ASP B 67 -26.15 -3.10 -30.29
CA ASP B 67 -26.64 -4.40 -29.85
C ASP B 67 -27.02 -4.41 -28.39
N ILE B 68 -27.38 -3.27 -27.82
CA ILE B 68 -27.97 -3.28 -26.50
C ILE B 68 -29.48 -3.48 -26.61
N GLY B 69 -30.13 -2.70 -27.45
CA GLY B 69 -31.56 -2.77 -27.64
C GLY B 69 -32.25 -1.51 -27.17
N GLU B 70 -33.58 -1.60 -27.06
CA GLU B 70 -34.42 -0.49 -26.68
C GLU B 70 -35.36 -0.94 -25.57
N LYS B 71 -35.04 -0.56 -24.35
CA LYS B 71 -35.82 -0.97 -23.18
C LYS B 71 -37.09 -0.13 -23.09
N VAL B 72 -38.23 -0.81 -22.95
CA VAL B 72 -39.54 -0.20 -23.18
C VAL B 72 -40.41 -0.34 -21.92
N ILE B 73 -40.91 0.80 -21.43
CA ILE B 73 -41.85 0.85 -20.32
C ILE B 73 -43.14 1.50 -20.84
N PHE B 74 -44.26 1.19 -20.16
CA PHE B 74 -45.57 1.70 -20.54
C PHE B 74 -46.18 2.53 -19.41
N ASP B 75 -47.06 3.46 -19.79
CA ASP B 75 -47.75 4.31 -18.83
C ASP B 75 -49.10 3.74 -18.41
N GLY B 76 -49.94 3.37 -19.37
CA GLY B 76 -51.20 2.69 -19.07
C GLY B 76 -52.43 3.56 -19.06
N LYS B 77 -52.41 4.69 -19.75
CA LYS B 77 -53.61 5.51 -19.85
C LYS B 77 -54.60 4.83 -20.78
N PRO B 78 -55.87 4.66 -20.37
CA PRO B 78 -56.78 3.79 -21.11
C PRO B 78 -57.31 4.39 -22.42
N LEU B 79 -57.10 5.70 -22.64
CA LEU B 79 -57.50 6.52 -23.79
C LEU B 79 -59.01 6.77 -23.85
N ASN B 80 -59.78 6.05 -23.04
CA ASN B 80 -61.25 6.12 -22.96
C ASN B 80 -61.91 5.96 -24.31
N SER B 81 -61.70 4.79 -24.92
CA SER B 81 -62.28 4.48 -26.23
C SER B 81 -63.30 3.35 -26.14
N ASN B 87 -62.04 -5.60 -24.65
CA ASN B 87 -61.28 -5.36 -25.86
C ASN B 87 -60.45 -4.09 -25.68
N SER B 88 -59.85 -3.96 -24.49
CA SER B 88 -58.95 -2.85 -24.23
C SER B 88 -57.54 -3.25 -24.69
N GLY B 89 -57.35 -3.18 -26.01
CA GLY B 89 -56.05 -3.44 -26.61
C GLY B 89 -55.06 -2.32 -26.53
N TYR B 90 -55.39 -1.24 -25.82
CA TYR B 90 -54.50 -0.12 -25.60
C TYR B 90 -53.76 -0.36 -24.30
N LEU B 91 -52.49 -0.77 -24.39
CA LEU B 91 -51.69 -0.95 -23.20
C LEU B 91 -51.15 0.35 -22.65
N GLY B 92 -51.09 1.39 -23.47
CA GLY B 92 -50.57 2.67 -23.03
C GLY B 92 -49.72 3.35 -24.09
N ASN B 93 -48.61 3.96 -23.68
CA ASN B 93 -47.69 4.59 -24.62
C ASN B 93 -46.31 3.97 -24.56
N LYS B 94 -45.73 3.73 -25.73
CA LYS B 94 -44.52 2.94 -25.89
C LYS B 94 -43.30 3.86 -25.81
N LEU B 95 -42.74 3.98 -24.61
CA LEU B 95 -41.52 4.75 -24.42
C LEU B 95 -40.33 3.88 -24.81
N SER B 96 -39.66 4.24 -25.89
CA SER B 96 -38.53 3.47 -26.41
C SER B 96 -37.25 4.27 -26.22
N VAL B 97 -36.57 4.05 -25.10
CA VAL B 97 -35.34 4.78 -24.77
C VAL B 97 -34.15 3.92 -25.16
N SER B 98 -33.17 4.54 -25.82
CA SER B 98 -32.01 3.81 -26.29
C SER B 98 -30.85 4.78 -26.46
N VAL B 99 -29.64 4.24 -26.45
CA VAL B 99 -28.43 5.00 -26.70
C VAL B 99 -28.07 4.79 -28.16
N GLU B 100 -27.66 5.87 -28.84
CA GLU B 100 -27.44 5.79 -30.27
C GLU B 100 -25.99 5.99 -30.69
N GLN B 101 -25.19 6.69 -29.91
CA GLN B 101 -23.83 7.03 -30.35
C GLN B 101 -23.01 7.45 -29.14
N VAL B 102 -21.86 6.79 -28.95
CA VAL B 102 -20.95 7.09 -27.85
C VAL B 102 -19.66 7.67 -28.43
N SER B 103 -19.14 8.70 -27.77
CA SER B 103 -17.92 9.36 -28.18
C SER B 103 -17.13 9.77 -26.95
N ILE B 104 -15.82 9.59 -27.01
CA ILE B 104 -14.92 9.97 -25.93
C ILE B 104 -14.13 11.18 -26.38
N ALA B 105 -14.16 12.24 -25.59
CA ALA B 105 -13.41 13.45 -25.92
C ALA B 105 -12.04 13.42 -25.27
N LYS B 106 -11.08 14.10 -25.92
CA LYS B 106 -9.74 14.23 -25.39
C LYS B 106 -9.77 15.05 -24.10
N PRO B 107 -8.70 14.99 -23.27
CA PRO B 107 -8.69 15.80 -22.05
C PRO B 107 -8.58 17.30 -22.28
N MET B 108 -9.66 18.02 -21.94
CA MET B 108 -9.68 19.48 -21.96
C MET B 108 -10.21 19.94 -20.61
N SER B 109 -9.73 21.08 -20.14
CA SER B 109 -10.18 21.62 -18.86
C SER B 109 -10.49 23.09 -18.99
N ASN B 110 -11.57 23.50 -18.35
CA ASN B 110 -11.90 24.91 -18.15
C ASN B 110 -11.56 25.30 -16.73
N ASP B 111 -10.82 26.40 -16.57
CA ASP B 111 -10.42 26.86 -15.24
C ASP B 111 -11.63 27.50 -14.55
N GLY B 112 -12.51 26.64 -14.03
CA GLY B 112 -13.70 27.12 -13.35
C GLY B 112 -14.98 27.02 -14.16
N VAL B 113 -15.46 28.16 -14.64
CA VAL B 113 -16.77 28.25 -15.29
C VAL B 113 -16.61 29.10 -16.55
N SER B 114 -17.66 29.18 -17.37
CA SER B 114 -17.88 30.08 -18.51
C SER B 114 -16.98 29.79 -19.71
N SER B 115 -16.20 28.71 -19.68
CA SER B 115 -15.27 28.31 -20.76
C SER B 115 -14.25 29.41 -21.09
N ALA B 116 -13.80 30.13 -20.05
CA ALA B 116 -12.58 30.92 -20.19
C ALA B 116 -11.44 29.96 -20.46
N VAL B 117 -10.62 30.30 -21.46
CA VAL B 117 -10.18 29.42 -22.53
C VAL B 117 -9.90 27.98 -22.11
N GLU B 118 -10.57 27.04 -22.77
CA GLU B 118 -10.41 25.61 -22.50
C GLU B 118 -9.10 25.17 -23.11
N ARG B 119 -8.07 25.14 -22.29
CA ARG B 119 -6.73 24.74 -22.67
C ARG B 119 -6.65 23.23 -22.71
N LYS B 120 -5.63 22.73 -23.40
CA LYS B 120 -5.40 21.29 -23.41
C LYS B 120 -4.73 20.86 -22.11
N VAL B 121 -4.92 19.61 -21.75
CA VAL B 121 -4.37 19.05 -20.53
C VAL B 121 -3.36 17.99 -20.91
N TYR B 122 -2.22 18.20 -20.61
CA TYR B 122 -1.16 17.24 -20.83
C TYR B 122 -0.96 16.40 -19.58
N PRO B 123 -0.39 15.18 -19.66
CA PRO B 123 -0.36 14.33 -18.46
C PRO B 123 0.66 14.76 -17.44
N SER B 124 1.68 15.54 -17.83
CA SER B 124 2.67 15.98 -16.87
C SER B 124 2.09 16.96 -15.87
N GLU B 125 1.01 17.64 -16.24
CA GLU B 125 0.22 18.36 -15.26
C GLU B 125 -0.49 17.39 -14.33
N SER B 126 -0.99 16.28 -14.87
CA SER B 126 -1.90 15.45 -14.12
C SER B 126 -1.18 14.57 -13.10
N ARG B 127 0.14 14.45 -13.21
CA ARG B 127 0.89 13.71 -12.20
C ARG B 127 1.14 14.57 -10.98
N GLN B 128 1.56 15.83 -11.20
CA GLN B 128 1.93 16.71 -10.09
C GLN B 128 0.72 17.11 -9.26
N ARG B 129 -0.46 17.19 -9.85
CA ARG B 129 -1.65 17.51 -9.09
C ARG B 129 -2.12 16.37 -8.21
N LEU B 130 -1.61 15.16 -8.46
CA LEU B 130 -2.07 13.91 -7.84
C LEU B 130 -3.56 13.71 -8.07
N THR B 131 -3.94 13.69 -9.34
CA THR B 131 -5.32 13.45 -9.74
C THR B 131 -5.30 12.72 -11.07
N SER B 132 -6.49 12.36 -11.55
CA SER B 132 -6.62 11.47 -12.69
C SER B 132 -6.32 12.20 -14.01
N TYR B 133 -6.56 11.53 -15.12
CA TYR B 133 -6.33 12.08 -16.46
C TYR B 133 -7.54 11.67 -17.27
N ARG B 134 -8.58 12.48 -17.24
CA ARG B 134 -9.89 12.07 -17.70
C ARG B 134 -10.22 12.63 -19.08
N GLY B 135 -11.10 11.92 -19.76
CA GLY B 135 -11.75 12.45 -20.94
C GLY B 135 -13.25 12.35 -20.78
N LYS B 136 -13.96 13.23 -21.47
CA LYS B 136 -15.39 13.38 -21.28
C LYS B 136 -16.15 12.32 -22.07
N LEU B 137 -17.20 11.76 -21.46
CA LEU B 137 -18.00 10.71 -22.07
C LEU B 137 -19.39 11.25 -22.37
N LEU B 138 -19.83 11.10 -23.62
CA LEU B 138 -21.04 11.76 -24.11
C LEU B 138 -21.97 10.77 -24.79
N LEU B 139 -23.11 10.50 -24.16
CA LEU B 139 -24.12 9.61 -24.71
C LEU B 139 -25.18 10.40 -25.45
N LYS B 140 -25.54 9.95 -26.65
CA LYS B 140 -26.63 10.58 -27.40
C LYS B 140 -27.89 9.77 -27.17
N LEU B 141 -28.58 10.07 -26.09
CA LEU B 141 -29.79 9.34 -25.72
C LEU B 141 -30.92 9.66 -26.69
N LYS B 142 -31.72 8.66 -27.01
CA LYS B 142 -32.90 8.84 -27.84
C LYS B 142 -34.14 8.50 -27.02
N TRP B 143 -35.07 9.45 -26.94
CA TRP B 143 -36.28 9.32 -26.14
C TRP B 143 -37.46 9.30 -27.09
N SER B 144 -37.94 8.11 -27.43
CA SER B 144 -38.97 7.95 -28.45
C SER B 144 -40.26 7.42 -27.85
N VAL B 145 -41.38 7.83 -28.46
CA VAL B 145 -42.72 7.51 -27.99
C VAL B 145 -43.47 6.78 -29.09
N ASN B 146 -44.23 5.75 -28.71
CA ASN B 146 -45.29 5.13 -29.52
C ASN B 146 -44.75 4.53 -30.82
N ASN B 147 -43.75 3.65 -30.65
CA ASN B 147 -43.08 2.93 -31.75
C ASN B 147 -42.48 3.89 -32.78
N GLY B 148 -41.97 5.02 -32.31
CA GLY B 148 -41.33 5.96 -33.18
C GLY B 148 -42.19 7.09 -33.67
N GLU B 149 -42.90 7.77 -32.78
CA GLU B 149 -43.67 8.94 -33.17
C GLU B 149 -42.99 10.25 -32.78
N GLU B 150 -42.41 10.31 -31.59
CA GLU B 150 -41.89 11.56 -31.04
C GLU B 150 -40.54 11.30 -30.40
N ASN B 151 -39.46 11.63 -31.10
CA ASN B 151 -38.11 11.29 -30.69
C ASN B 151 -37.33 12.55 -30.31
N LEU B 152 -36.56 12.46 -29.22
CA LEU B 152 -35.85 13.61 -28.66
C LEU B 152 -34.39 13.22 -28.41
N PHE B 153 -33.50 13.67 -29.29
CA PHE B 153 -32.10 13.29 -29.27
C PHE B 153 -31.31 14.27 -28.41
N GLU B 154 -31.02 13.90 -27.17
CA GLU B 154 -30.27 14.76 -26.26
C GLU B 154 -28.95 14.13 -25.88
N VAL B 155 -27.87 14.83 -26.17
CA VAL B 155 -26.55 14.44 -25.72
C VAL B 155 -26.47 14.70 -24.22
N ARG B 156 -25.84 13.78 -23.48
CA ARG B 156 -25.66 13.94 -22.05
C ARG B 156 -24.19 14.02 -21.71
N ASP B 157 -23.90 14.37 -20.45
CA ASP B 157 -22.53 14.46 -19.96
C ASP B 157 -22.41 13.41 -18.87
N CYS B 158 -21.94 12.22 -19.24
CA CYS B 158 -22.01 11.05 -18.37
C CYS B 158 -20.71 10.80 -17.63
N GLY B 159 -20.03 11.84 -17.19
CA GLY B 159 -18.87 11.68 -16.34
C GLY B 159 -17.59 11.85 -17.12
N GLY B 160 -16.49 11.62 -16.42
CA GLY B 160 -15.19 11.63 -17.06
C GLY B 160 -14.46 10.32 -16.84
N LEU B 161 -14.30 9.55 -17.87
CA LEU B 161 -13.62 8.28 -17.73
C LEU B 161 -12.14 8.48 -18.00
N PRO B 162 -11.24 7.66 -17.44
CA PRO B 162 -9.83 7.83 -17.71
C PRO B 162 -9.48 7.40 -19.12
N VAL B 163 -8.30 7.82 -19.56
CA VAL B 163 -7.89 7.66 -20.94
C VAL B 163 -6.48 7.11 -20.95
N MET B 164 -6.25 6.03 -21.69
CA MET B 164 -4.94 5.42 -21.78
C MET B 164 -4.00 6.32 -22.55
N LEU B 165 -2.81 6.54 -21.99
CA LEU B 165 -1.82 7.43 -22.59
C LEU B 165 -1.37 6.92 -23.95
N GLN B 166 -0.93 7.85 -24.79
CA GLN B 166 -0.37 7.65 -26.13
C GLN B 166 -1.33 7.00 -27.12
N SER B 167 -2.61 6.88 -26.79
CA SER B 167 -3.59 6.32 -27.71
C SER B 167 -4.13 7.44 -28.61
N ASN B 168 -5.27 7.22 -29.25
CA ASN B 168 -5.90 8.25 -30.06
C ASN B 168 -6.86 9.12 -29.27
N ARG B 169 -6.76 9.10 -27.94
CA ARG B 169 -7.49 10.02 -27.09
C ARG B 169 -6.56 10.72 -26.12
N CYS B 170 -5.26 10.66 -26.35
CA CYS B 170 -4.31 11.38 -25.53
C CYS B 170 -3.62 12.42 -26.38
N HIS B 171 -3.23 13.51 -25.72
CA HIS B 171 -2.71 14.66 -26.45
C HIS B 171 -1.28 14.46 -26.90
N LEU B 172 -0.64 13.37 -26.51
CA LEU B 172 0.72 13.06 -26.88
C LEU B 172 0.80 12.24 -28.16
N ASN B 173 -0.32 12.01 -28.83
CA ASN B 173 -0.31 11.17 -30.02
C ASN B 173 0.27 11.92 -31.21
N LYS B 174 0.94 11.15 -32.09
CA LYS B 174 1.62 11.62 -33.29
C LYS B 174 2.67 12.69 -32.97
N MET B 175 3.20 12.67 -31.77
CA MET B 175 4.06 13.73 -31.29
C MET B 175 5.50 13.24 -31.29
N SER B 176 6.39 14.13 -31.67
CA SER B 176 7.76 13.77 -31.96
C SER B 176 8.55 13.57 -30.68
N PRO B 177 9.73 12.96 -30.75
CA PRO B 177 10.66 13.00 -29.61
C PRO B 177 11.07 14.40 -29.19
N TYR B 178 11.09 15.37 -30.11
CA TYR B 178 11.43 16.73 -29.74
C TYR B 178 10.32 17.37 -28.93
N GLU B 179 9.07 17.11 -29.31
CA GLU B 179 7.98 17.80 -28.63
C GLU B 179 7.55 17.06 -27.38
N LEU B 180 8.04 15.84 -27.18
CA LEU B 180 7.76 15.14 -25.92
C LEU B 180 8.69 15.59 -24.82
N VAL B 181 9.82 16.19 -25.19
CA VAL B 181 10.68 16.81 -24.20
C VAL B 181 10.15 18.19 -23.83
N GLN B 182 9.68 18.93 -24.83
CA GLN B 182 9.11 20.25 -24.59
C GLN B 182 7.82 20.21 -23.80
N HIS B 183 7.15 19.06 -23.75
CA HIS B 183 5.92 18.92 -22.99
C HIS B 183 6.11 18.10 -21.73
N LYS B 184 7.34 18.05 -21.23
CA LYS B 184 7.69 17.51 -19.90
C LYS B 184 7.38 16.02 -19.78
N GLU B 185 7.83 15.24 -20.76
CA GLU B 185 7.67 13.79 -20.71
C GLU B 185 9.00 13.15 -21.06
N GLU B 186 9.04 11.82 -21.03
CA GLU B 186 10.23 11.08 -21.40
C GLU B 186 10.50 11.23 -22.88
N SER B 187 11.77 11.10 -23.26
CA SER B 187 12.12 11.30 -24.65
C SER B 187 11.58 10.23 -25.57
N ASP B 188 11.25 9.06 -25.03
CA ASP B 188 10.63 7.98 -25.78
C ASP B 188 9.54 7.33 -24.94
N GLU B 189 8.63 8.17 -24.43
CA GLU B 189 7.58 7.70 -23.54
C GLU B 189 6.63 6.76 -24.25
N ILE B 190 6.44 5.58 -23.67
CA ILE B 190 5.74 4.51 -24.35
C ILE B 190 4.24 4.57 -24.13
N GLY B 191 3.79 4.73 -22.90
CA GLY B 191 2.37 4.79 -22.63
C GLY B 191 1.72 3.43 -22.72
N GLY B 192 0.42 3.43 -22.50
CA GLY B 192 -0.32 2.19 -22.33
C GLY B 192 -0.88 2.02 -20.95
N TYR B 193 -0.76 3.02 -20.09
CA TYR B 193 -1.16 2.93 -18.71
C TYR B 193 -2.02 4.13 -18.36
N PHE B 194 -3.13 3.88 -17.70
CA PHE B 194 -3.98 4.95 -17.22
C PHE B 194 -3.30 5.65 -16.06
N ILE B 195 -3.72 6.87 -15.78
CA ILE B 195 -3.26 7.59 -14.60
C ILE B 195 -4.46 7.82 -13.72
N VAL B 196 -4.50 7.17 -12.57
CA VAL B 196 -5.57 7.38 -11.61
C VAL B 196 -4.94 7.83 -10.30
N ASN B 197 -5.21 9.08 -9.91
CA ASN B 197 -4.72 9.71 -8.68
C ASN B 197 -3.20 9.70 -8.60
N GLY B 198 -2.54 9.87 -9.73
CA GLY B 198 -1.10 9.89 -9.75
C GLY B 198 -0.45 8.53 -9.69
N ILE B 199 -1.22 7.46 -9.57
CA ILE B 199 -0.72 6.09 -9.49
C ILE B 199 -0.98 5.42 -10.82
N GLU B 200 0.09 5.14 -11.55
CA GLU B 200 0.01 4.63 -12.92
C GLU B 200 -0.48 3.18 -12.89
N LYS B 201 -1.76 2.98 -13.18
CA LYS B 201 -2.35 1.65 -13.25
C LYS B 201 -2.39 1.16 -14.68
N LEU B 202 -2.58 -0.15 -14.84
CA LEU B 202 -2.83 -0.74 -16.14
C LEU B 202 -3.63 -2.01 -15.92
N ILE B 203 -4.25 -2.49 -17.00
CA ILE B 203 -5.04 -3.71 -16.95
C ILE B 203 -4.19 -4.83 -17.50
N ARG B 204 -3.82 -5.80 -16.67
CA ARG B 204 -2.95 -6.86 -17.12
C ARG B 204 -3.75 -7.89 -17.90
N MET B 205 -3.09 -8.55 -18.84
CA MET B 205 -3.78 -9.39 -19.80
C MET B 205 -4.31 -10.65 -19.15
N LEU B 206 -5.12 -11.38 -19.89
CA LEU B 206 -5.65 -12.65 -19.46
C LEU B 206 -5.56 -13.62 -20.62
N ILE B 207 -5.65 -14.90 -20.29
CA ILE B 207 -5.67 -15.99 -21.26
C ILE B 207 -6.99 -16.72 -21.12
N VAL B 208 -7.71 -16.87 -22.23
CA VAL B 208 -9.01 -17.49 -22.27
C VAL B 208 -9.07 -18.46 -23.44
N GLN B 209 -10.19 -19.14 -23.58
CA GLN B 209 -10.39 -20.15 -24.60
C GLN B 209 -10.43 -19.52 -25.99
N ARG B 210 -9.89 -20.24 -26.97
CA ARG B 210 -9.93 -19.84 -28.37
C ARG B 210 -11.35 -19.60 -28.84
N ARG B 211 -11.57 -18.49 -29.53
CA ARG B 211 -12.91 -18.09 -29.92
C ARG B 211 -13.38 -18.88 -31.14
N ASN B 212 -14.68 -19.19 -31.14
CA ASN B 212 -15.39 -19.72 -32.31
C ASN B 212 -14.85 -21.06 -32.81
N HIS B 213 -14.53 -21.94 -31.89
CA HIS B 213 -14.09 -23.27 -32.24
C HIS B 213 -14.50 -24.24 -31.14
N PRO B 214 -15.33 -25.24 -31.42
CA PRO B 214 -15.77 -26.16 -30.37
C PRO B 214 -14.65 -27.08 -29.96
N MET B 215 -14.66 -27.48 -28.70
CA MET B 215 -13.57 -28.25 -28.14
C MET B 215 -14.13 -29.42 -27.35
N ALA B 216 -13.58 -30.61 -27.59
CA ALA B 216 -13.97 -31.79 -26.86
C ALA B 216 -13.41 -31.73 -25.45
N ILE B 217 -14.28 -31.78 -24.44
CA ILE B 217 -13.88 -31.65 -23.05
C ILE B 217 -14.26 -32.93 -22.33
N ILE B 218 -13.26 -33.65 -21.85
CA ILE B 218 -13.48 -34.76 -20.91
C ILE B 218 -13.21 -34.18 -19.54
N ARG B 219 -14.25 -33.64 -18.91
CA ARG B 219 -14.06 -33.01 -17.63
C ARG B 219 -14.70 -33.87 -16.55
N PRO B 220 -13.98 -34.16 -15.46
CA PRO B 220 -14.60 -34.94 -14.38
C PRO B 220 -15.69 -34.21 -13.63
N SER B 221 -15.85 -32.90 -13.82
CA SER B 221 -16.89 -32.18 -13.11
C SER B 221 -18.14 -31.96 -13.95
N PHE B 222 -18.14 -32.38 -15.22
CA PHE B 222 -19.38 -32.35 -15.99
C PHE B 222 -20.38 -33.36 -15.45
N ALA B 223 -19.88 -34.44 -14.87
CA ALA B 223 -20.69 -35.48 -14.25
C ALA B 223 -21.05 -35.15 -12.81
N ASN B 224 -21.10 -33.88 -12.47
CA ASN B 224 -21.48 -33.41 -11.15
C ASN B 224 -22.67 -32.48 -11.24
N ARG B 225 -23.57 -32.75 -12.18
CA ARG B 225 -24.80 -31.98 -12.30
C ARG B 225 -26.05 -32.83 -12.14
N GLY B 226 -25.90 -34.14 -12.01
CA GLY B 226 -27.05 -35.00 -11.86
C GLY B 226 -26.62 -36.45 -11.88
N ALA B 227 -27.61 -37.33 -11.93
CA ALA B 227 -27.33 -38.74 -11.93
C ALA B 227 -27.15 -39.31 -13.33
N SER B 228 -27.62 -38.62 -14.35
CA SER B 228 -27.62 -39.14 -15.71
C SER B 228 -26.51 -38.57 -16.57
N TYR B 229 -25.63 -37.78 -15.99
CA TYR B 229 -24.59 -37.09 -16.76
C TYR B 229 -23.35 -37.94 -16.89
N SER B 230 -22.79 -37.96 -18.08
CA SER B 230 -21.49 -38.56 -18.31
C SER B 230 -20.42 -37.50 -18.10
N HIS B 231 -19.19 -37.78 -18.50
CA HIS B 231 -18.15 -36.76 -18.41
C HIS B 231 -17.60 -36.44 -19.78
N TYR B 232 -18.48 -36.26 -20.75
CA TYR B 232 -18.10 -35.79 -22.08
C TYR B 232 -18.83 -34.49 -22.33
N GLY B 233 -18.26 -33.64 -23.19
CA GLY B 233 -18.87 -32.36 -23.49
C GLY B 233 -18.29 -31.79 -24.77
N ILE B 234 -18.94 -30.73 -25.24
CA ILE B 234 -18.40 -29.88 -26.30
C ILE B 234 -18.65 -28.45 -25.89
N GLN B 235 -17.59 -27.66 -25.76
CA GLN B 235 -17.69 -26.30 -25.28
C GLN B 235 -17.29 -25.35 -26.40
N ILE B 236 -18.13 -24.36 -26.65
CA ILE B 236 -17.88 -23.34 -27.66
C ILE B 236 -17.85 -22.00 -26.94
N ARG B 237 -16.89 -21.15 -27.31
CA ARG B 237 -16.86 -19.77 -26.87
C ARG B 237 -17.11 -18.90 -28.08
N SER B 238 -18.20 -18.14 -28.05
CA SER B 238 -18.62 -17.31 -29.17
C SER B 238 -18.47 -15.85 -28.80
N VAL B 239 -18.04 -15.05 -29.77
CA VAL B 239 -17.82 -13.62 -29.55
C VAL B 239 -18.56 -12.80 -30.59
N ARG B 240 -19.40 -11.89 -30.12
CA ARG B 240 -20.14 -10.97 -30.93
C ARG B 240 -19.17 -9.95 -31.53
N PRO B 241 -19.58 -9.18 -32.54
CA PRO B 241 -18.69 -8.13 -33.08
C PRO B 241 -18.35 -6.98 -32.13
N ASP B 242 -18.95 -6.88 -30.95
CA ASP B 242 -18.49 -5.97 -29.92
C ASP B 242 -17.67 -6.68 -28.84
N GLN B 243 -17.13 -7.86 -29.16
CA GLN B 243 -16.16 -8.61 -28.33
C GLN B 243 -16.71 -9.03 -26.98
N THR B 244 -18.02 -9.22 -26.86
CA THR B 244 -18.58 -9.87 -25.68
C THR B 244 -18.65 -11.37 -25.91
N SER B 245 -18.48 -12.13 -24.85
CA SER B 245 -18.30 -13.58 -24.95
C SER B 245 -19.54 -14.31 -24.44
N GLN B 246 -19.82 -15.46 -25.07
CA GLN B 246 -20.97 -16.29 -24.70
C GLN B 246 -20.62 -17.75 -24.93
N THR B 247 -20.90 -18.58 -23.94
CA THR B 247 -20.51 -19.98 -23.94
C THR B 247 -21.73 -20.89 -24.02
N ASN B 248 -21.53 -22.10 -24.56
CA ASN B 248 -22.61 -23.05 -24.79
C ASN B 248 -22.06 -24.46 -24.73
N VAL B 249 -22.50 -25.24 -23.74
CA VAL B 249 -21.90 -26.55 -23.47
C VAL B 249 -22.93 -27.64 -23.76
N LEU B 250 -22.55 -28.60 -24.59
CA LEU B 250 -23.38 -29.77 -24.89
C LEU B 250 -22.99 -30.93 -24.01
N HIS B 251 -23.84 -31.26 -23.05
CA HIS B 251 -23.60 -32.43 -22.22
C HIS B 251 -24.05 -33.68 -22.95
N TYR B 252 -23.28 -34.74 -22.81
CA TYR B 252 -23.75 -36.05 -23.23
C TYR B 252 -24.26 -36.80 -22.02
N LEU B 253 -25.46 -37.34 -22.13
CA LEU B 253 -26.09 -38.02 -21.01
C LEU B 253 -26.00 -39.52 -21.19
N ASN B 254 -26.16 -40.23 -20.08
CA ASN B 254 -25.92 -41.68 -20.10
C ASN B 254 -27.07 -42.42 -20.76
N ASP B 255 -28.30 -41.94 -20.60
CA ASP B 255 -29.44 -42.64 -21.18
C ASP B 255 -29.72 -42.21 -22.61
N GLY B 256 -28.77 -41.58 -23.28
CA GLY B 256 -28.80 -41.40 -24.72
C GLY B 256 -29.00 -39.98 -25.20
N GLN B 257 -29.38 -39.05 -24.34
CA GLN B 257 -29.77 -37.73 -24.79
C GLN B 257 -28.63 -36.73 -24.70
N VAL B 258 -28.85 -35.57 -25.33
CA VAL B 258 -27.89 -34.48 -25.42
C VAL B 258 -28.60 -33.21 -24.98
N THR B 259 -28.07 -32.50 -24.00
CA THR B 259 -28.67 -31.25 -23.57
C THR B 259 -27.79 -30.07 -23.93
N PHE B 260 -28.30 -28.88 -23.64
CA PHE B 260 -27.69 -27.62 -24.03
C PHE B 260 -27.68 -26.71 -22.82
N ARG B 261 -26.51 -26.21 -22.44
CA ARG B 261 -26.36 -25.45 -21.21
C ARG B 261 -25.79 -24.08 -21.54
N PHE B 262 -26.58 -23.04 -21.29
CA PHE B 262 -26.13 -21.67 -21.43
C PHE B 262 -26.21 -20.98 -20.08
N SER B 263 -25.64 -19.78 -20.03
CA SER B 263 -25.60 -19.01 -18.79
C SER B 263 -26.23 -17.66 -19.06
N TRP B 264 -27.09 -17.21 -18.15
CA TRP B 264 -27.72 -15.91 -18.27
C TRP B 264 -27.94 -15.34 -16.88
N ARG B 265 -27.43 -14.13 -16.66
CA ARG B 265 -27.51 -13.40 -15.39
C ARG B 265 -26.97 -14.23 -14.23
N LYS B 266 -25.86 -14.92 -14.48
CA LYS B 266 -25.15 -15.77 -13.51
C LYS B 266 -26.04 -16.90 -12.98
N ASN B 267 -26.90 -17.45 -13.84
CA ASN B 267 -27.60 -18.69 -13.58
C ASN B 267 -27.44 -19.59 -14.80
N GLU B 268 -27.54 -20.89 -14.58
CA GLU B 268 -27.31 -21.87 -15.64
C GLU B 268 -28.62 -22.54 -16.00
N TYR B 269 -29.00 -22.46 -17.27
CA TYR B 269 -30.26 -23.01 -17.73
C TYR B 269 -30.01 -24.09 -18.77
N LEU B 270 -30.89 -25.09 -18.77
CA LEU B 270 -30.72 -26.28 -19.58
C LEU B 270 -31.89 -26.43 -20.54
N VAL B 271 -31.59 -26.74 -21.78
CA VAL B 271 -32.59 -26.94 -22.83
C VAL B 271 -32.18 -28.20 -23.58
N PRO B 272 -33.08 -29.14 -23.87
CA PRO B 272 -32.73 -30.23 -24.78
C PRO B 272 -32.43 -29.72 -26.18
N VAL B 273 -31.43 -30.32 -26.82
CA VAL B 273 -30.84 -29.70 -27.99
C VAL B 273 -31.67 -29.93 -29.24
N VAL B 274 -32.59 -30.90 -29.23
CA VAL B 274 -33.45 -31.04 -30.40
C VAL B 274 -34.48 -29.92 -30.43
N MET B 275 -34.83 -29.38 -29.26
CA MET B 275 -35.77 -28.27 -29.18
C MET B 275 -35.20 -27.02 -29.84
N ILE B 276 -33.91 -26.77 -29.65
CA ILE B 276 -33.24 -25.66 -30.30
C ILE B 276 -33.09 -25.93 -31.79
N LEU B 277 -32.84 -27.19 -32.16
CA LEU B 277 -32.65 -27.54 -33.56
C LEU B 277 -33.92 -27.40 -34.37
N LYS B 278 -35.08 -27.53 -33.75
CA LYS B 278 -36.31 -27.31 -34.49
C LYS B 278 -36.79 -25.88 -34.40
N ALA B 279 -36.42 -25.17 -33.32
CA ALA B 279 -36.83 -23.78 -33.18
C ALA B 279 -35.99 -22.83 -34.02
N LEU B 280 -34.83 -23.27 -34.46
CA LEU B 280 -33.95 -22.38 -35.20
C LEU B 280 -34.39 -22.22 -36.64
N CYS B 281 -34.35 -23.31 -37.40
CA CYS B 281 -34.82 -23.33 -38.77
C CYS B 281 -35.91 -24.39 -38.89
N HIS B 282 -36.84 -24.16 -39.82
CA HIS B 282 -37.92 -25.09 -40.06
C HIS B 282 -37.37 -26.36 -40.69
N THR B 283 -37.60 -27.49 -40.03
CA THR B 283 -36.88 -28.69 -40.41
C THR B 283 -37.75 -29.92 -40.28
N SER B 284 -37.48 -30.89 -41.14
CA SER B 284 -38.02 -32.24 -41.06
C SER B 284 -36.93 -33.15 -40.53
N ASP B 285 -37.33 -34.25 -39.89
CA ASP B 285 -36.34 -35.07 -39.20
C ASP B 285 -35.54 -35.96 -40.12
N ARG B 286 -35.63 -35.79 -41.43
CA ARG B 286 -34.61 -36.33 -42.31
C ARG B 286 -33.45 -35.36 -42.45
N GLU B 287 -33.67 -34.07 -42.19
CA GLU B 287 -32.55 -33.12 -42.19
C GLU B 287 -31.66 -33.34 -40.98
N ILE B 288 -32.26 -33.59 -39.83
CA ILE B 288 -31.48 -33.82 -38.60
C ILE B 288 -30.71 -35.13 -38.69
N PHE B 289 -31.34 -36.18 -39.24
CA PHE B 289 -30.65 -37.45 -39.38
C PHE B 289 -29.53 -37.36 -40.42
N ASP B 290 -29.81 -36.82 -41.59
CA ASP B 290 -28.77 -36.77 -42.60
C ASP B 290 -27.76 -35.65 -42.36
N GLY B 291 -27.96 -34.83 -41.35
CA GLY B 291 -26.95 -33.86 -40.99
C GLY B 291 -25.89 -34.46 -40.09
N ILE B 292 -26.33 -35.34 -39.18
CA ILE B 292 -25.37 -35.96 -38.26
C ILE B 292 -24.72 -37.18 -38.91
N ILE B 293 -25.41 -37.86 -39.82
CA ILE B 293 -24.88 -39.11 -40.34
C ILE B 293 -24.05 -38.91 -41.60
N GLY B 294 -24.66 -38.42 -42.66
CA GLY B 294 -23.97 -38.38 -43.94
C GLY B 294 -23.91 -39.76 -44.54
N ASN B 295 -22.75 -40.15 -45.03
CA ASN B 295 -22.57 -41.42 -45.72
C ASN B 295 -22.20 -42.56 -44.79
N ASP B 296 -22.26 -42.36 -43.47
CA ASP B 296 -22.02 -43.43 -42.51
C ASP B 296 -23.34 -44.02 -42.04
N VAL B 297 -24.13 -44.49 -43.01
CA VAL B 297 -25.43 -45.08 -42.72
C VAL B 297 -25.30 -46.43 -42.02
N LYS B 298 -24.14 -47.07 -42.14
CA LYS B 298 -23.89 -48.38 -41.56
C LYS B 298 -22.86 -48.29 -40.43
N ASP B 299 -23.02 -47.29 -39.57
CA ASP B 299 -22.29 -47.17 -38.32
C ASP B 299 -23.34 -47.24 -37.23
N SER B 300 -23.58 -48.43 -36.71
CA SER B 300 -24.70 -48.60 -35.78
C SER B 300 -24.41 -48.08 -34.38
N PHE B 301 -23.25 -47.45 -34.15
CA PHE B 301 -23.09 -46.69 -32.94
C PHE B 301 -23.97 -45.45 -32.94
N LEU B 302 -24.20 -44.89 -34.12
CA LEU B 302 -24.86 -43.60 -34.23
C LEU B 302 -26.36 -43.75 -34.45
N THR B 303 -26.76 -44.62 -35.36
CA THR B 303 -28.16 -44.73 -35.75
C THR B 303 -29.02 -45.27 -34.63
N ASP B 304 -28.42 -45.92 -33.64
CA ASP B 304 -29.17 -46.31 -32.45
C ASP B 304 -29.10 -45.25 -31.38
N ARG B 305 -28.34 -44.18 -31.63
CA ARG B 305 -28.31 -43.06 -30.69
C ARG B 305 -29.15 -41.90 -31.21
N LEU B 306 -29.20 -41.73 -32.52
CA LEU B 306 -30.09 -40.73 -33.09
C LEU B 306 -31.54 -41.16 -32.97
N GLU B 307 -31.79 -42.47 -32.91
CA GLU B 307 -33.14 -42.96 -32.74
C GLU B 307 -33.68 -42.59 -31.37
N LEU B 308 -32.80 -42.48 -30.39
CA LEU B 308 -33.24 -42.11 -29.06
C LEU B 308 -33.42 -40.61 -28.96
N LEU B 309 -32.82 -39.87 -29.90
CA LEU B 309 -32.91 -38.42 -29.87
C LEU B 309 -34.19 -37.93 -30.55
N LEU B 310 -34.45 -38.42 -31.76
CA LEU B 310 -35.64 -38.01 -32.48
C LEU B 310 -36.90 -38.49 -31.78
N ARG B 311 -37.00 -39.79 -31.53
CA ARG B 311 -38.16 -40.35 -30.86
C ARG B 311 -38.21 -40.03 -29.37
N GLY B 312 -37.19 -39.38 -28.83
CA GLY B 312 -37.23 -38.90 -27.47
C GLY B 312 -37.85 -37.52 -27.38
N PHE B 313 -37.77 -36.75 -28.48
CA PHE B 313 -38.48 -35.48 -28.52
C PHE B 313 -39.98 -35.70 -28.57
N LYS B 314 -40.44 -36.48 -29.55
CA LYS B 314 -41.82 -36.91 -29.58
C LYS B 314 -42.12 -37.79 -28.39
N LYS B 315 -43.39 -37.81 -28.00
CA LYS B 315 -43.91 -38.48 -26.79
C LYS B 315 -43.28 -37.96 -25.50
N ARG B 316 -42.62 -36.81 -25.54
CA ARG B 316 -42.20 -36.00 -24.41
C ARG B 316 -42.59 -34.54 -24.59
N TYR B 317 -42.52 -34.03 -25.82
CA TYR B 317 -43.12 -32.77 -26.21
C TYR B 317 -43.89 -33.05 -27.49
N PRO B 318 -45.11 -33.57 -27.39
CA PRO B 318 -45.75 -34.16 -28.56
C PRO B 318 -46.51 -33.20 -29.47
N HIS B 319 -47.02 -32.08 -28.93
CA HIS B 319 -47.93 -31.22 -29.68
C HIS B 319 -47.24 -30.41 -30.76
N LEU B 320 -45.92 -30.31 -30.73
CA LEU B 320 -45.21 -29.27 -31.46
C LEU B 320 -44.80 -29.81 -32.83
N GLN B 321 -45.66 -29.60 -33.81
CA GLN B 321 -45.40 -30.06 -35.17
C GLN B 321 -44.78 -29.00 -36.06
N ASN B 322 -44.80 -27.74 -35.66
CA ASN B 322 -44.40 -26.67 -36.55
C ASN B 322 -43.29 -25.86 -35.90
N ARG B 323 -42.63 -25.04 -36.72
CA ARG B 323 -41.54 -24.20 -36.23
C ARG B 323 -42.07 -23.07 -35.35
N THR B 324 -43.36 -22.75 -35.45
CA THR B 324 -43.88 -21.63 -34.68
C THR B 324 -44.08 -22.00 -33.21
N GLN B 325 -44.61 -23.19 -32.93
CA GLN B 325 -44.99 -23.52 -31.56
C GLN B 325 -43.76 -23.75 -30.68
N VAL B 326 -42.67 -24.24 -31.28
CA VAL B 326 -41.47 -24.44 -30.48
C VAL B 326 -40.84 -23.11 -30.14
N LEU B 327 -41.04 -22.09 -30.99
CA LEU B 327 -40.60 -20.75 -30.65
C LEU B 327 -41.48 -20.17 -29.55
N GLN B 328 -42.72 -20.63 -29.46
CA GLN B 328 -43.63 -20.13 -28.43
C GLN B 328 -43.36 -20.78 -27.09
N TYR B 329 -42.95 -22.04 -27.09
CA TYR B 329 -42.75 -22.73 -25.83
C TYR B 329 -41.51 -22.21 -25.10
N LEU B 330 -40.54 -21.72 -25.87
CA LEU B 330 -39.28 -21.25 -25.27
C LEU B 330 -39.48 -19.97 -24.48
N GLY B 331 -39.88 -18.90 -25.16
CA GLY B 331 -39.91 -17.59 -24.53
C GLY B 331 -41.01 -17.43 -23.51
N ASP B 332 -41.99 -18.34 -23.53
CA ASP B 332 -43.00 -18.35 -22.48
C ASP B 332 -42.38 -18.68 -21.13
N LYS B 333 -41.36 -19.54 -21.12
CA LYS B 333 -40.69 -19.89 -19.87
C LYS B 333 -39.62 -18.88 -19.51
N PHE B 334 -38.90 -18.36 -20.51
CA PHE B 334 -37.85 -17.36 -20.30
C PHE B 334 -38.36 -15.95 -20.46
N ARG B 335 -39.65 -15.73 -20.19
CA ARG B 335 -40.20 -14.39 -20.20
C ARG B 335 -39.72 -13.59 -19.00
N VAL B 336 -39.68 -14.20 -17.83
CA VAL B 336 -39.42 -13.47 -16.60
C VAL B 336 -37.95 -13.09 -16.50
N VAL B 337 -37.05 -14.01 -16.89
CA VAL B 337 -35.63 -13.78 -16.68
C VAL B 337 -34.97 -13.07 -17.85
N PHE B 338 -35.71 -12.78 -18.91
CA PHE B 338 -35.15 -11.99 -20.00
C PHE B 338 -35.64 -10.56 -20.01
N GLN B 339 -36.32 -10.13 -18.93
CA GLN B 339 -36.87 -8.79 -18.77
C GLN B 339 -37.79 -8.43 -19.93
N ALA B 340 -38.66 -9.37 -20.28
CA ALA B 340 -39.50 -9.20 -21.45
C ALA B 340 -40.59 -8.17 -21.20
N SER B 341 -40.76 -7.26 -22.15
CA SER B 341 -41.73 -6.19 -22.02
C SER B 341 -43.15 -6.74 -22.18
N PRO B 342 -44.14 -6.21 -21.45
CA PRO B 342 -45.47 -6.83 -21.45
C PRO B 342 -46.26 -6.69 -22.75
N ASP B 343 -45.74 -6.03 -23.77
CA ASP B 343 -46.37 -6.02 -25.08
C ASP B 343 -45.79 -7.07 -26.01
N GLN B 344 -44.72 -7.74 -25.59
CA GLN B 344 -44.00 -8.64 -26.49
C GLN B 344 -44.73 -9.97 -26.63
N SER B 345 -44.87 -10.42 -27.85
CA SER B 345 -45.43 -11.74 -28.09
C SER B 345 -44.38 -12.81 -27.85
N ASP B 346 -44.81 -14.07 -27.92
CA ASP B 346 -43.91 -15.18 -27.67
C ASP B 346 -43.37 -15.78 -28.95
N LEU B 347 -43.69 -15.21 -30.10
CA LEU B 347 -42.81 -15.40 -31.25
C LEU B 347 -41.72 -14.33 -31.25
N GLU B 348 -41.99 -13.21 -30.58
CA GLU B 348 -40.98 -12.15 -30.46
C GLU B 348 -39.92 -12.52 -29.44
N VAL B 349 -40.34 -12.94 -28.24
CA VAL B 349 -39.40 -13.33 -27.21
C VAL B 349 -38.73 -14.65 -27.58
N GLY B 350 -39.44 -15.51 -28.31
CA GLY B 350 -38.86 -16.78 -28.71
C GLY B 350 -37.74 -16.64 -29.71
N GLN B 351 -37.83 -15.61 -30.57
CA GLN B 351 -36.70 -15.33 -31.45
C GLN B 351 -35.63 -14.52 -30.74
N GLU B 352 -35.98 -13.88 -29.62
CA GLU B 352 -34.98 -13.13 -28.87
C GLU B 352 -33.98 -14.06 -28.21
N VAL B 353 -34.44 -15.22 -27.74
CA VAL B 353 -33.53 -16.19 -27.13
C VAL B 353 -32.58 -16.74 -28.18
N LEU B 354 -33.07 -17.03 -29.36
CA LEU B 354 -32.22 -17.61 -30.40
C LEU B 354 -31.42 -16.55 -31.15
N ASP B 355 -31.44 -15.30 -30.70
CA ASP B 355 -30.54 -14.28 -31.21
C ASP B 355 -29.64 -13.68 -30.13
N ARG B 356 -30.01 -13.84 -28.87
CA ARG B 356 -29.18 -13.37 -27.78
C ARG B 356 -28.19 -14.42 -27.30
N ILE B 357 -28.52 -15.70 -27.43
CA ILE B 357 -27.82 -16.77 -26.73
C ILE B 357 -27.16 -17.74 -27.69
N VAL B 358 -27.94 -18.36 -28.58
CA VAL B 358 -27.48 -19.53 -29.33
C VAL B 358 -26.51 -19.09 -30.42
N LEU B 359 -25.22 -19.35 -30.21
CA LEU B 359 -24.13 -19.25 -31.19
C LEU B 359 -24.04 -17.84 -31.80
N VAL B 360 -23.70 -16.88 -30.94
CA VAL B 360 -23.80 -15.48 -31.29
C VAL B 360 -22.77 -15.02 -32.30
N HIS B 361 -21.76 -15.81 -32.59
CA HIS B 361 -20.75 -15.35 -33.55
C HIS B 361 -21.18 -15.54 -35.00
N LEU B 362 -22.39 -16.00 -35.24
CA LEU B 362 -22.93 -16.15 -36.58
C LEU B 362 -23.96 -15.08 -36.91
N GLY B 363 -24.23 -14.17 -35.98
CA GLY B 363 -25.04 -13.01 -36.29
C GLY B 363 -26.51 -13.21 -36.02
N LYS B 364 -27.34 -12.44 -36.73
CA LYS B 364 -28.78 -12.55 -36.64
C LYS B 364 -29.40 -13.21 -37.85
N ASP B 365 -28.82 -13.03 -39.03
CA ASP B 365 -29.34 -13.61 -40.25
C ASP B 365 -28.69 -14.93 -40.59
N GLY B 366 -28.30 -15.70 -39.57
CA GLY B 366 -27.54 -16.91 -39.78
C GLY B 366 -28.29 -18.15 -39.35
N SER B 367 -29.58 -18.24 -39.71
CA SER B 367 -30.37 -19.40 -39.32
C SER B 367 -29.89 -20.67 -39.98
N GLN B 368 -29.50 -20.61 -41.25
CA GLN B 368 -28.99 -21.81 -41.90
C GLN B 368 -27.58 -22.13 -41.42
N ASP B 369 -26.84 -21.11 -40.96
CA ASP B 369 -25.46 -21.34 -40.56
C ASP B 369 -25.34 -21.63 -39.07
N LYS B 370 -26.38 -21.32 -38.29
CA LYS B 370 -26.41 -21.84 -36.93
C LYS B 370 -26.92 -23.27 -36.92
N PHE B 371 -27.43 -23.75 -38.06
CA PHE B 371 -27.89 -25.13 -38.15
C PHE B 371 -26.71 -26.07 -38.24
N ARG B 372 -25.86 -25.88 -39.25
CA ARG B 372 -24.78 -26.81 -39.53
C ARG B 372 -23.72 -26.80 -38.43
N MET B 373 -23.51 -25.63 -37.82
CA MET B 373 -22.57 -25.56 -36.72
C MET B 373 -23.16 -26.16 -35.46
N LEU B 374 -24.47 -26.39 -35.42
CA LEU B 374 -25.02 -27.11 -34.29
C LEU B 374 -25.19 -28.59 -34.58
N LEU B 375 -24.99 -29.00 -35.84
CA LEU B 375 -24.88 -30.42 -36.11
C LEU B 375 -23.43 -30.88 -36.09
N PHE B 376 -22.50 -29.97 -36.44
CA PHE B 376 -21.08 -30.26 -36.31
C PHE B 376 -20.66 -30.33 -34.85
N MET B 377 -21.42 -29.71 -33.96
CA MET B 377 -21.12 -29.86 -32.55
C MET B 377 -21.74 -31.13 -31.99
N ILE B 378 -22.65 -31.76 -32.72
CA ILE B 378 -23.24 -33.00 -32.21
C ILE B 378 -22.51 -34.20 -32.78
N ARG B 379 -22.14 -34.16 -34.05
CA ARG B 379 -21.32 -35.24 -34.61
C ARG B 379 -19.95 -35.29 -33.95
N LYS B 380 -19.40 -34.14 -33.58
CA LYS B 380 -18.18 -34.15 -32.77
C LYS B 380 -18.43 -34.67 -31.36
N LEU B 381 -19.66 -34.57 -30.86
CA LEU B 381 -19.94 -35.11 -29.54
C LEU B 381 -19.99 -36.62 -29.56
N TYR B 382 -20.68 -37.18 -30.55
CA TYR B 382 -20.79 -38.64 -30.60
C TYR B 382 -19.48 -39.27 -31.03
N SER B 383 -18.71 -38.60 -31.87
CA SER B 383 -17.43 -39.13 -32.27
C SER B 383 -16.33 -38.87 -31.26
N LEU B 384 -16.68 -38.46 -30.04
CA LEU B 384 -15.80 -38.46 -28.89
C LEU B 384 -16.16 -39.58 -27.92
N VAL B 385 -17.46 -39.82 -27.73
CA VAL B 385 -17.93 -40.95 -26.94
C VAL B 385 -17.53 -42.26 -27.58
N ALA B 386 -17.53 -42.32 -28.91
CA ALA B 386 -17.06 -43.49 -29.62
C ALA B 386 -15.55 -43.63 -29.61
N GLY B 387 -14.83 -42.68 -29.00
CA GLY B 387 -13.39 -42.76 -28.92
C GLY B 387 -12.68 -42.58 -30.23
N GLU B 388 -13.36 -42.02 -31.23
CA GLU B 388 -12.75 -41.79 -32.52
C GLU B 388 -11.86 -40.56 -32.52
N CYS B 389 -12.07 -39.64 -31.59
CA CYS B 389 -11.22 -38.46 -31.49
C CYS B 389 -10.69 -38.33 -30.08
N SER B 390 -9.43 -37.91 -29.96
CA SER B 390 -8.90 -37.57 -28.67
C SER B 390 -9.47 -36.22 -28.22
N PRO B 391 -9.68 -36.05 -26.92
CA PRO B 391 -10.14 -34.76 -26.42
C PRO B 391 -9.08 -33.70 -26.58
N ASP B 392 -9.52 -32.44 -26.55
CA ASP B 392 -8.63 -31.31 -26.71
C ASP B 392 -8.29 -30.76 -25.34
N ASN B 393 -6.99 -30.61 -25.09
CA ASN B 393 -6.47 -30.16 -23.81
C ASN B 393 -6.65 -28.66 -23.68
N PRO B 394 -7.54 -28.19 -22.80
CA PRO B 394 -7.87 -26.77 -22.77
C PRO B 394 -6.82 -25.90 -22.13
N ASP B 395 -5.86 -26.47 -21.41
CA ASP B 395 -4.77 -25.71 -20.83
C ASP B 395 -3.55 -25.67 -21.72
N ALA B 396 -3.68 -26.13 -22.96
CA ALA B 396 -2.60 -26.02 -23.92
C ALA B 396 -2.62 -24.62 -24.52
N THR B 397 -1.46 -24.16 -24.98
CA THR B 397 -1.40 -22.88 -25.68
C THR B 397 -2.03 -22.98 -27.06
N GLN B 398 -2.20 -24.21 -27.58
CA GLN B 398 -2.84 -24.44 -28.86
C GLN B 398 -4.30 -23.99 -28.86
N HIS B 399 -4.95 -24.03 -27.71
CA HIS B 399 -6.36 -23.66 -27.65
C HIS B 399 -6.57 -22.44 -26.76
N GLN B 400 -5.77 -21.41 -26.94
CA GLN B 400 -5.87 -20.24 -26.09
C GLN B 400 -5.65 -18.97 -26.89
N GLU B 401 -6.32 -17.91 -26.45
CA GLU B 401 -6.20 -16.58 -27.02
C GLU B 401 -6.15 -15.60 -25.85
N VAL B 402 -5.67 -14.39 -26.15
CA VAL B 402 -5.37 -13.40 -25.13
C VAL B 402 -6.45 -12.33 -25.13
N LEU B 403 -7.26 -12.31 -24.09
CA LEU B 403 -8.26 -11.26 -23.92
C LEU B 403 -7.55 -10.05 -23.35
N LEU B 404 -7.54 -8.95 -24.10
CA LEU B 404 -6.62 -7.85 -23.85
C LEU B 404 -7.09 -6.99 -22.69
N GLY B 405 -6.48 -5.81 -22.56
CA GLY B 405 -6.87 -4.86 -21.54
C GLY B 405 -7.81 -3.81 -22.06
N GLY B 406 -7.61 -3.39 -23.31
CA GLY B 406 -8.52 -2.44 -23.90
C GLY B 406 -9.83 -3.04 -24.34
N PHE B 407 -9.84 -4.32 -24.70
CA PHE B 407 -11.10 -4.95 -25.07
C PHE B 407 -11.90 -5.30 -23.83
N LEU B 408 -11.26 -5.36 -22.66
CA LEU B 408 -12.01 -5.48 -21.43
C LEU B 408 -12.50 -4.12 -20.95
N TYR B 409 -11.81 -3.05 -21.34
CA TYR B 409 -12.25 -1.71 -20.97
C TYR B 409 -13.53 -1.32 -21.69
N GLY B 410 -13.79 -1.94 -22.84
CA GLY B 410 -15.01 -1.65 -23.58
C GLY B 410 -16.12 -2.62 -23.23
N MET B 411 -15.78 -3.73 -22.61
CA MET B 411 -16.83 -4.66 -22.19
C MET B 411 -17.48 -4.20 -20.90
N ILE B 412 -16.73 -3.49 -20.06
CA ILE B 412 -17.34 -2.94 -18.85
C ILE B 412 -18.20 -1.74 -19.20
N LEU B 413 -17.75 -0.93 -20.17
CA LEU B 413 -18.49 0.27 -20.55
C LEU B 413 -19.82 -0.06 -21.20
N LYS B 414 -19.88 -1.15 -21.98
CA LYS B 414 -21.14 -1.57 -22.57
C LYS B 414 -22.11 -2.07 -21.50
N GLU B 415 -21.60 -2.61 -20.39
CA GLU B 415 -22.49 -2.92 -19.28
C GLU B 415 -22.97 -1.65 -18.61
N LYS B 416 -22.07 -0.69 -18.40
CA LYS B 416 -22.39 0.51 -17.64
C LYS B 416 -23.40 1.38 -18.39
N ILE B 417 -23.43 1.28 -19.71
CA ILE B 417 -24.47 1.92 -20.49
C ILE B 417 -25.79 1.19 -20.29
N ASP B 418 -25.75 -0.13 -20.13
CA ASP B 418 -27.00 -0.86 -19.90
C ASP B 418 -27.49 -0.71 -18.47
N GLU B 419 -26.59 -0.46 -17.52
CA GLU B 419 -27.06 -0.16 -16.17
C GLU B 419 -27.72 1.20 -16.13
N TYR B 420 -27.33 2.09 -17.04
CA TYR B 420 -27.93 3.42 -17.13
C TYR B 420 -29.36 3.33 -17.62
N LEU B 421 -29.62 2.50 -18.63
CA LEU B 421 -30.96 2.45 -19.22
C LEU B 421 -31.91 1.64 -18.37
N GLN B 422 -31.40 0.91 -17.38
CA GLN B 422 -32.28 0.29 -16.40
C GLN B 422 -32.47 1.18 -15.18
N ASN B 423 -31.84 2.35 -15.19
CA ASN B 423 -32.11 3.32 -14.14
C ASN B 423 -33.18 4.31 -14.60
N ILE B 424 -33.22 4.60 -15.89
CA ILE B 424 -34.22 5.50 -16.45
C ILE B 424 -35.60 4.85 -16.41
N ILE B 425 -35.68 3.57 -16.76
CA ILE B 425 -36.94 2.84 -16.73
C ILE B 425 -37.43 2.67 -15.31
N ALA B 426 -36.51 2.46 -14.37
CA ALA B 426 -36.92 2.26 -12.99
C ALA B 426 -37.25 3.56 -12.28
N GLN B 427 -37.07 4.70 -12.95
CA GLN B 427 -37.45 5.98 -12.35
C GLN B 427 -38.78 6.46 -12.91
N VAL B 428 -39.06 6.14 -14.17
CA VAL B 428 -40.41 6.31 -14.71
C VAL B 428 -41.39 5.45 -13.92
N ARG B 429 -41.00 4.20 -13.64
CA ARG B 429 -41.85 3.31 -12.86
C ARG B 429 -41.97 3.78 -11.42
N MET B 430 -41.02 4.54 -10.92
CA MET B 430 -41.17 5.12 -9.60
C MET B 430 -42.02 6.38 -9.66
N ASP B 431 -42.23 6.92 -10.86
CA ASP B 431 -43.17 8.03 -10.99
C ASP B 431 -44.57 7.54 -11.32
N ILE B 432 -44.71 6.25 -11.66
CA ILE B 432 -46.02 5.70 -11.98
C ILE B 432 -46.64 5.01 -10.78
N ASN B 433 -45.85 4.21 -10.05
CA ASN B 433 -46.42 3.57 -8.86
C ASN B 433 -46.63 4.55 -7.73
N ARG B 434 -45.97 5.70 -7.75
CA ARG B 434 -46.25 6.74 -6.78
C ARG B 434 -47.45 7.60 -7.17
N GLY B 435 -47.96 7.43 -8.39
CA GLY B 435 -49.15 8.14 -8.82
C GLY B 435 -48.95 9.55 -9.28
N MET B 436 -47.72 9.96 -9.57
CA MET B 436 -47.48 11.33 -10.00
C MET B 436 -47.89 11.51 -11.45
N ALA B 437 -47.86 12.77 -11.90
CA ALA B 437 -48.23 13.08 -13.27
C ALA B 437 -47.10 12.68 -14.22
N ILE B 438 -47.45 12.56 -15.50
CA ILE B 438 -46.54 11.98 -16.48
C ILE B 438 -47.00 12.41 -17.86
N ASN B 439 -46.04 12.55 -18.77
CA ASN B 439 -46.28 12.60 -20.20
C ASN B 439 -44.99 12.17 -20.87
N PHE B 440 -45.12 11.53 -22.03
CA PHE B 440 -43.94 11.09 -22.76
C PHE B 440 -43.57 12.04 -23.90
N LYS B 441 -44.47 12.94 -24.27
CA LYS B 441 -44.26 13.81 -25.42
C LYS B 441 -43.55 15.10 -25.09
N ASP B 442 -43.25 15.37 -23.83
CA ASP B 442 -42.81 16.68 -23.39
C ASP B 442 -41.37 16.69 -22.91
N LYS B 443 -40.68 17.79 -23.21
CA LYS B 443 -39.32 18.02 -22.75
C LYS B 443 -39.29 18.45 -21.30
N ARG B 444 -40.45 18.81 -20.75
CA ARG B 444 -40.53 19.20 -19.35
C ARG B 444 -40.42 17.99 -18.44
N TYR B 445 -40.75 16.81 -18.96
CA TYR B 445 -40.65 15.61 -18.15
C TYR B 445 -39.40 14.80 -18.51
N MET B 446 -38.89 14.96 -19.73
CA MET B 446 -37.66 14.27 -20.12
C MET B 446 -36.49 14.76 -19.28
N SER B 447 -36.45 16.05 -18.99
CA SER B 447 -35.42 16.53 -18.10
C SER B 447 -35.84 16.45 -16.64
N ARG B 448 -37.02 15.89 -16.37
CA ARG B 448 -37.44 15.72 -14.97
C ARG B 448 -36.90 14.42 -14.40
N VAL B 449 -37.00 13.33 -15.17
CA VAL B 449 -36.54 12.03 -14.71
C VAL B 449 -35.01 11.95 -14.71
N LEU B 450 -34.35 12.65 -15.62
CA LEU B 450 -32.90 12.57 -15.78
C LEU B 450 -32.12 13.32 -14.72
N MET B 451 -32.78 13.93 -13.76
CA MET B 451 -32.09 14.52 -12.63
C MET B 451 -32.10 13.61 -11.40
N ARG B 452 -32.78 12.46 -11.48
CA ARG B 452 -32.83 11.48 -10.41
C ARG B 452 -32.03 10.23 -10.75
N VAL B 453 -31.12 10.31 -11.70
CA VAL B 453 -30.36 9.16 -12.16
C VAL B 453 -28.87 9.50 -12.02
N ASN B 454 -28.14 8.60 -11.37
CA ASN B 454 -26.68 8.68 -11.30
C ASN B 454 -26.09 8.50 -12.69
N GLU B 455 -25.49 9.57 -13.23
CA GLU B 455 -24.86 9.53 -14.53
C GLU B 455 -23.34 9.52 -14.45
N ASN B 456 -22.79 9.39 -13.24
CA ASN B 456 -21.34 9.26 -13.09
C ASN B 456 -20.96 7.84 -13.50
N ILE B 457 -20.82 7.65 -14.80
CA ILE B 457 -20.36 6.38 -15.33
C ILE B 457 -18.84 6.39 -15.49
N GLY B 458 -18.26 7.54 -15.77
CA GLY B 458 -16.82 7.67 -15.70
C GLY B 458 -16.27 7.72 -14.29
N SER B 459 -17.16 7.81 -13.29
CA SER B 459 -16.71 7.58 -11.93
C SER B 459 -16.99 6.16 -11.47
N LYS B 460 -17.44 5.31 -12.38
CA LYS B 460 -17.54 3.89 -12.07
C LYS B 460 -16.43 3.11 -12.77
N MET B 461 -15.88 3.66 -13.84
CA MET B 461 -14.67 3.08 -14.42
C MET B 461 -13.45 3.50 -13.61
N GLN B 462 -13.49 4.67 -13.00
CA GLN B 462 -12.40 5.07 -12.11
C GLN B 462 -12.39 4.21 -10.86
N TYR B 463 -13.53 3.70 -10.44
CA TYR B 463 -13.53 2.78 -9.31
C TYR B 463 -12.97 1.42 -9.70
N PHE B 464 -13.26 0.97 -10.92
CA PHE B 464 -12.77 -0.34 -11.37
C PHE B 464 -11.26 -0.32 -11.53
N LEU B 465 -10.70 0.81 -11.94
CA LEU B 465 -9.24 0.88 -12.03
C LEU B 465 -8.59 1.07 -10.68
N SER B 466 -9.31 1.61 -9.70
CA SER B 466 -8.68 1.92 -8.44
C SER B 466 -8.83 0.83 -7.39
N THR B 467 -9.46 -0.29 -7.73
CA THR B 467 -9.37 -1.45 -6.86
C THR B 467 -9.14 -2.75 -7.61
N GLY B 468 -9.42 -2.82 -8.90
CA GLY B 468 -9.36 -4.05 -9.64
C GLY B 468 -10.63 -4.87 -9.61
N ASN B 469 -11.59 -4.51 -8.76
CA ASN B 469 -12.81 -5.30 -8.63
C ASN B 469 -13.71 -5.08 -9.84
N LEU B 470 -14.72 -5.94 -9.95
CA LEU B 470 -15.63 -5.91 -11.09
C LEU B 470 -17.05 -6.10 -10.56
N VAL B 471 -17.92 -5.13 -10.83
CA VAL B 471 -19.22 -5.05 -10.18
C VAL B 471 -20.26 -5.21 -11.29
N SER B 472 -19.93 -5.98 -12.31
CA SER B 472 -20.91 -6.22 -13.36
C SER B 472 -21.97 -7.21 -12.90
N GLN B 473 -23.18 -7.04 -13.43
CA GLN B 473 -24.31 -7.86 -13.03
C GLN B 473 -24.53 -9.06 -13.95
N SER B 474 -24.04 -9.02 -15.17
CA SER B 474 -23.94 -10.21 -15.99
C SER B 474 -22.66 -10.94 -15.66
N GLY B 475 -22.42 -12.04 -16.35
CA GLY B 475 -21.25 -12.82 -16.01
C GLY B 475 -19.96 -12.26 -16.55
N LEU B 476 -19.99 -11.80 -17.81
CA LEU B 476 -18.89 -11.50 -18.73
C LEU B 476 -18.16 -12.74 -19.21
N ASP B 477 -18.62 -13.95 -18.86
CA ASP B 477 -17.97 -15.23 -19.12
C ASP B 477 -16.51 -15.22 -18.63
N LEU B 478 -16.37 -14.96 -17.34
CA LEU B 478 -15.05 -14.86 -16.73
C LEU B 478 -15.15 -15.47 -15.34
N GLN B 479 -14.11 -16.20 -14.95
CA GLN B 479 -14.14 -16.88 -13.66
C GLN B 479 -13.90 -15.92 -12.51
N GLN B 480 -12.74 -15.28 -12.50
CA GLN B 480 -12.37 -14.46 -11.37
C GLN B 480 -13.11 -13.13 -11.40
N VAL B 481 -13.31 -12.57 -10.21
CA VAL B 481 -13.95 -11.28 -10.04
C VAL B 481 -12.94 -10.20 -9.68
N SER B 482 -12.18 -10.41 -8.63
CA SER B 482 -11.28 -9.36 -8.21
C SER B 482 -9.94 -9.46 -8.93
N GLY B 483 -9.12 -8.43 -8.74
CA GLY B 483 -7.76 -8.40 -9.19
C GLY B 483 -7.56 -8.41 -10.69
N TYR B 484 -8.02 -7.38 -11.39
CA TYR B 484 -7.81 -7.28 -12.82
C TYR B 484 -6.70 -6.33 -13.20
N THR B 485 -6.47 -5.31 -12.39
CA THR B 485 -5.47 -4.27 -12.67
C THR B 485 -4.31 -4.37 -11.70
N VAL B 486 -3.12 -4.03 -12.18
CA VAL B 486 -1.93 -3.97 -11.35
C VAL B 486 -1.29 -2.61 -11.49
N VAL B 487 -0.57 -2.21 -10.46
CA VAL B 487 0.07 -0.90 -10.43
C VAL B 487 1.38 -0.98 -11.20
N ALA B 488 1.51 -0.15 -12.22
CA ALA B 488 2.71 -0.18 -13.05
C ALA B 488 3.87 0.47 -12.32
N GLU B 489 4.59 -0.33 -11.53
CA GLU B 489 5.75 0.17 -10.82
C GLU B 489 6.87 0.51 -11.78
N LYS B 490 7.77 1.36 -11.32
CA LYS B 490 8.89 1.86 -12.12
C LYS B 490 10.16 1.84 -11.29
N ILE B 491 10.48 0.68 -10.71
CA ILE B 491 11.70 0.54 -9.92
C ILE B 491 12.93 0.77 -10.79
N ASN B 492 12.88 0.32 -12.04
CA ASN B 492 13.81 0.75 -13.06
C ASN B 492 13.13 0.63 -14.40
N PHE B 493 13.90 0.56 -15.47
CA PHE B 493 13.30 0.44 -16.78
C PHE B 493 12.78 -0.96 -17.04
N TYR B 494 13.51 -1.99 -16.60
CA TYR B 494 13.14 -3.36 -16.95
C TYR B 494 11.88 -3.78 -16.25
N ARG B 495 11.68 -3.31 -15.02
CA ARG B 495 10.46 -3.61 -14.29
C ARG B 495 9.26 -2.92 -14.91
N PHE B 496 9.49 -1.80 -15.59
CA PHE B 496 8.38 -1.12 -16.24
C PHE B 496 8.01 -1.79 -17.55
N ILE B 497 8.99 -2.01 -18.43
CA ILE B 497 8.69 -2.53 -19.75
C ILE B 497 8.22 -3.98 -19.70
N SER B 498 8.54 -4.72 -18.65
CA SER B 498 8.06 -6.09 -18.54
C SER B 498 6.66 -6.19 -17.98
N HIS B 499 5.98 -5.07 -17.76
CA HIS B 499 4.56 -5.15 -17.46
C HIS B 499 3.75 -5.25 -18.73
N PHE B 500 4.25 -4.70 -19.82
CA PHE B 500 3.54 -4.66 -21.07
C PHE B 500 3.78 -5.89 -21.91
N ARG B 501 4.31 -6.95 -21.30
CA ARG B 501 4.41 -8.25 -21.91
C ARG B 501 3.83 -9.34 -21.05
N MET B 502 3.62 -9.10 -19.77
CA MET B 502 3.15 -10.12 -18.84
C MET B 502 1.73 -10.56 -19.17
N VAL B 503 1.53 -11.88 -19.22
CA VAL B 503 0.22 -12.48 -19.39
C VAL B 503 -0.03 -13.32 -18.16
N HIS B 504 -1.28 -13.65 -17.89
CA HIS B 504 -1.62 -14.34 -16.66
C HIS B 504 -2.74 -15.31 -16.94
N ARG B 505 -2.66 -16.50 -16.35
CA ARG B 505 -3.63 -17.53 -16.68
C ARG B 505 -4.96 -17.31 -15.94
N GLY B 506 -4.91 -17.18 -14.62
CA GLY B 506 -6.09 -16.87 -13.85
C GLY B 506 -5.80 -16.94 -12.37
N SER B 507 -6.36 -16.04 -11.56
CA SER B 507 -6.13 -16.12 -10.13
C SER B 507 -6.92 -17.24 -9.49
N PHE B 508 -7.93 -17.75 -10.20
CA PHE B 508 -8.63 -18.96 -9.79
C PHE B 508 -7.70 -20.16 -9.80
N PHE B 509 -6.69 -20.15 -10.66
CA PHE B 509 -5.82 -21.29 -10.90
C PHE B 509 -4.60 -21.29 -9.98
N ALA B 510 -4.55 -20.40 -8.99
CA ALA B 510 -3.46 -20.37 -8.04
C ALA B 510 -3.77 -21.11 -6.75
N GLN B 511 -5.05 -21.19 -6.38
CA GLN B 511 -5.47 -21.95 -5.22
C GLN B 511 -5.79 -23.39 -5.55
N LEU B 512 -5.44 -23.84 -6.75
CA LEU B 512 -5.64 -25.25 -7.08
C LEU B 512 -4.56 -26.09 -6.39
N LYS B 513 -4.78 -27.40 -6.42
CA LYS B 513 -3.75 -28.35 -6.04
C LYS B 513 -3.21 -29.09 -7.25
N THR B 514 -3.79 -28.87 -8.42
CA THR B 514 -3.34 -29.48 -9.66
C THR B 514 -2.18 -28.65 -10.23
N THR B 515 -1.00 -29.25 -10.30
CA THR B 515 0.18 -28.59 -10.83
C THR B 515 0.41 -28.92 -12.30
N THR B 516 -0.65 -29.18 -13.05
CA THR B 516 -0.53 -29.45 -14.47
C THR B 516 -0.77 -28.23 -15.33
N VAL B 517 -1.35 -27.17 -14.76
CA VAL B 517 -1.43 -25.90 -15.46
C VAL B 517 -0.10 -25.15 -15.40
N ARG B 518 0.72 -25.43 -14.39
CA ARG B 518 2.01 -24.78 -14.20
C ARG B 518 3.12 -25.36 -15.06
N LYS B 519 2.84 -26.36 -15.88
CA LYS B 519 3.87 -27.06 -16.62
C LYS B 519 4.18 -26.35 -17.92
N LEU B 520 5.46 -26.24 -18.27
CA LEU B 520 5.82 -25.73 -19.58
C LEU B 520 5.55 -26.78 -20.63
N LEU B 521 4.87 -26.38 -21.70
CA LEU B 521 4.40 -27.24 -22.77
C LEU B 521 5.25 -27.00 -24.02
N PRO B 522 5.24 -27.89 -25.01
CA PRO B 522 6.03 -27.63 -26.21
C PRO B 522 5.35 -26.82 -27.28
N GLU B 523 4.07 -26.47 -27.16
CA GLU B 523 3.48 -25.51 -28.06
C GLU B 523 3.40 -24.12 -27.46
N SER B 524 4.22 -23.84 -26.46
CA SER B 524 4.55 -22.48 -26.11
C SER B 524 5.82 -22.02 -26.82
N TRP B 525 6.25 -22.73 -27.84
CA TRP B 525 7.48 -22.39 -28.52
C TRP B 525 7.24 -21.18 -29.38
N GLY B 526 8.03 -20.14 -29.17
CA GLY B 526 7.95 -18.96 -30.00
C GLY B 526 6.99 -17.90 -29.52
N PHE B 527 6.00 -18.25 -28.72
CA PHE B 527 5.09 -17.27 -28.17
C PHE B 527 5.40 -16.96 -26.72
N LEU B 528 5.31 -17.93 -25.82
CA LEU B 528 5.56 -17.68 -24.43
C LEU B 528 7.00 -18.06 -24.09
N CYS B 529 7.63 -17.25 -23.27
CA CYS B 529 9.02 -17.42 -22.91
C CYS B 529 9.18 -18.59 -21.94
N PRO B 530 10.17 -19.44 -22.13
CA PRO B 530 10.43 -20.51 -21.17
C PRO B 530 11.13 -20.02 -19.92
N VAL B 531 11.90 -18.96 -20.04
CA VAL B 531 12.77 -18.49 -18.98
C VAL B 531 12.04 -17.56 -18.03
N HIS B 532 11.49 -16.47 -18.57
CA HIS B 532 10.93 -15.38 -17.77
C HIS B 532 9.65 -15.83 -17.09
N THR B 533 9.74 -16.10 -15.79
CA THR B 533 8.64 -16.54 -14.92
C THR B 533 9.13 -16.38 -13.49
N PRO B 534 8.32 -15.87 -12.56
CA PRO B 534 8.76 -15.75 -11.17
C PRO B 534 8.90 -17.11 -10.51
N ASP B 535 9.43 -17.10 -9.29
CA ASP B 535 9.55 -18.31 -8.50
C ASP B 535 8.66 -18.20 -7.27
N GLY B 536 8.28 -19.35 -6.75
CA GLY B 536 7.38 -19.39 -5.61
C GLY B 536 5.97 -19.77 -5.98
N SER B 537 5.00 -19.11 -5.36
CA SER B 537 3.60 -19.38 -5.64
C SER B 537 3.11 -18.94 -7.03
N PRO B 538 3.56 -17.81 -7.61
CA PRO B 538 3.12 -17.56 -8.99
C PRO B 538 4.02 -18.16 -10.05
N CYS B 539 4.82 -19.16 -9.71
CA CYS B 539 5.65 -19.82 -10.72
C CYS B 539 4.77 -20.62 -11.66
N GLY B 540 4.96 -20.41 -12.96
CA GLY B 540 4.30 -21.19 -13.97
C GLY B 540 3.00 -20.59 -14.47
N LEU B 541 2.39 -19.69 -13.70
CA LEU B 541 1.20 -19.00 -14.16
C LEU B 541 1.55 -17.69 -14.86
N LEU B 542 2.36 -16.86 -14.22
CA LEU B 542 2.71 -15.55 -14.75
C LEU B 542 3.70 -15.61 -15.89
N ASN B 543 3.26 -15.92 -17.10
CA ASN B 543 4.19 -16.06 -18.20
C ASN B 543 4.55 -14.70 -18.78
N HIS B 544 5.36 -14.70 -19.84
CA HIS B 544 5.73 -13.49 -20.52
C HIS B 544 5.94 -13.82 -21.99
N PHE B 545 5.52 -12.93 -22.87
CA PHE B 545 5.57 -13.20 -24.29
C PHE B 545 6.98 -13.13 -24.82
N ALA B 546 7.26 -13.94 -25.83
CA ALA B 546 8.48 -13.79 -26.57
C ALA B 546 8.46 -12.48 -27.34
N HIS B 547 9.63 -11.96 -27.63
CA HIS B 547 9.67 -10.60 -28.10
C HIS B 547 9.37 -10.46 -29.58
N LYS B 548 8.86 -11.50 -30.24
CA LYS B 548 8.27 -11.33 -31.56
C LYS B 548 6.83 -11.79 -31.61
N CYS B 549 6.20 -12.09 -30.49
CA CYS B 549 4.80 -12.47 -30.47
C CYS B 549 3.95 -11.21 -30.57
N ARG B 550 3.30 -11.01 -31.70
CA ARG B 550 2.48 -9.84 -31.93
C ARG B 550 1.01 -10.23 -31.88
N ILE B 551 0.29 -9.74 -30.90
CA ILE B 551 -1.14 -10.01 -30.82
C ILE B 551 -1.87 -9.10 -31.78
N SER B 552 -2.70 -9.68 -32.65
CA SER B 552 -3.44 -8.91 -33.64
C SER B 552 -4.70 -8.35 -33.03
N THR B 553 -4.95 -7.08 -33.29
CA THR B 553 -5.97 -6.30 -32.58
C THR B 553 -7.10 -5.79 -33.46
N GLN B 554 -6.98 -5.89 -34.77
CA GLN B 554 -8.05 -5.49 -35.66
C GLN B 554 -8.46 -6.64 -36.56
N GLN B 555 -9.77 -6.82 -36.69
CA GLN B 555 -10.32 -7.95 -37.44
C GLN B 555 -10.00 -7.84 -38.92
N SER B 556 -9.48 -8.93 -39.48
CA SER B 556 -9.11 -8.95 -40.87
C SER B 556 -10.33 -9.17 -41.75
N ASP B 557 -10.15 -9.03 -43.05
CA ASP B 557 -11.23 -9.18 -44.01
C ASP B 557 -11.39 -10.65 -44.40
N VAL B 558 -12.63 -11.13 -44.37
CA VAL B 558 -12.91 -12.51 -44.75
C VAL B 558 -14.07 -12.54 -45.74
N SER B 559 -14.15 -11.50 -46.57
CA SER B 559 -15.25 -11.42 -47.53
C SER B 559 -14.98 -12.23 -48.78
N ARG B 560 -13.77 -12.17 -49.32
CA ARG B 560 -13.47 -12.80 -50.58
C ARG B 560 -12.77 -14.13 -50.43
N ILE B 561 -12.81 -14.74 -49.26
CA ILE B 561 -12.21 -16.07 -49.10
C ILE B 561 -13.08 -17.18 -49.68
N PRO B 562 -14.42 -17.24 -49.50
CA PRO B 562 -15.18 -18.30 -50.18
C PRO B 562 -15.18 -18.23 -51.70
N SER B 563 -14.87 -17.08 -52.29
CA SER B 563 -14.71 -17.03 -53.73
C SER B 563 -13.46 -17.78 -54.16
N ILE B 564 -12.42 -17.76 -53.33
CA ILE B 564 -11.23 -18.54 -53.63
C ILE B 564 -11.44 -19.99 -53.24
N LEU B 565 -12.27 -20.24 -52.24
CA LEU B 565 -12.43 -21.60 -51.77
C LEU B 565 -13.27 -22.43 -52.74
N TYR B 566 -14.33 -21.85 -53.28
CA TYR B 566 -15.17 -22.60 -54.21
C TYR B 566 -14.49 -22.83 -55.54
N SER B 567 -13.47 -22.04 -55.86
CA SER B 567 -12.68 -22.25 -57.06
C SER B 567 -11.63 -23.32 -56.87
N LEU B 568 -11.41 -23.80 -55.65
CA LEU B 568 -10.38 -24.79 -55.36
C LEU B 568 -10.95 -26.17 -55.09
N GLY B 569 -12.24 -26.37 -55.28
CA GLY B 569 -12.80 -27.71 -55.25
C GLY B 569 -13.76 -27.99 -54.12
N VAL B 570 -14.02 -27.03 -53.26
CA VAL B 570 -14.89 -27.29 -52.11
C VAL B 570 -16.33 -27.34 -52.59
N ALA B 571 -17.05 -28.37 -52.19
CA ALA B 571 -18.48 -28.40 -52.43
C ALA B 571 -19.17 -27.44 -51.47
N PRO B 572 -20.22 -26.75 -51.90
CA PRO B 572 -20.93 -25.86 -50.98
C PRO B 572 -21.67 -26.62 -49.89
N ALA B 573 -21.87 -25.93 -48.78
CA ALA B 573 -22.28 -26.56 -47.55
C ALA B 573 -23.78 -26.58 -47.36
N SER B 574 -24.55 -26.08 -48.33
CA SER B 574 -26.00 -26.08 -48.20
C SER B 574 -26.67 -27.16 -49.03
N HIS B 575 -26.08 -27.51 -50.17
CA HIS B 575 -26.63 -28.53 -51.04
C HIS B 575 -25.66 -29.68 -51.22
N THR B 576 -25.06 -30.14 -50.13
CA THR B 576 -24.25 -31.34 -50.17
C THR B 576 -24.33 -32.02 -48.81
N PHE B 577 -24.81 -33.25 -48.81
CA PHE B 577 -25.01 -34.01 -47.58
C PHE B 577 -23.75 -34.83 -47.30
N ALA B 578 -23.04 -34.46 -46.25
CA ALA B 578 -21.93 -35.23 -45.71
C ALA B 578 -21.77 -34.84 -44.26
N ALA B 579 -21.03 -35.67 -43.51
CA ALA B 579 -20.70 -35.38 -42.12
C ALA B 579 -19.56 -36.28 -41.68
N GLY B 580 -19.03 -36.01 -40.50
CA GLY B 580 -18.15 -36.94 -39.83
C GLY B 580 -16.67 -36.65 -40.02
N PRO B 581 -15.83 -37.35 -39.24
CA PRO B 581 -14.38 -37.20 -39.40
C PRO B 581 -13.80 -37.85 -40.64
N SER B 582 -14.61 -38.41 -41.53
CA SER B 582 -14.07 -39.07 -42.70
C SER B 582 -13.71 -38.10 -43.82
N LEU B 583 -14.07 -36.83 -43.70
CA LEU B 583 -13.83 -35.87 -44.77
C LEU B 583 -13.74 -34.47 -44.19
N CYS B 584 -12.91 -33.64 -44.83
CA CYS B 584 -12.44 -32.39 -44.24
C CYS B 584 -13.52 -31.33 -44.26
N CYS B 585 -13.86 -30.80 -43.08
CA CYS B 585 -14.84 -29.74 -42.97
C CYS B 585 -14.16 -28.38 -42.97
N VAL B 586 -14.32 -27.61 -44.04
CA VAL B 586 -13.60 -26.35 -44.20
C VAL B 586 -14.41 -25.25 -43.53
N GLN B 587 -13.77 -24.51 -42.64
CA GLN B 587 -14.44 -23.48 -41.88
C GLN B 587 -13.68 -22.17 -41.96
N ILE B 588 -14.41 -21.06 -41.86
CA ILE B 588 -13.84 -19.74 -41.70
C ILE B 588 -14.48 -19.14 -40.46
N ASP B 589 -13.69 -18.97 -39.41
CA ASP B 589 -14.07 -18.26 -38.18
C ASP B 589 -15.29 -18.90 -37.52
N GLY B 590 -15.36 -20.22 -37.58
CA GLY B 590 -16.50 -20.91 -37.00
C GLY B 590 -17.76 -20.83 -37.82
N LYS B 591 -17.64 -20.83 -39.14
CA LYS B 591 -18.79 -20.87 -40.04
C LYS B 591 -18.46 -21.84 -41.16
N ILE B 592 -19.37 -22.80 -41.40
CA ILE B 592 -19.08 -23.88 -42.34
C ILE B 592 -19.11 -23.34 -43.77
N ILE B 593 -18.05 -23.60 -44.52
CA ILE B 593 -18.00 -23.26 -45.92
C ILE B 593 -18.31 -24.45 -46.80
N GLY B 594 -17.78 -25.63 -46.46
CA GLY B 594 -18.07 -26.81 -47.24
C GLY B 594 -17.22 -27.98 -46.82
N TRP B 595 -17.12 -28.96 -47.72
CA TRP B 595 -16.49 -30.24 -47.42
C TRP B 595 -15.62 -30.66 -48.59
N VAL B 596 -14.52 -31.35 -48.30
CA VAL B 596 -13.57 -31.79 -49.30
C VAL B 596 -12.86 -33.02 -48.77
N SER B 597 -12.39 -33.86 -49.69
CA SER B 597 -11.65 -35.07 -49.34
C SER B 597 -10.35 -34.73 -48.60
N HIS B 598 -9.84 -35.71 -47.86
CA HIS B 598 -8.64 -35.50 -47.07
C HIS B 598 -7.41 -35.41 -47.95
N GLU B 599 -7.44 -36.06 -49.12
CA GLU B 599 -6.33 -35.94 -50.04
C GLU B 599 -6.30 -34.55 -50.66
N GLN B 600 -7.46 -34.06 -51.11
CA GLN B 600 -7.49 -32.73 -51.69
C GLN B 600 -7.50 -31.65 -50.63
N GLY B 601 -7.84 -32.00 -49.39
CA GLY B 601 -7.83 -31.02 -48.31
C GLY B 601 -6.43 -30.58 -47.95
N LYS B 602 -5.44 -31.44 -48.16
CA LYS B 602 -4.06 -31.06 -47.88
C LYS B 602 -3.51 -30.14 -48.96
N ILE B 603 -3.91 -30.36 -50.21
CA ILE B 603 -3.34 -29.56 -51.28
C ILE B 603 -4.00 -28.19 -51.33
N ILE B 604 -5.19 -28.05 -50.74
CA ILE B 604 -5.75 -26.72 -50.56
C ILE B 604 -4.93 -25.94 -49.53
N ALA B 605 -4.59 -26.58 -48.42
CA ALA B 605 -3.93 -25.89 -47.33
C ALA B 605 -2.47 -25.59 -47.64
N ASP B 606 -1.93 -26.14 -48.73
CA ASP B 606 -0.60 -25.75 -49.15
C ASP B 606 -0.66 -24.79 -50.32
N THR B 607 -1.81 -24.68 -50.99
CA THR B 607 -1.91 -23.69 -52.04
C THR B 607 -2.38 -22.35 -51.49
N LEU B 608 -3.22 -22.36 -50.45
CA LEU B 608 -3.61 -21.10 -49.82
C LEU B 608 -2.41 -20.40 -49.21
N ARG B 609 -1.47 -21.17 -48.65
CA ARG B 609 -0.27 -20.60 -48.10
C ARG B 609 0.64 -20.07 -49.19
N TYR B 610 0.57 -20.65 -50.39
CA TYR B 610 1.42 -20.17 -51.47
C TYR B 610 0.93 -18.84 -52.02
N TRP B 611 -0.39 -18.64 -52.08
CA TRP B 611 -0.90 -17.36 -52.54
C TRP B 611 -0.83 -16.31 -51.45
N LYS B 612 -0.74 -16.74 -50.19
CA LYS B 612 -0.73 -15.79 -49.09
C LYS B 612 0.62 -15.12 -48.96
N VAL B 613 1.70 -15.89 -49.00
CA VAL B 613 3.04 -15.35 -48.87
C VAL B 613 3.43 -14.57 -50.11
N GLU B 614 2.99 -15.02 -51.29
CA GLU B 614 3.38 -14.38 -52.53
C GLU B 614 2.76 -13.00 -52.67
N GLY B 615 1.46 -12.89 -52.39
CA GLY B 615 0.83 -11.59 -52.33
C GLY B 615 0.40 -11.01 -53.66
N LYS B 616 0.13 -11.85 -54.66
CA LYS B 616 -0.40 -11.38 -55.93
C LYS B 616 -1.86 -11.75 -56.10
N THR B 617 -2.57 -11.99 -55.01
CA THR B 617 -3.99 -12.23 -55.02
C THR B 617 -4.71 -11.18 -54.18
N PRO B 618 -5.91 -10.76 -54.57
CA PRO B 618 -6.68 -9.84 -53.76
C PRO B 618 -7.62 -10.54 -52.81
N GLY B 619 -7.85 -9.89 -51.66
CA GLY B 619 -8.73 -10.42 -50.65
C GLY B 619 -8.09 -11.36 -49.67
N LEU B 620 -6.81 -11.69 -49.84
CA LEU B 620 -6.12 -12.64 -48.98
C LEU B 620 -5.11 -11.92 -48.10
N PRO B 621 -5.34 -11.82 -46.80
CA PRO B 621 -4.39 -11.17 -45.90
C PRO B 621 -3.19 -12.07 -45.64
N ILE B 622 -2.27 -11.58 -44.80
CA ILE B 622 -1.10 -12.37 -44.42
C ILE B 622 -1.17 -12.84 -42.98
N ASP B 623 -2.07 -12.31 -42.16
CA ASP B 623 -2.20 -12.80 -40.80
C ASP B 623 -3.28 -13.86 -40.68
N LEU B 624 -3.40 -14.71 -41.70
CA LEU B 624 -4.39 -15.78 -41.70
C LEU B 624 -3.76 -17.06 -41.15
N GLU B 625 -4.48 -17.74 -40.27
CA GLU B 625 -4.09 -19.05 -39.79
C GLU B 625 -4.74 -20.11 -40.68
N ILE B 626 -3.95 -20.78 -41.49
CA ILE B 626 -4.44 -21.92 -42.26
C ILE B 626 -4.18 -23.15 -41.39
N GLY B 627 -5.09 -23.38 -40.44
CA GLY B 627 -4.95 -24.53 -39.58
C GLY B 627 -5.49 -25.78 -40.22
N TYR B 628 -4.62 -26.72 -40.55
CA TYR B 628 -5.00 -27.96 -41.20
C TYR B 628 -4.70 -29.10 -40.25
N VAL B 629 -5.71 -29.90 -39.93
CA VAL B 629 -5.57 -31.01 -38.99
C VAL B 629 -5.65 -32.32 -39.77
N PRO B 630 -4.52 -32.97 -40.07
CA PRO B 630 -4.55 -34.20 -40.85
C PRO B 630 -5.18 -35.33 -40.05
N PRO B 631 -5.72 -36.35 -40.72
CA PRO B 631 -6.40 -37.41 -39.99
C PRO B 631 -5.45 -38.51 -39.52
N SER B 632 -5.78 -39.06 -38.36
CA SER B 632 -4.91 -40.04 -37.73
C SER B 632 -5.76 -40.90 -36.80
N THR B 633 -5.16 -41.98 -36.33
CA THR B 633 -5.84 -42.94 -35.48
C THR B 633 -6.09 -42.33 -34.12
N ARG B 634 -7.37 -42.06 -33.82
CA ARG B 634 -7.84 -41.50 -32.55
C ARG B 634 -7.15 -40.18 -32.21
N GLY B 635 -6.82 -39.39 -33.22
CA GLY B 635 -6.13 -38.14 -32.97
C GLY B 635 -7.07 -37.00 -32.67
N GLN B 636 -6.82 -35.85 -33.27
CA GLN B 636 -7.73 -34.73 -33.17
C GLN B 636 -8.71 -34.78 -34.34
N TYR B 637 -9.89 -34.21 -34.13
CA TYR B 637 -10.95 -34.20 -35.12
C TYR B 637 -10.52 -33.39 -36.33
N PRO B 638 -10.53 -33.95 -37.52
CA PRO B 638 -9.87 -33.31 -38.65
C PRO B 638 -10.74 -32.27 -39.33
N GLY B 639 -10.06 -31.31 -39.96
CA GLY B 639 -10.71 -30.25 -40.68
C GLY B 639 -9.67 -29.24 -41.13
N LEU B 640 -10.08 -28.37 -42.03
CA LEU B 640 -9.24 -27.29 -42.52
C LEU B 640 -9.79 -26.00 -41.96
N TYR B 641 -9.18 -25.49 -40.91
CA TYR B 641 -9.73 -24.39 -40.14
C TYR B 641 -8.98 -23.12 -40.50
N LEU B 642 -9.72 -22.10 -40.92
CA LEU B 642 -9.17 -20.80 -41.22
C LEU B 642 -9.64 -19.83 -40.13
N PHE B 643 -8.83 -18.83 -39.83
CA PHE B 643 -9.11 -17.92 -38.73
C PHE B 643 -8.66 -16.51 -39.06
N GLY B 644 -9.40 -15.52 -38.60
CA GLY B 644 -8.97 -14.15 -38.84
C GLY B 644 -9.25 -13.09 -37.80
N GLY B 645 -9.80 -13.46 -36.65
CA GLY B 645 -10.38 -12.51 -35.74
C GLY B 645 -9.37 -11.72 -34.93
N HIS B 646 -9.90 -11.01 -33.93
CA HIS B 646 -9.09 -10.31 -32.95
C HIS B 646 -8.43 -11.31 -32.01
N SER B 647 -7.41 -10.83 -31.29
CA SER B 647 -6.79 -11.53 -30.16
C SER B 647 -6.20 -12.88 -30.57
N ARG B 648 -5.17 -12.82 -31.39
CA ARG B 648 -4.54 -14.03 -31.91
C ARG B 648 -3.04 -13.88 -31.83
N MET B 649 -2.39 -14.77 -31.09
CA MET B 649 -0.94 -14.77 -31.03
C MET B 649 -0.36 -15.16 -32.39
N LEU B 650 0.68 -14.46 -32.81
CA LEU B 650 1.26 -14.63 -34.13
C LEU B 650 2.76 -14.42 -34.01
N ARG B 651 3.52 -14.98 -34.93
CA ARG B 651 4.96 -14.76 -34.93
C ARG B 651 5.51 -14.94 -36.32
N PRO B 652 6.59 -14.28 -36.66
CA PRO B 652 7.11 -14.40 -38.03
C PRO B 652 8.13 -15.50 -38.24
N VAL B 653 7.85 -16.42 -39.16
CA VAL B 653 8.84 -17.42 -39.58
C VAL B 653 9.10 -17.16 -41.05
N ARG B 654 10.04 -17.90 -41.63
CA ARG B 654 10.48 -17.69 -43.00
C ARG B 654 10.00 -18.84 -43.86
N TYR B 655 9.38 -18.52 -45.00
CA TYR B 655 8.84 -19.53 -45.90
C TYR B 655 9.92 -19.97 -46.87
N LEU B 656 10.09 -21.27 -47.03
CA LEU B 656 11.13 -21.83 -47.88
C LEU B 656 10.87 -21.93 -49.39
N PRO B 657 9.67 -22.24 -49.89
CA PRO B 657 9.48 -22.18 -51.35
C PRO B 657 9.73 -20.82 -51.95
N LEU B 658 9.22 -19.77 -51.33
CA LEU B 658 9.60 -18.40 -51.61
C LEU B 658 10.74 -18.03 -50.65
N ASP B 659 11.00 -16.75 -50.46
CA ASP B 659 11.99 -16.34 -49.47
C ASP B 659 11.48 -15.19 -48.62
N LYS B 660 10.19 -15.23 -48.25
CA LYS B 660 9.52 -14.11 -47.64
C LYS B 660 8.95 -14.51 -46.29
N GLU B 661 8.77 -13.51 -45.43
CA GLU B 661 8.36 -13.75 -44.06
C GLU B 661 6.89 -14.12 -44.00
N ASP B 662 6.59 -15.22 -43.32
CA ASP B 662 5.24 -15.71 -43.09
C ASP B 662 4.77 -15.30 -41.70
N ILE B 663 3.53 -15.65 -41.38
CA ILE B 663 2.93 -15.41 -40.07
C ILE B 663 2.22 -16.69 -39.64
N VAL B 664 2.59 -17.21 -38.46
CA VAL B 664 2.17 -18.53 -38.01
C VAL B 664 1.62 -18.44 -36.59
N GLY B 665 0.40 -18.92 -36.39
CA GLY B 665 -0.23 -18.85 -35.10
C GLY B 665 0.14 -20.01 -34.22
N PRO B 666 -0.54 -20.18 -33.10
CA PRO B 666 -0.26 -21.34 -32.24
C PRO B 666 -1.07 -22.57 -32.59
N PHE B 667 -2.26 -22.40 -33.17
CA PHE B 667 -3.08 -23.55 -33.53
C PHE B 667 -2.50 -24.28 -34.73
N GLU B 668 -1.96 -23.54 -35.69
CA GLU B 668 -1.43 -24.14 -36.89
C GLU B 668 0.05 -24.43 -36.80
N GLN B 669 0.61 -24.47 -35.59
CA GLN B 669 2.01 -24.80 -35.41
C GLN B 669 2.24 -26.24 -35.02
N VAL B 670 1.21 -26.91 -34.49
CA VAL B 670 1.35 -28.26 -33.98
C VAL B 670 1.61 -29.26 -35.11
N TYR B 671 1.15 -28.96 -36.32
CA TYR B 671 1.31 -29.83 -37.47
C TYR B 671 2.22 -29.22 -38.51
N MET B 672 3.26 -28.52 -38.07
CA MET B 672 4.16 -27.85 -38.99
C MET B 672 5.54 -28.49 -38.91
N ASN B 673 6.49 -27.92 -39.63
CA ASN B 673 7.86 -28.40 -39.59
C ASN B 673 8.77 -27.18 -39.77
N ILE B 674 9.21 -26.62 -38.67
CA ILE B 674 9.90 -25.33 -38.66
C ILE B 674 11.32 -25.59 -38.19
N ALA B 675 12.26 -25.69 -39.12
CA ALA B 675 13.66 -25.93 -38.77
C ALA B 675 14.26 -24.72 -38.09
N VAL B 676 15.10 -24.96 -37.09
CA VAL B 676 15.54 -23.88 -36.20
C VAL B 676 16.59 -23.01 -36.87
N THR B 677 17.64 -23.61 -37.39
CA THR B 677 18.67 -22.92 -38.13
C THR B 677 18.58 -23.30 -39.59
N PRO B 678 19.25 -22.57 -40.48
CA PRO B 678 19.34 -23.05 -41.86
C PRO B 678 20.10 -24.35 -42.04
N GLN B 679 20.97 -24.73 -41.09
CA GLN B 679 21.77 -25.92 -41.28
C GLN B 679 20.96 -27.19 -41.10
N GLU B 680 19.90 -27.15 -40.30
CA GLU B 680 19.16 -28.34 -39.92
C GLU B 680 17.95 -28.58 -40.80
N ILE B 681 18.03 -28.24 -42.08
CA ILE B 681 16.92 -28.42 -43.00
C ILE B 681 17.09 -29.75 -43.72
N GLN B 682 16.13 -30.65 -43.50
CA GLN B 682 16.10 -31.95 -44.15
C GLN B 682 15.19 -31.89 -45.36
N ASN B 683 15.52 -32.68 -46.38
CA ASN B 683 14.83 -32.60 -47.66
C ASN B 683 13.42 -33.16 -47.56
N ASN B 684 12.47 -32.46 -48.18
CA ASN B 684 11.06 -32.79 -48.27
C ASN B 684 10.39 -32.92 -46.92
N VAL B 685 10.96 -32.33 -45.87
CA VAL B 685 10.39 -32.36 -44.52
C VAL B 685 10.05 -30.95 -44.04
N HIS B 686 11.00 -30.04 -44.13
CA HIS B 686 10.87 -28.74 -43.51
C HIS B 686 10.34 -27.72 -44.50
N THR B 687 9.16 -27.20 -44.21
CA THR B 687 8.55 -26.20 -45.07
C THR B 687 8.96 -24.79 -44.70
N HIS B 688 9.30 -24.54 -43.45
CA HIS B 688 9.68 -23.22 -42.97
C HIS B 688 11.08 -23.27 -42.40
N VAL B 689 11.55 -22.12 -41.94
CA VAL B 689 12.78 -22.04 -41.16
C VAL B 689 12.65 -20.80 -40.29
N GLU B 690 13.28 -20.82 -39.13
CA GLU B 690 13.16 -19.66 -38.27
C GLU B 690 14.15 -18.60 -38.69
N PHE B 691 13.87 -17.35 -38.33
CA PHE B 691 14.78 -16.27 -38.67
C PHE B 691 16.05 -16.36 -37.86
N THR B 692 15.94 -16.24 -36.54
CA THR B 692 17.06 -16.27 -35.65
C THR B 692 16.54 -17.01 -34.45
N PRO B 693 17.32 -17.92 -33.84
CA PRO B 693 16.80 -18.70 -32.72
C PRO B 693 16.58 -17.90 -31.45
N THR B 694 16.98 -16.63 -31.39
CA THR B 694 16.68 -15.81 -30.22
C THR B 694 15.24 -15.35 -30.18
N ASN B 695 14.42 -15.70 -31.17
CA ASN B 695 13.03 -15.24 -31.19
C ASN B 695 12.16 -15.97 -30.18
N ILE B 696 12.66 -17.03 -29.56
CA ILE B 696 11.84 -17.78 -28.61
C ILE B 696 11.87 -17.20 -27.22
N LEU B 697 12.76 -16.24 -26.95
CA LEU B 697 13.01 -15.71 -25.63
C LEU B 697 12.48 -14.29 -25.52
N SER B 698 12.22 -13.85 -24.30
CA SER B 698 11.64 -12.54 -24.06
C SER B 698 12.67 -11.44 -24.24
N ILE B 699 12.34 -10.24 -23.81
CA ILE B 699 13.33 -9.17 -23.82
C ILE B 699 14.35 -9.39 -22.72
N LEU B 700 13.86 -9.59 -21.49
CA LEU B 700 14.73 -9.73 -20.33
C LEU B 700 15.52 -11.02 -20.31
N ALA B 701 15.12 -12.01 -21.09
CA ALA B 701 15.95 -13.19 -21.21
C ALA B 701 16.91 -13.10 -22.37
N ASN B 702 16.74 -12.12 -23.23
CA ASN B 702 17.67 -11.89 -24.31
C ASN B 702 18.86 -11.05 -23.91
N LEU B 703 18.81 -10.40 -22.75
CA LEU B 703 19.89 -9.54 -22.31
C LEU B 703 20.90 -10.24 -21.43
N THR B 704 20.62 -11.44 -20.96
CA THR B 704 21.57 -12.18 -20.15
C THR B 704 22.71 -12.67 -21.01
N PRO B 705 23.96 -12.30 -20.74
CA PRO B 705 25.06 -12.66 -21.63
C PRO B 705 25.47 -14.11 -21.46
N PHE B 706 25.58 -14.82 -22.59
CA PHE B 706 25.84 -16.26 -22.66
C PHE B 706 24.81 -17.00 -21.83
N SER B 707 23.57 -16.90 -22.27
CA SER B 707 22.49 -17.55 -21.55
C SER B 707 22.48 -19.04 -21.75
N ASP B 708 23.17 -19.55 -22.77
CA ASP B 708 23.20 -20.97 -23.07
C ASP B 708 24.34 -21.68 -22.38
N PHE B 709 24.93 -21.07 -21.37
CA PHE B 709 26.07 -21.64 -20.68
C PHE B 709 25.78 -21.81 -19.20
N ASN B 710 24.60 -21.45 -18.73
CA ASN B 710 24.27 -21.51 -17.32
C ASN B 710 23.37 -22.70 -17.06
N GLN B 711 23.12 -22.93 -15.79
CA GLN B 711 22.01 -23.77 -15.43
C GLN B 711 20.72 -23.02 -15.66
N SER B 712 19.64 -23.75 -15.81
CA SER B 712 18.38 -23.09 -16.11
C SER B 712 17.68 -22.42 -14.93
N PRO B 713 17.79 -22.87 -13.67
CA PRO B 713 17.28 -22.02 -12.59
C PRO B 713 18.09 -20.77 -12.33
N ARG B 714 19.28 -20.61 -12.90
CA ARG B 714 19.99 -19.36 -12.72
C ARG B 714 19.49 -18.30 -13.68
N ASN B 715 19.19 -18.68 -14.92
CA ASN B 715 18.59 -17.74 -15.85
C ASN B 715 17.18 -17.37 -15.46
N MET B 716 16.51 -18.19 -14.68
CA MET B 716 15.19 -17.90 -14.17
C MET B 716 15.24 -17.08 -12.89
N TYR B 717 16.42 -16.91 -12.30
CA TYR B 717 16.62 -16.03 -11.16
C TYR B 717 17.22 -14.71 -11.57
N GLN B 718 17.96 -14.67 -12.66
CA GLN B 718 18.42 -13.39 -13.18
C GLN B 718 17.26 -12.55 -13.67
N CYS B 719 16.28 -13.18 -14.31
CA CYS B 719 15.14 -12.46 -14.84
C CYS B 719 14.25 -11.88 -13.75
N GLN B 720 14.41 -12.32 -12.51
CA GLN B 720 13.73 -11.75 -11.36
C GLN B 720 14.62 -10.81 -10.56
N MET B 721 15.95 -10.93 -10.66
CA MET B 721 16.79 -9.94 -10.01
C MET B 721 16.88 -8.68 -10.84
N GLY B 722 16.95 -8.80 -12.16
CA GLY B 722 17.10 -7.66 -13.03
C GLY B 722 15.90 -6.74 -13.07
N LYS B 723 14.76 -7.16 -12.55
CA LYS B 723 13.64 -6.28 -12.33
C LYS B 723 13.60 -5.72 -10.93
N GLN B 724 14.62 -6.00 -10.11
CA GLN B 724 14.73 -5.41 -8.79
C GLN B 724 15.98 -4.58 -8.63
N THR B 725 16.66 -4.24 -9.72
CA THR B 725 17.90 -3.50 -9.60
C THR B 725 17.61 -2.07 -9.23
N MET B 726 18.64 -1.32 -8.88
CA MET B 726 18.51 0.07 -8.51
C MET B 726 19.11 0.83 -9.68
N GLY B 727 18.27 1.27 -10.60
CA GLY B 727 18.72 1.97 -11.78
C GLY B 727 17.81 3.15 -12.04
N THR B 728 18.11 3.88 -13.09
CA THR B 728 17.42 5.12 -13.36
C THR B 728 16.00 4.84 -13.82
N PRO B 729 14.97 5.23 -13.08
CA PRO B 729 13.61 4.96 -13.52
C PRO B 729 13.19 5.83 -14.67
N GLY B 730 13.81 6.98 -14.84
CA GLY B 730 13.40 7.92 -15.86
C GLY B 730 14.16 9.20 -15.69
N VAL B 731 14.00 10.08 -16.67
CA VAL B 731 14.78 11.30 -16.73
C VAL B 731 13.99 12.50 -16.23
N ALA B 732 12.70 12.58 -16.55
CA ALA B 732 11.89 13.70 -16.08
C ALA B 732 11.48 13.46 -14.64
N LEU B 733 12.45 13.61 -13.74
CA LEU B 733 12.18 13.25 -12.36
C LEU B 733 11.62 14.39 -11.54
N CYS B 734 11.96 15.63 -11.89
CA CYS B 734 11.44 16.78 -11.17
C CYS B 734 9.96 17.00 -11.45
N HIS B 735 9.49 16.58 -12.62
CA HIS B 735 8.12 16.77 -13.03
C HIS B 735 7.22 15.60 -12.65
N ARG B 736 7.67 14.76 -11.74
CA ARG B 736 6.88 13.65 -11.24
C ARG B 736 6.58 13.87 -9.77
N SER B 737 5.73 13.02 -9.22
CA SER B 737 5.43 13.06 -7.80
C SER B 737 5.26 11.65 -7.28
N ASP B 738 6.18 10.77 -7.65
CA ASP B 738 6.07 9.36 -7.29
C ASP B 738 6.31 9.15 -5.80
N ASN B 739 5.69 8.12 -5.25
CA ASN B 739 5.76 7.88 -3.82
C ASN B 739 7.11 7.33 -3.40
N LYS B 740 7.83 6.67 -4.29
CA LYS B 740 9.15 6.14 -3.97
C LYS B 740 9.92 5.97 -5.26
N LEU B 741 11.17 6.38 -5.25
CA LEU B 741 12.02 6.20 -6.43
C LEU B 741 13.39 5.76 -5.96
N TYR B 742 14.09 5.03 -6.81
CA TYR B 742 15.44 4.59 -6.54
C TYR B 742 16.29 4.97 -7.73
N ARG B 743 17.44 5.58 -7.48
CA ARG B 743 18.24 6.07 -8.58
C ARG B 743 19.71 5.75 -8.36
N LEU B 744 20.30 5.03 -9.30
CA LEU B 744 21.74 4.85 -9.32
C LEU B 744 22.36 6.12 -9.88
N GLN B 745 23.43 6.59 -9.27
CA GLN B 745 24.01 7.84 -9.76
C GLN B 745 24.82 7.62 -11.03
N THR B 746 25.94 6.93 -10.93
CA THR B 746 26.85 6.77 -12.05
C THR B 746 26.53 5.45 -12.75
N GLY B 747 25.68 5.52 -13.77
CA GLY B 747 25.42 4.35 -14.57
C GLY B 747 26.48 4.14 -15.60
N GLN B 748 26.59 2.90 -16.08
CA GLN B 748 27.56 2.58 -17.11
C GLN B 748 26.95 1.62 -18.11
N THR B 749 27.42 1.70 -19.35
CA THR B 749 26.99 0.74 -20.34
C THR B 749 27.89 -0.50 -20.29
N PRO B 750 27.33 -1.70 -20.48
CA PRO B 750 28.15 -2.91 -20.35
C PRO B 750 29.11 -3.07 -21.51
N ILE B 751 30.16 -3.85 -21.27
CA ILE B 751 31.05 -4.24 -22.36
C ILE B 751 30.52 -5.46 -23.09
N VAL B 752 30.06 -6.46 -22.36
CA VAL B 752 29.53 -7.69 -22.93
C VAL B 752 28.02 -7.51 -23.03
N LYS B 753 27.54 -7.01 -24.16
CA LYS B 753 26.14 -6.70 -24.33
C LYS B 753 25.53 -7.56 -25.42
N ALA B 754 24.26 -7.89 -25.27
CA ALA B 754 23.56 -8.53 -26.36
C ALA B 754 23.22 -7.49 -27.42
N ASN B 755 22.88 -7.96 -28.62
CA ASN B 755 22.60 -7.01 -29.69
C ASN B 755 21.22 -6.38 -29.60
N LEU B 756 20.38 -6.81 -28.66
CA LEU B 756 19.15 -6.09 -28.41
C LEU B 756 19.32 -5.00 -27.38
N TYR B 757 20.54 -4.75 -26.93
CA TYR B 757 20.76 -3.60 -26.06
C TYR B 757 20.68 -2.31 -26.86
N ASP B 758 21.01 -2.38 -28.14
CA ASP B 758 21.00 -1.17 -28.97
C ASP B 758 19.68 -0.99 -29.71
N ASP B 759 19.08 -2.07 -30.18
CA ASP B 759 17.85 -1.96 -30.95
C ASP B 759 16.61 -1.79 -30.08
N TYR B 760 16.73 -1.99 -28.78
CA TYR B 760 15.65 -1.67 -27.85
C TYR B 760 15.90 -0.41 -27.08
N GLY B 761 17.10 0.13 -27.13
CA GLY B 761 17.41 1.41 -26.52
C GLY B 761 17.40 1.37 -25.01
N MET B 762 18.25 0.54 -24.43
CA MET B 762 18.39 0.46 -22.99
C MET B 762 19.68 1.08 -22.51
N ASP B 763 20.43 1.73 -23.39
CA ASP B 763 21.52 2.58 -22.95
C ASP B 763 21.02 3.91 -22.42
N ASN B 764 19.75 4.22 -22.62
CA ASN B 764 19.13 5.38 -22.01
C ASN B 764 18.83 5.17 -20.53
N PHE B 765 18.81 3.94 -20.06
CA PHE B 765 18.52 3.65 -18.66
C PHE B 765 19.50 2.61 -18.13
N PRO B 766 20.67 3.04 -17.68
CA PRO B 766 21.70 2.09 -17.26
C PRO B 766 21.41 1.50 -15.90
N ASN B 767 21.76 0.22 -15.76
CA ASN B 767 21.48 -0.53 -14.55
C ASN B 767 22.67 -0.77 -13.66
N GLY B 768 23.89 -0.80 -14.20
CA GLY B 768 24.97 -1.19 -13.34
C GLY B 768 26.31 -0.59 -13.69
N PHE B 769 27.37 -1.20 -13.20
CA PHE B 769 28.72 -0.67 -13.28
C PHE B 769 29.70 -1.80 -13.52
N ASN B 770 30.62 -1.61 -14.45
CA ASN B 770 31.57 -2.66 -14.80
C ASN B 770 32.61 -2.81 -13.70
N ALA B 771 32.36 -3.72 -12.77
CA ALA B 771 33.29 -3.92 -11.68
C ALA B 771 34.46 -4.78 -12.13
N VAL B 772 35.58 -4.66 -11.44
CA VAL B 772 36.75 -5.50 -11.67
C VAL B 772 36.74 -6.61 -10.63
N VAL B 773 36.34 -7.81 -11.04
CA VAL B 773 36.03 -8.90 -10.13
C VAL B 773 37.20 -9.87 -10.11
N ALA B 774 37.68 -10.18 -8.92
CA ALA B 774 38.66 -11.24 -8.71
C ALA B 774 37.96 -12.45 -8.12
N VAL B 775 38.15 -13.61 -8.74
CA VAL B 775 37.62 -14.85 -8.20
C VAL B 775 38.71 -15.48 -7.36
N ILE B 776 38.58 -15.36 -6.05
CA ILE B 776 39.60 -15.77 -5.10
C ILE B 776 38.91 -15.97 -3.75
N SER B 777 39.38 -16.90 -2.97
CA SER B 777 39.03 -17.01 -1.56
C SER B 777 40.20 -16.46 -0.78
N TYR B 778 40.05 -15.31 -0.22
CA TYR B 778 41.23 -14.69 0.36
C TYR B 778 41.02 -14.18 1.76
N THR B 779 39.85 -13.60 2.04
CA THR B 779 39.69 -12.95 3.33
C THR B 779 39.10 -13.86 4.39
N GLY B 780 38.26 -14.80 4.00
CA GLY B 780 37.51 -15.56 4.96
C GLY B 780 36.23 -14.90 5.39
N TYR B 781 35.87 -13.78 4.78
CA TYR B 781 34.61 -13.09 5.04
C TYR B 781 33.63 -13.25 3.90
N ASP B 782 33.96 -14.02 2.88
CA ASP B 782 33.16 -14.07 1.66
C ASP B 782 32.63 -15.45 1.40
N MET B 783 32.51 -16.28 2.42
CA MET B 783 31.90 -17.58 2.26
C MET B 783 30.40 -17.45 2.33
N ASP B 784 29.72 -18.39 1.68
CA ASP B 784 28.26 -18.56 1.70
C ASP B 784 27.54 -17.31 1.19
N ASP B 785 27.76 -17.05 -0.10
CA ASP B 785 27.06 -16.03 -0.88
C ASP B 785 27.30 -14.62 -0.35
N ALA B 786 28.48 -14.34 0.17
CA ALA B 786 28.80 -13.00 0.62
C ALA B 786 29.99 -12.48 -0.17
N MET B 787 30.04 -11.17 -0.36
CA MET B 787 31.06 -10.58 -1.21
C MET B 787 31.81 -9.49 -0.46
N ILE B 788 32.90 -9.03 -1.05
CA ILE B 788 33.82 -8.09 -0.44
C ILE B 788 33.96 -6.92 -1.41
N ILE B 789 33.69 -5.71 -0.95
CA ILE B 789 33.88 -4.50 -1.75
C ILE B 789 35.12 -3.78 -1.26
N ASN B 790 35.99 -3.39 -2.20
CA ASN B 790 37.15 -2.57 -1.88
C ASN B 790 36.68 -1.27 -1.28
N LYS B 791 37.26 -0.88 -0.14
CA LYS B 791 36.76 0.32 0.54
C LYS B 791 37.14 1.56 -0.23
N SER B 792 38.38 1.64 -0.68
CA SER B 792 38.81 2.83 -1.41
C SER B 792 38.38 2.82 -2.86
N ALA B 793 37.48 1.92 -3.25
CA ALA B 793 36.72 2.12 -4.46
C ALA B 793 35.33 2.58 -4.13
N ASP B 794 34.83 2.22 -2.96
CA ASP B 794 33.51 2.67 -2.55
C ASP B 794 33.52 4.14 -2.15
N GLU B 795 34.63 4.60 -1.61
CA GLU B 795 34.76 6.00 -1.24
C GLU B 795 35.19 6.88 -2.40
N ARG B 796 35.23 6.34 -3.62
CA ARG B 796 35.21 7.12 -4.84
C ARG B 796 33.88 6.96 -5.57
N GLY B 797 32.80 6.69 -4.84
CA GLY B 797 31.48 6.64 -5.43
C GLY B 797 31.26 5.44 -6.31
N PHE B 798 31.12 4.26 -5.72
CA PHE B 798 30.94 3.01 -6.44
C PHE B 798 29.55 2.50 -6.14
N GLY B 799 28.61 2.72 -7.06
CA GLY B 799 27.27 2.30 -6.77
C GLY B 799 26.59 3.20 -5.77
N TYR B 800 26.85 4.49 -5.85
CA TYR B 800 26.18 5.44 -4.98
C TYR B 800 24.73 5.58 -5.42
N GLY B 801 23.82 5.58 -4.46
CA GLY B 801 22.41 5.59 -4.78
C GLY B 801 21.69 6.66 -4.00
N THR B 802 20.44 6.89 -4.38
CA THR B 802 19.67 7.99 -3.81
C THR B 802 18.20 7.67 -3.94
N MET B 803 17.46 7.71 -2.85
CA MET B 803 16.06 7.33 -2.86
C MET B 803 15.22 8.56 -2.59
N TYR B 804 14.30 8.87 -3.51
CA TYR B 804 13.37 9.98 -3.32
C TYR B 804 12.09 9.47 -2.71
N LYS B 805 11.30 10.39 -2.17
CA LYS B 805 10.14 10.01 -1.35
C LYS B 805 9.28 11.25 -1.17
N THR B 806 8.00 11.14 -1.47
CA THR B 806 7.11 12.30 -1.51
C THR B 806 5.99 12.16 -0.49
N GLU B 807 5.84 13.16 0.37
CA GLU B 807 4.75 13.24 1.33
C GLU B 807 3.93 14.47 1.00
N LYS B 808 2.62 14.33 1.03
CA LYS B 808 1.70 15.41 0.68
C LYS B 808 1.10 15.99 1.96
N VAL B 809 1.59 17.16 2.37
CA VAL B 809 1.09 17.82 3.57
C VAL B 809 -0.26 18.43 3.26
N ASP B 810 -1.27 18.02 4.01
CA ASP B 810 -2.63 18.35 3.68
C ASP B 810 -3.38 18.81 4.91
N LEU B 811 -4.28 19.77 4.71
CA LEU B 811 -5.20 20.21 5.75
C LEU B 811 -6.58 20.52 5.18
N ALA B 812 -6.84 20.13 3.94
CA ALA B 812 -8.17 20.23 3.35
C ALA B 812 -9.06 19.06 3.73
N LEU B 813 -8.53 18.05 4.39
CA LEU B 813 -9.35 16.96 4.91
C LEU B 813 -10.12 17.45 6.14
N ASN B 814 -10.95 16.54 6.69
CA ASN B 814 -11.81 16.71 7.86
C ASN B 814 -12.60 18.01 7.92
N ARG B 815 -12.97 18.54 6.75
CA ARG B 815 -13.43 19.91 6.62
C ARG B 815 -14.95 20.02 6.49
N ASN B 816 -15.64 18.90 6.26
CA ASN B 816 -17.11 18.80 6.28
C ASN B 816 -17.77 19.71 5.24
N ARG B 817 -17.13 19.81 4.07
CA ARG B 817 -17.71 20.14 2.76
C ARG B 817 -18.15 21.59 2.57
N GLY B 818 -18.21 22.39 3.62
CA GLY B 818 -18.65 23.75 3.43
C GLY B 818 -18.10 24.77 4.39
N ASP B 819 -17.16 24.35 5.23
CA ASP B 819 -16.74 25.19 6.33
C ASP B 819 -15.75 26.25 5.88
N PRO B 820 -15.56 27.31 6.67
CA PRO B 820 -14.50 28.27 6.36
C PRO B 820 -13.14 27.65 6.51
N ILE B 821 -12.15 28.38 5.99
CA ILE B 821 -10.77 27.93 6.08
C ILE B 821 -10.35 28.05 7.54
N THR B 822 -10.36 26.92 8.23
CA THR B 822 -10.18 26.93 9.68
C THR B 822 -8.73 27.19 10.07
N GLN B 823 -7.80 26.56 9.37
CA GLN B 823 -6.38 26.76 9.63
C GLN B 823 -5.69 27.20 8.35
N HIS B 824 -4.64 27.99 8.52
CA HIS B 824 -3.96 28.63 7.40
C HIS B 824 -2.48 28.31 7.50
N PHE B 825 -1.79 28.42 6.38
CA PHE B 825 -0.34 28.35 6.45
C PHE B 825 0.21 29.69 6.92
N GLY B 826 1.49 29.72 7.19
CA GLY B 826 2.13 30.96 7.59
C GLY B 826 2.24 31.09 9.10
N PHE B 827 3.12 31.99 9.52
CA PHE B 827 3.37 32.20 10.93
C PHE B 827 2.31 33.09 11.55
N GLY B 828 2.08 32.89 12.85
CA GLY B 828 1.12 33.66 13.60
C GLY B 828 1.69 34.95 14.14
N ASN B 829 1.17 35.37 15.29
CA ASN B 829 1.60 36.61 15.92
C ASN B 829 1.82 36.49 17.43
N ASP B 830 1.53 35.34 18.02
CA ASP B 830 1.83 35.07 19.41
C ASP B 830 3.25 34.54 19.55
N GLU B 831 3.59 33.98 20.70
CA GLU B 831 4.91 33.40 20.87
C GLU B 831 4.99 32.04 20.18
N TRP B 832 6.13 31.78 19.55
CA TRP B 832 6.46 30.47 19.02
C TRP B 832 7.98 30.36 19.10
N PRO B 833 8.53 29.16 19.30
CA PRO B 833 9.86 29.04 19.92
C PRO B 833 11.05 29.51 19.08
N LYS B 834 10.84 30.04 17.88
CA LYS B 834 11.81 30.85 17.13
C LYS B 834 13.04 30.09 16.63
N GLU B 835 13.21 28.82 17.02
CA GLU B 835 14.08 27.94 16.26
C GLU B 835 13.32 27.21 15.18
N TRP B 836 12.03 27.51 15.01
CA TRP B 836 11.30 27.08 13.83
C TRP B 836 11.70 27.90 12.62
N LEU B 837 12.17 29.12 12.86
CA LEU B 837 12.58 30.01 11.78
C LEU B 837 13.89 29.57 11.16
N GLU B 838 14.64 28.71 11.84
CA GLU B 838 15.89 28.22 11.27
C GLU B 838 15.66 27.26 10.12
N LYS B 839 14.53 26.58 10.10
CA LYS B 839 14.23 25.60 9.07
C LYS B 839 13.00 25.90 8.25
N LEU B 840 12.13 26.82 8.65
CA LEU B 840 10.95 27.17 7.90
C LEU B 840 11.06 28.58 7.37
N ASP B 841 10.58 28.80 6.15
CA ASP B 841 10.52 30.13 5.60
C ASP B 841 9.29 30.85 6.15
N GLU B 842 9.15 32.13 5.81
CA GLU B 842 8.17 33.00 6.45
C GLU B 842 6.77 32.87 5.89
N ASP B 843 6.45 31.76 5.23
CA ASP B 843 5.09 31.46 4.85
C ASP B 843 4.65 30.08 5.34
N GLY B 844 5.45 29.44 6.18
CA GLY B 844 5.10 28.11 6.65
C GLY B 844 5.50 27.00 5.71
N LEU B 845 6.52 27.21 4.90
CA LEU B 845 7.03 26.21 3.98
C LEU B 845 8.53 26.10 4.21
N PRO B 846 9.12 24.92 4.05
CA PRO B 846 10.52 24.77 4.40
C PRO B 846 11.44 25.31 3.33
N TYR B 847 12.63 25.71 3.75
CA TYR B 847 13.63 26.16 2.80
C TYR B 847 14.10 24.99 1.95
N ILE B 848 14.26 25.24 0.65
CA ILE B 848 14.64 24.18 -0.27
C ILE B 848 16.12 23.85 -0.07
N GLY B 849 16.40 22.60 0.26
CA GLY B 849 17.75 22.14 0.44
C GLY B 849 18.18 21.96 1.88
N THR B 850 17.27 22.10 2.83
CA THR B 850 17.61 21.99 4.23
C THR B 850 17.85 20.53 4.61
N TYR B 851 18.31 20.32 5.83
CA TYR B 851 18.67 18.99 6.32
C TYR B 851 17.74 18.65 7.47
N VAL B 852 16.79 17.78 7.22
CA VAL B 852 15.74 17.48 8.18
C VAL B 852 16.13 16.20 8.91
N GLU B 853 15.82 16.14 10.20
CA GLU B 853 15.96 14.93 11.00
C GLU B 853 14.60 14.57 11.57
N GLU B 854 14.56 13.57 12.45
CA GLU B 854 13.28 13.20 13.04
C GLU B 854 13.00 14.11 14.23
N GLY B 855 12.13 15.09 14.03
CA GLY B 855 11.88 16.09 15.03
C GLY B 855 11.84 17.50 14.47
N ASP B 856 12.47 17.72 13.32
CA ASP B 856 12.44 19.02 12.69
C ASP B 856 11.07 19.27 12.07
N PRO B 857 10.66 20.53 11.93
CA PRO B 857 9.36 20.82 11.33
C PRO B 857 9.43 20.85 9.81
N ILE B 858 8.30 20.55 9.19
CA ILE B 858 8.20 20.65 7.74
C ILE B 858 7.22 21.72 7.30
N CYS B 859 6.26 22.12 8.13
CA CYS B 859 5.37 23.23 7.83
C CYS B 859 4.84 23.76 9.15
N ALA B 860 4.56 25.06 9.20
CA ALA B 860 4.03 25.71 10.39
C ALA B 860 2.70 26.35 10.05
N TYR B 861 1.62 25.65 10.33
CA TYR B 861 0.31 26.18 10.01
C TYR B 861 -0.26 26.85 11.26
N PHE B 862 -0.62 28.12 11.12
CA PHE B 862 -1.20 28.88 12.22
C PHE B 862 -2.71 28.62 12.22
N ASP B 863 -3.19 28.02 13.28
CA ASP B 863 -4.61 27.79 13.43
C ASP B 863 -5.32 29.10 13.72
N ASP B 864 -6.65 29.05 13.68
CA ASP B 864 -7.45 30.17 14.15
C ASP B 864 -8.43 29.79 15.26
N THR B 865 -9.06 28.62 15.17
CA THR B 865 -9.99 28.21 16.21
C THR B 865 -9.30 27.75 17.49
N LEU B 866 -7.98 27.61 17.49
CA LEU B 866 -7.22 27.41 18.70
C LEU B 866 -6.21 28.51 18.95
N ASN B 867 -6.10 29.48 18.04
CA ASN B 867 -5.35 30.73 18.22
C ASN B 867 -3.84 30.51 18.40
N LYS B 868 -3.31 29.37 17.96
CA LYS B 868 -1.93 29.00 18.26
C LYS B 868 -1.13 28.69 16.99
N THR B 869 0.15 29.02 17.03
CA THR B 869 1.06 28.75 15.93
C THR B 869 1.49 27.29 16.01
N LYS B 870 0.78 26.42 15.30
CA LYS B 870 1.01 24.98 15.39
C LYS B 870 2.21 24.58 14.52
N ILE B 871 2.34 23.29 14.26
CA ILE B 871 3.54 22.73 13.64
C ILE B 871 3.19 21.37 13.07
N LYS B 872 3.97 20.92 12.08
CA LYS B 872 3.92 19.54 11.61
C LYS B 872 5.35 19.02 11.45
N THR B 873 5.56 17.76 11.81
CA THR B 873 6.89 17.26 12.10
C THR B 873 7.25 16.09 11.17
N TYR B 874 8.56 15.90 10.96
CA TYR B 874 9.06 14.79 10.16
C TYR B 874 9.04 13.49 10.96
N HIS B 875 8.39 12.48 10.41
CA HIS B 875 8.07 11.28 11.18
C HIS B 875 9.11 10.18 11.06
N SER B 876 9.61 9.90 9.86
CA SER B 876 10.57 8.82 9.68
C SER B 876 11.90 9.15 10.34
N SER B 877 12.61 8.12 10.76
CA SER B 877 13.84 8.29 11.51
C SER B 877 15.06 8.45 10.64
N GLU B 878 14.89 8.57 9.36
CA GLU B 878 16.05 8.68 8.52
C GLU B 878 16.31 10.13 8.13
N PRO B 879 17.52 10.63 8.32
CA PRO B 879 17.80 12.03 7.98
C PRO B 879 17.80 12.29 6.49
N ALA B 880 16.82 13.07 6.04
CA ALA B 880 16.60 13.38 4.64
C ALA B 880 16.77 14.87 4.40
N TYR B 881 17.01 15.23 3.15
CA TYR B 881 17.02 16.60 2.71
C TYR B 881 15.66 16.96 2.15
N ILE B 882 15.53 18.13 1.53
CA ILE B 882 14.31 18.52 0.85
C ILE B 882 14.67 19.03 -0.52
N GLU B 883 14.11 18.41 -1.56
CA GLU B 883 14.48 18.70 -2.93
C GLU B 883 13.50 19.65 -3.61
N GLU B 884 12.20 19.43 -3.47
CA GLU B 884 11.20 20.25 -4.14
C GLU B 884 9.98 20.41 -3.25
N VAL B 885 9.38 21.59 -3.29
CA VAL B 885 8.10 21.85 -2.64
C VAL B 885 7.18 22.47 -3.69
N ASN B 886 6.00 21.89 -3.86
CA ASN B 886 5.03 22.38 -4.82
C ASN B 886 3.83 22.97 -4.10
N LEU B 887 3.28 24.03 -4.68
CA LEU B 887 2.11 24.70 -4.13
C LEU B 887 0.95 24.34 -5.04
N ILE B 888 0.17 23.36 -4.64
CA ILE B 888 -0.93 22.89 -5.49
C ILE B 888 -2.14 23.76 -5.24
N GLY B 889 -2.66 24.37 -6.29
CA GLY B 889 -3.86 25.17 -6.18
C GLY B 889 -5.11 24.39 -6.51
N ASP B 890 -6.25 24.99 -6.20
CA ASP B 890 -7.52 24.28 -6.30
C ASP B 890 -8.00 24.25 -7.75
N GLU B 891 -8.44 23.07 -8.19
CA GLU B 891 -9.00 22.95 -9.52
C GLU B 891 -10.40 23.54 -9.58
N SER B 892 -11.11 23.54 -8.46
CA SER B 892 -12.41 24.20 -8.34
C SER B 892 -12.18 25.66 -7.96
N ASN B 893 -13.22 26.36 -7.50
CA ASN B 893 -13.14 27.80 -7.31
C ASN B 893 -12.35 28.13 -6.04
N LYS B 894 -12.41 29.41 -5.64
CA LYS B 894 -11.30 30.17 -5.04
C LYS B 894 -10.51 29.49 -3.93
N PHE B 895 -11.11 29.38 -2.73
CA PHE B 895 -10.67 28.53 -1.62
C PHE B 895 -9.18 28.71 -1.28
N GLN B 896 -8.68 29.93 -1.45
CA GLN B 896 -7.33 30.17 -1.95
C GLN B 896 -6.28 30.34 -0.85
N GLU B 897 -6.40 29.64 0.27
CA GLU B 897 -5.41 29.76 1.33
C GLU B 897 -4.41 28.59 1.32
N LEU B 898 -4.09 28.05 0.14
CA LEU B 898 -3.03 27.07 -0.07
C LEU B 898 -3.24 25.83 0.81
N GLN B 899 -4.25 25.05 0.44
CA GLN B 899 -4.64 23.95 1.30
C GLN B 899 -3.86 22.66 1.04
N THR B 900 -3.12 22.55 -0.06
CA THR B 900 -2.45 21.31 -0.41
C THR B 900 -1.03 21.62 -0.87
N VAL B 901 -0.04 21.07 -0.17
CA VAL B 901 1.37 21.26 -0.47
C VAL B 901 1.98 19.87 -0.62
N SER B 902 3.02 19.74 -1.44
CA SER B 902 3.65 18.45 -1.70
C SER B 902 5.17 18.56 -1.57
N ILE B 903 5.73 17.90 -0.56
CA ILE B 903 7.16 17.97 -0.27
C ILE B 903 7.80 16.67 -0.74
N LYS B 904 9.00 16.76 -1.30
CA LYS B 904 9.75 15.60 -1.77
C LYS B 904 11.09 15.55 -1.07
N TYR B 905 11.35 14.49 -0.33
CA TYR B 905 12.58 14.34 0.41
C TYR B 905 13.54 13.44 -0.34
N ARG B 906 14.80 13.83 -0.37
CA ARG B 906 15.83 13.05 -1.02
C ARG B 906 16.71 12.42 0.04
N ILE B 907 16.83 11.10 0.01
CA ILE B 907 17.49 10.31 1.04
C ILE B 907 18.75 9.69 0.48
N ARG B 908 19.86 9.87 1.18
CA ARG B 908 21.13 9.33 0.71
C ARG B 908 21.22 7.84 0.99
N ARG B 909 21.77 7.09 0.05
CA ARG B 909 21.93 5.64 0.17
C ARG B 909 23.33 5.29 -0.33
N THR B 910 24.23 5.19 0.54
CA THR B 910 25.61 4.81 0.34
C THR B 910 25.73 3.29 0.52
N PRO B 911 26.60 2.57 -0.24
CA PRO B 911 26.70 1.12 -0.05
C PRO B 911 27.23 0.70 1.30
N GLN B 912 26.36 0.13 2.13
CA GLN B 912 26.72 -0.26 3.47
C GLN B 912 27.06 -1.74 3.52
N ILE B 913 27.16 -2.29 4.71
CA ILE B 913 27.38 -3.71 4.92
C ILE B 913 26.01 -4.35 5.10
N GLY B 914 25.62 -5.20 4.17
CA GLY B 914 24.30 -5.80 4.21
C GLY B 914 23.46 -5.42 3.01
N ASP B 915 24.08 -4.75 2.06
CA ASP B 915 23.43 -4.31 0.84
C ASP B 915 23.64 -5.35 -0.26
N LYS B 916 22.55 -5.90 -0.78
CA LYS B 916 22.65 -6.94 -1.78
C LYS B 916 23.16 -6.39 -3.09
N PHE B 917 24.00 -7.16 -3.74
CA PHE B 917 24.46 -6.89 -5.10
C PHE B 917 24.16 -8.12 -5.92
N SER B 918 24.36 -8.03 -7.23
CA SER B 918 24.20 -9.21 -8.08
C SER B 918 25.00 -9.05 -9.34
N SER B 919 25.17 -10.15 -10.04
CA SER B 919 25.67 -10.09 -11.39
C SER B 919 24.49 -10.15 -12.34
N ARG B 920 24.75 -10.36 -13.62
CA ARG B 920 23.69 -10.64 -14.55
C ARG B 920 23.35 -12.13 -14.64
N HIS B 921 23.75 -12.93 -13.65
CA HIS B 921 23.56 -14.38 -13.70
C HIS B 921 23.01 -14.95 -12.42
N GLY B 922 22.30 -14.17 -11.61
CA GLY B 922 21.70 -14.70 -10.41
C GLY B 922 22.68 -15.07 -9.32
N GLN B 923 23.83 -14.41 -9.28
CA GLN B 923 24.79 -14.59 -8.19
C GLN B 923 24.55 -13.57 -7.08
N LYS B 924 23.35 -13.59 -6.54
CA LYS B 924 22.93 -12.56 -5.59
C LYS B 924 23.65 -12.77 -4.26
N GLY B 925 24.35 -11.74 -3.80
CA GLY B 925 25.14 -11.83 -2.60
C GLY B 925 25.09 -10.55 -1.78
N VAL B 926 25.44 -10.69 -0.51
CA VAL B 926 25.40 -9.62 0.47
C VAL B 926 26.82 -9.13 0.70
N CYS B 927 27.03 -7.82 0.67
CA CYS B 927 28.33 -7.28 1.03
C CYS B 927 28.58 -7.51 2.51
N SER B 928 29.69 -8.17 2.83
CA SER B 928 29.92 -8.63 4.19
C SER B 928 30.94 -7.80 4.94
N ARG B 929 31.98 -7.33 4.28
CA ARG B 929 32.84 -6.29 4.83
C ARG B 929 33.40 -5.46 3.71
N LYS B 930 33.85 -4.26 4.07
CA LYS B 930 34.47 -3.33 3.14
C LYS B 930 35.97 -3.34 3.43
N TRP B 931 36.69 -3.86 2.56
CA TRP B 931 38.06 -4.22 2.84
C TRP B 931 38.98 -3.06 2.51
N PRO B 932 39.94 -2.71 3.38
CA PRO B 932 40.86 -1.62 3.08
C PRO B 932 41.74 -1.93 1.90
N THR B 933 42.06 -0.90 1.12
CA THR B 933 42.71 -1.17 -0.15
C THR B 933 44.18 -1.53 0.00
N ILE B 934 44.77 -1.37 1.18
CA ILE B 934 46.13 -1.82 1.35
C ILE B 934 46.20 -3.29 1.58
N ASP B 935 45.13 -3.89 2.08
CA ASP B 935 45.06 -5.32 2.33
C ASP B 935 44.46 -6.11 1.19
N MET B 936 44.30 -5.53 0.06
CA MET B 936 43.74 -6.32 -1.02
C MET B 936 44.87 -6.90 -1.86
N PRO B 937 44.64 -8.01 -2.55
CA PRO B 937 45.70 -8.57 -3.40
C PRO B 937 45.92 -7.70 -4.62
N PHE B 938 47.05 -7.02 -4.66
CA PHE B 938 47.37 -6.24 -5.83
C PHE B 938 47.89 -7.15 -6.93
N SER B 939 47.96 -6.61 -8.13
CA SER B 939 48.40 -7.38 -9.27
C SER B 939 49.81 -6.97 -9.67
N GLU B 940 50.31 -7.53 -10.77
CA GLU B 940 51.62 -7.07 -11.23
C GLU B 940 51.57 -5.77 -12.01
N THR B 941 50.41 -5.16 -12.15
CA THR B 941 50.32 -3.82 -12.72
C THR B 941 49.69 -2.82 -11.78
N GLY B 942 49.27 -3.25 -10.59
CA GLY B 942 48.85 -2.33 -9.55
C GLY B 942 47.36 -2.19 -9.37
N ILE B 943 46.55 -3.04 -9.99
CA ILE B 943 45.10 -2.92 -9.93
C ILE B 943 44.62 -3.86 -8.83
N GLN B 944 44.32 -3.29 -7.67
CA GLN B 944 43.57 -4.03 -6.68
C GLN B 944 42.16 -4.26 -7.21
N PRO B 945 41.50 -5.33 -6.81
CA PRO B 945 40.15 -5.58 -7.29
C PRO B 945 39.15 -4.58 -6.74
N ASP B 946 37.92 -4.69 -7.22
CA ASP B 946 36.81 -4.00 -6.58
C ASP B 946 35.94 -4.94 -5.81
N ILE B 947 35.63 -6.10 -6.39
CA ILE B 947 34.75 -7.08 -5.77
C ILE B 947 35.47 -8.41 -5.76
N ILE B 948 35.58 -9.03 -4.59
CA ILE B 948 36.12 -10.37 -4.46
C ILE B 948 34.96 -11.31 -4.25
N ILE B 949 34.82 -12.31 -5.11
CA ILE B 949 33.74 -13.28 -4.97
C ILE B 949 34.35 -14.65 -4.77
N ASN B 950 33.69 -15.46 -3.95
CA ASN B 950 34.24 -16.75 -3.57
C ASN B 950 34.19 -17.69 -4.76
N PRO B 951 35.19 -18.57 -4.92
CA PRO B 951 35.11 -19.59 -5.97
C PRO B 951 34.26 -20.77 -5.60
N HIS B 952 33.79 -20.87 -4.36
CA HIS B 952 32.91 -21.96 -3.97
C HIS B 952 31.47 -21.72 -4.37
N ALA B 953 31.17 -20.56 -4.93
CA ALA B 953 29.80 -20.30 -5.34
C ALA B 953 29.48 -21.01 -6.64
N PHE B 954 30.48 -21.27 -7.47
CA PHE B 954 30.21 -21.79 -8.82
C PHE B 954 29.78 -23.25 -8.87
N PRO B 955 30.52 -24.24 -8.34
CA PRO B 955 30.26 -25.63 -8.76
C PRO B 955 28.96 -26.24 -8.28
N SER B 956 28.15 -25.56 -7.47
CA SER B 956 26.82 -26.05 -7.22
C SER B 956 25.76 -25.31 -8.02
N ARG B 957 26.03 -24.06 -8.39
CA ARG B 957 25.11 -23.27 -9.18
C ARG B 957 25.35 -23.43 -10.66
N MET B 958 26.59 -23.69 -11.05
CA MET B 958 27.03 -23.91 -12.43
C MET B 958 26.73 -22.72 -13.33
N THR B 959 27.26 -21.57 -12.93
CA THR B 959 27.14 -20.35 -13.73
C THR B 959 28.40 -20.20 -14.54
N ILE B 960 28.49 -20.96 -15.64
CA ILE B 960 29.65 -20.85 -16.51
C ILE B 960 29.49 -19.69 -17.47
N GLY B 961 28.39 -18.97 -17.42
CA GLY B 961 28.36 -17.70 -18.10
C GLY B 961 29.26 -16.68 -17.44
N MET B 962 29.39 -16.75 -16.12
CA MET B 962 30.15 -15.76 -15.38
C MET B 962 31.64 -15.97 -15.54
N PHE B 963 32.05 -17.13 -16.05
CA PHE B 963 33.46 -17.34 -16.33
C PHE B 963 33.83 -16.79 -17.69
N VAL B 964 32.88 -16.80 -18.63
CA VAL B 964 33.18 -16.32 -19.97
C VAL B 964 33.00 -14.81 -20.02
N GLU B 965 32.12 -14.27 -19.18
CA GLU B 965 31.91 -12.83 -19.14
C GLU B 965 33.14 -12.11 -18.62
N SER B 966 33.91 -12.74 -17.74
CA SER B 966 35.10 -12.10 -17.22
C SER B 966 36.24 -12.11 -18.23
N LEU B 967 36.18 -13.01 -19.20
CA LEU B 967 37.18 -13.00 -20.26
C LEU B 967 36.83 -11.98 -21.32
N ALA B 968 35.55 -11.83 -21.62
CA ALA B 968 35.15 -10.93 -22.68
C ALA B 968 35.15 -9.49 -22.21
N GLY B 969 35.22 -9.26 -20.90
CA GLY B 969 35.38 -7.92 -20.41
C GLY B 969 36.83 -7.47 -20.41
N LYS B 970 37.74 -8.34 -20.00
CA LYS B 970 39.14 -7.97 -20.00
C LYS B 970 39.68 -7.92 -21.42
N ALA B 971 39.13 -8.72 -22.33
CA ALA B 971 39.56 -8.63 -23.71
C ALA B 971 38.94 -7.44 -24.40
N GLY B 972 37.77 -7.03 -23.93
CA GLY B 972 37.10 -5.90 -24.56
C GLY B 972 37.58 -4.57 -24.06
N ALA B 973 38.04 -4.51 -22.82
CA ALA B 973 38.58 -3.26 -22.32
C ALA B 973 39.92 -2.94 -22.93
N LEU B 974 40.76 -3.94 -23.16
CA LEU B 974 42.12 -3.69 -23.62
C LEU B 974 42.15 -3.18 -25.06
N HIS B 975 41.46 -3.84 -25.97
CA HIS B 975 41.44 -3.39 -27.34
C HIS B 975 40.35 -2.38 -27.63
N GLY B 976 39.55 -2.03 -26.63
CA GLY B 976 38.56 -0.99 -26.79
C GLY B 976 37.41 -1.35 -27.69
N ILE B 977 36.96 -2.59 -27.67
CA ILE B 977 35.83 -3.03 -28.46
C ILE B 977 34.79 -3.62 -27.52
N ALA B 978 33.55 -3.63 -27.97
CA ALA B 978 32.50 -4.31 -27.24
C ALA B 978 32.27 -5.68 -27.87
N GLN B 979 31.76 -6.60 -27.07
CA GLN B 979 31.67 -7.99 -27.46
C GLN B 979 30.21 -8.40 -27.64
N ASP B 980 29.97 -9.22 -28.64
CA ASP B 980 28.65 -9.76 -28.89
C ASP B 980 28.45 -10.98 -28.00
N SER B 981 27.30 -11.06 -27.35
CA SER B 981 27.04 -12.17 -26.47
C SER B 981 25.59 -12.60 -26.55
N THR B 982 25.07 -12.66 -27.76
CA THR B 982 23.77 -13.28 -27.96
C THR B 982 23.90 -14.78 -27.71
N PRO B 983 22.84 -15.44 -27.31
CA PRO B 983 22.88 -16.90 -27.24
C PRO B 983 23.01 -17.50 -28.63
N TRP B 984 23.69 -18.65 -28.68
CA TRP B 984 23.74 -19.51 -29.86
C TRP B 984 24.39 -18.84 -31.06
N ILE B 985 25.53 -18.21 -30.83
CA ILE B 985 26.43 -17.85 -31.92
C ILE B 985 27.68 -18.71 -31.92
N PHE B 986 28.10 -19.22 -30.77
CA PHE B 986 29.19 -20.16 -30.68
C PHE B 986 28.64 -21.58 -30.67
N ASN B 987 29.53 -22.56 -30.89
CA ASN B 987 29.11 -23.95 -30.84
C ASN B 987 30.29 -24.78 -30.33
N GLU B 988 30.27 -26.08 -30.64
CA GLU B 988 31.28 -26.98 -30.11
C GLU B 988 32.65 -26.71 -30.70
N ASP B 989 32.72 -26.33 -31.98
CA ASP B 989 34.01 -26.15 -32.62
C ASP B 989 34.66 -24.83 -32.23
N ASP B 990 33.87 -23.77 -32.21
CA ASP B 990 34.36 -22.43 -31.91
C ASP B 990 33.84 -22.05 -30.52
N THR B 991 34.56 -22.46 -29.50
CA THR B 991 34.15 -22.16 -28.15
C THR B 991 34.61 -20.75 -27.79
N PRO B 992 33.94 -20.08 -26.84
CA PRO B 992 34.33 -18.70 -26.55
C PRO B 992 35.63 -18.57 -25.80
N ALA B 993 36.01 -19.59 -25.03
CA ALA B 993 37.26 -19.49 -24.30
C ALA B 993 38.45 -19.65 -25.23
N ASP B 994 38.24 -20.26 -26.39
CA ASP B 994 39.29 -20.30 -27.39
C ASP B 994 39.26 -19.07 -28.26
N TYR B 995 38.17 -18.31 -28.18
CA TYR B 995 38.05 -17.10 -28.97
C TYR B 995 38.44 -15.88 -28.15
N PHE B 996 37.80 -15.71 -26.99
CA PHE B 996 38.12 -14.58 -26.12
C PHE B 996 39.46 -14.77 -25.43
N GLY B 997 39.97 -16.00 -25.40
CA GLY B 997 41.32 -16.20 -24.92
C GLY B 997 42.36 -15.82 -25.96
N GLU B 998 41.99 -15.84 -27.23
CA GLU B 998 42.95 -15.49 -28.26
C GLU B 998 43.16 -13.98 -28.32
N GLN B 999 42.12 -13.20 -28.02
CA GLN B 999 42.28 -11.76 -27.99
C GLN B 999 43.11 -11.34 -26.80
N LEU B 1000 43.09 -12.14 -25.74
CA LEU B 1000 43.90 -11.83 -24.57
C LEU B 1000 45.37 -12.12 -24.83
N ALA B 1001 45.66 -13.10 -25.68
CA ALA B 1001 47.05 -13.46 -25.92
C ALA B 1001 47.74 -12.46 -26.81
N LYS B 1002 47.00 -11.79 -27.69
CA LYS B 1002 47.61 -10.77 -28.53
C LYS B 1002 47.88 -9.50 -27.74
N ALA B 1003 47.19 -9.32 -26.62
CA ALA B 1003 47.38 -8.15 -25.78
C ALA B 1003 48.47 -8.34 -24.74
N GLY B 1004 49.14 -9.49 -24.72
CA GLY B 1004 50.21 -9.70 -23.79
C GLY B 1004 49.81 -10.22 -22.44
N TYR B 1005 48.65 -10.86 -22.32
CA TYR B 1005 48.14 -11.40 -21.08
C TYR B 1005 48.15 -12.92 -21.14
N ASN B 1006 47.64 -13.54 -20.08
CA ASN B 1006 47.57 -14.99 -20.07
C ASN B 1006 46.33 -15.44 -20.81
N TYR B 1007 46.50 -16.48 -21.62
CA TYR B 1007 45.46 -17.00 -22.49
C TYR B 1007 44.26 -17.53 -21.73
N HIS B 1008 44.43 -17.95 -20.47
CA HIS B 1008 43.34 -18.51 -19.68
C HIS B 1008 42.73 -17.50 -18.73
N GLY B 1009 43.09 -16.23 -18.84
CA GLY B 1009 42.51 -15.21 -18.00
C GLY B 1009 43.07 -15.11 -16.60
N ASN B 1010 44.24 -15.67 -16.36
CA ASN B 1010 44.86 -15.66 -15.04
C ASN B 1010 45.83 -14.50 -14.91
N GLU B 1011 46.03 -14.03 -13.68
CA GLU B 1011 46.97 -12.95 -13.42
C GLU B 1011 47.82 -13.31 -12.20
N PRO B 1012 49.12 -13.01 -12.22
CA PRO B 1012 49.97 -13.29 -11.07
C PRO B 1012 49.75 -12.19 -10.05
N MET B 1013 49.25 -12.54 -8.88
CA MET B 1013 48.80 -11.53 -7.93
C MET B 1013 49.40 -11.80 -6.57
N TYR B 1014 49.88 -10.74 -5.93
CA TYR B 1014 50.58 -10.78 -4.67
C TYR B 1014 49.60 -10.62 -3.52
N SER B 1015 50.03 -10.94 -2.32
CA SER B 1015 49.10 -10.76 -1.21
C SER B 1015 49.25 -9.37 -0.63
N GLY B 1016 48.35 -9.02 0.27
CA GLY B 1016 48.32 -7.67 0.74
C GLY B 1016 48.83 -7.53 2.14
N ALA B 1017 48.50 -8.51 2.98
CA ALA B 1017 48.95 -8.47 4.36
C ALA B 1017 50.43 -8.82 4.47
N THR B 1018 50.81 -10.01 4.02
CA THR B 1018 52.19 -10.47 4.18
C THR B 1018 53.10 -9.89 3.12
N GLY B 1019 52.62 -9.71 1.91
CA GLY B 1019 53.41 -9.15 0.84
C GLY B 1019 54.00 -10.15 -0.11
N GLU B 1020 53.91 -11.44 0.19
CA GLU B 1020 54.49 -12.47 -0.64
C GLU B 1020 53.59 -12.75 -1.83
N GLU B 1021 54.16 -13.40 -2.84
CA GLU B 1021 53.35 -13.81 -3.97
C GLU B 1021 52.48 -14.99 -3.57
N LEU B 1022 51.23 -14.97 -4.01
CA LEU B 1022 50.31 -16.06 -3.77
C LEU B 1022 50.71 -17.27 -4.57
N ARG B 1023 50.09 -18.41 -4.27
CA ARG B 1023 50.53 -19.66 -4.89
C ARG B 1023 50.10 -19.75 -6.34
N ALA B 1024 48.80 -19.73 -6.58
CA ALA B 1024 48.30 -19.85 -7.93
C ALA B 1024 48.10 -18.49 -8.56
N ASP B 1025 48.30 -18.41 -9.87
CA ASP B 1025 47.91 -17.22 -10.60
C ASP B 1025 46.39 -17.17 -10.63
N ILE B 1026 45.80 -16.07 -10.19
CA ILE B 1026 44.38 -16.03 -9.95
C ILE B 1026 43.69 -15.29 -11.09
N TYR B 1027 42.37 -15.28 -11.07
CA TYR B 1027 41.52 -15.13 -12.24
C TYR B 1027 40.66 -13.89 -12.10
N VAL B 1028 41.06 -12.80 -12.75
CA VAL B 1028 40.35 -11.54 -12.67
C VAL B 1028 39.65 -11.27 -13.99
N GLY B 1029 38.78 -10.27 -13.97
CA GLY B 1029 38.04 -9.92 -15.15
C GLY B 1029 37.19 -8.71 -14.89
N VAL B 1030 36.31 -8.40 -15.84
CA VAL B 1030 35.42 -7.26 -15.75
C VAL B 1030 34.00 -7.77 -15.92
N VAL B 1031 33.25 -7.83 -14.84
CA VAL B 1031 31.90 -8.39 -14.82
C VAL B 1031 30.92 -7.29 -14.49
N TYR B 1032 29.93 -7.08 -15.36
CA TYR B 1032 28.95 -6.02 -15.20
C TYR B 1032 28.05 -6.35 -14.02
N TYR B 1033 28.23 -5.65 -12.91
CA TYR B 1033 27.32 -5.89 -11.80
C TYR B 1033 26.08 -5.04 -11.91
N GLN B 1034 25.25 -5.09 -10.87
CA GLN B 1034 24.12 -4.21 -10.72
C GLN B 1034 23.73 -4.20 -9.26
N ARG B 1035 23.39 -3.03 -8.75
CA ARG B 1035 23.09 -2.93 -7.33
C ARG B 1035 21.62 -3.18 -7.09
N LEU B 1036 21.32 -4.17 -6.27
CA LEU B 1036 19.96 -4.43 -5.86
C LEU B 1036 19.49 -3.38 -4.88
N ARG B 1037 18.17 -3.28 -4.74
CA ARG B 1037 17.53 -2.65 -3.59
C ARG B 1037 17.46 -3.68 -2.47
N HIS B 1038 16.53 -3.51 -1.52
CA HIS B 1038 16.53 -4.18 -0.21
C HIS B 1038 17.82 -3.82 0.53
N MET B 1039 17.95 -2.55 0.83
CA MET B 1039 19.05 -2.10 1.66
C MET B 1039 18.79 -2.55 3.10
N VAL B 1040 19.87 -2.59 3.90
CA VAL B 1040 19.74 -3.07 5.26
C VAL B 1040 18.95 -2.10 6.13
N ASN B 1041 18.90 -0.82 5.75
CA ASN B 1041 18.25 0.20 6.57
C ASN B 1041 16.74 0.06 6.58
N ASP B 1042 16.16 -0.67 5.66
CA ASP B 1042 14.74 -0.95 5.69
C ASP B 1042 14.43 -2.27 6.37
N LYS B 1043 15.38 -2.84 7.09
CA LYS B 1043 15.22 -4.20 7.61
C LYS B 1043 15.28 -4.29 9.12
N PHE B 1044 16.22 -3.62 9.77
CA PHE B 1044 16.45 -3.89 11.18
C PHE B 1044 15.39 -3.23 12.04
N GLN B 1045 15.38 -3.58 13.31
CA GLN B 1045 14.30 -3.28 14.22
C GLN B 1045 14.72 -3.66 15.62
N VAL B 1046 14.51 -2.78 16.58
CA VAL B 1046 14.90 -3.06 17.96
C VAL B 1046 13.88 -2.45 18.89
N ARG B 1047 13.51 -3.20 19.93
CA ARG B 1047 12.51 -2.75 20.89
C ARG B 1047 12.97 -3.09 22.28
N SER B 1048 12.78 -2.16 23.22
CA SER B 1048 12.93 -2.48 24.63
C SER B 1048 11.62 -2.33 25.37
N THR B 1049 10.99 -1.17 25.29
CA THR B 1049 9.65 -0.96 25.81
C THR B 1049 9.01 0.11 24.94
N GLY B 1050 7.72 -0.03 24.68
CA GLY B 1050 7.07 0.93 23.82
C GLY B 1050 5.57 0.78 23.71
N PRO B 1051 5.03 1.18 22.56
CA PRO B 1051 3.58 1.26 22.41
C PRO B 1051 2.94 -0.11 22.33
N VAL B 1052 1.97 -0.35 23.21
CA VAL B 1052 1.36 -1.65 23.34
C VAL B 1052 0.01 -1.65 22.66
N ASN B 1053 -0.60 -2.82 22.60
CA ASN B 1053 -1.98 -2.98 22.15
C ASN B 1053 -2.92 -2.82 23.34
N SER B 1054 -4.16 -2.43 23.07
CA SER B 1054 -5.06 -2.04 24.14
C SER B 1054 -5.84 -3.19 24.74
N LEU B 1055 -6.14 -4.21 23.95
CA LEU B 1055 -6.96 -5.32 24.44
C LEU B 1055 -6.15 -6.30 25.27
N THR B 1056 -4.95 -6.64 24.80
CA THR B 1056 -4.17 -7.73 25.37
C THR B 1056 -2.89 -7.27 26.03
N MET B 1057 -2.60 -5.96 26.05
CA MET B 1057 -1.41 -5.36 26.66
C MET B 1057 -0.10 -5.89 26.07
N GLN B 1058 -0.14 -6.35 24.86
CA GLN B 1058 1.04 -6.84 24.17
C GLN B 1058 1.57 -5.78 23.23
N PRO B 1059 2.81 -5.89 22.78
CA PRO B 1059 3.31 -4.95 21.77
C PRO B 1059 2.59 -5.06 20.44
N VAL B 1060 2.85 -4.10 19.58
CA VAL B 1060 2.12 -3.91 18.34
C VAL B 1060 2.90 -4.52 17.19
N LYS B 1061 2.21 -4.72 16.08
CA LYS B 1061 2.86 -5.19 14.86
C LYS B 1061 3.52 -4.00 14.17
N GLY B 1062 4.84 -3.94 14.22
CA GLY B 1062 5.49 -2.68 13.92
C GLY B 1062 6.48 -2.61 12.80
N ARG B 1063 7.71 -2.25 13.17
CA ARG B 1063 8.86 -1.65 12.46
C ARG B 1063 8.61 -0.18 12.17
N LYS B 1064 7.39 0.31 12.31
CA LYS B 1064 7.09 1.72 12.23
C LYS B 1064 6.56 2.26 13.55
N ARG B 1065 6.25 1.39 14.49
CA ARG B 1065 5.69 1.78 15.77
C ARG B 1065 6.54 1.25 16.91
N HIS B 1066 7.75 0.77 16.58
CA HIS B 1066 8.67 0.11 17.51
C HIS B 1066 7.99 -1.06 18.22
N GLY B 1067 7.51 -2.00 17.43
CA GLY B 1067 6.77 -3.14 17.93
C GLY B 1067 7.59 -4.42 17.93
N GLY B 1068 7.28 -5.30 18.88
CA GLY B 1068 8.09 -6.47 19.12
C GLY B 1068 7.97 -7.51 18.03
N ILE B 1069 8.75 -8.57 18.13
CA ILE B 1069 8.92 -9.37 16.93
C ILE B 1069 7.85 -10.44 16.79
N ARG B 1070 8.03 -11.58 17.47
CA ARG B 1070 7.08 -12.67 17.65
C ARG B 1070 7.77 -13.77 18.44
N VAL B 1071 7.05 -14.51 19.28
CA VAL B 1071 7.48 -15.83 19.74
C VAL B 1071 6.33 -16.76 19.43
N GLY B 1072 6.39 -17.45 18.30
CA GLY B 1072 5.23 -18.12 17.73
C GLY B 1072 4.86 -19.41 18.41
N GLU B 1073 4.10 -20.24 17.72
CA GLU B 1073 3.78 -21.54 18.26
C GLU B 1073 4.83 -22.57 17.91
N MET B 1074 5.78 -22.23 17.04
CA MET B 1074 6.89 -23.13 16.76
C MET B 1074 8.09 -22.79 17.62
N GLU B 1075 8.27 -21.52 17.96
CA GLU B 1075 9.31 -21.15 18.90
C GLU B 1075 8.89 -21.44 20.33
N ARG B 1076 7.65 -21.81 20.54
CA ARG B 1076 7.23 -22.22 21.87
C ARG B 1076 7.52 -23.70 22.08
N ASP B 1077 7.42 -24.49 21.03
CA ASP B 1077 7.69 -25.92 21.14
C ASP B 1077 9.18 -26.20 21.10
N ALA B 1078 9.98 -25.26 20.62
CA ALA B 1078 11.42 -25.45 20.71
C ALA B 1078 11.93 -25.16 22.11
N LEU B 1079 11.30 -24.22 22.81
CA LEU B 1079 11.78 -23.85 24.13
C LEU B 1079 11.43 -24.89 25.18
N ILE B 1080 10.48 -25.79 24.89
CA ILE B 1080 10.22 -26.86 25.84
C ILE B 1080 11.17 -28.02 25.58
N GLY B 1081 11.49 -28.25 24.31
CA GLY B 1081 12.38 -29.33 23.94
C GLY B 1081 13.80 -29.16 24.45
N HIS B 1082 14.23 -27.91 24.66
CA HIS B 1082 15.48 -27.67 25.34
C HIS B 1082 15.42 -28.06 26.79
N GLY B 1083 14.24 -28.16 27.37
CA GLY B 1083 14.09 -28.37 28.78
C GLY B 1083 14.14 -27.12 29.60
N THR B 1084 14.31 -25.97 28.97
CA THR B 1084 14.31 -24.68 29.67
C THR B 1084 12.88 -24.22 29.84
N SER B 1085 12.34 -24.37 31.03
CA SER B 1085 11.02 -23.82 31.27
C SER B 1085 11.06 -22.46 31.91
N PHE B 1086 12.25 -21.88 32.05
CA PHE B 1086 12.37 -20.53 32.57
C PHE B 1086 12.64 -19.52 31.47
N LEU B 1087 13.04 -19.99 30.30
CA LEU B 1087 13.02 -19.14 29.13
C LEU B 1087 11.65 -19.15 28.49
N LEU B 1088 10.81 -20.11 28.84
CA LEU B 1088 9.46 -20.11 28.33
C LEU B 1088 8.59 -19.13 29.08
N GLN B 1089 8.79 -19.01 30.40
CA GLN B 1089 8.03 -18.05 31.16
C GLN B 1089 8.57 -16.64 30.97
N ASP B 1090 9.81 -16.52 30.51
CA ASP B 1090 10.34 -15.18 30.26
C ASP B 1090 9.80 -14.61 28.96
N ARG B 1091 9.71 -15.41 27.91
CA ARG B 1091 9.25 -14.86 26.66
C ARG B 1091 7.73 -14.82 26.56
N LEU B 1092 7.00 -15.53 27.40
CA LEU B 1092 5.56 -15.61 27.25
C LEU B 1092 4.77 -15.13 28.46
N LEU B 1093 5.39 -14.83 29.58
CA LEU B 1093 4.66 -14.16 30.65
C LEU B 1093 5.33 -12.88 31.10
N ASN B 1094 6.64 -12.92 31.40
CA ASN B 1094 7.31 -11.80 32.03
C ASN B 1094 7.46 -10.63 31.07
N SER B 1095 7.71 -10.91 29.79
CA SER B 1095 8.03 -9.86 28.86
C SER B 1095 6.98 -9.67 27.78
N SER B 1096 5.72 -10.04 28.05
CA SER B 1096 4.63 -9.60 27.20
C SER B 1096 3.59 -8.76 27.94
N ASP B 1097 2.89 -9.31 28.94
CA ASP B 1097 1.95 -8.50 29.71
C ASP B 1097 2.21 -8.49 31.20
N TYR B 1098 2.14 -9.65 31.88
CA TYR B 1098 2.38 -9.81 33.33
C TYR B 1098 1.64 -8.77 34.18
N THR B 1099 0.33 -8.90 34.28
CA THR B 1099 -0.39 -8.04 35.20
C THR B 1099 -0.62 -8.77 36.51
N GLN B 1100 -0.23 -8.15 37.62
CA GLN B 1100 -0.61 -8.65 38.92
C GLN B 1100 -2.04 -8.20 39.16
N ALA B 1101 -2.99 -9.08 38.92
CA ALA B 1101 -4.38 -8.79 39.20
C ALA B 1101 -4.72 -9.23 40.61
N SER B 1102 -6.01 -9.26 40.90
CA SER B 1102 -6.48 -9.73 42.19
C SER B 1102 -7.61 -10.73 41.99
N VAL B 1103 -7.76 -11.63 42.94
CA VAL B 1103 -8.82 -12.63 42.92
C VAL B 1103 -9.57 -12.55 44.22
N CYS B 1104 -10.78 -13.10 44.24
CA CYS B 1104 -11.45 -13.36 45.49
C CYS B 1104 -11.13 -14.78 45.93
N ARG B 1105 -10.99 -14.98 47.22
CA ARG B 1105 -10.71 -16.31 47.71
C ARG B 1105 -11.96 -17.09 48.09
N GLU B 1106 -13.12 -16.63 47.62
CA GLU B 1106 -14.37 -17.34 47.89
C GLU B 1106 -15.13 -17.65 46.61
N CYS B 1107 -15.35 -16.66 45.76
CA CYS B 1107 -15.98 -16.90 44.48
C CYS B 1107 -14.97 -17.20 43.39
N GLY B 1108 -13.72 -16.83 43.59
CA GLY B 1108 -12.64 -17.18 42.69
C GLY B 1108 -12.69 -16.54 41.33
N SER B 1109 -12.96 -15.24 41.26
CA SER B 1109 -13.00 -14.55 39.98
C SER B 1109 -12.08 -13.35 40.00
N ILE B 1110 -11.57 -12.99 38.82
CA ILE B 1110 -10.63 -11.89 38.68
C ILE B 1110 -11.28 -10.62 38.17
N LEU B 1111 -12.56 -10.67 37.79
CA LEU B 1111 -13.20 -9.55 37.11
C LEU B 1111 -14.18 -8.77 37.97
N THR B 1112 -14.60 -9.31 39.10
CA THR B 1112 -15.57 -8.65 39.98
C THR B 1112 -14.91 -8.13 41.24
N THR B 1113 -13.76 -7.49 41.10
CA THR B 1113 -13.10 -6.84 42.22
C THR B 1113 -12.86 -5.38 41.89
N GLN B 1114 -13.06 -4.52 42.88
CA GLN B 1114 -12.93 -3.09 42.68
C GLN B 1114 -12.38 -2.46 43.94
N GLN B 1115 -11.74 -1.31 43.75
CA GLN B 1115 -11.31 -0.52 44.89
C GLN B 1115 -12.52 0.22 45.44
N SER B 1116 -12.84 -0.04 46.70
CA SER B 1116 -13.88 0.71 47.37
C SER B 1116 -13.46 2.16 47.49
N VAL B 1117 -14.37 3.08 47.20
CA VAL B 1117 -14.04 4.47 47.57
C VAL B 1117 -14.11 4.59 49.07
N PRO B 1118 -13.23 5.37 49.69
CA PRO B 1118 -13.19 5.38 51.15
C PRO B 1118 -14.34 6.17 51.73
N ARG B 1119 -14.50 6.01 53.03
CA ARG B 1119 -15.35 6.81 53.90
C ARG B 1119 -14.65 8.14 54.18
N ILE B 1120 -14.80 8.60 55.42
CA ILE B 1120 -14.23 9.81 56.03
C ILE B 1120 -12.82 10.17 55.57
N GLY B 1121 -12.00 9.18 55.21
CA GLY B 1121 -10.72 9.50 54.60
C GLY B 1121 -9.49 8.75 55.08
N SER B 1122 -9.68 7.52 55.53
CA SER B 1122 -8.58 6.60 55.79
C SER B 1122 -8.06 6.00 54.47
N ILE B 1123 -7.35 4.88 54.57
CA ILE B 1123 -6.86 4.20 53.38
C ILE B 1123 -8.01 3.47 52.69
N SER B 1124 -7.88 3.34 51.37
CA SER B 1124 -8.83 2.56 50.59
C SER B 1124 -8.45 1.08 50.59
N THR B 1125 -9.41 0.25 50.22
CA THR B 1125 -9.22 -1.20 50.27
C THR B 1125 -9.96 -1.86 49.11
N VAL B 1126 -9.52 -3.05 48.76
CA VAL B 1126 -10.03 -3.79 47.61
C VAL B 1126 -11.18 -4.68 48.06
N CYS B 1127 -12.27 -4.68 47.31
CA CYS B 1127 -13.45 -5.43 47.69
C CYS B 1127 -14.07 -6.10 46.47
N CYS B 1128 -14.91 -7.09 46.72
CA CYS B 1128 -15.48 -7.91 45.66
C CYS B 1128 -16.99 -7.77 45.63
N ARG B 1129 -17.56 -7.67 44.43
CA ARG B 1129 -18.98 -7.39 44.29
C ARG B 1129 -19.81 -8.64 44.50
N ARG B 1130 -19.36 -9.79 44.01
CA ARG B 1130 -20.19 -10.98 43.92
C ARG B 1130 -20.46 -11.60 45.28
N CYS B 1131 -19.47 -11.60 46.17
CA CYS B 1131 -19.65 -12.18 47.48
C CYS B 1131 -20.40 -11.27 48.45
N SER B 1132 -20.56 -10.00 48.12
CA SER B 1132 -21.07 -9.01 49.05
C SER B 1132 -22.59 -8.92 48.96
N MET B 1133 -23.20 -8.50 50.07
CA MET B 1133 -24.63 -8.24 50.13
C MET B 1133 -24.86 -6.74 50.21
N ARG B 1134 -26.09 -6.35 49.92
CA ARG B 1134 -26.51 -5.00 50.26
C ARG B 1134 -26.64 -4.88 51.78
N PHE B 1135 -26.34 -3.68 52.29
CA PHE B 1135 -26.24 -3.49 53.73
C PHE B 1135 -27.60 -3.51 54.40
N GLU B 1136 -28.63 -3.00 53.72
CA GLU B 1136 -29.98 -3.06 54.28
C GLU B 1136 -30.51 -4.48 54.27
N ASP B 1137 -30.06 -5.31 53.32
CA ASP B 1137 -30.40 -6.73 53.36
C ASP B 1137 -29.68 -7.42 54.50
N ALA B 1138 -28.50 -6.93 54.88
CA ALA B 1138 -27.77 -7.52 56.00
C ALA B 1138 -28.42 -7.16 57.33
N LYS B 1139 -29.10 -6.01 57.40
CA LYS B 1139 -29.80 -5.63 58.63
C LYS B 1139 -31.12 -6.36 58.81
N LYS B 1140 -31.53 -7.18 57.85
CA LYS B 1140 -32.76 -7.95 57.97
C LYS B 1140 -32.53 -9.34 58.54
N LEU B 1141 -31.27 -9.70 58.81
CA LEU B 1141 -30.96 -11.01 59.33
C LEU B 1141 -29.64 -10.99 60.10
N ILE B 1151 -27.14 -9.59 67.84
CA ILE B 1151 -26.05 -9.57 66.88
C ILE B 1151 -26.00 -8.20 66.19
N PHE B 1152 -24.79 -7.67 66.03
CA PHE B 1152 -24.58 -6.39 65.38
C PHE B 1152 -23.52 -6.53 64.31
N ILE B 1153 -23.78 -5.92 63.15
CA ILE B 1153 -22.87 -6.00 62.01
C ILE B 1153 -21.59 -5.26 62.32
N ASP B 1154 -20.46 -5.89 62.03
CA ASP B 1154 -19.16 -5.32 62.34
C ASP B 1154 -18.86 -4.09 61.50
N ASP B 1155 -17.99 -3.22 62.02
CA ASP B 1155 -17.75 -1.92 61.43
C ASP B 1155 -16.71 -1.97 60.32
N SER B 1156 -15.69 -2.80 60.49
CA SER B 1156 -14.57 -2.86 59.56
C SER B 1156 -14.90 -3.59 58.26
N GLN B 1157 -16.05 -4.25 58.19
CA GLN B 1157 -16.45 -5.02 57.01
C GLN B 1157 -17.59 -4.34 56.26
N ILE B 1158 -17.56 -3.01 56.21
CA ILE B 1158 -18.49 -2.21 55.41
C ILE B 1158 -17.66 -1.38 54.45
N TRP B 1159 -18.13 -1.28 53.21
CA TRP B 1159 -17.45 -0.49 52.19
C TRP B 1159 -18.51 0.17 51.32
N GLU B 1160 -18.08 1.06 50.42
CA GLU B 1160 -19.02 1.79 49.58
C GLU B 1160 -18.41 2.06 48.23
N ASP B 1161 -19.21 1.92 47.18
CA ASP B 1161 -18.73 2.31 45.86
C ASP B 1161 -18.86 3.81 45.68
N GLY B 1162 -18.56 4.28 44.48
CA GLY B 1162 -18.65 5.69 44.16
C GLY B 1162 -20.06 6.20 43.87
N GLN B 1163 -21.05 5.39 44.23
CA GLN B 1163 -22.45 5.80 44.23
C GLN B 1163 -22.99 5.97 45.65
N GLY B 1164 -22.17 5.74 46.67
CA GLY B 1164 -22.61 5.90 48.04
C GLY B 1164 -23.31 4.69 48.62
N ASN B 1165 -23.55 3.65 47.83
CA ASN B 1165 -24.28 2.49 48.31
C ASN B 1165 -23.40 1.65 49.22
N LYS B 1166 -23.93 1.29 50.38
CA LYS B 1166 -23.18 0.48 51.33
C LYS B 1166 -23.23 -0.99 50.94
N PHE B 1167 -22.27 -1.75 51.47
CA PHE B 1167 -22.18 -3.18 51.26
C PHE B 1167 -21.55 -3.81 52.48
N VAL B 1168 -21.81 -5.10 52.70
CA VAL B 1168 -21.13 -5.88 53.72
C VAL B 1168 -20.45 -7.05 53.04
N GLY B 1169 -19.25 -7.40 53.48
CA GLY B 1169 -18.59 -8.61 53.02
C GLY B 1169 -17.92 -8.42 51.68
N GLY B 1170 -17.23 -9.48 51.25
CA GLY B 1170 -16.45 -9.41 50.04
C GLY B 1170 -15.05 -8.89 50.26
N ASN B 1171 -14.48 -9.12 51.45
CA ASN B 1171 -13.19 -8.56 51.82
C ASN B 1171 -12.04 -9.56 51.76
N GLU B 1172 -12.32 -10.86 51.71
CA GLU B 1172 -11.29 -11.87 51.59
C GLU B 1172 -10.78 -11.86 50.15
N THR B 1173 -9.62 -11.26 49.93
CA THR B 1173 -9.04 -11.21 48.59
C THR B 1173 -7.53 -11.07 48.68
N THR B 1174 -6.84 -11.64 47.69
CA THR B 1174 -5.39 -11.52 47.56
C THR B 1174 -5.08 -11.21 46.11
N THR B 1175 -3.79 -11.15 45.80
CA THR B 1175 -3.33 -10.80 44.46
C THR B 1175 -2.46 -11.91 43.90
N VAL B 1176 -2.67 -12.24 42.64
CA VAL B 1176 -1.93 -13.28 41.94
C VAL B 1176 -1.30 -12.66 40.72
N ALA B 1177 -0.47 -13.44 40.03
CA ALA B 1177 0.26 -12.96 38.86
C ALA B 1177 -0.19 -13.76 37.64
N ILE B 1178 -0.89 -13.10 36.73
CA ILE B 1178 -1.48 -13.74 35.56
C ILE B 1178 -1.05 -12.95 34.33
N PRO B 1179 -1.18 -13.46 33.11
CA PRO B 1179 -1.10 -12.59 31.95
C PRO B 1179 -2.40 -11.81 31.81
N PHE B 1180 -2.40 -10.85 30.89
CA PHE B 1180 -3.59 -10.04 30.75
C PHE B 1180 -4.62 -10.69 29.85
N VAL B 1181 -4.19 -11.54 28.92
CA VAL B 1181 -5.10 -12.13 27.96
C VAL B 1181 -6.05 -13.12 28.64
N LEU B 1182 -5.69 -13.61 29.82
CA LEU B 1182 -6.64 -14.33 30.65
C LEU B 1182 -7.79 -13.42 31.08
N LYS B 1183 -7.49 -12.17 31.41
CA LYS B 1183 -8.54 -11.27 31.86
C LYS B 1183 -9.43 -10.85 30.70
N TYR B 1184 -8.90 -10.81 29.49
CA TYR B 1184 -9.76 -10.60 28.33
C TYR B 1184 -10.62 -11.82 28.07
N LEU B 1185 -10.08 -13.01 28.32
CA LEU B 1185 -10.82 -14.23 28.03
C LEU B 1185 -11.95 -14.44 29.03
N ASP B 1186 -11.71 -14.10 30.30
CA ASP B 1186 -12.77 -14.18 31.31
C ASP B 1186 -13.88 -13.18 31.02
N SER B 1187 -13.57 -12.08 30.34
CA SER B 1187 -14.62 -11.20 29.87
C SER B 1187 -15.41 -11.83 28.74
N GLU B 1188 -14.71 -12.39 27.75
CA GLU B 1188 -15.36 -12.95 26.57
C GLU B 1188 -16.14 -14.21 26.89
N LEU B 1189 -15.71 -15.00 27.86
CA LEU B 1189 -16.48 -16.18 28.21
C LEU B 1189 -17.71 -15.84 29.01
N SER B 1190 -17.73 -14.72 29.73
CA SER B 1190 -18.92 -14.39 30.49
C SER B 1190 -20.03 -13.83 29.63
N ALA B 1191 -19.73 -13.42 28.40
CA ALA B 1191 -20.78 -13.06 27.47
C ALA B 1191 -21.57 -14.28 27.04
N MET B 1192 -20.91 -15.42 26.90
CA MET B 1192 -21.58 -16.66 26.52
C MET B 1192 -22.22 -17.35 27.71
N GLY B 1193 -22.16 -16.77 28.90
CA GLY B 1193 -22.79 -17.36 30.05
C GLY B 1193 -21.92 -18.29 30.85
N ILE B 1194 -20.62 -18.34 30.57
CA ILE B 1194 -19.70 -19.27 31.21
C ILE B 1194 -18.86 -18.52 32.22
N ARG B 1195 -18.84 -19.01 33.46
CA ARG B 1195 -17.90 -18.52 34.44
C ARG B 1195 -16.68 -19.43 34.48
N LEU B 1196 -15.59 -18.91 35.03
CA LEU B 1196 -14.37 -19.69 35.23
C LEU B 1196 -13.96 -19.50 36.68
N ARG B 1197 -14.51 -20.32 37.57
CA ARG B 1197 -14.18 -20.22 38.98
C ARG B 1197 -12.77 -20.73 39.20
N TYR B 1198 -11.95 -19.95 39.90
CA TYR B 1198 -10.57 -20.31 40.18
C TYR B 1198 -10.44 -20.84 41.60
N ASN B 1199 -9.40 -21.61 41.83
CA ASN B 1199 -9.02 -22.01 43.17
C ASN B 1199 -7.65 -21.44 43.45
N VAL B 1200 -7.55 -20.59 44.47
CA VAL B 1200 -6.36 -19.82 44.73
C VAL B 1200 -5.78 -20.30 46.05
N GLU B 1201 -4.74 -21.01 45.98
CA GLU B 1201 -4.11 -21.51 47.19
C GLU B 1201 -2.98 -20.59 47.62
N PRO B 1202 -2.68 -20.45 48.92
CA PRO B 1202 -3.21 -21.10 50.10
C PRO B 1202 -4.57 -20.57 50.48
N LYS B 1203 -5.44 -21.44 50.96
CA LYS B 1203 -6.76 -21.02 51.36
C LYS B 1203 -6.64 -20.38 52.72
N TRP C 31 73.04 -12.50 11.25
CA TRP C 31 72.56 -11.30 10.59
C TRP C 31 72.84 -10.07 11.41
N ASN C 32 73.23 -9.00 10.74
CA ASN C 32 73.45 -7.71 11.39
C ASN C 32 73.27 -6.61 10.35
N VAL C 33 73.27 -5.36 10.83
CA VAL C 33 73.00 -4.24 9.95
C VAL C 33 74.14 -4.01 8.97
N GLU C 34 75.38 -4.28 9.39
CA GLU C 34 76.50 -4.23 8.46
C GLU C 34 76.41 -5.35 7.43
N LYS C 35 75.74 -6.46 7.78
CA LYS C 35 75.43 -7.48 6.80
C LYS C 35 74.20 -7.13 5.99
N PHE C 36 73.52 -6.03 6.35
CA PHE C 36 72.47 -5.48 5.49
C PHE C 36 72.99 -4.30 4.69
N LYS C 37 73.85 -3.49 5.30
CA LYS C 37 74.36 -2.28 4.67
C LYS C 37 75.28 -2.59 3.49
N LYS C 38 75.92 -3.75 3.50
CA LYS C 38 76.84 -4.09 2.42
C LYS C 38 76.10 -4.61 1.20
N ASP C 39 75.03 -5.36 1.41
CA ASP C 39 74.35 -6.04 0.31
C ASP C 39 73.23 -5.23 -0.33
N PHE C 40 72.65 -4.29 0.41
CA PHE C 40 71.49 -3.56 -0.08
C PHE C 40 71.88 -2.59 -1.19
N GLU C 41 71.04 -2.49 -2.21
CA GLU C 41 71.42 -1.77 -3.42
C GLU C 41 70.17 -1.23 -4.10
N VAL C 42 69.98 0.07 -4.09
CA VAL C 42 68.91 0.74 -4.82
C VAL C 42 69.43 1.05 -6.21
N ASN C 43 68.58 0.96 -7.22
CA ASN C 43 69.05 1.15 -8.58
C ASN C 43 67.91 1.79 -9.39
N ILE C 44 68.01 3.09 -9.59
CA ILE C 44 66.91 3.86 -10.19
C ILE C 44 66.95 3.68 -11.69
N SER C 45 65.79 3.37 -12.29
CA SER C 45 65.69 3.19 -13.73
C SER C 45 65.27 4.46 -14.45
N SER C 46 64.23 5.12 -13.96
CA SER C 46 63.74 6.33 -14.59
C SER C 46 63.11 7.22 -13.53
N LEU C 47 62.83 8.47 -13.91
CA LEU C 47 62.33 9.43 -12.94
C LEU C 47 61.64 10.57 -13.65
N ASP C 48 60.37 10.80 -13.33
CA ASP C 48 59.62 11.90 -13.89
C ASP C 48 59.00 12.70 -12.77
N ALA C 49 58.25 13.73 -13.12
CA ALA C 49 57.47 14.48 -12.14
C ALA C 49 56.11 13.87 -11.87
N ARG C 50 55.74 12.80 -12.58
CA ARG C 50 54.48 12.13 -12.37
C ARG C 50 54.63 10.67 -11.99
N GLU C 51 55.75 10.03 -12.32
CA GLU C 51 55.94 8.64 -11.97
C GLU C 51 57.41 8.34 -11.79
N ALA C 52 57.70 7.15 -11.27
CA ALA C 52 59.06 6.77 -10.93
C ALA C 52 59.17 5.26 -10.97
N ASN C 53 60.32 4.76 -11.40
CA ASN C 53 60.55 3.32 -11.46
C ASN C 53 61.96 3.05 -10.95
N PHE C 54 62.06 2.31 -9.84
CA PHE C 54 63.37 2.07 -9.25
C PHE C 54 63.35 0.73 -8.56
N ASP C 55 64.46 0.03 -8.61
CA ASP C 55 64.55 -1.31 -8.07
C ASP C 55 65.04 -1.26 -6.64
N LEU C 56 64.75 -2.32 -5.91
CA LEU C 56 65.27 -2.52 -4.56
C LEU C 56 65.79 -3.94 -4.52
N ILE C 57 67.09 -4.11 -4.45
CA ILE C 57 67.71 -5.43 -4.44
C ILE C 57 68.15 -5.73 -3.02
N ASN C 58 67.97 -6.99 -2.60
CA ASN C 58 68.40 -7.52 -1.31
C ASN C 58 67.78 -6.77 -0.13
N ILE C 59 66.46 -6.92 -0.03
CA ILE C 59 65.72 -6.45 1.13
C ILE C 59 64.59 -7.45 1.35
N ASP C 60 64.13 -7.57 2.59
CA ASP C 60 63.11 -8.54 2.91
C ASP C 60 61.74 -8.08 2.43
N THR C 61 60.86 -9.04 2.16
CA THR C 61 59.50 -8.73 1.73
C THR C 61 58.64 -8.18 2.85
N SER C 62 59.07 -8.29 4.11
CA SER C 62 58.26 -7.72 5.19
C SER C 62 58.50 -6.23 5.30
N ILE C 63 59.56 -5.74 4.69
CA ILE C 63 59.89 -4.32 4.77
C ILE C 63 59.57 -3.63 3.45
N ALA C 64 59.80 -4.32 2.33
CA ALA C 64 59.45 -3.74 1.05
C ALA C 64 57.93 -3.63 0.90
N ASN C 65 57.20 -4.52 1.55
CA ASN C 65 55.76 -4.34 1.61
C ASN C 65 55.39 -3.28 2.63
N ALA C 66 56.25 -3.05 3.62
CA ALA C 66 55.92 -2.04 4.62
C ALA C 66 56.05 -0.64 4.04
N PHE C 67 56.83 -0.48 2.97
CA PHE C 67 56.90 0.83 2.34
C PHE C 67 55.72 1.04 1.43
N ARG C 68 55.17 -0.04 0.86
CA ARG C 68 54.03 0.09 -0.04
C ARG C 68 52.76 0.46 0.71
N ARG C 69 52.60 -0.06 1.92
CA ARG C 69 51.38 0.22 2.67
C ARG C 69 51.40 1.59 3.31
N ILE C 70 52.56 2.22 3.38
CA ILE C 70 52.64 3.53 4.03
C ILE C 70 52.31 4.64 3.03
N MET C 71 52.80 4.51 1.80
CA MET C 71 52.56 5.51 0.77
C MET C 71 51.09 5.61 0.41
N ILE C 72 50.38 4.49 0.38
CA ILE C 72 48.97 4.53 0.12
C ILE C 72 48.21 5.08 1.32
N SER C 73 48.47 4.53 2.49
CA SER C 73 47.59 4.77 3.63
C SER C 73 48.01 5.93 4.50
N GLU C 74 49.26 5.96 4.96
CA GLU C 74 49.68 6.99 5.92
C GLU C 74 50.81 7.84 5.35
N VAL C 75 50.45 8.82 4.53
CA VAL C 75 51.28 9.93 4.08
C VAL C 75 50.28 11.07 3.91
N PRO C 76 50.46 12.21 4.55
CA PRO C 76 49.38 13.21 4.55
C PRO C 76 49.33 13.98 3.25
N SER C 77 48.12 14.43 2.90
CA SER C 77 47.91 15.28 1.74
C SER C 77 46.66 16.12 1.97
N VAL C 78 46.37 16.99 1.02
CA VAL C 78 45.39 18.06 1.19
C VAL C 78 44.23 17.84 0.24
N ALA C 79 43.01 17.81 0.78
CA ALA C 79 41.81 17.76 -0.04
C ALA C 79 40.64 18.23 0.79
N ALA C 80 39.67 18.86 0.12
CA ALA C 80 38.61 19.64 0.74
C ALA C 80 37.69 18.76 1.56
N GLU C 81 37.59 19.00 2.86
CA GLU C 81 36.78 18.13 3.70
C GLU C 81 35.36 18.65 3.87
N TYR C 82 35.17 19.96 3.93
CA TYR C 82 33.86 20.55 4.19
C TYR C 82 33.51 21.51 3.06
N VAL C 83 32.26 21.45 2.62
CA VAL C 83 31.77 22.32 1.56
C VAL C 83 30.51 23.00 2.07
N TYR C 84 30.52 24.33 2.06
CA TYR C 84 29.44 25.16 2.57
C TYR C 84 28.66 25.73 1.40
N PHE C 85 27.42 25.32 1.25
CA PHE C 85 26.64 25.67 0.07
C PHE C 85 25.87 26.95 0.33
N PHE C 86 26.27 28.03 -0.32
CA PHE C 86 25.44 29.22 -0.31
C PHE C 86 24.20 28.98 -1.16
N ASN C 87 24.38 28.77 -2.46
CA ASN C 87 23.26 28.53 -3.35
C ASN C 87 23.63 27.50 -4.40
N ASN C 88 22.67 26.64 -4.71
CA ASN C 88 22.82 25.66 -5.78
C ASN C 88 21.44 25.38 -6.34
N THR C 89 21.18 25.85 -7.56
CA THR C 89 19.98 25.48 -8.29
C THR C 89 20.30 24.65 -9.52
N SER C 90 21.44 23.98 -9.55
CA SER C 90 21.78 23.15 -10.67
C SER C 90 21.02 21.82 -10.58
N VAL C 91 21.19 20.97 -11.59
CA VAL C 91 20.46 19.72 -11.65
C VAL C 91 21.21 18.58 -10.93
N ILE C 92 22.53 18.67 -10.83
CA ILE C 92 23.30 17.80 -9.96
C ILE C 92 23.02 18.17 -8.53
N GLN C 93 22.62 17.19 -7.72
CA GLN C 93 22.25 17.52 -6.35
C GLN C 93 23.50 17.81 -5.52
N ASP C 94 23.26 18.25 -4.29
CA ASP C 94 24.27 18.93 -3.49
C ASP C 94 25.34 17.97 -3.00
N GLU C 95 24.95 16.81 -2.50
CA GLU C 95 25.89 15.91 -1.89
C GLU C 95 26.79 15.22 -2.90
N VAL C 96 26.34 15.10 -4.15
CA VAL C 96 27.23 14.59 -5.18
C VAL C 96 28.23 15.65 -5.57
N LEU C 97 27.78 16.90 -5.71
CA LEU C 97 28.68 17.99 -6.05
C LEU C 97 29.64 18.30 -4.93
N ALA C 98 29.22 18.09 -3.69
CA ALA C 98 30.13 18.22 -2.57
C ALA C 98 31.19 17.13 -2.62
N HIS C 99 30.80 15.95 -3.09
CA HIS C 99 31.73 14.84 -3.15
C HIS C 99 32.71 15.00 -4.29
N ARG C 100 32.26 15.55 -5.42
CA ARG C 100 33.14 15.66 -6.59
C ARG C 100 34.21 16.71 -6.41
N ILE C 101 34.01 17.64 -5.47
CA ILE C 101 35.06 18.60 -5.16
C ILE C 101 36.13 17.94 -4.32
N GLY C 102 35.73 16.99 -3.48
CA GLY C 102 36.66 16.35 -2.55
C GLY C 102 37.72 15.51 -3.20
N LEU C 103 37.54 15.12 -4.46
CA LEU C 103 38.48 14.26 -5.14
C LEU C 103 39.33 15.01 -6.16
N VAL C 104 39.67 16.26 -5.92
CA VAL C 104 40.51 17.05 -6.82
C VAL C 104 41.87 17.25 -6.14
N PRO C 105 42.97 16.87 -6.78
CA PRO C 105 44.28 16.97 -6.11
C PRO C 105 44.83 18.38 -6.17
N LEU C 106 44.92 19.03 -5.02
CA LEU C 106 45.45 20.38 -4.98
C LEU C 106 46.96 20.34 -4.98
N LYS C 107 47.55 21.40 -5.51
CA LYS C 107 49.01 21.55 -5.50
C LYS C 107 49.46 22.39 -4.31
N VAL C 108 49.10 21.93 -3.12
CA VAL C 108 49.62 22.48 -1.88
C VAL C 108 50.64 21.51 -1.32
N ASP C 109 51.81 22.02 -0.99
CA ASP C 109 52.79 21.20 -0.29
C ASP C 109 52.28 20.93 1.11
N PRO C 110 52.11 19.67 1.52
CA PRO C 110 51.46 19.39 2.81
C PRO C 110 52.34 19.66 4.01
N ASP C 111 53.63 19.94 3.83
CA ASP C 111 54.45 20.41 4.95
C ASP C 111 54.07 21.83 5.37
N MET C 112 53.40 22.58 4.50
CA MET C 112 53.15 23.99 4.73
C MET C 112 52.02 24.23 5.71
N LEU C 113 51.11 23.29 5.86
CA LEU C 113 50.02 23.44 6.79
C LEU C 113 50.38 22.75 8.10
N THR C 114 49.40 22.65 9.00
CA THR C 114 49.55 21.90 10.22
C THR C 114 48.31 21.05 10.41
N TRP C 115 48.30 20.24 11.46
CA TRP C 115 47.26 19.26 11.64
C TRP C 115 46.09 19.85 12.41
N VAL C 116 44.90 19.71 11.84
CA VAL C 116 43.68 20.14 12.50
C VAL C 116 43.46 19.32 13.77
N ASP C 117 42.89 19.95 14.78
CA ASP C 117 42.49 19.26 16.00
C ASP C 117 40.98 19.03 15.95
N SER C 118 40.57 17.78 15.99
CA SER C 118 39.16 17.40 15.94
C SER C 118 38.51 17.36 17.32
N ASN C 119 39.09 18.08 18.28
CA ASN C 119 38.63 18.15 19.66
C ASN C 119 37.80 19.38 19.93
N LEU C 120 38.22 20.53 19.44
CA LEU C 120 37.61 21.81 19.75
C LEU C 120 36.34 22.03 18.94
N PRO C 121 35.48 22.96 19.37
CA PRO C 121 34.42 23.44 18.47
C PRO C 121 34.96 24.42 17.43
N ASP C 122 34.08 25.06 16.66
CA ASP C 122 34.52 25.93 15.58
C ASP C 122 35.15 27.23 16.07
N ASP C 123 35.17 27.49 17.38
CA ASP C 123 35.88 28.66 17.89
C ASP C 123 37.39 28.52 17.71
N GLU C 124 37.93 27.33 17.92
CA GLU C 124 39.36 27.11 17.76
C GLU C 124 39.67 25.97 16.83
N LYS C 125 38.74 25.58 15.95
CA LYS C 125 39.05 24.49 15.04
C LYS C 125 39.90 24.97 13.87
N PHE C 126 39.39 25.91 13.09
CA PHE C 126 40.02 26.35 11.86
C PHE C 126 40.73 27.67 12.11
N THR C 127 42.04 27.71 11.87
CA THR C 127 42.84 28.91 11.97
C THR C 127 43.39 29.23 10.59
N ASP C 128 44.37 30.11 10.54
CA ASP C 128 45.03 30.37 9.27
C ASP C 128 46.11 29.37 8.96
N GLU C 129 46.46 28.50 9.90
CA GLU C 129 47.48 27.49 9.66
C GLU C 129 46.92 26.11 9.38
N ASN C 130 45.70 25.80 9.81
CA ASN C 130 45.09 24.54 9.44
C ASN C 130 44.54 24.57 8.02
N THR C 131 43.71 25.56 7.73
CA THR C 131 42.77 25.51 6.61
C THR C 131 43.36 26.21 5.38
N ILE C 132 42.70 25.97 4.24
CA ILE C 132 42.85 26.75 3.02
C ILE C 132 41.45 26.94 2.49
N VAL C 133 41.06 28.18 2.17
CA VAL C 133 39.69 28.46 1.76
C VAL C 133 39.63 28.58 0.25
N LEU C 134 38.74 27.80 -0.37
CA LEU C 134 38.48 27.87 -1.79
C LEU C 134 37.05 28.32 -2.03
N SER C 135 36.81 28.95 -3.18
CA SER C 135 35.48 29.45 -3.48
C SER C 135 35.17 29.24 -4.95
N LEU C 136 33.88 29.24 -5.27
CA LEU C 136 33.39 28.92 -6.61
C LEU C 136 32.09 29.67 -6.83
N ASN C 137 32.05 30.51 -7.85
CA ASN C 137 30.87 31.31 -8.14
C ASN C 137 30.67 31.35 -9.65
N VAL C 138 29.63 30.69 -10.13
CA VAL C 138 29.32 30.63 -11.56
C VAL C 138 27.82 30.82 -11.74
N LYS C 139 27.42 31.77 -12.60
CA LYS C 139 26.08 31.84 -13.14
C LYS C 139 26.11 31.60 -14.63
N CYS C 140 25.01 31.08 -15.18
CA CYS C 140 24.92 30.75 -16.58
C CYS C 140 23.69 31.38 -17.19
N THR C 141 23.86 32.06 -18.31
CA THR C 141 22.77 32.68 -19.05
C THR C 141 23.01 32.54 -20.54
N ARG C 142 21.94 32.77 -21.30
CA ARG C 142 21.93 32.59 -22.74
C ARG C 142 22.83 33.62 -23.41
N ASN C 143 23.39 33.25 -24.56
CA ASN C 143 24.15 34.17 -25.38
C ASN C 143 23.32 34.57 -26.57
N PRO C 144 23.02 35.85 -26.79
CA PRO C 144 22.22 36.25 -27.95
C PRO C 144 23.00 36.36 -29.24
N ASP C 145 24.31 36.16 -29.23
CA ASP C 145 25.12 36.07 -30.43
C ASP C 145 25.29 34.62 -30.87
N ALA C 146 24.27 33.83 -30.74
CA ALA C 146 24.36 32.44 -31.16
C ALA C 146 24.12 32.33 -32.65
N PRO C 147 25.02 31.70 -33.39
CA PRO C 147 24.70 31.35 -34.79
C PRO C 147 23.54 30.36 -34.83
N LYS C 148 22.72 30.49 -35.88
CA LYS C 148 21.45 29.78 -35.92
C LYS C 148 21.66 28.29 -36.12
N GLY C 149 20.97 27.50 -35.30
CA GLY C 149 21.06 26.05 -35.41
C GLY C 149 22.32 25.46 -34.86
N SER C 150 23.10 26.22 -34.08
CA SER C 150 24.32 25.68 -33.53
C SER C 150 24.02 24.73 -32.39
N THR C 151 25.01 23.99 -31.98
CA THR C 151 24.77 22.94 -31.01
C THR C 151 25.68 23.00 -29.80
N ASP C 152 26.95 23.36 -29.99
CA ASP C 152 27.91 23.21 -28.92
C ASP C 152 27.71 24.29 -27.87
N PRO C 153 27.53 23.94 -26.61
CA PRO C 153 27.30 24.93 -25.56
C PRO C 153 28.54 25.71 -25.14
N LYS C 154 29.62 25.67 -25.90
CA LYS C 154 30.70 26.63 -25.68
C LYS C 154 30.36 27.97 -26.29
N GLU C 155 29.59 27.97 -27.37
CA GLU C 155 29.14 29.19 -28.04
C GLU C 155 27.64 29.14 -28.28
N LEU C 156 26.91 28.66 -27.29
CA LEU C 156 25.46 28.78 -27.21
C LEU C 156 25.01 29.24 -25.84
N TYR C 157 25.86 29.12 -24.82
CA TYR C 157 25.57 29.62 -23.50
C TYR C 157 26.81 30.29 -22.94
N ASN C 158 26.62 31.09 -21.90
CA ASN C 158 27.71 31.77 -21.21
C ASN C 158 27.98 31.05 -19.90
N ASN C 159 29.20 30.51 -19.77
CA ASN C 159 29.65 29.71 -18.62
C ASN C 159 28.71 28.54 -18.36
N ALA C 160 28.67 27.62 -19.32
CA ALA C 160 27.84 26.42 -19.23
C ALA C 160 28.58 25.23 -18.68
N HIS C 161 29.91 25.20 -18.78
CA HIS C 161 30.73 24.12 -18.26
C HIS C 161 31.52 24.67 -17.09
N VAL C 162 31.24 24.18 -15.90
CA VAL C 162 31.98 24.55 -14.70
C VAL C 162 33.17 23.62 -14.59
N TYR C 163 34.36 24.13 -14.84
CA TYR C 163 35.56 23.33 -14.78
C TYR C 163 36.08 23.30 -13.36
N ALA C 164 37.30 22.81 -13.17
CA ALA C 164 37.92 22.84 -11.85
C ALA C 164 38.83 24.04 -11.66
N ARG C 165 39.27 24.68 -12.74
CA ARG C 165 40.08 25.87 -12.61
C ARG C 165 39.27 27.09 -12.16
N ASP C 166 37.95 26.98 -12.10
CA ASP C 166 37.11 28.05 -11.60
C ASP C 166 37.09 28.12 -10.07
N LEU C 167 37.83 27.24 -9.39
CA LEU C 167 37.98 27.31 -7.95
C LEU C 167 39.02 28.37 -7.60
N LYS C 168 38.61 29.37 -6.82
CA LYS C 168 39.46 30.51 -6.54
C LYS C 168 40.06 30.38 -5.15
N PHE C 169 41.35 30.66 -5.04
CA PHE C 169 42.06 30.63 -3.78
C PHE C 169 41.78 31.91 -3.00
N GLU C 170 41.33 31.76 -1.76
CA GLU C 170 41.05 32.91 -0.91
C GLU C 170 41.98 32.91 0.31
N PRO C 171 42.95 33.82 0.39
CA PRO C 171 43.85 33.82 1.56
C PRO C 171 43.18 34.47 2.76
N GLN C 172 43.39 33.87 3.93
CA GLN C 172 42.87 34.38 5.19
C GLN C 172 44.03 34.40 6.18
N GLY C 173 44.34 35.58 6.71
CA GLY C 173 45.39 35.73 7.72
C GLY C 173 46.77 35.98 7.15
N ARG C 174 47.77 35.25 7.67
CA ARG C 174 49.14 35.41 7.20
C ARG C 174 49.41 34.66 5.91
N GLN C 175 48.39 34.16 5.23
CA GLN C 175 48.61 33.29 4.09
C GLN C 175 48.94 34.08 2.84
N SER C 176 48.68 35.39 2.83
CA SER C 176 49.07 36.21 1.70
C SER C 176 50.57 36.35 1.60
N THR C 177 51.27 36.27 2.73
CA THR C 177 52.73 36.31 2.70
C THR C 177 53.33 34.93 2.49
N THR C 178 52.62 33.90 2.95
CA THR C 178 53.16 32.54 2.93
C THR C 178 53.07 31.92 1.54
N PHE C 179 51.87 31.89 0.98
CA PHE C 179 51.62 31.29 -0.32
C PHE C 179 51.82 32.27 -1.47
N ALA C 180 52.59 33.35 -1.26
CA ALA C 180 52.76 34.35 -2.30
C ALA C 180 53.62 33.84 -3.45
N ASP C 181 54.53 32.91 -3.16
CA ASP C 181 55.32 32.29 -4.21
C ASP C 181 54.47 31.36 -5.06
N CYS C 182 53.92 30.32 -4.45
CA CYS C 182 53.12 29.31 -5.15
C CYS C 182 51.67 29.39 -4.72
N PRO C 183 50.73 29.56 -5.64
CA PRO C 183 49.32 29.58 -5.26
C PRO C 183 48.67 28.20 -5.35
N VAL C 184 47.50 28.10 -4.72
CA VAL C 184 46.76 26.85 -4.68
C VAL C 184 46.10 26.67 -6.04
N VAL C 185 46.66 25.78 -6.85
CA VAL C 185 46.06 25.41 -8.12
C VAL C 185 45.71 23.93 -8.02
N PRO C 186 44.55 23.47 -8.49
CA PRO C 186 44.37 22.03 -8.67
C PRO C 186 45.34 21.50 -9.70
N ALA C 187 45.83 20.28 -9.45
CA ALA C 187 46.96 19.76 -10.22
C ALA C 187 46.56 19.35 -11.62
N ASP C 188 45.28 19.04 -11.84
CA ASP C 188 44.76 18.77 -13.18
C ASP C 188 43.52 19.62 -13.34
N PRO C 189 43.59 20.74 -14.08
CA PRO C 189 42.57 21.78 -13.94
C PRO C 189 41.32 21.54 -14.75
N ASP C 190 41.33 20.65 -15.74
CA ASP C 190 40.19 20.50 -16.63
C ASP C 190 39.12 19.54 -16.10
N ILE C 191 39.13 19.27 -14.80
CA ILE C 191 38.17 18.34 -14.20
C ILE C 191 36.78 18.95 -14.27
N LEU C 192 35.87 18.27 -14.92
CA LEU C 192 34.51 18.76 -15.07
C LEU C 192 33.73 18.53 -13.79
N LEU C 193 33.21 19.60 -13.19
CA LEU C 193 32.46 19.50 -11.94
C LEU C 193 30.95 19.55 -12.13
N ALA C 194 30.46 20.34 -13.09
CA ALA C 194 29.02 20.45 -13.29
C ALA C 194 28.76 20.91 -14.71
N LYS C 195 27.49 20.99 -15.05
CA LYS C 195 27.06 21.52 -16.32
C LYS C 195 25.80 22.33 -16.09
N LEU C 196 25.71 23.48 -16.73
CA LEU C 196 24.71 24.47 -16.39
C LEU C 196 23.94 24.89 -17.62
N ARG C 197 22.77 25.45 -17.38
CA ARG C 197 21.81 25.92 -18.35
C ARG C 197 21.28 27.25 -17.81
N PRO C 198 20.64 28.09 -18.64
CA PRO C 198 20.29 29.44 -18.19
C PRO C 198 19.31 29.48 -17.03
N GLY C 199 19.60 30.38 -16.09
CA GLY C 199 18.85 30.51 -14.86
C GLY C 199 19.56 29.97 -13.64
N GLN C 200 20.57 29.13 -13.83
CA GLN C 200 21.14 28.33 -12.77
C GLN C 200 22.46 28.91 -12.27
N GLU C 201 22.81 28.56 -11.02
CA GLU C 201 23.98 29.14 -10.38
C GLU C 201 24.52 28.21 -9.29
N ILE C 202 25.83 28.22 -9.15
CA ILE C 202 26.55 27.48 -8.11
C ILE C 202 27.33 28.50 -7.28
N SER C 203 27.30 28.34 -5.97
CA SER C 203 28.02 29.25 -5.08
C SER C 203 28.32 28.51 -3.79
N LEU C 204 29.60 28.24 -3.54
CA LEU C 204 30.01 27.43 -2.40
C LEU C 204 31.35 27.90 -1.87
N LYS C 205 31.75 27.31 -0.74
CA LYS C 205 33.06 27.51 -0.15
C LYS C 205 33.58 26.19 0.39
N ALA C 206 34.89 25.98 0.26
CA ALA C 206 35.52 24.72 0.63
C ALA C 206 36.67 24.97 1.58
N HIS C 207 36.82 24.11 2.58
CA HIS C 207 37.79 24.28 3.65
C HIS C 207 38.76 23.10 3.65
N CYS C 208 39.84 23.21 2.89
CA CYS C 208 40.77 22.12 2.67
C CYS C 208 41.70 21.96 3.85
N ILE C 209 41.89 20.73 4.31
CA ILE C 209 42.69 20.45 5.49
C ILE C 209 43.74 19.39 5.16
N LEU C 210 44.46 18.92 6.16
CA LEU C 210 45.36 17.79 6.02
C LEU C 210 44.67 16.51 6.43
N GLY C 211 45.11 15.40 5.85
CA GLY C 211 44.60 14.10 6.22
C GLY C 211 45.43 13.00 5.58
N ILE C 212 45.40 11.82 6.20
CA ILE C 212 46.09 10.65 5.69
C ILE C 212 45.13 9.85 4.85
N GLY C 213 45.67 9.02 3.97
CA GLY C 213 44.84 8.21 3.09
C GLY C 213 44.13 7.05 3.74
N GLY C 214 44.35 6.80 5.02
CA GLY C 214 43.68 5.73 5.70
C GLY C 214 42.32 6.09 6.26
N ASP C 215 41.97 7.37 6.24
CA ASP C 215 40.66 7.79 6.73
C ASP C 215 39.65 7.93 5.59
N HIS C 216 40.09 8.44 4.46
CA HIS C 216 39.25 8.52 3.28
C HIS C 216 40.19 8.46 2.08
N ALA C 217 39.67 7.99 0.96
CA ALA C 217 40.51 7.68 -0.19
C ALA C 217 40.85 8.89 -1.03
N LYS C 218 40.46 10.09 -0.60
CA LYS C 218 40.80 11.30 -1.32
C LYS C 218 42.08 11.93 -0.82
N PHE C 219 42.64 11.42 0.27
CA PHE C 219 43.89 11.94 0.80
C PHE C 219 45.10 11.15 0.35
N SER C 220 44.92 10.04 -0.32
CA SER C 220 46.05 9.22 -0.72
C SER C 220 46.80 9.89 -1.86
N PRO C 221 48.02 10.33 -1.67
CA PRO C 221 48.67 11.14 -2.68
C PRO C 221 49.38 10.33 -3.75
N VAL C 222 48.76 9.26 -4.22
CA VAL C 222 49.39 8.29 -5.09
C VAL C 222 48.32 7.72 -6.01
N SER C 223 48.58 7.74 -7.32
CA SER C 223 47.71 7.05 -8.26
C SER C 223 47.69 5.57 -8.00
N THR C 224 48.84 4.91 -8.15
CA THR C 224 49.00 3.57 -7.61
C THR C 224 50.48 3.38 -7.26
N ALA C 225 50.74 2.47 -6.34
CA ALA C 225 52.10 2.20 -5.91
C ALA C 225 52.21 0.73 -5.59
N SER C 226 52.92 -0.02 -6.42
CA SER C 226 53.00 -1.44 -6.24
C SER C 226 54.46 -1.84 -6.21
N TYR C 227 54.69 -3.13 -6.26
CA TYR C 227 55.97 -3.67 -6.65
C TYR C 227 55.73 -4.94 -7.44
N ARG C 228 56.82 -5.52 -7.92
CA ARG C 228 56.77 -6.85 -8.48
C ARG C 228 58.16 -7.44 -8.37
N LEU C 229 58.24 -8.70 -8.02
CA LEU C 229 59.53 -9.36 -8.02
C LEU C 229 59.99 -9.53 -9.46
N LEU C 230 61.27 -9.44 -9.66
CA LEU C 230 61.83 -9.59 -10.98
C LEU C 230 61.65 -11.03 -11.44
N PRO C 231 61.10 -11.27 -12.62
CA PRO C 231 60.95 -12.64 -13.10
C PRO C 231 62.30 -13.27 -13.40
N GLN C 232 62.35 -14.60 -13.31
CA GLN C 232 63.58 -15.32 -13.59
C GLN C 232 63.28 -16.42 -14.59
N ILE C 233 63.80 -16.27 -15.80
CA ILE C 233 63.73 -17.31 -16.82
C ILE C 233 65.06 -18.04 -16.83
N ASN C 234 65.03 -19.34 -16.54
CA ASN C 234 66.20 -20.17 -16.75
C ASN C 234 65.87 -21.29 -17.71
N ILE C 235 66.74 -21.53 -18.66
CA ILE C 235 66.58 -22.57 -19.66
C ILE C 235 67.42 -23.76 -19.24
N LEU C 236 66.87 -24.96 -19.42
CA LEU C 236 67.56 -26.18 -19.03
C LEU C 236 68.29 -26.86 -20.17
N GLN C 237 67.61 -27.12 -21.28
CA GLN C 237 68.22 -27.76 -22.42
C GLN C 237 68.39 -26.71 -23.50
N PRO C 238 69.55 -26.65 -24.14
CA PRO C 238 69.87 -25.54 -25.03
C PRO C 238 69.05 -25.60 -26.31
N ILE C 239 68.06 -24.75 -26.41
CA ILE C 239 67.14 -24.71 -27.54
C ILE C 239 67.84 -24.04 -28.71
N LYS C 240 67.68 -24.61 -29.91
CA LYS C 240 68.40 -24.11 -31.07
C LYS C 240 67.55 -24.25 -32.32
N GLY C 241 67.96 -23.53 -33.36
CA GLY C 241 67.41 -23.74 -34.68
C GLY C 241 66.10 -22.99 -34.91
N GLU C 242 65.22 -23.63 -35.68
CA GLU C 242 63.91 -23.05 -35.94
C GLU C 242 63.01 -23.09 -34.71
N SER C 243 63.24 -24.04 -33.80
CA SER C 243 62.47 -24.08 -32.58
C SER C 243 62.83 -22.92 -31.65
N ALA C 244 64.08 -22.47 -31.67
CA ALA C 244 64.46 -21.33 -30.86
C ALA C 244 63.87 -20.04 -31.41
N ARG C 245 63.70 -19.95 -32.72
CA ARG C 245 62.92 -18.85 -33.29
C ARG C 245 61.47 -18.95 -32.88
N ARG C 246 60.94 -20.17 -32.76
CA ARG C 246 59.59 -20.35 -32.24
C ARG C 246 59.55 -20.23 -30.72
N PHE C 247 60.72 -20.23 -30.07
CA PHE C 247 60.77 -20.04 -28.63
C PHE C 247 60.78 -18.58 -28.26
N GLN C 248 61.33 -17.74 -29.13
CA GLN C 248 61.48 -16.32 -28.81
C GLN C 248 60.14 -15.60 -28.85
N LYS C 249 59.25 -16.02 -29.74
CA LYS C 249 58.00 -15.29 -29.94
C LYS C 249 56.96 -15.55 -28.87
N CYS C 250 57.23 -16.44 -27.91
CA CYS C 250 56.33 -16.64 -26.78
C CYS C 250 56.62 -15.72 -25.62
N PHE C 251 57.26 -14.59 -25.88
CA PHE C 251 57.67 -13.61 -24.89
C PHE C 251 57.51 -12.24 -25.50
N PRO C 252 57.61 -11.16 -24.74
CA PRO C 252 57.72 -9.85 -25.35
C PRO C 252 58.98 -9.73 -26.17
N PRO C 253 59.00 -8.86 -27.18
CA PRO C 253 60.23 -8.68 -27.97
C PRO C 253 61.28 -7.96 -27.15
N GLY C 254 62.43 -8.60 -26.99
CA GLY C 254 63.50 -8.07 -26.18
C GLY C 254 63.80 -8.90 -24.96
N VAL C 255 62.93 -9.82 -24.58
CA VAL C 255 63.19 -10.64 -23.40
C VAL C 255 64.22 -11.70 -23.72
N ILE C 256 63.90 -12.59 -24.65
CA ILE C 256 64.77 -13.72 -25.01
C ILE C 256 65.46 -13.37 -26.32
N GLY C 257 66.78 -13.49 -26.34
CA GLY C 257 67.56 -13.31 -27.54
C GLY C 257 68.11 -14.64 -28.04
N ILE C 258 68.53 -14.63 -29.30
CA ILE C 258 69.20 -15.77 -29.93
C ILE C 258 70.57 -15.31 -30.37
N ASP C 259 71.61 -15.75 -29.67
CA ASP C 259 72.96 -15.36 -30.02
C ASP C 259 73.40 -16.11 -31.27
N GLU C 260 73.92 -15.37 -32.25
CA GLU C 260 74.47 -15.98 -33.45
C GLU C 260 75.74 -16.74 -33.13
N GLY C 261 76.12 -17.64 -34.02
CA GLY C 261 77.22 -18.52 -33.70
C GLY C 261 76.73 -19.84 -33.14
N SER C 262 76.65 -19.92 -31.81
CA SER C 262 76.16 -21.13 -31.15
C SER C 262 74.67 -21.40 -31.42
N ASP C 263 73.91 -20.36 -31.78
CA ASP C 263 72.48 -20.44 -32.13
C ASP C 263 71.64 -20.99 -30.97
N GLU C 264 71.99 -20.65 -29.74
CA GLU C 264 71.23 -21.06 -28.58
C GLU C 264 70.53 -19.85 -27.96
N ALA C 265 69.31 -20.06 -27.49
CA ALA C 265 68.50 -18.98 -26.96
C ALA C 265 69.04 -18.55 -25.60
N TYR C 266 69.16 -17.25 -25.40
CA TYR C 266 69.71 -16.70 -24.16
C TYR C 266 68.91 -15.48 -23.75
N VAL C 267 68.92 -15.20 -22.45
CA VAL C 267 68.08 -14.18 -21.84
C VAL C 267 68.76 -12.83 -22.02
N LYS C 268 68.17 -11.97 -22.84
CA LYS C 268 68.65 -10.60 -22.95
C LYS C 268 68.43 -9.84 -21.64
N ASP C 269 67.16 -9.65 -21.28
CA ASP C 269 66.80 -9.16 -19.95
C ASP C 269 65.41 -9.67 -19.61
N ALA C 270 65.23 -10.05 -18.35
CA ALA C 270 63.94 -10.46 -17.84
C ALA C 270 63.23 -9.35 -17.11
N ARG C 271 63.79 -8.14 -17.14
CA ARG C 271 63.07 -7.01 -16.57
C ARG C 271 61.89 -6.62 -17.44
N LYS C 272 61.99 -6.86 -18.76
CA LYS C 272 60.89 -6.64 -19.67
C LYS C 272 59.87 -7.75 -19.67
N ASP C 273 60.07 -8.79 -18.86
CA ASP C 273 59.16 -9.92 -18.89
C ASP C 273 57.86 -9.52 -18.21
N THR C 274 56.76 -9.86 -18.86
CA THR C 274 55.45 -9.40 -18.45
C THR C 274 54.65 -10.61 -18.02
N VAL C 275 55.28 -11.48 -17.21
CA VAL C 275 55.12 -12.93 -17.20
C VAL C 275 53.67 -13.41 -17.34
N SER C 276 53.45 -14.24 -18.35
CA SER C 276 52.12 -14.62 -18.76
C SER C 276 52.00 -16.10 -18.96
N ARG C 277 53.11 -16.85 -18.85
CA ARG C 277 53.17 -18.30 -19.02
C ARG C 277 52.63 -18.70 -20.39
N GLU C 278 53.26 -18.15 -21.42
CA GLU C 278 52.90 -18.48 -22.80
C GLU C 278 53.57 -19.76 -23.24
N VAL C 279 54.77 -20.03 -22.73
CA VAL C 279 55.49 -21.22 -23.14
C VAL C 279 54.85 -22.48 -22.61
N LEU C 280 54.15 -22.40 -21.48
CA LEU C 280 53.58 -23.61 -20.89
C LEU C 280 52.35 -24.10 -21.62
N ARG C 281 51.84 -23.36 -22.59
CA ARG C 281 50.77 -23.87 -23.44
C ARG C 281 51.29 -24.78 -24.53
N TYR C 282 52.60 -24.77 -24.77
CA TYR C 282 53.20 -25.59 -25.81
C TYR C 282 53.80 -26.85 -25.21
N GLU C 283 53.48 -28.00 -25.82
CA GLU C 283 53.89 -29.26 -25.25
C GLU C 283 55.38 -29.50 -25.41
N GLU C 284 55.99 -28.93 -26.44
CA GLU C 284 57.40 -29.18 -26.71
C GLU C 284 58.30 -28.14 -26.08
N PHE C 285 57.78 -27.31 -25.18
CA PHE C 285 58.61 -26.41 -24.40
C PHE C 285 58.37 -26.54 -22.91
N ALA C 286 57.48 -27.42 -22.48
CA ALA C 286 57.07 -27.45 -21.09
C ALA C 286 58.03 -28.20 -20.19
N ASP C 287 59.10 -28.79 -20.73
CA ASP C 287 60.12 -29.44 -19.93
C ASP C 287 61.50 -28.85 -20.18
N LYS C 288 61.59 -27.71 -20.86
CA LYS C 288 62.86 -27.04 -21.08
C LYS C 288 63.01 -25.77 -20.29
N VAL C 289 61.92 -25.20 -19.76
CA VAL C 289 61.93 -23.92 -19.07
C VAL C 289 61.20 -24.07 -17.75
N LYS C 290 61.83 -23.62 -16.67
CA LYS C 290 61.15 -23.36 -15.42
C LYS C 290 61.01 -21.85 -15.25
N LEU C 291 59.94 -21.42 -14.61
CA LEU C 291 59.64 -20.00 -14.46
C LEU C 291 59.58 -19.66 -12.98
N GLY C 292 60.41 -18.71 -12.55
CA GLY C 292 60.47 -18.34 -11.17
C GLY C 292 60.77 -16.87 -10.94
N ARG C 293 60.97 -16.50 -9.67
CA ARG C 293 61.22 -15.13 -9.25
C ARG C 293 62.61 -15.01 -8.64
N VAL C 294 62.93 -13.80 -8.20
CA VAL C 294 64.23 -13.55 -7.59
C VAL C 294 64.03 -13.39 -6.08
N ARG C 295 62.83 -12.97 -5.68
CA ARG C 295 62.30 -12.97 -4.31
C ARG C 295 63.02 -12.02 -3.35
N ASN C 296 63.96 -11.21 -3.83
CA ASN C 296 64.42 -10.08 -3.03
C ASN C 296 64.71 -8.88 -3.91
N HIS C 297 64.10 -8.81 -5.09
CA HIS C 297 64.43 -7.82 -6.11
C HIS C 297 63.14 -7.10 -6.46
N PHE C 298 62.76 -6.13 -5.65
CA PHE C 298 61.44 -5.50 -5.73
C PHE C 298 61.49 -4.35 -6.71
N ILE C 299 60.83 -4.50 -7.86
CA ILE C 299 60.78 -3.41 -8.82
C ILE C 299 59.59 -2.53 -8.45
N PHE C 300 59.84 -1.48 -7.67
CA PHE C 300 58.81 -0.53 -7.31
C PHE C 300 58.41 0.29 -8.51
N ASN C 301 57.22 0.86 -8.46
CA ASN C 301 56.74 1.75 -9.52
C ASN C 301 55.72 2.70 -8.93
N VAL C 302 56.16 3.92 -8.66
CA VAL C 302 55.40 4.90 -7.90
C VAL C 302 54.92 5.97 -8.85
N GLU C 303 53.62 6.21 -8.89
CA GLU C 303 53.06 7.33 -9.63
C GLU C 303 52.37 8.27 -8.64
N SER C 304 52.36 9.56 -8.93
CA SER C 304 51.82 10.52 -8.00
C SER C 304 50.49 11.08 -8.50
N ALA C 305 49.63 11.44 -7.56
CA ALA C 305 48.31 11.92 -7.91
C ALA C 305 48.31 13.37 -8.33
N GLY C 306 49.29 14.14 -7.89
CA GLY C 306 49.40 15.51 -8.35
C GLY C 306 49.98 16.49 -7.35
N ALA C 307 49.90 16.16 -6.07
CA ALA C 307 50.38 17.09 -5.06
C ALA C 307 51.90 17.15 -5.03
N MET C 308 52.55 16.00 -4.90
CA MET C 308 53.96 15.92 -4.58
C MET C 308 54.75 15.24 -5.68
N THR C 309 56.05 15.32 -5.56
CA THR C 309 56.97 14.63 -6.45
C THR C 309 56.97 13.14 -6.10
N PRO C 310 57.14 12.25 -7.08
CA PRO C 310 57.21 10.81 -6.75
C PRO C 310 58.40 10.43 -5.89
N GLU C 311 59.52 11.12 -5.99
CA GLU C 311 60.65 10.78 -5.13
C GLU C 311 60.49 11.38 -3.74
N GLU C 312 59.58 12.33 -3.58
CA GLU C 312 59.35 12.90 -2.27
C GLU C 312 58.41 12.05 -1.43
N ILE C 313 57.63 11.18 -2.08
CA ILE C 313 56.75 10.29 -1.31
C ILE C 313 57.56 9.15 -0.71
N PHE C 314 58.55 8.65 -1.44
CA PHE C 314 59.31 7.51 -0.95
C PHE C 314 60.20 7.90 0.22
N PHE C 315 60.63 9.15 0.27
CA PHE C 315 61.34 9.62 1.47
C PHE C 315 60.39 9.80 2.62
N LYS C 316 59.13 10.11 2.31
CA LYS C 316 58.15 10.29 3.38
C LYS C 316 57.69 8.96 3.94
N SER C 317 57.75 7.89 3.15
CA SER C 317 57.36 6.60 3.68
C SER C 317 58.46 5.97 4.51
N VAL C 318 59.71 6.19 4.12
CA VAL C 318 60.82 5.70 4.93
C VAL C 318 60.89 6.48 6.24
N ARG C 319 60.72 7.80 6.19
CA ARG C 319 60.86 8.58 7.40
C ARG C 319 59.59 8.53 8.26
N ILE C 320 58.56 7.82 7.83
CA ILE C 320 57.42 7.60 8.71
C ILE C 320 57.58 6.29 9.48
N LEU C 321 58.09 5.24 8.80
CA LEU C 321 58.35 3.99 9.49
C LEU C 321 59.48 4.14 10.50
N LYS C 322 60.41 5.06 10.25
CA LYS C 322 61.40 5.37 11.27
C LYS C 322 60.76 6.08 12.46
N ASN C 323 59.76 6.92 12.20
CA ASN C 323 59.13 7.65 13.30
C ASN C 323 58.02 6.83 13.94
N LYS C 324 57.51 5.81 13.27
CA LYS C 324 56.56 4.92 13.92
C LYS C 324 57.28 4.00 14.91
N ALA C 325 58.56 3.76 14.69
CA ALA C 325 59.33 2.99 15.64
C ALA C 325 59.82 3.86 16.79
N GLU C 326 60.31 5.06 16.48
CA GLU C 326 60.88 5.92 17.51
C GLU C 326 59.83 6.47 18.44
N TYR C 327 58.60 6.64 17.98
CA TYR C 327 57.53 7.04 18.88
C TYR C 327 57.14 5.89 19.79
N LEU C 328 57.24 4.65 19.31
CA LEU C 328 56.93 3.50 20.15
C LEU C 328 58.05 3.22 21.13
N LYS C 329 59.27 3.64 20.80
CA LYS C 329 60.44 3.36 21.63
C LYS C 329 60.46 4.20 22.91
N ASN C 330 59.67 5.26 22.98
CA ASN C 330 59.71 6.18 24.12
C ASN C 330 58.44 6.19 24.96
N CYS C 331 57.39 5.48 24.54
CA CYS C 331 56.29 5.38 25.48
C CYS C 331 56.60 4.34 26.55
N PRO C 332 56.27 4.62 27.80
CA PRO C 332 56.47 3.62 28.84
C PRO C 332 55.45 2.51 28.75
N ILE C 333 55.81 1.35 29.28
CA ILE C 333 55.05 0.12 29.10
C ILE C 333 54.33 -0.17 30.41
N THR C 334 53.05 0.19 30.48
CA THR C 334 52.30 0.06 31.71
C THR C 334 51.79 -1.37 31.88
N GLN C 335 50.89 -1.57 32.83
CA GLN C 335 50.45 -2.90 33.19
C GLN C 335 48.99 -3.11 32.82
N THR D 12 0.45 0.61 48.98
CA THR D 12 0.63 0.92 50.39
C THR D 12 1.25 -0.27 51.14
N ALA D 13 0.60 -1.43 51.00
CA ALA D 13 1.01 -2.64 51.70
C ALA D 13 1.11 -3.77 50.68
N THR D 14 2.34 -4.08 50.28
CA THR D 14 2.61 -5.23 49.44
C THR D 14 2.75 -6.46 50.34
N THR D 15 3.23 -7.58 49.78
CA THR D 15 3.49 -8.77 50.58
C THR D 15 4.91 -8.82 51.10
N LEU D 16 5.53 -7.67 51.31
CA LEU D 16 6.78 -7.62 52.07
C LEU D 16 6.59 -7.03 53.46
N ASN D 17 5.39 -6.57 53.79
CA ASN D 17 5.10 -6.17 55.16
C ASN D 17 3.71 -6.60 55.57
N THR D 18 3.18 -7.65 54.94
CA THR D 18 1.84 -8.10 55.20
C THR D 18 1.84 -9.62 55.10
N PRO D 19 1.24 -10.32 56.06
CA PRO D 19 0.96 -11.75 55.84
C PRO D 19 -0.12 -11.89 54.77
N VAL D 20 -0.09 -13.01 54.05
CA VAL D 20 -1.14 -13.16 53.05
C VAL D 20 -2.41 -13.72 53.67
N VAL D 21 -2.32 -14.46 54.79
CA VAL D 21 -3.47 -14.87 55.58
C VAL D 21 -3.08 -14.80 57.03
N ILE D 22 -4.07 -14.67 57.90
CA ILE D 22 -3.93 -14.91 59.34
C ILE D 22 -5.16 -15.70 59.75
N HIS D 23 -4.95 -16.85 60.36
CA HIS D 23 -6.05 -17.71 60.77
C HIS D 23 -5.94 -18.00 62.26
N ALA D 24 -7.03 -17.80 62.99
CA ALA D 24 -7.04 -18.11 64.41
C ALA D 24 -7.22 -19.60 64.58
N THR D 25 -6.22 -20.28 65.15
CA THR D 25 -6.26 -21.72 65.28
C THR D 25 -7.21 -22.16 66.38
N GLN D 26 -7.12 -21.55 67.55
CA GLN D 26 -7.86 -22.01 68.71
C GLN D 26 -8.83 -20.93 69.16
N LEU D 27 -9.59 -21.25 70.18
CA LEU D 27 -10.36 -20.22 70.83
C LEU D 27 -9.50 -19.48 71.85
N PRO D 28 -9.71 -18.18 72.02
CA PRO D 28 -8.86 -17.42 72.94
C PRO D 28 -9.17 -17.71 74.40
N GLN D 29 -8.17 -17.50 75.24
CA GLN D 29 -8.27 -17.76 76.67
C GLN D 29 -8.08 -16.45 77.43
N HIS D 30 -9.00 -16.17 78.34
CA HIS D 30 -8.96 -14.92 79.10
C HIS D 30 -7.89 -15.00 80.18
N VAL D 31 -6.87 -14.16 80.04
CA VAL D 31 -5.73 -14.16 80.94
C VAL D 31 -5.94 -13.09 82.00
N SER D 32 -5.55 -13.38 83.23
CA SER D 32 -5.68 -12.45 84.34
C SER D 32 -4.51 -11.46 84.34
N THR D 33 -4.66 -10.42 85.16
CA THR D 33 -3.81 -9.23 85.06
C THR D 33 -2.38 -9.50 85.52
N ASP D 34 -2.20 -10.41 86.49
CA ASP D 34 -0.86 -10.67 87.02
C ASP D 34 0.04 -11.34 85.99
N GLU D 35 -0.55 -12.07 85.05
CA GLU D 35 0.26 -12.63 83.97
C GLU D 35 0.35 -11.67 82.79
N VAL D 36 -0.61 -10.75 82.68
CA VAL D 36 -0.49 -9.66 81.70
C VAL D 36 0.68 -8.78 82.05
N LEU D 37 0.83 -8.47 83.34
CA LEU D 37 1.96 -7.67 83.79
C LEU D 37 3.27 -8.42 83.63
N GLN D 38 3.24 -9.74 83.75
CA GLN D 38 4.45 -10.51 83.50
C GLN D 38 4.83 -10.50 82.02
N PHE D 39 3.82 -10.60 81.15
CA PHE D 39 4.07 -10.51 79.72
C PHE D 39 4.51 -9.10 79.34
N LEU D 40 3.84 -8.08 79.88
CA LEU D 40 4.16 -6.70 79.51
C LEU D 40 5.54 -6.30 80.01
N GLU D 41 5.99 -6.87 81.13
CA GLU D 41 7.35 -6.63 81.57
C GLU D 41 8.33 -7.30 80.63
N SER D 42 8.12 -8.58 80.34
CA SER D 42 9.11 -9.35 79.59
C SER D 42 9.07 -9.06 78.10
N PHE D 43 8.15 -8.21 77.64
CA PHE D 43 8.10 -7.89 76.22
C PHE D 43 8.88 -6.62 75.90
N ILE D 44 8.77 -5.60 76.74
CA ILE D 44 9.44 -4.33 76.44
C ILE D 44 10.92 -4.42 76.79
N ASP D 45 11.32 -5.38 77.62
CA ASP D 45 12.72 -5.61 77.86
C ASP D 45 13.40 -6.17 76.62
N GLU D 46 12.74 -7.10 75.94
CA GLU D 46 13.33 -7.72 74.76
C GLU D 46 13.23 -6.85 73.52
N LYS D 47 12.40 -5.80 73.56
CA LYS D 47 12.21 -4.92 72.41
C LYS D 47 12.93 -3.59 72.59
N GLU D 48 14.12 -3.61 73.17
CA GLU D 48 14.91 -2.40 73.34
C GLU D 48 16.40 -2.67 73.13
N THR D 80 13.43 -0.40 65.01
CA THR D 80 13.54 1.05 65.04
C THR D 80 12.15 1.68 65.00
N ASN D 81 11.27 1.14 64.16
CA ASN D 81 9.89 1.58 64.17
C ASN D 81 9.07 0.92 65.26
N LEU D 82 9.67 0.06 66.07
CA LEU D 82 8.98 -0.52 67.21
C LEU D 82 8.86 0.47 68.36
N SER D 83 9.61 1.58 68.29
CA SER D 83 9.75 2.46 69.45
C SER D 83 8.46 3.20 69.76
N SER D 84 7.78 3.69 68.74
CA SER D 84 6.57 4.47 68.96
C SER D 84 5.39 3.58 69.33
N SER D 85 5.53 2.27 69.16
CA SER D 85 4.52 1.36 69.66
C SER D 85 4.81 0.97 71.10
N ILE D 86 6.08 0.69 71.42
CA ILE D 86 6.43 0.30 72.78
C ILE D 86 6.51 1.49 73.72
N SER D 87 6.51 2.72 73.20
CA SER D 87 6.34 3.87 74.06
C SER D 87 4.95 3.89 74.63
N GLN D 88 3.95 3.70 73.78
CA GLN D 88 2.55 3.60 74.20
C GLN D 88 2.33 2.41 75.12
N LEU D 89 3.09 1.34 74.90
CA LEU D 89 2.97 0.17 75.77
C LEU D 89 3.54 0.45 77.15
N LYS D 90 4.53 1.34 77.24
CA LYS D 90 5.07 1.71 78.54
C LYS D 90 4.04 2.50 79.34
N ARG D 91 3.16 3.22 78.64
CA ARG D 91 2.13 3.98 79.32
C ARG D 91 1.00 3.06 79.78
N ILE D 92 0.89 1.87 79.19
CA ILE D 92 -0.16 0.95 79.60
C ILE D 92 0.25 0.21 80.86
N GLN D 93 1.50 -0.26 80.92
CA GLN D 93 1.94 -1.04 82.06
C GLN D 93 2.04 -0.22 83.33
N ARG D 94 2.24 1.10 83.21
CA ARG D 94 2.20 1.95 84.39
C ARG D 94 0.77 2.10 84.88
N ASP D 95 -0.20 1.98 83.98
CA ASP D 95 -1.59 2.19 84.33
C ASP D 95 -2.14 0.98 85.06
N PHE D 96 -1.70 -0.23 84.70
CA PHE D 96 -2.26 -1.44 85.29
C PHE D 96 -1.81 -1.61 86.73
N LYS D 97 -0.53 -1.34 87.02
CA LYS D 97 -0.08 -1.31 88.40
C LYS D 97 -0.70 -0.15 89.15
N GLY D 98 -0.84 0.98 88.49
CA GLY D 98 -1.55 2.14 88.98
C GLY D 98 -0.63 3.25 89.40
N LEU D 99 -0.34 4.15 88.46
CA LEU D 99 0.48 5.33 88.66
C LEU D 99 0.05 6.38 87.65
N PRO D 100 -0.67 7.42 88.06
CA PRO D 100 -1.17 8.40 87.09
C PRO D 100 -0.10 9.37 86.62
N GLU E 4 -14.30 -81.71 -1.36
CA GLU E 4 -13.38 -82.62 -0.70
C GLU E 4 -13.57 -82.60 0.80
N ASN E 5 -13.69 -83.77 1.41
CA ASN E 5 -13.80 -83.89 2.85
C ASN E 5 -12.51 -84.35 3.50
N GLU E 6 -11.43 -84.43 2.73
CA GLU E 6 -10.12 -84.64 3.32
C GLU E 6 -9.62 -83.35 3.95
N ARG E 7 -9.95 -82.20 3.36
CA ARG E 7 -9.50 -80.94 3.92
C ARG E 7 -10.27 -80.57 5.19
N ASN E 8 -11.55 -80.96 5.27
CA ASN E 8 -12.32 -80.63 6.48
C ASN E 8 -11.87 -81.47 7.68
N ILE E 9 -11.22 -82.60 7.43
CA ILE E 9 -10.61 -83.33 8.54
C ILE E 9 -9.29 -82.68 8.92
N SER E 10 -8.50 -82.27 7.92
CA SER E 10 -7.22 -81.65 8.21
C SER E 10 -7.39 -80.24 8.74
N ARG E 11 -8.52 -79.60 8.45
CA ARG E 11 -8.79 -78.31 9.08
C ARG E 11 -9.15 -78.48 10.54
N LEU E 12 -10.00 -79.46 10.86
CA LEU E 12 -10.37 -79.73 12.24
C LEU E 12 -9.21 -80.31 13.04
N TRP E 13 -8.22 -80.90 12.36
CA TRP E 13 -7.04 -81.32 13.08
C TRP E 13 -6.25 -80.13 13.59
N ARG E 14 -6.14 -79.08 12.78
CA ARG E 14 -5.37 -77.92 13.19
C ARG E 14 -6.11 -77.12 14.26
N ALA E 15 -7.44 -77.04 14.15
CA ALA E 15 -8.22 -76.35 15.17
C ALA E 15 -8.31 -77.14 16.45
N PHE E 16 -7.94 -78.41 16.43
CA PHE E 16 -7.89 -79.17 17.67
C PHE E 16 -6.55 -79.00 18.36
N ARG E 17 -5.49 -78.81 17.58
CA ARG E 17 -4.16 -78.62 18.16
C ARG E 17 -4.08 -77.28 18.86
N THR E 18 -4.82 -76.29 18.37
CA THR E 18 -4.75 -74.95 18.94
C THR E 18 -5.47 -74.88 20.26
N VAL E 19 -6.67 -75.48 20.34
CA VAL E 19 -7.48 -75.45 21.55
C VAL E 19 -6.76 -76.17 22.69
N LYS E 20 -6.05 -77.24 22.38
CA LYS E 20 -5.21 -77.89 23.38
C LYS E 20 -4.01 -77.03 23.72
N GLU E 21 -3.48 -76.29 22.75
CA GLU E 21 -2.32 -75.46 23.03
C GLU E 21 -2.71 -74.21 23.80
N MET E 22 -3.95 -73.75 23.60
CA MET E 22 -4.46 -72.62 24.38
C MET E 22 -4.62 -73.01 25.84
N VAL E 23 -5.16 -74.18 26.10
CA VAL E 23 -5.41 -74.64 27.46
C VAL E 23 -4.10 -75.00 28.16
N LYS E 24 -3.10 -75.42 27.40
CA LYS E 24 -1.79 -75.63 28.01
C LYS E 24 -1.16 -74.31 28.41
N ASP E 25 -1.41 -73.25 27.65
CA ASP E 25 -0.84 -71.94 27.94
C ASP E 25 -1.70 -71.11 28.87
N ARG E 26 -2.90 -71.55 29.20
CA ARG E 26 -3.67 -70.87 30.23
C ARG E 26 -3.25 -71.29 31.63
N GLY E 27 -2.43 -72.32 31.77
CA GLY E 27 -2.08 -72.84 33.06
C GLY E 27 -2.96 -74.00 33.48
N TYR E 28 -3.05 -75.02 32.63
CA TYR E 28 -3.76 -76.24 32.95
C TYR E 28 -2.89 -77.42 32.56
N PHE E 29 -3.20 -78.59 33.13
CA PHE E 29 -2.38 -79.77 32.90
C PHE E 29 -2.79 -80.43 31.60
N ILE E 30 -1.94 -80.31 30.58
CA ILE E 30 -1.99 -81.11 29.37
C ILE E 30 -0.57 -81.46 29.03
N THR E 31 -0.28 -82.75 28.83
CA THR E 31 1.07 -83.20 28.56
C THR E 31 1.54 -82.73 27.18
N GLN E 32 2.85 -82.85 26.96
CA GLN E 32 3.45 -82.33 25.73
C GLN E 32 3.05 -83.17 24.52
N GLU E 33 2.93 -84.48 24.70
CA GLU E 33 2.61 -85.35 23.59
C GLU E 33 1.13 -85.38 23.25
N GLU E 34 0.31 -84.60 23.96
CA GLU E 34 -1.09 -84.49 23.62
C GLU E 34 -1.33 -83.44 22.54
N VAL E 35 -0.43 -82.45 22.43
CA VAL E 35 -0.56 -81.40 21.44
C VAL E 35 0.34 -81.63 20.23
N GLU E 36 1.17 -82.66 20.23
CA GLU E 36 1.93 -83.05 19.06
C GLU E 36 1.34 -84.29 18.40
N LEU E 37 0.03 -84.39 18.38
CA LEU E 37 -0.62 -85.55 17.80
C LEU E 37 -0.65 -85.40 16.28
N PRO E 38 -0.13 -86.36 15.53
CA PRO E 38 -0.18 -86.26 14.06
C PRO E 38 -1.58 -86.51 13.55
N LEU E 39 -1.72 -86.31 12.23
CA LEU E 39 -3.04 -86.35 11.60
C LEU E 39 -3.61 -87.77 11.57
N GLU E 40 -2.76 -88.76 11.32
CA GLU E 40 -3.23 -90.14 11.29
C GLU E 40 -3.53 -90.66 12.68
N ASP E 41 -2.79 -90.18 13.69
CA ASP E 41 -3.14 -90.51 15.07
C ASP E 41 -4.41 -89.81 15.49
N PHE E 42 -4.68 -88.63 14.93
CA PHE E 42 -5.99 -88.00 15.13
C PHE E 42 -7.08 -88.83 14.45
N LYS E 43 -6.76 -89.42 13.30
CA LYS E 43 -7.74 -90.18 12.54
C LYS E 43 -8.17 -91.43 13.29
N ALA E 44 -7.24 -92.03 14.05
CA ALA E 44 -7.51 -93.34 14.65
C ALA E 44 -8.43 -93.23 15.86
N LYS E 45 -8.60 -92.05 16.43
CA LYS E 45 -9.37 -91.95 17.65
C LYS E 45 -10.72 -91.29 17.46
N TYR E 46 -10.78 -90.15 16.80
CA TYR E 46 -11.99 -89.36 16.75
C TYR E 46 -12.76 -89.54 15.45
N CYS E 47 -12.38 -90.49 14.62
CA CYS E 47 -13.07 -90.73 13.36
C CYS E 47 -13.57 -92.17 13.31
N ASP E 48 -14.81 -92.33 12.87
CA ASP E 48 -15.46 -93.64 12.79
C ASP E 48 -15.06 -94.34 11.50
N SER E 49 -15.80 -95.37 11.11
CA SER E 49 -15.51 -96.12 9.90
C SER E 49 -16.24 -95.54 8.68
N MET E 50 -16.21 -94.22 8.53
CA MET E 50 -16.64 -93.56 7.31
C MET E 50 -15.71 -92.42 6.92
N GLY E 51 -14.71 -92.10 7.74
CA GLY E 51 -13.93 -90.89 7.61
C GLY E 51 -14.52 -89.68 8.30
N ARG E 52 -15.80 -89.73 8.66
CA ARG E 52 -16.47 -88.57 9.21
C ARG E 52 -16.10 -88.38 10.68
N PRO E 53 -16.00 -87.14 11.14
CA PRO E 53 -15.50 -86.90 12.50
C PRO E 53 -16.62 -86.89 13.53
N GLN E 54 -16.22 -87.06 14.79
CA GLN E 54 -17.14 -87.14 15.91
C GLN E 54 -16.85 -85.98 16.85
N ARG E 55 -17.66 -84.92 16.76
CA ARG E 55 -17.48 -83.78 17.64
C ARG E 55 -17.84 -84.11 19.08
N LYS E 56 -18.73 -85.08 19.29
CA LYS E 56 -19.11 -85.49 20.63
C LYS E 56 -18.00 -86.26 21.35
N MET E 57 -17.01 -86.75 20.63
CA MET E 57 -15.90 -87.46 21.25
C MET E 57 -14.62 -86.65 21.27
N MET E 58 -14.62 -85.43 20.72
CA MET E 58 -13.46 -84.55 20.81
C MET E 58 -13.49 -83.66 22.03
N SER E 59 -14.59 -83.62 22.77
CA SER E 59 -14.65 -82.79 23.96
C SER E 59 -13.83 -83.39 25.09
N PHE E 60 -13.18 -82.54 25.86
CA PHE E 60 -12.37 -83.03 26.96
C PHE E 60 -12.38 -82.04 28.11
N GLN E 61 -11.94 -82.53 29.26
CA GLN E 61 -11.91 -81.81 30.53
C GLN E 61 -10.47 -81.55 30.94
N ALA E 62 -10.27 -80.53 31.77
CA ALA E 62 -8.93 -80.16 32.19
C ALA E 62 -8.95 -79.57 33.59
N ASN E 63 -7.81 -79.67 34.26
CA ASN E 63 -7.62 -79.28 35.64
C ASN E 63 -6.28 -78.59 35.80
N PRO E 64 -6.12 -77.72 36.79
CA PRO E 64 -4.88 -76.95 36.90
C PRO E 64 -3.68 -77.80 37.28
N THR E 65 -2.51 -77.23 37.08
CA THR E 65 -1.27 -77.88 37.47
C THR E 65 -1.00 -77.60 38.95
N GLU E 66 0.19 -77.94 39.41
CA GLU E 66 0.55 -77.64 40.79
C GLU E 66 1.19 -76.27 40.92
N GLU E 67 1.56 -75.67 39.79
CA GLU E 67 2.09 -74.30 39.81
C GLU E 67 0.96 -73.28 39.85
N SER E 68 -0.09 -73.53 39.08
CA SER E 68 -1.21 -72.58 39.02
C SER E 68 -2.02 -72.57 40.30
N ILE E 69 -2.02 -73.68 41.05
CA ILE E 69 -2.64 -73.66 42.36
C ILE E 69 -1.83 -72.79 43.32
N SER E 70 -0.51 -72.92 43.26
CA SER E 70 0.37 -72.09 44.07
C SER E 70 0.37 -70.63 43.64
N LYS E 71 -0.02 -70.35 42.40
CA LYS E 71 -0.06 -68.99 41.90
C LYS E 71 -1.45 -68.38 41.96
N PHE E 72 -2.41 -68.97 41.26
CA PHE E 72 -3.77 -68.42 41.23
C PHE E 72 -4.65 -69.33 42.05
N PRO E 73 -4.92 -69.02 43.32
CA PRO E 73 -5.44 -70.03 44.24
C PRO E 73 -6.92 -70.32 44.13
N ASP E 74 -7.67 -69.61 43.29
CA ASP E 74 -9.09 -69.89 43.16
C ASP E 74 -9.43 -70.40 41.77
N MET E 75 -8.49 -71.07 41.12
CA MET E 75 -8.78 -71.70 39.85
C MET E 75 -9.61 -72.94 40.08
N GLY E 76 -10.65 -73.12 39.28
CA GLY E 76 -11.48 -74.30 39.32
C GLY E 76 -11.12 -75.27 38.23
N SER E 77 -12.13 -75.89 37.65
CA SER E 77 -11.91 -76.80 36.54
C SER E 77 -12.46 -76.20 35.26
N LEU E 78 -12.01 -76.78 34.15
CA LEU E 78 -12.19 -76.21 32.82
C LEU E 78 -12.75 -77.29 31.90
N TRP E 79 -13.71 -76.91 31.06
CA TRP E 79 -14.43 -77.89 30.25
C TRP E 79 -14.51 -77.39 28.81
N VAL E 80 -13.64 -77.90 27.96
CA VAL E 80 -13.71 -77.62 26.53
C VAL E 80 -14.82 -78.46 25.93
N GLU E 81 -15.75 -77.82 25.24
CA GLU E 81 -16.90 -78.53 24.67
C GLU E 81 -17.13 -78.07 23.25
N PHE E 82 -17.22 -79.03 22.33
CA PHE E 82 -17.42 -78.73 20.92
C PHE E 82 -18.91 -78.72 20.60
N CYS E 83 -19.25 -78.61 19.32
CA CYS E 83 -20.63 -78.72 18.90
C CYS E 83 -20.69 -79.42 17.56
N ASP E 84 -21.91 -79.82 17.19
CA ASP E 84 -22.14 -80.67 16.03
C ASP E 84 -22.97 -80.00 14.94
N GLU E 85 -23.93 -79.16 15.28
CA GLU E 85 -24.81 -78.57 14.30
C GLU E 85 -24.07 -77.49 13.50
N PRO E 86 -24.54 -77.19 12.28
CA PRO E 86 -24.01 -76.04 11.54
C PRO E 86 -24.54 -74.69 12.00
N SER E 87 -25.15 -74.62 13.17
CA SER E 87 -25.43 -73.39 13.89
C SER E 87 -25.54 -73.77 15.37
N VAL E 88 -25.99 -72.85 16.20
CA VAL E 88 -26.34 -73.14 17.58
C VAL E 88 -27.58 -72.32 17.93
N GLY E 89 -28.66 -73.00 18.34
CA GLY E 89 -29.84 -72.34 18.85
C GLY E 89 -29.86 -72.32 20.36
N VAL E 90 -30.98 -71.87 20.91
CA VAL E 90 -31.10 -71.76 22.36
C VAL E 90 -31.30 -73.13 23.00
N LYS E 91 -31.62 -74.18 22.21
CA LYS E 91 -31.77 -75.52 22.75
C LYS E 91 -30.42 -76.07 23.21
N THR E 92 -29.47 -76.22 22.29
CA THR E 92 -28.18 -76.78 22.65
C THR E 92 -27.33 -75.80 23.44
N MET E 93 -27.65 -74.51 23.43
CA MET E 93 -26.93 -73.59 24.29
C MET E 93 -27.35 -73.75 25.73
N LYS E 94 -28.64 -73.98 25.97
CA LYS E 94 -29.10 -74.26 27.33
C LYS E 94 -28.61 -75.62 27.82
N THR E 95 -28.34 -76.53 26.90
CA THR E 95 -27.69 -77.79 27.25
C THR E 95 -26.32 -77.54 27.85
N PHE E 96 -25.54 -76.66 27.23
CA PHE E 96 -24.22 -76.34 27.76
C PHE E 96 -24.29 -75.51 29.03
N VAL E 97 -25.33 -74.70 29.18
CA VAL E 97 -25.52 -73.90 30.39
C VAL E 97 -25.85 -74.81 31.57
N ILE E 98 -26.74 -75.78 31.35
CA ILE E 98 -27.09 -76.76 32.37
C ILE E 98 -25.91 -77.68 32.65
N HIS E 99 -25.07 -77.90 31.63
CA HIS E 99 -23.89 -78.75 31.76
C HIS E 99 -22.90 -78.19 32.78
N ILE E 100 -22.76 -76.88 32.85
CA ILE E 100 -21.73 -76.28 33.69
C ILE E 100 -22.14 -76.32 35.16
N GLN E 101 -23.37 -75.91 35.46
CA GLN E 101 -23.75 -75.61 36.83
C GLN E 101 -23.89 -76.87 37.66
N GLU E 102 -24.34 -77.97 37.05
CA GLU E 102 -24.53 -79.21 37.77
C GLU E 102 -23.22 -79.92 38.08
N LYS E 103 -22.10 -79.47 37.52
CA LYS E 103 -20.80 -80.08 37.76
C LYS E 103 -19.84 -79.15 38.47
N ASN E 104 -20.27 -77.93 38.80
CA ASN E 104 -19.46 -76.87 39.42
C ASN E 104 -18.19 -76.58 38.62
N PHE E 105 -18.36 -76.40 37.32
CA PHE E 105 -17.27 -75.98 36.45
C PHE E 105 -17.18 -74.47 36.47
N GLN E 106 -15.96 -73.96 36.36
CA GLN E 106 -15.76 -72.52 36.34
C GLN E 106 -15.76 -71.94 34.95
N THR E 107 -15.25 -72.68 33.96
CA THR E 107 -15.06 -72.11 32.64
C THR E 107 -15.39 -73.15 31.59
N GLY E 108 -16.24 -72.78 30.64
CA GLY E 108 -16.54 -73.68 29.55
C GLY E 108 -16.30 -73.05 28.19
N ILE E 109 -15.34 -73.57 27.45
CA ILE E 109 -14.94 -72.98 26.17
C ILE E 109 -15.77 -73.66 25.09
N PHE E 110 -16.96 -73.12 24.82
CA PHE E 110 -17.81 -73.64 23.77
C PHE E 110 -17.21 -73.25 22.42
N VAL E 111 -16.92 -74.25 21.58
CA VAL E 111 -16.30 -74.02 20.28
C VAL E 111 -17.34 -74.36 19.23
N TYR E 112 -18.12 -73.37 18.81
CA TYR E 112 -19.16 -73.61 17.82
C TYR E 112 -18.54 -73.65 16.42
N GLN E 113 -19.39 -73.73 15.40
CA GLN E 113 -18.96 -73.51 14.02
C GLN E 113 -19.96 -72.63 13.31
N ASN E 114 -19.49 -71.45 12.89
CA ASN E 114 -19.98 -70.51 11.88
C ASN E 114 -21.33 -69.84 12.15
N ASN E 115 -22.02 -70.15 13.26
CA ASN E 115 -23.19 -69.35 13.60
C ASN E 115 -23.49 -69.46 15.09
N ILE E 116 -23.89 -68.35 15.69
CA ILE E 116 -24.51 -68.34 17.01
C ILE E 116 -25.76 -67.47 16.91
N THR E 117 -26.92 -68.07 17.17
CA THR E 117 -28.17 -67.33 17.10
C THR E 117 -28.29 -66.34 18.26
N PRO E 118 -28.93 -65.19 18.03
CA PRO E 118 -28.93 -64.13 19.07
C PRO E 118 -29.71 -64.48 20.32
N SER E 119 -30.68 -65.39 20.23
CA SER E 119 -31.36 -65.86 21.43
C SER E 119 -30.47 -66.75 22.28
N ALA E 120 -29.45 -67.38 21.69
CA ALA E 120 -28.52 -68.18 22.46
C ALA E 120 -27.59 -67.31 23.30
N MET E 121 -27.34 -66.08 22.88
CA MET E 121 -26.40 -65.20 23.57
C MET E 121 -26.91 -64.71 24.92
N LYS E 122 -28.21 -64.80 25.17
CA LYS E 122 -28.77 -64.38 26.45
C LYS E 122 -28.59 -65.42 27.55
N LEU E 123 -27.91 -66.53 27.26
CA LEU E 123 -27.57 -67.49 28.28
C LEU E 123 -26.10 -67.47 28.65
N VAL E 124 -25.26 -66.75 27.90
CA VAL E 124 -23.83 -66.69 28.18
C VAL E 124 -23.53 -65.92 29.47
N PRO E 125 -24.07 -64.69 29.73
CA PRO E 125 -23.79 -64.12 31.06
C PRO E 125 -24.84 -64.52 32.10
N SER E 126 -25.61 -65.56 31.82
CA SER E 126 -26.72 -65.92 32.70
C SER E 126 -26.27 -66.62 33.97
N ILE E 127 -25.14 -67.33 33.94
CA ILE E 127 -24.61 -68.00 35.13
C ILE E 127 -23.48 -67.14 35.69
N PRO E 128 -23.62 -66.59 36.90
CA PRO E 128 -22.47 -66.20 37.68
C PRO E 128 -22.10 -67.30 38.66
N PRO E 129 -20.83 -67.40 39.06
CA PRO E 129 -19.69 -66.59 38.65
C PRO E 129 -18.95 -67.21 37.47
N ALA E 130 -19.46 -68.32 36.94
CA ALA E 130 -18.78 -69.05 35.89
C ALA E 130 -18.77 -68.26 34.58
N THR E 131 -17.77 -68.52 33.76
CA THR E 131 -17.61 -67.86 32.48
C THR E 131 -17.79 -68.88 31.36
N ILE E 132 -18.38 -68.44 30.26
CA ILE E 132 -18.61 -69.29 29.10
C ILE E 132 -18.01 -68.57 27.90
N GLU E 133 -16.84 -68.97 27.47
CA GLU E 133 -16.15 -68.31 26.37
C GLU E 133 -16.49 -69.01 25.07
N THR E 134 -17.31 -68.38 24.26
CA THR E 134 -17.67 -68.92 22.96
C THR E 134 -16.56 -68.61 21.96
N PHE E 135 -16.30 -69.55 21.06
CA PHE E 135 -15.19 -69.47 20.12
C PHE E 135 -15.65 -69.97 18.77
N ASN E 136 -15.42 -69.18 17.73
CA ASN E 136 -15.64 -69.70 16.39
C ASN E 136 -14.49 -70.60 16.01
N GLU E 137 -14.78 -71.56 15.13
CA GLU E 137 -13.75 -72.50 14.73
C GLU E 137 -12.94 -71.99 13.55
N ALA E 138 -13.53 -71.12 12.72
CA ALA E 138 -12.79 -70.57 11.59
C ALA E 138 -11.67 -69.65 12.05
N ALA E 139 -11.82 -69.04 13.22
CA ALA E 139 -10.78 -68.23 13.83
C ALA E 139 -9.99 -69.02 14.86
N LEU E 140 -9.75 -70.31 14.60
CA LEU E 140 -8.94 -71.12 15.51
C LEU E 140 -7.94 -71.98 14.76
N VAL E 141 -7.76 -71.76 13.46
CA VAL E 141 -6.93 -72.65 12.66
C VAL E 141 -5.46 -72.46 13.01
N VAL E 142 -5.00 -71.21 13.09
CA VAL E 142 -3.60 -70.93 13.38
C VAL E 142 -3.53 -70.23 14.73
N ASN E 143 -2.65 -70.72 15.60
CA ASN E 143 -2.32 -70.04 16.83
C ASN E 143 -1.70 -68.70 16.49
N ILE E 144 -2.36 -67.63 16.93
CA ILE E 144 -1.86 -66.29 16.63
C ILE E 144 -0.57 -66.01 17.37
N THR E 145 -0.38 -66.61 18.54
CA THR E 145 0.81 -66.35 19.33
C THR E 145 2.06 -67.01 18.76
N HIS E 146 1.92 -67.82 17.72
CA HIS E 146 3.05 -68.39 17.03
C HIS E 146 3.69 -67.42 16.07
N HIS E 147 3.08 -66.25 15.87
CA HIS E 147 3.53 -65.35 14.84
C HIS E 147 4.84 -64.70 15.26
N GLU E 148 5.60 -64.19 14.30
CA GLU E 148 6.89 -63.59 14.62
C GLU E 148 6.78 -62.22 15.29
N LEU E 149 5.59 -61.65 15.35
CA LEU E 149 5.37 -60.32 15.90
C LEU E 149 4.76 -60.35 17.29
N VAL E 150 3.70 -61.14 17.48
CA VAL E 150 2.94 -61.16 18.73
C VAL E 150 3.78 -61.80 19.83
N PRO E 151 4.20 -61.05 20.83
CA PRO E 151 5.15 -61.61 21.80
C PRO E 151 4.48 -62.26 22.98
N LYS E 152 5.29 -62.77 23.90
CA LYS E 152 4.83 -63.68 24.93
C LYS E 152 4.10 -62.91 26.02
N HIS E 153 2.78 -63.00 26.03
CA HIS E 153 1.99 -62.48 27.13
C HIS E 153 2.08 -63.43 28.31
N ILE E 154 2.08 -62.88 29.52
CA ILE E 154 2.05 -63.67 30.74
C ILE E 154 1.08 -63.02 31.70
N ARG E 155 0.03 -63.75 32.09
CA ARG E 155 -0.92 -63.22 33.06
C ARG E 155 -0.28 -63.18 34.45
N LEU E 156 -0.42 -62.04 35.12
CA LEU E 156 0.18 -61.88 36.44
C LEU E 156 -0.76 -62.34 37.54
N SER E 157 -0.17 -62.91 38.58
CA SER E 157 -0.92 -63.23 39.78
C SER E 157 -1.22 -61.96 40.55
N SER E 158 -2.15 -62.07 41.50
CA SER E 158 -2.64 -60.87 42.17
C SER E 158 -1.67 -60.37 43.23
N ASP E 159 -0.63 -61.13 43.55
CA ASP E 159 0.43 -60.59 44.37
C ASP E 159 1.34 -59.67 43.57
N GLU E 160 1.75 -60.11 42.39
CA GLU E 160 2.70 -59.35 41.58
C GLU E 160 2.06 -58.09 41.04
N LYS E 161 0.73 -58.04 40.96
CA LYS E 161 0.07 -56.81 40.58
C LYS E 161 0.16 -55.78 41.69
N ARG E 162 0.01 -56.20 42.95
CA ARG E 162 0.12 -55.23 44.03
C ARG E 162 1.57 -55.03 44.45
N GLU E 163 2.51 -55.70 43.81
CA GLU E 163 3.90 -55.33 43.95
C GLU E 163 4.35 -54.42 42.83
N LEU E 164 3.66 -54.46 41.70
CA LEU E 164 3.98 -53.58 40.59
C LEU E 164 3.39 -52.19 40.81
N LEU E 165 2.15 -52.12 41.28
CA LEU E 165 1.52 -50.83 41.53
C LEU E 165 2.10 -50.13 42.75
N LYS E 166 2.89 -50.82 43.55
CA LYS E 166 3.60 -50.19 44.65
C LYS E 166 5.02 -49.85 44.30
N ARG E 167 5.49 -50.31 43.14
CA ARG E 167 6.83 -49.98 42.69
C ARG E 167 6.83 -48.69 41.88
N TYR E 168 5.87 -48.56 40.98
CA TYR E 168 5.75 -47.37 40.14
C TYR E 168 4.83 -46.33 40.73
N ARG E 169 4.17 -46.63 41.84
CA ARG E 169 3.20 -45.77 42.53
C ARG E 169 2.10 -45.32 41.58
N LEU E 170 1.32 -46.29 41.11
CA LEU E 170 0.30 -46.06 40.11
C LEU E 170 -1.08 -46.24 40.72
N LYS E 171 -2.07 -45.78 39.98
CA LYS E 171 -3.41 -46.34 40.11
C LYS E 171 -3.56 -47.42 39.06
N GLU E 172 -4.67 -48.15 39.14
CA GLU E 172 -4.86 -49.25 38.22
C GLU E 172 -5.14 -48.75 36.82
N SER E 173 -5.86 -47.64 36.70
CA SER E 173 -6.33 -47.17 35.41
C SER E 173 -5.37 -46.20 34.75
N GLN E 174 -4.11 -46.16 35.18
CA GLN E 174 -3.10 -45.32 34.55
C GLN E 174 -2.12 -46.11 33.71
N LEU E 175 -2.29 -47.42 33.63
CA LEU E 175 -1.45 -48.26 32.81
C LEU E 175 -1.92 -48.21 31.36
N PRO E 176 -1.13 -48.70 30.41
CA PRO E 176 -1.65 -48.90 29.07
C PRO E 176 -2.73 -49.97 29.05
N ARG E 177 -3.52 -49.96 28.00
CA ARG E 177 -4.74 -50.76 27.97
C ARG E 177 -4.64 -51.89 26.97
N ILE E 178 -5.44 -52.93 27.19
CA ILE E 178 -5.74 -53.94 26.19
C ILE E 178 -7.22 -54.23 26.30
N GLN E 179 -7.90 -54.31 25.16
CA GLN E 179 -9.34 -54.43 25.20
C GLN E 179 -9.74 -55.85 25.58
N ARG E 180 -10.96 -55.98 26.09
CA ARG E 180 -11.45 -57.30 26.48
C ARG E 180 -11.78 -58.16 25.27
N ALA E 181 -12.15 -57.54 24.15
CA ALA E 181 -12.43 -58.27 22.92
C ALA E 181 -11.22 -58.34 22.00
N ASP E 182 -10.02 -58.30 22.55
CA ASP E 182 -8.82 -58.41 21.76
C ASP E 182 -8.62 -59.85 21.30
N PRO E 183 -7.86 -60.08 20.23
CA PRO E 183 -7.51 -61.46 19.89
C PRO E 183 -6.72 -62.20 20.96
N VAL E 184 -5.82 -61.52 21.66
CA VAL E 184 -5.01 -62.24 22.63
C VAL E 184 -5.69 -62.24 24.00
N ALA E 185 -6.52 -61.24 24.29
CA ALA E 185 -7.28 -61.29 25.53
C ALA E 185 -8.38 -62.34 25.48
N LEU E 186 -8.88 -62.67 24.30
CA LEU E 186 -9.78 -63.81 24.17
C LEU E 186 -9.03 -65.12 24.36
N TYR E 187 -7.75 -65.13 24.01
CA TYR E 187 -6.95 -66.34 24.05
C TYR E 187 -6.65 -66.77 25.47
N LEU E 188 -6.04 -65.89 26.25
CA LEU E 188 -5.74 -66.21 27.63
C LEU E 188 -6.95 -66.12 28.52
N GLY E 189 -8.08 -65.62 28.02
CA GLY E 189 -9.29 -65.51 28.82
C GLY E 189 -9.14 -64.53 29.95
N LEU E 190 -9.04 -63.26 29.63
CA LEU E 190 -8.64 -62.24 30.59
C LEU E 190 -9.89 -61.65 31.25
N LYS E 191 -9.99 -61.81 32.56
CA LYS E 191 -11.03 -61.10 33.30
C LYS E 191 -10.65 -59.64 33.42
N ARG E 192 -11.65 -58.80 33.68
CA ARG E 192 -11.46 -57.36 33.67
C ARG E 192 -10.63 -56.92 34.86
N GLY E 193 -9.40 -56.49 34.61
CA GLY E 193 -8.52 -56.03 35.67
C GLY E 193 -7.35 -56.95 35.92
N GLU E 194 -6.80 -57.54 34.87
CA GLU E 194 -5.69 -58.47 34.98
C GLU E 194 -4.53 -57.96 34.15
N VAL E 195 -3.41 -57.68 34.80
CA VAL E 195 -2.23 -57.17 34.12
C VAL E 195 -1.53 -58.33 33.45
N VAL E 196 -1.12 -58.14 32.20
CA VAL E 196 -0.36 -59.13 31.46
C VAL E 196 1.02 -58.59 31.15
N LYS E 197 2.05 -59.21 31.71
CA LYS E 197 3.40 -58.85 31.37
C LYS E 197 3.68 -59.26 29.94
N ILE E 198 4.39 -58.43 29.19
CA ILE E 198 4.65 -58.69 27.79
C ILE E 198 6.15 -58.61 27.55
N ILE E 199 6.74 -59.70 27.10
CA ILE E 199 8.16 -59.78 26.87
C ILE E 199 8.38 -59.53 25.39
N ARG E 200 8.63 -58.28 25.02
CA ARG E 200 8.81 -57.92 23.63
C ARG E 200 10.27 -57.71 23.32
N LYS E 201 10.62 -57.83 22.05
CA LYS E 201 12.01 -57.79 21.62
C LYS E 201 12.24 -56.49 20.87
N SER E 202 12.85 -55.53 21.53
CA SER E 202 13.15 -54.24 20.93
C SER E 202 14.35 -54.38 19.99
N GLU E 203 14.65 -53.28 19.31
CA GLU E 203 15.78 -53.23 18.37
C GLU E 203 17.01 -52.61 19.00
N THR E 204 16.83 -51.57 19.81
CA THR E 204 17.96 -50.89 20.44
C THR E 204 18.57 -51.76 21.53
N SER E 205 17.76 -52.25 22.44
CA SER E 205 18.15 -53.32 23.34
C SER E 205 17.69 -54.64 22.74
N GLY E 206 17.71 -55.69 23.54
CA GLY E 206 17.15 -56.96 23.11
C GLY E 206 15.82 -57.22 23.77
N ARG E 207 15.84 -57.97 24.86
CA ARG E 207 14.63 -58.32 25.56
C ARG E 207 14.16 -57.14 26.39
N TYR E 208 12.86 -56.90 26.39
CA TYR E 208 12.29 -55.72 27.02
C TYR E 208 10.89 -56.07 27.51
N ALA E 209 10.57 -55.70 28.74
CA ALA E 209 9.41 -56.26 29.45
C ALA E 209 8.40 -55.17 29.79
N SER E 210 7.34 -55.07 29.01
CA SER E 210 6.29 -54.10 29.25
C SER E 210 5.08 -54.75 29.88
N TYR E 211 4.08 -53.94 30.22
CA TYR E 211 2.87 -54.41 30.88
C TYR E 211 1.67 -53.74 30.24
N ARG E 212 0.50 -54.34 30.41
CA ARG E 212 -0.76 -53.79 29.94
C ARG E 212 -1.84 -54.25 30.88
N ILE E 213 -2.94 -53.51 30.94
CA ILE E 213 -4.05 -53.91 31.79
C ILE E 213 -5.28 -54.08 30.92
N CYS E 214 -6.20 -54.92 31.39
CA CYS E 214 -7.43 -55.23 30.67
C CYS E 214 -8.59 -54.70 31.51
N MET E 215 -9.03 -53.48 31.22
CA MET E 215 -10.15 -52.88 31.92
C MET E 215 -11.27 -52.65 30.94
N PRO F 55 -12.77 -21.19 64.04
CA PRO F 55 -11.36 -21.45 64.33
C PRO F 55 -11.06 -22.94 64.37
N GLU F 56 -11.99 -23.72 64.90
CA GLU F 56 -11.80 -25.16 64.95
C GLU F 56 -11.90 -25.77 63.56
N ASP F 57 -12.63 -25.13 62.65
CA ASP F 57 -12.71 -25.63 61.29
C ASP F 57 -11.45 -25.31 60.50
N PHE F 58 -10.62 -24.40 61.00
CA PHE F 58 -9.27 -24.30 60.43
C PHE F 58 -8.34 -25.33 61.04
N GLN F 59 -8.43 -25.55 62.35
CA GLN F 59 -7.55 -26.51 62.99
C GLN F 59 -7.85 -27.93 62.53
N GLN F 60 -9.12 -28.25 62.31
CA GLN F 60 -9.48 -29.53 61.71
C GLN F 60 -9.02 -29.60 60.26
N HIS F 61 -8.93 -28.46 59.58
CA HIS F 61 -8.36 -28.44 58.25
C HIS F 61 -6.84 -28.60 58.28
N GLU F 62 -6.20 -28.05 59.30
CA GLU F 62 -4.74 -28.06 59.31
C GLU F 62 -4.19 -29.44 59.63
N GLN F 63 -4.97 -30.25 60.35
CA GLN F 63 -4.51 -31.60 60.69
C GLN F 63 -4.51 -32.51 59.48
N ILE F 64 -5.28 -32.15 58.45
CA ILE F 64 -5.28 -32.92 57.22
C ILE F 64 -4.04 -32.60 56.40
N ARG F 65 -3.70 -31.31 56.30
CA ARG F 65 -2.64 -30.88 55.41
C ARG F 65 -1.28 -31.30 55.95
N ARG F 66 -1.14 -31.41 57.26
CA ARG F 66 0.13 -31.86 57.81
C ARG F 66 0.23 -33.38 57.75
N LYS F 67 -0.90 -34.07 57.85
CA LYS F 67 -0.87 -35.54 57.81
C LYS F 67 -0.65 -36.04 56.40
N THR F 68 -1.12 -35.30 55.40
CA THR F 68 -0.88 -35.67 54.02
C THR F 68 0.58 -35.49 53.66
N LEU F 69 1.18 -34.35 54.02
CA LEU F 69 2.57 -34.11 53.68
C LEU F 69 3.51 -35.05 54.41
N LYS F 70 3.14 -35.49 55.62
CA LYS F 70 3.92 -36.53 56.29
C LYS F 70 3.78 -37.86 55.57
N GLU F 71 2.60 -38.13 54.99
CA GLU F 71 2.38 -39.37 54.26
C GLU F 71 3.11 -39.36 52.92
N LYS F 72 3.13 -38.23 52.22
CA LYS F 72 3.77 -38.15 50.92
C LYS F 72 5.28 -38.23 50.99
N ALA F 73 5.87 -37.77 52.08
CA ALA F 73 7.32 -37.64 52.16
C ALA F 73 7.98 -39.00 52.30
N ILE F 74 8.78 -39.37 51.32
CA ILE F 74 9.55 -40.61 51.41
C ILE F 74 10.69 -40.41 52.41
N PRO F 75 10.86 -41.29 53.39
CA PRO F 75 11.95 -41.14 54.36
C PRO F 75 13.32 -41.36 53.73
N LYS F 76 14.34 -41.07 54.54
CA LYS F 76 15.67 -40.82 53.99
C LYS F 76 16.38 -42.10 53.55
N ASP F 77 16.03 -43.24 54.11
CA ASP F 77 16.77 -44.46 53.80
C ASP F 77 16.33 -45.13 52.52
N GLN F 78 15.20 -44.74 51.95
CA GLN F 78 14.59 -45.47 50.84
C GLN F 78 14.61 -44.70 49.53
N ARG F 79 15.44 -43.67 49.45
CA ARG F 79 15.50 -42.82 48.26
C ARG F 79 16.12 -43.62 47.14
N ALA F 80 15.29 -44.06 46.20
CA ALA F 80 15.74 -44.92 45.12
C ALA F 80 15.97 -44.18 43.82
N THR F 81 16.03 -42.86 43.85
CA THR F 81 16.35 -42.12 42.64
C THR F 81 17.85 -42.00 42.49
N THR F 82 18.27 -41.29 41.45
CA THR F 82 19.65 -41.33 41.02
C THR F 82 20.52 -40.53 41.99
N PRO F 83 21.76 -40.90 42.16
CA PRO F 83 22.64 -40.13 43.05
C PRO F 83 23.37 -39.00 42.36
N TYR F 84 22.92 -38.61 41.17
CA TYR F 84 23.61 -37.59 40.39
C TYR F 84 22.80 -36.30 40.36
N MET F 85 23.40 -35.28 39.78
CA MET F 85 22.79 -33.97 39.61
C MET F 85 22.51 -33.82 38.12
N THR F 86 21.26 -34.01 37.73
CA THR F 86 20.89 -33.85 36.33
C THR F 86 20.99 -32.40 35.94
N LYS F 87 21.20 -32.17 34.63
CA LYS F 87 21.55 -30.83 34.18
C LYS F 87 20.39 -29.84 34.29
N TYR F 88 19.18 -30.31 34.57
CA TYR F 88 18.09 -29.42 34.89
C TYR F 88 18.09 -29.05 36.35
N GLU F 89 18.83 -29.81 37.17
CA GLU F 89 18.92 -29.48 38.58
C GLU F 89 20.08 -28.55 38.83
N ARG F 90 21.14 -28.67 38.03
CA ARG F 90 22.29 -27.82 38.22
C ARG F 90 22.00 -26.41 37.74
N ALA F 91 21.17 -26.26 36.72
CA ALA F 91 20.88 -24.95 36.18
C ALA F 91 19.97 -24.16 37.10
N ARG F 92 19.08 -24.83 37.83
CA ARG F 92 18.21 -24.09 38.72
C ARG F 92 18.91 -23.78 40.04
N ILE F 93 19.89 -24.58 40.44
CA ILE F 93 20.65 -24.28 41.63
C ILE F 93 21.51 -23.04 41.41
N LEU F 94 22.16 -22.94 40.26
CA LEU F 94 22.89 -21.71 39.94
C LEU F 94 21.96 -20.57 39.54
N GLY F 95 20.68 -20.87 39.32
CA GLY F 95 19.75 -19.80 39.03
C GLY F 95 19.22 -19.15 40.29
N THR F 96 18.80 -19.98 41.26
CA THR F 96 18.24 -19.43 42.48
C THR F 96 19.32 -18.87 43.39
N ARG F 97 20.47 -19.52 43.48
CA ARG F 97 21.56 -19.01 44.31
C ARG F 97 22.12 -17.71 43.75
N ALA F 98 22.05 -17.50 42.45
CA ALA F 98 22.48 -16.21 41.91
C ALA F 98 21.40 -15.16 42.05
N LEU F 99 20.16 -15.57 42.31
CA LEU F 99 19.12 -14.59 42.57
C LEU F 99 19.13 -14.15 44.03
N GLN F 100 19.76 -14.94 44.89
CA GLN F 100 19.80 -14.56 46.29
C GLN F 100 21.02 -13.72 46.60
N ILE F 101 22.15 -14.02 45.97
CA ILE F 101 23.35 -13.19 46.09
C ILE F 101 23.08 -11.81 45.53
N SER F 102 22.24 -11.72 44.51
CA SER F 102 21.94 -10.43 43.90
C SER F 102 21.05 -9.57 44.78
N MET F 103 20.20 -10.17 45.60
CA MET F 103 19.34 -9.44 46.52
C MET F 103 19.86 -9.50 47.94
N ASN F 104 21.18 -9.45 48.11
CA ASN F 104 21.88 -9.35 49.39
C ASN F 104 21.58 -10.55 50.30
N ALA F 105 22.03 -11.69 49.88
CA ALA F 105 22.12 -12.79 50.83
C ALA F 105 23.53 -12.90 51.36
N PRO F 106 23.73 -13.56 52.50
CA PRO F 106 25.11 -13.83 52.94
C PRO F 106 25.81 -14.82 52.01
N VAL F 107 26.94 -14.41 51.47
CA VAL F 107 27.77 -15.28 50.64
C VAL F 107 28.78 -15.97 51.54
N PHE F 108 29.06 -17.23 51.27
CA PHE F 108 29.86 -18.05 52.16
C PHE F 108 31.30 -18.21 51.71
N VAL F 109 31.69 -17.54 50.63
CA VAL F 109 33.05 -17.64 50.11
C VAL F 109 33.67 -16.26 50.10
N ASP F 110 34.89 -16.19 49.58
CA ASP F 110 35.59 -14.92 49.38
C ASP F 110 35.63 -14.64 47.89
N LEU F 111 35.24 -13.42 47.52
CA LEU F 111 34.75 -13.15 46.16
C LEU F 111 35.85 -13.21 45.11
N GLU F 112 37.08 -12.80 45.47
CA GLU F 112 38.20 -12.68 44.53
C GLU F 112 37.86 -11.76 43.36
N GLY F 113 37.18 -10.66 43.65
CA GLY F 113 36.94 -9.63 42.66
C GLY F 113 35.88 -9.94 41.63
N GLU F 114 35.05 -10.96 41.84
CA GLU F 114 33.95 -11.22 40.92
C GLU F 114 32.84 -10.20 41.13
N THR F 115 32.16 -9.88 40.04
CA THR F 115 31.10 -8.89 40.08
C THR F 115 29.77 -9.40 39.55
N ASP F 116 29.78 -10.44 38.80
CA ASP F 116 28.61 -11.08 38.23
C ASP F 116 28.08 -12.10 39.22
N PRO F 117 26.79 -12.09 39.54
CA PRO F 117 26.29 -12.99 40.58
C PRO F 117 26.17 -14.42 40.12
N LEU F 118 26.27 -14.67 38.82
CA LEU F 118 26.31 -16.06 38.36
C LEU F 118 27.67 -16.67 38.62
N ARG F 119 28.74 -15.89 38.46
CA ARG F 119 30.08 -16.41 38.63
C ARG F 119 30.42 -16.64 40.08
N ILE F 120 29.68 -16.00 41.00
CA ILE F 120 29.87 -16.29 42.41
C ILE F 120 29.21 -17.61 42.76
N ALA F 121 27.98 -17.83 42.27
CA ALA F 121 27.27 -19.06 42.62
C ALA F 121 27.81 -20.25 41.87
N MET F 122 28.49 -20.04 40.74
CA MET F 122 29.23 -21.13 40.11
C MET F 122 30.41 -21.52 40.98
N LYS F 123 31.06 -20.54 41.59
CA LYS F 123 32.20 -20.79 42.45
C LYS F 123 31.79 -21.47 43.73
N GLU F 124 30.63 -21.10 44.28
CA GLU F 124 30.19 -21.62 45.56
C GLU F 124 29.68 -23.04 45.45
N LEU F 125 29.32 -23.49 44.26
CA LEU F 125 28.99 -24.90 44.07
C LEU F 125 30.25 -25.75 44.00
N ALA F 126 31.38 -25.15 43.59
CA ALA F 126 32.63 -25.87 43.51
C ALA F 126 33.23 -26.20 44.87
N GLU F 127 32.67 -25.66 45.96
CA GLU F 127 33.09 -26.02 47.31
C GLU F 127 31.93 -26.59 48.11
N LYS F 128 30.81 -26.88 47.45
CA LYS F 128 29.63 -27.51 48.04
C LYS F 128 29.06 -26.73 49.22
N LYS F 129 29.14 -25.41 49.14
CA LYS F 129 28.69 -24.52 50.20
C LYS F 129 27.26 -24.05 50.01
N ILE F 130 26.58 -24.46 48.95
CA ILE F 130 25.28 -23.91 48.60
C ILE F 130 24.22 -24.47 49.55
N PRO F 131 23.54 -23.63 50.31
CA PRO F 131 22.59 -24.12 51.32
C PRO F 131 21.17 -24.27 50.78
N LEU F 132 21.00 -25.12 49.79
CA LEU F 132 19.70 -25.39 49.21
C LEU F 132 19.36 -26.86 49.37
N VAL F 133 18.11 -27.22 49.10
CA VAL F 133 17.63 -28.59 49.22
C VAL F 133 16.71 -28.84 48.03
N ILE F 134 17.00 -29.85 47.24
CA ILE F 134 16.20 -30.19 46.07
C ILE F 134 15.12 -31.16 46.49
N ARG F 135 13.89 -30.90 46.08
CA ARG F 135 12.74 -31.73 46.40
C ARG F 135 12.25 -32.40 45.11
N ARG F 136 12.78 -33.59 44.83
CA ARG F 136 12.51 -34.29 43.58
C ARG F 136 11.14 -34.94 43.62
N TYR F 137 10.20 -34.38 42.88
CA TYR F 137 8.82 -34.88 42.86
C TYR F 137 8.69 -36.16 42.03
N LEU F 138 7.88 -37.07 42.50
CA LEU F 138 7.42 -38.24 41.77
C LEU F 138 5.97 -38.04 41.36
N PRO F 139 5.51 -38.64 40.26
CA PRO F 139 4.18 -38.29 39.73
C PRO F 139 3.01 -38.88 40.50
N ASP F 140 3.21 -39.43 41.69
CA ASP F 140 2.10 -39.69 42.58
C ASP F 140 1.87 -38.54 43.55
N GLY F 141 2.93 -37.79 43.85
CA GLY F 141 2.86 -36.68 44.77
C GLY F 141 4.05 -36.68 45.71
N SER F 142 4.69 -37.84 45.82
CA SER F 142 5.77 -38.04 46.78
C SER F 142 7.03 -37.28 46.37
N PHE F 143 7.96 -37.17 47.31
CA PHE F 143 9.17 -36.41 47.06
C PHE F 143 10.29 -36.90 47.95
N GLU F 144 11.52 -36.59 47.55
CA GLU F 144 12.72 -37.01 48.25
C GLU F 144 13.67 -35.84 48.39
N ASP F 145 13.83 -35.34 49.60
CA ASP F 145 14.69 -34.18 49.85
C ASP F 145 16.14 -34.61 49.74
N TRP F 146 16.74 -34.35 48.59
CA TRP F 146 18.18 -34.49 48.41
C TRP F 146 18.84 -33.14 48.60
N SER F 147 19.79 -33.07 49.52
CA SER F 147 20.56 -31.85 49.66
C SER F 147 21.52 -31.68 48.49
N VAL F 148 22.06 -30.48 48.35
CA VAL F 148 23.03 -30.25 47.29
C VAL F 148 24.39 -30.83 47.65
N GLU F 149 24.69 -30.97 48.93
CA GLU F 149 26.00 -31.47 49.33
C GLU F 149 26.18 -32.96 49.07
N GLU F 150 25.11 -33.71 48.86
CA GLU F 150 25.19 -35.14 48.70
C GLU F 150 24.82 -35.59 47.29
N LEU F 151 24.98 -34.73 46.31
CA LEU F 151 24.74 -35.06 44.91
C LEU F 151 26.05 -34.92 44.16
N ILE F 152 26.38 -35.92 43.35
CA ILE F 152 27.66 -35.93 42.63
C ILE F 152 27.50 -35.08 41.38
N VAL F 153 28.10 -33.90 41.38
CA VAL F 153 27.96 -33.00 40.25
C VAL F 153 28.90 -33.41 39.12
N ASP F 154 28.34 -33.60 37.94
CA ASP F 154 29.10 -33.88 36.72
C ASP F 154 28.21 -33.45 35.58
N ALA G 14 -30.89 -22.70 57.17
CA ALA G 14 -30.41 -22.88 55.81
C ALA G 14 -29.04 -22.26 55.62
N ARG G 15 -29.01 -20.95 55.39
CA ARG G 15 -27.77 -20.23 55.16
C ARG G 15 -27.54 -19.22 56.28
N PHE G 16 -26.30 -19.16 56.76
CA PHE G 16 -25.92 -18.29 57.86
C PHE G 16 -24.67 -17.53 57.44
N ILE G 17 -24.65 -16.22 57.72
CA ILE G 17 -23.44 -15.43 57.71
C ILE G 17 -23.02 -15.06 59.13
N LYS G 18 -23.43 -15.86 60.12
CA LYS G 18 -23.27 -15.55 61.54
C LYS G 18 -21.92 -15.97 62.07
N LYS G 19 -20.92 -16.12 61.20
CA LYS G 19 -19.58 -16.48 61.61
C LYS G 19 -18.70 -15.27 61.86
N HIS G 20 -19.30 -14.07 61.95
CA HIS G 20 -18.62 -12.93 62.52
C HIS G 20 -18.96 -12.75 63.98
N LYS G 21 -19.67 -13.70 64.58
CA LYS G 21 -20.08 -13.60 65.98
C LYS G 21 -18.86 -13.72 66.88
N LYS G 22 -18.78 -12.83 67.86
CA LYS G 22 -17.70 -12.85 68.83
C LYS G 22 -17.93 -14.04 69.74
N GLN G 23 -17.18 -15.12 69.50
CA GLN G 23 -17.52 -16.43 70.04
C GLN G 23 -17.23 -16.55 71.52
N VAL G 24 -16.31 -15.75 72.06
CA VAL G 24 -15.98 -15.77 73.48
C VAL G 24 -16.52 -14.48 74.09
N THR G 25 -17.48 -14.62 74.98
CA THR G 25 -17.98 -13.47 75.71
C THR G 25 -16.96 -13.03 76.75
N ASN G 26 -17.05 -11.77 77.14
CA ASN G 26 -16.07 -11.27 78.09
C ASN G 26 -16.62 -11.35 79.49
N PRO G 27 -15.83 -11.80 80.45
CA PRO G 27 -16.33 -11.96 81.82
C PRO G 27 -16.35 -10.62 82.54
N ILE G 28 -16.89 -10.65 83.74
CA ILE G 28 -16.86 -9.51 84.66
C ILE G 28 -15.90 -9.88 85.78
N ASP G 29 -14.94 -9.00 86.05
CA ASP G 29 -13.90 -9.31 87.01
C ASP G 29 -14.46 -9.30 88.44
N GLU G 30 -13.77 -10.03 89.32
CA GLU G 30 -14.26 -10.22 90.67
C GLU G 30 -13.07 -10.45 91.58
N LYS G 31 -12.98 -9.73 92.70
CA LYS G 31 -14.01 -8.79 93.15
C LYS G 31 -13.78 -7.36 92.66
N ASN G 32 -14.70 -6.92 91.82
CA ASN G 32 -14.75 -5.59 91.23
C ASN G 32 -16.15 -5.41 90.68
N GLY G 33 -16.32 -4.41 89.82
CA GLY G 33 -17.54 -4.28 89.07
C GLY G 33 -17.27 -4.26 87.58
N THR G 34 -16.00 -4.40 87.22
CA THR G 34 -15.56 -4.21 85.85
C THR G 34 -15.29 -5.54 85.17
N SER G 35 -14.95 -5.46 83.89
CA SER G 35 -14.75 -6.63 83.05
C SER G 35 -13.27 -7.00 82.96
N ASN G 36 -13.00 -8.03 82.17
CA ASN G 36 -11.67 -8.33 81.67
C ASN G 36 -11.79 -8.44 80.16
N CYS G 37 -10.92 -7.76 79.43
CA CYS G 37 -11.03 -7.73 77.98
C CYS G 37 -9.72 -8.09 77.29
N ILE G 38 -8.75 -8.62 78.03
CA ILE G 38 -7.45 -9.00 77.48
C ILE G 38 -7.41 -10.51 77.36
N VAL G 39 -7.26 -11.00 76.13
CA VAL G 39 -7.22 -12.43 75.85
C VAL G 39 -5.89 -12.78 75.22
N ARG G 40 -5.67 -14.08 75.05
CA ARG G 40 -4.53 -14.62 74.33
C ARG G 40 -5.04 -15.63 73.34
N VAL G 41 -4.87 -15.35 72.05
CA VAL G 41 -5.36 -16.20 70.97
C VAL G 41 -4.17 -16.70 70.16
N PRO G 42 -4.06 -17.99 69.91
CA PRO G 42 -2.92 -18.49 69.12
C PRO G 42 -3.25 -18.55 67.64
N ILE G 43 -2.48 -17.85 66.82
CA ILE G 43 -2.77 -17.75 65.40
C ILE G 43 -1.71 -18.48 64.61
N ALA G 44 -2.03 -18.75 63.35
CA ALA G 44 -1.10 -19.23 62.37
C ALA G 44 -1.16 -18.29 61.18
N LEU G 45 -0.04 -18.05 60.53
CA LEU G 45 -0.01 -17.04 59.49
C LEU G 45 1.05 -17.38 58.46
N TYR G 46 0.69 -17.23 57.20
CA TYR G 46 1.57 -17.51 56.07
C TYR G 46 2.25 -16.22 55.66
N VAL G 47 3.54 -16.10 55.97
CA VAL G 47 4.26 -14.87 55.82
C VAL G 47 5.22 -14.97 54.64
N SER G 48 5.91 -13.88 54.36
CA SER G 48 7.04 -13.88 53.46
C SER G 48 8.34 -13.88 54.26
N LEU G 49 9.46 -13.95 53.54
CA LEU G 49 10.76 -13.85 54.19
C LEU G 49 11.78 -13.39 53.17
N ALA G 50 12.48 -12.30 53.50
CA ALA G 50 13.41 -11.67 52.59
C ALA G 50 14.66 -12.55 52.42
N PRO G 51 15.40 -12.37 51.33
CA PRO G 51 16.65 -13.10 51.17
C PRO G 51 17.83 -12.55 51.94
N MET G 52 17.64 -11.56 52.81
CA MET G 52 18.73 -11.09 53.65
C MET G 52 18.63 -11.61 55.07
N TYR G 53 17.46 -12.08 55.48
CA TYR G 53 17.28 -12.72 56.77
C TYR G 53 17.40 -14.22 56.67
N LEU G 54 18.26 -14.72 55.80
CA LEU G 54 18.40 -16.16 55.67
C LEU G 54 19.22 -16.78 56.79
N GLU G 55 19.88 -15.98 57.61
CA GLU G 55 20.59 -16.51 58.76
C GLU G 55 19.93 -16.16 60.08
N ASN G 56 18.97 -15.25 60.07
CA ASN G 56 18.19 -14.92 61.26
C ASN G 56 16.71 -14.90 60.90
N PRO G 57 16.13 -16.06 60.62
CA PRO G 57 14.75 -16.06 60.13
C PRO G 57 13.72 -15.78 61.20
N LEU G 58 14.02 -16.09 62.46
CA LEU G 58 13.12 -15.68 63.53
C LEU G 58 13.18 -14.17 63.71
N GLN G 59 14.39 -13.62 63.69
CA GLN G 59 14.59 -12.18 63.79
C GLN G 59 14.02 -11.46 62.59
N GLY G 60 14.00 -12.12 61.44
CA GLY G 60 13.55 -11.47 60.23
C GLY G 60 12.04 -11.46 60.07
N VAL G 61 11.35 -12.36 60.74
CA VAL G 61 9.89 -12.35 60.65
C VAL G 61 9.30 -11.32 61.60
N MET G 62 9.89 -11.15 62.79
CA MET G 62 9.45 -10.11 63.71
C MET G 62 9.73 -8.73 63.13
N LYS G 63 10.88 -8.55 62.47
CA LYS G 63 11.23 -7.25 61.93
C LYS G 63 10.49 -6.90 60.66
N GLN G 64 9.60 -7.76 60.19
CA GLN G 64 9.00 -7.52 58.89
C GLN G 64 7.50 -7.74 58.89
N HIS G 65 6.99 -8.56 59.80
CA HIS G 65 5.57 -8.92 59.78
C HIS G 65 4.88 -8.87 61.13
N LEU G 66 5.59 -8.90 62.24
CA LEU G 66 4.92 -8.86 63.53
C LEU G 66 5.04 -7.51 64.23
N ASN G 67 6.07 -6.75 63.91
CA ASN G 67 6.20 -5.40 64.46
C ASN G 67 5.21 -4.39 63.86
N PRO G 68 4.83 -4.42 62.59
CA PRO G 68 3.72 -3.56 62.15
C PRO G 68 2.36 -3.93 62.70
N LEU G 69 2.22 -4.99 63.49
CA LEU G 69 0.95 -5.34 64.11
C LEU G 69 0.87 -4.93 65.57
N VAL G 70 1.94 -4.41 66.12
CA VAL G 70 1.94 -4.04 67.53
C VAL G 70 1.18 -2.74 67.70
N MET G 71 0.17 -2.77 68.59
CA MET G 71 -0.63 -1.61 68.99
C MET G 71 -1.38 -1.00 67.81
N LYS G 72 -2.02 -1.84 67.01
CA LYS G 72 -2.93 -1.38 65.99
C LYS G 72 -4.14 -2.30 65.99
N TYR G 73 -5.02 -2.11 65.03
CA TYR G 73 -6.21 -2.93 64.90
C TYR G 73 -6.04 -3.94 63.78
N ASN G 74 -6.48 -5.16 64.02
CA ASN G 74 -6.49 -6.18 62.98
C ASN G 74 -7.72 -7.04 63.21
N ASN G 75 -8.63 -7.05 62.23
CA ASN G 75 -9.97 -7.58 62.49
C ASN G 75 -10.00 -9.10 62.56
N LYS G 76 -8.93 -9.79 62.15
CA LYS G 76 -8.96 -11.24 62.20
C LYS G 76 -8.84 -11.75 63.63
N VAL G 77 -8.12 -11.05 64.48
CA VAL G 77 -8.12 -11.39 65.90
C VAL G 77 -9.23 -10.66 66.63
N GLY G 78 -9.72 -9.53 66.08
CA GLY G 78 -10.91 -8.89 66.58
C GLY G 78 -10.71 -7.59 67.34
N GLY G 79 -9.56 -7.37 67.94
CA GLY G 79 -9.34 -6.22 68.80
C GLY G 79 -8.05 -5.52 68.51
N VAL G 80 -7.31 -5.18 69.55
CA VAL G 80 -6.06 -4.46 69.44
C VAL G 80 -4.94 -5.38 69.89
N VAL G 81 -3.95 -5.59 69.03
CA VAL G 81 -2.86 -6.50 69.32
C VAL G 81 -1.85 -5.79 70.22
N LEU G 82 -1.60 -6.35 71.40
CA LEU G 82 -0.58 -5.78 72.25
C LEU G 82 0.81 -6.26 71.84
N GLY G 83 1.06 -7.55 71.96
CA GLY G 83 2.37 -8.08 71.64
C GLY G 83 2.29 -9.56 71.34
N TYR G 84 3.44 -10.21 71.33
CA TYR G 84 3.50 -11.58 70.89
C TYR G 84 4.52 -12.37 71.69
N GLU G 85 4.39 -13.70 71.63
CA GLU G 85 5.30 -14.61 72.28
C GLU G 85 5.25 -15.95 71.58
N GLY G 86 6.42 -16.54 71.36
CA GLY G 86 6.49 -17.92 70.90
C GLY G 86 6.36 -18.11 69.41
N LEU G 87 7.25 -17.51 68.65
CA LEU G 87 7.24 -17.65 67.20
C LEU G 87 7.99 -18.92 66.80
N LYS G 88 7.29 -19.84 66.14
CA LYS G 88 7.87 -21.10 65.68
C LYS G 88 7.60 -21.24 64.19
N ILE G 89 8.64 -21.27 63.39
CA ILE G 89 8.50 -21.48 61.95
C ILE G 89 8.18 -22.94 61.71
N LEU G 90 7.05 -23.20 61.05
CA LEU G 90 6.71 -24.56 60.68
C LEU G 90 7.65 -25.07 59.62
N ASP G 91 8.11 -26.30 59.79
CA ASP G 91 9.12 -26.86 58.91
C ASP G 91 8.47 -27.46 57.68
N ALA G 92 9.10 -27.23 56.53
CA ALA G 92 8.62 -27.78 55.27
C ALA G 92 9.03 -29.23 55.08
N ASP G 93 9.91 -29.76 55.93
CA ASP G 93 10.31 -31.15 55.90
C ASP G 93 9.54 -31.88 56.99
N PRO G 94 8.46 -32.59 56.67
CA PRO G 94 7.58 -33.14 57.71
C PRO G 94 8.08 -34.41 58.36
N LEU G 95 9.36 -34.75 58.25
CA LEU G 95 9.92 -35.90 58.94
C LEU G 95 10.91 -35.51 60.03
N SER G 96 11.21 -34.22 60.17
CA SER G 96 12.11 -33.76 61.21
C SER G 96 11.36 -33.66 62.53
N LYS G 97 12.08 -33.28 63.59
CA LYS G 97 11.48 -33.15 64.90
C LYS G 97 11.23 -31.68 65.23
N GLU G 98 10.87 -31.42 66.49
CA GLU G 98 10.71 -30.07 67.02
C GLU G 98 12.02 -29.51 67.54
N ASP G 99 12.98 -30.36 67.88
CA ASP G 99 14.26 -29.93 68.44
C ASP G 99 15.30 -29.60 67.40
N THR G 100 14.96 -29.64 66.11
CA THR G 100 15.93 -29.32 65.08
C THR G 100 16.20 -27.83 65.04
N SER G 101 17.38 -27.47 64.54
CA SER G 101 17.76 -26.07 64.43
C SER G 101 18.14 -25.69 63.00
N GLU G 102 17.66 -26.44 62.02
CA GLU G 102 17.84 -26.10 60.61
C GLU G 102 16.54 -26.46 59.89
N LYS G 103 15.67 -25.48 59.70
CA LYS G 103 14.36 -25.69 59.10
C LYS G 103 14.39 -25.28 57.64
N LEU G 104 13.42 -25.80 56.88
CA LEU G 104 13.38 -25.61 55.44
C LEU G 104 12.23 -24.68 55.05
N ILE G 105 12.47 -23.87 54.03
CA ILE G 105 11.57 -22.82 53.60
C ILE G 105 11.47 -22.84 52.08
N LYS G 106 10.26 -22.85 51.55
CA LYS G 106 10.05 -23.02 50.12
C LYS G 106 10.37 -21.73 49.38
N ILE G 107 11.24 -21.81 48.40
CA ILE G 107 11.61 -20.64 47.60
C ILE G 107 10.69 -20.57 46.39
N THR G 108 10.17 -19.38 46.12
CA THR G 108 9.32 -19.10 44.98
C THR G 108 10.08 -19.40 43.68
N PRO G 109 9.40 -19.87 42.62
CA PRO G 109 10.07 -20.08 41.33
C PRO G 109 10.72 -18.84 40.74
N ASP G 110 9.96 -17.80 40.45
CA ASP G 110 10.48 -16.69 39.67
C ASP G 110 11.34 -15.73 40.49
N THR G 111 11.07 -15.61 41.78
CA THR G 111 11.68 -14.64 42.68
C THR G 111 12.50 -15.36 43.75
N PRO G 112 13.48 -14.71 44.36
CA PRO G 112 14.21 -15.34 45.47
C PRO G 112 13.57 -15.16 46.84
N PHE G 113 12.34 -14.72 46.94
CA PHE G 113 11.75 -14.47 48.25
C PHE G 113 11.19 -15.76 48.82
N GLY G 114 11.63 -16.11 50.01
CA GLY G 114 11.12 -17.30 50.64
C GLY G 114 9.77 -17.08 51.29
N PHE G 115 8.90 -18.07 51.18
CA PHE G 115 7.58 -18.03 51.80
C PHE G 115 7.47 -19.19 52.78
N THR G 116 6.69 -19.00 53.85
CA THR G 116 6.65 -19.97 54.93
C THR G 116 5.36 -19.85 55.72
N TRP G 117 5.23 -20.68 56.75
CA TRP G 117 4.16 -20.58 57.73
C TRP G 117 4.75 -20.21 59.07
N CYS G 118 3.88 -20.01 60.06
CA CYS G 118 4.29 -19.58 61.39
C CYS G 118 3.25 -20.00 62.41
N HIS G 119 3.66 -20.08 63.66
CA HIS G 119 2.74 -20.20 64.79
C HIS G 119 3.17 -19.19 65.84
N VAL G 120 2.22 -18.42 66.37
CA VAL G 120 2.56 -17.36 67.31
C VAL G 120 1.33 -17.05 68.15
N ASN G 121 1.56 -16.53 69.35
CA ASN G 121 0.51 -16.18 70.30
C ASN G 121 0.36 -14.66 70.36
N LEU G 122 -0.83 -14.16 70.03
CA LEU G 122 -1.10 -12.73 70.07
C LEU G 122 -1.97 -12.40 71.27
N TYR G 123 -1.48 -11.51 72.12
CA TYR G 123 -2.26 -11.00 73.25
C TYR G 123 -3.10 -9.83 72.76
N VAL G 124 -4.41 -10.00 72.76
CA VAL G 124 -5.33 -9.01 72.21
C VAL G 124 -6.16 -8.44 73.34
N TRP G 125 -6.39 -7.12 73.29
CA TRP G 125 -7.38 -6.45 74.13
C TRP G 125 -8.60 -6.21 73.25
N GLN G 126 -9.72 -6.86 73.56
CA GLN G 126 -10.90 -6.73 72.71
C GLN G 126 -12.11 -6.29 73.54
N PRO G 127 -12.69 -5.12 73.28
CA PRO G 127 -13.97 -4.77 73.87
C PRO G 127 -15.13 -5.10 72.95
N GLN G 128 -16.28 -5.38 73.55
CA GLN G 128 -17.47 -5.73 72.79
C GLN G 128 -18.66 -4.93 73.29
N VAL G 129 -19.76 -5.06 72.57
CA VAL G 129 -20.99 -4.35 72.92
C VAL G 129 -21.62 -5.01 74.13
N GLY G 130 -21.79 -4.25 75.21
CA GLY G 130 -22.48 -4.71 76.39
C GLY G 130 -21.61 -4.93 77.60
N ASP G 131 -20.32 -4.60 77.53
CA ASP G 131 -19.40 -4.84 78.63
C ASP G 131 -19.23 -3.58 79.48
N VAL G 132 -18.69 -3.75 80.67
CA VAL G 132 -18.42 -2.66 81.60
C VAL G 132 -16.95 -2.27 81.53
N LEU G 133 -16.68 -0.98 81.34
CA LEU G 133 -15.34 -0.45 81.29
C LEU G 133 -15.24 0.75 82.20
N GLU G 134 -14.06 0.94 82.80
CA GLU G 134 -13.81 2.06 83.69
C GLU G 134 -12.54 2.76 83.23
N GLY G 135 -12.62 4.07 83.00
CA GLY G 135 -11.50 4.81 82.46
C GLY G 135 -11.48 6.24 82.96
N TYR G 136 -10.39 6.92 82.63
CA TYR G 136 -10.15 8.27 83.11
C TYR G 136 -10.88 9.29 82.27
N ILE G 137 -11.01 10.50 82.83
CA ILE G 137 -11.58 11.64 82.13
C ILE G 137 -10.46 12.63 81.85
N PHE G 138 -10.37 13.12 80.61
CA PHE G 138 -9.38 14.12 80.28
C PHE G 138 -9.97 15.37 79.66
N ILE G 139 -11.26 15.41 79.39
CA ILE G 139 -11.97 16.62 79.00
C ILE G 139 -13.44 16.46 79.37
N GLN G 140 -14.04 17.52 79.89
CA GLN G 140 -15.47 17.57 80.16
C GLN G 140 -16.05 18.72 79.35
N SER G 141 -16.88 18.41 78.37
CA SER G 141 -17.54 19.43 77.58
C SER G 141 -19.04 19.35 77.75
N ALA G 142 -19.74 20.27 77.10
CA ALA G 142 -21.19 20.35 77.23
C ALA G 142 -21.90 19.26 76.45
N SER G 143 -21.23 18.63 75.48
CA SER G 143 -21.86 17.62 74.64
C SER G 143 -21.30 16.22 74.79
N HIS G 144 -20.22 16.04 75.56
CA HIS G 144 -19.61 14.74 75.75
C HIS G 144 -18.69 14.81 76.96
N ILE G 145 -18.21 13.65 77.37
CA ILE G 145 -17.09 13.51 78.29
C ILE G 145 -16.02 12.69 77.58
N GLY G 146 -14.82 13.25 77.44
CA GLY G 146 -13.74 12.57 76.76
C GLY G 146 -13.06 11.61 77.71
N LEU G 147 -12.76 10.42 77.21
CA LEU G 147 -12.26 9.34 78.06
C LEU G 147 -11.08 8.65 77.42
N LEU G 148 -10.09 8.34 78.25
CA LEU G 148 -9.04 7.38 77.91
C LEU G 148 -9.27 6.11 78.71
N ILE G 149 -9.14 4.96 78.05
CA ILE G 149 -9.16 3.67 78.72
C ILE G 149 -7.74 3.13 78.70
N HIS G 150 -7.22 2.80 79.89
CA HIS G 150 -5.88 2.26 80.11
C HIS G 150 -4.78 3.18 79.58
N ASP G 151 -5.05 4.49 79.54
CA ASP G 151 -4.16 5.54 79.03
C ASP G 151 -3.70 5.26 77.58
N ALA G 152 -4.48 4.55 76.81
CA ALA G 152 -4.10 4.40 75.42
C ALA G 152 -5.23 4.65 74.44
N PHE G 153 -6.43 4.19 74.75
CA PHE G 153 -7.52 4.14 73.77
C PHE G 153 -8.61 5.13 74.13
N ASN G 154 -9.16 5.76 73.11
CA ASN G 154 -10.01 6.93 73.27
C ASN G 154 -11.47 6.52 73.36
N ALA G 155 -12.22 7.20 74.22
CA ALA G 155 -13.65 6.93 74.40
C ALA G 155 -14.39 8.23 74.66
N SER G 156 -15.72 8.18 74.54
CA SER G 156 -16.57 9.35 74.71
C SER G 156 -17.92 8.93 75.25
N ILE G 157 -18.46 9.71 76.19
CA ILE G 157 -19.82 9.52 76.71
C ILE G 157 -20.62 10.74 76.30
N LYS G 158 -21.44 10.62 75.26
CA LYS G 158 -22.04 11.80 74.64
C LYS G 158 -23.23 12.31 75.45
N LYS G 159 -23.81 13.41 74.97
CA LYS G 159 -24.82 14.16 75.72
C LYS G 159 -26.13 13.38 75.80
N ASN G 160 -26.56 12.79 74.68
CA ASN G 160 -27.83 12.07 74.64
C ASN G 160 -27.80 10.80 75.49
N ASN G 161 -26.61 10.28 75.80
CA ASN G 161 -26.49 9.15 76.71
C ASN G 161 -26.25 9.58 78.15
N ILE G 162 -26.07 10.87 78.39
CA ILE G 162 -25.97 11.37 79.77
C ILE G 162 -27.38 11.46 80.37
N PRO G 163 -27.59 11.02 81.61
CA PRO G 163 -28.93 11.03 82.20
C PRO G 163 -29.45 12.46 82.40
N VAL G 164 -30.78 12.57 82.38
CA VAL G 164 -31.43 13.88 82.36
C VAL G 164 -31.31 14.61 83.69
N ASP G 165 -31.06 13.88 84.78
CA ASP G 165 -30.89 14.50 86.10
C ASP G 165 -29.44 14.87 86.38
N TRP G 166 -28.63 15.10 85.35
CA TRP G 166 -27.26 15.53 85.51
C TRP G 166 -27.08 16.91 84.90
N THR G 167 -26.27 17.73 85.56
CA THR G 167 -26.12 19.14 85.23
C THR G 167 -24.69 19.46 84.82
N PHE G 168 -24.55 20.61 84.13
CA PHE G 168 -23.27 21.12 83.72
C PHE G 168 -23.06 22.50 84.34
N VAL G 169 -21.79 22.89 84.51
CA VAL G 169 -21.43 24.17 85.11
C VAL G 169 -20.05 24.56 84.56
N HIS G 170 -19.72 25.84 84.68
CA HIS G 170 -18.41 26.34 84.24
C HIS G 170 -17.51 26.67 85.42
N GLY G 215 -15.27 23.93 82.08
CA GLY G 215 -16.15 23.57 83.19
C GLY G 215 -16.06 22.12 83.60
N HIS G 216 -17.12 21.60 84.21
CA HIS G 216 -17.22 20.19 84.56
C HIS G 216 -18.68 19.84 84.77
N TRP G 217 -19.00 18.58 84.52
CA TRP G 217 -20.35 18.07 84.73
C TRP G 217 -20.58 17.79 86.21
N VAL G 218 -21.80 18.01 86.65
CA VAL G 218 -22.18 17.83 88.05
C VAL G 218 -23.32 16.83 88.11
N ASP G 219 -23.24 15.88 89.05
CA ASP G 219 -24.11 14.71 89.06
C ASP G 219 -25.49 15.06 89.60
N SER G 220 -26.26 14.01 89.95
CA SER G 220 -27.62 14.21 90.42
C SER G 220 -27.67 14.85 91.79
N ASN G 221 -26.76 14.46 92.68
CA ASN G 221 -26.78 14.97 94.05
C ASN G 221 -26.04 16.28 94.22
N GLY G 222 -25.26 16.70 93.23
CA GLY G 222 -24.63 18.00 93.27
C GLY G 222 -23.13 17.99 93.49
N GLU G 223 -22.42 17.06 92.88
CA GLU G 223 -20.98 16.92 93.04
C GLU G 223 -20.33 16.84 91.68
N PRO G 224 -19.08 17.28 91.56
CA PRO G 224 -18.38 17.13 90.28
C PRO G 224 -17.88 15.70 90.08
N ILE G 225 -17.84 15.29 88.82
CA ILE G 225 -17.32 13.99 88.44
C ILE G 225 -15.93 14.15 87.86
N ASP G 226 -15.04 13.23 88.19
CA ASP G 226 -13.64 13.36 87.83
C ASP G 226 -12.99 11.99 87.79
N GLY G 227 -11.98 11.86 86.93
CA GLY G 227 -11.14 10.67 86.89
C GLY G 227 -11.85 9.41 86.44
N LYS G 228 -11.82 8.39 87.30
CA LYS G 228 -12.32 7.06 86.94
C LYS G 228 -13.83 7.06 86.92
N LEU G 229 -14.42 7.23 85.74
CA LEU G 229 -15.86 7.21 85.56
C LEU G 229 -16.29 5.91 84.90
N ARG G 230 -17.02 5.10 85.63
CA ARG G 230 -17.49 3.80 85.17
C ARG G 230 -18.60 3.98 84.16
N PHE G 231 -18.64 3.11 83.16
CA PHE G 231 -19.68 3.17 82.12
C PHE G 231 -19.79 1.81 81.45
N THR G 232 -20.73 1.70 80.53
CA THR G 232 -20.92 0.50 79.72
C THR G 232 -20.83 0.85 78.24
N VAL G 233 -20.40 -0.13 77.45
CA VAL G 233 -20.08 0.09 76.04
C VAL G 233 -21.36 0.10 75.22
N ARG G 234 -21.44 1.03 74.28
CA ARG G 234 -22.51 1.09 73.29
C ARG G 234 -22.06 0.64 71.92
N ASN G 235 -20.88 1.07 71.48
CA ASN G 235 -20.38 0.73 70.16
C ASN G 235 -18.86 0.87 70.18
N VAL G 236 -18.21 0.17 69.26
CA VAL G 236 -16.78 0.28 69.05
C VAL G 236 -16.57 0.68 67.60
N HIS G 237 -16.14 1.91 67.38
CA HIS G 237 -15.90 2.41 66.04
C HIS G 237 -14.45 2.15 65.68
N THR G 238 -14.22 1.50 64.53
CA THR G 238 -12.89 1.13 64.09
C THR G 238 -12.65 1.50 62.64
N THR G 239 -13.15 2.64 62.19
CA THR G 239 -13.06 2.96 60.76
C THR G 239 -11.65 3.39 60.37
N GLY G 240 -11.16 4.50 60.91
CA GLY G 240 -9.91 5.08 60.49
C GLY G 240 -8.71 4.34 61.04
N ARG G 241 -7.61 5.09 61.21
CA ARG G 241 -6.38 4.55 61.73
C ARG G 241 -6.32 4.58 63.26
N VAL G 242 -7.47 4.66 63.92
CA VAL G 242 -7.52 4.84 65.36
C VAL G 242 -8.81 4.22 65.91
N VAL G 243 -8.67 3.46 67.00
CA VAL G 243 -9.83 2.83 67.61
C VAL G 243 -10.68 3.88 68.32
N SER G 244 -11.98 3.59 68.43
CA SER G 244 -12.92 4.51 69.05
C SER G 244 -14.00 3.72 69.77
N VAL G 245 -14.13 3.95 71.06
CA VAL G 245 -15.09 3.24 71.89
C VAL G 245 -16.22 4.22 72.20
N ASP G 246 -17.41 3.91 71.70
CA ASP G 246 -18.57 4.76 71.97
C ASP G 246 -19.20 4.25 73.26
N GLY G 247 -19.13 5.05 74.32
CA GLY G 247 -19.67 4.67 75.60
C GLY G 247 -21.06 5.25 75.85
N THR G 248 -21.61 4.89 77.01
CA THR G 248 -22.94 5.31 77.42
C THR G 248 -23.02 5.10 78.93
N LEU G 249 -23.54 6.10 79.65
CA LEU G 249 -23.65 6.01 81.10
C LEU G 249 -25.00 5.47 81.57
N ILE G 250 -26.08 5.77 80.85
CA ILE G 250 -27.40 5.29 81.24
C ILE G 250 -27.55 3.81 80.93
N ASN H 3 74.08 -42.66 19.55
CA ASN H 3 74.08 -44.10 19.39
C ASN H 3 73.38 -44.53 18.11
N THR H 4 74.15 -45.08 17.17
CA THR H 4 73.58 -45.58 15.93
C THR H 4 72.79 -46.86 16.21
N LEU H 5 71.73 -47.10 15.45
CA LEU H 5 70.94 -48.30 15.57
C LEU H 5 70.90 -49.14 14.31
N PHE H 6 71.36 -48.59 13.18
CA PHE H 6 71.25 -49.24 11.88
C PHE H 6 72.17 -48.49 10.92
N ASP H 7 72.70 -49.22 9.95
CA ASP H 7 73.54 -48.62 8.92
C ASP H 7 73.57 -49.58 7.75
N ASP H 8 73.62 -49.03 6.55
CA ASP H 8 73.77 -49.82 5.33
C ASP H 8 74.25 -48.89 4.24
N ILE H 9 74.20 -49.38 3.00
CA ILE H 9 74.34 -48.56 1.82
C ILE H 9 73.44 -49.17 0.74
N PHE H 10 72.40 -48.44 0.37
CA PHE H 10 71.36 -48.92 -0.51
C PHE H 10 71.59 -48.43 -1.93
N GLN H 11 70.90 -49.05 -2.86
CA GLN H 11 70.87 -48.59 -4.24
C GLN H 11 69.42 -48.40 -4.64
N VAL H 12 69.12 -47.25 -5.22
CA VAL H 12 67.74 -46.92 -5.56
C VAL H 12 67.40 -47.53 -6.90
N SER H 13 66.12 -47.84 -7.07
CA SER H 13 65.64 -48.43 -8.31
C SER H 13 64.63 -47.56 -9.02
N GLU H 14 64.03 -46.60 -8.32
CA GLU H 14 62.90 -45.83 -8.87
C GLU H 14 62.76 -44.57 -8.05
N VAL H 15 62.55 -43.45 -8.73
CA VAL H 15 62.17 -42.20 -8.09
C VAL H 15 60.84 -41.76 -8.71
N ASP H 16 59.74 -42.16 -8.08
CA ASP H 16 58.43 -41.79 -8.56
C ASP H 16 58.05 -40.41 -8.02
N PRO H 17 57.65 -39.46 -8.88
CA PRO H 17 57.32 -38.13 -8.38
C PRO H 17 55.92 -38.00 -7.82
N GLY H 18 54.96 -38.79 -8.28
CA GLY H 18 53.61 -38.59 -7.82
C GLY H 18 53.01 -37.32 -8.41
N ARG H 19 52.01 -36.80 -7.73
CA ARG H 19 51.41 -35.53 -8.11
C ARG H 19 52.12 -34.34 -7.49
N TYR H 20 53.12 -34.57 -6.66
CA TYR H 20 53.79 -33.49 -5.97
C TYR H 20 54.92 -32.95 -6.81
N ASN H 21 55.53 -31.87 -6.34
CA ASN H 21 56.68 -31.30 -7.02
C ASN H 21 57.82 -30.93 -6.07
N LYS H 22 57.69 -31.25 -4.79
CA LYS H 22 58.79 -31.16 -3.85
C LYS H 22 59.11 -32.47 -3.18
N VAL H 23 58.31 -33.50 -3.40
CA VAL H 23 58.42 -34.74 -2.66
C VAL H 23 58.34 -35.88 -3.65
N CYS H 24 59.30 -36.79 -3.61
CA CYS H 24 59.24 -37.99 -4.42
C CYS H 24 59.23 -39.20 -3.51
N ARG H 25 58.90 -40.34 -4.11
CA ARG H 25 58.89 -41.62 -3.41
C ARG H 25 59.99 -42.51 -3.95
N ILE H 26 60.90 -42.92 -3.08
CA ILE H 26 62.07 -43.71 -3.45
C ILE H 26 61.85 -45.15 -3.01
N GLU H 27 62.03 -46.08 -3.93
CA GLU H 27 62.16 -47.49 -3.60
C GLU H 27 63.60 -47.91 -3.84
N ALA H 28 64.26 -48.40 -2.79
CA ALA H 28 65.67 -48.72 -2.84
C ALA H 28 65.90 -50.08 -2.21
N ALA H 29 66.96 -50.76 -2.65
CA ALA H 29 67.32 -52.07 -2.14
C ALA H 29 68.78 -52.06 -1.72
N SER H 30 69.14 -53.02 -0.87
CA SER H 30 70.46 -53.06 -0.27
C SER H 30 71.49 -53.60 -1.24
N THR H 31 72.75 -53.55 -0.82
CA THR H 31 73.84 -54.14 -1.58
C THR H 31 74.69 -55.12 -0.78
N THR H 32 74.91 -54.88 0.52
CA THR H 32 75.60 -55.89 1.32
C THR H 32 74.65 -57.03 1.64
N GLN H 33 73.60 -56.75 2.39
CA GLN H 33 72.55 -57.73 2.62
C GLN H 33 71.68 -57.84 1.38
N ASP H 34 70.91 -58.92 1.31
CA ASP H 34 70.08 -59.18 0.15
C ASP H 34 68.61 -59.35 0.49
N GLN H 35 68.23 -59.18 1.75
CA GLN H 35 66.84 -59.26 2.18
C GLN H 35 66.37 -57.95 2.79
N CYS H 36 67.03 -56.84 2.48
CA CYS H 36 66.75 -55.56 3.10
C CYS H 36 66.30 -54.58 2.03
N LYS H 37 65.06 -54.10 2.15
CA LYS H 37 64.53 -53.14 1.20
C LYS H 37 63.88 -52.00 1.96
N LEU H 38 63.90 -50.83 1.33
CA LEU H 38 63.51 -49.59 1.97
C LEU H 38 62.72 -48.74 0.99
N THR H 39 61.52 -48.31 1.38
CA THR H 39 60.74 -47.35 0.61
C THR H 39 60.66 -46.06 1.39
N LEU H 40 61.08 -44.96 0.78
CA LEU H 40 61.25 -43.72 1.53
C LEU H 40 60.70 -42.55 0.72
N ASP H 41 59.94 -41.67 1.38
CA ASP H 41 59.41 -40.46 0.75
C ASP H 41 60.26 -39.28 1.16
N ILE H 42 61.01 -38.72 0.22
CA ILE H 42 62.06 -37.76 0.52
C ILE H 42 61.68 -36.42 -0.07
N ASN H 43 62.32 -35.36 0.41
CA ASN H 43 62.15 -34.02 -0.15
C ASN H 43 63.21 -33.84 -1.23
N VAL H 44 62.82 -34.03 -2.49
CA VAL H 44 63.78 -34.02 -3.59
C VAL H 44 64.13 -32.61 -4.04
N GLU H 45 63.56 -31.58 -3.43
CA GLU H 45 63.98 -30.22 -3.77
C GLU H 45 65.33 -29.90 -3.14
N LEU H 46 65.47 -30.13 -1.84
CA LEU H 46 66.74 -29.89 -1.17
C LEU H 46 67.77 -30.94 -1.53
N PHE H 47 67.32 -32.16 -1.79
CA PHE H 47 68.20 -33.32 -1.92
C PHE H 47 67.88 -34.04 -3.22
N PRO H 48 68.55 -33.69 -4.32
CA PRO H 48 68.23 -34.32 -5.61
C PRO H 48 68.66 -35.76 -5.70
N VAL H 49 67.70 -36.69 -5.71
CA VAL H 49 67.97 -38.12 -5.82
C VAL H 49 67.71 -38.54 -7.26
N ALA H 50 68.75 -38.99 -7.95
CA ALA H 50 68.57 -39.56 -9.27
C ALA H 50 68.42 -41.08 -9.15
N ALA H 51 67.98 -41.69 -10.25
CA ALA H 51 67.87 -43.14 -10.29
C ALA H 51 69.24 -43.78 -10.37
N GLN H 52 69.35 -45.00 -9.84
CA GLN H 52 70.59 -45.79 -9.77
C GLN H 52 71.71 -45.03 -9.06
N ASP H 53 71.48 -44.70 -7.80
CA ASP H 53 72.47 -44.03 -6.96
C ASP H 53 72.80 -44.88 -5.74
N SER H 54 73.56 -44.28 -4.83
CA SER H 54 74.15 -45.00 -3.71
C SER H 54 74.03 -44.13 -2.48
N LEU H 55 73.14 -44.50 -1.56
CA LEU H 55 72.79 -43.65 -0.42
C LEU H 55 73.13 -44.34 0.87
N THR H 56 74.15 -43.84 1.57
CA THR H 56 74.56 -44.39 2.85
C THR H 56 73.53 -44.03 3.91
N VAL H 57 72.60 -44.93 4.17
CA VAL H 57 71.45 -44.66 5.03
C VAL H 57 71.75 -45.17 6.42
N THR H 58 71.64 -44.30 7.41
CA THR H 58 71.78 -44.71 8.80
C THR H 58 70.58 -44.24 9.60
N ILE H 59 70.40 -44.83 10.77
CA ILE H 59 69.34 -44.46 11.69
C ILE H 59 69.96 -44.29 13.06
N ALA H 60 70.14 -43.06 13.49
CA ALA H 60 70.65 -42.80 14.81
C ALA H 60 69.51 -42.78 15.81
N SER H 61 69.84 -42.85 17.08
CA SER H 61 68.83 -42.70 18.12
C SER H 61 68.95 -41.38 18.84
N SER H 62 70.05 -40.67 18.67
CA SER H 62 70.23 -39.33 19.19
C SER H 62 71.30 -38.66 18.34
N LEU H 63 71.79 -37.53 18.81
CA LEU H 63 72.86 -36.83 18.11
C LEU H 63 73.85 -36.33 19.16
N ASN H 64 74.91 -37.08 19.38
CA ASN H 64 75.90 -36.69 20.38
C ASN H 64 77.31 -37.13 19.99
N SER H 78 65.36 -28.85 24.84
CA SER H 78 64.52 -28.93 23.65
C SER H 78 65.36 -28.72 22.42
N TRP H 79 64.84 -27.94 21.47
CA TRP H 79 65.59 -27.59 20.27
C TRP H 79 66.00 -26.13 20.31
N ARG H 80 67.19 -25.86 19.79
CA ARG H 80 67.74 -24.54 19.71
C ARG H 80 68.41 -24.46 18.34
N PRO H 81 68.32 -23.31 17.66
CA PRO H 81 68.95 -23.17 16.34
C PRO H 81 70.46 -23.30 16.43
N PRO H 82 71.14 -23.63 15.32
CA PRO H 82 72.57 -23.94 15.39
C PRO H 82 73.46 -22.76 15.75
N GLN H 83 74.01 -22.81 16.95
CA GLN H 83 74.80 -21.71 17.50
C GLN H 83 76.22 -21.77 16.96
N ALA H 84 77.13 -21.00 17.56
CA ALA H 84 78.48 -20.84 17.06
C ALA H 84 79.40 -21.89 17.66
N GLY H 85 80.01 -22.70 16.82
CA GLY H 85 81.04 -23.62 17.27
C GLY H 85 80.56 -24.86 17.97
N ASP H 86 79.35 -25.31 17.69
CA ASP H 86 78.83 -26.54 18.27
C ASP H 86 78.72 -27.61 17.19
N ARG H 87 79.05 -28.84 17.57
CA ARG H 87 79.10 -29.95 16.63
C ARG H 87 78.24 -31.10 17.13
N SER H 88 77.79 -31.92 16.19
CA SER H 88 77.19 -33.21 16.50
C SER H 88 77.26 -34.09 15.25
N LEU H 89 76.42 -35.13 15.23
CA LEU H 89 76.55 -36.18 14.23
C LEU H 89 76.09 -35.72 12.85
N ALA H 90 75.34 -34.62 12.77
CA ALA H 90 74.84 -34.15 11.49
C ALA H 90 75.91 -33.52 10.61
N ASP H 91 77.11 -33.28 11.14
CA ASP H 91 78.15 -32.62 10.38
C ASP H 91 78.79 -33.54 9.33
N ASP H 92 78.51 -34.83 9.37
CA ASP H 92 79.03 -35.75 8.37
C ASP H 92 78.06 -35.99 7.24
N TYR H 93 76.77 -35.96 7.51
CA TYR H 93 75.75 -36.39 6.57
C TYR H 93 75.15 -35.19 5.85
N ASP H 94 74.25 -35.46 4.92
CA ASP H 94 73.75 -34.41 4.04
C ASP H 94 72.25 -34.21 4.08
N TYR H 95 71.52 -34.99 4.87
CA TYR H 95 70.07 -34.89 4.93
C TYR H 95 69.60 -35.60 6.18
N VAL H 96 69.00 -34.87 7.12
CA VAL H 96 68.58 -35.42 8.40
C VAL H 96 67.09 -35.18 8.58
N MET H 97 66.35 -36.23 8.82
CA MET H 97 64.97 -36.10 9.23
C MET H 97 64.87 -36.42 10.71
N TYR H 98 63.65 -36.50 11.22
CA TYR H 98 63.42 -36.81 12.62
C TYR H 98 61.99 -37.27 12.78
N GLY H 99 61.78 -38.49 13.26
CA GLY H 99 60.44 -39.02 13.24
C GLY H 99 60.09 -40.05 14.29
N THR H 100 58.90 -40.63 14.16
CA THR H 100 58.31 -41.48 15.18
C THR H 100 57.81 -42.76 14.55
N ALA H 101 58.22 -43.90 15.10
CA ALA H 101 57.69 -45.18 14.65
C ALA H 101 56.31 -45.41 15.22
N TYR H 102 55.48 -46.15 14.48
CA TYR H 102 54.13 -46.41 14.94
C TYR H 102 53.63 -47.83 14.76
N LYS H 103 54.30 -48.68 13.96
CA LYS H 103 53.80 -50.03 13.77
C LYS H 103 54.92 -50.95 13.36
N PHE H 104 54.77 -52.23 13.72
CA PHE H 104 55.71 -53.30 13.36
C PHE H 104 54.91 -54.50 12.89
N GLU H 105 55.04 -54.86 11.62
CA GLU H 105 54.29 -55.97 11.04
C GLU H 105 55.21 -57.10 10.64
N GLU H 106 54.69 -58.32 10.73
CA GLU H 106 55.46 -59.54 10.49
C GLU H 106 55.28 -59.94 9.03
N VAL H 107 56.34 -59.88 8.25
CA VAL H 107 56.23 -60.31 6.86
C VAL H 107 56.24 -61.83 6.79
N SER H 108 57.18 -62.46 7.47
CA SER H 108 57.26 -63.92 7.53
C SER H 108 57.85 -64.29 8.87
N LYS H 109 58.37 -65.52 8.98
CA LYS H 109 59.01 -65.93 10.22
C LYS H 109 60.35 -65.24 10.43
N ASP H 110 61.08 -64.94 9.35
CA ASP H 110 62.46 -64.52 9.48
C ASP H 110 62.70 -63.04 9.22
N LEU H 111 61.69 -62.26 8.83
CA LEU H 111 61.94 -60.86 8.52
C LEU H 111 60.76 -60.00 8.92
N ILE H 112 61.06 -58.79 9.41
CA ILE H 112 60.12 -57.87 10.05
C ILE H 112 60.18 -56.53 9.33
N ALA H 113 59.04 -55.85 9.24
CA ALA H 113 58.96 -54.52 8.67
C ALA H 113 58.62 -53.51 9.75
N VAL H 114 59.40 -52.43 9.83
CA VAL H 114 59.12 -51.32 10.72
C VAL H 114 58.50 -50.20 9.90
N TYR H 115 57.97 -49.19 10.59
CA TYR H 115 57.19 -48.15 9.96
C TYR H 115 57.55 -46.81 10.58
N TYR H 116 58.27 -45.99 9.84
CA TYR H 116 58.68 -44.68 10.32
C TYR H 116 58.00 -43.59 9.51
N SER H 117 57.38 -42.65 10.21
CA SER H 117 56.73 -41.51 9.58
C SER H 117 57.40 -40.27 10.11
N PHE H 118 58.18 -39.59 9.27
CA PHE H 118 58.94 -38.42 9.68
C PHE H 118 58.07 -37.19 9.52
N GLY H 119 57.06 -37.08 10.37
CA GLY H 119 56.14 -35.96 10.34
C GLY H 119 55.34 -35.86 9.07
N GLY H 120 54.95 -36.98 8.48
CA GLY H 120 54.19 -37.02 7.24
C GLY H 120 54.90 -37.71 6.10
N LEU H 121 56.20 -37.46 5.95
CA LEU H 121 56.99 -38.19 4.97
C LEU H 121 57.20 -39.61 5.45
N LEU H 122 56.66 -40.57 4.73
CA LEU H 122 56.65 -41.94 5.22
C LEU H 122 57.91 -42.70 4.83
N MET H 123 58.20 -43.73 5.62
CA MET H 123 59.30 -44.65 5.34
C MET H 123 58.94 -46.02 5.87
N ARG H 124 59.23 -47.05 5.09
CA ARG H 124 59.06 -48.43 5.51
C ARG H 124 60.36 -49.19 5.27
N LEU H 125 60.83 -49.87 6.30
CA LEU H 125 62.07 -50.62 6.26
C LEU H 125 61.77 -52.07 6.59
N GLU H 126 62.14 -52.98 5.69
CA GLU H 126 61.91 -54.41 5.87
C GLU H 126 63.23 -55.16 5.75
N GLY H 127 63.49 -56.05 6.69
CA GLY H 127 64.72 -56.82 6.65
C GLY H 127 64.67 -57.94 7.66
N ASN H 128 65.75 -58.72 7.68
CA ASN H 128 65.86 -59.90 8.54
C ASN H 128 65.89 -59.51 10.01
N TYR H 129 65.12 -60.24 10.82
CA TYR H 129 64.69 -59.76 12.13
C TYR H 129 65.80 -59.70 13.17
N ARG H 130 67.04 -60.04 12.86
CA ARG H 130 68.15 -59.76 13.74
C ARG H 130 69.00 -58.61 13.24
N ASN H 131 68.80 -58.19 12.00
CA ASN H 131 69.44 -56.97 11.54
C ASN H 131 68.70 -55.72 11.96
N LEU H 132 67.45 -55.84 12.39
CA LEU H 132 66.60 -54.74 12.81
C LEU H 132 66.18 -54.91 14.26
N ASN H 133 67.11 -55.26 15.12
CA ASN H 133 66.77 -55.58 16.50
C ASN H 133 66.87 -54.38 17.43
N ASN H 134 67.53 -53.31 17.02
CA ASN H 134 67.73 -52.14 17.86
C ASN H 134 66.63 -51.11 17.73
N LEU H 135 65.61 -51.37 16.90
CA LEU H 135 64.56 -50.40 16.62
C LEU H 135 63.34 -50.71 17.47
N LYS H 136 62.97 -49.79 18.34
CA LYS H 136 61.78 -49.91 19.17
C LYS H 136 60.82 -48.76 18.83
N GLN H 137 59.65 -48.78 19.46
CA GLN H 137 58.66 -47.72 19.31
C GLN H 137 59.14 -46.52 20.11
N GLU H 138 59.90 -45.66 19.46
CA GLU H 138 60.51 -44.51 20.11
C GLU H 138 60.67 -43.40 19.07
N ASN H 139 61.33 -42.33 19.46
CA ASN H 139 61.59 -41.20 18.57
C ASN H 139 62.99 -41.33 18.00
N ALA H 140 63.08 -41.76 16.74
CA ALA H 140 64.36 -42.03 16.12
C ALA H 140 64.66 -40.96 15.10
N TYR H 141 65.92 -40.95 14.65
CA TYR H 141 66.36 -40.01 13.63
C TYR H 141 66.47 -40.73 12.30
N LEU H 142 67.06 -40.06 11.33
CA LEU H 142 67.54 -40.67 10.09
C LEU H 142 68.54 -39.73 9.46
N LEU H 143 69.68 -40.26 9.02
CA LEU H 143 70.70 -39.45 8.38
C LEU H 143 71.06 -40.07 7.05
N ILE H 144 71.17 -39.25 6.02
CA ILE H 144 71.45 -39.74 4.68
C ILE H 144 72.54 -38.86 4.08
N ARG H 145 73.61 -39.50 3.61
CA ARG H 145 74.58 -38.81 2.77
C ARG H 145 74.73 -39.61 1.48
N ARG H 146 75.22 -38.94 0.44
CA ARG H 146 75.30 -39.57 -0.86
C ARG H 146 76.70 -40.11 -1.13
N SER I 2 -35.99 -45.55 -47.26
CA SER I 2 -36.53 -45.27 -45.94
C SER I 2 -36.04 -46.26 -44.89
N VAL I 3 -35.87 -47.52 -45.29
CA VAL I 3 -35.42 -48.56 -44.38
C VAL I 3 -33.92 -48.39 -44.23
N VAL I 4 -33.50 -47.76 -43.12
CA VAL I 4 -32.10 -47.38 -42.91
C VAL I 4 -31.55 -47.99 -41.63
N GLY I 5 -31.97 -49.21 -41.29
CA GLY I 5 -31.50 -49.80 -40.05
C GLY I 5 -32.28 -49.41 -38.82
N SER I 6 -33.53 -49.90 -38.74
CA SER I 6 -34.47 -49.70 -37.64
C SER I 6 -34.93 -48.26 -37.49
N LEU I 7 -34.71 -47.45 -38.51
CA LEU I 7 -35.43 -46.21 -38.68
C LEU I 7 -36.13 -46.25 -40.03
N ILE I 8 -37.30 -45.66 -40.06
CA ILE I 8 -38.13 -45.59 -41.26
C ILE I 8 -38.68 -44.19 -41.38
N PHE I 9 -38.54 -43.59 -42.56
CA PHE I 9 -38.96 -42.22 -42.79
C PHE I 9 -39.99 -42.19 -43.89
N CYS I 10 -40.75 -41.11 -43.94
CA CYS I 10 -41.70 -40.92 -45.03
C CYS I 10 -40.97 -40.55 -46.32
N LEU I 11 -41.63 -40.75 -47.44
CA LEU I 11 -41.09 -40.36 -48.72
C LEU I 11 -41.80 -39.19 -49.35
N ASP I 12 -43.00 -38.83 -48.88
CA ASP I 12 -43.64 -37.62 -49.36
C ASP I 12 -43.07 -36.40 -48.65
N CYS I 13 -43.29 -36.31 -47.35
CA CYS I 13 -42.61 -35.29 -46.56
C CYS I 13 -41.27 -35.86 -46.12
N GLY I 14 -40.62 -35.22 -45.15
CA GLY I 14 -39.37 -35.78 -44.69
C GLY I 14 -39.54 -36.57 -43.42
N ASP I 15 -40.67 -36.38 -42.75
CA ASP I 15 -40.82 -36.69 -41.33
C ASP I 15 -40.78 -38.19 -41.06
N LEU I 16 -40.54 -38.51 -39.79
CA LEU I 16 -40.33 -39.88 -39.35
C LEU I 16 -41.65 -40.63 -39.26
N LEU I 17 -41.64 -41.86 -39.74
CA LEU I 17 -42.74 -42.79 -39.48
C LEU I 17 -42.45 -43.50 -38.17
N GLU I 18 -43.51 -43.77 -37.40
CA GLU I 18 -43.32 -44.34 -36.07
C GLU I 18 -42.94 -45.82 -36.15
N ASN I 19 -42.71 -46.41 -34.99
CA ASN I 19 -42.40 -47.83 -34.92
C ASN I 19 -43.63 -48.67 -35.26
N PRO I 20 -43.51 -49.61 -36.20
CA PRO I 20 -44.70 -50.36 -36.65
C PRO I 20 -45.23 -51.33 -35.61
N ASN I 21 -44.48 -51.63 -34.57
CA ASN I 21 -44.95 -52.50 -33.50
C ASN I 21 -45.70 -51.75 -32.42
N ALA I 22 -46.09 -50.50 -32.67
CA ALA I 22 -46.87 -49.72 -31.73
C ALA I 22 -48.18 -49.20 -32.28
N VAL I 23 -48.41 -49.32 -33.58
CA VAL I 23 -49.67 -48.91 -34.18
C VAL I 23 -50.71 -49.98 -33.88
N LEU I 24 -51.98 -49.66 -34.12
CA LEU I 24 -53.07 -50.59 -33.82
C LEU I 24 -53.60 -51.29 -35.06
N GLY I 25 -53.91 -50.54 -36.10
CA GLY I 25 -54.54 -51.08 -37.28
C GLY I 25 -53.60 -51.86 -38.18
N SER I 26 -54.00 -51.99 -39.43
CA SER I 26 -53.25 -52.76 -40.41
C SER I 26 -52.31 -51.90 -41.24
N ASN I 27 -52.27 -50.59 -40.99
CA ASN I 27 -51.40 -49.69 -41.75
C ASN I 27 -50.86 -48.61 -40.83
N VAL I 28 -49.76 -48.01 -41.26
CA VAL I 28 -49.18 -46.86 -40.59
C VAL I 28 -49.34 -45.65 -41.50
N GLU I 29 -49.43 -44.47 -40.89
CA GLU I 29 -49.72 -43.24 -41.61
C GLU I 29 -48.95 -42.10 -40.95
N CYS I 30 -48.38 -41.22 -41.78
CA CYS I 30 -47.55 -40.13 -41.30
C CYS I 30 -48.34 -39.16 -40.44
N SER I 31 -47.64 -38.49 -39.54
CA SER I 31 -48.27 -37.55 -38.63
C SER I 31 -48.23 -36.12 -39.16
N GLN I 32 -47.57 -35.89 -40.29
CA GLN I 32 -47.57 -34.59 -40.94
C GLN I 32 -48.23 -34.62 -42.30
N CYS I 33 -47.74 -35.46 -43.21
CA CYS I 33 -48.28 -35.50 -44.56
C CYS I 33 -49.43 -36.48 -44.72
N LYS I 34 -49.70 -37.28 -43.67
CA LYS I 34 -50.87 -38.18 -43.58
C LYS I 34 -50.91 -39.21 -44.70
N ALA I 35 -49.76 -39.63 -45.21
CA ALA I 35 -49.72 -40.68 -46.22
C ALA I 35 -49.74 -42.05 -45.56
N ILE I 36 -50.72 -42.86 -45.94
CA ILE I 36 -50.93 -44.17 -45.34
C ILE I 36 -49.95 -45.14 -45.99
N TYR I 37 -49.32 -45.98 -45.17
CA TYR I 37 -48.26 -46.87 -45.66
C TYR I 37 -48.57 -48.33 -45.33
N PRO I 38 -48.17 -49.26 -46.19
CA PRO I 38 -48.40 -50.68 -45.91
C PRO I 38 -47.47 -51.21 -44.83
N LYS I 39 -48.07 -51.87 -43.84
CA LYS I 39 -47.28 -52.48 -42.78
C LYS I 39 -46.48 -53.69 -43.27
N SER I 40 -46.86 -54.29 -44.39
CA SER I 40 -46.11 -55.41 -44.95
C SER I 40 -45.05 -54.93 -45.94
N GLN I 41 -44.26 -53.96 -45.49
CA GLN I 41 -43.06 -53.51 -46.16
C GLN I 41 -41.92 -53.34 -45.18
N PHE I 42 -42.15 -53.56 -43.90
CA PHE I 42 -41.22 -53.24 -42.82
C PHE I 42 -40.72 -54.56 -42.25
N SER I 43 -40.29 -55.44 -43.15
CA SER I 43 -40.00 -56.83 -42.80
C SER I 43 -38.70 -56.91 -42.02
N ASN I 44 -38.83 -56.91 -40.69
CA ASN I 44 -37.80 -57.36 -39.74
C ASN I 44 -36.52 -56.53 -39.85
N LEU I 45 -36.65 -55.28 -39.41
CA LEU I 45 -35.49 -54.42 -39.19
C LEU I 45 -34.52 -55.09 -38.23
N LYS I 46 -33.22 -54.99 -38.53
CA LYS I 46 -32.21 -55.60 -37.70
C LYS I 46 -30.99 -54.71 -37.60
N VAL I 47 -30.31 -54.80 -36.47
CA VAL I 47 -29.12 -54.00 -36.19
C VAL I 47 -28.02 -54.93 -35.71
N VAL I 48 -26.78 -54.61 -36.09
CA VAL I 48 -25.60 -55.34 -35.65
C VAL I 48 -24.70 -54.37 -34.89
N THR I 49 -24.52 -54.62 -33.61
CA THR I 49 -23.84 -53.67 -32.72
C THR I 49 -22.73 -54.36 -31.95
N THR I 50 -21.54 -54.38 -32.53
CA THR I 50 -20.37 -54.92 -31.84
C THR I 50 -19.98 -54.01 -30.70
N THR I 51 -19.44 -54.59 -29.63
CA THR I 51 -18.84 -53.77 -28.60
C THR I 51 -17.56 -53.11 -29.13
N ALA I 52 -17.11 -52.10 -28.39
CA ALA I 52 -15.91 -51.37 -28.75
C ALA I 52 -14.68 -52.25 -28.60
N ASP I 53 -13.59 -51.82 -29.22
CA ASP I 53 -12.33 -52.53 -29.06
C ASP I 53 -11.79 -52.39 -27.65
N ASP I 54 -11.81 -51.17 -27.12
CA ASP I 54 -11.14 -50.88 -25.86
C ASP I 54 -12.11 -50.94 -24.70
N ALA I 55 -13.05 -51.88 -24.73
CA ALA I 55 -14.04 -51.97 -23.67
C ALA I 55 -13.77 -53.09 -22.68
N PHE I 56 -12.99 -54.10 -23.07
CA PHE I 56 -12.63 -55.21 -22.19
C PHE I 56 -11.12 -55.31 -22.11
N PRO I 57 -10.49 -54.51 -21.26
CA PRO I 57 -9.03 -54.55 -21.15
C PRO I 57 -8.61 -55.68 -20.20
N SER I 58 -7.67 -56.49 -20.66
CA SER I 58 -7.13 -57.56 -19.84
C SER I 58 -5.76 -57.93 -20.36
N SER I 59 -5.13 -58.91 -19.70
CA SER I 59 -3.80 -59.35 -20.10
C SER I 59 -3.83 -60.07 -21.44
N LEU I 60 -4.92 -60.76 -21.73
CA LEU I 60 -5.01 -61.46 -23.01
C LEU I 60 -5.25 -60.48 -24.15
N ARG I 61 -6.02 -59.43 -23.88
CA ARG I 61 -6.25 -58.40 -24.88
C ARG I 61 -4.96 -57.67 -25.19
N ALA I 62 -4.14 -57.42 -24.17
CA ALA I 62 -2.89 -56.72 -24.39
C ALA I 62 -1.86 -57.61 -25.07
N LYS I 63 -1.98 -58.92 -24.94
CA LYS I 63 -1.10 -59.84 -25.66
C LYS I 63 -1.58 -60.13 -27.07
N LYS I 64 -2.74 -59.62 -27.45
CA LYS I 64 -3.14 -59.65 -28.85
C LYS I 64 -2.42 -58.59 -29.66
N SER I 65 -1.83 -57.60 -29.00
CA SER I 65 -1.15 -56.52 -29.69
C SER I 65 0.19 -56.99 -30.24
N VAL I 66 0.89 -56.05 -30.88
CA VAL I 66 2.19 -56.31 -31.46
C VAL I 66 3.31 -55.60 -30.72
N VAL I 67 3.04 -54.46 -30.09
CA VAL I 67 4.03 -53.72 -29.33
C VAL I 67 4.08 -54.27 -27.92
N LYS I 68 5.17 -54.00 -27.20
CA LYS I 68 5.28 -54.46 -25.83
C LYS I 68 4.37 -53.66 -24.93
N THR I 69 3.58 -54.35 -24.12
CA THR I 69 2.72 -53.69 -23.15
C THR I 69 3.21 -53.83 -21.72
N SER I 70 3.99 -54.86 -21.39
CA SER I 70 4.52 -55.08 -20.06
C SER I 70 5.99 -55.39 -20.19
N LEU I 71 6.80 -54.78 -19.32
CA LEU I 71 8.25 -54.82 -19.44
C LEU I 71 8.87 -55.46 -18.22
N LYS I 72 9.74 -56.44 -18.47
CA LYS I 72 10.52 -57.09 -17.40
C LYS I 72 11.50 -56.07 -16.81
N LYS I 73 11.82 -56.26 -15.53
CA LYS I 73 12.42 -55.21 -14.70
C LYS I 73 13.86 -54.85 -15.10
N ASN I 74 14.44 -55.54 -16.07
CA ASN I 74 15.75 -55.18 -16.61
C ASN I 74 15.69 -53.85 -17.35
N MET J 1 25.85 9.52 -14.40
CA MET J 1 25.42 10.84 -14.81
C MET J 1 26.52 11.57 -15.55
N ILE J 2 27.52 12.03 -14.80
CA ILE J 2 28.64 12.76 -15.35
C ILE J 2 29.88 11.89 -15.14
N VAL J 3 30.97 12.22 -15.85
CA VAL J 3 32.20 11.43 -15.78
C VAL J 3 32.79 11.51 -14.37
N PRO J 4 33.17 10.40 -13.76
CA PRO J 4 33.69 10.47 -12.39
C PRO J 4 35.11 10.98 -12.38
N VAL J 5 35.46 11.69 -11.32
CA VAL J 5 36.77 12.34 -11.23
C VAL J 5 37.88 11.29 -11.14
N ARG J 6 37.85 10.48 -10.10
CA ARG J 6 38.86 9.45 -9.86
C ARG J 6 38.36 8.11 -10.39
N CYS J 7 39.26 7.34 -10.96
CA CYS J 7 38.96 5.95 -11.30
C CYS J 7 38.78 5.14 -10.04
N PHE J 8 37.89 4.16 -10.10
CA PHE J 8 37.46 3.48 -8.88
C PHE J 8 38.55 2.57 -8.34
N SER J 9 39.19 1.79 -9.20
CA SER J 9 40.09 0.74 -8.72
C SER J 9 41.46 1.29 -8.35
N CYS J 10 42.09 2.03 -9.25
CA CYS J 10 43.44 2.55 -8.99
C CYS J 10 43.41 3.88 -8.27
N GLY J 11 42.71 4.88 -8.80
CA GLY J 11 42.60 6.15 -8.14
C GLY J 11 43.14 7.29 -8.99
N LYS J 12 43.44 6.98 -10.24
CA LYS J 12 44.02 7.94 -11.16
C LYS J 12 43.00 8.99 -11.52
N VAL J 13 43.44 10.25 -11.61
CA VAL J 13 42.54 11.35 -11.92
C VAL J 13 42.17 11.28 -13.39
N VAL J 14 40.93 10.88 -13.67
CA VAL J 14 40.50 10.51 -14.99
C VAL J 14 39.30 11.32 -15.44
N GLY J 15 38.78 12.19 -14.59
CA GLY J 15 37.58 12.93 -14.92
C GLY J 15 37.75 14.04 -15.90
N ASP J 16 38.96 14.37 -16.32
CA ASP J 16 39.16 15.50 -17.22
C ASP J 16 39.40 15.11 -18.66
N LYS J 17 39.55 13.82 -18.93
CA LYS J 17 39.85 13.38 -20.29
C LYS J 17 38.62 13.17 -21.13
N TRP J 18 37.43 13.48 -20.62
CA TRP J 18 36.20 13.09 -21.29
C TRP J 18 35.95 13.93 -22.52
N GLU J 19 36.10 15.25 -22.41
CA GLU J 19 35.93 16.10 -23.58
C GLU J 19 37.09 15.96 -24.55
N SER J 20 38.29 15.66 -24.05
CA SER J 20 39.42 15.44 -24.94
C SER J 20 39.34 14.06 -25.60
N TYR J 21 38.54 13.16 -25.04
CA TYR J 21 38.25 11.90 -25.71
C TYR J 21 37.24 12.09 -26.82
N LEU J 22 36.18 12.86 -26.54
CA LEU J 22 35.16 13.10 -27.56
C LEU J 22 35.64 14.06 -28.63
N ASN J 23 36.76 14.74 -28.40
CA ASN J 23 37.40 15.50 -29.46
C ASN J 23 38.20 14.60 -30.37
N LEU J 24 39.01 13.70 -29.81
CA LEU J 24 39.82 12.80 -30.61
C LEU J 24 38.97 11.77 -31.33
N LEU J 25 37.80 11.47 -30.80
CA LEU J 25 36.93 10.51 -31.46
C LEU J 25 36.13 11.15 -32.59
N GLN J 26 35.98 12.47 -32.57
CA GLN J 26 35.19 13.16 -33.58
C GLN J 26 36.06 13.79 -34.66
N GLU J 27 37.06 14.59 -34.26
CA GLU J 27 37.83 15.36 -35.23
C GLU J 27 38.82 14.51 -35.97
N ASP J 28 39.69 13.79 -35.26
CA ASP J 28 40.69 13.00 -35.94
C ASP J 28 40.17 11.66 -36.45
N GLU J 29 38.94 11.30 -36.06
CA GLU J 29 38.19 10.18 -36.63
C GLU J 29 38.90 8.84 -36.43
N LEU J 30 39.20 8.55 -35.17
CA LEU J 30 39.86 7.31 -34.79
C LEU J 30 38.86 6.26 -34.34
N ASP J 31 39.37 5.13 -33.90
CA ASP J 31 38.54 4.12 -33.27
C ASP J 31 38.52 4.39 -31.77
N GLU J 32 38.00 3.46 -30.98
CA GLU J 32 38.05 3.62 -29.55
C GLU J 32 39.33 3.07 -28.95
N GLY J 33 40.21 2.52 -29.77
CA GLY J 33 41.32 1.77 -29.23
C GLY J 33 42.62 2.55 -29.17
N THR J 34 42.92 3.29 -30.23
CA THR J 34 44.10 4.15 -30.18
C THR J 34 43.78 5.48 -29.51
N ALA J 35 42.50 5.81 -29.40
CA ALA J 35 42.14 7.08 -28.76
C ALA J 35 42.39 7.03 -27.28
N LEU J 36 42.09 5.89 -26.63
CA LEU J 36 42.24 5.78 -25.19
C LEU J 36 43.70 5.76 -24.79
N SER J 37 44.53 5.04 -25.55
CA SER J 37 45.95 4.97 -25.23
C SER J 37 46.68 6.25 -25.56
N ARG J 38 46.08 7.12 -26.36
CA ARG J 38 46.68 8.41 -26.63
C ARG J 38 46.62 9.32 -25.40
N LEU J 39 45.55 9.21 -24.63
CA LEU J 39 45.41 9.98 -23.41
C LEU J 39 46.22 9.42 -22.25
N GLY J 40 46.83 8.27 -22.42
CA GLY J 40 47.57 7.68 -21.32
C GLY J 40 46.68 6.95 -20.34
N LEU J 41 45.93 5.98 -20.85
CA LEU J 41 45.18 5.03 -20.04
C LEU J 41 45.77 3.67 -20.34
N LYS J 42 46.85 3.33 -19.63
CA LYS J 42 47.63 2.15 -19.94
C LYS J 42 47.13 0.90 -19.23
N ARG J 43 46.45 1.04 -18.10
CA ARG J 43 45.85 -0.11 -17.44
C ARG J 43 44.51 -0.42 -18.10
N TYR J 44 43.74 -1.32 -17.50
CA TYR J 44 42.38 -1.53 -17.92
C TYR J 44 41.37 -1.26 -16.81
N CYS J 45 41.82 -0.78 -15.66
CA CYS J 45 40.89 -0.37 -14.63
C CYS J 45 40.43 1.05 -14.86
N CYS J 46 41.37 1.93 -15.23
CA CYS J 46 41.01 3.31 -15.56
C CYS J 46 40.56 3.43 -17.00
N ARG J 47 40.85 2.43 -17.82
CA ARG J 47 40.53 2.50 -19.22
C ARG J 47 39.06 2.28 -19.49
N ARG J 48 38.37 1.53 -18.64
CA ARG J 48 36.96 1.29 -18.85
C ARG J 48 36.09 2.48 -18.44
N MET J 49 36.63 3.43 -17.68
CA MET J 49 35.80 4.52 -17.19
C MET J 49 35.51 5.53 -18.28
N ILE J 50 36.49 5.80 -19.13
CA ILE J 50 36.26 6.66 -20.28
C ILE J 50 35.53 5.89 -21.37
N LEU J 51 35.85 4.61 -21.53
CA LEU J 51 35.38 3.85 -22.68
C LEU J 51 33.89 3.56 -22.60
N THR J 52 33.40 3.15 -21.44
CA THR J 52 32.02 2.69 -21.30
C THR J 52 31.17 3.67 -20.53
N HIS J 53 31.41 4.95 -20.71
CA HIS J 53 30.66 5.93 -19.95
C HIS J 53 29.44 6.35 -20.74
N VAL J 54 28.32 6.47 -20.06
CA VAL J 54 27.11 7.02 -20.65
C VAL J 54 26.86 8.37 -20.01
N ASP J 55 26.90 9.43 -20.83
CA ASP J 55 26.84 10.79 -20.32
C ASP J 55 25.39 11.20 -20.25
N LEU J 56 24.74 10.76 -19.18
CA LEU J 56 23.30 10.91 -19.08
C LEU J 56 22.91 12.27 -18.52
N ILE J 57 23.87 13.17 -18.29
CA ILE J 57 23.49 14.49 -17.80
C ILE J 57 22.88 15.29 -18.93
N GLU J 58 23.22 14.98 -20.19
CA GLU J 58 22.71 15.76 -21.31
C GLU J 58 21.23 15.53 -21.56
N LYS J 59 20.67 14.47 -21.00
CA LYS J 59 19.22 14.32 -21.02
C LYS J 59 18.58 14.97 -19.82
N PHE J 60 19.32 15.12 -18.72
CA PHE J 60 18.73 15.73 -17.54
C PHE J 60 18.66 17.23 -17.65
N LEU J 61 19.47 17.83 -18.51
CA LEU J 61 19.54 19.28 -18.59
C LEU J 61 18.37 19.88 -19.37
N ARG J 62 17.80 19.15 -20.31
CA ARG J 62 16.72 19.66 -21.14
C ARG J 62 15.44 19.90 -20.36
N TYR J 63 15.29 19.33 -19.18
CA TYR J 63 14.13 19.55 -18.34
C TYR J 63 14.53 20.65 -17.37
N ASN J 64 14.38 21.88 -17.81
CA ASN J 64 14.87 23.06 -17.08
C ASN J 64 13.72 23.97 -16.74
N PRO J 65 13.37 24.12 -15.46
CA PRO J 65 12.26 25.01 -15.08
C PRO J 65 12.66 26.44 -14.78
N LEU J 66 13.84 26.89 -15.18
CA LEU J 66 14.26 28.27 -14.99
C LEU J 66 14.39 29.04 -16.29
N GLU J 67 13.74 28.58 -17.35
CA GLU J 67 13.76 29.29 -18.62
C GLU J 67 12.53 28.86 -19.39
N LYS J 68 11.82 29.83 -19.95
CA LYS J 68 10.61 29.54 -20.70
C LYS J 68 10.96 28.96 -22.06
N ARG J 69 10.38 27.80 -22.36
CA ARG J 69 10.70 27.03 -23.56
C ARG J 69 9.99 27.52 -24.81
N PRO K 42 54.86 12.02 27.98
CA PRO K 42 54.78 10.96 26.99
C PRO K 42 53.45 10.21 27.08
N ASP K 43 53.19 9.34 26.11
CA ASP K 43 51.91 8.65 26.05
C ASP K 43 51.93 7.39 26.91
N ARG K 44 50.82 7.17 27.62
CA ARG K 44 50.67 6.00 28.47
C ARG K 44 49.74 4.97 27.87
N GLU K 45 49.25 5.19 26.66
CA GLU K 45 48.21 4.33 26.08
C GLU K 45 48.63 3.71 24.76
N LYS K 46 49.89 3.86 24.35
CA LYS K 46 50.29 3.25 23.10
C LYS K 46 50.53 1.76 23.30
N ILE K 47 51.49 1.39 24.14
CA ILE K 47 51.86 0.01 24.33
C ILE K 47 51.71 -0.33 25.80
N LYS K 48 51.09 -1.47 26.09
CA LYS K 48 50.98 -1.92 27.47
C LYS K 48 51.25 -3.41 27.54
N LEU K 49 52.04 -3.82 28.53
CA LEU K 49 52.32 -5.22 28.74
C LEU K 49 51.16 -5.90 29.46
N LEU K 50 50.82 -7.10 29.03
CA LEU K 50 49.71 -7.84 29.62
C LEU K 50 50.20 -8.71 30.76
N THR K 51 49.32 -8.94 31.74
CA THR K 51 49.69 -9.67 32.94
C THR K 51 49.25 -11.13 32.87
N GLN K 52 48.16 -11.44 32.16
CA GLN K 52 47.69 -12.81 32.02
C GLN K 52 48.65 -13.71 31.25
N ALA K 53 49.59 -13.14 30.52
CA ALA K 53 50.55 -13.89 29.71
C ALA K 53 51.95 -13.35 29.94
N THR K 54 52.38 -13.34 31.19
CA THR K 54 53.76 -12.97 31.51
C THR K 54 54.28 -13.89 32.61
N SER K 55 55.53 -14.33 32.45
CA SER K 55 56.18 -15.11 33.48
C SER K 55 56.55 -14.24 34.67
N GLU K 56 56.95 -14.87 35.77
CA GLU K 56 57.34 -14.14 36.97
C GLU K 56 58.63 -13.37 36.73
N ASP K 57 59.68 -14.09 36.32
CA ASP K 57 60.97 -13.47 36.05
C ASP K 57 60.99 -12.62 34.78
N GLY K 58 59.97 -12.72 33.94
CA GLY K 58 59.84 -11.82 32.81
C GLY K 58 60.72 -12.18 31.64
N THR K 59 60.72 -13.44 31.24
CA THR K 59 61.39 -13.87 30.03
C THR K 59 60.42 -14.31 28.94
N SER K 60 59.13 -14.07 29.13
CA SER K 60 58.12 -14.43 28.15
C SER K 60 56.90 -13.56 28.39
N ALA K 61 56.74 -12.52 27.57
CA ALA K 61 55.67 -11.56 27.79
C ALA K 61 55.02 -11.24 26.47
N SER K 62 53.79 -10.73 26.52
CA SER K 62 53.04 -10.43 25.31
C SER K 62 52.30 -9.11 25.45
N PHE K 63 52.61 -8.17 24.57
CA PHE K 63 52.13 -6.79 24.64
C PHE K 63 50.83 -6.59 23.88
N GLN K 64 50.46 -5.33 23.72
CA GLN K 64 49.30 -4.93 22.92
C GLN K 64 49.47 -3.49 22.52
N ILE K 65 49.77 -3.25 21.25
CA ILE K 65 49.97 -1.92 20.73
C ILE K 65 48.67 -1.44 20.12
N VAL K 66 48.40 -0.16 20.23
CA VAL K 66 47.18 0.43 19.72
C VAL K 66 47.53 1.16 18.42
N GLU K 67 46.58 1.18 17.48
CA GLU K 67 46.67 1.89 16.20
C GLU K 67 47.79 1.35 15.31
N GLU K 68 47.99 0.03 15.33
CA GLU K 68 48.94 -0.62 14.46
C GLU K 68 48.27 -1.77 13.73
N ASP K 69 48.94 -2.26 12.69
CA ASP K 69 48.42 -3.24 11.74
C ASP K 69 49.58 -4.10 11.27
N HIS K 70 49.41 -4.74 10.12
CA HIS K 70 50.49 -5.50 9.50
C HIS K 70 51.63 -4.61 9.01
N THR K 71 51.45 -3.29 8.99
CA THR K 71 52.49 -2.38 8.55
C THR K 71 53.69 -2.42 9.47
N LEU K 72 53.46 -2.19 10.76
CA LEU K 72 54.52 -2.29 11.74
C LEU K 72 54.69 -3.73 12.21
N GLY K 73 53.60 -4.47 12.31
CA GLY K 73 53.64 -5.76 12.98
C GLY K 73 54.42 -6.83 12.24
N ASN K 74 54.40 -6.78 10.90
CA ASN K 74 55.21 -7.73 10.16
C ASN K 74 56.62 -7.18 9.94
N ALA K 75 56.81 -5.88 10.12
CA ALA K 75 58.15 -5.33 10.01
C ALA K 75 58.89 -5.41 11.34
N LEU K 76 58.14 -5.41 12.45
CA LEU K 76 58.76 -5.63 13.75
C LEU K 76 59.10 -7.11 13.95
N ARG K 77 58.24 -8.00 13.45
CA ARG K 77 58.43 -9.42 13.67
C ARG K 77 59.62 -9.96 12.89
N TYR K 78 60.02 -9.27 11.82
CA TYR K 78 61.13 -9.75 11.03
C TYR K 78 62.46 -9.43 11.70
N VAL K 79 62.55 -8.29 12.36
CA VAL K 79 63.83 -7.86 12.89
C VAL K 79 64.03 -8.34 14.33
N ILE K 80 62.97 -8.75 15.01
CA ILE K 80 63.15 -9.37 16.31
C ILE K 80 63.73 -10.76 16.16
N MET K 81 63.22 -11.53 15.20
CA MET K 81 63.65 -12.91 14.99
C MET K 81 65.09 -13.02 14.51
N LYS K 82 65.69 -11.94 14.01
CA LYS K 82 67.11 -11.96 13.71
C LYS K 82 67.98 -11.90 14.96
N ASN K 83 67.42 -11.49 16.08
CA ASN K 83 68.17 -11.48 17.33
C ASN K 83 68.28 -12.90 17.87
N PRO K 84 69.48 -13.42 18.10
CA PRO K 84 69.65 -14.85 18.33
C PRO K 84 69.25 -15.35 19.70
N ASP K 85 68.55 -14.57 20.50
CA ASP K 85 68.06 -15.05 21.78
C ASP K 85 66.55 -15.26 21.80
N VAL K 86 65.85 -14.93 20.71
CA VAL K 86 64.40 -15.00 20.69
C VAL K 86 64.00 -16.38 20.21
N GLU K 87 63.31 -17.14 21.05
CA GLU K 87 62.82 -18.45 20.65
C GLU K 87 61.56 -18.32 19.80
N PHE K 88 60.66 -17.45 20.21
CA PHE K 88 59.31 -17.35 19.66
C PHE K 88 59.01 -15.88 19.42
N CYS K 89 58.43 -15.57 18.26
CA CYS K 89 57.95 -14.22 18.00
C CYS K 89 56.89 -14.26 16.91
N GLY K 90 55.78 -13.57 17.12
CA GLY K 90 54.76 -13.48 16.10
C GLY K 90 53.65 -12.55 16.55
N TYR K 91 53.05 -11.87 15.60
CA TYR K 91 51.95 -10.96 15.88
C TYR K 91 50.63 -11.63 15.58
N SER K 92 49.55 -11.03 16.06
CA SER K 92 48.22 -11.47 15.70
C SER K 92 47.25 -10.35 15.97
N ILE K 93 46.45 -10.01 14.97
CA ILE K 93 45.47 -8.93 15.08
C ILE K 93 44.15 -9.55 15.52
N PRO K 94 43.67 -9.24 16.72
CA PRO K 94 42.55 -10.00 17.28
C PRO K 94 41.22 -9.76 16.59
N HIS K 95 41.05 -8.65 15.90
CA HIS K 95 39.88 -8.40 15.08
C HIS K 95 40.24 -7.32 14.07
N PRO K 96 39.89 -7.47 12.79
CA PRO K 96 40.22 -6.43 11.81
C PRO K 96 39.32 -5.20 11.88
N SER K 97 38.20 -5.25 12.60
CA SER K 97 37.38 -4.07 12.74
C SER K 97 38.02 -3.09 13.71
N GLU K 98 38.20 -3.50 14.96
CA GLU K 98 38.87 -2.66 15.92
C GLU K 98 40.36 -2.66 15.66
N ASN K 99 41.06 -1.70 16.24
CA ASN K 99 42.44 -1.41 15.88
C ASN K 99 43.37 -1.70 17.05
N LEU K 100 43.86 -2.93 17.11
CA LEU K 100 44.82 -3.37 18.11
C LEU K 100 45.82 -4.27 17.43
N LEU K 101 46.87 -4.64 18.15
CA LEU K 101 47.91 -5.50 17.62
C LEU K 101 48.67 -6.11 18.78
N ASN K 102 48.73 -7.43 18.84
CA ASN K 102 49.41 -8.12 19.93
C ASN K 102 50.72 -8.67 19.42
N ILE K 103 51.79 -8.50 20.19
CA ILE K 103 53.08 -9.09 19.90
C ILE K 103 53.39 -10.07 21.01
N ARG K 104 53.98 -11.21 20.67
CA ARG K 104 54.42 -12.18 21.66
C ARG K 104 55.91 -12.37 21.53
N ILE K 105 56.63 -12.37 22.65
CA ILE K 105 58.06 -12.61 22.66
C ILE K 105 58.37 -13.60 23.77
N GLN K 106 59.05 -14.70 23.43
CA GLN K 106 59.53 -15.69 24.39
C GLN K 106 61.03 -15.89 24.16
N THR K 107 61.83 -15.62 25.17
CA THR K 107 63.27 -15.80 25.05
C THR K 107 63.72 -17.01 25.82
N TYR K 108 65.02 -17.28 25.78
CA TYR K 108 65.57 -18.46 26.41
C TYR K 108 65.90 -18.24 27.87
N GLY K 109 66.28 -17.03 28.24
CA GLY K 109 66.61 -16.72 29.61
C GLY K 109 67.79 -15.77 29.72
N GLU K 110 68.43 -15.51 28.59
CA GLU K 110 69.61 -14.66 28.59
C GLU K 110 69.25 -13.20 28.81
N THR K 111 68.03 -12.81 28.45
CA THR K 111 67.55 -11.46 28.71
C THR K 111 66.05 -11.52 28.95
N THR K 112 65.43 -10.34 29.04
CA THR K 112 64.00 -10.27 29.28
C THR K 112 63.28 -10.25 27.94
N ALA K 113 61.95 -10.22 28.01
CA ALA K 113 61.16 -10.02 26.80
C ALA K 113 61.28 -8.58 26.33
N VAL K 114 61.27 -7.63 27.25
CA VAL K 114 61.19 -6.22 26.89
C VAL K 114 62.51 -5.73 26.30
N ASP K 115 63.64 -6.22 26.79
CA ASP K 115 64.92 -5.87 26.20
C ASP K 115 65.06 -6.50 24.82
N ALA K 116 64.44 -7.66 24.60
CA ALA K 116 64.43 -8.25 23.27
C ALA K 116 63.56 -7.44 22.33
N LEU K 117 62.52 -6.81 22.86
CA LEU K 117 61.66 -5.94 22.05
C LEU K 117 62.39 -4.68 21.67
N GLN K 118 63.03 -4.02 22.63
CA GLN K 118 63.61 -2.71 22.36
C GLN K 118 64.90 -2.78 21.56
N LYS K 119 65.53 -3.95 21.46
CA LYS K 119 66.68 -4.03 20.58
C LYS K 119 66.24 -4.13 19.13
N GLY K 120 65.05 -4.67 18.89
CA GLY K 120 64.52 -4.69 17.53
C GLY K 120 64.08 -3.32 17.06
N LEU K 121 63.49 -2.53 17.96
CA LEU K 121 63.05 -1.18 17.63
C LEU K 121 64.24 -0.28 17.33
N LYS K 122 65.36 -0.50 18.00
CA LYS K 122 66.57 0.20 17.63
C LYS K 122 67.07 -0.25 16.27
N ASP K 123 66.97 -1.55 16.00
CA ASP K 123 67.56 -2.06 14.78
C ASP K 123 66.65 -1.81 13.59
N LEU K 124 65.37 -1.55 13.84
CA LEU K 124 64.48 -1.10 12.77
C LEU K 124 64.77 0.34 12.42
N MET K 125 65.08 1.16 13.43
CA MET K 125 65.38 2.57 13.20
C MET K 125 66.71 2.73 12.48
N ASP K 126 67.62 1.77 12.65
CA ASP K 126 68.86 1.81 11.89
C ASP K 126 68.71 1.12 10.55
N LEU K 127 67.57 0.47 10.31
CA LEU K 127 67.36 -0.18 9.03
C LEU K 127 66.63 0.75 8.06
N CYS K 128 65.78 1.63 8.57
CA CYS K 128 65.20 2.64 7.70
C CYS K 128 66.21 3.73 7.39
N ASP K 129 67.24 3.86 8.22
CA ASP K 129 68.22 4.91 7.97
C ASP K 129 69.24 4.50 6.93
N VAL K 130 69.37 3.20 6.66
CA VAL K 130 70.26 2.77 5.58
C VAL K 130 69.61 3.03 4.24
N VAL K 131 68.32 2.73 4.12
CA VAL K 131 67.61 2.87 2.85
C VAL K 131 67.48 4.35 2.47
N GLU K 132 67.21 5.20 3.45
CA GLU K 132 67.14 6.63 3.19
C GLU K 132 68.50 7.20 2.81
N SER K 133 69.56 6.74 3.47
CA SER K 133 70.90 7.21 3.13
C SER K 133 71.39 6.59 1.83
N LYS K 134 70.83 5.45 1.43
CA LYS K 134 71.20 4.88 0.14
C LYS K 134 70.36 5.47 -0.98
N PHE K 135 69.29 6.18 -0.64
CA PHE K 135 68.41 6.69 -1.69
C PHE K 135 68.80 8.09 -2.13
N THR K 136 69.26 8.94 -1.21
CA THR K 136 69.76 10.26 -1.60
C THR K 136 71.00 10.14 -2.46
N GLU K 137 71.80 9.12 -2.21
CA GLU K 137 73.00 8.91 -3.00
C GLU K 137 72.66 8.53 -4.43
N LYS K 138 71.57 7.79 -4.62
CA LYS K 138 71.19 7.40 -5.97
C LYS K 138 70.37 8.48 -6.68
N ILE K 139 69.70 9.35 -5.93
CA ILE K 139 69.01 10.47 -6.55
C ILE K 139 70.01 11.52 -7.00
N LYS K 140 70.98 11.84 -6.14
CA LYS K 140 71.95 12.89 -6.45
C LYS K 140 72.91 12.45 -7.53
N SER K 141 73.42 11.22 -7.45
CA SER K 141 74.37 10.76 -8.47
C SER K 141 73.70 10.32 -9.76
N MET K 142 72.37 10.37 -9.82
CA MET K 142 71.65 10.13 -11.06
C MET K 142 71.91 11.28 -12.01
N LEU L 27 12.09 37.01 -5.98
CA LEU L 27 10.71 36.67 -5.66
C LEU L 27 10.62 35.22 -5.20
N LYS L 28 9.51 34.88 -4.55
CA LYS L 28 9.40 33.59 -3.90
C LYS L 28 9.20 32.46 -4.91
N TYR L 29 8.07 32.45 -5.61
CA TYR L 29 7.63 31.24 -6.29
C TYR L 29 7.93 31.30 -7.77
N ILE L 30 7.62 30.22 -8.47
CA ILE L 30 7.88 30.06 -9.89
C ILE L 30 6.71 29.29 -10.47
N CYS L 31 6.17 29.77 -11.59
CA CYS L 31 5.08 29.04 -12.21
C CYS L 31 5.59 27.78 -12.88
N ALA L 32 4.69 26.81 -13.03
CA ALA L 32 5.09 25.53 -13.60
C ALA L 32 5.11 25.58 -15.11
N GLU L 33 4.09 26.17 -15.72
CA GLU L 33 3.91 26.06 -17.16
C GLU L 33 4.77 27.04 -17.92
N CYS L 34 4.79 28.31 -17.52
CA CYS L 34 5.50 29.34 -18.26
C CYS L 34 6.82 29.74 -17.62
N SER L 35 7.08 29.31 -16.39
CA SER L 35 8.35 29.51 -15.68
C SER L 35 8.67 30.99 -15.49
N SER L 36 7.71 31.73 -14.94
CA SER L 36 7.89 33.13 -14.63
C SER L 36 7.79 33.33 -13.13
N LYS L 37 8.76 34.06 -12.57
CA LYS L 37 8.80 34.26 -11.13
C LYS L 37 7.70 35.20 -10.66
N LEU L 38 7.16 34.91 -9.49
CA LEU L 38 6.08 35.70 -8.93
C LEU L 38 6.10 35.50 -7.41
N SER L 39 5.18 36.16 -6.73
CA SER L 39 5.02 35.96 -5.30
C SER L 39 3.55 36.09 -4.95
N LEU L 40 3.19 35.51 -3.82
CA LEU L 40 1.81 35.53 -3.36
C LEU L 40 1.74 36.23 -2.01
N SER L 41 0.51 36.48 -1.58
CA SER L 41 0.21 37.09 -0.30
C SER L 41 -0.88 36.28 0.37
N ARG L 42 -1.27 36.71 1.56
CA ARG L 42 -2.41 36.11 2.23
C ARG L 42 -3.70 36.55 1.54
N THR L 43 -4.63 35.60 1.41
CA THR L 43 -5.89 35.75 0.68
C THR L 43 -5.61 36.30 -0.73
N ASP L 44 -4.72 35.60 -1.43
CA ASP L 44 -4.40 35.88 -2.82
C ASP L 44 -4.54 34.60 -3.60
N ALA L 45 -4.94 34.72 -4.86
CA ALA L 45 -5.22 33.56 -5.69
C ALA L 45 -3.94 32.78 -5.97
N VAL L 46 -4.02 31.47 -5.88
CA VAL L 46 -2.88 30.60 -6.18
C VAL L 46 -3.03 30.19 -7.64
N ARG L 47 -2.50 31.06 -8.51
CA ARG L 47 -2.25 30.77 -9.91
C ARG L 47 -1.27 31.81 -10.42
N CYS L 48 -0.67 31.52 -11.56
CA CYS L 48 0.23 32.47 -12.18
C CYS L 48 -0.55 33.66 -12.73
N LYS L 49 0.18 34.70 -13.12
CA LYS L 49 -0.42 35.92 -13.61
C LYS L 49 -0.22 36.11 -15.11
N ASP L 50 0.40 35.15 -15.78
CA ASP L 50 0.53 35.19 -17.23
C ASP L 50 -0.11 34.01 -17.92
N CYS L 51 -0.40 32.94 -17.21
CA CYS L 51 -1.04 31.77 -17.78
C CYS L 51 -2.18 31.24 -16.93
N GLY L 52 -2.21 31.54 -15.63
CA GLY L 52 -3.22 30.98 -14.79
C GLY L 52 -3.01 29.53 -14.44
N HIS L 53 -1.80 29.01 -14.59
CA HIS L 53 -1.53 27.64 -14.18
C HIS L 53 -1.52 27.56 -12.66
N ARG L 54 -2.03 26.47 -12.13
CA ARG L 54 -2.40 26.38 -10.72
C ARG L 54 -1.43 25.58 -9.88
N ILE L 55 -0.19 25.41 -10.32
CA ILE L 55 0.82 24.67 -9.56
C ILE L 55 2.09 25.49 -9.55
N LEU L 56 2.54 25.87 -8.37
CA LEU L 56 3.69 26.76 -8.24
C LEU L 56 4.79 26.09 -7.45
N LEU L 57 6.00 26.16 -7.96
CA LEU L 57 7.16 25.58 -7.31
C LEU L 57 7.80 26.64 -6.43
N LYS L 58 7.93 26.37 -5.14
CA LYS L 58 8.67 27.27 -4.28
C LYS L 58 10.14 27.23 -4.65
N ALA L 59 10.70 28.37 -5.03
CA ALA L 59 12.04 28.37 -5.58
C ALA L 59 13.07 28.39 -4.46
N ARG L 60 14.34 28.28 -4.87
CA ARG L 60 15.46 28.16 -3.95
C ARG L 60 16.13 29.50 -3.74
N THR L 61 16.35 29.86 -2.48
CA THR L 61 16.99 31.10 -2.08
C THR L 61 18.42 30.82 -1.65
N LYS L 62 19.06 31.81 -1.02
CA LYS L 62 20.43 31.65 -0.54
C LYS L 62 20.41 31.30 0.95
N ARG L 63 20.97 30.13 1.29
CA ARG L 63 21.05 29.65 2.66
C ARG L 63 22.46 29.18 2.98
N LEU L 64 22.66 28.47 4.08
CA LEU L 64 24.00 28.01 4.50
C LEU L 64 23.97 26.55 4.94
N VAL L 65 23.53 25.65 4.08
CA VAL L 65 23.63 24.23 4.40
C VAL L 65 25.08 23.79 4.36
N GLN L 66 25.50 23.01 5.36
CA GLN L 66 26.85 22.50 5.45
C GLN L 66 26.86 21.04 5.06
N PHE L 67 27.87 20.65 4.28
CA PHE L 67 28.03 19.27 3.87
C PHE L 67 29.44 18.81 4.16
N GLU L 68 29.60 17.50 4.22
CA GLU L 68 30.89 16.87 4.45
C GLU L 68 31.33 16.25 3.13
N ALA L 69 32.51 16.62 2.66
CA ALA L 69 32.95 16.10 1.38
C ALA L 69 33.63 14.75 1.53
N SER M 8 -10.62 -40.26 -73.73
CA SER M 8 -10.11 -39.21 -72.86
C SER M 8 -10.16 -37.86 -73.54
N GLU M 9 -11.20 -37.64 -74.36
CA GLU M 9 -11.37 -36.38 -75.06
C GLU M 9 -12.82 -36.22 -75.46
N ILE M 10 -13.43 -35.11 -75.05
CA ILE M 10 -14.82 -34.77 -75.36
C ILE M 10 -14.84 -33.45 -76.11
N GLU M 11 -15.62 -33.39 -77.18
CA GLU M 11 -15.86 -32.16 -77.92
C GLU M 11 -17.24 -31.63 -77.59
N ILE M 12 -17.32 -30.34 -77.25
CA ILE M 12 -18.58 -29.72 -76.86
C ILE M 12 -19.47 -29.53 -78.08
N GLU M 13 -20.78 -29.55 -77.86
CA GLU M 13 -21.70 -29.29 -78.95
C GLU M 13 -22.58 -28.06 -78.72
N SER M 14 -23.41 -28.06 -77.67
CA SER M 14 -24.42 -27.02 -77.55
C SER M 14 -24.49 -26.52 -76.12
N VAL M 15 -24.53 -25.20 -75.97
CA VAL M 15 -24.63 -24.55 -74.67
C VAL M 15 -25.98 -23.84 -74.62
N GLN M 16 -26.26 -23.17 -73.51
CA GLN M 16 -27.49 -22.43 -73.35
C GLN M 16 -27.25 -21.29 -72.36
N ASP M 17 -27.89 -20.16 -72.58
CA ASP M 17 -27.85 -19.06 -71.62
C ASP M 17 -29.25 -18.74 -71.11
N GLN M 18 -30.18 -19.68 -71.24
CA GLN M 18 -31.57 -19.43 -70.89
C GLN M 18 -32.01 -20.41 -69.81
N PRO M 19 -32.98 -20.04 -68.98
CA PRO M 19 -33.50 -20.98 -67.98
C PRO M 19 -34.31 -22.09 -68.61
N SER M 20 -33.74 -23.29 -68.67
CA SER M 20 -34.39 -24.46 -69.23
C SER M 20 -34.53 -25.60 -68.24
N VAL M 21 -33.49 -25.87 -67.45
CA VAL M 21 -33.47 -26.98 -66.52
C VAL M 21 -33.07 -26.45 -65.15
N ALA M 22 -33.79 -26.88 -64.12
CA ALA M 22 -33.43 -26.59 -62.73
C ALA M 22 -32.94 -27.87 -62.07
N VAL M 23 -32.41 -27.71 -60.86
CA VAL M 23 -31.92 -28.83 -60.05
C VAL M 23 -32.40 -28.57 -58.63
N GLY M 24 -33.12 -29.52 -58.07
CA GLY M 24 -33.55 -29.38 -56.70
C GLY M 24 -32.71 -30.22 -55.76
N SER M 25 -32.82 -29.91 -54.46
CA SER M 25 -32.16 -30.70 -53.42
C SER M 25 -33.06 -30.68 -52.20
N PHE M 26 -33.84 -31.74 -52.00
CA PHE M 26 -34.84 -31.76 -50.95
C PHE M 26 -34.36 -32.52 -49.72
N PHE M 27 -34.05 -33.81 -49.88
CA PHE M 27 -33.29 -34.64 -48.94
C PHE M 27 -32.91 -35.92 -49.68
N LYS M 28 -32.39 -36.89 -48.95
CA LYS M 28 -32.11 -38.21 -49.50
C LYS M 28 -33.31 -39.11 -49.27
N GLY M 29 -33.62 -39.94 -50.27
CA GLY M 29 -34.79 -40.79 -50.19
C GLY M 29 -36.07 -40.00 -50.29
N PHE M 30 -36.34 -39.47 -51.48
CA PHE M 30 -37.43 -38.54 -51.69
C PHE M 30 -38.20 -38.92 -52.95
N ARG M 31 -39.52 -38.78 -52.91
CA ARG M 31 -40.32 -38.96 -54.11
C ARG M 31 -41.61 -38.16 -53.98
N ALA M 32 -41.88 -37.35 -54.99
CA ALA M 32 -43.09 -36.56 -55.15
C ALA M 32 -43.93 -37.14 -56.29
N PRO M 33 -45.27 -36.94 -56.28
CA PRO M 33 -46.10 -37.51 -57.36
C PRO M 33 -45.92 -36.84 -58.71
N SER M 34 -46.67 -37.33 -59.70
CA SER M 34 -46.52 -36.90 -61.09
C SER M 34 -47.50 -35.81 -61.49
N ASP M 35 -48.48 -35.48 -60.66
CA ASP M 35 -49.41 -34.39 -60.92
C ASP M 35 -48.86 -33.03 -60.49
N THR M 36 -47.65 -32.98 -59.97
CA THR M 36 -47.07 -31.73 -59.50
C THR M 36 -46.53 -30.90 -60.65
N THR M 37 -46.52 -29.58 -60.45
CA THR M 37 -46.12 -28.63 -61.47
C THR M 37 -45.28 -27.55 -60.83
N PHE M 38 -44.08 -27.32 -61.38
CA PHE M 38 -43.08 -26.45 -60.77
C PHE M 38 -43.06 -25.10 -61.46
N ASP M 39 -43.23 -24.03 -60.69
CA ASP M 39 -43.26 -22.67 -61.21
C ASP M 39 -42.00 -21.93 -60.78
N LEU M 40 -41.25 -21.43 -61.75
CA LEU M 40 -39.96 -20.82 -61.52
C LEU M 40 -40.04 -19.31 -61.63
N TYR M 41 -39.42 -18.62 -60.67
CA TYR M 41 -39.34 -17.17 -60.67
C TYR M 41 -37.88 -16.75 -60.73
N LYS M 42 -37.56 -15.76 -61.56
CA LYS M 42 -36.19 -15.31 -61.75
C LYS M 42 -36.09 -13.82 -61.48
N LYS M 43 -35.02 -13.42 -60.80
CA LYS M 43 -34.67 -12.02 -60.59
C LYS M 43 -33.39 -11.71 -61.34
N LYS M 44 -33.32 -10.52 -61.96
CA LYS M 44 -32.06 -10.03 -62.52
C LYS M 44 -31.55 -8.85 -61.68
N LYS M 45 -30.61 -9.16 -60.80
CA LYS M 45 -29.74 -8.18 -60.16
C LYS M 45 -28.50 -8.05 -61.04
N SER M 46 -27.39 -7.60 -60.44
CA SER M 46 -26.11 -7.54 -61.16
C SER M 46 -25.61 -8.92 -61.58
N GLU M 47 -24.44 -8.98 -62.23
CA GLU M 47 -24.14 -10.00 -63.24
C GLU M 47 -24.05 -11.39 -62.59
N LYS M 48 -25.24 -11.95 -62.40
CA LYS M 48 -25.57 -13.16 -61.66
C LYS M 48 -26.95 -13.58 -62.15
N ASP M 49 -27.47 -14.66 -61.57
CA ASP M 49 -28.82 -15.12 -61.89
C ASP M 49 -29.38 -15.88 -60.70
N GLU M 50 -30.56 -15.47 -60.23
CA GLU M 50 -31.16 -16.02 -59.03
C GLU M 50 -32.54 -16.57 -59.36
N PHE M 51 -32.93 -17.61 -58.63
CA PHE M 51 -34.16 -18.33 -58.93
C PHE M 51 -34.87 -18.71 -57.64
N VAL M 52 -36.20 -18.63 -57.65
CA VAL M 52 -37.02 -19.06 -56.53
C VAL M 52 -38.19 -19.85 -57.08
N LEU M 53 -38.38 -21.07 -56.58
CA LEU M 53 -39.34 -22.01 -57.12
C LEU M 53 -40.53 -22.16 -56.19
N HIS M 54 -41.69 -22.47 -56.76
CA HIS M 54 -42.84 -22.91 -56.00
C HIS M 54 -43.62 -23.91 -56.83
N GLY M 55 -43.70 -25.14 -56.34
CA GLY M 55 -44.52 -26.17 -56.92
C GLY M 55 -45.72 -26.43 -56.03
N GLU M 56 -46.62 -27.30 -56.48
CA GLU M 56 -47.81 -27.58 -55.71
C GLU M 56 -48.38 -28.95 -56.04
N ASN M 57 -48.94 -29.59 -55.02
CA ASN M 57 -49.76 -30.79 -55.14
C ASN M 57 -50.93 -30.59 -54.20
N GLU M 58 -51.60 -31.69 -53.81
CA GLU M 58 -52.80 -31.61 -52.99
C GLU M 58 -52.51 -31.04 -51.60
N ARG M 59 -51.50 -31.59 -50.91
CA ARG M 59 -51.28 -31.19 -49.52
C ARG M 59 -49.82 -30.96 -49.16
N LEU M 60 -48.90 -30.94 -50.13
CA LEU M 60 -47.54 -30.50 -49.89
C LEU M 60 -47.12 -29.50 -50.96
N GLU M 61 -46.22 -28.59 -50.60
CA GLU M 61 -45.67 -27.63 -51.55
C GLU M 61 -44.16 -27.64 -51.46
N TYR M 62 -43.53 -27.03 -52.48
CA TYR M 62 -42.09 -27.19 -52.72
C TYR M 62 -41.48 -25.83 -52.99
N GLU M 63 -40.86 -25.23 -51.98
CA GLU M 63 -40.25 -23.92 -52.15
C GLU M 63 -38.87 -24.04 -52.79
N GLY M 64 -38.15 -22.93 -52.82
CA GLY M 64 -36.75 -22.94 -53.16
C GLY M 64 -36.09 -21.59 -53.00
N TYR M 65 -34.97 -21.55 -52.30
CA TYR M 65 -34.15 -20.37 -52.22
C TYR M 65 -32.75 -20.70 -52.74
N THR M 66 -32.41 -20.14 -53.89
CA THR M 66 -31.14 -20.40 -54.52
C THR M 66 -30.08 -19.61 -53.76
N ASP M 67 -28.87 -20.19 -53.65
CA ASP M 67 -27.78 -19.55 -52.94
C ASP M 67 -27.34 -18.28 -53.64
N SER M 68 -26.88 -17.31 -52.85
CA SER M 68 -26.28 -16.12 -53.43
C SER M 68 -24.80 -16.32 -53.71
N SER M 69 -24.12 -17.00 -52.79
CA SER M 69 -22.66 -17.14 -52.90
C SER M 69 -22.26 -18.12 -53.98
N SER M 70 -23.02 -19.21 -54.15
CA SER M 70 -22.64 -20.22 -55.14
C SER M 70 -22.94 -19.78 -56.55
N GLN M 71 -23.98 -18.95 -56.76
CA GLN M 71 -24.36 -18.56 -58.11
C GLN M 71 -23.46 -17.48 -58.70
N ALA M 72 -22.50 -16.97 -57.94
CA ALA M 72 -21.52 -16.04 -58.46
C ALA M 72 -20.13 -16.65 -58.57
N SER M 73 -19.89 -17.81 -57.93
CA SER M 73 -18.57 -18.39 -57.84
C SER M 73 -18.51 -19.86 -58.24
N ASN M 74 -19.65 -20.49 -58.53
CA ASN M 74 -19.70 -21.92 -58.80
C ASN M 74 -20.69 -22.13 -59.94
N GLN M 75 -20.18 -22.54 -61.09
CA GLN M 75 -20.97 -22.66 -62.31
C GLN M 75 -21.47 -24.08 -62.46
N TYR M 76 -22.78 -24.28 -62.24
CA TYR M 76 -23.39 -25.60 -62.29
C TYR M 76 -24.06 -25.79 -63.65
N VAL M 77 -23.48 -26.64 -64.49
CA VAL M 77 -24.00 -26.91 -65.81
C VAL M 77 -24.45 -28.37 -65.85
N VAL M 78 -25.37 -28.67 -66.77
CA VAL M 78 -25.87 -30.02 -66.96
C VAL M 78 -25.68 -30.40 -68.42
N GLY M 79 -24.88 -31.44 -68.65
CA GLY M 79 -24.52 -31.85 -69.99
C GLY M 79 -25.14 -33.19 -70.34
N LEU M 80 -25.40 -33.39 -71.63
CA LEU M 80 -25.96 -34.62 -72.16
C LEU M 80 -24.98 -35.22 -73.15
N PHE M 81 -24.58 -36.47 -72.92
CA PHE M 81 -23.52 -37.11 -73.67
C PHE M 81 -24.05 -38.34 -74.39
N ASN M 82 -23.92 -38.35 -75.71
CA ASN M 82 -24.27 -39.51 -76.51
C ASN M 82 -23.19 -40.58 -76.42
N PRO M 83 -23.57 -41.86 -76.27
CA PRO M 83 -22.56 -42.88 -75.98
C PRO M 83 -21.70 -43.25 -77.18
N GLU M 84 -22.30 -43.38 -78.36
CA GLU M 84 -21.56 -43.82 -79.54
C GLU M 84 -20.63 -42.74 -80.07
N LYS M 85 -20.87 -41.49 -79.71
CA LYS M 85 -20.04 -40.38 -80.14
C LYS M 85 -19.38 -39.75 -78.91
N LYS M 86 -18.68 -38.64 -79.11
CA LYS M 86 -17.92 -37.97 -78.06
C LYS M 86 -18.40 -36.54 -77.86
N SER M 87 -19.71 -36.33 -77.88
CA SER M 87 -20.27 -34.99 -77.87
C SER M 87 -21.06 -34.73 -76.60
N ILE M 88 -20.92 -33.53 -76.05
CA ILE M 88 -21.60 -33.13 -74.82
C ILE M 88 -22.48 -31.93 -75.14
N GLN M 89 -23.65 -31.88 -74.51
CA GLN M 89 -24.67 -30.86 -74.81
C GLN M 89 -25.10 -30.19 -73.52
N LEU M 90 -24.58 -29.00 -73.27
CA LEU M 90 -24.66 -28.34 -71.97
C LEU M 90 -25.87 -27.42 -71.89
N TYR M 91 -26.42 -27.31 -70.68
CA TYR M 91 -27.46 -26.34 -70.37
C TYR M 91 -27.25 -25.88 -68.95
N LYS M 92 -27.42 -24.58 -68.70
CA LYS M 92 -27.23 -24.06 -67.36
C LYS M 92 -28.35 -24.52 -66.43
N ALA M 93 -28.03 -24.58 -65.13
CA ALA M 93 -29.00 -25.10 -64.17
C ALA M 93 -28.80 -24.54 -62.78
N PRO M 94 -29.84 -23.98 -62.17
CA PRO M 94 -29.73 -23.56 -60.77
C PRO M 94 -30.01 -24.68 -59.80
N VAL M 95 -29.36 -24.61 -58.64
CA VAL M 95 -29.52 -25.62 -57.60
C VAL M 95 -30.35 -24.98 -56.49
N LEU M 96 -31.67 -25.12 -56.62
CA LEU M 96 -32.60 -24.59 -55.62
C LEU M 96 -32.55 -25.45 -54.37
N VAL M 97 -31.85 -24.95 -53.34
CA VAL M 97 -31.74 -25.68 -52.09
C VAL M 97 -33.08 -25.60 -51.37
N SER M 98 -33.89 -26.64 -51.55
CA SER M 98 -35.33 -26.54 -51.36
C SER M 98 -35.76 -27.25 -50.09
N LYS M 99 -36.87 -26.79 -49.52
CA LYS M 99 -37.50 -27.43 -48.38
C LYS M 99 -38.92 -27.82 -48.77
N VAL M 100 -39.50 -28.73 -47.99
CA VAL M 100 -40.84 -29.24 -48.24
C VAL M 100 -41.68 -29.00 -46.98
N VAL M 101 -42.78 -28.28 -47.14
CA VAL M 101 -43.67 -27.95 -46.04
C VAL M 101 -45.01 -28.61 -46.28
N SER M 102 -45.60 -29.17 -45.22
CA SER M 102 -46.90 -29.81 -45.32
C SER M 102 -48.00 -28.77 -45.20
N LYS M 103 -48.95 -28.79 -46.15
CA LYS M 103 -50.07 -27.86 -46.09
C LYS M 103 -51.05 -28.19 -44.97
N SER M 104 -51.04 -29.42 -44.47
CA SER M 104 -51.90 -29.77 -43.36
C SER M 104 -51.42 -29.11 -42.07
N SER M 105 -50.13 -28.83 -41.98
CA SER M 105 -49.52 -28.23 -40.79
C SER M 105 -48.73 -26.99 -41.16
N LYS M 106 -49.12 -26.30 -42.23
CA LYS M 106 -48.38 -25.13 -42.66
C LYS M 106 -48.63 -23.95 -41.74
N ASN M 107 -49.90 -23.61 -41.53
CA ASN M 107 -50.26 -22.43 -40.74
C ASN M 107 -50.85 -22.80 -39.39
N LEU M 108 -50.31 -23.82 -38.74
CA LEU M 108 -50.66 -24.09 -37.36
C LEU M 108 -50.02 -23.05 -36.47
N ARG M 109 -50.75 -22.60 -35.44
CA ARG M 109 -50.26 -21.52 -34.59
C ARG M 109 -50.90 -21.61 -33.21
N GLY M 110 -50.45 -20.73 -32.32
CA GLY M 110 -51.02 -20.62 -31.00
C GLY M 110 -51.24 -19.15 -30.65
N PRO M 111 -51.66 -18.88 -29.43
CA PRO M 111 -51.95 -17.51 -29.02
C PRO M 111 -50.67 -16.78 -28.62
N LYS M 112 -50.83 -15.53 -28.18
CA LYS M 112 -49.71 -14.74 -27.67
C LYS M 112 -49.97 -14.26 -26.26
N SER N 24 -47.39 -16.09 -54.71
CA SER N 24 -46.43 -15.89 -53.63
C SER N 24 -45.07 -15.50 -54.20
N ILE N 25 -45.02 -14.37 -54.89
CA ILE N 25 -43.78 -13.92 -55.51
C ILE N 25 -43.14 -12.86 -54.62
N PRO N 26 -41.83 -12.90 -54.40
CA PRO N 26 -41.14 -11.76 -53.82
C PRO N 26 -40.79 -10.73 -54.88
N ASP N 27 -40.35 -9.57 -54.44
CA ASP N 27 -40.17 -8.44 -55.34
C ASP N 27 -38.95 -8.65 -56.24
N GLY N 28 -39.08 -8.22 -57.49
CA GLY N 28 -38.03 -8.36 -58.46
C GLY N 28 -38.03 -9.68 -59.21
N PHE N 29 -38.84 -10.63 -58.79
CA PHE N 29 -38.84 -11.97 -59.38
C PHE N 29 -39.89 -12.02 -60.49
N LYS N 30 -39.42 -12.08 -61.73
CA LYS N 30 -40.31 -12.35 -62.85
C LYS N 30 -40.36 -13.85 -63.09
N LYS N 31 -41.55 -14.36 -63.37
CA LYS N 31 -41.71 -15.74 -63.79
C LYS N 31 -41.04 -15.94 -65.15
N CYS N 32 -40.38 -17.08 -65.32
CA CYS N 32 -39.83 -17.43 -66.62
C CYS N 32 -40.96 -17.70 -67.62
N LYS N 33 -40.73 -17.34 -68.88
CA LYS N 33 -41.72 -17.46 -69.93
C LYS N 33 -41.36 -18.48 -70.98
N HIS N 34 -40.08 -18.62 -71.30
CA HIS N 34 -39.62 -19.48 -72.38
C HIS N 34 -38.68 -20.54 -71.82
N LEU N 35 -39.06 -21.79 -71.93
CA LEU N 35 -38.16 -22.89 -71.68
C LEU N 35 -37.67 -23.46 -73.01
N LYS N 36 -36.60 -24.23 -72.95
CA LYS N 36 -36.03 -24.83 -74.14
C LYS N 36 -36.17 -26.35 -74.07
N ASN N 37 -35.93 -27.00 -75.19
CA ASN N 37 -36.14 -28.43 -75.30
C ASN N 37 -35.04 -29.21 -74.60
N PHE N 38 -35.36 -30.44 -74.22
CA PHE N 38 -34.44 -31.33 -73.52
C PHE N 38 -34.41 -32.66 -74.26
N PRO N 39 -33.50 -32.82 -75.22
CA PRO N 39 -33.51 -34.04 -76.05
C PRO N 39 -33.03 -35.28 -75.31
N LEU N 40 -33.91 -35.87 -74.51
CA LEU N 40 -33.62 -37.12 -73.83
C LEU N 40 -33.98 -38.31 -74.70
N ASN N 41 -33.14 -39.35 -74.66
CA ASN N 41 -33.36 -40.54 -75.46
C ASN N 41 -34.51 -41.39 -74.91
N LYS N 49 -23.96 -47.93 -77.45
CA LYS N 49 -24.31 -48.17 -76.06
C LYS N 49 -25.52 -47.33 -75.63
N GLN N 50 -25.69 -47.16 -74.32
CA GLN N 50 -26.86 -46.51 -73.76
C GLN N 50 -26.54 -45.06 -73.40
N GLN N 51 -27.53 -44.20 -73.57
CA GLN N 51 -27.32 -42.76 -73.46
C GLN N 51 -27.20 -42.33 -72.00
N GLN N 52 -26.27 -41.42 -71.75
CA GLN N 52 -25.88 -41.03 -70.40
C GLN N 52 -26.13 -39.55 -70.20
N VAL N 53 -26.72 -39.22 -69.05
CA VAL N 53 -26.92 -37.84 -68.63
C VAL N 53 -25.84 -37.50 -67.58
N TRP N 54 -25.19 -36.36 -67.76
CA TRP N 54 -23.99 -36.03 -67.01
C TRP N 54 -24.26 -34.85 -66.08
N LEU N 55 -23.18 -34.39 -65.45
CA LEU N 55 -23.19 -33.23 -64.57
C LEU N 55 -21.76 -32.75 -64.40
N ILE N 56 -21.48 -31.53 -64.85
CA ILE N 56 -20.15 -30.94 -64.72
C ILE N 56 -20.31 -29.64 -63.95
N LYS N 57 -19.35 -29.35 -63.07
CA LYS N 57 -19.38 -28.13 -62.26
C LYS N 57 -18.12 -27.32 -62.54
N PHE N 58 -18.29 -26.17 -63.16
CA PHE N 58 -17.22 -25.23 -63.46
C PHE N 58 -17.12 -24.19 -62.35
N PRO N 59 -16.02 -23.43 -62.31
CA PRO N 59 -16.04 -22.15 -61.61
C PRO N 59 -16.69 -21.10 -62.49
N SER N 60 -16.99 -19.95 -61.88
CA SER N 60 -17.49 -18.83 -62.66
C SER N 60 -16.37 -18.02 -63.30
N ASN N 61 -15.13 -18.19 -62.84
CA ASN N 61 -14.00 -17.51 -63.44
C ASN N 61 -13.74 -17.96 -64.86
N VAL N 62 -14.08 -19.19 -65.21
CA VAL N 62 -13.96 -19.68 -66.57
C VAL N 62 -15.29 -19.43 -67.28
N ASP N 63 -15.24 -19.44 -68.61
CA ASP N 63 -16.43 -19.29 -69.41
C ASP N 63 -16.76 -20.60 -70.11
N ILE N 64 -18.05 -20.82 -70.37
CA ILE N 64 -18.52 -22.08 -70.93
C ILE N 64 -18.65 -22.07 -72.45
N SER N 65 -18.55 -20.91 -73.09
CA SER N 65 -18.68 -20.84 -74.54
C SER N 65 -17.36 -21.04 -75.25
N LYS N 66 -16.27 -21.24 -74.52
CA LYS N 66 -14.93 -21.38 -75.09
C LYS N 66 -14.27 -22.65 -74.51
N LEU N 67 -14.59 -23.80 -75.10
CA LEU N 67 -14.17 -25.08 -74.56
C LEU N 67 -13.72 -26.01 -75.68
N LYS N 68 -12.62 -26.72 -75.43
CA LYS N 68 -12.16 -27.78 -76.32
C LYS N 68 -11.97 -29.12 -75.61
N SER N 69 -11.26 -29.15 -74.48
CA SER N 69 -10.71 -30.38 -73.92
C SER N 69 -11.35 -30.73 -72.59
N LEU N 70 -11.89 -31.95 -72.50
CA LEU N 70 -12.46 -32.48 -71.26
C LEU N 70 -12.11 -33.95 -71.19
N PRO N 71 -11.07 -34.32 -70.45
CA PRO N 71 -10.57 -35.69 -70.49
C PRO N 71 -11.39 -36.66 -69.65
N VAL N 72 -11.09 -37.95 -69.82
CA VAL N 72 -11.71 -39.03 -69.07
C VAL N 72 -10.64 -39.78 -68.28
N THR N 78 -7.38 -36.36 -63.56
CA THR N 78 -6.41 -35.80 -64.49
C THR N 78 -6.54 -34.28 -64.61
N THR N 79 -5.81 -33.68 -65.52
CA THR N 79 -5.75 -32.23 -65.66
C THR N 79 -6.23 -31.81 -67.05
N MET N 80 -6.14 -30.51 -67.32
CA MET N 80 -6.50 -29.92 -68.61
C MET N 80 -5.80 -28.57 -68.71
N THR N 81 -6.23 -27.77 -69.68
CA THR N 81 -5.80 -26.39 -69.74
C THR N 81 -6.90 -25.52 -70.34
N ILE N 82 -7.08 -24.33 -69.74
CA ILE N 82 -7.94 -23.26 -70.25
C ILE N 82 -7.20 -21.96 -70.01
N ASP N 83 -7.08 -21.14 -71.06
CA ASP N 83 -6.33 -19.87 -71.13
C ASP N 83 -4.94 -19.98 -70.48
N LYS N 84 -4.10 -20.81 -71.11
CA LYS N 84 -2.73 -21.19 -70.74
C LYS N 84 -2.54 -21.53 -69.26
N HIS N 85 -3.58 -22.01 -68.60
CA HIS N 85 -3.58 -22.17 -67.16
C HIS N 85 -4.13 -23.54 -66.78
N ASP N 86 -3.60 -24.09 -65.70
CA ASP N 86 -3.89 -25.45 -65.30
C ASP N 86 -5.17 -25.55 -64.49
N TYR N 87 -5.94 -26.60 -64.75
CA TYR N 87 -7.17 -26.90 -64.04
C TYR N 87 -7.22 -28.40 -63.77
N LYS N 88 -7.94 -28.78 -62.73
CA LYS N 88 -8.05 -30.19 -62.35
C LYS N 88 -9.49 -30.64 -62.55
N ILE N 89 -9.67 -31.67 -63.36
CA ILE N 89 -10.97 -32.28 -63.57
C ILE N 89 -11.06 -33.55 -62.73
N MET N 90 -12.06 -33.60 -61.86
CA MET N 90 -12.17 -34.65 -60.85
C MET N 90 -13.45 -35.44 -61.07
N ASP N 91 -13.46 -36.65 -60.51
CA ASP N 91 -14.57 -37.59 -60.64
C ASP N 91 -15.06 -37.91 -59.23
N ASP N 92 -16.12 -37.22 -58.82
CA ASP N 92 -16.64 -37.28 -57.46
C ASP N 92 -17.90 -38.14 -57.38
N THR N 93 -17.90 -39.32 -58.02
CA THR N 93 -19.09 -40.17 -58.06
C THR N 93 -19.47 -40.76 -56.70
N ASP N 94 -18.69 -40.49 -55.66
CA ASP N 94 -19.12 -40.86 -54.31
C ASP N 94 -20.02 -39.81 -53.67
N ILE N 95 -20.04 -38.58 -54.19
CA ILE N 95 -20.80 -37.50 -53.52
C ILE N 95 -22.29 -37.64 -53.79
N GLU N 96 -22.69 -37.64 -55.06
CA GLU N 96 -24.09 -37.73 -55.44
C GLU N 96 -24.43 -39.05 -56.12
N SER N 97 -23.62 -40.09 -55.91
CA SER N 97 -23.93 -41.45 -56.32
C SER N 97 -23.16 -42.40 -55.41
N SER N 98 -23.27 -43.70 -55.68
CA SER N 98 -22.57 -44.72 -54.93
C SER N 98 -21.95 -45.71 -55.90
N LEU N 99 -20.78 -46.23 -55.55
CA LEU N 99 -20.06 -47.16 -56.42
C LEU N 99 -20.35 -48.61 -56.08
N THR N 100 -21.44 -48.89 -55.40
CA THR N 100 -21.97 -50.24 -55.26
C THR N 100 -23.44 -50.33 -55.61
N GLN N 101 -24.23 -49.31 -55.27
CA GLN N 101 -25.68 -49.38 -55.37
C GLN N 101 -26.23 -48.12 -56.01
N ASP N 102 -27.42 -48.24 -56.58
CA ASP N 102 -28.12 -47.14 -57.21
C ASP N 102 -29.26 -46.66 -56.30
N ASN N 103 -29.98 -45.62 -56.77
CA ASN N 103 -31.05 -44.92 -56.06
C ASN N 103 -30.55 -44.29 -54.76
N LEU N 104 -29.32 -43.81 -54.74
CA LEU N 104 -28.68 -43.22 -53.57
C LEU N 104 -28.11 -41.84 -53.88
N SER N 105 -28.92 -40.98 -54.47
CA SER N 105 -28.52 -39.60 -54.74
C SER N 105 -29.31 -38.62 -53.88
N ASN N 106 -29.08 -37.34 -54.13
CA ASN N 106 -29.70 -36.25 -53.39
C ASN N 106 -30.43 -35.26 -54.27
N MET N 107 -30.00 -35.06 -55.50
CA MET N 107 -30.52 -34.04 -56.39
C MET N 107 -31.40 -34.66 -57.46
N THR N 108 -32.45 -33.95 -57.86
CA THR N 108 -33.37 -34.39 -58.89
C THR N 108 -33.26 -33.47 -60.10
N LEU N 109 -32.91 -34.04 -61.24
CA LEU N 109 -32.88 -33.31 -62.50
C LEU N 109 -34.30 -32.89 -62.88
N LEU N 110 -34.51 -31.59 -63.08
CA LEU N 110 -35.83 -31.05 -63.37
C LEU N 110 -35.94 -30.71 -64.85
N VAL N 111 -36.61 -31.58 -65.59
CA VAL N 111 -36.77 -31.50 -67.04
C VAL N 111 -37.97 -30.60 -67.35
N PRO N 112 -37.91 -29.76 -68.39
CA PRO N 112 -39.08 -28.96 -68.75
C PRO N 112 -40.24 -29.82 -69.25
N SER N 113 -41.43 -29.56 -68.71
CA SER N 113 -42.63 -30.30 -69.09
C SER N 113 -43.18 -29.74 -70.39
N GLU N 114 -44.33 -30.23 -70.83
CA GLU N 114 -44.95 -29.78 -72.08
C GLU N 114 -45.91 -28.61 -71.82
N SER N 115 -45.31 -27.52 -71.33
CA SER N 115 -45.98 -26.23 -71.24
C SER N 115 -45.08 -25.06 -71.63
N LYS N 116 -43.77 -25.27 -71.72
CA LYS N 116 -42.74 -24.26 -71.95
C LYS N 116 -42.77 -23.13 -70.92
N GLU N 117 -43.29 -23.40 -69.73
CA GLU N 117 -43.05 -22.58 -68.54
C GLU N 117 -42.81 -23.39 -67.28
N SER N 118 -43.09 -24.70 -67.27
CA SER N 118 -43.04 -25.49 -66.05
C SER N 118 -42.08 -26.67 -66.21
N LEU N 119 -41.59 -27.15 -65.08
CA LEU N 119 -40.52 -28.15 -65.02
C LEU N 119 -41.03 -29.43 -64.36
N LYS N 120 -40.37 -30.54 -64.67
CA LYS N 120 -40.83 -31.86 -64.24
C LYS N 120 -39.63 -32.72 -63.89
N ILE N 121 -39.86 -33.65 -62.94
CA ILE N 121 -38.84 -34.60 -62.52
C ILE N 121 -38.42 -35.49 -63.68
N ALA N 122 -37.18 -35.97 -63.64
CA ALA N 122 -36.63 -36.73 -64.74
C ALA N 122 -37.20 -38.14 -64.78
N SER N 123 -37.09 -38.76 -65.95
CA SER N 123 -37.63 -40.10 -66.20
C SER N 123 -36.95 -40.70 -67.41
N THR N 124 -36.62 -42.00 -67.32
CA THR N 124 -36.04 -42.70 -68.46
C THR N 124 -36.63 -44.08 -68.71
N ALA N 125 -37.38 -44.66 -67.76
CA ALA N 125 -37.91 -46.01 -67.91
C ALA N 125 -39.43 -46.05 -67.83
N LYS N 126 -40.09 -44.89 -68.03
CA LYS N 126 -41.54 -44.74 -68.12
C LYS N 126 -42.24 -45.22 -66.85
N ASP N 127 -41.65 -44.89 -65.71
CA ASP N 127 -42.24 -45.21 -64.42
C ASP N 127 -42.11 -44.08 -63.41
N ASN N 128 -41.43 -42.97 -63.78
CA ASN N 128 -41.25 -41.77 -62.95
C ASN N 128 -40.57 -42.06 -61.62
N ALA N 129 -39.67 -43.02 -61.60
CA ALA N 129 -38.72 -43.05 -60.51
C ALA N 129 -37.74 -41.89 -60.66
N PRO N 130 -37.23 -41.34 -59.55
CA PRO N 130 -36.25 -40.25 -59.65
C PRO N 130 -34.94 -40.69 -60.29
N LEU N 131 -34.68 -40.16 -61.48
CA LEU N 131 -33.51 -40.58 -62.25
C LEU N 131 -32.23 -40.02 -61.65
N GLN N 132 -31.21 -40.87 -61.61
CA GLN N 132 -29.90 -40.48 -61.11
C GLN N 132 -29.00 -40.02 -62.27
N PHE N 133 -27.80 -39.59 -61.92
CA PHE N 133 -26.83 -39.12 -62.88
C PHE N 133 -25.75 -40.17 -63.10
N ASP N 134 -25.23 -40.22 -64.32
CA ASP N 134 -24.23 -41.24 -64.63
C ASP N 134 -22.85 -40.85 -64.13
N LYS N 135 -22.26 -39.82 -64.71
CA LYS N 135 -20.87 -39.46 -64.45
C LYS N 135 -20.82 -38.00 -64.01
N VAL N 136 -20.93 -37.77 -62.69
CA VAL N 136 -20.77 -36.42 -62.18
C VAL N 136 -19.30 -36.02 -62.24
N PHE N 137 -19.07 -34.72 -62.28
CA PHE N 137 -17.71 -34.22 -62.46
C PHE N 137 -17.52 -32.97 -61.62
N SER N 138 -16.28 -32.52 -61.55
CA SER N 138 -15.92 -31.32 -60.82
C SER N 138 -14.67 -30.73 -61.44
N VAL N 139 -14.64 -29.41 -61.53
CA VAL N 139 -13.48 -28.67 -62.00
C VAL N 139 -12.99 -27.78 -60.86
N SER N 140 -11.67 -27.72 -60.69
CA SER N 140 -11.06 -26.88 -59.66
C SER N 140 -9.85 -26.18 -60.25
N GLU N 141 -9.34 -25.23 -59.51
CA GLU N 141 -8.11 -24.55 -59.90
C GLU N 141 -6.96 -25.08 -59.07
N THR N 142 -5.75 -24.98 -59.61
CA THR N 142 -4.57 -25.46 -58.91
C THR N 142 -3.43 -24.47 -59.14
N ALA N 143 -2.30 -24.74 -58.49
CA ALA N 143 -1.14 -23.87 -58.58
C ALA N 143 0.11 -24.68 -58.30
N LYS N 144 1.14 -24.47 -59.11
CA LYS N 144 2.40 -25.18 -58.96
C LYS N 144 3.19 -24.58 -57.81
N ILE N 145 3.13 -25.24 -56.66
CA ILE N 145 3.94 -24.91 -55.49
C ILE N 145 5.39 -25.19 -55.85
N PRO N 146 6.30 -24.23 -55.69
CA PRO N 146 7.66 -24.39 -56.21
C PRO N 146 8.49 -25.38 -55.41
N ALA N 147 9.52 -25.90 -56.08
CA ALA N 147 10.49 -26.78 -55.46
C ALA N 147 11.61 -25.94 -54.87
N ILE N 148 12.12 -26.37 -53.73
CA ILE N 148 13.09 -25.61 -52.98
C ILE N 148 14.46 -25.74 -53.63
N ASP N 149 15.20 -24.64 -53.69
CA ASP N 149 16.60 -24.69 -54.14
C ASP N 149 17.49 -24.96 -52.93
N TYR N 150 17.71 -26.24 -52.66
CA TYR N 150 18.36 -26.69 -51.44
C TYR N 150 19.84 -26.35 -51.36
N SER N 151 20.44 -25.87 -52.45
CA SER N 151 21.83 -25.44 -52.36
C SER N 151 21.94 -24.07 -51.71
N LYS N 152 21.04 -23.16 -52.06
CA LYS N 152 21.11 -21.77 -51.62
C LYS N 152 20.01 -21.44 -50.62
N VAL N 153 19.62 -22.39 -49.80
CA VAL N 153 18.80 -22.15 -48.62
C VAL N 153 19.52 -22.54 -47.35
N ARG N 154 20.08 -23.75 -47.31
CA ARG N 154 21.03 -24.10 -46.26
C ARG N 154 22.40 -23.55 -46.60
N VAL N 155 23.12 -23.12 -45.56
CA VAL N 155 24.49 -22.62 -45.71
C VAL N 155 25.35 -23.19 -44.61
N PRO N 156 26.66 -23.28 -44.85
CA PRO N 156 27.56 -23.64 -43.76
C PRO N 156 27.62 -22.52 -42.72
N ARG N 157 27.52 -22.91 -41.45
CA ARG N 157 27.54 -21.95 -40.35
C ARG N 157 28.91 -21.30 -40.27
N LYS N 158 28.92 -19.97 -40.34
CA LYS N 158 30.17 -19.23 -40.34
C LYS N 158 30.59 -18.91 -38.91
N ASP N 159 31.90 -18.85 -38.71
CA ASP N 159 32.45 -18.59 -37.39
C ASP N 159 32.21 -17.14 -36.97
N VAL N 160 32.22 -16.91 -35.67
CA VAL N 160 32.19 -15.56 -35.14
C VAL N 160 33.53 -14.95 -35.56
N PRO N 161 33.52 -13.87 -36.35
CA PRO N 161 34.74 -13.48 -37.05
C PRO N 161 35.76 -12.87 -36.12
N LYS N 162 37.03 -13.05 -36.48
CA LYS N 162 38.11 -12.51 -35.70
C LYS N 162 38.12 -10.99 -35.80
N VAL N 163 38.25 -10.30 -34.68
CA VAL N 163 38.54 -8.88 -34.73
C VAL N 163 40.00 -8.74 -35.14
N GLU N 164 40.24 -8.04 -36.25
CA GLU N 164 41.55 -8.01 -36.85
C GLU N 164 42.24 -6.68 -36.61
N GLY N 165 43.57 -6.73 -36.58
CA GLY N 165 44.38 -5.52 -36.40
C GLY N 165 44.62 -5.15 -34.96
N LEU N 166 45.22 -6.05 -34.19
CA LEU N 166 45.50 -5.83 -32.78
C LEU N 166 47.00 -5.81 -32.52
N LYS N 167 47.37 -5.35 -31.32
CA LYS N 167 48.76 -5.16 -30.96
C LYS N 167 48.87 -5.19 -29.44
N LEU N 168 50.09 -5.16 -28.93
CA LEU N 168 50.33 -5.33 -27.50
C LEU N 168 49.82 -4.12 -26.72
N GLU N 169 48.82 -4.35 -25.87
CA GLU N 169 48.26 -3.29 -25.04
C GLU N 169 48.65 -3.42 -23.59
N HIS N 170 49.70 -4.17 -23.29
CA HIS N 170 50.11 -4.38 -21.90
C HIS N 170 51.60 -4.64 -21.85
N PHE N 171 52.33 -3.71 -21.27
CA PHE N 171 53.77 -3.81 -21.18
C PHE N 171 54.17 -3.93 -19.71
N ALA N 172 55.45 -4.21 -19.50
CA ALA N 172 55.97 -4.27 -18.14
C ALA N 172 56.00 -2.87 -17.53
N THR N 173 55.85 -2.82 -16.21
CA THR N 173 55.70 -1.55 -15.52
C THR N 173 57.02 -0.80 -15.48
N GLY N 174 57.28 -0.02 -16.52
CA GLY N 174 58.52 0.71 -16.65
C GLY N 174 58.95 0.71 -18.09
N TYR N 175 58.19 0.03 -18.92
CA TYR N 175 58.45 -0.06 -20.34
C TYR N 175 57.17 0.28 -21.10
N ASP N 176 57.32 0.60 -22.38
CA ASP N 176 56.31 1.37 -23.08
C ASP N 176 56.08 0.77 -24.46
N ALA N 177 55.44 1.55 -25.33
CA ALA N 177 55.07 1.05 -26.64
C ALA N 177 56.24 1.06 -27.61
N GLU N 178 57.06 2.12 -27.58
CA GLU N 178 58.12 2.28 -28.57
C GLU N 178 59.34 1.41 -28.31
N ASP N 179 59.45 0.83 -27.11
CA ASP N 179 60.60 -0.02 -26.81
C ASP N 179 60.52 -1.38 -27.49
N PHE N 180 59.36 -1.76 -28.00
CA PHE N 180 59.11 -3.13 -28.39
C PHE N 180 58.84 -3.23 -29.87
N SER O 48 -31.06 37.43 62.05
CA SER O 48 -29.62 37.57 62.18
C SER O 48 -29.19 37.22 63.60
N ALA O 49 -29.51 38.10 64.55
CA ALA O 49 -29.17 37.83 65.95
C ALA O 49 -30.06 36.74 66.53
N ALA O 50 -31.27 36.59 66.01
CA ALA O 50 -32.20 35.59 66.51
C ALA O 50 -32.78 34.77 65.36
N MET O 51 -32.81 35.33 64.15
CA MET O 51 -33.34 34.59 63.01
C MET O 51 -32.31 33.64 62.44
N TYR O 52 -31.04 34.05 62.39
CA TYR O 52 -30.01 33.17 61.82
C TYR O 52 -29.63 32.07 62.78
N SER O 53 -29.82 32.29 64.08
CA SER O 53 -29.68 31.19 65.03
C SER O 53 -30.84 30.20 64.89
N ARG O 54 -32.04 30.70 64.61
CA ARG O 54 -33.15 29.81 64.31
C ARG O 54 -33.05 29.25 62.89
N PHE O 55 -32.24 29.87 62.04
CA PHE O 55 -32.08 29.35 60.68
C PHE O 55 -31.25 28.07 60.67
N VAL O 56 -30.14 28.05 61.40
CA VAL O 56 -29.35 26.83 61.49
C VAL O 56 -30.04 25.81 62.38
N LYS O 57 -30.81 26.28 63.37
CA LYS O 57 -31.63 25.37 64.15
C LYS O 57 -32.75 24.78 63.32
N SER O 58 -33.23 25.51 62.30
CA SER O 58 -34.15 24.91 61.35
C SER O 58 -33.41 24.19 60.23
N ALA O 59 -32.09 24.31 60.18
CA ALA O 59 -31.32 23.44 59.30
C ALA O 59 -31.00 22.11 59.99
N LEU O 60 -30.66 22.17 61.28
CA LEU O 60 -30.45 20.96 62.07
C LEU O 60 -31.74 20.18 62.28
N ASP O 61 -32.89 20.85 62.24
CA ASP O 61 -34.16 20.15 62.37
C ASP O 61 -34.48 19.32 61.13
N ASP O 62 -34.06 19.80 59.95
CA ASP O 62 -34.27 19.04 58.72
C ASP O 62 -33.31 17.87 58.62
N LEU O 63 -32.21 17.91 59.36
CA LEU O 63 -31.32 16.76 59.48
C LEU O 63 -32.04 15.58 60.11
N ASP O 64 -32.93 15.85 61.06
CA ASP O 64 -33.70 14.78 61.70
C ASP O 64 -34.70 14.15 60.75
N LYS O 65 -35.11 14.89 59.71
CA LYS O 65 -36.05 14.40 58.71
C LYS O 65 -35.36 14.06 57.40
N ASN O 66 -34.03 13.90 57.43
CA ASN O 66 -33.21 13.37 56.34
C ASN O 66 -33.24 14.25 55.09
N ASP O 67 -33.63 15.52 55.22
CA ASP O 67 -33.71 16.39 54.05
C ASP O 67 -32.35 17.00 53.71
N SER O 68 -31.89 17.93 54.55
CA SER O 68 -30.55 18.55 54.50
C SER O 68 -30.29 19.23 53.15
N THR O 69 -30.98 20.33 52.92
CA THR O 69 -30.57 21.25 51.86
C THR O 69 -30.17 22.63 52.34
N GLN O 70 -30.76 23.11 53.44
CA GLN O 70 -30.30 24.36 54.03
C GLN O 70 -29.01 24.15 54.80
N ILE O 71 -28.75 22.92 55.22
CA ILE O 71 -27.41 22.55 55.62
C ILE O 71 -26.47 22.61 54.42
N GLY O 72 -26.93 22.08 53.28
CA GLY O 72 -26.07 22.02 52.10
C GLY O 72 -25.77 23.39 51.50
N ILE O 73 -26.71 24.32 51.61
CA ILE O 73 -26.44 25.69 51.20
C ILE O 73 -25.50 26.36 52.21
N ILE O 74 -25.74 26.14 53.50
CA ILE O 74 -24.89 26.80 54.49
C ILE O 74 -23.54 26.11 54.56
N ALA O 75 -23.44 24.85 54.12
CA ALA O 75 -22.13 24.23 54.00
C ALA O 75 -21.36 24.85 52.84
N ASN O 76 -22.07 25.27 51.80
CA ASN O 76 -21.43 26.00 50.72
C ASN O 76 -21.10 27.42 51.15
N GLN O 77 -21.72 27.91 52.23
CA GLN O 77 -21.40 29.23 52.74
C GLN O 77 -20.10 29.22 53.54
N VAL O 78 -19.85 28.16 54.32
CA VAL O 78 -18.67 28.12 55.17
C VAL O 78 -17.40 27.95 54.35
N ALA O 79 -17.39 27.00 53.42
CA ALA O 79 -16.16 26.58 52.76
C ALA O 79 -15.70 27.51 51.65
N LEU O 80 -16.20 28.74 51.60
CA LEU O 80 -15.75 29.72 50.62
C LEU O 80 -14.35 30.23 50.98
N PRO O 81 -13.63 30.81 50.01
CA PRO O 81 -12.33 31.42 50.33
C PRO O 81 -12.46 32.61 51.27
N SER O 82 -11.38 32.86 52.03
CA SER O 82 -11.35 34.00 52.94
C SER O 82 -11.23 35.31 52.17
N LYS O 83 -10.61 35.28 51.00
CA LYS O 83 -10.43 36.48 50.18
C LYS O 83 -11.69 36.91 49.46
N ASN O 84 -12.79 36.12 49.54
CA ASN O 84 -14.03 36.40 48.84
C ASN O 84 -15.04 37.04 49.79
N PRO O 85 -15.65 38.16 49.41
CA PRO O 85 -16.66 38.80 50.27
C PRO O 85 -18.01 38.09 50.29
N GLU O 86 -18.19 36.97 49.59
CA GLU O 86 -19.40 36.18 49.68
C GLU O 86 -19.37 35.20 50.85
N ARG O 87 -18.30 35.18 51.62
CA ARG O 87 -18.12 34.24 52.72
C ARG O 87 -19.02 34.60 53.91
N ILE O 88 -19.15 33.64 54.82
CA ILE O 88 -19.70 33.91 56.13
C ILE O 88 -18.73 34.79 56.91
N ASN O 89 -19.24 35.87 57.51
CA ASN O 89 -18.36 36.80 58.21
C ASN O 89 -18.03 36.26 59.60
N ASP O 90 -17.45 37.11 60.43
CA ASP O 90 -16.93 36.69 61.73
C ASP O 90 -18.04 36.48 62.75
N LYS O 91 -18.95 37.45 62.87
CA LYS O 91 -20.01 37.33 63.86
C LYS O 91 -21.07 36.33 63.45
N ASN O 92 -21.14 36.00 62.15
CA ASN O 92 -22.03 34.93 61.73
C ASN O 92 -21.40 33.57 62.00
N LEU O 93 -20.07 33.51 62.03
CA LEU O 93 -19.40 32.25 62.35
C LEU O 93 -19.51 31.95 63.83
N ASN O 94 -19.67 32.98 64.67
CA ASN O 94 -19.85 32.75 66.10
C ASN O 94 -21.17 32.08 66.37
N ILE O 95 -22.19 32.40 65.59
CA ILE O 95 -23.52 31.84 65.83
C ILE O 95 -23.56 30.38 65.38
N LEU O 96 -22.78 30.05 64.36
CA LEU O 96 -22.81 28.70 63.81
C LEU O 96 -22.08 27.71 64.71
N LEU O 97 -21.11 28.19 65.47
CA LEU O 97 -20.18 27.26 66.12
C LEU O 97 -20.63 26.90 67.52
N ASP O 98 -21.34 27.81 68.21
CA ASP O 98 -21.79 27.48 69.56
C ASP O 98 -23.06 26.64 69.52
N ILE O 99 -23.79 26.67 68.42
CA ILE O 99 -24.94 25.79 68.27
C ILE O 99 -24.49 24.39 67.90
N LEU O 100 -23.27 24.23 67.40
CA LEU O 100 -22.71 22.92 67.15
C LEU O 100 -21.94 22.39 68.35
N SER O 101 -21.16 23.24 69.00
CA SER O 101 -20.42 22.83 70.20
C SER O 101 -21.33 22.54 71.38
N SER O 102 -22.58 23.00 71.34
CA SER O 102 -23.54 22.67 72.39
C SER O 102 -23.93 21.20 72.32
N ASN O 103 -24.15 20.69 71.09
CA ASN O 103 -24.53 19.29 70.88
C ASN O 103 -23.93 18.81 69.55
N ILE O 104 -22.79 18.12 69.66
CA ILE O 104 -22.23 17.46 68.50
C ILE O 104 -22.99 16.18 68.18
N ASN O 105 -23.77 15.67 69.14
CA ASN O 105 -24.39 14.35 69.06
C ASN O 105 -25.65 14.31 68.22
N ARG O 106 -25.81 15.24 67.29
CA ARG O 106 -26.83 15.09 66.27
C ARG O 106 -26.27 14.92 64.87
N ILE O 107 -25.08 15.45 64.60
CA ILE O 107 -24.55 15.49 63.24
C ILE O 107 -23.56 14.35 62.99
N GLU O 108 -23.62 13.29 63.81
CA GLU O 108 -22.84 12.08 63.59
C GLU O 108 -23.60 11.13 62.67
N SER O 109 -23.85 11.62 61.46
CA SER O 109 -24.65 10.89 60.48
C SER O 109 -23.89 10.83 59.17
N SER O 110 -24.36 9.98 58.27
CA SER O 110 -23.74 9.87 56.96
C SER O 110 -24.08 11.06 56.06
N ARG O 111 -25.10 11.85 56.41
CA ARG O 111 -25.52 12.99 55.61
C ARG O 111 -25.00 14.31 56.15
N GLY O 112 -24.28 14.29 57.26
CA GLY O 112 -23.62 15.47 57.75
C GLY O 112 -22.14 15.55 57.46
N THR O 113 -21.62 14.61 56.67
CA THR O 113 -20.18 14.55 56.47
C THR O 113 -19.68 15.61 55.49
N PHE O 114 -20.57 16.30 54.78
CA PHE O 114 -20.13 17.48 54.05
C PHE O 114 -20.12 18.70 54.96
N LEU O 115 -20.93 18.68 56.02
CA LEU O 115 -20.94 19.80 56.96
C LEU O 115 -19.64 19.87 57.73
N ILE O 116 -19.12 18.71 58.17
CA ILE O 116 -17.84 18.69 58.87
C ILE O 116 -16.72 19.04 57.91
N GLN O 117 -16.79 18.52 56.68
CA GLN O 117 -15.73 18.73 55.70
C GLN O 117 -15.66 20.17 55.24
N SER O 118 -16.79 20.87 55.25
CA SER O 118 -16.78 22.31 54.94
C SER O 118 -16.16 23.11 56.07
N ILE O 119 -16.27 22.64 57.31
CA ILE O 119 -15.71 23.37 58.43
C ILE O 119 -14.19 23.21 58.46
N ILE O 120 -13.70 21.97 58.36
CA ILE O 120 -12.28 21.71 58.52
C ILE O 120 -11.46 22.19 57.33
N ASN O 121 -12.08 22.38 56.17
CA ASN O 121 -11.42 22.99 55.03
C ASN O 121 -11.75 24.47 54.92
N PHE O 122 -11.58 25.18 56.03
CA PHE O 122 -11.79 26.62 56.09
C PHE O 122 -10.51 27.29 55.61
N GLU O 123 -10.55 27.89 54.42
CA GLU O 123 -9.34 28.44 53.80
C GLU O 123 -8.85 29.65 54.57
N LYS O 124 -7.60 29.57 55.05
CA LYS O 124 -7.01 30.50 56.01
C LYS O 124 -7.90 30.64 57.25
N TRP O 125 -8.09 29.52 57.94
CA TRP O 125 -8.88 29.51 59.16
C TRP O 125 -8.17 30.18 60.32
N TRP O 126 -6.83 30.18 60.32
CA TRP O 126 -6.09 30.74 61.44
C TRP O 126 -5.97 32.26 61.36
N GLU O 127 -6.57 32.90 60.37
CA GLU O 127 -6.45 34.34 60.18
C GLU O 127 -7.77 35.06 60.47
N LEU O 128 -8.60 34.43 61.27
CA LEU O 128 -9.83 35.00 61.78
C LEU O 128 -9.52 35.92 62.95
N PRO O 129 -10.46 36.78 63.36
CA PRO O 129 -10.27 37.54 64.58
C PRO O 129 -10.24 36.62 65.79
N PRO O 130 -9.48 37.00 66.83
CA PRO O 130 -9.24 36.05 67.94
C PRO O 130 -10.43 35.83 68.86
N HIS O 131 -11.61 36.37 68.56
CA HIS O 131 -12.79 35.97 69.31
C HIS O 131 -13.58 34.93 68.53
N THR O 132 -13.42 34.88 67.21
CA THR O 132 -13.93 33.75 66.43
C THR O 132 -12.86 32.67 66.30
N LEU O 133 -11.59 33.05 66.40
CA LEU O 133 -10.52 32.07 66.35
C LEU O 133 -10.53 31.17 67.57
N SER O 134 -10.88 31.71 68.74
CA SER O 134 -10.86 30.90 69.95
C SER O 134 -12.08 30.00 70.06
N LYS O 135 -13.06 30.17 69.16
CA LYS O 135 -14.18 29.23 69.14
C LYS O 135 -14.03 28.22 68.02
N TYR O 136 -13.35 28.58 66.93
CA TYR O 136 -13.00 27.59 65.91
C TYR O 136 -11.99 26.60 66.45
N ILE O 137 -11.01 27.09 67.21
CA ILE O 137 -10.06 26.22 67.88
C ILE O 137 -10.77 25.33 68.89
N TYR O 138 -11.72 25.90 69.63
CA TYR O 138 -12.42 25.12 70.64
C TYR O 138 -13.38 24.13 70.00
N PHE O 139 -13.73 24.33 68.73
CA PHE O 139 -14.57 23.35 68.05
C PHE O 139 -13.78 22.11 67.68
N ILE O 140 -12.51 22.29 67.30
CA ILE O 140 -11.68 21.16 66.89
C ILE O 140 -11.28 20.34 68.10
N LYS O 141 -11.13 20.98 69.26
CA LYS O 141 -10.82 20.23 70.48
C LYS O 141 -12.04 19.52 71.04
N ILE O 142 -13.20 19.68 70.40
CA ILE O 142 -14.38 18.92 70.81
C ILE O 142 -14.76 17.92 69.73
N LEU O 143 -14.65 18.31 68.45
CA LEU O 143 -14.96 17.40 67.35
C LEU O 143 -14.01 16.21 67.31
N CYS O 144 -12.72 16.45 67.44
CA CYS O 144 -11.73 15.40 67.33
C CYS O 144 -11.49 14.68 68.65
N SER O 145 -12.32 14.92 69.65
CA SER O 145 -12.30 14.11 70.86
C SER O 145 -13.63 13.44 71.13
N SER O 146 -14.74 14.02 70.67
CA SER O 146 -16.01 13.33 70.75
C SER O 146 -16.08 12.24 69.68
N ILE O 147 -15.74 12.60 68.44
CA ILE O 147 -15.70 11.67 67.34
C ILE O 147 -14.24 11.45 66.94
N PRO O 148 -13.55 10.46 67.52
CA PRO O 148 -12.13 10.29 67.22
C PRO O 148 -11.89 9.44 65.99
N LYS O 149 -12.64 9.70 64.93
CA LYS O 149 -12.32 9.23 63.59
C LYS O 149 -12.02 10.40 62.67
N TRP O 150 -12.20 11.61 63.16
CA TRP O 150 -12.01 12.83 62.39
C TRP O 150 -10.67 13.47 62.62
N TRP O 151 -9.83 12.87 63.46
CA TRP O 151 -8.54 13.48 63.73
C TRP O 151 -7.58 13.29 62.57
N GLN O 152 -7.73 12.21 61.80
CA GLN O 152 -6.77 11.92 60.75
C GLN O 152 -6.93 12.84 59.55
N ASP O 153 -8.06 13.54 59.45
CA ASP O 153 -8.25 14.46 58.34
C ASP O 153 -7.70 15.85 58.66
N VAL O 154 -7.94 16.33 59.88
CA VAL O 154 -7.42 17.63 60.24
C VAL O 154 -5.91 17.56 60.42
N SER O 155 -5.39 16.41 60.85
CA SER O 155 -3.95 16.26 60.99
C SER O 155 -3.25 16.20 59.64
N MET O 156 -4.00 15.89 58.59
CA MET O 156 -3.48 16.05 57.24
C MET O 156 -3.38 17.53 56.86
N ILE O 157 -4.13 18.38 57.56
CA ILE O 157 -4.11 19.81 57.22
C ILE O 157 -3.09 20.54 58.08
N LEU O 158 -2.99 20.18 59.36
CA LEU O 158 -2.08 20.86 60.27
C LEU O 158 -0.63 20.56 59.95
N VAL O 159 -0.36 19.48 59.22
CA VAL O 159 1.01 19.16 58.82
C VAL O 159 1.30 19.71 57.43
N SER O 160 0.29 19.73 56.57
CA SER O 160 0.51 20.26 55.23
C SER O 160 0.62 21.78 55.22
N CYS O 161 0.07 22.46 56.22
CA CYS O 161 0.18 23.89 56.30
C CYS O 161 1.39 24.34 57.11
N PHE O 162 2.40 23.48 57.24
CA PHE O 162 3.66 23.86 57.86
C PHE O 162 4.66 24.39 56.83
N ILE O 163 4.19 24.85 55.68
CA ILE O 163 5.05 25.47 54.67
C ILE O 163 5.03 26.98 54.86
N LEU O 164 4.43 27.43 55.93
CA LEU O 164 4.42 28.81 56.36
C LEU O 164 5.48 29.02 57.44
N PRO O 165 5.95 30.25 57.62
CA PRO O 165 6.91 30.52 58.70
C PRO O 165 6.31 30.30 60.08
N ILE O 166 7.18 30.23 61.08
CA ILE O 166 6.79 29.81 62.42
C ILE O 166 5.86 30.83 63.06
N LYS O 167 6.01 32.09 62.70
CA LYS O 167 5.21 33.16 63.29
C LYS O 167 3.78 33.21 62.76
N GLN O 168 3.41 32.34 61.83
CA GLN O 168 2.04 32.27 61.35
C GLN O 168 1.34 30.97 61.71
N THR O 169 2.09 29.96 62.15
CA THR O 169 1.56 28.67 62.56
C THR O 169 1.81 28.44 64.04
N VAL O 170 1.56 29.46 64.85
CA VAL O 170 1.78 29.32 66.29
C VAL O 170 0.64 28.52 66.92
N CYS O 171 -0.53 28.50 66.27
CA CYS O 171 -1.63 27.72 66.80
C CYS O 171 -1.68 26.32 66.18
N HIS O 172 -0.86 26.07 65.17
CA HIS O 172 -0.73 24.72 64.63
C HIS O 172 0.00 23.82 65.61
N HIS O 173 1.08 24.34 66.22
CA HIS O 173 1.94 23.51 67.05
C HIS O 173 1.38 23.32 68.45
N ASP O 174 0.45 24.18 68.87
CA ASP O 174 -0.15 23.99 70.18
C ASP O 174 -1.13 22.83 70.15
N MET O 175 -1.81 22.65 69.01
CA MET O 175 -2.82 21.61 68.92
C MET O 175 -2.19 20.22 68.77
N LEU O 176 -1.05 20.14 68.10
CA LEU O 176 -0.40 18.85 67.89
C LEU O 176 0.17 18.30 69.19
N LYS O 177 0.70 19.17 70.05
CA LYS O 177 1.21 18.70 71.33
C LYS O 177 0.08 18.32 72.27
N TYR O 178 -1.13 18.79 71.98
CA TYR O 178 -2.29 18.35 72.74
C TYR O 178 -2.75 16.98 72.29
N PHE O 179 -2.94 16.81 70.98
CA PHE O 179 -3.55 15.57 70.51
C PHE O 179 -2.56 14.42 70.41
N LEU O 180 -1.28 14.68 70.24
CA LEU O 180 -0.31 13.59 70.22
C LEU O 180 0.06 13.11 71.61
N ARG O 181 -0.53 13.67 72.65
CA ARG O 181 -0.51 13.04 73.96
C ARG O 181 -1.88 12.52 74.36
N MET O 182 -2.95 13.06 73.77
CA MET O 182 -4.29 12.65 74.17
C MET O 182 -4.92 11.64 73.22
N ILE O 183 -4.55 11.62 71.95
CA ILE O 183 -4.76 10.44 71.12
C ILE O 183 -3.40 9.80 70.94
N PRO O 184 -2.98 8.92 71.85
CA PRO O 184 -1.59 8.46 71.83
C PRO O 184 -1.33 7.46 70.73
N SER O 185 -2.39 6.82 70.23
CA SER O 185 -2.25 5.90 69.10
C SER O 185 -2.07 6.65 67.80
N SER O 186 -2.32 7.95 67.79
CA SER O 186 -2.07 8.76 66.61
C SER O 186 -0.62 9.16 66.47
N MET O 187 0.24 8.73 67.38
CA MET O 187 1.66 8.99 67.27
C MET O 187 2.27 8.25 66.07
N GLY O 188 1.62 7.17 65.65
CA GLY O 188 2.11 6.35 64.56
C GLY O 188 1.91 6.96 63.19
N PHE O 189 0.66 7.15 62.76
CA PHE O 189 0.44 7.46 61.35
C PHE O 189 0.79 8.88 60.99
N ILE O 190 1.16 9.73 61.95
CA ILE O 190 1.54 11.08 61.60
C ILE O 190 2.95 11.09 61.05
N ASP O 191 3.72 10.01 61.26
CA ASP O 191 5.04 9.87 60.67
C ASP O 191 4.97 9.77 59.16
N THR O 192 3.92 9.16 58.64
CA THR O 192 3.69 9.18 57.20
C THR O 192 3.30 10.58 56.75
N TYR O 193 2.58 11.31 57.59
CA TYR O 193 2.12 12.64 57.24
C TYR O 193 3.26 13.65 57.22
N LEU O 194 4.28 13.42 58.05
CA LEU O 194 5.46 14.28 58.01
C LEU O 194 6.21 14.13 56.71
N ALA O 195 6.42 12.90 56.26
CA ALA O 195 7.24 12.64 55.10
C ALA O 195 6.50 12.82 53.78
N LYS O 196 5.17 12.79 53.80
CA LYS O 196 4.39 12.90 52.57
C LYS O 196 4.43 14.32 52.00
N PHE O 197 4.39 15.33 52.87
CA PHE O 197 4.29 16.70 52.43
C PHE O 197 5.62 17.43 52.45
N PHE O 198 6.73 16.71 52.49
CA PHE O 198 8.03 17.40 52.47
C PHE O 198 8.29 17.94 51.06
N PRO O 199 8.66 19.20 50.91
CA PRO O 199 8.81 19.78 49.59
C PRO O 199 10.05 19.27 48.86
N ASN O 200 10.04 19.45 47.55
CA ASN O 200 11.03 18.86 46.68
C ASN O 200 12.37 19.61 46.74
N LYS O 201 13.42 18.95 46.26
CA LYS O 201 14.73 19.57 46.20
C LYS O 201 14.84 20.61 45.11
N ASN O 202 13.93 20.65 44.14
CA ASN O 202 13.88 21.75 43.19
C ASN O 202 12.63 22.59 43.37
N ASP O 203 12.10 22.61 44.58
CA ASP O 203 11.01 23.51 44.91
C ASP O 203 11.60 24.84 45.37
N THR O 204 10.76 25.73 45.90
CA THR O 204 11.18 27.08 46.20
C THR O 204 12.06 27.13 47.45
N ARG O 205 12.78 28.23 47.60
CA ARG O 205 13.50 28.48 48.85
C ARG O 205 12.54 28.91 49.95
N ARG O 206 11.36 29.39 49.58
CA ARG O 206 10.33 29.71 50.56
C ARG O 206 9.86 28.47 51.28
N LYS O 207 9.54 27.42 50.53
CA LYS O 207 8.83 26.28 51.11
C LYS O 207 9.74 25.38 51.90
N LEU O 208 11.01 25.28 51.52
CA LEU O 208 11.93 24.37 52.19
C LEU O 208 12.24 24.84 53.60
N VAL O 209 12.57 26.12 53.76
CA VAL O 209 13.08 26.61 55.04
C VAL O 209 11.93 26.83 56.02
N ASN O 210 10.72 27.09 55.50
CA ASN O 210 9.57 27.18 56.38
C ASN O 210 9.10 25.80 56.83
N TYR O 211 9.33 24.78 56.00
CA TYR O 211 8.97 23.41 56.38
C TYR O 211 10.01 22.80 57.30
N THR O 212 11.28 23.15 57.11
CA THR O 212 12.32 22.65 57.99
C THR O 212 12.18 23.22 59.38
N SER O 213 11.94 24.52 59.49
CA SER O 213 11.87 25.19 60.78
C SER O 213 10.63 24.81 61.55
N ASN O 214 9.55 24.47 60.84
CA ASN O 214 8.34 24.03 61.51
C ASN O 214 8.50 22.61 62.06
N LEU O 215 9.27 21.78 61.37
CA LEU O 215 9.54 20.43 61.85
C LEU O 215 10.43 20.44 63.08
N LEU O 216 11.39 21.36 63.14
CA LEU O 216 12.28 21.42 64.30
C LEU O 216 11.55 21.94 65.53
N LYS O 217 10.44 22.63 65.35
CA LYS O 217 9.53 22.88 66.45
C LYS O 217 8.86 21.59 66.91
N LEU O 218 8.53 20.70 65.96
CA LEU O 218 7.90 19.44 66.34
C LEU O 218 8.89 18.46 66.95
N ARG O 219 10.18 18.66 66.69
CA ARG O 219 11.20 17.90 67.39
C ARG O 219 11.28 18.30 68.85
N GLY O 220 10.89 19.53 69.17
CA GLY O 220 11.15 20.10 70.47
C GLY O 220 10.39 19.50 71.61
N TYR O 221 9.27 18.84 71.34
CA TYR O 221 8.45 18.33 72.42
C TYR O 221 8.00 16.89 72.27
N CYS O 222 8.00 16.34 71.05
CA CYS O 222 7.66 14.93 70.84
C CYS O 222 8.95 14.14 70.75
N SER O 223 9.50 13.80 71.91
CA SER O 223 10.74 13.07 71.96
C SER O 223 10.61 11.62 71.52
N GLU O 224 9.38 11.11 71.47
CA GLU O 224 9.15 9.75 71.03
C GLU O 224 9.30 9.59 69.53
N LEU O 225 9.10 10.66 68.76
CA LEU O 225 9.32 10.54 67.32
C LEU O 225 10.81 10.55 67.03
N GLY O 226 11.46 11.69 67.19
CA GLY O 226 12.90 11.75 67.35
C GLY O 226 13.72 11.36 66.14
N PHE O 227 13.65 10.07 65.82
CA PHE O 227 14.52 9.47 64.82
C PHE O 227 14.10 9.87 63.41
N GLN O 228 12.79 9.85 63.15
CA GLN O 228 12.31 10.00 61.79
C GLN O 228 12.41 11.44 61.30
N ILE O 229 12.44 12.41 62.21
CA ILE O 229 12.66 13.78 61.79
C ILE O 229 14.11 13.96 61.36
N TRP O 230 15.06 13.45 62.15
CA TRP O 230 16.45 13.52 61.74
C TRP O 230 16.71 12.61 60.56
N SER O 231 15.95 11.54 60.42
CA SER O 231 16.09 10.74 59.22
C SER O 231 15.45 11.40 58.01
N LEU O 232 14.54 12.35 58.21
CA LEU O 232 13.93 13.03 57.08
C LEU O 232 14.87 14.06 56.46
N LEU O 233 15.49 14.89 57.30
CA LEU O 233 16.31 15.97 56.78
C LEU O 233 17.62 15.44 56.22
N ILE O 234 18.28 14.54 56.95
CA ILE O 234 19.61 14.07 56.56
C ILE O 234 19.51 13.20 55.30
N GLU O 235 18.34 12.63 55.05
CA GLU O 235 18.07 12.03 53.75
C GLU O 235 17.78 13.07 52.68
N LYS O 236 17.35 14.27 53.06
CA LYS O 236 16.99 15.29 52.07
C LYS O 236 18.09 16.32 51.87
N ILE O 237 18.84 16.65 52.92
CA ILE O 237 19.96 17.59 52.73
C ILE O 237 21.07 16.92 51.92
N ILE O 238 21.19 15.60 52.02
CA ILE O 238 22.16 14.88 51.20
C ILE O 238 21.70 14.85 49.75
N SER O 239 20.41 15.03 49.50
CA SER O 239 19.92 15.02 48.12
C SER O 239 20.19 16.33 47.42
N ILE O 240 20.53 17.37 48.17
CA ILE O 240 20.94 18.64 47.61
C ILE O 240 22.46 18.80 47.63
N ASP O 241 23.16 17.98 48.41
CA ASP O 241 24.59 18.17 48.57
C ASP O 241 25.40 17.57 47.44
N VAL O 242 24.97 16.44 46.89
CA VAL O 242 25.77 15.77 45.87
C VAL O 242 25.72 16.52 44.54
N GLU O 243 24.79 17.47 44.40
CA GLU O 243 24.86 18.41 43.29
C GLU O 243 26.04 19.35 43.46
N LEU O 244 26.27 19.82 44.69
CA LEU O 244 27.20 20.92 44.94
C LEU O 244 28.67 20.53 44.79
N GLN O 245 29.05 19.31 45.18
CA GLN O 245 30.45 18.91 45.08
C GLN O 245 30.91 18.83 43.63
N ASN O 246 29.98 18.52 42.73
CA ASN O 246 30.26 18.54 41.30
C ASN O 246 30.36 19.96 40.74
N GLU O 247 29.74 20.94 41.41
CA GLU O 247 29.90 22.34 41.03
C GLU O 247 31.24 22.91 41.50
N LEU O 248 32.01 22.14 42.26
CA LEU O 248 33.33 22.56 42.69
C LEU O 248 34.41 22.11 41.71
N GLY O 324 22.71 25.96 37.40
CA GLY O 324 21.84 26.21 38.53
C GLY O 324 22.59 26.22 39.84
N ILE O 325 23.79 26.81 39.83
CA ILE O 325 24.62 26.85 41.02
C ILE O 325 24.01 27.79 42.05
N LYS O 326 23.63 29.00 41.61
CA LYS O 326 23.21 30.05 42.52
C LYS O 326 21.88 29.76 43.21
N GLU O 327 21.01 28.95 42.59
CA GLU O 327 19.84 28.49 43.33
C GLU O 327 20.22 27.41 44.34
N LEU O 328 20.86 26.34 43.86
CA LEU O 328 21.07 25.15 44.69
C LEU O 328 22.08 25.38 45.80
N SER O 329 22.97 26.37 45.65
CA SER O 329 23.88 26.71 46.75
C SER O 329 23.14 27.45 47.85
N THR O 330 22.35 28.45 47.47
CA THR O 330 21.61 29.22 48.48
C THR O 330 20.37 28.50 48.96
N LYS O 331 19.99 27.38 48.34
CA LYS O 331 18.88 26.61 48.86
C LYS O 331 19.28 25.86 50.13
N LEU O 332 20.49 25.31 50.16
CA LEU O 332 20.79 24.39 51.25
C LEU O 332 21.39 25.08 52.45
N ASP O 333 22.14 26.17 52.25
CA ASP O 333 22.86 26.81 53.35
C ASP O 333 21.91 27.41 54.36
N SER O 334 20.73 27.86 53.92
CA SER O 334 19.68 28.25 54.84
C SER O 334 19.16 27.06 55.62
N ILE O 335 18.96 25.92 54.95
CA ILE O 335 18.53 24.73 55.66
C ILE O 335 19.66 24.16 56.52
N LEU O 336 20.90 24.31 56.08
CA LEU O 336 21.98 23.69 56.84
C LEU O 336 22.39 24.56 58.01
N THR O 337 22.13 25.87 57.93
CA THR O 337 22.32 26.71 59.12
C THR O 337 21.23 26.43 60.15
N LEU O 338 19.99 26.30 59.69
CA LEU O 338 18.85 26.18 60.61
C LEU O 338 18.86 24.87 61.38
N VAL O 339 19.63 23.89 60.92
CA VAL O 339 19.84 22.70 61.72
C VAL O 339 20.93 22.94 62.75
N SER O 340 22.00 23.62 62.36
CA SER O 340 23.16 23.76 63.23
C SER O 340 22.89 24.74 64.37
N THR O 341 22.19 25.84 64.09
CA THR O 341 21.82 26.75 65.17
C THR O 341 20.79 26.12 66.09
N HIS O 342 19.98 25.22 65.56
CA HIS O 342 19.00 24.55 66.40
C HIS O 342 19.65 23.50 67.29
N VAL O 343 20.66 22.81 66.78
CA VAL O 343 21.21 21.70 67.54
C VAL O 343 22.21 22.17 68.58
N GLU O 344 22.86 23.32 68.36
CA GLU O 344 23.72 23.88 69.39
C GLU O 344 22.92 24.42 70.56
N GLU O 345 21.63 24.71 70.35
CA GLU O 345 20.74 25.03 71.46
C GLU O 345 20.20 23.78 72.12
N GLN O 346 19.95 22.74 71.32
CA GLN O 346 19.32 21.52 71.85
C GLN O 346 20.30 20.73 72.71
N VAL O 347 21.53 20.55 72.24
CA VAL O 347 22.56 19.96 73.08
C VAL O 347 23.28 21.08 73.81
N THR O 348 23.47 20.90 75.11
CA THR O 348 24.00 21.87 76.05
C THR O 348 24.76 21.11 77.11
N PRO O 349 25.62 21.78 77.89
CA PRO O 349 26.24 21.10 79.05
C PRO O 349 25.25 20.62 80.09
N GLU O 350 24.09 21.27 80.23
CA GLU O 350 23.10 20.80 81.18
C GLU O 350 22.13 19.80 80.58
N SER O 351 22.38 19.32 79.36
CA SER O 351 21.57 18.27 78.76
C SER O 351 22.34 16.97 78.54
N LEU O 352 23.63 16.91 78.89
CA LEU O 352 24.38 15.67 78.84
C LEU O 352 24.32 14.90 80.14
N GLU O 353 24.77 15.51 81.24
CA GLU O 353 24.79 14.86 82.54
C GLU O 353 23.43 14.81 83.21
N SER O 354 22.44 15.52 82.66
CA SER O 354 21.14 15.63 83.30
C SER O 354 19.97 15.42 82.35
N GLY O 355 20.20 15.38 81.04
CA GLY O 355 19.09 15.32 80.11
C GLY O 355 19.24 14.28 79.03
N GLU O 356 18.83 14.61 77.81
CA GLU O 356 18.86 13.67 76.71
C GLU O 356 19.75 14.13 75.57
N GLY O 357 20.76 14.95 75.86
CA GLY O 357 21.73 15.30 74.85
C GLY O 357 22.64 14.17 74.44
N VAL O 358 22.71 13.12 75.26
CA VAL O 358 23.35 11.89 74.80
C VAL O 358 22.47 11.17 73.79
N GLY O 359 21.17 11.46 73.78
CA GLY O 359 20.29 10.89 72.78
C GLY O 359 20.37 11.64 71.46
N VAL O 360 20.51 12.96 71.52
CA VAL O 360 20.65 13.75 70.30
C VAL O 360 21.98 13.44 69.62
N PHE O 361 22.98 13.07 70.39
CA PHE O 361 24.27 12.73 69.81
C PHE O 361 24.22 11.38 69.11
N ASN O 362 23.55 10.40 69.71
CA ASN O 362 23.62 9.04 69.19
C ASN O 362 22.84 8.88 67.89
N THR O 363 21.67 9.52 67.79
CA THR O 363 20.93 9.47 66.54
C THR O 363 21.57 10.36 65.49
N LEU O 364 22.45 11.28 65.90
CA LEU O 364 23.24 12.00 64.91
C LEU O 364 24.46 11.20 64.50
N THR O 365 24.98 10.34 65.38
CA THR O 365 26.16 9.57 65.02
C THR O 365 25.80 8.20 64.45
N THR O 366 24.54 7.78 64.56
CA THR O 366 24.16 6.56 63.88
C THR O 366 23.62 6.84 62.49
N LEU O 367 23.32 8.10 62.19
CA LEU O 367 22.95 8.47 60.83
C LEU O 367 24.15 8.94 60.04
N PHE O 368 25.23 9.29 60.71
CA PHE O 368 26.48 9.53 60.01
C PHE O 368 27.02 8.22 59.46
N LYS O 369 26.83 7.14 60.22
CA LYS O 369 27.34 5.84 59.85
C LYS O 369 26.51 5.21 58.75
N THR O 370 25.19 5.37 58.80
CA THR O 370 24.34 4.69 57.84
C THR O 370 24.07 5.51 56.58
N HIS O 371 24.06 6.83 56.66
CA HIS O 371 23.77 7.63 55.47
C HIS O 371 24.99 8.28 54.86
N VAL O 372 25.84 8.93 55.67
CA VAL O 372 26.91 9.72 55.08
C VAL O 372 28.14 8.87 54.75
N LEU O 373 28.31 7.73 55.41
CA LEU O 373 29.37 6.81 54.98
C LEU O 373 29.14 6.20 53.59
N PRO O 374 28.01 5.51 53.30
CA PRO O 374 27.97 4.78 52.03
C PRO O 374 27.78 5.67 50.83
N THR O 375 27.30 6.89 50.99
CA THR O 375 27.23 7.77 49.84
C THR O 375 28.62 8.27 49.49
N TYR O 376 28.76 8.69 48.24
CA TYR O 376 30.07 8.97 47.66
C TYR O 376 30.21 10.45 47.43
N TYR O 377 31.42 10.96 47.66
CA TYR O 377 31.91 12.18 47.04
C TYR O 377 31.10 13.39 47.51
N THR O 378 30.93 13.50 48.82
CA THR O 378 30.15 14.57 49.43
C THR O 378 30.97 15.32 50.45
N ARG O 379 30.85 16.65 50.47
CA ARG O 379 31.32 17.39 51.64
C ARG O 379 30.48 18.66 51.82
N SER O 380 29.32 18.51 52.48
CA SER O 380 28.73 19.58 53.27
C SER O 380 27.92 19.08 54.45
N ILE O 381 27.81 17.77 54.66
CA ILE O 381 26.86 17.24 55.63
C ILE O 381 27.55 16.72 56.88
N GLN O 382 28.74 16.14 56.76
CA GLN O 382 29.55 15.76 57.89
C GLN O 382 30.01 16.96 58.71
N TYR O 383 29.86 18.17 58.19
CA TYR O 383 30.08 19.39 58.95
C TYR O 383 29.09 19.57 60.09
N ILE O 384 27.94 18.90 60.07
CA ILE O 384 27.06 18.99 61.24
C ILE O 384 27.61 18.13 62.36
N MET O 385 28.49 17.18 62.04
CA MET O 385 29.22 16.50 63.08
C MET O 385 30.59 17.13 63.30
N PHE O 386 30.89 18.16 62.52
CA PHE O 386 31.97 19.06 62.86
C PHE O 386 31.48 20.18 63.76
N HIS O 387 30.24 20.11 64.20
CA HIS O 387 29.63 21.16 65.00
C HIS O 387 29.07 20.64 66.31
N VAL O 388 28.43 19.48 66.29
CA VAL O 388 27.88 18.90 67.50
C VAL O 388 28.99 18.33 68.37
N SER O 389 30.01 17.75 67.74
CA SER O 389 31.08 17.08 68.48
C SER O 389 31.95 18.04 69.28
N GLN O 390 31.95 19.33 68.97
CA GLN O 390 32.80 20.32 69.63
C GLN O 390 32.11 20.98 70.82
N GLN O 391 30.95 20.47 71.23
CA GLN O 391 30.28 21.05 72.38
C GLN O 391 30.98 20.66 73.68
N GLN O 392 31.48 19.43 73.77
CA GLN O 392 32.16 18.97 74.97
C GLN O 392 33.37 18.14 74.57
N LEU O 393 34.02 17.56 75.58
CA LEU O 393 35.23 16.76 75.37
C LEU O 393 34.94 15.27 75.36
N GLU O 394 33.97 14.80 76.15
CA GLU O 394 33.62 13.39 76.10
C GLU O 394 32.87 13.03 74.83
N LEU O 395 32.28 14.04 74.17
CA LEU O 395 31.69 13.79 72.85
C LEU O 395 32.78 13.55 71.82
N MET O 396 33.84 14.37 71.84
CA MET O 396 34.93 14.19 70.89
C MET O 396 35.77 12.96 71.21
N ASP O 397 35.67 12.42 72.42
CA ASP O 397 36.25 11.09 72.65
C ASP O 397 35.33 10.04 72.04
N SER O 398 34.02 10.21 72.19
CA SER O 398 33.07 9.23 71.67
C SER O 398 32.94 9.32 70.17
N PHE O 399 33.05 10.54 69.62
CA PHE O 399 33.11 10.68 68.17
C PHE O 399 34.41 10.09 67.63
N LEU O 400 35.48 10.15 68.42
CA LEU O 400 36.72 9.51 68.01
C LEU O 400 36.61 8.00 68.09
N VAL O 401 36.00 7.49 69.15
CA VAL O 401 35.87 6.05 69.25
C VAL O 401 34.82 5.53 68.27
N THR O 402 33.97 6.41 67.73
CA THR O 402 33.15 6.02 66.59
C THR O 402 34.00 5.83 65.35
N LEU O 403 34.98 6.70 65.14
CA LEU O 403 35.78 6.61 63.92
C LEU O 403 36.90 5.59 64.07
N ILE O 404 37.06 5.01 65.27
CA ILE O 404 38.14 4.05 65.46
C ILE O 404 37.65 2.63 65.15
N ASP O 405 36.54 2.23 65.76
CA ASP O 405 36.10 0.86 65.64
C ASP O 405 35.47 0.53 64.29
N ILE O 406 35.26 1.54 63.43
CA ILE O 406 34.82 1.28 62.07
C ILE O 406 36.00 1.31 61.12
N SER O 407 37.10 1.96 61.49
CA SER O 407 38.30 1.94 60.67
C SER O 407 39.16 0.70 60.90
N PHE O 408 38.80 -0.17 61.83
CA PHE O 408 39.62 -1.33 62.11
C PHE O 408 38.86 -2.64 62.26
N ALA O 409 37.54 -2.63 62.21
CA ALA O 409 36.78 -3.86 62.36
C ALA O 409 36.98 -4.73 61.13
N VAL O 410 37.24 -6.03 61.36
CA VAL O 410 37.67 -6.89 60.26
C VAL O 410 36.53 -7.36 59.37
N ASN O 411 35.28 -7.19 59.79
CA ASN O 411 34.18 -7.77 59.04
C ASN O 411 33.80 -6.97 57.81
N GLU O 412 34.01 -5.65 57.83
CA GLU O 412 33.60 -4.81 56.71
C GLU O 412 34.53 -5.00 55.52
N ALA O 413 34.07 -4.52 54.37
CA ALA O 413 34.93 -4.42 53.21
C ALA O 413 35.96 -3.32 53.42
N ALA O 414 36.99 -3.33 52.59
CA ALA O 414 38.07 -2.36 52.77
C ALA O 414 37.64 -0.96 52.41
N GLU O 415 36.59 -0.80 51.61
CA GLU O 415 36.20 0.53 51.16
C GLU O 415 35.52 1.32 52.26
N LYS O 416 35.10 0.66 53.34
CA LYS O 416 34.65 1.40 54.51
C LYS O 416 35.79 1.67 55.46
N LYS O 417 36.78 0.78 55.51
CA LYS O 417 37.95 1.04 56.34
C LYS O 417 38.90 2.02 55.66
N ILE O 418 38.79 2.17 54.34
CA ILE O 418 39.56 3.19 53.65
C ILE O 418 38.87 4.55 53.78
N LYS O 419 37.55 4.58 53.58
CA LYS O 419 36.82 5.86 53.58
C LYS O 419 36.72 6.43 54.99
N SER O 420 36.69 5.57 56.00
CA SER O 420 36.64 6.11 57.36
C SER O 420 38.01 6.58 57.84
N LEU O 421 39.08 6.05 57.27
CA LEU O 421 40.40 6.53 57.66
C LEU O 421 40.66 7.92 57.10
N GLN O 422 40.01 8.27 55.99
CA GLN O 422 40.05 9.66 55.55
C GLN O 422 39.16 10.54 56.41
N TYR O 423 38.21 9.93 57.11
CA TYR O 423 37.44 10.69 58.09
C TYR O 423 38.19 10.80 59.40
N LEU O 424 39.23 9.99 59.58
CA LEU O 424 40.05 10.11 60.77
C LEU O 424 41.14 11.14 60.57
N GLY O 425 41.74 11.17 59.39
CA GLY O 425 42.84 12.08 59.15
C GLY O 425 42.39 13.53 59.06
N SER O 426 41.26 13.77 58.41
CA SER O 426 40.86 15.15 58.19
C SER O 426 39.98 15.68 59.30
N TYR O 427 39.69 14.88 60.33
CA TYR O 427 38.93 15.41 61.45
C TYR O 427 39.84 15.88 62.57
N ILE O 428 40.82 15.04 62.94
CA ILE O 428 41.73 15.37 64.03
C ILE O 428 42.65 16.52 63.62
N ALA O 429 42.91 16.66 62.33
CA ALA O 429 43.70 17.79 61.86
C ALA O 429 42.97 19.11 62.01
N ARG O 430 41.63 19.10 62.01
CA ARG O 430 40.86 20.34 62.02
C ARG O 430 40.04 20.53 63.29
N ALA O 431 40.03 19.57 64.20
CA ALA O 431 39.34 19.75 65.46
C ALA O 431 40.16 20.63 66.40
N LYS O 432 39.54 21.69 66.90
CA LYS O 432 40.25 22.69 67.68
C LYS O 432 40.59 22.25 69.09
N LYS O 433 39.82 21.35 69.68
CA LYS O 433 40.00 20.98 71.09
C LYS O 433 40.57 19.56 71.18
N LEU O 434 41.84 19.47 71.57
CA LEU O 434 42.57 18.23 71.53
C LEU O 434 43.73 18.24 72.54
N SER O 435 44.15 17.05 72.97
CA SER O 435 45.28 16.90 73.86
C SER O 435 46.02 15.61 73.54
N ARG O 436 47.32 15.58 73.87
CA ARG O 436 48.16 14.40 73.67
C ARG O 436 47.66 13.19 74.45
N THR O 437 46.92 13.41 75.54
CA THR O 437 46.30 12.34 76.31
C THR O 437 45.18 11.63 75.56
N GLN O 438 44.73 12.19 74.43
CA GLN O 438 43.94 11.44 73.47
C GLN O 438 44.70 11.25 72.16
N ILE O 439 45.27 12.34 71.64
CA ILE O 439 45.70 12.39 70.25
C ILE O 439 46.96 11.58 70.04
N ILE O 440 47.96 11.78 70.88
CA ILE O 440 49.17 10.99 70.79
C ILE O 440 48.91 9.56 71.29
N PHE O 441 47.99 9.40 72.23
CA PHE O 441 47.75 8.07 72.79
C PHE O 441 47.02 7.17 71.79
N VAL O 442 46.28 7.75 70.85
CA VAL O 442 45.83 6.91 69.74
C VAL O 442 46.92 6.83 68.68
N ALA O 443 47.76 7.86 68.57
CA ALA O 443 48.85 7.83 67.59
C ALA O 443 49.99 6.97 68.08
N SER O 444 50.07 6.72 69.39
CA SER O 444 50.96 5.67 69.86
C SER O 444 50.47 4.30 69.42
N TYR O 445 49.16 4.06 69.56
CA TYR O 445 48.64 2.75 69.19
C TYR O 445 48.53 2.60 67.68
N LEU O 446 48.30 3.71 66.96
CA LEU O 446 48.40 3.68 65.50
C LEU O 446 49.79 3.28 65.06
N THR O 447 50.81 3.79 65.72
CA THR O 447 52.16 3.38 65.39
C THR O 447 52.43 1.96 65.84
N SER O 448 51.72 1.45 66.86
CA SER O 448 51.83 0.04 67.16
C SER O 448 51.03 -0.78 66.16
N TRP O 449 49.93 -0.21 65.66
CA TRP O 449 49.14 -0.90 64.66
C TRP O 449 49.89 -0.98 63.34
N LEU O 450 50.73 0.01 63.05
CA LEU O 450 51.64 -0.13 61.92
C LEU O 450 52.77 -1.08 62.24
N ASN O 451 53.28 -1.04 63.48
CA ASN O 451 54.37 -1.92 63.87
C ASN O 451 53.93 -3.36 63.92
N ARG O 452 52.70 -3.62 64.33
CA ARG O 452 52.18 -4.97 64.23
C ARG O 452 51.75 -5.31 62.81
N TYR O 453 51.73 -4.31 61.91
CA TYR O 453 51.50 -4.59 60.49
C TYR O 453 52.80 -4.89 59.77
N VAL O 454 53.92 -4.38 60.28
CA VAL O 454 55.23 -4.72 59.72
C VAL O 454 55.85 -5.94 60.40
N ILE O 455 55.15 -6.58 61.33
CA ILE O 455 55.65 -7.84 61.89
C ILE O 455 55.21 -9.01 61.03
N GLU O 456 53.91 -9.15 60.79
CA GLU O 456 53.43 -10.35 60.10
C GLU O 456 53.65 -10.28 58.60
N ARG O 457 53.45 -9.12 57.98
CA ARG O 457 53.35 -9.04 56.53
C ARG O 457 54.58 -8.43 55.88
N GLU O 458 55.67 -8.28 56.61
CA GLU O 458 56.92 -7.97 55.94
C GLU O 458 57.66 -9.21 55.46
N GLU O 459 57.18 -10.40 55.80
CA GLU O 459 57.57 -11.60 55.07
C GLU O 459 56.63 -11.88 53.91
N GLU O 460 55.48 -11.21 53.86
CA GLU O 460 54.54 -11.34 52.77
C GLU O 460 54.67 -10.19 51.78
N VAL O 461 55.88 -9.69 51.58
CA VAL O 461 56.12 -8.64 50.59
C VAL O 461 56.94 -9.17 49.41
N ASP O 462 57.66 -10.27 49.58
CA ASP O 462 58.31 -10.96 48.48
C ASP O 462 57.44 -12.07 47.90
N GLN O 463 56.23 -12.25 48.41
CA GLN O 463 55.41 -13.36 48.00
C GLN O 463 54.79 -13.12 46.62
N ARG O 464 54.19 -14.18 46.08
CA ARG O 464 53.48 -14.12 44.80
C ARG O 464 52.19 -13.32 45.00
N GLY O 465 52.22 -12.06 44.64
CA GLY O 465 51.09 -11.18 44.88
C GLY O 465 51.48 -9.74 44.62
N GLY O 466 50.47 -8.88 44.66
CA GLY O 466 50.63 -7.48 44.33
C GLY O 466 50.67 -6.60 45.56
N MET O 467 50.87 -5.30 45.30
CA MET O 467 50.94 -4.31 46.37
C MET O 467 49.56 -3.89 46.87
N GLU O 468 48.49 -4.44 46.28
CA GLU O 468 47.15 -4.05 46.69
C GLU O 468 46.76 -4.65 48.04
N ARG O 469 47.55 -5.60 48.55
CA ARG O 469 47.21 -6.23 49.82
C ARG O 469 47.42 -5.29 51.00
N PHE O 470 48.21 -4.25 50.83
CA PHE O 470 48.47 -3.28 51.89
C PHE O 470 47.95 -1.89 51.55
N LYS O 471 46.93 -1.78 50.71
CA LYS O 471 46.32 -0.48 50.46
C LYS O 471 45.58 0.03 51.68
N HIS O 472 45.20 -0.88 52.58
CA HIS O 472 44.73 -0.48 53.91
C HIS O 472 45.86 0.14 54.71
N PHE O 473 47.11 -0.27 54.45
CA PHE O 473 48.23 0.24 55.23
C PHE O 473 48.65 1.62 54.77
N TYR O 474 48.72 1.85 53.45
CA TYR O 474 49.14 3.16 52.94
C TYR O 474 48.10 4.22 53.27
N ALA O 475 46.82 3.83 53.29
CA ALA O 475 45.78 4.75 53.73
C ALA O 475 45.82 4.94 55.24
N ALA O 476 46.30 3.93 55.97
CA ALA O 476 46.56 4.12 57.39
C ALA O 476 47.76 5.03 57.59
N PHE O 477 48.77 4.88 56.74
CA PHE O 477 49.94 5.74 56.83
C PHE O 477 49.66 7.13 56.31
N GLN O 478 48.65 7.26 55.43
CA GLN O 478 48.25 8.57 54.92
C GLN O 478 47.71 9.46 56.02
N ALA O 479 47.08 8.86 57.04
CA ALA O 479 46.55 9.64 58.15
C ALA O 479 47.67 10.28 58.96
N LEU O 480 48.84 9.64 58.98
CA LEU O 480 49.94 10.18 59.77
C LEU O 480 50.60 11.36 59.06
N CYS O 481 50.68 11.32 57.73
CA CYS O 481 51.26 12.44 57.01
C CYS O 481 50.24 13.54 56.75
N TYR O 482 49.00 13.35 57.19
CA TYR O 482 48.08 14.48 57.25
C TYR O 482 48.02 15.08 58.64
N ILE O 483 48.16 14.24 59.67
CA ILE O 483 48.18 14.75 61.04
C ILE O 483 49.46 15.51 61.31
N PHE O 484 50.58 15.04 60.74
CA PHE O 484 51.86 15.71 60.91
C PHE O 484 51.90 17.08 60.25
N CYS O 485 51.15 17.30 59.18
CA CYS O 485 51.16 18.59 58.50
C CYS O 485 50.31 19.63 59.23
N PHE O 486 49.49 19.21 60.20
CA PHE O 486 48.65 20.16 60.90
C PHE O 486 48.84 20.19 62.40
N ARG O 487 49.50 19.21 63.01
CA ARG O 487 49.69 19.18 64.45
C ARG O 487 51.13 18.88 64.84
N HIS O 488 52.11 19.38 64.08
CA HIS O 488 53.50 19.02 64.39
C HIS O 488 54.04 19.81 65.57
N ASN O 489 53.60 21.05 65.76
CA ASN O 489 54.03 21.85 66.89
C ASN O 489 53.41 21.37 68.20
N ILE O 490 52.38 20.54 68.13
CA ILE O 490 51.84 19.87 69.30
C ILE O 490 52.74 18.72 69.76
N PHE O 491 53.45 18.07 68.83
CA PHE O 491 54.19 16.86 69.14
C PHE O 491 55.42 17.09 70.01
N ARG O 492 55.95 18.32 70.03
CA ARG O 492 57.13 18.66 70.84
C ARG O 492 56.73 18.70 72.30
N ASP O 493 57.35 17.85 73.11
CA ASP O 493 57.11 17.86 74.55
C ASP O 493 57.91 18.98 75.22
N THR O 494 57.97 18.91 76.54
CA THR O 494 58.81 19.83 77.31
C THR O 494 60.28 19.47 77.13
N ASP O 495 60.60 18.17 77.14
CA ASP O 495 62.01 17.73 77.20
C ASP O 495 62.76 18.01 75.91
N GLY O 496 62.07 18.04 74.77
CA GLY O 496 62.72 18.22 73.49
C GLY O 496 62.89 16.96 72.69
N ASN O 497 62.24 15.87 73.08
CA ASN O 497 62.23 14.65 72.29
C ASN O 497 60.87 14.49 71.62
N TRP O 498 60.86 13.73 70.52
CA TRP O 498 59.64 13.56 69.76
C TRP O 498 58.72 12.54 70.43
N GLU O 499 57.63 12.22 69.73
CA GLU O 499 56.65 11.29 70.26
C GLU O 499 56.87 9.87 69.74
N CYS O 500 57.12 8.97 70.69
CA CYS O 500 57.09 7.52 70.48
C CYS O 500 58.12 7.06 69.46
N GLU O 501 59.31 7.64 69.54
CA GLU O 501 60.47 7.30 68.70
C GLU O 501 60.18 7.50 67.22
N LEU O 502 59.95 8.78 66.86
CA LEU O 502 59.69 9.14 65.47
C LEU O 502 60.89 8.83 64.57
N ASP O 503 62.10 8.99 65.12
CA ASP O 503 63.29 8.64 64.36
C ASP O 503 63.41 7.13 64.18
N LYS O 504 62.91 6.35 65.13
CA LYS O 504 62.84 4.91 64.94
C LYS O 504 61.62 4.49 64.13
N PHE O 505 60.76 5.43 63.75
CA PHE O 505 59.55 5.12 63.00
C PHE O 505 59.56 5.67 61.58
N PHE O 506 59.72 7.00 61.42
CA PHE O 506 59.55 7.63 60.12
C PHE O 506 60.68 7.24 59.16
N GLN O 507 61.84 6.87 59.70
CA GLN O 507 62.89 6.36 58.84
C GLN O 507 62.69 4.87 58.57
N ARG O 508 62.14 4.13 59.53
CA ARG O 508 62.14 2.67 59.43
C ARG O 508 61.11 2.15 58.43
N MET O 509 59.96 2.81 58.32
CA MET O 509 58.88 2.30 57.45
C MET O 509 59.16 2.51 55.97
N VAL O 510 60.08 3.42 55.63
CA VAL O 510 60.33 3.77 54.24
C VAL O 510 61.49 2.94 53.66
N ILE O 511 62.37 2.38 54.50
CA ILE O 511 63.41 1.49 54.02
C ILE O 511 62.92 0.08 53.73
N SER O 512 61.66 -0.22 54.03
CA SER O 512 61.14 -1.55 53.77
C SER O 512 60.75 -1.70 52.31
N LYS O 513 60.33 -2.91 51.97
CA LYS O 513 59.80 -3.19 50.63
C LYS O 513 58.35 -2.75 50.49
N PHE O 514 57.74 -2.27 51.56
CA PHE O 514 56.39 -1.72 51.49
C PHE O 514 56.37 -0.43 50.68
N ASN O 515 57.35 0.45 50.93
CA ASN O 515 57.58 1.74 50.28
C ASN O 515 56.37 2.65 50.29
N PRO O 516 56.02 3.26 51.42
CA PRO O 516 54.80 4.09 51.47
C PRO O 516 54.96 5.48 50.90
N LEU O 517 56.00 5.79 50.13
CA LEU O 517 55.99 7.08 49.45
C LEU O 517 55.44 6.96 48.04
N LYS O 518 55.62 5.80 47.41
CA LYS O 518 55.22 5.62 46.02
C LYS O 518 53.72 5.40 45.90
N PHE O 519 53.16 4.50 46.70
CA PHE O 519 51.79 4.05 46.54
C PHE O 519 50.80 4.90 47.29
N CYS O 520 51.27 5.86 48.07
CA CYS O 520 50.41 6.77 48.80
C CYS O 520 50.14 7.98 47.91
N ASN O 521 49.59 9.05 48.49
CA ASN O 521 49.24 10.23 47.73
C ASN O 521 50.48 10.95 47.21
N GLU O 522 50.29 11.72 46.14
CA GLU O 522 51.39 12.44 45.52
C GLU O 522 51.55 13.87 46.04
N ASN O 523 50.46 14.55 46.37
CA ASN O 523 50.53 15.95 46.74
C ASN O 523 50.50 16.22 48.23
N VAL O 524 49.69 15.48 48.99
CA VAL O 524 49.59 15.78 50.41
C VAL O 524 50.69 15.06 51.18
N MET O 525 51.38 14.12 50.53
CA MET O 525 52.54 13.52 51.16
C MET O 525 53.84 14.20 50.75
N LEU O 526 53.87 14.84 49.57
CA LEU O 526 55.05 15.62 49.19
C LEU O 526 55.17 16.86 50.07
N MET O 527 54.05 17.38 50.56
CA MET O 527 54.11 18.44 51.57
C MET O 527 54.67 17.91 52.87
N PHE O 528 54.44 16.63 53.18
CA PHE O 528 55.02 16.04 54.38
C PHE O 528 56.53 15.91 54.24
N ALA O 529 57.01 15.63 53.03
CA ALA O 529 58.45 15.43 52.83
C ALA O 529 59.20 16.77 52.77
N ARG O 530 58.48 17.89 52.75
CA ARG O 530 59.13 19.16 53.00
C ARG O 530 59.22 19.44 54.51
N ILE O 531 58.16 19.11 55.26
CA ILE O 531 58.20 19.30 56.70
C ILE O 531 58.82 18.08 57.37
N ALA O 532 59.12 17.02 56.63
CA ALA O 532 60.03 16.00 57.16
C ALA O 532 61.46 16.54 57.21
N GLN O 533 61.93 17.13 56.11
CA GLN O 533 63.30 17.62 56.03
C GLN O 533 63.42 19.08 56.42
N GLN O 534 62.37 19.67 56.97
CA GLN O 534 62.55 20.85 57.79
C GLN O 534 62.93 20.51 59.21
N GLU O 535 62.68 19.27 59.63
CA GLU O 535 63.15 18.75 60.90
C GLU O 535 64.13 17.61 60.76
N SER O 536 64.34 17.10 59.53
CA SER O 536 65.29 16.04 59.18
C SER O 536 64.99 14.74 59.93
N VAL O 537 63.72 14.50 60.24
CA VAL O 537 63.33 13.35 61.03
C VAL O 537 63.41 12.04 60.24
N ALA O 538 63.41 12.12 58.91
CA ALA O 538 63.53 10.95 58.06
C ALA O 538 64.19 11.37 56.75
N TYR O 539 64.55 10.38 55.95
CA TYR O 539 65.18 10.60 54.65
C TYR O 539 64.38 9.83 53.61
N CYS O 540 63.82 10.55 52.63
CA CYS O 540 62.98 9.92 51.62
C CYS O 540 63.17 10.47 50.21
N PHE O 541 64.08 11.41 49.98
CA PHE O 541 64.23 11.98 48.66
C PHE O 541 65.08 11.12 47.74
N SER O 542 65.95 10.27 48.30
CA SER O 542 66.73 9.36 47.47
C SER O 542 65.87 8.26 46.87
N ILE O 543 64.77 7.92 47.54
CA ILE O 543 63.86 6.93 46.97
C ILE O 543 62.95 7.60 45.94
N ILE O 544 62.75 8.91 46.05
CA ILE O 544 62.16 9.67 44.95
C ILE O 544 63.11 9.69 43.76
N GLU O 545 64.41 9.76 44.03
CA GLU O 545 65.40 9.54 42.98
C GLU O 545 65.45 8.07 42.53
N ASN O 546 64.92 7.14 43.33
CA ASN O 546 64.80 5.76 42.88
C ASN O 546 63.54 5.57 42.02
N ASN O 547 62.55 6.45 42.18
CA ASN O 547 61.30 6.32 41.41
C ASN O 547 61.54 6.55 39.93
N ASN O 548 62.18 7.67 39.60
CA ASN O 548 62.52 8.02 38.22
C ASN O 548 63.77 7.31 37.72
N ASN O 549 64.36 6.42 38.50
CA ASN O 549 65.47 5.55 38.10
C ASN O 549 64.99 4.19 37.62
N GLU O 550 64.02 3.60 38.35
CA GLU O 550 63.55 2.25 38.05
C GLU O 550 62.65 2.21 36.82
N ARG O 551 62.05 3.33 36.45
CA ARG O 551 61.26 3.41 35.22
C ARG O 551 62.18 3.49 34.00
N THR O 581 39.78 -1.65 38.35
CA THR O 581 39.90 -2.21 39.68
C THR O 581 40.35 -1.16 40.68
N ARG O 582 41.40 -0.44 40.31
CA ARG O 582 42.02 0.48 41.25
C ARG O 582 41.51 1.91 41.11
N GLN O 583 40.79 2.23 40.04
CA GLN O 583 40.42 3.62 39.78
C GLN O 583 39.34 4.13 40.73
N GLN O 584 38.62 3.22 41.39
CA GLN O 584 37.68 3.65 42.41
C GLN O 584 38.37 3.83 43.75
N PHE O 585 39.61 3.33 43.86
CA PHE O 585 40.40 3.59 45.06
C PHE O 585 41.39 4.73 44.82
N ILE O 586 41.90 4.84 43.60
CA ILE O 586 42.86 5.89 43.27
C ILE O 586 42.22 7.27 43.43
N ASP O 587 40.96 7.38 43.03
CA ASP O 587 40.21 8.60 43.28
C ASP O 587 39.49 8.58 44.63
N LEU O 588 39.91 7.73 45.57
CA LEU O 588 39.33 7.74 46.91
C LEU O 588 40.28 8.32 47.95
N GLN O 589 41.58 8.11 47.80
CA GLN O 589 42.52 8.74 48.70
C GLN O 589 42.82 10.18 48.32
N SER O 590 42.28 10.65 47.20
CA SER O 590 42.28 12.08 46.86
C SER O 590 41.01 12.77 47.33
N TYR O 591 40.44 12.32 48.44
CA TYR O 591 39.17 12.83 48.94
C TYR O 591 39.32 13.08 50.43
N PHE O 592 39.36 14.35 50.82
CA PHE O 592 39.39 14.76 52.21
C PHE O 592 38.05 15.40 52.57
N PRO O 593 37.41 14.96 53.62
CA PRO O 593 36.06 15.44 53.93
C PRO O 593 36.01 16.89 54.40
N TYR O 594 36.86 17.27 55.35
CA TYR O 594 36.74 18.54 56.06
C TYR O 594 37.62 19.64 55.45
N ASP O 595 37.75 19.64 54.12
CA ASP O 595 38.43 20.71 53.42
C ASP O 595 37.60 22.01 53.51
N PRO O 596 38.20 23.18 53.21
CA PRO O 596 37.46 24.45 53.33
C PRO O 596 36.17 24.53 52.52
N LEU O 597 35.09 24.90 53.22
CA LEU O 597 33.76 24.92 52.64
C LEU O 597 33.64 26.06 51.64
N PHE O 598 32.86 25.82 50.59
CA PHE O 598 32.60 26.82 49.57
C PHE O 598 31.37 27.66 49.87
N LEU O 599 30.66 27.40 50.97
CA LEU O 599 29.49 28.19 51.31
C LEU O 599 29.95 29.42 52.10
N LYS O 600 29.02 30.30 52.45
CA LYS O 600 29.36 31.54 53.14
C LYS O 600 28.91 31.53 54.60
N ASN O 601 27.61 31.37 54.83
CA ASN O 601 27.03 31.51 56.15
C ASN O 601 27.51 30.44 57.13
N TYR O 602 27.75 29.23 56.64
CA TYR O 602 28.17 28.18 57.55
C TYR O 602 29.66 28.29 57.85
N LYS O 603 30.43 28.97 56.99
CA LYS O 603 31.81 29.28 57.35
C LYS O 603 31.88 30.34 58.45
N ILE O 604 30.89 31.23 58.48
CA ILE O 604 30.83 32.24 59.54
C ILE O 604 30.49 31.59 60.87
N LEU O 605 29.62 30.57 60.85
CA LEU O 605 29.32 29.82 62.06
C LEU O 605 30.47 28.94 62.51
N MET O 606 31.46 28.70 61.64
CA MET O 606 32.51 27.75 61.93
C MET O 606 33.77 28.39 62.50
N LYS O 607 33.73 29.66 62.90
CA LYS O 607 34.94 30.22 63.48
C LYS O 607 35.04 29.94 64.97
N GLU O 608 34.06 29.20 65.50
CA GLU O 608 34.20 28.65 66.84
C GLU O 608 35.36 27.65 66.90
N TYR O 609 35.36 26.65 66.01
CA TYR O 609 36.26 25.52 66.15
C TYR O 609 36.88 25.00 64.86
N TYR O 610 36.53 25.54 63.70
CA TYR O 610 37.24 25.13 62.49
C TYR O 610 38.50 25.96 62.32
N ILE O 611 39.59 25.31 61.90
CA ILE O 611 40.86 25.99 61.74
C ILE O 611 41.10 26.21 60.26
N GLU O 612 42.11 26.98 59.91
CA GLU O 612 42.49 27.21 58.52
C GLU O 612 43.78 26.44 58.25
N TRP O 613 44.26 26.53 57.02
CA TRP O 613 45.57 25.99 56.67
C TRP O 613 46.71 26.72 57.37
N SER O 614 46.51 27.99 57.74
CA SER O 614 47.49 28.74 58.51
C SER O 614 47.61 28.21 59.93
N ARG P 1 -9.88 28.52 -57.20
CA ARG P 1 -11.22 29.08 -57.35
C ARG P 1 -12.21 28.37 -56.44
N PRO P 2 -12.46 28.93 -55.26
CA PRO P 2 -13.40 28.31 -54.31
C PRO P 2 -14.83 28.77 -54.50
N VAL P 3 -15.19 29.24 -55.70
CA VAL P 3 -16.10 30.33 -56.00
C VAL P 3 -17.34 30.44 -55.11
N ASP P 4 -17.55 31.65 -54.60
CA ASP P 4 -18.10 31.92 -53.27
C ASP P 4 -19.58 32.33 -53.39
N ASP P 5 -20.17 32.72 -52.26
CA ASP P 5 -21.59 33.02 -52.23
C ASP P 5 -21.88 34.50 -52.40
N THR P 6 -21.45 35.32 -51.43
CA THR P 6 -21.71 36.76 -51.50
C THR P 6 -20.37 37.46 -51.61
N LEU P 7 -19.86 37.51 -52.83
CA LEU P 7 -18.61 38.19 -53.15
C LEU P 7 -18.63 38.53 -54.62
N ALA P 8 -17.72 39.41 -55.00
CA ALA P 8 -17.41 39.67 -56.40
C ALA P 8 -15.98 40.18 -56.46
N GLU P 9 -15.46 40.29 -57.66
CA GLU P 9 -14.11 40.80 -57.89
C GLU P 9 -14.23 42.03 -58.78
N ASP P 10 -14.45 43.18 -58.16
CA ASP P 10 -14.51 44.46 -58.85
C ASP P 10 -13.64 45.46 -58.10
N ALA P 11 -13.44 46.62 -58.70
CA ALA P 11 -12.74 47.70 -58.01
C ALA P 11 -13.73 48.50 -57.17
N LEU P 12 -13.18 49.32 -56.29
CA LEU P 12 -14.00 49.99 -55.27
C LEU P 12 -14.70 51.21 -55.88
N ASP P 13 -15.95 51.02 -56.24
CA ASP P 13 -16.81 52.09 -56.73
C ASP P 13 -17.29 52.93 -55.55
N LEU P 14 -17.70 54.16 -55.86
CA LEU P 14 -18.19 55.11 -54.86
C LEU P 14 -19.45 55.79 -55.39
N HIS P 15 -19.79 56.96 -54.85
CA HIS P 15 -20.95 57.70 -55.32
C HIS P 15 -20.65 59.17 -55.61
N ILE P 16 -21.17 59.66 -56.74
CA ILE P 16 -21.20 61.07 -57.12
C ILE P 16 -22.66 61.47 -57.34
N VAL P 17 -22.99 62.72 -57.00
CA VAL P 17 -24.36 63.22 -57.04
C VAL P 17 -24.47 64.33 -58.09
N VAL P 18 -25.65 64.43 -58.73
CA VAL P 18 -26.03 65.56 -59.57
C VAL P 18 -27.44 66.00 -59.14
N LYS P 19 -27.63 67.29 -58.86
CA LYS P 19 -28.82 67.81 -58.20
C LYS P 19 -29.76 68.49 -59.19
N SER P 20 -31.05 68.46 -58.87
CA SER P 20 -32.07 69.22 -59.59
C SER P 20 -33.27 69.46 -58.68
N LEU P 21 -34.22 70.25 -59.18
CA LEU P 21 -35.49 70.50 -58.54
C LEU P 21 -36.62 70.19 -59.52
N LEU P 22 -37.79 69.83 -58.99
CA LEU P 22 -38.92 69.52 -59.86
C LEU P 22 -40.07 70.52 -59.73
N CYS P 23 -40.65 70.68 -58.55
CA CYS P 23 -41.91 71.42 -58.45
C CYS P 23 -42.10 71.91 -57.03
N ASP P 24 -43.32 72.35 -56.72
CA ASP P 24 -43.73 72.74 -55.39
C ASP P 24 -45.12 72.15 -55.13
N THR P 25 -45.67 72.46 -53.96
CA THR P 25 -46.95 71.95 -53.52
C THR P 25 -47.53 72.81 -52.41
N GLN P 26 -46.37 66.16 -30.10
CA GLN P 26 -46.87 64.85 -30.51
C GLN P 26 -46.50 64.61 -31.97
N ASP P 27 -46.37 65.71 -32.71
CA ASP P 27 -45.91 65.61 -34.09
C ASP P 27 -44.43 65.28 -34.19
N ALA P 28 -43.67 65.54 -33.13
CA ALA P 28 -42.29 65.08 -33.03
C ALA P 28 -42.11 64.02 -31.94
N PHE P 29 -43.22 63.45 -31.44
CA PHE P 29 -43.18 62.40 -30.43
C PHE P 29 -43.82 61.10 -30.88
N PHE P 30 -44.75 61.13 -31.82
CA PHE P 30 -45.28 59.93 -32.45
C PHE P 30 -45.50 60.25 -33.92
N TRP P 31 -46.14 59.32 -34.62
CA TRP P 31 -46.29 59.39 -36.07
C TRP P 31 -47.32 58.35 -36.46
N ASP P 32 -47.97 58.57 -37.60
CA ASP P 32 -49.02 57.65 -38.04
C ASP P 32 -48.39 56.46 -38.76
N PRO P 33 -48.60 55.24 -38.29
CA PRO P 33 -48.03 54.07 -38.96
C PRO P 33 -48.81 53.58 -40.18
N THR P 34 -49.85 54.30 -40.60
CA THR P 34 -50.73 53.88 -41.68
C THR P 34 -50.52 54.61 -42.99
N VAL P 35 -49.90 55.79 -42.98
CA VAL P 35 -49.62 56.50 -44.22
C VAL P 35 -48.53 55.77 -44.98
N ALA P 36 -48.81 55.45 -46.24
CA ALA P 36 -47.77 54.87 -47.09
C ALA P 36 -46.86 55.94 -47.64
N ASN P 37 -47.41 56.87 -48.42
CA ASN P 37 -46.68 57.97 -49.01
C ASN P 37 -47.69 59.02 -49.45
N ARG P 38 -47.22 59.98 -50.25
CA ARG P 38 -48.10 60.99 -50.82
C ARG P 38 -47.82 61.26 -52.29
N LEU P 39 -46.86 60.57 -52.91
CA LEU P 39 -46.60 60.71 -54.33
C LEU P 39 -46.48 59.32 -54.96
N ASP P 40 -46.56 59.28 -56.28
CA ASP P 40 -46.20 58.10 -57.07
C ASP P 40 -45.99 58.54 -58.51
N SER P 41 -45.19 57.77 -59.24
CA SER P 41 -44.86 58.08 -60.62
C SER P 41 -44.45 56.80 -61.33
N GLN P 42 -44.91 56.63 -62.56
CA GLN P 42 -44.64 55.41 -63.30
C GLN P 42 -44.88 55.69 -64.78
N TYR P 43 -44.17 54.95 -65.63
CA TYR P 43 -44.53 54.87 -67.02
C TYR P 43 -45.89 54.19 -67.15
N ILE P 44 -46.83 54.84 -67.83
CA ILE P 44 -48.17 54.30 -68.02
C ILE P 44 -48.40 54.24 -69.52
N GLN P 45 -49.36 53.42 -69.93
CA GLN P 45 -49.65 53.21 -71.35
C GLN P 45 -51.17 53.18 -71.53
N THR P 46 -51.68 54.08 -72.35
CA THR P 46 -53.12 54.31 -72.50
C THR P 46 -53.62 53.72 -73.81
N ALA P 47 -54.95 53.73 -73.95
CA ALA P 47 -55.58 53.09 -75.10
C ALA P 47 -55.38 53.89 -76.38
N SER P 48 -55.19 55.21 -76.27
CA SER P 48 -54.90 56.02 -77.45
C SER P 48 -53.50 55.73 -77.99
N ASP P 49 -52.55 55.46 -77.11
CA ASP P 49 -51.21 55.07 -77.52
C ASP P 49 -51.07 53.55 -77.66
N LEU P 50 -52.12 52.80 -77.34
CA LEU P 50 -52.04 51.34 -77.45
C LEU P 50 -52.04 50.90 -78.91
N ARG P 51 -52.69 51.66 -79.79
CA ARG P 51 -52.84 51.23 -81.17
C ARG P 51 -51.53 51.35 -81.95
N ASN P 52 -50.78 52.40 -81.71
CA ASN P 52 -49.48 52.57 -82.34
C ASN P 52 -48.38 52.10 -81.40
N TYR P 53 -47.13 52.42 -81.73
CA TYR P 53 -45.98 51.98 -80.97
C TYR P 53 -45.66 52.87 -79.77
N ARG P 54 -46.49 53.88 -79.50
CA ARG P 54 -46.19 54.84 -78.45
C ARG P 54 -46.43 54.21 -77.07
N ASP P 55 -45.41 54.24 -76.22
CA ASP P 55 -45.48 53.63 -74.90
C ASP P 55 -45.82 54.65 -73.81
N GLY P 56 -46.84 55.47 -74.05
CA GLY P 56 -47.30 56.43 -73.06
C GLY P 56 -46.28 57.51 -72.74
N THR P 57 -46.11 57.79 -71.45
CA THR P 57 -45.25 58.88 -70.99
C THR P 57 -44.92 58.67 -69.52
N GLU P 58 -44.20 59.64 -68.95
CA GLU P 58 -43.92 59.66 -67.52
C GLU P 58 -44.95 60.54 -66.83
N ILE P 59 -45.65 59.97 -65.86
CA ILE P 59 -46.73 60.68 -65.18
C ILE P 59 -46.36 60.89 -63.72
N ILE P 60 -47.25 61.57 -62.99
CA ILE P 60 -47.07 61.88 -61.58
C ILE P 60 -48.47 61.95 -60.97
N ALA P 61 -48.58 61.58 -59.70
CA ALA P 61 -49.80 61.81 -58.94
C ALA P 61 -49.41 62.17 -57.52
N TYR P 62 -49.99 63.23 -56.97
CA TYR P 62 -49.63 63.64 -55.62
C TYR P 62 -50.80 64.38 -54.98
N ALA P 63 -50.53 64.96 -53.81
CA ALA P 63 -51.51 65.69 -53.04
C ALA P 63 -51.03 67.11 -52.80
N SER P 64 -51.91 68.07 -53.02
CA SER P 64 -51.67 69.47 -52.73
C SER P 64 -52.91 70.05 -52.08
N GLY P 65 -52.88 71.34 -51.80
CA GLY P 65 -53.95 71.98 -51.04
C GLY P 65 -53.60 72.07 -49.57
N LYS P 66 -54.50 72.72 -48.84
CA LYS P 66 -54.21 72.98 -47.43
C LYS P 66 -54.38 71.72 -46.59
N THR P 67 -55.48 71.00 -46.76
CA THR P 67 -55.64 69.70 -46.13
C THR P 67 -55.10 68.57 -47.00
N GLY P 68 -54.40 68.90 -48.08
CA GLY P 68 -53.85 67.88 -48.95
C GLY P 68 -54.89 67.17 -49.79
N SER P 69 -56.04 67.80 -50.03
CA SER P 69 -57.20 67.13 -50.61
C SER P 69 -57.43 67.52 -52.07
N VAL P 70 -56.37 67.68 -52.84
CA VAL P 70 -56.49 67.70 -54.29
C VAL P 70 -55.61 66.60 -54.86
N LEU P 71 -55.90 66.20 -56.08
CA LEU P 71 -55.19 65.12 -56.75
C LEU P 71 -54.67 65.63 -58.09
N ASN P 72 -53.39 65.95 -58.15
CA ASN P 72 -52.78 66.53 -59.34
C ASN P 72 -52.12 65.43 -60.14
N ILE P 73 -52.38 65.42 -61.45
CA ILE P 73 -51.83 64.43 -62.37
C ILE P 73 -51.28 65.18 -63.56
N ALA P 74 -50.02 64.93 -63.89
CA ALA P 74 -49.40 65.67 -64.98
C ALA P 74 -48.57 64.74 -65.85
N VAL P 75 -47.93 65.34 -66.85
CA VAL P 75 -47.05 64.65 -67.78
C VAL P 75 -45.64 65.18 -67.54
N LEU P 76 -44.64 64.34 -67.78
CA LEU P 76 -43.26 64.70 -67.54
C LEU P 76 -42.48 64.67 -68.85
N THR P 77 -41.45 65.51 -68.93
CA THR P 77 -40.65 65.64 -70.13
C THR P 77 -39.21 65.23 -69.87
N ARG P 78 -38.62 64.57 -70.85
CA ARG P 78 -37.26 64.07 -70.78
C ARG P 78 -36.50 64.67 -71.95
N GLN P 79 -35.78 65.77 -71.71
CA GLN P 79 -34.94 66.37 -72.73
C GLN P 79 -33.48 65.95 -72.58
N ASN P 80 -32.87 66.27 -71.46
CA ASN P 80 -31.69 65.58 -70.96
C ASN P 80 -31.85 65.20 -69.51
N THR P 81 -32.48 66.06 -68.71
CA THR P 81 -32.92 65.76 -67.37
C THR P 81 -34.43 65.75 -67.37
N LEU P 82 -35.01 65.04 -66.42
CA LEU P 82 -36.46 64.94 -66.34
C LEU P 82 -37.04 66.27 -65.85
N HIS P 83 -38.21 66.60 -66.36
CA HIS P 83 -38.83 67.89 -66.10
C HIS P 83 -40.32 67.78 -66.37
N LEU P 84 -41.07 68.73 -65.81
CA LEU P 84 -42.48 68.90 -66.14
C LEU P 84 -42.61 69.54 -67.52
N ASN P 85 -43.84 69.68 -68.00
CA ASN P 85 -44.07 70.30 -69.30
C ASN P 85 -43.74 71.78 -69.29
N ARG P 86 -43.36 72.29 -70.46
CA ARG P 86 -42.94 73.68 -70.58
C ARG P 86 -44.13 74.64 -70.56
N HIS P 87 -45.35 74.13 -70.74
CA HIS P 87 -46.55 74.96 -70.73
C HIS P 87 -47.29 74.90 -69.40
N ASN P 88 -46.99 73.91 -68.55
CA ASN P 88 -47.31 73.89 -67.12
C ASN P 88 -48.82 73.96 -66.86
N ASN P 89 -49.50 72.91 -67.30
CA ASN P 89 -50.92 72.73 -67.02
C ASN P 89 -51.11 71.51 -66.13
N VAL P 90 -51.75 71.71 -65.00
CA VAL P 90 -52.02 70.64 -64.06
C VAL P 90 -53.49 70.23 -64.19
N THR P 91 -53.79 69.00 -63.79
CA THR P 91 -55.15 68.49 -63.83
C THR P 91 -55.53 68.11 -62.41
N SER P 92 -56.09 69.06 -61.67
CA SER P 92 -56.42 68.87 -60.27
C SER P 92 -57.78 68.20 -60.16
N ILE P 93 -57.92 67.30 -59.20
CA ILE P 93 -59.18 66.67 -58.86
C ILE P 93 -59.49 67.02 -57.42
N GLU P 94 -60.56 67.76 -57.20
CA GLU P 94 -60.95 68.16 -55.86
C GLU P 94 -61.41 66.96 -55.05
N LEU P 95 -61.35 67.10 -53.74
CA LEU P 95 -61.71 66.04 -52.82
C LEU P 95 -62.00 66.67 -51.46
N HIS P 96 -62.86 66.02 -50.68
CA HIS P 96 -63.23 66.48 -49.35
C HIS P 96 -62.47 65.76 -48.24
N SER P 97 -61.45 64.97 -48.58
CA SER P 97 -60.79 64.14 -47.59
C SER P 97 -59.27 64.21 -47.74
N PRO P 98 -58.53 64.23 -46.62
CA PRO P 98 -57.07 64.22 -46.71
C PRO P 98 -56.54 62.86 -47.11
N ILE P 99 -55.38 62.87 -47.75
CA ILE P 99 -54.80 61.66 -48.32
C ILE P 99 -54.06 60.88 -47.24
N LYS P 100 -54.34 59.60 -47.15
CA LYS P 100 -53.51 58.66 -46.41
C LYS P 100 -52.59 57.85 -47.32
N SER P 101 -53.07 57.45 -48.49
CA SER P 101 -52.27 56.62 -49.39
C SER P 101 -52.61 56.94 -50.83
N ILE P 102 -51.59 56.90 -51.68
CA ILE P 102 -51.77 57.09 -53.11
C ILE P 102 -50.67 56.34 -53.85
N LYS P 103 -51.07 55.42 -54.74
CA LYS P 103 -50.12 54.54 -55.39
C LYS P 103 -50.60 54.17 -56.78
N ILE P 104 -49.68 54.19 -57.74
CA ILE P 104 -49.93 53.61 -59.06
C ILE P 104 -49.49 52.15 -59.00
N PRO P 105 -50.38 51.20 -59.30
CA PRO P 105 -50.07 49.80 -59.00
C PRO P 105 -49.10 49.15 -59.97
N GLY P 106 -49.02 49.63 -61.20
CA GLY P 106 -48.30 48.90 -62.22
C GLY P 106 -49.09 47.66 -62.63
N ALA P 107 -48.37 46.74 -63.25
CA ALA P 107 -48.98 45.51 -63.75
C ALA P 107 -47.92 44.43 -63.78
N SER P 108 -48.21 43.36 -64.51
CA SER P 108 -47.31 42.23 -64.67
C SER P 108 -46.66 42.29 -66.04
N GLU P 109 -45.46 41.70 -66.15
CA GLU P 109 -44.79 41.61 -67.43
C GLU P 109 -45.29 40.45 -68.27
N SER P 110 -46.17 39.60 -67.73
CA SER P 110 -46.80 38.55 -68.51
C SER P 110 -48.04 39.04 -69.23
N ILE P 111 -48.64 40.15 -68.79
CA ILE P 111 -49.80 40.69 -69.49
C ILE P 111 -49.41 41.40 -70.77
N GLY P 112 -48.11 41.61 -71.01
CA GLY P 112 -47.59 42.29 -72.17
C GLY P 112 -47.40 43.76 -71.94
N ARG P 113 -48.50 44.53 -71.99
CA ARG P 113 -48.41 45.98 -71.95
C ARG P 113 -48.29 46.45 -70.50
N ARG P 114 -48.44 47.76 -70.29
CA ARG P 114 -48.42 48.32 -68.95
C ARG P 114 -49.84 48.34 -68.38
N SER P 115 -50.00 48.95 -67.21
CA SER P 115 -51.31 49.20 -66.65
C SER P 115 -51.80 50.57 -67.11
N ASN P 116 -52.98 50.97 -66.65
CA ASN P 116 -53.57 52.19 -67.18
C ASN P 116 -54.31 53.02 -66.13
N LEU P 117 -54.04 52.82 -64.85
CA LEU P 117 -54.89 53.42 -63.83
C LEU P 117 -54.12 53.60 -62.52
N VAL P 118 -54.68 54.41 -61.64
CA VAL P 118 -54.16 54.65 -60.29
C VAL P 118 -55.24 54.31 -59.28
N GLY P 119 -54.87 54.35 -58.00
CA GLY P 119 -55.81 54.15 -56.92
C GLY P 119 -55.49 55.02 -55.74
N ILE P 120 -56.50 55.59 -55.10
CA ILE P 120 -56.32 56.51 -53.98
C ILE P 120 -57.09 55.96 -52.78
N ILE P 121 -56.45 55.95 -51.62
CA ILE P 121 -57.12 55.70 -50.34
C ILE P 121 -56.99 56.96 -49.51
N THR P 122 -58.11 57.58 -49.18
CA THR P 122 -58.12 58.81 -48.41
C THR P 122 -58.45 58.50 -46.96
N GLU P 123 -58.73 59.55 -46.19
CA GLU P 123 -59.09 59.37 -44.79
C GLU P 123 -60.43 58.66 -44.64
N ASN P 124 -61.43 59.04 -45.43
CA ASN P 124 -62.73 58.38 -45.40
C ASN P 124 -63.09 57.75 -46.74
N SER P 125 -62.95 58.49 -47.82
CA SER P 125 -63.35 58.04 -49.14
C SER P 125 -62.32 57.10 -49.73
N PHE P 126 -62.68 56.50 -50.86
CA PHE P 126 -61.79 55.56 -51.56
C PHE P 126 -62.27 55.47 -53.01
N GLN P 127 -61.50 56.04 -53.94
CA GLN P 127 -61.87 56.02 -55.35
C GLN P 127 -60.81 55.29 -56.14
N ILE P 128 -61.15 55.02 -57.40
CA ILE P 128 -60.21 54.51 -58.40
C ILE P 128 -60.25 55.48 -59.57
N PHE P 129 -59.09 55.74 -60.17
CA PHE P 129 -59.03 56.66 -61.30
C PHE P 129 -58.23 56.01 -62.41
N ARG P 130 -58.68 56.17 -63.64
CA ARG P 130 -58.01 55.64 -64.82
C ARG P 130 -57.79 56.75 -65.82
N ILE P 131 -56.72 56.64 -66.59
CA ILE P 131 -56.31 57.71 -67.49
C ILE P 131 -56.69 57.33 -68.92
N GLU P 132 -57.05 58.35 -69.71
CA GLU P 132 -57.36 58.19 -71.13
C GLU P 132 -56.88 59.41 -71.89
N SER P 133 -56.41 59.19 -73.12
CA SER P 133 -56.28 60.19 -74.18
C SER P 133 -55.38 61.36 -73.78
N VAL P 134 -54.09 61.05 -73.67
CA VAL P 134 -53.09 62.11 -73.56
C VAL P 134 -53.07 62.94 -74.83
N HIS P 135 -53.26 64.24 -74.68
CA HIS P 135 -53.18 65.17 -75.79
C HIS P 135 -51.78 65.77 -75.81
N SER P 136 -51.04 65.49 -76.88
CA SER P 136 -49.72 66.07 -77.09
C SER P 136 -49.80 67.45 -77.75
N ARG P 137 -51.00 68.03 -77.85
CA ARG P 137 -51.15 69.34 -78.44
C ARG P 137 -50.87 70.46 -77.44
N SER P 138 -51.22 70.26 -76.16
CA SER P 138 -50.92 71.24 -75.12
C SER P 138 -50.54 70.59 -73.80
N CYS P 139 -50.15 69.31 -73.84
CA CYS P 139 -49.81 68.49 -72.66
C CYS P 139 -50.99 68.40 -71.68
N ASP P 140 -52.10 67.86 -72.19
CA ASP P 140 -53.31 67.68 -71.40
C ASP P 140 -53.80 66.24 -71.53
N VAL P 141 -54.57 65.80 -70.53
CA VAL P 141 -55.17 64.49 -70.47
C VAL P 141 -56.63 64.66 -70.05
N MET P 142 -57.30 63.53 -69.82
CA MET P 142 -58.56 63.51 -69.08
C MET P 142 -58.68 62.16 -68.39
N VAL P 143 -59.40 62.14 -67.27
CA VAL P 143 -59.48 60.97 -66.42
C VAL P 143 -60.92 60.45 -66.42
N SER P 144 -61.07 59.24 -65.91
CA SER P 144 -62.38 58.68 -65.58
C SER P 144 -62.35 58.27 -64.12
N SER P 145 -63.40 58.62 -63.40
CA SER P 145 -63.47 58.42 -61.96
C SER P 145 -64.56 57.40 -61.65
N SER P 146 -64.19 56.36 -60.93
CA SER P 146 -65.19 55.48 -60.35
C SER P 146 -65.87 56.20 -59.20
N GLU P 147 -67.07 55.78 -58.85
CA GLU P 147 -67.75 56.39 -57.73
C GLU P 147 -67.11 55.95 -56.43
N PRO P 148 -66.94 56.88 -55.49
CA PRO P 148 -66.23 56.57 -54.23
C PRO P 148 -66.97 55.56 -53.36
N LEU P 149 -66.28 54.49 -53.02
CA LEU P 149 -66.76 53.53 -52.04
C LEU P 149 -66.25 53.99 -50.69
N TYR P 150 -67.16 54.49 -49.86
CA TYR P 150 -66.74 54.98 -48.55
C TYR P 150 -66.53 53.83 -47.57
N PHE P 151 -67.58 53.06 -47.30
CA PHE P 151 -67.53 52.00 -46.31
C PHE P 151 -68.70 51.04 -46.50
N VAL P 152 -68.49 49.80 -46.07
CA VAL P 152 -69.57 48.89 -45.72
C VAL P 152 -69.49 48.47 -44.26
N GLU P 153 -68.28 48.22 -43.76
CA GLU P 153 -68.03 47.79 -42.39
C GLU P 153 -67.01 48.75 -41.77
N ILE P 154 -67.39 50.03 -41.70
CA ILE P 154 -66.56 51.23 -41.59
C ILE P 154 -65.37 51.13 -40.64
N ASP P 155 -64.18 51.40 -41.19
CA ASP P 155 -62.90 51.45 -40.49
C ASP P 155 -61.93 52.15 -41.42
N ASP P 156 -60.79 52.55 -40.87
CA ASP P 156 -59.79 53.26 -41.66
C ASP P 156 -59.08 52.31 -42.61
N LEU P 157 -59.13 52.63 -43.90
CA LEU P 157 -58.48 51.79 -44.89
C LEU P 157 -57.00 52.11 -44.96
N GLN P 158 -56.16 51.06 -44.99
CA GLN P 158 -54.72 51.26 -44.99
C GLN P 158 -54.09 51.02 -46.36
N VAL P 159 -54.35 49.86 -46.96
CA VAL P 159 -53.60 49.44 -48.14
C VAL P 159 -54.52 48.84 -49.20
N VAL P 160 -54.09 48.95 -50.45
CA VAL P 160 -54.79 48.45 -51.62
C VAL P 160 -53.74 47.83 -52.52
N ASP P 161 -54.19 47.06 -53.52
CA ASP P 161 -53.32 46.59 -54.59
C ASP P 161 -54.13 46.25 -55.82
N PHE P 162 -53.57 46.52 -56.99
CA PHE P 162 -54.20 46.15 -58.25
C PHE P 162 -53.25 45.34 -59.12
N GLN P 171 -59.14 44.00 -63.54
CA GLN P 171 -58.05 43.42 -62.77
C GLN P 171 -58.59 42.94 -61.44
N PHE P 172 -58.06 43.45 -60.33
CA PHE P 172 -58.49 42.99 -59.02
C PHE P 172 -58.32 44.10 -58.00
N ALA P 173 -59.30 44.28 -57.13
CA ALA P 173 -59.26 45.27 -56.06
C ALA P 173 -59.33 44.56 -54.72
N ILE P 174 -58.22 44.56 -53.98
CA ILE P 174 -58.15 43.93 -52.67
C ILE P 174 -57.78 44.99 -51.65
N ILE P 175 -58.63 45.17 -50.65
CA ILE P 175 -58.49 46.23 -49.67
C ILE P 175 -58.08 45.60 -48.35
N ASP P 176 -57.75 46.45 -47.39
CA ASP P 176 -57.46 46.00 -46.04
C ASP P 176 -57.68 47.14 -45.05
N ILE P 177 -58.64 46.94 -44.14
CA ILE P 177 -58.72 47.67 -42.90
C ILE P 177 -58.01 46.81 -41.87
N LYS P 178 -57.81 47.37 -40.66
CA LYS P 178 -57.00 46.72 -39.64
C LYS P 178 -57.56 45.33 -39.28
N GLY P 179 -56.78 44.31 -39.61
CA GLY P 179 -57.23 42.93 -39.51
C GLY P 179 -57.98 42.43 -40.72
N ASN P 180 -59.10 43.08 -41.05
CA ASN P 180 -60.09 42.56 -41.98
C ASN P 180 -59.73 42.89 -43.43
N TRP P 181 -59.92 41.92 -44.31
CA TRP P 181 -59.57 42.08 -45.72
C TRP P 181 -60.65 41.44 -46.58
N SER P 182 -60.64 41.80 -47.86
CA SER P 182 -61.65 41.32 -48.80
C SER P 182 -61.12 41.45 -50.23
N ILE P 183 -61.58 40.55 -51.09
CA ILE P 183 -60.99 40.35 -52.42
C ILE P 183 -62.04 40.60 -53.49
N GLY P 184 -61.79 41.60 -54.34
CA GLY P 184 -62.75 41.92 -55.38
C GLY P 184 -62.12 42.36 -56.69
N ARG P 185 -62.96 42.73 -57.65
CA ARG P 185 -62.53 43.15 -58.98
C ARG P 185 -62.96 44.58 -59.23
N ILE P 186 -62.49 45.11 -60.35
CA ILE P 186 -62.76 46.49 -60.76
C ILE P 186 -63.42 46.47 -62.13
N PRO P 187 -64.54 47.16 -62.32
CA PRO P 187 -65.20 47.15 -63.62
C PRO P 187 -64.62 48.20 -64.54
N LYS P 188 -65.26 48.40 -65.69
CA LYS P 188 -64.83 49.42 -66.63
C LYS P 188 -65.30 50.80 -66.17
N ASN P 189 -65.20 51.79 -67.04
CA ASN P 189 -65.19 53.18 -66.61
C ASN P 189 -66.58 53.72 -66.29
N PHE P 190 -67.47 53.81 -67.28
CA PHE P 190 -68.62 54.70 -67.22
C PHE P 190 -69.91 53.92 -67.01
N ASN P 191 -70.49 54.07 -65.81
CA ASN P 191 -71.90 53.77 -65.50
C ASN P 191 -72.25 52.30 -65.75
N ASN P 192 -71.60 51.43 -64.99
CA ASN P 192 -71.77 49.99 -65.13
C ASN P 192 -72.80 49.48 -64.13
N GLN P 199 -71.01 50.95 -57.56
CA GLN P 199 -70.27 51.01 -58.82
C GLN P 199 -69.41 49.76 -59.00
N LEU P 200 -68.69 49.38 -57.95
CA LEU P 200 -67.87 48.18 -57.95
C LEU P 200 -68.28 47.29 -56.79
N ILE P 201 -67.83 46.04 -56.84
CA ILE P 201 -68.24 45.00 -55.90
C ILE P 201 -67.02 44.21 -55.45
N ASP P 202 -67.27 43.21 -54.60
CA ASP P 202 -66.23 42.40 -53.98
C ASP P 202 -66.73 40.98 -53.79
N ASN P 203 -65.80 40.03 -53.65
CA ASN P 203 -66.15 38.62 -53.57
C ASN P 203 -65.80 37.98 -52.23
N LEU P 204 -64.55 38.01 -51.80
CA LEU P 204 -64.10 37.24 -50.65
C LEU P 204 -64.04 38.09 -49.39
N HIS P 205 -63.47 37.50 -48.33
CA HIS P 205 -63.42 38.13 -47.02
C HIS P 205 -62.36 37.43 -46.18
N GLY P 206 -62.15 37.95 -44.97
CA GLY P 206 -61.25 37.33 -44.03
C GLY P 206 -60.63 38.35 -43.12
N THR P 207 -60.07 37.84 -42.01
CA THR P 207 -59.48 38.68 -40.97
C THR P 207 -58.28 37.98 -40.36
N ILE P 208 -57.22 38.75 -40.11
CA ILE P 208 -55.98 38.29 -39.49
C ILE P 208 -55.84 39.06 -38.18
N PHE P 209 -56.97 39.28 -37.49
CA PHE P 209 -56.92 39.92 -36.19
C PHE P 209 -56.15 39.07 -35.19
N ASP P 210 -55.13 39.67 -34.59
CA ASP P 210 -54.32 39.03 -33.58
C ASP P 210 -54.45 39.83 -32.29
N PRO P 211 -54.77 39.18 -31.16
CA PRO P 211 -54.81 39.92 -29.90
C PRO P 211 -53.44 40.25 -29.36
N GLU P 212 -52.36 39.69 -29.92
CA GLU P 212 -51.01 39.92 -29.42
C GLU P 212 -50.28 40.99 -30.21
N GLU P 213 -51.00 41.96 -30.75
CA GLU P 213 -50.38 43.02 -31.53
C GLU P 213 -51.11 44.32 -31.26
N LEU P 214 -50.36 45.36 -30.94
CA LEU P 214 -50.97 46.67 -30.71
C LEU P 214 -51.00 47.52 -31.96
N SER P 215 -50.01 47.38 -32.83
CA SER P 215 -49.87 48.28 -33.96
C SER P 215 -50.93 48.02 -35.02
N SER P 216 -51.04 48.96 -35.94
CA SER P 216 -52.05 48.91 -36.98
C SER P 216 -51.46 49.01 -38.38
N TRP P 217 -50.15 48.86 -38.52
CA TRP P 217 -49.55 48.84 -39.84
C TRP P 217 -49.84 47.48 -40.48
N LYS P 218 -50.44 47.50 -41.67
CA LYS P 218 -50.68 46.29 -42.44
C LYS P 218 -50.40 46.59 -43.90
N ARG P 219 -50.13 45.55 -44.67
CA ARG P 219 -49.86 45.73 -46.10
C ARG P 219 -50.09 44.41 -46.82
N ILE P 220 -50.68 44.46 -48.01
CA ILE P 220 -51.11 43.29 -48.75
C ILE P 220 -50.64 43.40 -50.20
N GLU P 221 -50.06 42.32 -50.73
CA GLU P 221 -49.75 42.16 -52.14
C GLU P 221 -49.85 40.69 -52.48
N TRP P 222 -50.34 40.39 -53.69
CA TRP P 222 -50.27 39.01 -54.17
C TRP P 222 -48.98 38.82 -54.96
N PHE P 223 -48.64 37.56 -55.18
CA PHE P 223 -47.30 37.20 -55.64
C PHE P 223 -47.35 36.46 -56.96
N SER P 224 -46.47 36.87 -57.89
CA SER P 224 -46.13 36.15 -59.14
C SER P 224 -47.30 36.03 -60.12
N HIS P 225 -48.37 36.81 -59.92
CA HIS P 225 -49.64 36.70 -60.65
C HIS P 225 -50.22 35.29 -60.62
N PHE P 226 -49.92 34.52 -59.58
CA PHE P 226 -50.47 33.18 -59.42
C PHE P 226 -51.73 33.21 -58.57
N GLN P 227 -52.14 34.39 -58.13
CA GLN P 227 -53.39 34.63 -57.40
C GLN P 227 -53.40 33.86 -56.08
N LYS P 228 -52.31 34.02 -55.33
CA LYS P 228 -52.25 33.79 -53.90
C LYS P 228 -51.74 35.07 -53.28
N ILE P 229 -52.36 35.55 -52.21
CA ILE P 229 -52.03 36.84 -51.66
C ILE P 229 -51.21 36.68 -50.38
N LEU P 230 -50.54 37.76 -49.98
CA LEU P 230 -49.72 37.80 -48.78
C LEU P 230 -50.15 39.01 -47.96
N VAL P 231 -50.44 38.80 -46.69
CA VAL P 231 -50.84 39.87 -45.79
C VAL P 231 -49.76 40.03 -44.73
N PHE P 232 -49.43 41.28 -44.40
CA PHE P 232 -48.32 41.60 -43.50
C PHE P 232 -48.81 42.36 -42.29
N ASP P 233 -48.06 42.26 -41.21
CA ASP P 233 -48.18 43.13 -40.06
C ASP P 233 -46.84 43.11 -39.33
N ARG P 234 -46.76 43.85 -38.22
CA ARG P 234 -45.53 43.89 -37.44
C ARG P 234 -45.21 42.56 -36.78
N SER P 235 -46.21 41.72 -36.57
CA SER P 235 -45.96 40.41 -35.96
C SER P 235 -45.40 39.42 -36.96
N LYS P 236 -46.03 39.29 -38.12
CA LYS P 236 -45.77 38.13 -38.96
C LYS P 236 -46.10 38.46 -40.41
N MET P 237 -46.16 37.42 -41.22
CA MET P 237 -46.77 37.48 -42.55
C MET P 237 -47.44 36.14 -42.82
N ILE P 238 -48.69 36.20 -43.24
CA ILE P 238 -49.45 35.03 -43.63
C ILE P 238 -49.66 35.06 -45.15
N GLU P 239 -49.41 33.92 -45.79
CA GLU P 239 -49.52 33.78 -47.24
C GLU P 239 -50.82 33.02 -47.56
N ILE P 240 -51.78 33.73 -48.16
CA ILE P 240 -53.12 33.22 -48.36
C ILE P 240 -53.33 32.82 -49.82
N ASP P 241 -53.98 31.68 -50.04
CA ASP P 241 -54.54 31.31 -51.33
C ASP P 241 -56.06 31.44 -51.25
N PHE P 242 -56.68 32.00 -52.29
CA PHE P 242 -58.11 32.27 -52.24
C PHE P 242 -58.95 31.49 -53.26
N MET P 243 -58.43 31.20 -54.46
CA MET P 243 -59.16 30.31 -55.36
C MET P 243 -59.19 28.89 -54.80
N ASN P 244 -58.12 28.49 -54.13
CA ASN P 244 -58.09 27.31 -53.30
C ASN P 244 -58.26 27.75 -51.85
N ASN P 245 -57.95 26.84 -50.93
CA ASN P 245 -57.88 27.16 -49.51
C ASN P 245 -56.47 26.85 -49.02
N TRP P 246 -55.68 27.90 -48.72
CA TRP P 246 -54.35 27.68 -48.14
C TRP P 246 -53.87 28.92 -47.41
N GLN P 247 -53.38 28.72 -46.18
CA GLN P 247 -52.75 29.78 -45.38
C GLN P 247 -51.65 29.21 -44.51
N THR P 248 -50.47 29.82 -44.55
CA THR P 248 -49.38 29.45 -43.65
C THR P 248 -48.87 30.73 -42.98
N GLU P 249 -48.01 30.56 -41.98
CA GLU P 249 -47.65 31.60 -41.03
C GLU P 249 -46.16 31.90 -41.09
N VAL P 250 -45.58 32.00 -42.29
CA VAL P 250 -44.14 31.88 -42.36
C VAL P 250 -43.43 33.24 -42.28
N VAL P 251 -43.42 33.85 -41.08
CA VAL P 251 -42.31 34.71 -40.62
C VAL P 251 -41.92 34.40 -39.18
N GLN P 252 -42.84 34.57 -38.24
CA GLN P 252 -42.40 34.86 -36.89
C GLN P 252 -43.46 34.45 -35.88
N ALA P 253 -43.12 34.61 -34.61
CA ALA P 253 -44.01 34.72 -33.46
C ALA P 253 -43.53 35.84 -32.53
N LYS P 254 -43.23 37.01 -33.12
CA LYS P 254 -42.98 38.28 -32.43
C LYS P 254 -41.73 38.23 -31.54
N ALA P 255 -40.71 37.51 -31.99
CA ALA P 255 -39.66 37.07 -31.06
C ALA P 255 -38.59 38.12 -30.82
N TRP P 256 -37.83 38.47 -31.85
CA TRP P 256 -36.66 39.33 -31.69
C TRP P 256 -36.58 40.48 -32.66
N SER P 257 -37.29 40.42 -33.78
CA SER P 257 -37.38 41.54 -34.71
C SER P 257 -38.84 41.78 -35.02
N ASN P 258 -39.10 42.82 -35.79
CA ASN P 258 -40.45 43.14 -36.21
C ASN P 258 -40.41 43.61 -37.64
N ILE P 259 -41.45 43.29 -38.40
CA ILE P 259 -41.46 43.58 -39.83
C ILE P 259 -41.68 45.07 -40.04
N ARG P 260 -40.68 45.73 -40.62
CA ARG P 260 -40.74 47.18 -40.74
C ARG P 260 -41.59 47.61 -41.93
N ASP P 261 -41.26 47.14 -43.13
CA ASP P 261 -42.12 47.37 -44.28
C ASP P 261 -41.99 46.21 -45.25
N TYR P 262 -42.51 46.42 -46.46
CA TYR P 262 -42.50 45.38 -47.48
C TYR P 262 -42.52 46.02 -48.86
N LYS P 263 -41.82 45.40 -49.80
CA LYS P 263 -41.83 45.87 -51.18
C LYS P 263 -41.48 44.71 -52.10
N ARG P 264 -42.35 44.41 -53.05
CA ARG P 264 -41.97 43.46 -54.08
C ARG P 264 -41.24 44.19 -55.21
N ILE P 265 -40.25 43.52 -55.78
CA ILE P 265 -39.46 44.10 -56.85
C ILE P 265 -40.30 44.09 -58.12
N ASP P 266 -39.92 44.93 -59.09
CA ASP P 266 -40.52 44.91 -60.42
C ASP P 266 -40.37 43.54 -61.10
N ASP P 267 -39.31 42.80 -60.77
CA ASP P 267 -39.23 41.39 -61.14
C ASP P 267 -40.36 40.67 -60.42
N LYS P 268 -41.08 39.84 -61.17
CA LYS P 268 -42.25 39.15 -60.61
C LYS P 268 -41.85 38.13 -59.57
N ASN P 269 -40.71 37.48 -59.73
CA ASN P 269 -40.12 36.65 -58.68
C ASN P 269 -39.06 37.42 -57.90
N GLY P 270 -39.40 38.64 -57.50
CA GLY P 270 -38.46 39.47 -56.77
C GLY P 270 -39.18 40.18 -55.65
N ILE P 271 -38.72 39.96 -54.42
CA ILE P 271 -39.41 40.41 -53.22
C ILE P 271 -38.35 40.88 -52.24
N LEU P 272 -38.50 42.10 -51.73
CA LEU P 272 -37.69 42.58 -50.64
C LEU P 272 -38.52 42.63 -49.37
N LEU P 273 -37.86 42.56 -48.23
CA LEU P 273 -38.53 42.64 -46.96
C LEU P 273 -37.55 43.17 -45.93
N THR P 274 -37.75 44.40 -45.48
CA THR P 274 -36.96 44.96 -44.39
C THR P 274 -37.72 44.73 -43.09
N SER P 275 -37.13 43.98 -42.20
CA SER P 275 -37.56 43.89 -40.81
C SER P 275 -36.50 44.56 -39.96
N ARG P 276 -36.65 44.46 -38.65
CA ARG P 276 -35.64 44.97 -37.74
C ARG P 276 -34.36 44.17 -37.91
N GLU P 277 -33.27 44.87 -38.22
CA GLU P 277 -31.89 44.42 -38.22
C GLU P 277 -31.54 43.42 -39.32
N ILE P 278 -32.34 43.28 -40.37
CA ILE P 278 -31.95 42.40 -41.47
C ILE P 278 -32.66 42.82 -42.75
N ILE P 279 -32.01 42.59 -43.90
CA ILE P 279 -32.60 42.77 -45.23
C ILE P 279 -32.84 41.39 -45.82
N ILE P 280 -34.07 41.11 -46.22
CA ILE P 280 -34.45 39.79 -46.71
C ILE P 280 -34.84 39.92 -48.18
N VAL P 281 -34.13 39.21 -49.04
CA VAL P 281 -34.53 39.11 -50.46
C VAL P 281 -35.34 37.83 -50.57
N GLY P 282 -36.66 37.99 -50.44
CA GLY P 282 -37.57 36.89 -50.67
C GLY P 282 -37.57 36.52 -52.13
N ALA P 283 -37.42 35.25 -52.44
CA ALA P 283 -37.31 34.84 -53.84
C ALA P 283 -37.77 33.40 -53.98
N SER P 284 -38.70 33.18 -54.89
CA SER P 284 -39.14 31.84 -55.19
C SER P 284 -38.14 31.16 -56.10
N GLU P 285 -37.40 30.19 -55.56
CA GLU P 285 -36.61 29.28 -56.36
C GLU P 285 -37.40 28.03 -56.78
N SER P 286 -38.73 28.07 -56.62
CA SER P 286 -39.66 27.09 -57.14
C SER P 286 -41.03 27.74 -57.25
N ASN P 287 -42.08 26.94 -57.31
CA ASN P 287 -43.43 27.45 -57.52
C ASN P 287 -44.00 28.17 -56.30
N ASP P 288 -43.42 27.95 -55.11
CA ASP P 288 -43.97 28.39 -53.83
C ASP P 288 -43.29 29.66 -53.34
N PRO P 289 -44.01 30.52 -52.57
CA PRO P 289 -43.41 31.79 -52.13
C PRO P 289 -42.40 31.65 -51.00
N VAL P 290 -41.26 31.02 -51.28
CA VAL P 290 -40.23 30.83 -50.29
C VAL P 290 -39.36 32.08 -50.29
N ARG P 291 -38.74 32.34 -49.15
CA ARG P 291 -37.71 33.35 -49.06
C ARG P 291 -36.35 32.66 -49.00
N ARG P 292 -35.31 33.42 -49.32
CA ARG P 292 -33.96 32.89 -49.36
C ARG P 292 -33.54 32.51 -47.93
N ILE P 293 -33.26 31.21 -47.73
CA ILE P 293 -33.02 30.68 -46.38
C ILE P 293 -31.53 30.64 -46.05
N SER P 294 -30.67 31.03 -46.99
CA SER P 294 -29.28 31.33 -46.70
C SER P 294 -29.18 32.62 -45.88
N TRP P 295 -27.96 32.95 -45.46
CA TRP P 295 -27.74 34.20 -44.75
C TRP P 295 -28.00 35.38 -45.67
N LYS P 296 -28.68 36.39 -45.13
CA LYS P 296 -29.10 37.58 -45.86
C LYS P 296 -28.55 38.81 -45.17
N HIS P 297 -28.20 39.83 -45.95
CA HIS P 297 -27.31 40.89 -45.47
C HIS P 297 -27.99 41.73 -44.40
N ASP P 298 -27.47 41.68 -43.18
CA ASP P 298 -28.14 42.31 -42.08
C ASP P 298 -27.80 43.79 -42.01
N LEU P 299 -28.81 44.59 -41.73
CA LEU P 299 -28.66 46.00 -41.45
C LEU P 299 -28.48 46.19 -39.96
N ASP P 300 -27.86 47.29 -39.61
CA ASP P 300 -27.84 47.64 -38.20
C ASP P 300 -28.10 49.12 -37.86
N PRO P 301 -29.12 49.78 -38.42
CA PRO P 301 -29.91 50.70 -37.61
C PRO P 301 -30.92 49.92 -36.76
N ASP P 302 -31.63 50.63 -35.90
CA ASP P 302 -32.63 49.94 -35.08
C ASP P 302 -33.90 50.76 -34.91
N ASP P 303 -34.27 51.55 -35.91
CA ASP P 303 -35.40 52.44 -35.86
C ASP P 303 -36.70 51.70 -36.11
N THR P 304 -37.81 52.29 -35.67
CA THR P 304 -39.15 51.80 -35.98
C THR P 304 -39.81 52.58 -37.12
N THR P 305 -39.09 53.49 -37.76
CA THR P 305 -39.69 54.32 -38.79
C THR P 305 -38.97 54.15 -40.12
N LEU P 306 -38.66 52.93 -40.51
CA LEU P 306 -37.86 52.71 -41.70
C LEU P 306 -38.73 52.36 -42.89
N ARG P 307 -38.29 52.78 -44.07
CA ARG P 307 -38.95 52.45 -45.33
C ARG P 307 -37.88 51.99 -46.31
N ILE P 308 -38.29 51.18 -47.29
CA ILE P 308 -37.35 50.66 -48.29
C ILE P 308 -37.89 50.94 -49.69
N THR P 309 -36.98 51.18 -50.62
CA THR P 309 -37.27 51.19 -52.04
C THR P 309 -36.23 50.32 -52.75
N VAL P 310 -36.47 50.06 -54.03
CA VAL P 310 -35.59 49.22 -54.82
C VAL P 310 -35.79 49.54 -56.29
N GLN P 311 -34.69 49.65 -57.03
CA GLN P 311 -34.74 49.88 -58.47
C GLN P 311 -33.86 48.85 -59.15
N LYS P 312 -34.42 48.14 -60.12
CA LYS P 312 -33.63 47.20 -60.91
C LYS P 312 -32.75 47.93 -61.89
N VAL P 313 -31.59 47.34 -62.17
CA VAL P 313 -30.75 47.75 -63.29
C VAL P 313 -30.36 46.49 -64.02
N LYS P 314 -30.78 46.36 -65.28
CA LYS P 314 -30.48 45.16 -66.04
C LYS P 314 -29.17 45.35 -66.79
N LYS P 315 -28.28 44.40 -66.63
CA LYS P 315 -27.03 44.34 -67.38
C LYS P 315 -27.16 43.27 -68.46
N PRO P 316 -26.20 43.18 -69.39
CA PRO P 316 -26.21 42.06 -70.34
C PRO P 316 -26.17 40.68 -69.69
N ASP P 317 -25.17 40.44 -68.84
CA ASP P 317 -25.05 39.13 -68.21
C ASP P 317 -26.05 38.96 -67.08
N HIS P 318 -26.07 39.88 -66.14
CA HIS P 318 -26.75 39.76 -64.87
C HIS P 318 -27.81 40.83 -64.74
N ILE P 319 -28.51 40.80 -63.61
CA ILE P 319 -29.57 41.76 -63.30
C ILE P 319 -29.29 42.19 -61.87
N LEU P 320 -28.59 43.31 -61.71
CA LEU P 320 -28.20 43.71 -60.37
C LEU P 320 -29.23 44.68 -59.80
N LEU P 321 -29.45 44.56 -58.50
CA LEU P 321 -30.46 45.33 -57.80
C LEU P 321 -29.78 46.30 -56.85
N VAL P 322 -30.40 47.46 -56.64
CA VAL P 322 -29.93 48.43 -55.67
C VAL P 322 -31.08 48.74 -54.72
N ALA P 323 -30.81 48.68 -53.42
CA ALA P 323 -31.82 48.90 -52.40
C ALA P 323 -31.42 50.06 -51.52
N PHE P 324 -32.36 50.98 -51.29
CA PHE P 324 -32.16 52.14 -50.42
C PHE P 324 -33.14 52.04 -49.26
N VAL P 325 -32.64 52.27 -48.05
CA VAL P 325 -33.49 52.31 -46.88
C VAL P 325 -33.43 53.73 -46.31
N TYR P 326 -34.58 54.30 -45.97
CA TYR P 326 -34.64 55.65 -45.45
C TYR P 326 -35.60 55.68 -44.28
N SER P 327 -35.46 56.71 -43.45
CA SER P 327 -36.27 56.82 -42.24
C SER P 327 -36.71 58.26 -42.03
N MET P 328 -37.41 58.48 -40.93
CA MET P 328 -38.10 59.73 -40.67
C MET P 328 -37.50 60.50 -39.49
N ARG P 329 -36.21 60.34 -39.22
CA ARG P 329 -35.53 61.24 -38.30
C ARG P 329 -34.27 61.85 -38.89
N HIS P 330 -33.42 61.06 -39.50
CA HIS P 330 -32.18 61.55 -40.05
C HIS P 330 -32.33 61.75 -41.55
N LYS P 331 -31.23 62.04 -42.22
CA LYS P 331 -31.26 62.23 -43.66
C LYS P 331 -30.08 61.56 -44.33
N ARG P 332 -29.75 60.36 -43.88
CA ARG P 332 -28.75 59.53 -44.53
C ARG P 332 -29.47 58.34 -45.14
N ILE P 333 -28.98 57.89 -46.30
CA ILE P 333 -29.60 56.80 -47.04
C ILE P 333 -28.61 55.66 -47.16
N TYR P 334 -28.84 54.58 -46.43
CA TYR P 334 -28.00 53.40 -46.50
C TYR P 334 -28.37 52.63 -47.76
N MET P 335 -27.39 52.34 -48.60
CA MET P 335 -27.66 51.62 -49.84
C MET P 335 -26.82 50.37 -49.93
N HIS P 336 -27.35 49.36 -50.63
CA HIS P 336 -26.69 48.08 -50.76
C HIS P 336 -27.11 47.42 -52.06
N VAL P 337 -26.15 46.76 -52.72
CA VAL P 337 -26.36 46.18 -54.04
C VAL P 337 -26.54 44.68 -53.93
N PHE P 338 -26.97 44.08 -55.04
CA PHE P 338 -27.04 42.63 -55.17
C PHE P 338 -26.67 42.28 -56.60
N SER P 339 -26.83 41.01 -56.93
CA SER P 339 -26.59 40.51 -58.29
C SER P 339 -27.32 39.19 -58.44
N HIS P 340 -28.22 39.12 -59.40
CA HIS P 340 -29.06 37.94 -59.60
C HIS P 340 -28.75 37.33 -60.96
N ARG P 341 -27.81 36.40 -60.97
CA ARG P 341 -27.53 35.61 -62.15
C ARG P 341 -28.44 34.39 -62.13
N LYS P 342 -28.96 34.04 -63.30
CA LYS P 342 -30.07 33.08 -63.38
C LYS P 342 -29.57 31.64 -63.42
N ALA P 343 -28.94 31.26 -62.31
CA ALA P 343 -28.92 29.89 -61.83
C ALA P 343 -29.57 29.87 -60.45
N ASN P 344 -30.45 30.85 -60.23
CA ASN P 344 -30.94 31.26 -58.92
C ASN P 344 -29.77 31.51 -57.96
N LEU P 345 -28.83 32.34 -58.42
CA LEU P 345 -27.77 32.88 -57.60
C LEU P 345 -28.24 34.21 -57.04
N PHE P 346 -27.69 34.60 -55.90
CA PHE P 346 -28.00 35.89 -55.29
C PHE P 346 -26.81 36.34 -54.48
N GLN P 347 -25.94 37.13 -55.09
CA GLN P 347 -24.69 37.52 -54.47
C GLN P 347 -24.78 38.94 -53.94
N SER P 348 -23.63 39.52 -53.59
CA SER P 348 -23.57 40.87 -53.07
C SER P 348 -22.15 41.40 -53.25
N LEU P 349 -21.96 42.67 -52.92
CA LEU P 349 -20.57 43.16 -52.89
C LEU P 349 -20.22 43.98 -51.65
N GLY P 350 -21.10 44.86 -51.19
CA GLY P 350 -20.75 45.76 -50.10
C GLY P 350 -21.74 46.91 -50.02
N CYS P 351 -21.59 47.71 -48.97
CA CYS P 351 -22.56 48.72 -48.59
C CYS P 351 -22.02 50.13 -48.82
N SER P 352 -22.91 51.10 -48.67
CA SER P 352 -22.56 52.52 -48.77
C SER P 352 -23.65 53.36 -48.13
N THR P 353 -23.29 54.60 -47.79
CA THR P 353 -24.21 55.54 -47.15
C THR P 353 -24.01 56.91 -47.75
N VAL P 354 -25.11 57.57 -48.13
CA VAL P 354 -25.09 58.90 -48.71
C VAL P 354 -25.81 59.86 -47.77
N LEU P 355 -25.84 61.14 -48.14
CA LEU P 355 -26.20 62.20 -47.21
C LEU P 355 -26.95 63.29 -47.96
N GLU P 356 -27.74 64.08 -47.22
CA GLU P 356 -28.56 65.14 -47.81
C GLU P 356 -28.57 66.46 -47.05
N ILE P 357 -29.51 67.34 -47.38
CA ILE P 357 -29.53 68.76 -47.03
C ILE P 357 -30.29 68.99 -45.73
N PRO P 358 -29.70 69.75 -44.72
CA PRO P 358 -30.00 69.50 -43.29
C PRO P 358 -31.44 69.55 -42.77
N GLY P 359 -32.17 70.64 -42.94
CA GLY P 359 -33.43 70.79 -42.22
C GLY P 359 -34.56 69.91 -42.71
N GLY P 360 -34.91 68.88 -41.93
CA GLY P 360 -35.97 67.95 -42.28
C GLY P 360 -35.58 66.49 -42.08
N THR P 361 -36.23 65.58 -42.84
CA THR P 361 -36.01 64.13 -42.96
C THR P 361 -36.89 63.57 -44.08
N PRO P 362 -36.50 62.51 -44.79
CA PRO P 362 -37.31 62.05 -45.92
C PRO P 362 -38.52 61.24 -45.49
N THR P 363 -39.50 61.18 -46.41
CA THR P 363 -40.66 60.35 -46.25
C THR P 363 -41.07 59.62 -47.53
N GLY P 364 -40.49 59.94 -48.68
CA GLY P 364 -40.82 59.24 -49.90
C GLY P 364 -39.76 59.36 -50.98
N ILE P 365 -39.33 58.23 -51.52
CA ILE P 365 -38.40 58.19 -52.65
C ILE P 365 -39.00 57.31 -53.73
N GLU P 366 -39.03 57.82 -54.97
CA GLU P 366 -39.56 57.09 -56.11
C GLU P 366 -38.54 57.09 -57.23
N THR P 367 -38.11 55.92 -57.65
CA THR P 367 -37.11 55.78 -58.70
C THR P 367 -37.76 55.83 -60.09
N ILE P 368 -36.94 56.13 -61.09
CA ILE P 368 -37.42 56.22 -62.46
C ILE P 368 -36.69 55.22 -63.33
N PHE P 388 -19.45 48.67 -66.69
CA PHE P 388 -18.85 48.57 -65.35
C PHE P 388 -19.34 49.68 -64.44
N GLU P 389 -19.97 50.70 -65.03
CA GLU P 389 -20.47 51.84 -64.28
C GLU P 389 -21.97 51.74 -64.07
N LEU P 390 -22.54 52.77 -63.45
CA LEU P 390 -23.90 52.73 -62.95
C LEU P 390 -24.43 54.15 -62.82
N VAL P 391 -25.63 54.37 -63.36
CA VAL P 391 -26.34 55.63 -63.21
C VAL P 391 -27.75 55.29 -62.72
N VAL P 392 -28.12 55.80 -61.55
CA VAL P 392 -29.47 55.68 -61.06
C VAL P 392 -29.99 57.09 -60.76
N ASP P 393 -31.32 57.21 -60.69
CA ASP P 393 -31.93 58.47 -60.34
C ASP P 393 -33.28 58.24 -59.67
N PHE P 394 -33.69 59.22 -58.86
CA PHE P 394 -34.99 59.18 -58.21
C PHE P 394 -35.42 60.58 -57.83
N LEU P 395 -36.60 60.67 -57.24
CA LEU P 395 -37.15 61.90 -56.69
C LEU P 395 -37.33 61.74 -55.20
N VAL P 396 -37.08 62.81 -54.45
CA VAL P 396 -37.04 62.75 -53.00
C VAL P 396 -38.09 63.70 -52.43
N LYS P 397 -38.65 63.33 -51.28
CA LYS P 397 -39.68 64.13 -50.62
C LYS P 397 -39.35 64.19 -49.14
N LEU P 398 -39.31 65.40 -48.59
CA LEU P 398 -38.88 65.61 -47.21
C LEU P 398 -40.06 65.44 -46.27
N ARG P 399 -39.85 65.74 -44.99
CA ARG P 399 -40.93 65.83 -44.01
C ARG P 399 -41.06 67.29 -43.57
N ASN P 400 -42.32 67.71 -43.33
CA ASN P 400 -42.70 69.11 -43.07
C ASN P 400 -42.24 70.03 -44.20
N SER P 401 -42.19 69.49 -45.41
CA SER P 401 -41.70 70.20 -46.58
C SER P 401 -42.38 69.60 -47.80
N SER P 402 -42.88 70.47 -48.67
CA SER P 402 -43.64 70.03 -49.83
C SER P 402 -42.95 70.33 -51.15
N GLU P 403 -41.63 70.54 -51.13
CA GLU P 403 -40.86 70.58 -52.37
C GLU P 403 -40.51 69.16 -52.79
N VAL P 404 -40.55 68.91 -54.09
CA VAL P 404 -40.15 67.64 -54.67
C VAL P 404 -38.97 67.90 -55.59
N TYR P 405 -37.91 67.11 -55.42
CA TYR P 405 -36.65 67.35 -56.12
C TYR P 405 -36.39 66.23 -57.12
N TYR P 406 -35.26 66.34 -57.79
CA TYR P 406 -34.75 65.32 -58.69
C TYR P 406 -33.28 65.10 -58.38
N TYR P 407 -32.85 63.85 -58.36
CA TYR P 407 -31.49 63.53 -57.97
C TYR P 407 -30.90 62.51 -58.92
N ALA P 408 -29.79 62.86 -59.57
CA ALA P 408 -29.03 61.95 -60.40
C ALA P 408 -27.79 61.48 -59.65
N LEU P 409 -27.43 60.21 -59.86
CA LEU P 409 -26.46 59.52 -59.01
C LEU P 409 -25.52 58.68 -59.87
N SER P 410 -24.22 58.94 -59.77
CA SER P 410 -23.24 58.28 -60.64
C SER P 410 -22.07 57.69 -59.89
N ASN P 411 -21.04 57.24 -60.61
CA ASN P 411 -19.84 56.64 -60.03
C ASN P 411 -18.58 57.45 -60.22
N THR P 412 -18.37 57.99 -61.41
CA THR P 412 -17.05 58.42 -61.83
C THR P 412 -16.81 59.89 -61.54
N GLN P 413 -15.53 60.22 -61.36
CA GLN P 413 -15.07 61.61 -61.28
C GLN P 413 -13.85 61.77 -62.19
N ASN P 414 -14.01 61.32 -63.44
CA ASN P 414 -13.07 61.60 -64.51
C ASN P 414 -13.86 62.29 -65.62
N SER P 415 -14.06 63.59 -65.46
CA SER P 415 -14.94 64.33 -66.37
C SER P 415 -14.30 65.62 -66.85
N ILE P 424 -27.29 79.21 -45.68
CA ILE P 424 -28.49 78.44 -45.36
C ILE P 424 -29.71 79.34 -45.50
N ILE P 425 -30.79 78.82 -46.09
CA ILE P 425 -32.05 79.54 -46.11
C ILE P 425 -32.63 79.58 -44.70
N VAL P 426 -33.28 80.69 -44.35
CA VAL P 426 -33.81 80.87 -43.01
C VAL P 426 -35.24 81.40 -43.11
N ASP P 427 -36.18 80.60 -42.66
CA ASP P 427 -37.49 81.09 -42.20
C ASP P 427 -37.71 80.40 -40.85
N HIS P 428 -37.13 80.99 -39.81
CA HIS P 428 -37.20 80.39 -38.48
C HIS P 428 -38.36 81.02 -37.72
N PRO P 429 -39.44 80.27 -37.49
CA PRO P 429 -40.66 80.91 -36.97
C PRO P 429 -40.56 81.32 -35.50
N GLU P 430 -39.70 80.66 -34.71
CA GLU P 430 -39.49 81.09 -33.34
C GLU P 430 -38.54 82.28 -33.25
N TRP P 431 -37.70 82.49 -34.27
CA TRP P 431 -36.86 83.68 -34.34
C TRP P 431 -37.42 84.80 -35.20
N ALA P 432 -38.47 84.54 -35.98
CA ALA P 432 -39.09 85.60 -36.75
C ALA P 432 -39.88 86.57 -35.88
N SER P 433 -40.24 86.17 -34.65
CA SER P 433 -41.03 87.03 -33.77
C SER P 433 -40.20 88.09 -33.07
N LEU P 434 -38.88 88.09 -33.25
CA LEU P 434 -38.00 88.99 -32.53
C LEU P 434 -37.04 89.75 -33.43
N PHE P 435 -37.15 89.65 -34.75
CA PHE P 435 -36.14 90.23 -35.61
C PHE P 435 -36.62 91.52 -36.28
N ASN P 436 -37.87 91.56 -36.71
CA ASN P 436 -38.38 92.51 -37.68
C ASN P 436 -39.71 93.08 -37.25
N ASN P 437 -39.77 93.59 -36.02
CA ASN P 437 -41.02 94.01 -35.36
C ASN P 437 -41.75 95.09 -36.16
N ALA P 438 -43.07 95.14 -35.96
CA ALA P 438 -43.98 95.63 -37.00
C ALA P 438 -44.02 97.16 -37.08
N ASP P 439 -44.26 97.82 -35.96
CA ASP P 439 -44.58 99.24 -35.99
C ASP P 439 -43.35 100.10 -36.28
N GLU P 440 -43.59 101.20 -37.00
CA GLU P 440 -42.54 102.16 -37.30
C GLU P 440 -42.10 102.93 -36.06
N ARG P 441 -43.01 103.08 -35.08
CA ARG P 441 -42.65 103.68 -33.80
C ARG P 441 -41.64 102.82 -33.05
N GLU P 442 -41.72 101.51 -33.21
CA GLU P 442 -40.71 100.59 -32.72
C GLU P 442 -39.60 100.36 -33.74
N LYS P 443 -39.45 101.28 -34.70
CA LYS P 443 -38.35 101.28 -35.67
C LYS P 443 -37.62 102.61 -35.70
N GLU P 444 -38.36 103.72 -35.62
CA GLU P 444 -37.78 105.03 -35.95
C GLU P 444 -36.91 105.57 -34.83
N SER P 445 -37.18 105.18 -33.57
CA SER P 445 -36.37 105.65 -32.46
C SER P 445 -34.98 105.04 -32.51
N ILE P 446 -34.92 103.73 -32.78
CA ILE P 446 -33.65 103.01 -32.77
C ILE P 446 -32.80 103.41 -33.95
N GLY P 447 -33.44 103.70 -35.10
CA GLY P 447 -32.71 104.25 -36.22
C GLY P 447 -32.21 105.67 -35.96
N ALA P 448 -32.97 106.43 -35.17
CA ALA P 448 -32.46 107.70 -34.69
C ALA P 448 -31.58 107.51 -33.46
N LEU P 449 -31.67 106.35 -32.81
CA LEU P 449 -30.65 106.01 -31.83
C LEU P 449 -29.36 105.57 -32.50
N VAL P 450 -29.44 105.02 -33.72
CA VAL P 450 -28.24 104.65 -34.48
C VAL P 450 -27.37 105.88 -34.73
N SER P 451 -27.99 106.99 -35.14
CA SER P 451 -27.25 108.24 -35.26
C SER P 451 -26.80 108.75 -33.90
N GLN P 452 -27.58 108.47 -32.85
CA GLN P 452 -27.10 108.75 -31.50
C GLN P 452 -25.95 107.82 -31.14
N ILE P 453 -26.03 106.55 -31.56
CA ILE P 453 -24.90 105.64 -31.37
C ILE P 453 -23.71 106.08 -32.21
N LYS P 454 -23.91 106.21 -33.53
CA LYS P 454 -22.76 106.32 -34.43
C LYS P 454 -22.08 107.68 -34.32
N LEU P 455 -22.82 108.74 -34.03
CA LEU P 455 -22.17 110.04 -33.89
C LEU P 455 -21.51 110.17 -32.53
N LYS P 456 -21.92 109.36 -31.55
CA LYS P 456 -21.16 109.31 -30.31
C LYS P 456 -19.77 108.75 -30.54
N GLU P 457 -19.65 107.74 -31.41
CA GLU P 457 -18.33 107.27 -31.79
C GLU P 457 -17.65 108.22 -32.76
N ARG P 458 -18.42 108.92 -33.59
CA ARG P 458 -17.84 109.96 -34.42
C ARG P 458 -17.41 111.16 -33.58
N GLU P 459 -18.06 111.36 -32.44
CA GLU P 459 -17.48 112.24 -31.42
C GLU P 459 -16.28 111.58 -30.75
N ARG P 460 -16.31 110.26 -30.60
CA ARG P 460 -15.25 109.59 -29.85
C ARG P 460 -13.97 109.48 -30.67
N ILE P 461 -14.09 109.25 -31.99
CA ILE P 461 -12.88 109.13 -32.80
C ILE P 461 -12.19 110.47 -32.94
N SER P 462 -12.95 111.56 -33.01
CA SER P 462 -12.36 112.89 -33.05
C SER P 462 -11.79 113.30 -31.70
N ARG P 463 -12.29 112.68 -30.62
CA ARG P 463 -11.68 112.90 -29.31
C ARG P 463 -10.31 112.24 -29.20
N VAL P 464 -10.07 111.20 -29.98
CA VAL P 464 -8.79 110.50 -30.00
C VAL P 464 -7.98 111.03 -31.18
N GLN P 465 -8.66 111.59 -32.19
CA GLN P 465 -7.95 112.16 -33.33
C GLN P 465 -7.22 113.45 -32.96
N ASN P 466 -7.59 114.06 -31.83
CA ASN P 466 -6.76 115.12 -31.29
C ASN P 466 -5.72 114.56 -30.33
N LEU P 467 -5.96 113.37 -29.77
CA LEU P 467 -4.98 112.74 -28.90
C LEU P 467 -3.90 111.99 -29.65
N ILE P 468 -4.07 111.71 -30.95
CA ILE P 468 -3.01 111.10 -31.73
C ILE P 468 -1.98 112.12 -32.18
N GLU P 469 -2.24 113.41 -31.98
CA GLU P 469 -1.26 114.46 -32.21
C GLU P 469 -0.74 115.05 -30.90
N HIS P 470 -0.85 114.31 -29.81
CA HIS P 470 -0.23 114.64 -28.53
C HIS P 470 0.33 113.33 -27.97
N GLU P 471 1.60 113.05 -28.27
CA GLU P 471 2.19 111.76 -27.95
C GLU P 471 3.68 111.92 -27.69
N ASN P 472 4.19 111.09 -26.78
CA ASN P 472 5.62 110.93 -26.46
C ASN P 472 6.33 112.23 -26.08
N SER P 473 5.60 113.23 -25.62
CA SER P 473 6.17 114.56 -25.44
C SER P 473 6.60 114.78 -23.99
N HIS P 474 7.13 115.97 -23.72
CA HIS P 474 7.41 116.37 -22.36
C HIS P 474 6.13 116.60 -21.57
N ASP P 475 5.04 116.91 -22.28
CA ASP P 475 3.75 117.10 -21.63
C ASP P 475 3.24 115.79 -21.03
N GLU P 476 3.27 114.71 -21.83
CA GLU P 476 2.67 113.45 -21.39
C GLU P 476 3.62 112.63 -20.53
N ASP P 477 4.94 112.84 -20.66
CA ASP P 477 5.88 112.20 -19.74
C ASP P 477 5.72 112.77 -18.33
N LYS P 478 5.45 114.07 -18.24
CA LYS P 478 5.14 114.64 -16.94
C LYS P 478 3.69 114.37 -16.52
N TYR P 479 2.80 114.20 -17.50
CA TYR P 479 1.39 113.96 -17.18
C TYR P 479 1.21 112.57 -16.55
N LEU P 480 1.97 111.59 -17.03
CA LEU P 480 1.90 110.26 -16.43
C LEU P 480 2.47 110.26 -15.02
N GLN P 481 3.38 111.19 -14.73
CA GLN P 481 3.95 111.28 -13.38
C GLN P 481 2.91 111.77 -12.39
N ASP P 482 2.04 112.70 -12.82
CA ASP P 482 0.99 113.17 -11.93
C ASP P 482 -0.27 112.30 -11.98
N LEU P 483 -0.24 111.21 -12.75
CA LEU P 483 -1.18 110.13 -12.49
C LEU P 483 -0.57 109.09 -11.58
N GLY P 484 0.75 108.88 -11.68
CA GLY P 484 1.44 108.04 -10.72
C GLY P 484 1.54 108.71 -9.36
N TYR P 485 1.55 110.04 -9.33
CA TYR P 485 1.46 110.75 -8.05
C TYR P 485 0.02 110.81 -7.56
N ARG P 486 -0.94 110.77 -8.48
CA ARG P 486 -2.34 110.73 -8.10
C ARG P 486 -2.72 109.38 -7.52
N LEU P 487 -2.27 108.30 -8.16
CA LEU P 487 -2.71 106.97 -7.73
C LEU P 487 -1.93 106.46 -6.53
N SER P 488 -0.75 107.03 -6.25
CA SER P 488 0.04 106.57 -5.11
C SER P 488 -0.60 106.98 -3.79
N ILE P 489 -1.06 108.23 -3.71
CA ILE P 489 -1.76 108.67 -2.52
C ILE P 489 -3.18 108.12 -2.48
N ALA P 490 -3.70 107.68 -3.63
CA ALA P 490 -5.06 107.16 -3.71
C ALA P 490 -5.20 105.84 -2.95
N THR P 491 -4.26 104.92 -3.16
CA THR P 491 -4.25 103.69 -2.38
C THR P 491 -3.77 103.91 -0.96
N ASN P 492 -3.08 105.02 -0.69
CA ASN P 492 -2.77 105.38 0.68
C ASN P 492 -4.01 105.87 1.40
N GLU P 493 -4.94 106.52 0.68
CA GLU P 493 -6.28 106.73 1.21
C GLU P 493 -7.00 105.41 1.41
N LEU P 494 -6.72 104.43 0.54
CA LEU P 494 -7.26 103.10 0.75
C LEU P 494 -6.49 102.37 1.85
N LEU P 495 -5.22 102.70 2.02
CA LEU P 495 -4.45 102.10 3.12
C LEU P 495 -4.92 102.64 4.46
N GLU P 496 -5.23 103.93 4.52
CA GLU P 496 -5.69 104.54 5.78
C GLU P 496 -7.09 104.09 6.14
N SER P 497 -7.95 103.89 5.13
CA SER P 497 -9.29 103.38 5.41
C SER P 497 -9.28 101.88 5.69
N TRP P 498 -8.25 101.16 5.26
CA TRP P 498 -8.16 99.74 5.57
C TRP P 498 -7.76 99.52 7.01
N GLN P 499 -6.66 100.16 7.43
CA GLN P 499 -6.10 99.92 8.76
C GLN P 499 -6.97 100.50 9.87
N LYS P 500 -7.88 101.41 9.55
CA LYS P 500 -8.84 101.89 10.53
C LYS P 500 -9.90 100.84 10.82
N THR P 501 -10.32 100.08 9.81
CA THR P 501 -11.43 99.13 9.91
C THR P 501 -10.94 97.75 9.45
N LYS P 502 -9.79 97.34 9.98
CA LYS P 502 -9.12 96.13 9.54
C LYS P 502 -9.58 94.89 10.29
N ASP P 503 -9.94 95.02 11.55
CA ASP P 503 -10.16 93.87 12.43
C ASP P 503 -11.64 93.59 12.64
N GLU P 504 -12.44 93.72 11.58
CA GLU P 504 -13.80 93.18 11.61
C GLU P 504 -13.77 91.66 11.72
N SER P 505 -12.85 91.03 11.00
CA SER P 505 -12.48 89.61 11.13
C SER P 505 -13.62 88.65 10.83
N ILE P 506 -14.62 89.08 10.07
CA ILE P 506 -15.71 88.20 9.69
C ILE P 506 -15.72 88.06 8.16
N LEU P 507 -15.31 89.12 7.47
CA LEU P 507 -15.32 89.16 6.01
C LEU P 507 -13.91 89.43 5.50
N SER P 508 -13.75 89.35 4.18
CA SER P 508 -12.44 89.51 3.56
C SER P 508 -12.41 90.56 2.46
N GLY P 509 -13.49 90.70 1.71
CA GLY P 509 -13.46 91.50 0.48
C GLY P 509 -13.37 92.98 0.78
N SER P 510 -12.41 93.67 0.16
CA SER P 510 -12.25 95.09 0.36
C SER P 510 -13.31 95.87 -0.42
N LEU P 511 -13.28 97.19 -0.26
CA LEU P 511 -14.32 98.06 -0.81
C LEU P 511 -13.81 98.77 -2.07
N SER P 512 -14.38 98.39 -3.22
CA SER P 512 -14.13 99.02 -4.54
C SER P 512 -12.65 99.01 -4.91
N HIS P 513 -12.02 97.86 -4.75
CA HIS P 513 -10.58 97.75 -4.90
C HIS P 513 -10.16 97.77 -6.37
N SER P 514 -10.76 96.91 -7.20
CA SER P 514 -10.50 96.91 -8.64
C SER P 514 -11.25 98.09 -9.26
N LYS P 515 -10.67 99.28 -9.12
CA LYS P 515 -11.38 100.49 -9.52
C LYS P 515 -10.37 101.60 -9.80
N LEU P 516 -10.80 102.55 -10.64
CA LEU P 516 -10.08 103.77 -10.97
C LEU P 516 -10.22 104.85 -9.91
N LYS P 517 -11.02 104.60 -8.85
CA LYS P 517 -11.28 105.51 -7.74
C LYS P 517 -11.86 106.85 -8.22
N ASN P 518 -13.02 106.77 -8.87
CA ASN P 518 -13.95 107.85 -9.16
C ASN P 518 -13.40 108.90 -10.14
N LEU P 519 -12.17 108.78 -10.60
CA LEU P 519 -11.53 109.79 -11.43
C LEU P 519 -11.63 109.33 -12.88
N LEU P 520 -12.69 109.76 -13.55
CA LEU P 520 -12.91 109.47 -14.96
C LEU P 520 -12.36 110.60 -15.83
N GLU P 521 -11.24 111.19 -15.43
CA GLU P 521 -10.61 112.27 -16.16
C GLU P 521 -9.10 112.15 -16.30
N ASN P 522 -8.45 111.28 -15.53
CA ASN P 522 -6.99 111.28 -15.49
C ASN P 522 -6.36 110.34 -16.54
N SER P 523 -6.87 109.12 -16.67
CA SER P 523 -6.29 108.12 -17.56
C SER P 523 -6.89 108.16 -18.95
N ASP P 524 -7.52 109.27 -19.34
CA ASP P 524 -8.19 109.35 -20.62
C ASP P 524 -7.44 110.19 -21.64
N SER P 525 -6.48 111.00 -21.20
CA SER P 525 -5.82 111.96 -22.07
C SER P 525 -4.41 111.54 -22.47
N PHE P 526 -4.02 110.30 -22.20
CA PHE P 526 -2.70 109.84 -22.61
C PHE P 526 -2.79 109.05 -23.91
N ALA P 527 -1.64 108.94 -24.58
CA ALA P 527 -1.54 108.24 -25.87
C ALA P 527 -0.30 107.37 -25.91
N SER P 528 -0.09 106.55 -24.87
CA SER P 528 1.11 105.72 -24.79
C SER P 528 0.77 104.42 -24.04
N ILE P 529 0.44 103.37 -24.79
CA ILE P 529 0.03 102.11 -24.17
C ILE P 529 1.15 101.18 -23.68
N PRO P 530 2.30 100.98 -24.37
CA PRO P 530 3.37 100.21 -23.70
C PRO P 530 4.01 100.99 -22.57
N GLU P 531 3.95 102.32 -22.63
CA GLU P 531 4.48 103.16 -21.56
C GLU P 531 3.49 103.23 -20.40
N PHE P 532 2.22 102.94 -20.69
CA PHE P 532 1.23 102.78 -19.63
C PHE P 532 1.55 101.58 -18.77
N SER P 533 1.90 100.45 -19.39
CA SER P 533 2.34 99.29 -18.62
C SER P 533 3.71 99.54 -18.00
N SER P 534 4.51 100.40 -18.61
CA SER P 534 5.85 100.68 -18.09
C SER P 534 5.79 101.52 -16.82
N LEU P 535 4.74 102.33 -16.68
CA LEU P 535 4.59 103.11 -15.45
C LEU P 535 3.80 102.35 -14.39
N LEU P 536 2.84 101.52 -14.80
CA LEU P 536 2.11 100.68 -13.85
C LEU P 536 3.02 99.64 -13.22
N ASP P 537 3.96 99.10 -14.01
CA ASP P 537 4.97 98.21 -13.45
C ASP P 537 5.88 98.96 -12.49
N GLN P 538 6.19 100.21 -12.81
CA GLN P 538 6.95 101.05 -11.88
C GLN P 538 6.09 101.47 -10.69
N PHE P 539 4.80 101.71 -10.91
CA PHE P 539 3.88 101.99 -9.80
C PHE P 539 3.72 100.76 -8.91
N PHE P 540 3.74 99.57 -9.51
CA PHE P 540 3.81 98.34 -8.71
C PHE P 540 5.16 98.23 -8.03
N GLN P 541 6.22 98.73 -8.67
CA GLN P 541 7.54 98.73 -8.02
C GLN P 541 7.68 99.90 -7.06
N TYR P 542 6.93 100.98 -7.27
CA TYR P 542 6.83 102.03 -6.28
C TYR P 542 6.13 101.52 -5.03
N TYR P 543 5.26 100.53 -5.18
CA TYR P 543 4.60 99.86 -4.08
C TYR P 543 5.14 98.44 -3.92
N GLN P 544 6.47 98.28 -3.96
CA GLN P 544 7.10 97.01 -3.64
C GLN P 544 7.16 96.73 -2.14
N ASP P 545 6.46 97.51 -1.33
CA ASP P 545 6.31 97.31 0.10
C ASP P 545 5.32 96.19 0.39
N GLN P 546 4.83 96.16 1.63
CA GLN P 546 3.98 95.06 2.07
C GLN P 546 2.50 95.43 1.97
N ASP P 547 1.65 94.42 2.22
CA ASP P 547 0.20 94.46 2.04
C ASP P 547 -0.17 94.82 0.60
N VAL P 548 0.62 94.29 -0.35
CA VAL P 548 0.44 94.58 -1.77
C VAL P 548 -0.02 93.32 -2.48
N THR P 549 -0.96 93.51 -3.40
CA THR P 549 -1.58 92.46 -4.17
C THR P 549 -0.59 91.84 -5.15
N PHE P 550 -0.79 90.56 -5.45
CA PHE P 550 0.12 89.80 -6.32
C PHE P 550 -0.71 89.00 -7.31
N ILE P 551 -0.68 89.40 -8.59
CA ILE P 551 -1.17 88.59 -9.70
C ILE P 551 -0.10 88.63 -10.79
N GLY P 552 -0.20 87.67 -11.72
CA GLY P 552 0.74 87.56 -12.81
C GLY P 552 0.10 88.00 -14.11
N PHE P 553 0.78 88.91 -14.82
CA PHE P 553 0.14 89.59 -15.94
C PHE P 553 0.43 88.90 -17.27
N GLU P 554 1.47 88.07 -17.34
CA GLU P 554 1.53 87.11 -18.43
C GLU P 554 0.61 85.93 -18.17
N LYS P 555 0.18 85.74 -16.92
CA LYS P 555 -0.68 84.62 -16.60
C LYS P 555 -2.11 84.88 -17.06
N LEU P 556 -2.69 86.02 -16.70
CA LEU P 556 -4.09 86.25 -17.01
C LEU P 556 -4.30 86.86 -18.39
N LEU P 557 -3.24 87.30 -19.06
CA LEU P 557 -3.34 87.63 -20.46
C LEU P 557 -3.21 86.40 -21.36
N HIS P 558 -2.88 85.25 -20.78
CA HIS P 558 -2.84 84.02 -21.56
C HIS P 558 -4.24 83.56 -21.93
N LEU P 559 -5.22 83.81 -21.08
CA LEU P 559 -6.58 83.33 -21.29
C LEU P 559 -7.35 84.19 -22.28
N PHE P 560 -6.73 85.22 -22.83
CA PHE P 560 -7.33 86.05 -23.86
C PHE P 560 -6.73 85.81 -25.23
N LEU P 561 -5.70 84.98 -25.32
CA LEU P 561 -5.04 84.72 -26.58
C LEU P 561 -4.75 83.24 -26.78
N HIS P 562 -4.84 82.43 -25.72
CA HIS P 562 -4.56 80.99 -25.72
C HIS P 562 -3.14 80.68 -26.18
N GLU P 563 -2.20 81.60 -25.95
CA GLU P 563 -0.78 81.37 -26.16
C GLU P 563 0.00 82.38 -25.33
N ASP P 564 1.31 82.12 -25.20
CA ASP P 564 2.16 82.88 -24.29
C ASP P 564 2.40 84.29 -24.82
N VAL P 565 1.81 85.27 -24.16
CA VAL P 565 2.01 86.66 -24.52
C VAL P 565 2.70 87.36 -23.35
N PRO P 566 4.03 87.40 -23.34
CA PRO P 566 4.74 87.96 -22.18
C PRO P 566 4.66 89.47 -22.11
N GLY P 567 4.86 90.13 -23.25
CA GLY P 567 4.78 91.57 -23.29
C GLY P 567 3.35 92.06 -23.49
N LEU P 568 3.03 93.15 -22.81
CA LEU P 568 1.72 93.79 -22.96
C LEU P 568 1.74 94.89 -24.01
N ASP P 569 2.81 94.98 -24.78
CA ASP P 569 2.87 95.77 -26.01
C ASP P 569 2.68 94.92 -27.26
N ILE P 570 3.22 93.71 -27.27
CA ILE P 570 2.99 92.80 -28.38
C ILE P 570 1.57 92.27 -28.34
N PHE P 571 0.91 92.32 -27.18
CA PHE P 571 -0.51 92.04 -27.09
C PHE P 571 -1.31 93.05 -27.89
N TYR P 572 -0.82 94.29 -27.97
CA TYR P 572 -1.41 95.26 -28.88
C TYR P 572 -1.00 94.99 -30.31
N ASN P 573 0.23 94.52 -30.52
CA ASN P 573 0.74 94.34 -31.88
C ASN P 573 0.21 93.07 -32.52
N LYS P 574 0.04 92.01 -31.73
CA LYS P 574 -0.56 90.79 -32.25
C LYS P 574 -2.02 91.00 -32.62
N LEU P 575 -2.75 91.76 -31.80
CA LEU P 575 -4.16 91.99 -32.06
C LEU P 575 -4.37 92.96 -33.21
N LEU P 576 -3.44 93.90 -33.40
CA LEU P 576 -3.51 94.75 -34.58
C LEU P 576 -3.23 93.98 -35.84
N GLN P 577 -2.37 92.96 -35.77
CA GLN P 577 -1.88 92.27 -36.96
C GLN P 577 -3.00 91.53 -37.68
N CYS P 578 -4.06 91.16 -36.96
CA CYS P 578 -5.25 90.62 -37.56
C CYS P 578 -6.34 91.67 -37.80
N TRP P 579 -6.32 92.78 -37.07
CA TRP P 579 -7.42 93.74 -37.11
C TRP P 579 -7.25 94.86 -38.12
N VAL P 580 -6.02 95.16 -38.56
CA VAL P 580 -5.81 96.33 -39.41
C VAL P 580 -6.17 96.07 -40.86
N LEU P 581 -6.46 94.82 -41.23
CA LEU P 581 -6.61 94.47 -42.64
C LEU P 581 -7.92 95.01 -43.22
N VAL P 582 -9.01 94.95 -42.46
CA VAL P 582 -10.33 95.27 -43.00
C VAL P 582 -10.90 96.55 -42.42
N SER P 583 -10.36 97.10 -41.35
CA SER P 583 -11.14 98.07 -40.61
C SER P 583 -10.62 99.49 -40.84
N PRO P 584 -11.52 100.48 -40.91
CA PRO P 584 -11.08 101.88 -41.00
C PRO P 584 -10.82 102.47 -39.62
N GLN P 585 -9.59 102.98 -39.43
CA GLN P 585 -9.11 103.58 -38.19
C GLN P 585 -9.28 102.63 -37.01
N ALA P 586 -8.74 101.42 -37.16
CA ALA P 586 -8.89 100.39 -36.13
C ALA P 586 -7.96 100.61 -34.97
N GLU P 587 -6.81 101.25 -35.20
CA GLU P 587 -5.72 101.31 -34.23
C GLU P 587 -6.13 102.11 -33.00
N LEU P 588 -6.98 103.12 -33.18
CA LEU P 588 -7.46 103.91 -32.05
C LEU P 588 -8.50 103.15 -31.23
N LEU P 589 -9.26 102.27 -31.87
CA LEU P 589 -10.32 101.54 -31.17
C LEU P 589 -9.73 100.51 -30.23
N THR P 590 -8.85 99.65 -30.73
CA THR P 590 -8.22 98.66 -29.88
C THR P 590 -7.21 99.25 -28.92
N LYS P 591 -6.76 100.48 -29.17
CA LYS P 591 -6.02 101.22 -28.15
C LYS P 591 -6.90 101.49 -26.94
N GLU P 592 -8.18 101.77 -27.17
CA GLU P 592 -9.11 101.94 -26.05
C GLU P 592 -9.37 100.61 -25.35
N ILE P 593 -9.41 99.51 -26.11
CA ILE P 593 -9.69 98.22 -25.50
C ILE P 593 -8.49 97.73 -24.71
N VAL P 594 -7.27 97.88 -25.25
CA VAL P 594 -6.08 97.46 -24.51
C VAL P 594 -5.87 98.38 -23.32
N LYS P 595 -6.38 99.61 -23.38
CA LYS P 595 -6.50 100.42 -22.19
C LYS P 595 -7.49 99.81 -21.21
N ASP P 596 -8.70 99.48 -21.70
CA ASP P 596 -9.80 99.09 -20.84
C ASP P 596 -9.61 97.68 -20.29
N ILE P 597 -8.88 96.83 -21.00
CA ILE P 597 -8.61 95.48 -20.52
C ILE P 597 -7.73 95.54 -19.28
N ILE P 598 -6.60 96.24 -19.35
CA ILE P 598 -5.74 96.37 -18.17
C ILE P 598 -6.37 97.26 -17.11
N TRP P 599 -7.32 98.12 -17.50
CA TRP P 599 -7.99 98.98 -16.53
C TRP P 599 -9.01 98.23 -15.68
N SER P 600 -9.40 97.03 -16.10
CA SER P 600 -10.38 96.24 -15.37
C SER P 600 -9.81 94.93 -14.86
N LEU P 601 -8.50 94.69 -15.01
CA LEU P 601 -7.83 93.58 -14.36
C LEU P 601 -6.56 94.00 -13.64
N ALA P 602 -6.36 95.30 -13.41
CA ALA P 602 -5.20 95.77 -12.65
C ALA P 602 -5.35 95.39 -11.18
N ARG P 603 -4.25 94.90 -10.59
CA ARG P 603 -4.29 94.34 -9.24
C ARG P 603 -4.23 95.46 -8.21
N LEU P 604 -5.33 96.20 -8.10
CA LEU P 604 -5.52 97.17 -7.04
C LEU P 604 -6.40 96.56 -5.95
N GLU P 605 -6.23 95.25 -5.75
CA GLU P 605 -7.14 94.35 -5.07
C GLU P 605 -7.08 94.42 -3.55
N LYS P 606 -7.62 93.38 -2.91
CA LYS P 606 -7.77 93.22 -1.47
C LYS P 606 -6.46 93.37 -0.70
N PRO P 607 -6.52 93.56 0.63
CA PRO P 607 -5.31 93.41 1.44
C PRO P 607 -4.80 91.98 1.39
N SER P 608 -3.48 91.84 1.52
CA SER P 608 -2.80 90.59 1.22
C SER P 608 -2.95 89.59 2.35
N LEU P 609 -2.13 88.54 2.30
CA LEU P 609 -2.18 87.27 3.04
C LEU P 609 -2.52 87.38 4.52
N PHE P 610 -2.11 88.46 5.18
CA PHE P 610 -2.46 88.68 6.58
C PHE P 610 -3.94 88.96 6.79
N GLU P 611 -4.64 89.39 5.75
CA GLU P 611 -6.07 89.66 5.85
C GLU P 611 -6.95 88.40 5.74
N PRO P 612 -6.74 87.43 4.82
CA PRO P 612 -7.56 86.22 4.87
C PRO P 612 -7.10 85.17 5.88
N ILE P 613 -5.84 85.19 6.32
CA ILE P 613 -5.35 84.14 7.19
C ILE P 613 -5.89 84.30 8.61
N GLN P 614 -6.41 85.49 8.95
CA GLN P 614 -7.15 85.64 10.19
C GLN P 614 -8.62 85.35 9.99
N ASN P 615 -9.14 85.56 8.78
CA ASN P 615 -10.50 85.15 8.47
C ASN P 615 -10.58 83.63 8.31
N GLU P 616 -9.46 82.99 8.00
CA GLU P 616 -9.42 81.53 7.94
C GLU P 616 -9.57 80.94 9.32
N ILE P 617 -8.89 81.53 10.31
CA ILE P 617 -9.01 81.07 11.68
C ILE P 617 -10.38 81.44 12.25
N SER P 618 -10.92 82.58 11.83
CA SER P 618 -12.15 83.09 12.43
C SER P 618 -13.35 82.21 12.11
N ARG P 619 -13.43 81.70 10.88
CA ARG P 619 -14.53 80.80 10.55
C ARG P 619 -14.30 79.41 11.11
N SER P 620 -13.04 78.99 11.24
CA SER P 620 -12.74 77.63 11.70
C SER P 620 -12.66 77.52 13.21
N LEU P 621 -12.50 78.61 13.94
CA LEU P 621 -12.70 78.60 15.38
C LEU P 621 -14.18 78.61 15.73
N SER P 622 -14.96 79.45 15.06
CA SER P 622 -16.39 79.48 15.27
C SER P 622 -17.06 78.21 14.74
N GLY P 623 -16.42 77.54 13.79
CA GLY P 623 -16.83 76.22 13.38
C GLY P 623 -16.64 75.24 14.52
N PRO P 624 -17.44 74.18 14.53
CA PRO P 624 -17.30 73.17 15.58
C PRO P 624 -15.98 72.42 15.46
N TYR P 625 -15.61 71.74 16.53
CA TYR P 625 -14.34 71.03 16.52
C TYR P 625 -14.46 69.68 15.84
N GLN P 626 -15.67 69.27 15.44
CA GLN P 626 -15.82 68.14 14.54
C GLN P 626 -15.72 68.58 13.08
N ASP P 627 -15.48 69.86 12.85
CA ASP P 627 -15.28 70.35 11.49
C ASP P 627 -13.79 70.51 11.18
N ILE P 628 -12.99 70.84 12.20
CA ILE P 628 -11.56 71.05 12.00
C ILE P 628 -10.86 69.74 11.66
N ILE P 629 -11.40 68.61 12.15
CA ILE P 629 -10.93 67.31 11.70
C ILE P 629 -11.36 66.99 10.29
N SER P 630 -12.43 67.61 9.80
CA SER P 630 -12.87 67.41 8.42
C SER P 630 -12.42 68.54 7.51
N SER P 631 -11.91 69.63 8.07
CA SER P 631 -11.27 70.67 7.28
C SER P 631 -9.76 70.43 7.27
N TRP P 632 -9.39 69.23 6.84
CA TRP P 632 -8.00 68.86 6.69
C TRP P 632 -7.53 69.29 5.31
N ASP P 633 -6.46 70.07 5.26
CA ASP P 633 -5.88 70.54 4.01
C ASP P 633 -4.53 69.89 3.79
N MET P 634 -4.01 70.08 2.58
CA MET P 634 -2.67 69.64 2.15
C MET P 634 -2.51 68.13 2.32
N ASP P 635 -3.30 67.41 1.50
CA ASP P 635 -3.58 66.00 1.74
C ASP P 635 -2.33 65.13 1.57
N ASP P 636 -1.38 65.57 0.76
CA ASP P 636 -0.10 64.87 0.63
C ASP P 636 0.98 65.86 0.24
N THR Q 3 9.54 20.92 22.82
CA THR Q 3 9.17 19.57 22.43
C THR Q 3 8.31 18.90 23.47
N PHE Q 4 7.78 19.69 24.39
CA PHE Q 4 7.16 19.17 25.58
C PHE Q 4 5.64 19.18 25.41
N ILE Q 5 4.94 18.64 26.40
CA ILE Q 5 3.48 18.65 26.42
C ILE Q 5 3.05 18.94 27.85
N ARG Q 6 2.19 19.93 28.03
CA ARG Q 6 1.73 20.25 29.38
C ARG Q 6 0.73 19.21 29.85
N GLY Q 7 0.59 19.09 31.17
CA GLY Q 7 -0.28 18.12 31.76
C GLY Q 7 -0.47 18.38 33.23
N PRO Q 8 -0.51 17.32 34.04
CA PRO Q 8 -0.56 17.49 35.50
C PRO Q 8 0.79 17.94 36.05
N ILE Q 9 0.87 18.02 37.38
CA ILE Q 9 2.15 18.36 37.99
C ILE Q 9 3.04 17.12 38.03
N CYS Q 10 2.66 16.13 38.84
CA CYS Q 10 3.09 14.74 38.99
C CYS Q 10 2.23 14.13 40.09
N GLY Q 11 2.12 12.81 40.06
CA GLY Q 11 1.46 12.04 41.09
C GLY Q 11 2.29 11.85 42.35
N THR Q 12 3.44 12.49 42.42
CA THR Q 12 4.29 12.52 43.59
C THR Q 12 4.45 13.97 44.02
N ASP Q 13 4.94 14.16 45.26
CA ASP Q 13 5.29 15.48 45.76
C ASP Q 13 6.59 15.98 45.17
N ASN Q 14 7.35 15.11 44.52
CA ASN Q 14 8.69 15.41 44.07
C ASN Q 14 8.73 16.21 42.77
N CYS Q 15 7.62 16.73 42.32
CA CYS Q 15 7.57 17.68 41.22
C CYS Q 15 6.50 18.67 41.66
N PRO Q 16 6.16 19.73 40.90
CA PRO Q 16 5.93 20.41 39.61
C PRO Q 16 6.70 20.05 38.34
N SER Q 17 5.96 19.87 37.24
CA SER Q 17 6.49 19.94 35.88
C SER Q 17 5.33 19.97 34.88
N ARG Q 18 5.70 20.21 33.63
CA ARG Q 18 4.83 19.91 32.49
C ARG Q 18 5.30 18.60 31.90
N LEU Q 19 4.42 17.60 31.94
CA LEU Q 19 4.80 16.20 31.86
C LEU Q 19 5.15 15.88 30.40
N TRP Q 20 6.45 15.98 30.08
CA TRP Q 20 6.89 15.93 28.70
C TRP Q 20 6.78 14.53 28.12
N ARG Q 21 7.10 14.43 26.83
CA ARG Q 21 6.22 13.65 25.98
C ARG Q 21 6.27 12.14 26.16
N ILE Q 22 7.30 11.46 25.67
CA ILE Q 22 7.35 10.00 25.70
C ILE Q 22 8.83 9.64 25.75
N ILE Q 23 9.29 9.14 26.87
CA ILE Q 23 10.54 8.41 26.92
C ILE Q 23 10.16 6.96 26.76
N ASP Q 24 10.66 6.35 25.68
CA ASP Q 24 9.89 5.49 24.78
C ASP Q 24 9.04 4.45 25.50
N GLY Q 25 7.72 4.62 25.39
CA GLY Q 25 6.76 3.80 26.09
C GLY Q 25 5.90 4.54 27.09
N ARG Q 26 6.50 5.35 27.95
CA ARG Q 26 5.76 6.00 29.03
C ARG Q 26 6.10 7.47 29.06
N ARG Q 27 5.30 8.24 29.80
CA ARG Q 27 5.47 9.67 29.88
C ARG Q 27 6.39 10.04 31.04
N THR Q 28 6.98 11.22 30.95
CA THR Q 28 8.04 11.63 31.87
C THR Q 28 7.83 13.07 32.29
N CYS Q 29 8.32 13.42 33.48
CA CYS Q 29 8.42 14.81 33.89
C CYS Q 29 9.76 15.38 33.47
N GLN Q 30 9.96 16.66 33.75
CA GLN Q 30 11.18 17.35 33.34
C GLN Q 30 12.39 16.84 34.11
N TYR Q 31 12.25 16.65 35.42
CA TYR Q 31 13.38 16.32 36.27
C TYR Q 31 13.59 14.83 36.39
N GLY Q 32 13.02 14.05 35.49
CA GLY Q 32 13.37 12.65 35.38
C GLY Q 32 12.26 11.65 35.57
N HIS Q 33 11.33 11.90 36.48
CA HIS Q 33 10.45 10.86 37.02
C HIS Q 33 9.48 10.36 35.97
N VAL Q 34 9.64 9.11 35.56
CA VAL Q 34 8.72 8.46 34.65
C VAL Q 34 7.38 8.26 35.36
N MET Q 35 6.30 8.64 34.70
CA MET Q 35 4.96 8.51 35.27
C MET Q 35 4.59 7.05 35.50
N GLU Q 36 4.20 6.72 36.72
CA GLU Q 36 3.93 5.34 37.11
C GLU Q 36 2.45 5.21 37.45
N GLY Q 37 1.70 4.52 36.60
CA GLY Q 37 2.21 3.89 35.40
C GLY Q 37 1.15 3.73 34.34
N ASP Q 38 1.49 4.15 33.11
CA ASP Q 38 0.59 3.99 31.97
C ASP Q 38 1.42 3.94 30.70
N VAL Q 39 0.97 3.13 29.76
CA VAL Q 39 1.71 2.91 28.53
C VAL Q 39 0.92 3.46 27.35
N GLU Q 40 1.65 3.83 26.31
CA GLU Q 40 1.05 4.39 25.11
C GLU Q 40 0.33 3.28 24.36
N PHE Q 41 -0.94 3.50 24.04
CA PHE Q 41 -1.70 2.48 23.32
C PHE Q 41 -1.61 2.74 21.83
N ASN Q 42 -1.90 1.70 21.05
CA ASN Q 42 -1.92 1.81 19.60
C ASN Q 42 -2.72 0.63 19.06
N ASP Q 43 -3.38 0.85 17.92
CA ASP Q 43 -4.17 -0.18 17.27
C ASP Q 43 -3.68 -0.34 15.83
N ASP Q 44 -2.87 -1.37 15.58
CA ASP Q 44 -2.33 -1.63 14.27
C ASP Q 44 -3.18 -2.67 13.55
N GLU Q 45 -3.67 -2.31 12.37
CA GLU Q 45 -4.43 -3.23 11.53
C GLU Q 45 -4.10 -3.01 10.06
N THR Q 57 -19.16 -0.41 9.75
CA THR Q 57 -18.57 0.82 10.26
C THR Q 57 -19.61 1.93 10.43
N ARG Q 58 -19.25 2.92 11.24
CA ARG Q 58 -20.08 4.10 11.46
C ARG Q 58 -19.15 5.17 12.01
N ARG Q 59 -18.87 6.21 11.23
CA ARG Q 59 -17.86 7.18 11.64
C ARG Q 59 -18.40 8.09 12.74
N LEU Q 60 -17.64 8.21 13.82
CA LEU Q 60 -18.02 9.01 14.98
C LEU Q 60 -17.16 10.27 15.06
N ASN Q 61 -17.51 11.11 16.03
CA ASN Q 61 -16.84 12.40 16.23
C ASN Q 61 -15.86 12.32 17.39
N LEU Q 62 -14.78 11.57 17.17
CA LEU Q 62 -13.73 11.42 18.17
C LEU Q 62 -12.38 11.73 17.54
N THR Q 63 -11.53 12.41 18.30
CA THR Q 63 -10.30 13.03 17.81
C THR Q 63 -9.10 12.58 18.65
N THR Q 64 -8.91 11.28 18.78
CA THR Q 64 -7.80 10.69 19.54
C THR Q 64 -6.42 11.13 19.07
N ASN Q 65 -5.73 11.93 19.87
CA ASN Q 65 -4.48 12.48 19.38
C ASN Q 65 -3.31 12.30 20.33
N ALA Q 66 -3.53 12.42 21.65
CA ALA Q 66 -2.46 12.68 22.60
C ALA Q 66 -1.42 11.57 22.75
N THR Q 67 -1.82 10.46 23.36
CA THR Q 67 -1.01 9.24 23.51
C THR Q 67 -1.84 8.02 23.16
N GLY Q 68 -2.58 8.09 22.06
CA GLY Q 68 -3.43 7.00 21.68
C GLY Q 68 -4.77 6.94 22.39
N SER Q 69 -5.01 7.78 23.37
CA SER Q 69 -6.29 7.85 24.04
C SER Q 69 -7.21 8.83 23.33
N PHE Q 70 -8.51 8.68 23.58
CA PHE Q 70 -9.55 9.35 22.79
C PHE Q 70 -9.96 10.68 23.42
N GLN Q 71 -10.25 11.65 22.56
CA GLN Q 71 -10.65 13.00 22.97
C GLN Q 71 -12.06 13.29 22.48
N SER Q 72 -12.51 14.53 22.70
CA SER Q 72 -13.91 14.90 22.58
C SER Q 72 -14.22 15.52 21.22
N SER Q 73 -15.46 16.00 21.07
CA SER Q 73 -15.99 16.44 19.79
C SER Q 73 -15.50 17.87 19.49
N GLN Q 74 -15.91 18.39 18.32
CA GLN Q 74 -15.31 19.58 17.72
C GLN Q 74 -16.00 20.87 18.12
N LEU Q 75 -16.62 20.92 19.30
CA LEU Q 75 -16.99 22.19 19.91
C LEU Q 75 -15.85 22.67 20.79
N THR Q 76 -15.39 23.89 20.57
CA THR Q 76 -14.31 24.47 21.34
C THR Q 76 -14.90 25.22 22.54
N ASN Q 77 -14.11 26.09 23.17
CA ASN Q 77 -14.66 27.09 24.08
C ASN Q 77 -15.65 27.96 23.31
N SER Q 78 -16.86 28.08 23.85
CA SER Q 78 -18.07 28.12 23.03
C SER Q 78 -18.18 29.41 22.21
N GLN Q 79 -18.26 30.55 22.86
CA GLN Q 79 -18.65 31.78 22.18
C GLN Q 79 -17.52 32.42 21.40
N LEU Q 80 -16.29 31.93 21.55
CA LEU Q 80 -15.14 32.56 20.92
C LEU Q 80 -15.09 32.30 19.42
N LEU Q 81 -15.61 31.15 18.98
CA LEU Q 81 -15.71 30.89 17.56
C LEU Q 81 -16.83 31.71 16.93
N GLN Q 82 -17.76 32.20 17.75
CA GLN Q 82 -18.89 32.95 17.21
C GLN Q 82 -18.77 34.45 17.49
N GLN Q 83 -17.98 34.83 18.50
CA GLN Q 83 -17.70 36.25 18.69
C GLN Q 83 -16.64 36.73 17.68
N GLN Q 84 -15.65 35.89 17.38
CA GLN Q 84 -14.60 36.31 16.46
C GLN Q 84 -15.04 36.18 15.01
N GLN Q 85 -16.06 35.38 14.73
CA GLN Q 85 -16.53 35.27 13.35
C GLN Q 85 -17.32 36.51 12.93
N ARG Q 86 -18.07 37.09 13.85
CA ARG Q 86 -18.84 38.29 13.51
C ARG Q 86 -17.94 39.53 13.49
N GLN Q 87 -16.84 39.50 14.24
CA GLN Q 87 -15.81 40.54 14.09
C GLN Q 87 -15.07 40.38 12.76
N SER Q 88 -14.89 39.13 12.32
CA SER Q 88 -14.29 38.89 11.01
C SER Q 88 -15.27 39.20 9.89
N HIS Q 89 -16.58 39.18 10.19
CA HIS Q 89 -17.58 39.58 9.20
C HIS Q 89 -17.46 41.06 8.88
N LYS Q 90 -16.95 41.85 9.82
CA LYS Q 90 -16.70 43.26 9.57
C LYS Q 90 -15.30 43.53 9.05
N LYS Q 91 -14.48 42.49 8.88
CA LYS Q 91 -13.21 42.69 8.19
C LYS Q 91 -13.42 42.73 6.68
N PHE Q 92 -14.51 42.11 6.21
CA PHE Q 92 -14.70 41.90 4.77
C PHE Q 92 -15.15 43.19 4.08
N LYS Q 93 -16.26 43.77 4.53
CA LYS Q 93 -16.78 45.03 4.02
C LYS Q 93 -16.95 45.98 5.19
N LYS Q 94 -16.35 47.15 5.09
CA LYS Q 94 -16.46 48.13 6.16
C LYS Q 94 -17.78 48.89 6.07
N LEU Q 95 -18.30 49.29 7.23
CA LEU Q 95 -19.60 49.93 7.33
C LEU Q 95 -19.49 51.23 8.10
N ILE Q 96 -20.25 52.24 7.66
CA ILE Q 96 -20.32 53.54 8.32
C ILE Q 96 -21.78 53.92 8.47
N GLY Q 97 -22.09 54.62 9.57
CA GLY Q 97 -23.47 54.95 9.85
C GLY Q 97 -23.84 56.34 9.38
N HIS Q 98 -24.16 57.20 10.35
CA HIS Q 98 -24.53 58.59 10.05
C HIS Q 98 -23.34 59.39 9.54
N GLU Q 99 -22.12 58.98 9.90
CA GLU Q 99 -20.88 59.66 9.56
C GLU Q 99 -20.50 59.52 8.10
N ALA Q 100 -21.32 58.84 7.30
CA ALA Q 100 -21.08 58.73 5.87
C ALA Q 100 -21.14 60.09 5.19
N LYS Q 101 -21.95 61.02 5.71
CA LYS Q 101 -22.05 62.35 5.09
C LYS Q 101 -20.79 63.17 5.31
N LEU Q 102 -20.00 62.83 6.33
CA LEU Q 102 -18.71 63.47 6.52
C LEU Q 102 -17.65 62.82 5.65
N LEU Q 103 -17.72 61.50 5.49
CA LEU Q 103 -16.88 60.80 4.52
C LEU Q 103 -17.22 61.24 3.10
N PHE Q 104 -18.49 61.54 2.86
CA PHE Q 104 -18.90 62.21 1.64
C PHE Q 104 -18.28 63.60 1.55
N LEU Q 105 -18.11 64.28 2.70
CA LEU Q 105 -17.68 65.68 2.68
C LEU Q 105 -16.18 65.83 2.83
N LYS Q 106 -15.51 64.90 3.52
CA LYS Q 106 -14.06 64.99 3.63
C LYS Q 106 -13.40 64.74 2.28
N SER Q 107 -13.88 63.72 1.57
CA SER Q 107 -13.40 63.45 0.22
C SER Q 107 -13.96 64.46 -0.78
N PHE Q 108 -15.02 65.18 -0.41
CA PHE Q 108 -15.47 66.30 -1.22
C PHE Q 108 -14.44 67.41 -1.23
N GLN Q 109 -13.69 67.54 -0.14
CA GLN Q 109 -12.60 68.51 -0.15
C GLN Q 109 -11.44 68.03 -1.00
N PHE Q 110 -11.32 66.71 -1.19
CA PHE Q 110 -10.22 66.19 -1.98
C PHE Q 110 -10.43 66.45 -3.47
N ILE Q 111 -11.68 66.32 -3.95
CA ILE Q 111 -11.93 66.61 -5.37
C ILE Q 111 -11.88 68.11 -5.62
N LEU Q 112 -12.20 68.92 -4.60
CA LEU Q 112 -12.04 70.36 -4.69
C LEU Q 112 -10.60 70.76 -4.89
N LYS Q 113 -9.68 70.08 -4.23
CA LYS Q 113 -8.27 70.49 -4.27
C LYS Q 113 -7.64 70.20 -5.62
N ARG Q 114 -8.07 69.12 -6.27
CA ARG Q 114 -7.44 68.70 -7.52
C ARG Q 114 -7.76 69.65 -8.65
N GLN Q 115 -8.95 70.26 -8.62
CA GLN Q 115 -9.27 71.28 -9.62
C GLN Q 115 -8.49 72.55 -9.34
N ILE Q 116 -8.25 72.85 -8.07
CA ILE Q 116 -7.57 74.08 -7.68
C ILE Q 116 -6.11 74.04 -8.09
N ARG Q 117 -5.42 72.95 -7.75
CA ARG Q 117 -4.02 72.80 -8.12
C ARG Q 117 -3.85 72.62 -9.63
N TRP Q 118 -4.90 72.15 -10.31
CA TRP Q 118 -4.83 72.10 -11.76
C TRP Q 118 -4.99 73.48 -12.37
N LEU Q 119 -5.87 74.30 -11.78
CA LEU Q 119 -6.18 75.59 -12.38
C LEU Q 119 -5.04 76.58 -12.18
N ILE Q 120 -4.22 76.38 -11.16
CA ILE Q 120 -3.05 77.20 -10.96
C ILE Q 120 -1.86 76.72 -11.79
N THR Q 121 -1.93 75.51 -12.36
CA THR Q 121 -0.78 74.99 -13.10
C THR Q 121 -0.95 75.14 -14.61
N GLU Q 122 -2.01 74.54 -15.16
CA GLU Q 122 -2.16 74.57 -16.61
C GLU Q 122 -2.73 75.89 -17.09
N MET Q 123 -3.51 76.55 -16.25
CA MET Q 123 -4.09 77.83 -16.60
C MET Q 123 -3.49 78.99 -15.81
N ARG Q 124 -2.43 78.71 -15.03
CA ARG Q 124 -1.60 79.63 -14.24
C ARG Q 124 -2.42 80.68 -13.48
N PHE Q 125 -3.20 80.19 -12.54
CA PHE Q 125 -3.97 80.99 -11.60
C PHE Q 125 -3.11 81.32 -10.38
N PRO Q 126 -3.42 82.39 -9.65
CA PRO Q 126 -2.59 82.74 -8.48
C PRO Q 126 -2.82 81.82 -7.30
N LYS Q 127 -1.85 81.83 -6.38
CA LYS Q 127 -1.89 80.94 -5.23
C LYS Q 127 -2.77 81.52 -4.12
N GLU Q 128 -2.91 82.84 -4.07
CA GLU Q 128 -3.81 83.45 -3.10
C GLU Q 128 -5.27 83.21 -3.46
N PHE Q 129 -5.55 82.93 -4.73
CA PHE Q 129 -6.87 82.52 -5.18
C PHE Q 129 -7.35 81.26 -4.46
N GLU Q 130 -6.41 80.39 -4.11
CA GLU Q 130 -6.73 79.20 -3.33
C GLU Q 130 -7.25 79.55 -1.96
N HIS Q 131 -6.59 80.48 -1.27
CA HIS Q 131 -6.97 80.85 0.08
C HIS Q 131 -8.30 81.60 0.11
N VAL Q 132 -8.69 82.22 -1.00
CA VAL Q 132 -10.07 82.67 -1.15
C VAL Q 132 -11.02 81.49 -1.09
N ALA Q 133 -10.72 80.44 -1.87
CA ALA Q 133 -11.57 79.27 -1.91
C ALA Q 133 -11.53 78.50 -0.60
N LYS Q 134 -10.38 78.51 0.08
CA LYS Q 134 -10.30 77.89 1.40
C LYS Q 134 -11.14 78.64 2.42
N ILE Q 135 -11.35 79.94 2.22
CA ILE Q 135 -12.39 80.64 2.96
C ILE Q 135 -13.76 80.25 2.43
N ILE Q 136 -13.90 80.23 1.10
CA ILE Q 136 -15.22 80.08 0.46
C ILE Q 136 -15.80 78.71 0.75
N TRP Q 137 -14.99 77.66 0.67
CA TRP Q 137 -15.44 76.32 1.01
C TRP Q 137 -15.79 76.22 2.49
N LEU Q 138 -15.07 76.95 3.35
CA LEU Q 138 -15.32 76.88 4.77
C LEU Q 138 -16.61 77.58 5.15
N LYS Q 139 -16.97 78.63 4.41
CA LYS Q 139 -18.13 79.44 4.78
C LYS Q 139 -19.43 78.71 4.51
N ILE Q 140 -19.49 77.97 3.39
CA ILE Q 140 -20.62 77.08 3.14
C ILE Q 140 -20.62 75.94 4.15
N LEU Q 141 -19.44 75.38 4.43
CA LEU Q 141 -19.32 74.25 5.34
C LEU Q 141 -19.69 74.61 6.77
N LYS Q 142 -19.46 75.88 7.17
CA LYS Q 142 -19.94 76.34 8.47
C LYS Q 142 -21.46 76.36 8.52
N THR Q 143 -22.12 76.73 7.42
CA THR Q 143 -23.56 76.65 7.34
C THR Q 143 -24.05 75.21 7.27
N ILE Q 144 -23.19 74.28 6.85
CA ILE Q 144 -23.55 72.86 6.91
C ILE Q 144 -23.55 72.38 8.36
N ASN Q 145 -22.58 72.81 9.16
CA ASN Q 145 -22.56 72.54 10.58
C ASN Q 145 -23.45 73.50 11.36
N ASP Q 146 -24.08 74.45 10.68
CA ASP Q 146 -25.13 75.27 11.26
C ASP Q 146 -26.51 74.74 10.92
N GLN Q 147 -26.61 73.52 10.40
CA GLN Q 147 -27.91 72.95 10.07
C GLN Q 147 -28.67 72.63 11.35
N PRO Q 148 -29.93 73.06 11.48
CA PRO Q 148 -30.67 72.82 12.73
C PRO Q 148 -31.03 71.37 12.96
N GLN Q 149 -31.06 70.54 11.94
CA GLN Q 149 -31.30 69.12 12.12
C GLN Q 149 -29.98 68.36 12.00
N GLU Q 150 -29.83 67.32 12.82
CA GLU Q 150 -28.66 66.45 12.71
C GLU Q 150 -28.75 65.58 11.45
N GLU Q 151 -29.96 65.26 10.99
CA GLU Q 151 -30.13 64.52 9.76
C GLU Q 151 -29.74 65.37 8.55
N LEU Q 152 -29.57 64.70 7.40
CA LEU Q 152 -28.71 65.24 6.34
C LEU Q 152 -29.40 66.33 5.53
N LYS Q 153 -30.32 65.94 4.64
CA LYS Q 153 -31.14 66.81 3.78
C LYS Q 153 -30.34 67.87 3.01
N LEU Q 154 -29.06 67.63 2.75
CA LEU Q 154 -28.16 68.70 2.29
C LEU Q 154 -28.03 68.68 0.77
N GLN Q 155 -28.42 69.78 0.13
CA GLN Q 155 -28.37 69.88 -1.32
C GLN Q 155 -26.92 70.05 -1.75
N LEU Q 156 -26.35 69.02 -2.37
CA LEU Q 156 -24.96 69.03 -2.79
C LEU Q 156 -24.86 68.31 -4.13
N HIS Q 157 -23.98 68.80 -4.99
CA HIS Q 157 -23.88 68.30 -6.36
C HIS Q 157 -22.47 68.56 -6.86
N MET Q 158 -22.14 67.94 -7.99
CA MET Q 158 -20.88 68.26 -8.66
C MET Q 158 -20.96 69.58 -9.40
N THR Q 159 -22.17 70.04 -9.72
CA THR Q 159 -22.32 71.38 -10.28
C THR Q 159 -21.99 72.45 -9.25
N SER Q 160 -22.24 72.17 -7.97
CA SER Q 160 -21.92 73.12 -6.91
C SER Q 160 -20.41 73.29 -6.77
N THR Q 161 -19.66 72.25 -7.14
CA THR Q 161 -18.20 72.30 -7.08
C THR Q 161 -17.64 73.31 -8.05
N ILE Q 162 -18.11 73.29 -9.30
CA ILE Q 162 -17.66 74.29 -10.25
C ILE Q 162 -18.36 75.61 -9.99
N SER Q 163 -19.46 75.60 -9.24
CA SER Q 163 -20.14 76.85 -8.89
C SER Q 163 -19.28 77.70 -7.97
N ILE Q 164 -18.71 77.09 -6.93
CA ILE Q 164 -17.88 77.87 -6.03
C ILE Q 164 -16.51 78.16 -6.63
N LEU Q 165 -16.14 77.45 -7.69
CA LEU Q 165 -14.93 77.82 -8.42
C LEU Q 165 -15.22 78.91 -9.42
N TYR Q 166 -16.49 79.18 -9.68
CA TYR Q 166 -16.84 80.29 -10.54
C TYR Q 166 -16.76 81.61 -9.79
N LEU Q 167 -17.12 81.60 -8.50
CA LEU Q 167 -17.20 82.83 -7.73
C LEU Q 167 -15.82 83.41 -7.48
N ALA Q 168 -14.89 82.57 -7.01
CA ALA Q 168 -13.56 83.04 -6.67
C ALA Q 168 -12.75 83.42 -7.90
N SER Q 169 -13.21 83.02 -9.09
CA SER Q 169 -12.61 83.50 -10.32
C SER Q 169 -13.21 84.84 -10.77
N THR Q 170 -14.41 85.17 -10.32
CA THR Q 170 -14.99 86.48 -10.61
C THR Q 170 -14.79 87.47 -9.48
N HIS Q 171 -14.72 86.99 -8.24
CA HIS Q 171 -14.44 87.87 -7.11
C HIS Q 171 -13.02 88.41 -7.18
N LEU Q 172 -12.08 87.60 -7.63
CA LEU Q 172 -10.72 88.06 -7.87
C LEU Q 172 -10.60 88.70 -9.26
N SER Q 173 -11.72 88.74 -10.00
CA SER Q 173 -11.83 89.36 -11.32
C SER Q 173 -10.85 88.73 -12.32
N LEU Q 174 -10.80 87.41 -12.34
CA LEU Q 174 -10.12 86.72 -13.41
C LEU Q 174 -11.10 86.58 -14.56
N PRO Q 175 -10.73 86.94 -15.78
CA PRO Q 175 -11.70 86.94 -16.91
C PRO Q 175 -11.95 85.55 -17.47
N VAL Q 176 -12.51 84.66 -16.65
CA VAL Q 176 -13.06 83.41 -17.13
C VAL Q 176 -14.54 83.42 -16.84
N TYR Q 177 -15.30 82.71 -17.67
CA TYR Q 177 -16.75 82.81 -17.62
C TYR Q 177 -17.37 81.43 -17.60
N THR Q 178 -18.69 81.37 -17.74
CA THR Q 178 -19.36 80.07 -17.69
C THR Q 178 -19.19 79.31 -18.99
N CYS Q 179 -18.70 79.96 -20.05
CA CYS Q 179 -18.38 79.24 -21.27
C CYS Q 179 -17.16 78.36 -21.10
N ASP Q 180 -16.15 78.85 -20.38
CA ASP Q 180 -14.89 78.12 -20.29
C ASP Q 180 -14.99 76.92 -19.36
N TYR Q 181 -15.86 76.97 -18.36
CA TYR Q 181 -15.96 75.84 -17.44
C TYR Q 181 -16.66 74.66 -18.09
N ILE Q 182 -17.56 74.92 -19.02
CA ILE Q 182 -18.12 73.85 -19.82
C ILE Q 182 -17.05 73.23 -20.69
N LYS Q 183 -16.24 74.07 -21.35
CA LYS Q 183 -15.18 73.58 -22.22
C LYS Q 183 -14.08 72.89 -21.43
N TRP Q 184 -13.93 73.19 -20.14
CA TRP Q 184 -12.87 72.57 -19.38
C TRP Q 184 -13.31 71.31 -18.65
N ILE Q 185 -14.60 71.04 -18.54
CA ILE Q 185 -15.01 69.74 -18.03
C ILE Q 185 -15.47 68.80 -19.14
N CYS Q 186 -15.96 69.32 -20.25
CA CYS Q 186 -16.37 68.48 -21.37
C CYS Q 186 -15.21 68.14 -22.29
N THR Q 187 -14.00 68.62 -22.01
CA THR Q 187 -12.83 68.11 -22.69
C THR Q 187 -12.00 67.21 -21.80
N ALA Q 188 -12.47 66.97 -20.57
CA ALA Q 188 -11.77 66.19 -19.54
C ALA Q 188 -10.35 66.71 -19.31
N LYS Q 189 -10.20 68.03 -19.31
CA LYS Q 189 -8.94 68.63 -18.94
C LYS Q 189 -8.79 68.65 -17.43
N MET Q 190 -9.72 69.25 -16.76
CA MET Q 190 -9.76 69.24 -15.31
C MET Q 190 -10.60 68.07 -14.83
N PRO Q 191 -10.39 67.60 -13.61
CA PRO Q 191 -11.24 66.52 -13.10
C PRO Q 191 -12.64 66.98 -12.77
N TYR Q 192 -13.62 66.46 -13.50
CA TYR Q 192 -15.02 66.61 -13.13
C TYR Q 192 -15.72 65.28 -12.96
N PHE Q 193 -15.59 64.38 -13.93
CA PHE Q 193 -16.45 63.21 -14.02
C PHE Q 193 -16.02 62.06 -13.11
N GLN Q 194 -14.80 62.11 -12.59
CA GLN Q 194 -14.20 60.96 -11.92
C GLN Q 194 -14.53 60.93 -10.44
N ALA Q 195 -14.81 59.74 -9.94
CA ALA Q 195 -14.85 59.47 -8.52
C ALA Q 195 -13.78 58.48 -8.12
N SER Q 196 -12.95 58.03 -9.05
CA SER Q 196 -11.91 57.06 -8.75
C SER Q 196 -10.63 57.71 -8.23
N GLU Q 197 -10.47 59.02 -8.40
CA GLU Q 197 -9.31 59.75 -7.91
C GLU Q 197 -9.50 60.23 -6.48
N ILE Q 198 -10.20 59.45 -5.66
CA ILE Q 198 -10.63 59.91 -4.35
C ILE Q 198 -9.78 59.36 -3.21
N LEU Q 199 -8.65 58.71 -3.53
CA LEU Q 199 -7.84 57.83 -2.69
C LEU Q 199 -8.76 56.71 -2.20
N PRO Q 200 -9.19 55.82 -3.10
CA PRO Q 200 -10.35 54.96 -2.84
C PRO Q 200 -10.08 53.80 -1.90
N LYS Q 201 -8.84 53.61 -1.48
CA LYS Q 201 -8.50 52.54 -0.55
C LYS Q 201 -8.78 52.90 0.89
N SER Q 202 -9.37 54.06 1.13
CA SER Q 202 -9.81 54.46 2.46
C SER Q 202 -11.20 55.07 2.47
N TRP Q 203 -11.76 55.43 1.32
CA TRP Q 203 -13.07 56.06 1.27
C TRP Q 203 -14.07 55.29 0.43
N ARG Q 204 -13.72 54.91 -0.80
CA ARG Q 204 -14.62 54.12 -1.63
C ARG Q 204 -14.71 52.66 -1.22
N ILE Q 205 -13.99 52.24 -0.18
CA ILE Q 205 -14.28 50.94 0.35
C ILE Q 205 -15.51 50.98 1.24
N GLN Q 206 -15.82 52.13 1.85
CA GLN Q 206 -16.67 52.12 3.04
C GLN Q 206 -18.15 51.99 2.68
N LEU Q 207 -18.72 53.05 2.13
CA LEU Q 207 -20.08 53.06 1.60
C LEU Q 207 -20.21 54.12 0.53
N PRO Q 208 -19.92 53.78 -0.72
CA PRO Q 208 -20.14 54.71 -1.82
C PRO Q 208 -21.54 54.60 -2.45
N ASN Q 209 -22.47 53.94 -1.74
CA ASN Q 209 -23.69 53.31 -2.27
C ASN Q 209 -24.48 54.18 -3.23
N TYR Q 210 -24.82 55.37 -2.80
CA TYR Q 210 -25.44 56.36 -3.67
C TYR Q 210 -24.61 57.61 -3.76
N TYR Q 211 -23.50 57.68 -3.03
CA TYR Q 211 -22.68 58.90 -3.02
C TYR Q 211 -21.88 59.05 -4.29
N VAL Q 212 -21.43 57.94 -4.90
CA VAL Q 212 -20.75 58.08 -6.18
C VAL Q 212 -21.72 58.28 -7.32
N SER Q 213 -23.02 58.01 -7.10
CA SER Q 213 -24.02 58.44 -8.06
C SER Q 213 -24.06 59.96 -8.16
N ILE Q 214 -23.76 60.65 -7.06
CA ILE Q 214 -23.56 62.08 -7.12
C ILE Q 214 -22.17 62.40 -7.65
N LEU Q 215 -21.17 61.61 -7.27
CA LEU Q 215 -19.79 62.00 -7.53
C LEU Q 215 -19.36 61.74 -8.96
N GLU Q 216 -19.75 60.61 -9.54
CA GLU Q 216 -19.44 60.36 -10.94
C GLU Q 216 -20.27 61.28 -11.80
N GLY Q 217 -19.61 62.03 -12.69
CA GLY Q 217 -20.30 63.06 -13.45
C GLY Q 217 -21.23 62.52 -14.51
N SER Q 218 -22.34 61.92 -14.10
CA SER Q 218 -23.20 61.20 -15.03
C SER Q 218 -24.21 62.12 -15.70
N ILE Q 219 -23.75 63.25 -16.21
CA ILE Q 219 -24.61 64.29 -16.76
C ILE Q 219 -23.73 65.30 -17.49
N SER Q 220 -24.36 66.12 -18.32
CA SER Q 220 -23.91 67.48 -18.53
C SER Q 220 -25.02 68.40 -18.04
N PRO Q 221 -24.69 69.61 -17.57
CA PRO Q 221 -25.74 70.57 -17.17
C PRO Q 221 -26.63 70.93 -18.35
N PHE Q 222 -27.91 70.56 -18.23
CA PHE Q 222 -28.80 70.54 -19.38
C PHE Q 222 -29.21 71.94 -19.80
N ASN Q 223 -29.92 72.65 -18.94
CA ASN Q 223 -30.52 73.92 -19.31
C ASN Q 223 -29.98 75.02 -18.43
N GLY Q 224 -28.67 75.08 -18.28
CA GLY Q 224 -28.05 76.05 -17.40
C GLY Q 224 -28.31 75.74 -15.95
N GLN Q 225 -27.91 74.55 -15.51
CA GLN Q 225 -28.04 74.22 -14.11
C GLN Q 225 -27.05 75.00 -13.25
N LEU Q 226 -25.93 75.43 -13.83
CA LEU Q 226 -24.97 76.24 -13.09
C LEU Q 226 -25.53 77.61 -12.75
N TYR Q 227 -26.41 78.14 -13.59
CA TYR Q 227 -27.03 79.43 -13.32
C TYR Q 227 -28.05 79.31 -12.19
N ASN Q 228 -28.56 78.10 -11.95
CA ASN Q 228 -29.30 77.87 -10.73
C ASN Q 228 -28.36 77.48 -9.59
N LYS Q 229 -27.16 77.03 -9.93
CA LYS Q 229 -26.21 76.62 -8.89
C LYS Q 229 -25.35 77.76 -8.41
N ILE Q 230 -25.38 78.91 -9.09
CA ILE Q 230 -24.81 80.10 -8.48
C ILE Q 230 -25.86 80.80 -7.64
N ALA Q 231 -27.13 80.44 -7.82
CA ALA Q 231 -28.19 81.03 -7.01
C ALA Q 231 -28.23 80.41 -5.62
N LEU Q 232 -28.08 79.09 -5.54
CA LEU Q 232 -28.21 78.42 -4.25
C LEU Q 232 -26.96 78.58 -3.41
N THR Q 233 -25.84 78.99 -4.01
CA THR Q 233 -24.66 79.29 -3.23
C THR Q 233 -24.64 80.74 -2.75
N CYS Q 234 -25.35 81.65 -3.42
CA CYS Q 234 -25.51 82.99 -2.88
C CYS Q 234 -26.62 83.03 -1.84
N GLY Q 235 -27.62 82.14 -1.99
CA GLY Q 235 -28.63 81.95 -0.98
C GLY Q 235 -28.18 81.16 0.23
N MET Q 236 -26.93 80.71 0.25
CA MET Q 236 -26.33 80.12 1.45
C MET Q 236 -25.22 80.99 2.01
N ILE Q 237 -24.45 81.66 1.15
CA ILE Q 237 -23.42 82.60 1.57
C ILE Q 237 -23.70 83.94 0.91
N HIS Q 238 -23.84 84.98 1.73
CA HIS Q 238 -24.20 86.31 1.27
C HIS Q 238 -23.08 86.92 0.43
N PHE Q 239 -23.46 87.85 -0.44
CA PHE Q 239 -22.56 88.35 -1.47
C PHE Q 239 -22.59 89.86 -1.66
N LYS Q 240 -23.66 90.55 -1.25
CA LYS Q 240 -23.79 91.98 -1.52
C LYS Q 240 -22.79 92.80 -0.69
N GLU Q 241 -22.38 92.28 0.45
CA GLU Q 241 -21.49 93.00 1.35
C GLU Q 241 -20.16 92.30 1.57
N PHE Q 242 -19.99 91.07 1.10
CA PHE Q 242 -18.71 90.38 1.27
C PHE Q 242 -17.82 90.54 0.05
N PHE Q 243 -18.27 90.03 -1.10
CA PHE Q 243 -17.45 89.96 -2.30
C PHE Q 243 -17.98 90.91 -3.37
N ASN Q 244 -17.08 91.27 -4.28
CA ASN Q 244 -17.43 92.12 -5.41
C ASN Q 244 -18.17 91.32 -6.47
N SER Q 245 -19.40 91.74 -6.77
CA SER Q 245 -20.25 91.04 -7.73
C SER Q 245 -20.16 91.77 -9.06
N GLU Q 246 -19.05 91.54 -9.77
CA GLU Q 246 -18.92 92.05 -11.13
C GLU Q 246 -18.06 91.10 -11.94
N ILE Q 247 -18.19 91.21 -13.26
CA ILE Q 247 -17.42 90.43 -14.21
C ILE Q 247 -16.77 91.42 -15.16
N SER Q 248 -15.59 91.08 -15.67
CA SER Q 248 -14.91 91.91 -16.66
C SER Q 248 -15.58 91.74 -18.02
N CYS Q 249 -16.76 92.36 -18.16
CA CYS Q 249 -17.58 92.18 -19.35
C CYS Q 249 -17.08 92.95 -20.55
N GLN Q 250 -16.03 93.76 -20.43
CA GLN Q 250 -15.43 94.34 -21.62
C GLN Q 250 -14.46 93.36 -22.26
N GLY Q 251 -13.95 92.39 -21.49
CA GLY Q 251 -13.16 91.32 -22.09
C GLY Q 251 -14.01 90.15 -22.52
N LEU Q 252 -15.16 89.96 -21.86
CA LEU Q 252 -16.18 89.05 -22.37
C LEU Q 252 -16.70 89.53 -23.71
N LEU Q 253 -16.87 90.85 -23.86
CA LEU Q 253 -17.26 91.38 -25.16
C LEU Q 253 -16.08 91.38 -26.12
N LEU Q 254 -14.85 91.38 -25.60
CA LEU Q 254 -13.69 91.16 -26.47
C LEU Q 254 -13.65 89.72 -26.95
N LYS Q 255 -13.91 88.77 -26.03
CA LYS Q 255 -13.83 87.35 -26.36
C LYS Q 255 -14.90 86.95 -27.36
N LEU Q 256 -16.05 87.63 -27.32
CA LEU Q 256 -17.14 87.24 -28.19
C LEU Q 256 -16.89 87.64 -29.63
N VAL Q 257 -16.12 88.71 -29.84
CA VAL Q 257 -15.86 89.19 -31.20
C VAL Q 257 -14.85 88.29 -31.91
N MET Q 258 -13.75 87.95 -31.23
CA MET Q 258 -12.68 87.21 -31.88
C MET Q 258 -13.04 85.76 -32.15
N GLN Q 259 -14.09 85.23 -31.50
CA GLN Q 259 -14.59 83.91 -31.83
C GLN Q 259 -15.21 83.90 -33.22
N CYS Q 260 -16.01 84.91 -33.53
CA CYS Q 260 -16.55 85.12 -34.87
C CYS Q 260 -15.58 86.01 -35.65
N ALA Q 261 -16.03 86.58 -36.77
CA ALA Q 261 -15.13 87.34 -37.64
C ALA Q 261 -15.49 88.82 -37.70
N LEU Q 262 -15.74 89.44 -36.56
CA LEU Q 262 -16.24 90.80 -36.70
C LEU Q 262 -15.10 91.83 -36.65
N PRO Q 263 -15.24 92.94 -37.38
CA PRO Q 263 -14.30 94.05 -37.22
C PRO Q 263 -14.53 94.76 -35.90
N PRO Q 264 -13.49 95.34 -35.30
CA PRO Q 264 -13.56 95.77 -33.90
C PRO Q 264 -14.47 96.96 -33.63
N GLU Q 265 -15.07 97.57 -34.65
CA GLU Q 265 -16.05 98.63 -34.43
C GLU Q 265 -17.35 98.08 -33.85
N PHE Q 266 -17.59 96.78 -33.99
CA PHE Q 266 -18.80 96.18 -33.45
C PHE Q 266 -18.75 96.04 -31.94
N TYR Q 267 -17.55 96.04 -31.35
CA TYR Q 267 -17.45 96.14 -29.91
C TYR Q 267 -17.94 97.50 -29.43
N PHE Q 268 -17.54 98.56 -30.12
CA PHE Q 268 -17.89 99.91 -29.70
C PHE Q 268 -19.35 100.25 -29.99
N TYR Q 269 -19.93 99.66 -31.04
CA TYR Q 269 -21.36 99.80 -31.27
C TYR Q 269 -22.14 99.19 -30.10
N THR Q 270 -21.72 98.01 -29.65
CA THR Q 270 -22.35 97.36 -28.50
C THR Q 270 -22.02 98.07 -27.21
N LYS Q 271 -20.86 98.76 -27.16
CA LYS Q 271 -20.36 99.36 -25.93
C LYS Q 271 -21.28 100.46 -25.44
N GLN Q 272 -21.97 101.13 -26.36
CA GLN Q 272 -22.93 102.14 -25.95
C GLN Q 272 -24.27 101.53 -25.58
N VAL Q 273 -24.59 100.34 -26.12
CA VAL Q 273 -25.89 99.74 -25.82
C VAL Q 273 -25.88 99.14 -24.42
N ILE Q 274 -24.73 98.58 -23.99
CA ILE Q 274 -24.59 98.19 -22.59
C ILE Q 274 -24.40 99.42 -21.72
N GLU Q 275 -24.09 100.58 -22.32
CA GLU Q 275 -24.20 101.82 -21.58
C GLU Q 275 -25.60 102.37 -21.61
N PHE Q 276 -26.38 102.09 -22.67
CA PHE Q 276 -27.68 102.73 -22.79
C PHE Q 276 -28.70 102.10 -21.85
N GLU Q 277 -28.99 100.81 -22.04
CA GLU Q 277 -30.15 100.20 -21.42
C GLU Q 277 -29.83 99.42 -20.16
N GLU Q 278 -28.55 99.19 -19.87
CA GLU Q 278 -28.15 98.43 -18.69
C GLU Q 278 -28.09 99.40 -17.51
N THR Q 279 -29.21 99.47 -16.79
CA THR Q 279 -29.41 99.91 -15.39
C THR Q 279 -28.50 101.03 -14.88
N ASP Q 280 -28.47 102.17 -15.61
CA ASP Q 280 -27.82 103.40 -15.15
C ASP Q 280 -26.33 103.19 -14.90
N ILE Q 281 -25.53 103.22 -15.99
CA ILE Q 281 -24.45 102.31 -16.38
C ILE Q 281 -23.70 101.69 -15.21
N ARG Q 282 -23.61 100.36 -15.22
CA ARG Q 282 -23.12 99.62 -14.08
C ARG Q 282 -22.24 98.48 -14.56
N ASN Q 283 -21.34 98.04 -13.69
CA ASN Q 283 -20.75 96.72 -13.85
C ASN Q 283 -21.82 95.67 -13.59
N LEU Q 284 -21.82 94.62 -14.41
CA LEU Q 284 -22.90 93.64 -14.38
C LEU Q 284 -22.78 92.74 -13.16
N THR Q 285 -23.88 92.59 -12.43
CA THR Q 285 -23.85 91.91 -11.15
C THR Q 285 -24.30 90.46 -11.27
N LEU Q 286 -23.85 89.66 -10.32
CA LEU Q 286 -24.29 88.29 -10.18
C LEU Q 286 -25.72 88.26 -9.65
N TRP Q 287 -26.39 87.14 -9.86
CA TRP Q 287 -27.78 87.04 -9.45
C TRP Q 287 -27.89 86.96 -7.94
N GLU Q 288 -29.10 87.16 -7.43
CA GLU Q 288 -29.33 87.45 -6.03
C GLU Q 288 -29.99 86.26 -5.35
N ARG Q 289 -29.20 85.52 -4.54
CA ARG Q 289 -29.59 84.96 -3.23
C ARG Q 289 -30.95 84.23 -3.22
N THR Q 290 -31.37 83.67 -4.34
CA THR Q 290 -32.77 83.26 -4.50
C THR Q 290 -33.00 81.91 -3.85
N ASP Q 291 -33.60 81.91 -2.66
CA ASP Q 291 -33.87 80.70 -1.91
C ASP Q 291 -35.26 80.13 -2.18
N GLU Q 292 -35.86 80.45 -3.32
CA GLU Q 292 -37.04 79.72 -3.76
C GLU Q 292 -36.58 78.47 -4.49
N ARG Q 293 -37.37 77.41 -4.40
CA ARG Q 293 -36.96 76.17 -5.06
C ARG Q 293 -37.23 76.18 -6.55
N HIS Q 294 -38.04 77.11 -7.04
CA HIS Q 294 -38.20 77.30 -8.48
C HIS Q 294 -37.31 78.39 -9.04
N THR Q 295 -36.73 79.24 -8.16
CA THR Q 295 -35.87 80.38 -8.50
C THR Q 295 -36.47 81.27 -9.60
N GLY Q 296 -37.77 81.51 -9.53
CA GLY Q 296 -38.47 82.41 -10.43
C GLY Q 296 -38.46 81.97 -11.88
N ARG Q 297 -38.84 82.93 -12.73
CA ARG Q 297 -38.83 82.80 -14.18
C ARG Q 297 -38.20 84.03 -14.80
N VAL Q 298 -37.35 84.72 -14.05
CA VAL Q 298 -37.09 86.13 -14.32
C VAL Q 298 -35.99 86.32 -15.35
N SER Q 299 -35.05 85.37 -15.43
CA SER Q 299 -33.85 85.44 -16.27
C SER Q 299 -33.04 86.70 -15.99
N ASN Q 300 -32.82 86.99 -14.71
CA ASN Q 300 -31.93 88.08 -14.31
C ASN Q 300 -30.48 87.64 -14.18
N HIS Q 301 -30.07 86.59 -14.88
CA HIS Q 301 -28.69 86.16 -14.82
C HIS Q 301 -27.81 87.12 -15.61
N ALA Q 302 -26.52 87.14 -15.24
CA ALA Q 302 -25.62 88.18 -15.71
C ALA Q 302 -25.25 88.00 -17.17
N GLU Q 303 -24.63 86.86 -17.50
CA GLU Q 303 -24.11 86.69 -18.85
C GLU Q 303 -25.22 86.43 -19.86
N LEU Q 304 -26.39 85.98 -19.38
CA LEU Q 304 -27.55 85.91 -20.25
C LEU Q 304 -28.01 87.29 -20.69
N ARG Q 305 -27.83 88.30 -19.81
CA ARG Q 305 -28.13 89.67 -20.20
C ARG Q 305 -27.11 90.19 -21.19
N VAL Q 306 -25.87 89.71 -21.11
CA VAL Q 306 -24.83 90.16 -22.03
C VAL Q 306 -25.08 89.65 -23.43
N LEU Q 307 -25.32 88.34 -23.56
CA LEU Q 307 -25.43 87.73 -24.88
C LEU Q 307 -26.74 88.10 -25.56
N SER Q 308 -27.81 88.28 -24.78
CA SER Q 308 -29.07 88.74 -25.34
C SER Q 308 -28.96 90.17 -25.82
N TYR Q 309 -28.09 90.96 -25.19
CA TYR Q 309 -27.80 92.30 -25.69
C TYR Q 309 -27.09 92.24 -27.04
N PHE Q 310 -26.23 91.25 -27.24
CA PHE Q 310 -25.44 91.19 -28.48
C PHE Q 310 -26.32 90.87 -29.68
N MET Q 311 -27.38 90.09 -29.48
CA MET Q 311 -28.24 89.77 -30.60
C MET Q 311 -29.17 90.93 -30.94
N LEU Q 312 -29.38 91.85 -30.00
CA LEU Q 312 -30.20 93.03 -30.29
C LEU Q 312 -29.44 94.02 -31.16
N THR Q 313 -28.16 94.20 -30.88
CA THR Q 313 -27.38 95.20 -31.62
C THR Q 313 -27.15 94.77 -33.06
N ILE Q 314 -26.75 93.52 -33.26
CA ILE Q 314 -26.44 93.05 -34.61
C ILE Q 314 -27.72 92.96 -35.45
N ASN Q 315 -28.86 92.78 -34.79
CA ASN Q 315 -30.14 93.01 -35.46
C ASN Q 315 -30.29 94.48 -35.84
N TRP Q 316 -29.90 95.39 -34.96
CA TRP Q 316 -30.21 96.80 -35.16
C TRP Q 316 -29.09 97.52 -35.93
N MET Q 317 -27.84 97.10 -35.77
CA MET Q 317 -26.77 97.75 -36.51
C MET Q 317 -26.71 97.30 -37.96
N LEU Q 318 -27.40 96.23 -38.31
CA LEU Q 318 -27.41 95.77 -39.70
C LEU Q 318 -28.71 96.10 -40.41
N SER Q 319 -29.81 96.27 -39.68
CA SER Q 319 -31.07 96.69 -40.29
C SER Q 319 -31.18 98.20 -40.45
N PHE Q 320 -30.23 98.95 -39.89
CA PHE Q 320 -30.27 100.42 -39.95
C PHE Q 320 -28.89 100.96 -40.27
N ASP Q 321 -28.22 100.35 -41.24
CA ASP Q 321 -26.98 100.89 -41.80
C ASP Q 321 -27.35 101.73 -43.02
N ARG Q 322 -27.83 102.95 -42.76
CA ARG Q 322 -28.40 103.79 -43.79
C ARG Q 322 -27.37 104.34 -44.76
N ASP Q 323 -26.11 104.40 -44.36
CA ASP Q 323 -25.03 104.93 -45.19
C ASP Q 323 -24.53 103.94 -46.24
N ARG Q 324 -25.12 102.73 -46.29
CA ARG Q 324 -24.68 101.63 -47.14
C ARG Q 324 -23.22 101.28 -46.91
N GLN Q 325 -22.81 101.29 -45.65
CA GLN Q 325 -21.44 100.98 -45.29
C GLN Q 325 -21.16 99.48 -45.33
N TYR Q 326 -22.19 98.64 -45.40
CA TYR Q 326 -22.03 97.19 -45.36
C TYR Q 326 -22.61 96.56 -46.62
N PRO Q 327 -21.78 96.15 -47.58
CA PRO Q 327 -22.28 95.57 -48.82
C PRO Q 327 -22.92 94.21 -48.61
N LEU Q 328 -23.75 93.82 -49.59
CA LEU Q 328 -24.38 92.51 -49.54
C LEU Q 328 -23.38 91.40 -49.82
N LYS Q 329 -22.29 91.71 -50.53
CA LYS Q 329 -21.19 90.76 -50.65
C LYS Q 329 -20.45 90.61 -49.32
N TRP Q 330 -20.45 91.66 -48.50
CA TRP Q 330 -19.76 91.57 -47.22
C TRP Q 330 -20.53 90.73 -46.22
N ILE Q 331 -21.87 90.74 -46.30
CA ILE Q 331 -22.66 89.88 -45.43
C ILE Q 331 -22.47 88.42 -45.82
N LEU Q 332 -22.23 88.17 -47.11
CA LEU Q 332 -21.93 86.82 -47.56
C LEU Q 332 -20.57 86.36 -47.05
N SER Q 333 -19.55 87.21 -47.21
CA SER Q 333 -18.16 86.77 -47.02
C SER Q 333 -17.85 86.47 -45.56
N LEU Q 334 -18.61 87.06 -44.64
CA LEU Q 334 -18.48 86.65 -43.25
C LEU Q 334 -19.23 85.36 -42.98
N THR Q 335 -20.39 85.17 -43.62
CA THR Q 335 -21.22 84.01 -43.34
C THR Q 335 -20.61 82.75 -43.94
N GLU Q 336 -19.95 82.90 -45.08
CA GLU Q 336 -19.17 81.78 -45.61
C GLU Q 336 -17.91 81.53 -44.79
N SER Q 337 -17.39 82.55 -44.10
CA SER Q 337 -16.16 82.36 -43.33
C SER Q 337 -16.43 81.64 -42.03
N LEU Q 338 -17.65 81.74 -41.49
CA LEU Q 338 -17.97 81.01 -40.27
C LEU Q 338 -18.25 79.55 -40.55
N THR Q 339 -18.80 79.24 -41.72
CA THR Q 339 -19.17 77.87 -42.05
C THR Q 339 -17.98 76.99 -42.41
N GLN Q 340 -16.85 77.57 -42.78
CA GLN Q 340 -15.66 76.77 -43.00
C GLN Q 340 -15.13 76.25 -41.67
N ARG Q 341 -14.66 75.01 -41.69
CA ARG Q 341 -14.12 74.37 -40.50
C ARG Q 341 -12.60 74.25 -40.64
N THR Q 342 -11.88 74.90 -39.73
CA THR Q 342 -10.44 74.75 -39.63
C THR Q 342 -10.12 73.95 -38.37
N THR Q 343 -8.97 73.29 -38.37
CA THR Q 343 -8.60 72.41 -37.26
C THR Q 343 -7.58 73.10 -36.35
N THR Q 344 -8.09 73.59 -35.21
CA THR Q 344 -7.28 74.14 -34.13
C THR Q 344 -7.85 73.65 -32.80
N SER Q 345 -7.06 73.85 -31.75
CA SER Q 345 -7.45 73.36 -30.41
C SER Q 345 -8.64 74.11 -29.86
N GLU Q 346 -8.92 75.32 -30.37
CA GLU Q 346 -10.17 75.97 -30.03
C GLU Q 346 -11.35 75.32 -30.76
N SER Q 347 -11.17 75.03 -32.04
CA SER Q 347 -12.25 74.42 -32.83
C SER Q 347 -12.48 72.98 -32.45
N ILE Q 348 -11.41 72.24 -32.16
CA ILE Q 348 -11.55 70.87 -31.69
C ILE Q 348 -12.20 70.85 -30.32
N GLY Q 349 -11.82 71.78 -29.45
CA GLY Q 349 -12.48 71.90 -28.16
C GLY Q 349 -13.93 72.34 -28.27
N ARG Q 350 -14.28 73.01 -29.37
CA ARG Q 350 -15.68 73.28 -29.65
C ARG Q 350 -16.41 71.99 -30.05
N ASN Q 351 -15.71 71.08 -30.73
CA ASN Q 351 -16.36 69.92 -31.32
C ASN Q 351 -16.81 68.93 -30.26
N ILE Q 352 -16.09 68.85 -29.14
CA ILE Q 352 -16.41 67.85 -28.12
C ILE Q 352 -17.69 68.22 -27.39
N VAL Q 353 -18.01 69.51 -27.34
CA VAL Q 353 -19.25 69.91 -26.68
C VAL Q 353 -20.43 69.79 -27.63
N LYS Q 354 -20.16 69.71 -28.93
CA LYS Q 354 -21.20 69.30 -29.87
C LYS Q 354 -21.58 67.84 -29.68
N VAL Q 355 -20.68 67.04 -29.11
CA VAL Q 355 -20.92 65.60 -28.96
C VAL Q 355 -21.88 65.35 -27.80
N VAL Q 356 -21.72 66.08 -26.71
CA VAL Q 356 -22.48 65.82 -25.49
C VAL Q 356 -23.79 66.62 -25.58
N TYR Q 357 -23.95 67.37 -26.66
CA TYR Q 357 -25.10 68.26 -26.86
C TYR Q 357 -26.39 67.46 -27.02
N PRO Q 358 -27.39 67.67 -26.16
CA PRO Q 358 -28.64 66.89 -26.29
C PRO Q 358 -29.54 67.33 -27.45
N ASP Q 359 -29.59 68.62 -27.76
CA ASP Q 359 -30.48 69.13 -28.80
C ASP Q 359 -29.86 68.94 -30.17
N LYS Q 360 -30.71 68.73 -31.16
CA LYS Q 360 -30.28 68.85 -32.54
C LYS Q 360 -29.84 70.29 -32.80
N PRO Q 361 -28.83 70.51 -33.66
CA PRO Q 361 -28.18 69.68 -34.67
C PRO Q 361 -26.99 68.87 -34.21
N THR Q 362 -27.09 68.17 -33.08
CA THR Q 362 -26.01 67.29 -32.66
C THR Q 362 -25.90 66.03 -33.51
N SER Q 363 -26.90 65.75 -34.36
CA SER Q 363 -26.89 64.55 -35.17
C SER Q 363 -25.82 64.63 -36.25
N SER Q 364 -25.93 65.61 -37.14
CA SER Q 364 -24.94 65.75 -38.20
C SER Q 364 -23.70 66.50 -37.74
N ASP Q 365 -23.54 66.74 -36.44
CA ASP Q 365 -22.31 67.36 -35.98
C ASP Q 365 -21.16 66.36 -35.97
N TYR Q 366 -21.43 65.06 -35.95
CA TYR Q 366 -20.37 64.08 -36.07
C TYR Q 366 -20.50 63.23 -37.33
N PHE Q 367 -21.14 63.73 -38.36
CA PHE Q 367 -21.28 62.97 -39.60
C PHE Q 367 -20.62 63.64 -40.78
N GLN Q 368 -20.01 64.80 -40.59
CA GLN Q 368 -19.50 65.59 -41.71
C GLN Q 368 -18.14 66.17 -41.37
N TRP Q 369 -17.27 65.36 -40.79
CA TRP Q 369 -15.95 65.85 -40.42
C TRP Q 369 -14.99 65.61 -41.57
N SER Q 370 -13.71 65.71 -41.30
CA SER Q 370 -12.70 65.46 -42.32
C SER Q 370 -11.95 64.19 -41.95
N GLU Q 371 -11.01 63.80 -42.81
CA GLU Q 371 -10.02 62.82 -42.41
C GLU Q 371 -9.16 63.37 -41.28
N GLU Q 372 -8.91 64.68 -41.32
CA GLU Q 372 -8.06 65.31 -40.30
C GLU Q 372 -8.80 65.46 -38.98
N GLU Q 373 -10.03 65.96 -39.01
CA GLU Q 373 -10.73 66.37 -37.79
C GLU Q 373 -11.02 65.20 -36.87
N THR Q 374 -11.24 64.01 -37.44
CA THR Q 374 -11.41 62.85 -36.59
C THR Q 374 -10.09 62.34 -36.05
N LEU Q 375 -8.98 62.61 -36.73
CA LEU Q 375 -7.69 62.12 -36.24
C LEU Q 375 -7.30 62.82 -34.95
N GLU Q 376 -7.50 64.13 -34.88
CA GLU Q 376 -7.26 64.79 -33.60
C GLU Q 376 -8.41 64.62 -32.63
N PHE Q 377 -9.55 64.09 -33.09
CA PHE Q 377 -10.53 63.60 -32.15
C PHE Q 377 -10.06 62.30 -31.51
N LEU Q 378 -9.34 61.48 -32.27
CA LEU Q 378 -8.81 60.26 -31.70
C LEU Q 378 -7.53 60.52 -30.95
N LYS Q 379 -6.73 61.49 -31.40
CA LYS Q 379 -5.52 61.86 -30.67
C LYS Q 379 -5.87 62.50 -29.34
N TRP Q 380 -7.00 63.18 -29.27
CA TRP Q 380 -7.52 63.61 -27.98
C TRP Q 380 -7.98 62.42 -27.17
N MET Q 381 -8.58 61.43 -27.83
CA MET Q 381 -9.17 60.30 -27.13
C MET Q 381 -8.08 59.40 -26.55
N GLU Q 382 -7.01 59.17 -27.30
CA GLU Q 382 -5.97 58.26 -26.82
C GLU Q 382 -5.05 58.90 -25.79
N LYS Q 383 -5.28 60.16 -25.41
CA LYS Q 383 -4.52 60.80 -24.36
C LYS Q 383 -5.41 61.31 -23.23
N GLN Q 384 -6.71 61.47 -23.47
CA GLN Q 384 -7.62 61.99 -22.46
C GLN Q 384 -8.82 61.08 -22.23
N PHE Q 385 -8.79 59.86 -22.75
CA PHE Q 385 -9.59 58.78 -22.22
C PHE Q 385 -8.75 57.67 -21.62
N LEU Q 386 -7.45 57.90 -21.50
CA LEU Q 386 -6.61 57.20 -20.52
C LEU Q 386 -7.01 57.66 -19.12
N PRO Q 387 -7.46 58.91 -18.93
CA PRO Q 387 -8.38 59.10 -17.78
C PRO Q 387 -9.78 58.58 -18.05
N THR Q 388 -9.92 57.26 -18.07
CA THR Q 388 -11.23 56.63 -18.00
C THR Q 388 -11.58 56.45 -16.54
N GLN Q 389 -12.69 55.77 -16.27
CA GLN Q 389 -13.09 55.42 -14.91
C GLN Q 389 -12.82 53.92 -14.72
N THR Q 390 -11.65 53.63 -14.12
CA THR Q 390 -10.97 52.31 -14.04
C THR Q 390 -11.19 51.36 -15.20
N ASP Q 405 -7.44 36.37 -13.97
CA ASP Q 405 -8.68 35.66 -14.25
C ASP Q 405 -9.31 36.08 -15.58
N GLN Q 406 -9.70 37.36 -15.65
CA GLN Q 406 -10.23 37.96 -16.86
C GLN Q 406 -9.32 38.99 -17.45
N LYS Q 407 -8.25 39.36 -16.73
CA LYS Q 407 -7.27 40.26 -17.30
C LYS Q 407 -6.46 39.57 -18.38
N ILE Q 408 -6.36 38.25 -18.33
CA ILE Q 408 -5.50 37.53 -19.26
C ILE Q 408 -6.13 37.48 -20.64
N ALA Q 409 -7.45 37.34 -20.72
CA ALA Q 409 -8.12 37.45 -22.01
C ALA Q 409 -8.10 38.88 -22.51
N ARG Q 410 -8.14 39.83 -21.59
CA ARG Q 410 -8.10 41.24 -21.97
C ARG Q 410 -6.71 41.66 -22.42
N ARG Q 411 -5.67 41.20 -21.72
CA ARG Q 411 -4.32 41.62 -22.08
C ARG Q 411 -3.80 40.88 -23.29
N LYS Q 412 -4.55 39.92 -23.81
CA LYS Q 412 -4.13 39.26 -25.05
C LYS Q 412 -4.84 39.85 -26.25
N LEU Q 413 -6.05 40.35 -26.05
CA LEU Q 413 -6.75 41.07 -27.11
C LEU Q 413 -6.05 42.38 -27.41
N TYR Q 414 -5.66 43.11 -26.39
CA TYR Q 414 -5.01 44.38 -26.66
C TYR Q 414 -3.52 44.22 -26.94
N LYS Q 415 -2.98 43.00 -26.83
CA LYS Q 415 -1.56 42.82 -27.12
C LYS Q 415 -1.30 42.69 -28.61
N ILE Q 416 -2.00 41.77 -29.27
CA ILE Q 416 -1.66 41.49 -30.65
C ILE Q 416 -2.28 42.52 -31.58
N PHE Q 417 -3.33 43.21 -31.14
CA PHE Q 417 -4.15 44.07 -31.99
C PHE Q 417 -4.20 45.48 -31.42
N PRO Q 418 -3.06 46.17 -31.40
CA PRO Q 418 -2.88 47.31 -30.51
C PRO Q 418 -3.27 48.65 -31.10
N LEU Q 419 -2.93 49.71 -30.37
CA LEU Q 419 -3.01 51.08 -30.86
C LEU Q 419 -1.64 51.57 -31.33
N ASP Q 420 -0.86 50.68 -31.95
CA ASP Q 420 0.45 50.97 -32.56
C ASP Q 420 1.47 51.57 -31.59
N SER Q 432 7.55 72.44 -37.02
CA SER Q 432 7.31 71.02 -37.24
C SER Q 432 5.85 70.67 -36.95
N THR Q 433 5.05 71.69 -36.66
CA THR Q 433 3.64 71.50 -36.33
C THR Q 433 2.80 72.01 -37.49
N HIS Q 434 1.93 71.15 -38.01
CA HIS Q 434 1.01 71.53 -39.08
C HIS Q 434 -0.25 72.18 -38.54
N GLN Q 435 -0.58 71.95 -37.27
CA GLN Q 435 -1.77 72.55 -36.65
C GLN Q 435 -1.43 73.98 -36.25
N LEU Q 436 -1.99 74.93 -36.99
CA LEU Q 436 -1.68 76.34 -36.82
C LEU Q 436 -2.28 76.88 -35.52
N THR Q 437 -1.86 78.09 -35.16
CA THR Q 437 -2.18 78.70 -33.88
C THR Q 437 -3.55 79.37 -33.91
N PHE Q 438 -3.88 80.03 -32.80
CA PHE Q 438 -5.17 80.70 -32.67
C PHE Q 438 -5.22 81.99 -33.49
N ILE Q 439 -4.07 82.52 -33.89
CA ILE Q 439 -4.08 83.79 -34.59
C ILE Q 439 -3.96 83.60 -36.11
N GLU Q 440 -3.20 82.58 -36.54
CA GLU Q 440 -2.89 82.43 -37.96
C GLU Q 440 -4.14 82.08 -38.77
N ASP Q 441 -5.07 81.35 -38.16
CA ASP Q 441 -6.37 81.17 -38.79
C ASP Q 441 -7.25 82.41 -38.66
N LEU Q 442 -7.23 83.07 -37.50
CA LEU Q 442 -8.00 84.28 -37.30
C LEU Q 442 -7.52 85.39 -38.21
N GLN Q 443 -6.22 85.46 -38.47
CA GLN Q 443 -5.74 86.34 -39.52
C GLN Q 443 -6.20 85.88 -40.89
N GLU Q 444 -6.19 84.56 -41.13
CA GLU Q 444 -6.67 84.04 -42.40
C GLU Q 444 -8.17 84.22 -42.55
N ARG Q 445 -8.93 84.05 -41.46
CA ARG Q 445 -10.37 84.23 -41.57
C ARG Q 445 -10.77 85.70 -41.61
N TYR Q 446 -9.88 86.61 -41.19
CA TYR Q 446 -10.17 88.03 -41.38
C TYR Q 446 -9.86 88.47 -42.80
N ALA Q 447 -8.82 87.89 -43.42
CA ALA Q 447 -8.44 88.28 -44.76
C ALA Q 447 -9.43 87.80 -45.81
N LYS Q 448 -10.32 86.88 -45.45
CA LYS Q 448 -11.34 86.44 -46.38
C LYS Q 448 -12.41 87.50 -46.58
N GLN Q 449 -12.78 88.22 -45.51
CA GLN Q 449 -13.85 89.21 -45.58
C GLN Q 449 -13.35 90.62 -45.86
N THR Q 450 -12.18 90.75 -46.50
CA THR Q 450 -11.70 92.03 -47.01
C THR Q 450 -12.58 92.71 -48.06
N PRO Q 451 -13.58 92.06 -48.78
CA PRO Q 451 -14.56 92.88 -49.49
C PRO Q 451 -15.44 93.71 -48.57
N PHE Q 452 -14.90 94.84 -48.10
CA PHE Q 452 -15.59 95.82 -47.27
C PHE Q 452 -15.40 97.25 -47.75
N PHE Q 453 -14.22 97.57 -48.31
CA PHE Q 453 -13.91 98.94 -48.72
C PHE Q 453 -14.66 99.35 -49.99
N PRO Q 469 -31.12 94.74 -52.08
CA PRO Q 469 -31.17 95.67 -50.95
C PRO Q 469 -32.40 95.52 -50.01
N PRO Q 470 -33.55 95.02 -50.47
CA PRO Q 470 -34.43 94.29 -49.54
C PRO Q 470 -34.13 92.80 -49.50
N ALA Q 471 -33.18 92.35 -50.32
CA ALA Q 471 -32.71 90.98 -50.30
C ALA Q 471 -31.60 90.74 -49.29
N ARG Q 472 -31.05 91.80 -48.68
CA ARG Q 472 -30.06 91.62 -47.63
C ARG Q 472 -30.65 91.11 -46.34
N LYS Q 473 -31.99 91.15 -46.20
CA LYS Q 473 -32.64 90.56 -45.03
C LYS Q 473 -32.41 89.05 -44.96
N GLU Q 474 -32.34 88.38 -46.11
CA GLU Q 474 -32.05 86.95 -46.10
C GLU Q 474 -30.60 86.69 -45.75
N ALA Q 475 -29.70 87.61 -46.09
CA ALA Q 475 -28.31 87.45 -45.70
C ALA Q 475 -28.10 87.83 -44.23
N ILE Q 476 -28.95 88.71 -43.70
CA ILE Q 476 -28.91 89.01 -42.27
C ILE Q 476 -29.59 87.90 -41.48
N GLY Q 477 -30.69 87.37 -42.01
CA GLY Q 477 -31.43 86.34 -41.29
C GLY Q 477 -30.71 85.01 -41.19
N ARG Q 478 -29.77 84.76 -42.11
CA ARG Q 478 -29.00 83.52 -42.04
C ARG Q 478 -27.82 83.64 -41.09
N LEU Q 479 -27.35 84.87 -40.85
CA LEU Q 479 -26.29 85.07 -39.87
C LEU Q 479 -26.84 85.02 -38.46
N LEU Q 480 -28.13 85.36 -38.30
CA LEU Q 480 -28.74 85.43 -36.97
C LEU Q 480 -28.98 84.05 -36.38
N THR Q 481 -28.93 83.01 -37.20
CA THR Q 481 -29.11 81.66 -36.67
C THR Q 481 -27.79 80.96 -36.44
N HIS Q 482 -26.75 81.31 -37.21
CA HIS Q 482 -25.43 80.73 -37.00
C HIS Q 482 -24.86 81.19 -35.67
N ILE Q 483 -25.00 82.48 -35.37
CA ILE Q 483 -24.42 83.01 -34.14
C ILE Q 483 -25.33 82.68 -32.95
N ALA Q 484 -26.59 82.34 -33.19
CA ALA Q 484 -27.45 81.91 -32.09
C ALA Q 484 -27.24 80.44 -31.76
N SER Q 485 -27.00 79.61 -32.78
CA SER Q 485 -26.63 78.23 -32.51
C SER Q 485 -25.25 78.13 -31.89
N GLN Q 486 -24.40 79.13 -32.15
CA GLN Q 486 -23.05 79.13 -31.61
C GLN Q 486 -23.06 79.30 -30.10
N LEU Q 487 -23.70 80.37 -29.61
CA LEU Q 487 -23.70 80.63 -28.18
C LEU Q 487 -24.63 79.69 -27.43
N LEU Q 488 -25.55 79.04 -28.12
CA LEU Q 488 -26.37 78.03 -27.46
C LEU Q 488 -25.52 76.82 -27.08
N VAL Q 489 -24.58 76.45 -27.94
CA VAL Q 489 -23.77 75.27 -27.70
C VAL Q 489 -22.74 75.55 -26.60
N ASP Q 490 -22.06 76.68 -26.70
CA ASP Q 490 -20.89 76.95 -25.89
C ASP Q 490 -21.21 77.38 -24.47
N PHE Q 491 -22.49 77.42 -24.08
CA PHE Q 491 -22.87 77.96 -22.80
C PHE Q 491 -23.77 77.03 -21.99
N ALA Q 492 -24.13 75.86 -22.53
CA ALA Q 492 -25.00 74.86 -21.91
C ALA Q 492 -26.33 75.47 -21.49
N ILE Q 493 -27.03 75.99 -22.49
CA ILE Q 493 -28.25 76.75 -22.27
C ILE Q 493 -29.28 76.33 -23.32
N SER Q 494 -30.54 76.23 -22.90
CA SER Q 494 -31.61 75.79 -23.78
C SER Q 494 -31.94 76.86 -24.81
N LYS Q 495 -32.49 76.40 -25.93
CA LYS Q 495 -33.00 77.27 -27.00
C LYS Q 495 -34.26 78.00 -26.56
N GLU Q 496 -35.01 77.41 -25.65
CA GLU Q 496 -36.20 78.08 -25.13
C GLU Q 496 -35.82 79.28 -24.26
N GLN Q 497 -34.90 79.09 -23.31
CA GLN Q 497 -34.62 80.11 -22.32
C GLN Q 497 -33.82 81.27 -22.88
N LEU Q 498 -33.25 81.11 -24.06
CA LEU Q 498 -32.65 82.25 -24.73
C LEU Q 498 -33.73 83.22 -25.19
N LYS Q 499 -34.89 82.71 -25.59
CA LYS Q 499 -35.92 83.58 -26.15
C LYS Q 499 -36.70 84.30 -25.06
N ASP Q 500 -36.87 83.68 -23.89
CA ASP Q 500 -37.53 84.38 -22.79
C ASP Q 500 -36.62 85.46 -22.22
N CYS Q 501 -35.31 85.21 -22.22
CA CYS Q 501 -34.37 86.21 -21.72
C CYS Q 501 -34.28 87.40 -22.66
N ILE Q 502 -34.31 87.15 -23.96
CA ILE Q 502 -34.08 88.23 -24.91
C ILE Q 502 -35.35 89.04 -25.14
N SER Q 503 -36.53 88.47 -24.89
CA SER Q 503 -37.75 89.19 -25.23
C SER Q 503 -38.19 90.10 -24.09
N ARG Q 504 -37.98 89.68 -22.84
CA ARG Q 504 -38.21 90.59 -21.71
C ARG Q 504 -37.20 91.72 -21.74
N ILE Q 505 -36.00 91.45 -22.25
CA ILE Q 505 -35.04 92.50 -22.55
C ILE Q 505 -35.54 93.36 -23.71
N LYS Q 506 -36.16 92.73 -24.72
CA LYS Q 506 -36.63 93.43 -25.91
C LYS Q 506 -37.73 94.44 -25.59
N ASN Q 507 -38.59 94.10 -24.63
CA ASN Q 507 -39.58 95.08 -24.19
C ASN Q 507 -38.93 96.17 -23.34
N ALA Q 508 -37.99 95.80 -22.47
CA ALA Q 508 -37.40 96.73 -21.54
C ALA Q 508 -36.24 97.53 -22.12
N CYS Q 509 -35.97 97.40 -23.42
CA CYS Q 509 -35.11 98.38 -24.08
C CYS Q 509 -35.91 99.37 -24.92
N LEU Q 510 -37.12 98.98 -25.35
CA LEU Q 510 -38.03 99.91 -26.00
C LEU Q 510 -38.86 100.70 -24.99
N HIS Q 511 -38.99 100.19 -23.77
CA HIS Q 511 -39.78 100.87 -22.75
C HIS Q 511 -39.04 102.09 -22.20
N ARG Q 512 -37.70 102.06 -22.22
CA ARG Q 512 -36.91 103.21 -21.78
C ARG Q 512 -36.77 104.27 -22.85
N MET Q 513 -37.12 103.98 -24.10
CA MET Q 513 -36.95 104.96 -25.16
C MET Q 513 -38.26 105.46 -25.74
N ASN Q 514 -39.20 104.57 -26.05
CA ASN Q 514 -40.47 104.99 -26.64
C ASN Q 514 -41.37 105.61 -25.58
N MET R 1 -28.02 56.22 -38.78
CA MET R 1 -28.21 56.09 -37.34
C MET R 1 -28.06 54.64 -36.93
N PHE R 2 -26.84 54.24 -36.62
CA PHE R 2 -26.50 52.84 -36.51
C PHE R 2 -26.82 52.30 -35.12
N GLU R 3 -26.33 51.10 -34.84
CA GLU R 3 -26.59 50.41 -33.60
C GLU R 3 -25.45 50.66 -32.62
N VAL R 4 -25.79 50.83 -31.35
CA VAL R 4 -24.82 51.09 -30.30
C VAL R 4 -24.59 49.79 -29.53
N PRO R 5 -23.34 49.40 -29.28
CA PRO R 5 -23.06 48.10 -28.66
C PRO R 5 -23.01 48.07 -27.14
N ILE R 6 -24.03 48.63 -26.49
CA ILE R 6 -24.16 48.56 -25.04
C ILE R 6 -25.62 48.34 -24.66
N THR R 7 -25.85 48.12 -23.38
CA THR R 7 -27.19 48.05 -22.81
C THR R 7 -27.49 49.34 -22.07
N LEU R 8 -28.78 49.69 -22.00
CA LEU R 8 -29.18 51.09 -21.84
C LEU R 8 -29.82 51.35 -20.49
N THR R 9 -30.41 52.55 -20.36
CA THR R 9 -31.11 53.01 -19.15
C THR R 9 -32.26 52.09 -18.79
N ASN R 10 -32.38 51.76 -17.51
CA ASN R 10 -33.39 50.83 -17.02
C ASN R 10 -34.40 51.49 -16.10
N ARG R 11 -34.68 52.78 -16.31
CA ARG R 11 -35.49 53.50 -15.33
C ARG R 11 -36.98 53.47 -15.67
N LYS R 12 -37.33 53.97 -16.84
CA LYS R 12 -38.73 54.05 -17.24
C LYS R 12 -39.13 53.02 -18.27
N PHE R 13 -38.19 52.59 -19.11
CA PHE R 13 -38.49 51.65 -20.18
C PHE R 13 -38.80 50.28 -19.61
N ALA R 14 -38.10 49.89 -18.53
CA ALA R 14 -38.43 48.66 -17.83
C ALA R 14 -39.80 48.77 -17.17
N GLN R 15 -40.21 49.98 -16.81
CA GLN R 15 -41.60 50.19 -16.43
C GLN R 15 -42.50 50.36 -17.66
N ARG R 16 -41.97 50.92 -18.75
CA ARG R 16 -42.77 51.06 -19.97
C ARG R 16 -43.03 49.71 -20.60
N ARG R 17 -42.11 48.77 -20.44
CA ARG R 17 -42.36 47.44 -20.98
C ARG R 17 -43.36 46.67 -20.14
N LYS R 18 -43.46 47.01 -18.85
CA LYS R 18 -44.40 46.29 -17.99
C LYS R 18 -45.83 46.74 -18.25
N LEU R 19 -46.04 48.03 -18.53
CA LEU R 19 -47.38 48.49 -18.86
C LEU R 19 -47.82 48.01 -20.24
N LYS R 20 -46.88 47.84 -21.16
CA LYS R 20 -47.23 47.34 -22.49
C LYS R 20 -47.58 45.87 -22.44
N TYR R 21 -46.85 45.09 -21.64
CA TYR R 21 -47.08 43.65 -21.61
C TYR R 21 -48.22 43.29 -20.67
N GLN R 22 -48.67 44.22 -19.84
CA GLN R 22 -49.85 43.94 -19.02
C GLN R 22 -51.12 44.17 -19.82
N TYR R 23 -51.11 45.14 -20.74
CA TYR R 23 -52.29 45.39 -21.55
C TYR R 23 -52.44 44.36 -22.64
N ILE R 24 -51.33 43.85 -23.16
CA ILE R 24 -51.43 42.80 -24.17
C ILE R 24 -51.81 41.49 -23.52
N ASN R 25 -51.64 41.37 -22.22
CA ASN R 25 -52.03 40.14 -21.55
C ASN R 25 -53.54 40.09 -21.33
N TYR R 26 -54.15 41.24 -21.04
CA TYR R 26 -55.57 41.25 -20.73
C TYR R 26 -56.42 41.24 -21.99
N ILE R 27 -56.05 42.04 -23.01
CA ILE R 27 -56.84 42.06 -24.24
C ILE R 27 -56.59 40.81 -25.07
N SER R 28 -55.57 40.02 -24.74
CA SER R 28 -55.54 38.65 -25.20
C SER R 28 -56.51 37.80 -24.39
N ARG R 29 -56.52 37.98 -23.07
CA ARG R 29 -57.22 37.04 -22.21
C ARG R 29 -58.72 37.26 -22.25
N ARG R 30 -59.17 38.47 -22.53
CA ARG R 30 -60.60 38.64 -22.80
C ARG R 30 -60.95 38.06 -24.16
N PHE R 31 -59.99 38.09 -25.09
CA PHE R 31 -60.27 37.61 -26.44
C PHE R 31 -60.30 36.09 -26.50
N ASP R 32 -59.47 35.41 -25.73
CA ASP R 32 -59.48 33.95 -25.80
C ASP R 32 -60.61 33.33 -24.98
N ARG R 33 -61.22 34.08 -24.07
CA ARG R 33 -62.45 33.61 -23.43
C ARG R 33 -63.60 33.64 -24.43
N ILE R 34 -63.79 34.78 -25.10
CA ILE R 34 -64.95 34.99 -25.96
C ILE R 34 -64.81 34.36 -27.33
N SER R 35 -63.62 33.89 -27.69
CA SER R 35 -63.41 33.17 -28.96
C SER R 35 -63.39 31.66 -28.74
N LYS R 36 -64.27 31.15 -27.90
CA LYS R 36 -64.38 29.70 -27.70
C LYS R 36 -65.67 29.17 -28.30
N SER R 121 -43.59 42.09 -15.53
CA SER R 121 -42.70 40.97 -15.24
C SER R 121 -43.39 39.65 -15.56
N ASP R 122 -44.37 39.29 -14.73
CA ASP R 122 -45.15 38.09 -15.01
C ASP R 122 -46.03 38.26 -16.23
N GLU R 123 -46.50 39.48 -16.50
CA GLU R 123 -47.21 39.75 -17.73
C GLU R 123 -46.28 39.75 -18.92
N GLU R 124 -44.99 40.02 -18.68
CA GLU R 124 -44.00 39.85 -19.72
C GLU R 124 -43.68 38.38 -19.94
N ARG R 125 -43.49 37.64 -18.84
CA ARG R 125 -43.20 36.21 -18.95
C ARG R 125 -44.40 35.43 -19.52
N LYS R 126 -45.62 35.93 -19.32
CA LYS R 126 -46.78 35.30 -19.92
C LYS R 126 -46.78 35.45 -21.43
N PHE R 127 -46.14 36.51 -21.93
CA PHE R 127 -46.02 36.70 -23.38
C PHE R 127 -45.06 35.67 -23.97
N TRP R 128 -43.95 35.40 -23.28
CA TRP R 128 -42.88 34.59 -23.84
C TRP R 128 -42.96 33.12 -23.47
N LYS R 129 -43.70 32.78 -22.40
CA LYS R 129 -43.98 31.38 -22.13
C LYS R 129 -44.91 30.78 -23.18
N LYS R 130 -45.66 31.62 -23.89
CA LYS R 130 -46.58 31.15 -24.91
C LYS R 130 -45.83 30.57 -26.11
N TYR R 131 -45.07 31.39 -26.82
CA TYR R 131 -44.73 30.96 -28.16
C TYR R 131 -43.41 30.22 -28.30
N GLU R 132 -42.29 30.96 -28.25
CA GLU R 132 -40.97 30.43 -28.61
C GLU R 132 -39.90 31.49 -28.52
N LYS R 133 -38.64 31.08 -28.68
CA LYS R 133 -37.52 31.97 -28.96
C LYS R 133 -36.74 31.39 -30.12
N PRO R 134 -36.35 32.21 -31.09
CA PRO R 134 -36.01 31.71 -32.42
C PRO R 134 -34.56 31.31 -32.59
N GLU R 135 -33.90 30.92 -31.51
CA GLU R 135 -32.48 31.07 -31.20
C GLU R 135 -31.47 31.09 -32.34
N LYS R 136 -31.58 30.18 -33.29
CA LYS R 136 -30.59 30.11 -34.36
C LYS R 136 -30.89 31.07 -35.52
N SER R 137 -31.89 31.92 -35.39
CA SER R 137 -32.19 32.93 -36.40
C SER R 137 -32.98 34.06 -35.75
N PHE R 138 -33.21 35.10 -36.53
CA PHE R 138 -34.00 36.23 -36.04
C PHE R 138 -35.49 35.90 -36.07
N GLU R 139 -35.97 35.40 -37.20
CA GLU R 139 -37.36 35.03 -37.38
C GLU R 139 -37.45 33.55 -37.76
N ILE R 140 -38.68 33.04 -37.80
CA ILE R 140 -38.92 31.60 -37.78
C ILE R 140 -39.47 31.22 -39.15
N TRP R 141 -38.60 30.80 -40.04
CA TRP R 141 -39.07 30.26 -41.31
C TRP R 141 -39.59 28.84 -41.10
N ARG R 142 -40.58 28.47 -41.90
CA ARG R 142 -41.23 27.17 -41.77
C ARG R 142 -41.66 26.72 -43.16
N THR R 143 -42.32 25.56 -43.21
CA THR R 143 -42.62 24.88 -44.47
C THR R 143 -44.00 25.29 -44.97
N VAL R 144 -44.06 25.50 -46.29
CA VAL R 144 -45.31 25.88 -46.93
C VAL R 144 -45.98 24.66 -47.56
N SER R 145 -45.21 23.64 -47.90
CA SER R 145 -45.73 22.44 -48.56
C SER R 145 -45.99 21.36 -47.52
N SER R 146 -47.02 21.61 -46.73
CA SER R 146 -47.30 20.86 -45.51
C SER R 146 -48.80 20.87 -45.23
N GLN R 147 -49.16 20.76 -43.95
CA GLN R 147 -50.54 20.92 -43.51
C GLN R 147 -51.15 22.24 -43.99
N ASN R 148 -52.48 22.24 -44.12
CA ASN R 148 -53.15 23.36 -44.78
C ASN R 148 -53.37 24.54 -43.86
N LYS R 149 -54.24 24.37 -42.85
CA LYS R 149 -54.62 25.38 -41.86
C LYS R 149 -55.17 26.64 -42.55
N GLN R 150 -56.39 26.54 -43.09
CA GLN R 150 -57.05 27.66 -43.73
C GLN R 150 -58.08 28.29 -42.80
N PRO R 151 -57.88 29.54 -42.35
CA PRO R 151 -58.92 30.36 -41.70
C PRO R 151 -59.77 31.23 -42.63
N ILE R 152 -60.74 30.60 -43.29
CA ILE R 152 -61.75 31.31 -44.06
C ILE R 152 -62.97 31.67 -43.20
N ASN R 153 -62.84 31.50 -41.88
CA ASN R 153 -63.89 31.27 -40.90
C ASN R 153 -65.16 32.12 -40.96
N LYS R 154 -65.07 33.39 -40.61
CA LYS R 154 -66.24 34.28 -40.61
C LYS R 154 -65.96 35.66 -41.17
N GLN R 155 -64.69 36.12 -41.11
CA GLN R 155 -64.11 37.47 -41.03
C GLN R 155 -64.25 38.04 -39.63
N LYS R 156 -65.04 37.37 -38.77
CA LYS R 156 -64.99 37.30 -37.30
C LYS R 156 -64.62 38.58 -36.56
N MET R 157 -65.12 39.73 -37.00
CA MET R 157 -64.69 40.98 -36.37
C MET R 157 -65.72 42.08 -36.64
N THR R 158 -66.28 42.62 -35.57
CA THR R 158 -67.08 43.84 -35.63
C THR R 158 -66.38 44.92 -34.82
N TYR R 159 -66.74 46.17 -35.11
CA TYR R 159 -66.33 47.26 -34.25
C TYR R 159 -67.09 47.23 -32.92
N HIS R 160 -68.27 46.61 -32.91
CA HIS R 160 -69.06 46.51 -31.68
C HIS R 160 -68.40 45.58 -30.68
N ASN R 161 -68.02 44.38 -31.13
CA ASN R 161 -67.49 43.40 -30.19
C ASN R 161 -66.06 43.73 -29.77
N PHE R 162 -65.25 44.25 -30.70
CA PHE R 162 -63.85 44.55 -30.41
C PHE R 162 -63.73 45.69 -29.40
N LYS R 163 -64.64 46.66 -29.46
CA LYS R 163 -64.63 47.74 -28.48
C LYS R 163 -65.18 47.29 -27.13
N LYS R 164 -65.77 46.07 -27.06
CA LYS R 164 -66.13 45.49 -25.78
C LYS R 164 -64.97 44.69 -25.18
N ILE R 165 -64.16 44.05 -26.04
CA ILE R 165 -62.92 43.44 -25.58
C ILE R 165 -61.94 44.53 -25.16
N GLU R 166 -62.08 45.73 -25.72
CA GLU R 166 -61.17 46.82 -25.39
C GLU R 166 -61.49 47.44 -24.04
N LYS R 167 -62.77 47.45 -23.66
CA LYS R 167 -63.25 48.41 -22.66
C LYS R 167 -62.85 48.04 -21.23
N ILE R 168 -63.13 46.82 -20.80
CA ILE R 168 -62.85 46.44 -19.43
C ILE R 168 -61.35 46.18 -19.19
N PRO R 169 -60.56 45.60 -20.11
CA PRO R 169 -59.10 45.65 -19.91
C PRO R 169 -58.50 47.05 -19.95
N LEU R 170 -59.19 48.03 -20.54
CA LEU R 170 -58.81 49.41 -20.31
C LEU R 170 -59.13 49.81 -18.88
N ARG R 171 -60.32 49.43 -18.39
CA ARG R 171 -60.68 49.69 -17.00
C ARG R 171 -59.81 48.89 -16.04
N LYS R 172 -59.34 47.72 -16.49
CA LYS R 172 -58.39 46.96 -15.68
C LYS R 172 -57.02 47.63 -15.64
N MET R 173 -56.72 48.51 -16.59
CA MET R 173 -55.43 49.18 -16.63
C MET R 173 -55.44 50.58 -16.05
N GLU R 174 -56.60 51.21 -15.93
CA GLU R 174 -56.64 52.55 -15.37
C GLU R 174 -56.34 52.55 -13.88
N ILE R 175 -56.61 51.45 -13.19
CA ILE R 175 -56.33 51.29 -11.76
C ILE R 175 -54.83 51.19 -11.46
N PRO R 176 -53.96 50.61 -12.28
CA PRO R 176 -52.52 50.89 -12.11
C PRO R 176 -51.94 51.99 -12.99
N LEU R 177 -52.73 52.74 -13.75
CA LEU R 177 -52.15 53.81 -14.57
C LEU R 177 -51.89 55.10 -13.80
N LEU R 178 -52.08 55.11 -12.48
CA LEU R 178 -51.79 56.32 -11.72
C LEU R 178 -50.36 56.35 -11.20
N HIS R 179 -49.71 55.20 -11.10
CA HIS R 179 -48.33 55.16 -10.60
C HIS R 179 -47.30 55.52 -11.65
N CYS R 180 -47.55 55.20 -12.92
CA CYS R 180 -46.66 55.64 -13.96
C CYS R 180 -46.86 57.13 -14.20
N THR R 181 -45.83 57.76 -14.79
CA THR R 181 -45.81 59.20 -14.90
C THR R 181 -46.68 59.67 -16.06
N LYS R 182 -46.78 60.99 -16.21
CA LYS R 182 -47.63 61.56 -17.25
C LYS R 182 -47.06 61.29 -18.64
N GLU R 183 -45.73 61.27 -18.77
CA GLU R 183 -45.11 60.89 -20.03
C GLU R 183 -45.34 59.40 -20.31
N ASN R 184 -45.37 58.58 -19.26
CA ASN R 184 -45.75 57.17 -19.44
C ASN R 184 -47.25 57.03 -19.63
N LYS R 185 -48.04 57.91 -19.00
CA LYS R 185 -49.48 57.91 -19.22
C LYS R 185 -49.81 58.32 -20.65
N LEU R 186 -49.02 59.23 -21.20
CA LEU R 186 -49.24 59.69 -22.57
C LEU R 186 -48.84 58.62 -23.57
N TYR R 187 -47.89 57.75 -23.19
CA TYR R 187 -47.39 56.75 -24.11
C TYR R 187 -48.41 55.65 -24.35
N PHE R 188 -49.10 55.23 -23.29
CA PHE R 188 -50.03 54.10 -23.38
C PHE R 188 -51.28 54.47 -24.16
N GLN R 189 -51.66 55.75 -24.14
CA GLN R 189 -52.78 56.20 -24.95
C GLN R 189 -52.44 56.18 -26.42
N SER R 190 -51.15 56.32 -26.74
CA SER R 190 -50.73 56.33 -28.13
C SER R 190 -50.81 54.93 -28.74
N ILE R 191 -50.37 53.91 -28.00
CA ILE R 191 -50.38 52.56 -28.53
C ILE R 191 -51.75 51.93 -28.47
N SER R 192 -52.60 52.34 -27.53
CA SER R 192 -53.98 51.89 -27.54
C SER R 192 -54.81 52.56 -28.61
N ARG R 193 -54.36 53.72 -29.10
CA ARG R 193 -54.95 54.30 -30.31
C ARG R 193 -54.36 53.72 -31.58
N GLY R 194 -53.38 52.83 -31.47
CA GLY R 194 -52.77 52.25 -32.64
C GLY R 194 -51.61 53.02 -33.23
N LEU R 195 -51.02 53.94 -32.48
CA LEU R 195 -49.89 54.71 -32.97
C LEU R 195 -48.58 54.08 -32.50
N GLU R 196 -47.49 54.52 -33.11
CA GLU R 196 -46.17 53.98 -32.88
C GLU R 196 -45.20 55.08 -32.48
N PRO R 197 -44.16 54.78 -31.70
CA PRO R 197 -43.22 55.81 -31.28
C PRO R 197 -42.36 56.30 -32.43
N LEU R 198 -41.70 57.42 -32.19
CA LEU R 198 -40.85 58.08 -33.17
C LEU R 198 -39.45 58.34 -32.67
N LYS R 199 -39.28 58.64 -31.38
CA LYS R 199 -37.97 58.84 -30.80
C LYS R 199 -37.47 57.55 -30.17
N THR R 200 -36.25 57.17 -30.52
CA THR R 200 -35.64 55.96 -30.00
C THR R 200 -34.88 56.25 -28.72
N SER R 201 -34.63 55.19 -27.96
CA SER R 201 -34.00 55.35 -26.65
C SER R 201 -32.52 55.64 -26.74
N THR R 202 -31.91 55.55 -27.92
CA THR R 202 -30.50 55.88 -28.04
C THR R 202 -30.27 57.39 -28.01
N SER R 203 -31.21 58.17 -28.53
CA SER R 203 -30.99 59.59 -28.74
C SER R 203 -31.42 60.45 -27.55
N GLU R 204 -31.72 59.84 -26.40
CA GLU R 204 -32.25 60.63 -25.30
C GLU R 204 -31.67 60.27 -23.94
N VAL R 205 -30.48 59.68 -23.89
CA VAL R 205 -29.94 59.22 -22.61
C VAL R 205 -29.05 60.29 -21.97
N ARG R 206 -28.13 60.85 -22.76
CA ARG R 206 -27.25 61.97 -22.37
C ARG R 206 -26.43 61.63 -21.13
N ASN R 207 -25.58 60.63 -21.26
CA ASN R 207 -24.55 60.32 -20.30
C ASN R 207 -23.21 60.64 -20.94
N TYR R 208 -22.20 60.87 -20.11
CA TYR R 208 -20.92 61.25 -20.69
C TYR R 208 -20.19 60.07 -21.29
N ARG R 209 -20.31 58.90 -20.67
CA ARG R 209 -19.70 57.70 -21.23
C ARG R 209 -20.48 57.23 -22.46
N THR R 210 -21.81 57.29 -22.40
CA THR R 210 -22.62 56.76 -23.48
C THR R 210 -22.53 57.62 -24.74
N ARG R 211 -22.44 58.94 -24.58
CA ARG R 211 -22.43 59.79 -25.76
C ARG R 211 -21.10 59.74 -26.49
N HIS R 212 -20.06 59.22 -25.85
CA HIS R 212 -18.79 59.07 -26.55
C HIS R 212 -18.69 57.73 -27.24
N ILE R 213 -19.46 56.74 -26.79
CA ILE R 213 -19.54 55.47 -27.51
C ILE R 213 -20.35 55.64 -28.78
N VAL R 214 -21.44 56.40 -28.70
CA VAL R 214 -22.40 56.54 -29.80
C VAL R 214 -21.77 57.28 -30.96
N THR R 215 -20.94 58.29 -30.68
CA THR R 215 -20.26 58.98 -31.75
C THR R 215 -19.11 58.16 -32.31
N LEU R 216 -18.72 57.08 -31.64
CA LEU R 216 -17.65 56.25 -32.17
C LEU R 216 -18.19 55.09 -32.98
N THR R 217 -19.32 54.51 -32.57
CA THR R 217 -19.88 53.42 -33.34
C THR R 217 -20.49 53.90 -34.65
N ASP R 218 -20.86 55.18 -34.73
CA ASP R 218 -21.35 55.72 -35.99
C ASP R 218 -20.20 56.22 -36.84
N LEU R 219 -19.13 56.68 -36.21
CA LEU R 219 -17.93 56.99 -36.97
C LEU R 219 -17.25 55.74 -37.46
N LEU R 220 -17.46 54.61 -36.77
CA LEU R 220 -16.88 53.35 -37.22
C LEU R 220 -17.54 52.87 -38.50
N HIS R 221 -18.87 52.76 -38.51
CA HIS R 221 -19.58 52.24 -39.67
C HIS R 221 -19.50 53.20 -40.85
N LEU R 222 -19.29 54.48 -40.59
CA LEU R 222 -19.20 55.46 -41.66
C LEU R 222 -17.90 55.29 -42.43
N ASN R 223 -16.78 55.16 -41.75
CA ASN R 223 -15.51 55.07 -42.44
C ASN R 223 -15.23 53.67 -42.98
N VAL R 224 -15.90 52.65 -42.46
CA VAL R 224 -15.71 51.31 -43.00
C VAL R 224 -16.38 51.20 -44.36
N SER R 225 -17.55 51.81 -44.52
CA SER R 225 -18.18 51.87 -45.83
C SER R 225 -17.39 52.72 -46.81
N ARG R 226 -16.62 53.69 -46.33
CA ARG R 226 -15.85 54.56 -47.19
C ARG R 226 -14.49 54.00 -47.54
N HIS R 227 -14.12 52.85 -46.98
CA HIS R 227 -12.78 52.26 -47.08
C HIS R 227 -11.71 53.22 -46.60
N ASN R 228 -11.96 53.84 -45.45
CA ASN R 228 -10.93 54.60 -44.75
C ASN R 228 -10.35 53.68 -43.67
N TRP R 229 -9.60 52.68 -44.13
CA TRP R 229 -9.26 51.54 -43.27
C TRP R 229 -8.29 51.91 -42.17
N SER R 230 -7.21 52.62 -42.50
CA SER R 230 -6.20 52.94 -41.50
C SER R 230 -6.73 53.94 -40.48
N LEU R 231 -7.75 54.71 -40.85
CA LEU R 231 -8.50 55.46 -39.84
C LEU R 231 -9.39 54.52 -39.05
N ALA R 232 -10.07 53.59 -39.73
CA ALA R 232 -11.07 52.74 -39.07
C ALA R 232 -10.42 51.74 -38.15
N TYR R 233 -9.17 51.39 -38.39
CA TYR R 233 -8.42 50.59 -37.42
C TYR R 233 -8.19 51.37 -36.15
N LYS R 234 -7.98 52.69 -36.27
CA LYS R 234 -7.80 53.51 -35.09
C LYS R 234 -9.12 53.71 -34.35
N ILE R 235 -10.24 53.53 -35.05
CA ILE R 235 -11.54 53.65 -34.39
C ILE R 235 -11.79 52.41 -33.52
N PHE R 236 -11.51 51.23 -34.07
CA PHE R 236 -11.83 50.00 -33.37
C PHE R 236 -10.89 49.76 -32.21
N ALA R 237 -9.66 50.25 -32.30
CA ALA R 237 -8.68 50.01 -31.24
C ALA R 237 -9.01 50.83 -30.00
N THR R 238 -9.78 51.90 -30.17
CA THR R 238 -10.19 52.70 -29.02
C THR R 238 -11.62 52.42 -28.58
N LEU R 239 -12.39 51.73 -29.40
CA LEU R 239 -13.75 51.42 -28.97
C LEU R 239 -13.76 50.24 -28.00
N ILE R 240 -12.87 49.26 -28.20
CA ILE R 240 -12.86 48.08 -27.34
C ILE R 240 -12.24 48.34 -25.99
N ARG R 241 -11.63 49.52 -25.77
CA ARG R 241 -11.02 49.82 -24.48
C ARG R 241 -11.97 50.53 -23.53
N ILE R 242 -13.05 51.13 -24.03
CA ILE R 242 -13.98 51.88 -23.22
C ILE R 242 -14.76 50.92 -22.32
N PRO R 243 -14.85 51.18 -21.02
CA PRO R 243 -15.25 50.12 -20.07
C PRO R 243 -16.72 49.76 -20.03
N GLY R 244 -17.46 50.03 -21.08
CA GLY R 244 -18.86 49.63 -21.07
C GLY R 244 -19.24 48.67 -22.17
N VAL R 245 -18.49 48.70 -23.29
CA VAL R 245 -18.90 47.98 -24.48
C VAL R 245 -18.73 46.48 -24.29
N GLN R 246 -19.51 45.71 -25.02
CA GLN R 246 -19.25 44.31 -25.23
C GLN R 246 -18.99 44.12 -26.72
N ILE R 247 -18.36 43.01 -27.09
CA ILE R 247 -17.92 42.83 -28.47
C ILE R 247 -19.10 42.25 -29.23
N LYS R 248 -20.02 43.16 -29.61
CA LYS R 248 -21.02 42.96 -30.64
C LYS R 248 -20.54 43.52 -31.98
N SER R 249 -19.23 43.63 -32.13
CA SER R 249 -18.60 44.08 -33.35
C SER R 249 -17.56 43.08 -33.78
N LEU R 250 -17.94 41.80 -33.80
CA LEU R 250 -16.99 40.76 -34.15
C LEU R 250 -16.62 40.83 -35.63
N TRP R 251 -17.50 41.38 -36.46
CA TRP R 251 -17.27 41.38 -37.90
C TRP R 251 -16.54 42.63 -38.35
N GLY R 252 -16.63 43.72 -37.57
CA GLY R 252 -15.97 44.95 -37.89
C GLY R 252 -14.46 44.77 -37.96
N ILE R 253 -13.86 44.24 -36.90
CA ILE R 253 -12.45 43.89 -36.94
C ILE R 253 -12.28 42.49 -37.54
N GLY R 254 -13.37 41.77 -37.73
CA GLY R 254 -13.31 40.55 -38.51
C GLY R 254 -13.04 40.87 -39.96
N VAL R 255 -13.43 42.07 -40.40
CA VAL R 255 -13.20 42.43 -41.80
C VAL R 255 -12.09 43.46 -41.95
N GLU R 256 -11.70 44.12 -40.86
CA GLU R 256 -10.74 45.22 -40.97
C GLU R 256 -9.34 44.70 -41.24
N ILE R 257 -8.93 43.64 -40.55
CA ILE R 257 -7.55 43.19 -40.72
C ILE R 257 -7.37 42.40 -41.99
N LEU R 258 -8.46 41.98 -42.64
CA LEU R 258 -8.36 41.45 -43.99
C LEU R 258 -7.92 42.52 -44.97
N ASP R 259 -8.28 43.78 -44.71
CA ASP R 259 -8.02 44.86 -45.65
C ASP R 259 -6.77 45.67 -45.30
N ASN R 260 -6.29 45.60 -44.07
CA ASN R 260 -5.19 46.47 -43.67
C ASN R 260 -3.84 45.91 -44.12
N LEU R 261 -3.48 44.73 -43.62
CA LEU R 261 -2.25 43.98 -43.92
C LEU R 261 -0.97 44.76 -43.62
N SER R 262 -1.03 45.76 -42.73
CA SER R 262 0.17 46.53 -42.40
C SER R 262 0.97 45.87 -41.29
N ASN R 263 0.40 45.79 -40.09
CA ASN R 263 1.18 45.35 -38.93
C ASN R 263 0.52 44.19 -38.20
N SER R 264 -0.80 44.20 -38.10
CA SER R 264 -1.46 43.28 -37.17
C SER R 264 -1.63 41.91 -37.80
N SER R 265 -1.77 40.91 -36.93
CA SER R 265 -2.06 39.56 -37.37
C SER R 265 -3.47 39.49 -37.92
N SER R 266 -3.66 38.63 -38.93
CA SER R 266 -4.84 38.69 -39.78
C SER R 266 -6.07 38.21 -39.02
N GLY R 267 -7.20 38.19 -39.74
CA GLY R 267 -8.48 37.90 -39.14
C GLY R 267 -8.65 36.46 -38.68
N LEU R 268 -7.67 35.60 -38.98
CA LEU R 268 -7.70 34.26 -38.40
C LEU R 268 -7.41 34.32 -36.91
N ASP R 269 -6.53 35.23 -36.49
CA ASP R 269 -6.12 35.24 -35.11
C ASP R 269 -7.14 35.91 -34.21
N PHE R 270 -7.87 36.91 -34.71
CA PHE R 270 -8.97 37.44 -33.91
C PHE R 270 -10.09 36.43 -33.83
N LEU R 271 -10.32 35.69 -34.90
CA LEU R 271 -11.40 34.70 -34.90
C LEU R 271 -11.04 33.51 -34.03
N GLN R 272 -9.75 33.24 -33.87
CA GLN R 272 -9.33 32.26 -32.89
C GLN R 272 -9.70 32.72 -31.49
N TRP R 273 -9.48 34.01 -31.20
CA TRP R 273 -9.68 34.56 -29.86
C TRP R 273 -11.14 34.51 -29.43
N MET R 274 -12.06 34.49 -30.40
CA MET R 274 -13.47 34.44 -30.03
C MET R 274 -13.88 33.03 -29.63
N CYS R 275 -13.37 32.02 -30.32
CA CYS R 275 -13.84 30.66 -30.07
C CYS R 275 -13.26 30.07 -28.80
N GLN R 276 -12.10 30.55 -28.34
CA GLN R 276 -11.57 30.13 -27.05
C GLN R 276 -12.51 30.55 -25.93
N ILE R 277 -12.92 31.81 -25.95
CA ILE R 277 -13.51 32.45 -24.80
C ILE R 277 -15.04 32.44 -24.83
N TYR R 278 -15.64 32.41 -26.00
CA TYR R 278 -17.08 32.51 -26.08
C TYR R 278 -17.70 31.21 -26.56
N SER R 279 -17.22 30.08 -26.04
CA SER R 279 -17.82 28.81 -26.37
C SER R 279 -19.23 28.70 -25.80
N SER R 280 -19.33 28.76 -24.46
CA SER R 280 -20.59 28.73 -23.70
C SER R 280 -21.41 27.48 -24.01
N LYS R 281 -20.85 26.35 -23.59
CA LYS R 281 -21.41 25.04 -23.91
C LYS R 281 -22.69 24.70 -23.15
N SER R 282 -23.26 25.64 -22.40
CA SER R 282 -24.47 25.36 -21.64
C SER R 282 -25.71 25.39 -22.53
N ARG R 283 -26.62 24.45 -22.26
CA ARG R 283 -27.83 24.28 -23.07
C ARG R 283 -29.01 25.01 -22.46
N PHE R 284 -28.75 26.23 -22.00
CA PHE R 284 -29.70 27.06 -21.26
C PHE R 284 -30.97 27.30 -22.07
N VAL R 285 -32.07 26.67 -21.65
CA VAL R 285 -33.36 26.81 -22.29
C VAL R 285 -33.94 28.14 -21.80
N GLN R 286 -34.86 28.73 -22.56
CA GLN R 286 -35.00 30.17 -22.65
C GLN R 286 -35.36 30.87 -21.34
N ASN R 287 -36.61 30.77 -20.89
CA ASN R 287 -37.05 31.09 -19.52
C ASN R 287 -36.75 32.51 -19.02
N ILE R 288 -36.21 33.38 -19.87
CA ILE R 288 -35.57 34.61 -19.39
C ILE R 288 -35.91 35.72 -20.37
N ASN R 289 -36.31 36.87 -19.83
CA ASN R 289 -36.52 38.08 -20.62
C ASN R 289 -35.15 38.62 -21.00
N TYR R 290 -34.64 38.22 -22.18
CA TYR R 290 -33.29 38.56 -22.59
C TYR R 290 -33.23 39.96 -23.17
N ARG R 291 -32.26 40.75 -22.72
CA ARG R 291 -32.12 42.10 -23.26
C ARG R 291 -30.69 42.57 -23.49
N SER R 292 -29.67 41.93 -22.94
CA SER R 292 -28.31 42.36 -23.21
C SER R 292 -27.69 41.61 -24.39
N ILE R 293 -28.16 40.40 -24.66
CA ILE R 293 -27.67 39.62 -25.79
C ILE R 293 -28.89 39.21 -26.62
N VAL R 294 -29.22 40.03 -27.60
CA VAL R 294 -30.31 39.69 -28.52
C VAL R 294 -29.95 38.60 -29.53
N PRO R 295 -28.91 38.70 -30.36
CA PRO R 295 -28.98 38.08 -31.68
C PRO R 295 -28.64 36.60 -31.65
N PRO R 296 -28.70 35.94 -32.81
CA PRO R 296 -27.93 34.72 -33.01
C PRO R 296 -26.54 34.98 -33.57
N PHE R 297 -26.20 36.22 -33.87
CA PHE R 297 -24.91 36.51 -34.45
C PHE R 297 -23.78 36.55 -33.43
N GLN R 298 -24.09 36.48 -32.13
CA GLN R 298 -23.07 36.16 -31.13
C GLN R 298 -23.76 35.42 -29.98
N THR R 299 -23.90 34.11 -30.15
CA THR R 299 -24.25 33.13 -29.11
C THR R 299 -23.55 31.84 -29.49
N GLY R 300 -23.98 30.74 -28.89
CA GLY R 300 -23.59 29.45 -29.39
C GLY R 300 -23.69 28.38 -28.33
N SER R 301 -23.63 27.14 -28.81
CA SER R 301 -23.30 25.94 -28.05
C SER R 301 -24.35 25.62 -26.99
N ARG R 302 -25.62 25.82 -27.34
CA ARG R 302 -26.70 25.19 -26.61
C ARG R 302 -27.34 24.08 -27.44
N THR R 303 -27.90 24.43 -28.60
CA THR R 303 -28.22 23.48 -29.67
C THR R 303 -27.66 23.95 -30.99
N HIS R 304 -27.11 25.16 -31.06
CA HIS R 304 -26.67 25.79 -32.29
C HIS R 304 -25.23 26.24 -32.13
N THR R 305 -24.46 26.12 -33.20
CA THR R 305 -23.06 26.51 -33.16
C THR R 305 -22.93 28.03 -33.05
N ALA R 306 -21.72 28.48 -32.78
CA ALA R 306 -21.47 29.91 -32.79
C ALA R 306 -21.32 30.40 -34.21
N LYS R 307 -21.78 31.63 -34.45
CA LYS R 307 -21.65 32.20 -35.79
C LYS R 307 -20.21 32.56 -36.11
N PHE R 308 -19.44 32.95 -35.10
CA PHE R 308 -18.03 33.26 -35.34
C PHE R 308 -17.20 32.00 -35.42
N ALA R 309 -17.72 30.87 -34.94
CA ALA R 309 -16.95 29.63 -34.98
C ALA R 309 -16.88 29.08 -36.40
N ILE R 310 -18.02 29.03 -37.09
CA ILE R 310 -18.00 28.41 -38.41
C ILE R 310 -17.41 29.33 -39.46
N THR R 311 -17.24 30.62 -39.14
CA THR R 311 -16.46 31.47 -40.03
C THR R 311 -14.97 31.34 -39.76
N TYR R 312 -14.60 30.66 -38.67
CA TYR R 312 -13.19 30.35 -38.45
C TYR R 312 -12.78 29.11 -39.22
N LEU R 313 -13.71 28.18 -39.43
CA LEU R 313 -13.43 27.04 -40.27
C LEU R 313 -13.37 27.45 -41.72
N TRP R 314 -14.27 28.33 -42.14
CA TRP R 314 -14.29 28.76 -43.54
C TRP R 314 -13.10 29.64 -43.87
N SER R 315 -12.65 30.46 -42.92
CA SER R 315 -11.52 31.32 -43.23
C SER R 315 -10.20 30.56 -43.18
N SER R 316 -10.16 29.48 -42.41
CA SER R 316 -8.97 28.63 -42.43
C SER R 316 -8.94 27.78 -43.69
N LEU R 317 -10.12 27.44 -44.22
CA LEU R 317 -10.19 26.64 -45.42
C LEU R 317 -9.73 27.41 -46.64
N ILE R 318 -10.08 28.69 -46.72
CA ILE R 318 -9.59 29.51 -47.82
C ILE R 318 -8.11 29.87 -47.61
N ASN R 319 -7.66 29.87 -46.37
CA ASN R 319 -6.27 30.25 -46.10
C ASN R 319 -5.30 29.17 -46.53
N CYS R 320 -5.67 27.91 -46.36
CA CYS R 320 -4.82 26.83 -46.85
C CYS R 320 -4.98 26.59 -48.34
N GLN R 321 -6.02 27.17 -48.95
CA GLN R 321 -6.20 27.08 -50.39
C GLN R 321 -5.10 27.83 -51.12
N LYS R 322 -4.64 28.94 -50.56
CA LYS R 322 -3.69 29.82 -51.25
C LYS R 322 -2.25 29.33 -51.16
N SER R 323 -2.00 28.12 -50.66
CA SER R 323 -0.72 27.46 -50.91
C SER R 323 -0.65 26.99 -52.36
N MET R 324 -1.60 26.14 -52.75
CA MET R 324 -1.74 25.72 -54.14
C MET R 324 -3.09 26.19 -54.70
N LEU R 345 -0.79 22.23 -43.43
CA LEU R 345 -1.76 23.22 -42.96
C LEU R 345 -3.18 22.67 -43.05
N ILE R 346 -3.44 21.92 -44.11
CA ILE R 346 -4.76 21.31 -44.28
C ILE R 346 -4.93 20.19 -43.27
N ASP R 347 -3.81 19.59 -42.84
CA ASP R 347 -3.87 18.64 -41.75
C ASP R 347 -4.24 19.31 -40.45
N LYS R 348 -3.79 20.56 -40.25
CA LYS R 348 -4.04 21.27 -39.01
C LYS R 348 -5.50 21.62 -38.85
N ILE R 349 -6.20 21.82 -39.96
CA ILE R 349 -7.62 22.12 -39.88
C ILE R 349 -8.42 20.84 -39.72
N SER R 350 -8.01 19.77 -40.42
CA SER R 350 -8.81 18.55 -40.41
C SER R 350 -8.72 17.84 -39.07
N GLU R 351 -7.61 18.02 -38.34
CA GLU R 351 -7.60 17.55 -36.96
C GLU R 351 -8.44 18.44 -36.07
N TRP R 352 -8.52 19.74 -36.39
CA TRP R 352 -9.23 20.66 -35.53
C TRP R 352 -10.73 20.45 -35.61
N VAL R 353 -11.23 19.98 -36.74
CA VAL R 353 -12.67 19.77 -36.86
C VAL R 353 -13.07 18.48 -36.17
N LEU R 354 -12.22 17.45 -36.22
CA LEU R 354 -12.58 16.17 -35.62
C LEU R 354 -12.51 16.20 -34.10
N THR R 355 -11.92 17.21 -33.51
CA THR R 355 -11.85 17.25 -32.06
C THR R 355 -13.23 17.60 -31.47
N PRO R 356 -14.06 18.46 -32.08
CA PRO R 356 -15.49 18.41 -31.75
C PRO R 356 -16.23 17.42 -32.63
N PRO R 357 -16.82 16.38 -32.05
CA PRO R 357 -17.91 15.71 -32.74
C PRO R 357 -19.21 16.47 -32.48
N PHE R 358 -19.61 17.35 -33.40
CA PHE R 358 -20.77 18.20 -33.18
C PHE R 358 -21.94 17.54 -33.88
N MET R 359 -22.58 16.61 -33.18
CA MET R 359 -23.53 15.69 -33.76
C MET R 359 -24.89 16.30 -34.06
N GLU R 360 -25.02 17.61 -34.09
CA GLU R 360 -26.28 18.22 -34.45
C GLU R 360 -26.23 19.05 -35.73
N ASP R 361 -25.12 19.71 -36.00
CA ASP R 361 -25.02 20.58 -37.17
C ASP R 361 -24.39 19.81 -38.30
N ALA R 362 -24.88 20.05 -39.50
CA ALA R 362 -24.31 19.46 -40.70
C ALA R 362 -23.51 20.46 -41.51
N GLU R 363 -23.44 21.72 -41.08
CA GLU R 363 -22.56 22.66 -41.73
C GLU R 363 -21.10 22.31 -41.47
N VAL R 364 -20.79 21.83 -40.26
CA VAL R 364 -19.41 21.48 -39.96
C VAL R 364 -19.02 20.19 -40.66
N TRP R 365 -19.97 19.33 -41.02
CA TRP R 365 -19.63 18.13 -41.76
C TRP R 365 -19.30 18.44 -43.20
N PHE R 366 -19.94 19.47 -43.77
CA PHE R 366 -19.60 19.87 -45.13
C PHE R 366 -18.22 20.50 -45.19
N ILE R 367 -17.81 21.20 -44.14
CA ILE R 367 -16.45 21.70 -44.11
C ILE R 367 -15.48 20.55 -43.90
N TYR R 368 -15.90 19.53 -43.14
CA TYR R 368 -15.02 18.38 -42.93
C TYR R 368 -14.86 17.57 -44.19
N ALA R 369 -15.91 17.51 -45.02
CA ALA R 369 -15.76 16.87 -46.30
C ALA R 369 -14.91 17.72 -47.25
N SER R 370 -15.01 19.04 -47.13
CA SER R 370 -14.34 19.91 -48.09
C SER R 370 -12.83 19.96 -47.86
N CYS R 371 -12.38 19.66 -46.64
CA CYS R 371 -10.94 19.74 -46.39
C CYS R 371 -10.23 18.44 -46.74
N HIS R 372 -10.94 17.33 -46.84
CA HIS R 372 -10.35 16.13 -47.45
C HIS R 372 -10.38 16.21 -48.96
N LEU R 373 -11.41 16.83 -49.52
CA LEU R 373 -11.56 16.94 -50.97
C LEU R 373 -10.47 17.81 -51.57
N LEU R 374 -10.03 18.83 -50.84
CA LEU R 374 -8.89 19.60 -51.32
C LEU R 374 -7.60 18.82 -51.20
N LYS R 375 -7.47 18.02 -50.15
CA LYS R 375 -6.25 17.23 -49.96
C LYS R 375 -6.14 16.11 -50.99
N ALA R 376 -7.28 15.59 -51.45
CA ALA R 376 -7.25 14.54 -52.47
C ALA R 376 -6.93 15.08 -53.85
N ASP R 377 -7.03 16.39 -54.07
CA ASP R 377 -6.82 16.94 -55.40
C ASP R 377 -5.52 17.69 -55.55
N THR R 378 -4.97 18.23 -54.47
CA THR R 378 -3.63 18.77 -54.56
C THR R 378 -2.57 17.70 -54.41
N LEU R 379 -2.95 16.49 -54.01
CA LEU R 379 -2.03 15.37 -53.96
C LEU R 379 -2.07 14.55 -55.24
N SER R 380 -2.75 15.04 -56.28
CA SER R 380 -2.63 14.49 -57.61
C SER R 380 -1.88 15.40 -58.56
N ARG R 381 -1.95 16.72 -58.37
CA ARG R 381 -1.10 17.64 -59.13
C ARG R 381 0.37 17.48 -58.78
N GLN R 382 0.68 17.15 -57.53
CA GLN R 382 2.05 16.85 -57.18
C GLN R 382 2.46 15.46 -57.65
N PHE R 383 1.48 14.59 -57.90
CA PHE R 383 1.77 13.24 -58.38
C PHE R 383 2.23 13.28 -59.83
N VAL R 384 1.35 13.73 -60.72
CA VAL R 384 1.65 13.84 -62.14
C VAL R 384 1.23 15.20 -62.67
N ASP R 398 4.44 2.01 -54.62
CA ASP R 398 3.25 2.77 -54.98
C ASP R 398 2.33 2.94 -53.78
N ILE R 399 2.72 3.82 -52.87
CA ILE R 399 1.88 4.17 -51.72
C ILE R 399 1.13 5.47 -51.92
N LYS R 400 1.48 6.27 -52.93
CA LYS R 400 0.83 7.54 -53.16
C LYS R 400 -0.46 7.43 -53.96
N ILE R 401 -1.00 6.22 -54.09
CA ILE R 401 -2.30 6.02 -54.73
C ILE R 401 -3.32 5.42 -53.77
N ASN R 402 -2.88 4.66 -52.76
CA ASN R 402 -3.80 4.18 -51.74
C ASN R 402 -4.30 5.30 -50.83
N GLN R 403 -3.55 6.39 -50.72
CA GLN R 403 -3.95 7.47 -49.83
C GLN R 403 -4.96 8.40 -50.47
N VAL R 404 -5.07 8.36 -51.80
CA VAL R 404 -6.10 9.16 -52.46
C VAL R 404 -7.47 8.54 -52.23
N ILE R 405 -7.54 7.20 -52.25
CA ILE R 405 -8.83 6.50 -52.21
C ILE R 405 -9.48 6.67 -50.84
N LYS R 406 -8.68 6.74 -49.77
CA LYS R 406 -9.24 6.85 -48.43
C LYS R 406 -9.87 8.22 -48.21
N HIS R 407 -9.34 9.25 -48.85
CA HIS R 407 -9.96 10.56 -48.77
C HIS R 407 -11.31 10.57 -49.48
N ILE R 408 -11.41 9.85 -50.61
CA ILE R 408 -12.68 9.81 -51.32
C ILE R 408 -13.68 8.98 -50.56
N HIS R 409 -13.21 7.94 -49.86
CA HIS R 409 -14.08 7.15 -49.02
C HIS R 409 -14.48 7.92 -47.78
N TYR R 410 -13.69 8.92 -47.40
CA TYR R 410 -14.11 9.82 -46.33
C TYR R 410 -15.24 10.73 -46.82
N VAL R 411 -15.02 11.41 -47.96
CA VAL R 411 -15.94 12.40 -48.49
C VAL R 411 -17.28 11.76 -48.85
N ARG R 412 -17.25 10.54 -49.36
CA ARG R 412 -18.49 9.85 -49.69
C ARG R 412 -19.24 9.39 -48.44
N THR R 413 -18.59 9.38 -47.28
CA THR R 413 -19.30 9.05 -46.05
C THR R 413 -19.89 10.28 -45.38
N PHE R 414 -19.19 11.40 -45.42
CA PHE R 414 -19.66 12.58 -44.71
C PHE R 414 -20.76 13.31 -45.47
N LEU R 415 -20.75 13.23 -46.79
CA LEU R 415 -21.86 13.73 -47.59
C LEU R 415 -23.14 12.95 -47.30
N LYS R 416 -23.01 11.66 -46.98
CA LYS R 416 -24.15 10.89 -46.49
C LYS R 416 -24.46 11.16 -45.04
N ILE R 417 -23.47 11.57 -44.24
CA ILE R 417 -23.77 12.10 -42.92
C ILE R 417 -24.53 13.42 -43.04
N CYS R 418 -24.16 14.23 -44.04
CA CYS R 418 -24.70 15.57 -44.27
C CYS R 418 -26.18 15.60 -44.65
N LEU R 419 -26.83 14.46 -44.82
CA LEU R 419 -28.25 14.40 -45.16
C LEU R 419 -29.11 14.16 -43.92
N ASP R 420 -28.79 14.83 -42.81
CA ASP R 420 -29.60 14.82 -41.61
C ASP R 420 -30.40 16.11 -41.39
N LYS R 421 -30.12 17.16 -42.15
CA LYS R 421 -30.87 18.42 -42.05
C LYS R 421 -30.91 19.07 -43.43
N GLY R 422 -31.25 20.37 -43.46
CA GLY R 422 -31.29 21.23 -44.65
C GLY R 422 -30.14 21.10 -45.61
N GLY R 423 -30.42 21.34 -46.89
CA GLY R 423 -29.59 20.80 -47.95
C GLY R 423 -28.29 21.50 -48.26
N PHE R 424 -27.20 20.92 -47.77
CA PHE R 424 -25.85 21.34 -48.15
C PHE R 424 -25.30 20.39 -49.22
N ALA R 425 -26.07 20.25 -50.29
CA ALA R 425 -25.62 19.56 -51.49
C ALA R 425 -25.72 20.56 -52.61
N VAL R 426 -24.67 20.65 -53.42
CA VAL R 426 -24.56 21.71 -54.42
C VAL R 426 -25.63 21.44 -55.49
N PRO R 427 -25.48 20.47 -56.40
CA PRO R 427 -26.47 19.39 -56.46
C PRO R 427 -25.98 18.24 -55.61
N SER R 428 -26.69 17.11 -55.65
CA SER R 428 -26.07 15.90 -55.14
C SER R 428 -25.21 15.21 -56.19
N ARG R 429 -25.01 15.81 -57.37
CA ARG R 429 -24.21 15.21 -58.42
C ARG R 429 -22.88 15.91 -58.66
N LEU R 430 -22.79 17.22 -58.44
CA LEU R 430 -21.54 17.92 -58.68
C LEU R 430 -20.50 17.63 -57.61
N ILE R 431 -20.96 17.13 -56.45
CA ILE R 431 -20.03 16.64 -55.45
C ILE R 431 -19.28 15.42 -55.97
N GLU R 432 -19.97 14.54 -56.70
CA GLU R 432 -19.36 13.29 -57.13
C GLU R 432 -18.94 13.29 -58.59
N ASN R 433 -19.51 14.18 -59.41
CA ASN R 433 -18.99 14.38 -60.77
C ASN R 433 -17.57 14.91 -60.73
N GLN R 434 -17.25 15.71 -59.71
CA GLN R 434 -15.85 16.03 -59.45
C GLN R 434 -15.09 14.78 -59.03
N LEU R 435 -15.69 13.95 -58.17
CA LEU R 435 -14.97 12.86 -57.53
C LEU R 435 -14.53 11.79 -58.53
N LYS R 436 -15.41 11.43 -59.46
CA LYS R 436 -15.03 10.45 -60.47
C LYS R 436 -14.07 11.04 -61.50
N SER R 437 -13.94 12.36 -61.58
CA SER R 437 -12.97 12.95 -62.48
C SER R 437 -11.53 12.80 -61.97
N PHE R 438 -11.36 12.65 -60.65
CA PHE R 438 -10.03 12.36 -60.13
C PHE R 438 -9.76 10.87 -60.13
N GLU R 439 -10.81 10.05 -60.10
CA GLU R 439 -10.64 8.61 -60.21
C GLU R 439 -10.27 8.20 -61.62
N SER R 440 -10.63 8.99 -62.62
CA SER R 440 -10.16 8.74 -63.98
C SER R 440 -8.68 9.04 -64.11
N ARG R 441 -8.16 9.97 -63.32
CA ARG R 441 -6.73 10.21 -63.28
C ARG R 441 -6.01 9.02 -62.68
N LEU R 442 -6.43 8.60 -61.49
CA LEU R 442 -5.80 7.48 -60.81
C LEU R 442 -6.82 6.39 -60.52
ZN ZN W . -14.18 1.90 37.60
ZN ZN X . -45.91 -40.34 37.00
MG MG Y . 18.99 -17.25 2.20
ZN ZN Z . -15.74 -12.85 45.50
ZN ZN AA . -44.92 -38.48 -44.08
ZN ZN BA . 41.99 2.85 -13.19
ZN ZN CA . 1.96 30.74 -15.47
ZN ZN DA . 8.13 14.29 37.85
#